data_9KRW
#
_entry.id   9KRW
#
_cell.length_a   347.708
_cell.length_b   200.289
_cell.length_c   201.823
_cell.angle_alpha   90.000
_cell.angle_beta   101.353
_cell.angle_gamma   90.000
#
_symmetry.space_group_name_H-M   'C 1 2 1'
#
loop_
_entity.id
_entity.type
_entity.pdbx_description
1 polymer 'NADP-dependent malic enzyme'
2 non-polymer 'MAGNESIUM ION'
#
_entity_poly.entity_id   1
_entity_poly.type   'polypeptide(L)'
_entity_poly.pdbx_seq_one_letter_code
;MDDQLKQSALDFHEFPVPGKIQVSPTKPLATQRDLALAYSPGVAAPCLEIEKDPLKAYKYTARGNLVAVISNGTAVLGLG
NIGALAGKPVMEGKGVLFKKFAGIDVFDIEVDELDPDKFIEVVAALEPTFGGINLEDIKAPECFYIEQKLRERMNIPVFH
DDQHGTAIISTAAILNGLRVVEKNISDVRMVVSGAGAAAIACMNLLVALGLQKHNIVVCDSKGVIYQGREPNMAETKAAY
AVVDDGKRTLDDVIEGADIFLGCSGPKVLTQEMVKKMARAPMILALANPEPEILPPLAKEVRPDAIICTGRSDYPNQVNN
VLCFPFIFRGALDVGATAINEEMKLAAVRAIAELAHAEQSEVVASAYGDQDLSFGPEYIIPKPFDPRLIVKIAPAVAKAA
MESGVATRPIADFDVYIDKLTEFVYKTNLFMKPIFSQARKAPKRVVLPEGEEARVLHATQELVTLGLAKPILIGRPNVIE
MRIQKLGLQIKAGVDFEIVNNESDPRFKEYWTEYFQIMKRRGVTQEQAQRALISNPTVIGAIMVQRGEADAMICGTVGDY
HEHFSVVKNVFGYRDGVHTAGAMNALLLPSGNTFIADTYVNDEPDAEELAEITLMAAETVRRFGIEPRVALLSHSNFGSS
DCPSSSKMRQALELVRERAPELMIDGEMHGDAALVEAIRNDRMPDSSLKGSANILVMPNMEAARISYNLLRVSSSEGVTV
GPVLMGVAKPVHVLTPIASVRRIVNMVALAVVEAQTQPLHHHHHH
;
_entity_poly.pdbx_strand_id   A,B,C,D,E,F,G,H,I,J,K,L
#
# COMPACT_ATOMS: atom_id res chain seq x y z
N ASP A 2 -73.10 20.31 -19.57
CA ASP A 2 -72.47 21.39 -18.80
C ASP A 2 -72.33 22.64 -19.66
N ASP A 3 -72.65 23.80 -19.07
CA ASP A 3 -72.49 25.08 -19.74
C ASP A 3 -71.28 25.86 -19.24
N GLN A 4 -70.64 25.44 -18.15
CA GLN A 4 -69.32 25.96 -17.81
C GLN A 4 -68.30 25.60 -18.88
N LEU A 5 -68.56 24.54 -19.66
CA LEU A 5 -67.75 24.20 -20.81
C LEU A 5 -68.25 24.84 -22.09
N LYS A 6 -69.52 25.27 -22.12
CA LYS A 6 -70.04 25.99 -23.28
C LYS A 6 -69.44 27.39 -23.36
N GLN A 7 -69.56 28.15 -22.27
CA GLN A 7 -69.03 29.52 -22.27
C GLN A 7 -67.52 29.54 -22.42
N SER A 8 -66.82 28.55 -21.86
CA SER A 8 -65.38 28.46 -22.04
C SER A 8 -65.04 28.24 -23.51
N ALA A 9 -65.86 27.47 -24.21
CA ALA A 9 -65.61 27.20 -25.62
C ALA A 9 -66.06 28.36 -26.50
N LEU A 10 -67.17 29.00 -26.14
CA LEU A 10 -67.64 30.15 -26.91
C LEU A 10 -66.59 31.26 -26.91
N ASP A 11 -66.06 31.59 -25.73
CA ASP A 11 -65.02 32.60 -25.66
C ASP A 11 -63.77 32.16 -26.41
N PHE A 12 -63.54 30.85 -26.50
CA PHE A 12 -62.37 30.34 -27.21
C PHE A 12 -62.44 30.69 -28.69
N HIS A 13 -63.64 30.85 -29.23
CA HIS A 13 -63.81 31.11 -30.66
C HIS A 13 -63.81 32.60 -31.00
N GLU A 14 -64.43 33.43 -30.15
CA GLU A 14 -64.62 34.84 -30.49
C GLU A 14 -63.43 35.70 -30.11
N PHE A 15 -62.79 35.42 -28.99
CA PHE A 15 -61.69 36.28 -28.54
C PHE A 15 -60.36 35.58 -28.76
N PRO A 16 -59.34 36.30 -29.26
CA PRO A 16 -59.39 37.73 -29.58
C PRO A 16 -59.82 38.03 -31.00
N VAL A 17 -59.79 37.04 -31.88
CA VAL A 17 -60.18 37.21 -33.28
C VAL A 17 -61.21 36.16 -33.64
N PRO A 18 -62.28 36.52 -34.36
CA PRO A 18 -63.24 35.50 -34.79
C PRO A 18 -62.58 34.44 -35.65
N GLY A 19 -63.18 33.25 -35.65
CA GLY A 19 -62.69 32.15 -36.44
C GLY A 19 -61.42 31.52 -35.90
N LYS A 20 -61.06 30.36 -36.45
CA LYS A 20 -59.91 29.61 -35.98
C LYS A 20 -58.79 29.50 -37.01
N ILE A 21 -58.96 30.08 -38.21
CA ILE A 21 -57.97 29.98 -39.26
C ILE A 21 -57.78 31.35 -39.90
N GLN A 22 -56.71 31.45 -40.70
CA GLN A 22 -56.41 32.66 -41.44
C GLN A 22 -55.48 32.29 -42.59
N VAL A 23 -55.49 33.12 -43.62
CA VAL A 23 -54.62 32.94 -44.78
C VAL A 23 -53.39 33.82 -44.60
N SER A 24 -52.21 33.19 -44.67
CA SER A 24 -50.96 33.89 -44.48
C SER A 24 -50.11 33.83 -45.75
N PRO A 25 -49.44 34.92 -46.11
CA PRO A 25 -48.51 34.86 -47.24
C PRO A 25 -47.30 33.99 -46.92
N THR A 26 -46.97 33.09 -47.84
CA THR A 26 -45.81 32.22 -47.69
C THR A 26 -44.55 32.82 -48.30
N LYS A 27 -44.69 33.88 -49.08
CA LYS A 27 -43.59 34.48 -49.82
C LYS A 27 -43.34 35.91 -49.34
N PRO A 28 -42.15 36.43 -49.57
CA PRO A 28 -41.86 37.83 -49.20
C PRO A 28 -42.80 38.79 -49.91
N LEU A 29 -43.02 39.94 -49.25
CA LEU A 29 -43.90 40.97 -49.80
C LEU A 29 -43.54 42.32 -49.23
N ALA A 30 -42.24 42.60 -49.07
CA ALA A 30 -41.84 43.88 -48.51
C ALA A 30 -41.73 44.94 -49.59
N THR A 31 -40.82 44.75 -50.54
CA THR A 31 -40.57 45.74 -51.57
C THR A 31 -41.64 45.63 -52.66
N GLN A 32 -41.65 46.65 -53.53
CA GLN A 32 -42.62 46.65 -54.63
C GLN A 32 -42.27 45.61 -55.67
N ARG A 33 -40.98 45.39 -55.94
CA ARG A 33 -40.61 44.37 -56.91
C ARG A 33 -41.08 43.00 -56.47
N ASP A 34 -41.26 42.80 -55.17
CA ASP A 34 -41.88 41.57 -54.70
C ASP A 34 -43.34 41.47 -55.14
N LEU A 35 -44.00 42.61 -55.35
CA LEU A 35 -45.39 42.62 -55.81
C LEU A 35 -45.50 42.52 -57.32
N ALA A 36 -44.52 43.04 -58.05
CA ALA A 36 -44.46 42.81 -59.50
C ALA A 36 -44.12 41.36 -59.83
N LEU A 37 -43.64 40.58 -58.85
CA LEU A 37 -43.39 39.16 -59.04
C LEU A 37 -44.55 38.28 -58.62
N ALA A 38 -45.43 38.77 -57.75
CA ALA A 38 -46.57 37.99 -57.29
C ALA A 38 -47.80 38.18 -58.15
N TYR A 39 -47.98 39.36 -58.74
CA TYR A 39 -49.10 39.61 -59.64
C TYR A 39 -48.58 40.04 -61.02
N SER A 40 -49.30 40.95 -61.66
CA SER A 40 -48.83 41.48 -62.93
C SER A 40 -47.56 42.28 -62.70
N PRO A 41 -46.50 42.08 -63.48
CA PRO A 41 -46.49 41.16 -64.63
C PRO A 41 -45.91 39.77 -64.33
N GLY A 42 -45.27 39.61 -63.18
CA GLY A 42 -44.53 38.38 -62.91
C GLY A 42 -45.39 37.14 -62.83
N VAL A 43 -46.66 37.29 -62.41
CA VAL A 43 -47.51 36.13 -62.22
C VAL A 43 -47.82 35.42 -63.53
N ALA A 44 -47.60 36.09 -64.67
CA ALA A 44 -47.95 35.48 -65.96
C ALA A 44 -47.12 34.25 -66.25
N ALA A 45 -45.90 34.18 -65.70
CA ALA A 45 -45.01 33.06 -66.04
C ALA A 45 -45.52 31.73 -65.49
N PRO A 46 -45.70 31.55 -64.18
CA PRO A 46 -46.10 30.22 -63.68
C PRO A 46 -47.47 29.78 -64.16
N CYS A 47 -48.33 30.70 -64.60
CA CYS A 47 -49.62 30.31 -65.13
C CYS A 47 -49.47 29.69 -66.51
N LEU A 48 -48.65 30.28 -67.37
CA LEU A 48 -48.45 29.73 -68.70
C LEU A 48 -47.69 28.40 -68.63
N GLU A 49 -46.87 28.21 -67.60
CA GLU A 49 -46.16 26.95 -67.45
C GLU A 49 -47.08 25.83 -66.97
N ILE A 50 -48.23 26.17 -66.40
CA ILE A 50 -49.23 25.16 -66.07
C ILE A 50 -50.10 24.84 -67.29
N GLU A 51 -50.31 25.82 -68.17
CA GLU A 51 -50.99 25.56 -69.43
C GLU A 51 -50.25 24.51 -70.25
N LYS A 52 -48.90 24.55 -70.22
CA LYS A 52 -48.11 23.54 -70.90
C LYS A 52 -48.22 22.19 -70.19
N ASP A 53 -47.95 22.17 -68.89
CA ASP A 53 -47.91 20.93 -68.11
C ASP A 53 -48.86 21.03 -66.93
N PRO A 54 -49.99 20.30 -66.95
CA PRO A 54 -50.89 20.33 -65.78
C PRO A 54 -50.29 19.71 -64.53
N LEU A 55 -49.23 18.91 -64.66
CA LEU A 55 -48.62 18.22 -63.53
C LEU A 55 -47.56 19.05 -62.83
N LYS A 56 -47.25 20.24 -63.35
CA LYS A 56 -46.39 21.20 -62.66
C LYS A 56 -47.16 22.07 -61.68
N ALA A 57 -48.47 21.83 -61.52
CA ALA A 57 -49.28 22.64 -60.63
C ALA A 57 -48.75 22.59 -59.20
N TYR A 58 -48.44 21.38 -58.71
CA TYR A 58 -47.90 21.23 -57.36
C TYR A 58 -46.51 21.85 -57.23
N LYS A 59 -45.90 22.28 -58.32
CA LYS A 59 -44.57 22.88 -58.27
C LYS A 59 -44.61 24.39 -58.07
N TYR A 60 -45.73 25.05 -58.38
CA TYR A 60 -45.82 26.50 -58.31
C TYR A 60 -46.96 27.01 -57.43
N THR A 61 -47.93 26.17 -57.09
CA THR A 61 -49.02 26.53 -56.21
C THR A 61 -49.07 25.58 -55.02
N ALA A 62 -49.89 25.94 -54.03
CA ALA A 62 -50.04 25.14 -52.82
C ALA A 62 -50.93 23.92 -53.03
N ARG A 63 -51.24 23.58 -54.28
CA ARG A 63 -51.99 22.36 -54.57
C ARG A 63 -51.34 21.14 -53.94
N GLY A 64 -50.02 21.12 -53.84
CA GLY A 64 -49.34 19.99 -53.21
C GLY A 64 -49.71 19.81 -51.75
N ASN A 65 -50.00 20.90 -51.05
CA ASN A 65 -50.33 20.86 -49.63
C ASN A 65 -51.76 21.31 -49.34
N LEU A 66 -52.61 21.38 -50.35
CA LEU A 66 -53.98 21.85 -50.18
C LEU A 66 -54.94 20.68 -50.23
N VAL A 67 -55.88 20.65 -49.28
CA VAL A 67 -56.91 19.63 -49.20
C VAL A 67 -58.18 20.30 -48.70
N ALA A 68 -59.29 20.07 -49.38
CA ALA A 68 -60.56 20.70 -49.00
C ALA A 68 -61.33 19.81 -48.03
N VAL A 69 -62.01 20.44 -47.09
CA VAL A 69 -62.94 19.77 -46.19
C VAL A 69 -64.33 20.27 -46.54
N ILE A 70 -65.14 19.38 -47.12
CA ILE A 70 -66.45 19.75 -47.67
C ILE A 70 -67.54 19.01 -46.91
N SER A 71 -68.66 19.67 -46.70
CA SER A 71 -69.79 19.10 -45.98
C SER A 71 -71.07 19.78 -46.41
N ASN A 72 -72.19 19.28 -45.90
CA ASN A 72 -73.50 19.90 -46.10
C ASN A 72 -74.29 20.04 -44.81
N GLY A 73 -73.79 19.53 -43.70
CA GLY A 73 -74.49 19.61 -42.43
C GLY A 73 -75.59 18.57 -42.28
N THR A 74 -75.23 17.29 -42.42
CA THR A 74 -76.19 16.21 -42.25
C THR A 74 -75.75 15.14 -41.26
N ALA A 75 -74.54 15.26 -40.70
CA ALA A 75 -74.07 14.33 -39.69
C ALA A 75 -72.97 14.98 -38.85
N VAL A 76 -73.18 16.25 -38.48
CA VAL A 76 -72.16 17.05 -37.81
C VAL A 76 -71.94 16.48 -36.41
N LEU A 77 -70.77 15.86 -36.19
CA LEU A 77 -70.37 15.28 -34.91
C LEU A 77 -71.47 14.30 -34.49
N GLY A 78 -72.03 14.42 -33.29
CA GLY A 78 -73.27 13.77 -32.92
C GLY A 78 -74.48 14.68 -33.00
N LEU A 79 -74.33 15.91 -33.51
CA LEU A 79 -75.43 16.85 -33.61
C LEU A 79 -76.34 16.57 -34.80
N GLY A 80 -75.77 16.09 -35.91
CA GLY A 80 -76.57 15.68 -37.05
C GLY A 80 -76.92 16.79 -38.02
N ASN A 81 -78.07 16.67 -38.67
CA ASN A 81 -78.53 17.68 -39.62
C ASN A 81 -78.86 18.97 -38.87
N ILE A 82 -78.12 20.04 -39.14
CA ILE A 82 -78.21 21.27 -38.37
C ILE A 82 -78.21 22.48 -39.28
N GLY A 83 -77.92 22.27 -40.55
CA GLY A 83 -77.77 23.37 -41.48
C GLY A 83 -76.31 23.51 -41.88
N ALA A 84 -76.07 23.75 -43.16
CA ALA A 84 -74.70 23.77 -43.66
C ALA A 84 -73.89 24.93 -43.10
N LEU A 85 -74.54 26.03 -42.72
CA LEU A 85 -73.80 27.18 -42.22
C LEU A 85 -73.38 26.99 -40.76
N ALA A 86 -74.24 26.36 -39.95
CA ALA A 86 -73.95 26.26 -38.53
C ALA A 86 -72.78 25.33 -38.27
N GLY A 87 -72.50 24.42 -39.19
CA GLY A 87 -71.42 23.47 -39.02
C GLY A 87 -70.08 23.99 -39.52
N LYS A 88 -69.98 25.32 -39.63
CA LYS A 88 -68.73 25.91 -40.13
C LYS A 88 -67.56 25.72 -39.17
N PRO A 89 -67.68 25.97 -37.86
CA PRO A 89 -66.50 25.84 -37.00
C PRO A 89 -65.91 24.43 -36.92
N VAL A 90 -66.73 23.39 -37.08
CA VAL A 90 -66.19 22.03 -37.04
C VAL A 90 -65.27 21.80 -38.23
N MET A 91 -65.64 22.33 -39.40
CA MET A 91 -64.79 22.21 -40.58
C MET A 91 -63.48 22.97 -40.38
N GLU A 92 -63.55 24.16 -39.78
CA GLU A 92 -62.34 24.88 -39.41
C GLU A 92 -61.51 24.07 -38.42
N GLY A 93 -62.16 23.41 -37.46
CA GLY A 93 -61.45 22.54 -36.53
C GLY A 93 -60.72 21.42 -37.24
N LYS A 94 -61.35 20.83 -38.27
CA LYS A 94 -60.64 19.89 -39.12
C LYS A 94 -59.48 20.55 -39.82
N GLY A 95 -59.68 21.76 -40.35
CA GLY A 95 -58.62 22.47 -41.04
C GLY A 95 -57.42 22.78 -40.17
N VAL A 96 -57.60 22.76 -38.85
CA VAL A 96 -56.49 22.97 -37.94
C VAL A 96 -55.76 21.67 -37.65
N LEU A 97 -56.50 20.62 -37.31
CA LEU A 97 -55.89 19.34 -36.99
C LEU A 97 -55.08 18.80 -38.17
N PHE A 98 -55.50 19.11 -39.38
CA PHE A 98 -54.69 18.79 -40.56
C PHE A 98 -53.33 19.50 -40.50
N LYS A 99 -53.33 20.78 -40.12
CA LYS A 99 -52.11 21.56 -40.10
C LYS A 99 -51.32 21.43 -38.80
N LYS A 100 -52.00 21.23 -37.68
CA LYS A 100 -51.29 21.08 -36.40
C LYS A 100 -50.61 19.72 -36.30
N PHE A 101 -51.22 18.67 -36.86
CA PHE A 101 -50.65 17.32 -36.76
C PHE A 101 -49.85 16.92 -37.98
N ALA A 102 -50.34 17.18 -39.20
CA ALA A 102 -49.69 16.72 -40.41
C ALA A 102 -49.21 17.83 -41.33
N GLY A 103 -49.36 19.08 -40.96
CA GLY A 103 -48.93 20.19 -41.79
C GLY A 103 -49.59 20.22 -43.15
N ILE A 104 -50.92 20.11 -43.17
CA ILE A 104 -51.70 20.10 -44.41
C ILE A 104 -52.60 21.33 -44.40
N ASP A 105 -52.44 22.18 -45.41
CA ASP A 105 -53.29 23.36 -45.55
C ASP A 105 -54.68 22.94 -46.02
N VAL A 106 -55.71 23.49 -45.39
CA VAL A 106 -57.07 23.04 -45.61
C VAL A 106 -58.01 24.22 -45.80
N PHE A 107 -58.82 24.16 -46.86
CA PHE A 107 -59.90 25.09 -47.11
C PHE A 107 -61.22 24.42 -46.71
N ASP A 108 -61.92 25.00 -45.73
CA ASP A 108 -63.23 24.46 -45.36
C ASP A 108 -64.27 24.94 -46.37
N ILE A 109 -65.16 24.04 -46.76
CA ILE A 109 -66.19 24.32 -47.75
C ILE A 109 -67.53 23.85 -47.22
N GLU A 110 -68.52 24.74 -47.25
CA GLU A 110 -69.87 24.44 -46.80
C GLU A 110 -70.82 24.68 -47.96
N VAL A 111 -71.51 23.62 -48.38
CA VAL A 111 -72.36 23.65 -49.57
C VAL A 111 -73.81 23.65 -49.13
N ASP A 112 -74.59 24.57 -49.70
CA ASP A 112 -76.01 24.70 -49.38
C ASP A 112 -76.85 23.89 -50.38
N GLU A 113 -76.61 22.58 -50.38
CA GLU A 113 -77.32 21.67 -51.27
C GLU A 113 -77.50 20.33 -50.57
N LEU A 114 -78.75 19.87 -50.49
CA LEU A 114 -79.07 18.57 -49.92
C LEU A 114 -79.30 17.49 -50.97
N ASP A 115 -79.42 17.86 -52.23
CA ASP A 115 -79.52 16.86 -53.29
C ASP A 115 -78.18 16.17 -53.47
N PRO A 116 -78.14 14.84 -53.43
CA PRO A 116 -76.85 14.14 -53.67
C PRO A 116 -76.26 14.43 -55.03
N ASP A 117 -77.08 14.43 -56.08
CA ASP A 117 -76.55 14.61 -57.43
C ASP A 117 -76.01 16.03 -57.63
N LYS A 118 -76.77 17.04 -57.20
CA LYS A 118 -76.31 18.41 -57.35
C LYS A 118 -75.04 18.67 -56.55
N PHE A 119 -75.00 18.16 -55.31
CA PHE A 119 -73.81 18.32 -54.48
C PHE A 119 -72.58 17.73 -55.15
N ILE A 120 -72.74 16.58 -55.82
CA ILE A 120 -71.60 15.91 -56.45
C ILE A 120 -71.00 16.80 -57.52
N GLU A 121 -71.84 17.46 -58.32
CA GLU A 121 -71.33 18.28 -59.42
C GLU A 121 -70.49 19.44 -58.91
N VAL A 122 -70.90 20.05 -57.80
CA VAL A 122 -70.15 21.18 -57.26
C VAL A 122 -68.74 20.75 -56.86
N VAL A 123 -68.61 19.56 -56.27
CA VAL A 123 -67.30 19.06 -55.85
C VAL A 123 -66.42 18.78 -57.07
N ALA A 124 -66.99 18.14 -58.10
CA ALA A 124 -66.21 17.85 -59.30
C ALA A 124 -65.76 19.12 -60.00
N ALA A 125 -66.57 20.18 -59.94
CA ALA A 125 -66.15 21.46 -60.51
C ALA A 125 -64.97 22.03 -59.76
N LEU A 126 -64.88 21.79 -58.45
CA LEU A 126 -63.79 22.29 -57.63
C LEU A 126 -62.57 21.38 -57.65
N GLU A 127 -62.55 20.36 -58.51
CA GLU A 127 -61.42 19.43 -58.54
C GLU A 127 -60.08 20.09 -58.86
N PRO A 128 -59.97 21.03 -59.81
CA PRO A 128 -58.65 21.62 -60.08
C PRO A 128 -58.05 22.35 -58.89
N THR A 129 -58.89 22.98 -58.08
CA THR A 129 -58.39 23.84 -57.00
C THR A 129 -57.55 23.05 -56.00
N PHE A 130 -58.15 22.03 -55.39
CA PHE A 130 -57.54 21.32 -54.28
C PHE A 130 -56.85 20.05 -54.77
N GLY A 131 -55.74 19.70 -54.10
CA GLY A 131 -55.08 18.44 -54.39
C GLY A 131 -55.81 17.25 -53.80
N GLY A 132 -56.55 17.46 -52.71
CA GLY A 132 -57.31 16.39 -52.09
C GLY A 132 -58.63 16.92 -51.56
N ILE A 133 -59.56 15.98 -51.36
CA ILE A 133 -60.90 16.29 -50.88
C ILE A 133 -61.21 15.40 -49.69
N ASN A 134 -61.60 16.00 -48.57
CA ASN A 134 -62.04 15.29 -47.39
C ASN A 134 -63.52 15.56 -47.17
N LEU A 135 -64.32 14.50 -47.17
CA LEU A 135 -65.75 14.58 -46.89
C LEU A 135 -65.97 14.27 -45.41
N GLU A 136 -66.61 15.20 -44.71
CA GLU A 136 -66.85 15.05 -43.27
C GLU A 136 -68.31 15.36 -42.97
N ASP A 137 -68.92 14.52 -42.14
CA ASP A 137 -70.24 14.76 -41.57
C ASP A 137 -71.31 14.84 -42.66
N ILE A 138 -71.44 13.74 -43.41
CA ILE A 138 -72.49 13.58 -44.41
C ILE A 138 -73.28 12.33 -44.07
N LYS A 139 -74.60 12.47 -43.96
CA LYS A 139 -75.44 11.37 -43.48
C LYS A 139 -75.51 10.25 -44.50
N ALA A 140 -75.74 9.02 -43.99
CA ALA A 140 -75.92 7.80 -44.75
C ALA A 140 -77.38 7.62 -45.13
N PRO A 141 -77.66 6.94 -46.26
CA PRO A 141 -76.69 6.38 -47.20
C PRO A 141 -76.25 7.35 -48.30
N GLU A 142 -76.63 8.63 -48.18
CA GLU A 142 -76.24 9.64 -49.16
C GLU A 142 -74.72 9.72 -49.29
N CYS A 143 -74.01 9.55 -48.18
CA CYS A 143 -72.56 9.65 -48.20
C CYS A 143 -71.93 8.54 -49.03
N PHE A 144 -72.43 7.31 -48.91
CA PHE A 144 -71.90 6.20 -49.70
C PHE A 144 -71.99 6.51 -51.18
N TYR A 145 -73.15 6.96 -51.63
CA TYR A 145 -73.37 7.22 -53.05
C TYR A 145 -72.49 8.34 -53.56
N ILE A 146 -72.41 9.44 -52.80
CA ILE A 146 -71.56 10.56 -53.21
C ILE A 146 -70.10 10.13 -53.25
N GLU A 147 -69.66 9.38 -52.23
CA GLU A 147 -68.27 8.94 -52.18
C GLU A 147 -67.92 8.02 -53.33
N GLN A 148 -68.81 7.07 -53.65
CA GLN A 148 -68.54 6.13 -54.72
C GLN A 148 -68.44 6.84 -56.07
N LYS A 149 -69.35 7.79 -56.34
CA LYS A 149 -69.34 8.48 -57.62
C LYS A 149 -68.10 9.36 -57.78
N LEU A 150 -67.68 10.03 -56.71
CA LEU A 150 -66.63 11.04 -56.81
C LEU A 150 -65.24 10.42 -57.00
N ARG A 151 -64.96 9.32 -56.29
CA ARG A 151 -63.60 8.77 -56.31
C ARG A 151 -63.17 8.36 -57.71
N GLU A 152 -64.08 7.74 -58.46
CA GLU A 152 -63.78 7.39 -59.85
C GLU A 152 -63.85 8.63 -60.74
N ARG A 153 -64.91 9.43 -60.58
CA ARG A 153 -65.09 10.62 -61.40
C ARG A 153 -63.90 11.55 -61.32
N MET A 154 -63.37 11.75 -60.12
CA MET A 154 -62.31 12.71 -59.89
C MET A 154 -60.97 12.00 -59.80
N ASN A 155 -60.01 12.45 -60.63
CA ASN A 155 -58.62 12.02 -60.52
C ASN A 155 -57.91 12.65 -59.34
N ILE A 156 -58.67 13.16 -58.38
CA ILE A 156 -58.16 13.73 -57.14
C ILE A 156 -58.70 12.86 -56.00
N PRO A 157 -57.90 12.55 -54.97
CA PRO A 157 -58.37 11.63 -53.93
C PRO A 157 -59.53 12.22 -53.14
N VAL A 158 -60.55 11.39 -52.94
CA VAL A 158 -61.71 11.74 -52.13
C VAL A 158 -61.81 10.74 -51.00
N PHE A 159 -61.99 11.24 -49.78
CA PHE A 159 -61.97 10.41 -48.58
C PHE A 159 -63.03 10.91 -47.61
N HIS A 160 -63.85 10.00 -47.11
CA HIS A 160 -64.88 10.30 -46.12
C HIS A 160 -64.39 9.75 -44.77
N ASP A 161 -63.85 10.63 -43.93
CA ASP A 161 -63.22 10.20 -42.69
C ASP A 161 -64.25 9.67 -41.70
N ASP A 162 -65.46 10.22 -41.69
CA ASP A 162 -66.47 9.78 -40.72
C ASP A 162 -66.81 8.30 -40.90
N GLN A 163 -66.71 7.78 -42.12
CA GLN A 163 -66.91 6.35 -42.34
C GLN A 163 -65.58 5.60 -42.45
N HIS A 164 -64.79 5.89 -43.48
CA HIS A 164 -63.59 5.10 -43.72
C HIS A 164 -62.52 5.36 -42.67
N GLY A 165 -62.40 6.61 -42.20
CA GLY A 165 -61.39 6.93 -41.21
C GLY A 165 -61.62 6.21 -39.89
N THR A 166 -62.84 6.29 -39.36
CA THR A 166 -63.17 5.61 -38.12
C THR A 166 -63.03 4.10 -38.26
N ALA A 167 -63.30 3.56 -39.46
CA ALA A 167 -63.21 2.12 -39.67
C ALA A 167 -61.77 1.64 -39.76
N ILE A 168 -60.89 2.44 -40.38
CA ILE A 168 -59.49 2.04 -40.51
C ILE A 168 -58.87 1.84 -39.13
N ILE A 169 -59.18 2.73 -38.19
CA ILE A 169 -58.67 2.59 -36.83
C ILE A 169 -59.22 1.33 -36.17
N SER A 170 -60.53 1.13 -36.25
CA SER A 170 -61.16 -0.05 -35.67
C SER A 170 -60.56 -1.33 -36.25
N THR A 171 -60.33 -1.35 -37.56
CA THR A 171 -59.76 -2.54 -38.20
C THR A 171 -58.37 -2.84 -37.65
N ALA A 172 -57.54 -1.81 -37.46
CA ALA A 172 -56.23 -2.02 -36.87
C ALA A 172 -56.36 -2.54 -35.44
N ALA A 173 -57.32 -2.00 -34.68
CA ALA A 173 -57.49 -2.43 -33.30
C ALA A 173 -57.87 -3.90 -33.21
N ILE A 174 -58.77 -4.34 -34.07
CA ILE A 174 -59.18 -5.74 -34.06
C ILE A 174 -58.01 -6.65 -34.43
N LEU A 175 -57.22 -6.24 -35.43
CA LEU A 175 -56.07 -7.04 -35.83
C LEU A 175 -55.10 -7.24 -34.68
N ASN A 176 -54.86 -6.17 -33.89
CA ASN A 176 -54.01 -6.30 -32.72
C ASN A 176 -54.68 -7.14 -31.64
N GLY A 177 -55.98 -6.96 -31.45
CA GLY A 177 -56.69 -7.73 -30.43
C GLY A 177 -56.66 -9.22 -30.69
N LEU A 178 -56.68 -9.62 -31.96
CA LEU A 178 -56.57 -11.04 -32.29
C LEU A 178 -55.23 -11.62 -31.86
N ARG A 179 -54.18 -10.80 -31.90
CA ARG A 179 -52.87 -11.25 -31.43
C ARG A 179 -52.84 -11.39 -29.92
N VAL A 180 -53.58 -10.54 -29.21
CA VAL A 180 -53.64 -10.62 -27.75
C VAL A 180 -54.38 -11.88 -27.32
N VAL A 181 -55.52 -12.16 -27.95
CA VAL A 181 -56.33 -13.32 -27.59
C VAL A 181 -55.92 -14.59 -28.31
N GLU A 182 -54.95 -14.51 -29.23
CA GLU A 182 -54.40 -15.66 -29.93
C GLU A 182 -55.48 -16.43 -30.70
N LYS A 183 -56.27 -15.70 -31.48
CA LYS A 183 -57.33 -16.27 -32.31
C LYS A 183 -57.04 -15.95 -33.76
N ASN A 184 -57.05 -16.99 -34.61
CA ASN A 184 -56.90 -16.78 -36.04
C ASN A 184 -58.09 -16.02 -36.60
N ILE A 185 -57.82 -15.18 -37.60
CA ILE A 185 -58.86 -14.28 -38.11
C ILE A 185 -59.93 -15.05 -38.89
N SER A 186 -59.56 -16.13 -39.58
CA SER A 186 -60.56 -16.88 -40.34
C SER A 186 -61.55 -17.57 -39.44
N ASP A 187 -61.13 -17.96 -38.23
CA ASP A 187 -61.99 -18.73 -37.34
C ASP A 187 -62.94 -17.84 -36.54
N VAL A 188 -62.55 -16.61 -36.24
CA VAL A 188 -63.36 -15.78 -35.34
C VAL A 188 -64.65 -15.36 -36.02
N ARG A 189 -65.65 -15.06 -35.20
CA ARG A 189 -67.00 -14.73 -35.62
C ARG A 189 -67.34 -13.34 -35.12
N MET A 190 -67.87 -12.49 -36.00
CA MET A 190 -68.11 -11.09 -35.70
C MET A 190 -69.59 -10.77 -35.84
N VAL A 191 -70.12 -10.01 -34.89
CA VAL A 191 -71.50 -9.56 -34.89
C VAL A 191 -71.50 -8.03 -34.95
N VAL A 192 -72.27 -7.48 -35.88
CA VAL A 192 -72.28 -6.05 -36.13
C VAL A 192 -73.69 -5.53 -35.90
N SER A 193 -73.81 -4.54 -35.03
CA SER A 193 -75.09 -3.92 -34.69
C SER A 193 -75.13 -2.50 -35.25
N GLY A 194 -76.19 -2.19 -35.97
CA GLY A 194 -76.36 -0.87 -36.55
C GLY A 194 -75.62 -0.69 -37.84
N ALA A 195 -76.32 -0.23 -38.88
CA ALA A 195 -75.71 0.02 -40.17
C ALA A 195 -74.91 1.32 -40.16
N GLY A 196 -74.01 1.47 -39.19
CA GLY A 196 -73.18 2.64 -39.14
C GLY A 196 -72.31 2.77 -40.38
N ALA A 197 -72.03 4.02 -40.75
CA ALA A 197 -71.25 4.27 -41.96
C ALA A 197 -69.86 3.64 -41.86
N ALA A 198 -69.24 3.72 -40.69
CA ALA A 198 -67.92 3.11 -40.51
C ALA A 198 -68.01 1.59 -40.44
N ALA A 199 -69.14 1.06 -39.96
CA ALA A 199 -69.24 -0.39 -39.76
C ALA A 199 -69.16 -1.15 -41.08
N ILE A 200 -69.83 -0.68 -42.12
CA ILE A 200 -69.84 -1.39 -43.40
C ILE A 200 -68.44 -1.43 -43.99
N ALA A 201 -67.71 -0.33 -43.93
CA ALA A 201 -66.36 -0.29 -44.48
C ALA A 201 -65.39 -1.12 -43.65
N CYS A 202 -65.52 -1.09 -42.32
CA CYS A 202 -64.69 -1.93 -41.46
C CYS A 202 -64.81 -3.39 -41.84
N MET A 203 -66.03 -3.86 -42.10
CA MET A 203 -66.22 -5.22 -42.58
C MET A 203 -65.51 -5.44 -43.90
N ASN A 204 -65.62 -4.47 -44.82
CA ASN A 204 -64.97 -4.60 -46.12
C ASN A 204 -63.46 -4.73 -45.95
N LEU A 205 -62.87 -3.91 -45.07
CA LEU A 205 -61.43 -3.99 -44.85
C LEU A 205 -61.05 -5.28 -44.12
N LEU A 206 -61.92 -5.74 -43.22
CA LEU A 206 -61.63 -6.97 -42.49
C LEU A 206 -61.69 -8.18 -43.41
N VAL A 207 -62.66 -8.20 -44.33
CA VAL A 207 -62.79 -9.33 -45.26
C VAL A 207 -61.56 -9.44 -46.14
N ALA A 208 -61.02 -8.30 -46.59
CA ALA A 208 -59.79 -8.33 -47.38
C ALA A 208 -58.61 -8.86 -46.57
N LEU A 209 -58.63 -8.63 -45.25
CA LEU A 209 -57.55 -9.12 -44.39
C LEU A 209 -57.72 -10.58 -44.00
N GLY A 210 -58.88 -11.18 -44.25
CA GLY A 210 -59.01 -12.61 -44.05
C GLY A 210 -60.27 -13.07 -43.34
N LEU A 211 -61.06 -12.14 -42.82
CA LEU A 211 -62.27 -12.52 -42.11
C LEU A 211 -63.28 -13.12 -43.07
N GLN A 212 -63.87 -14.24 -42.67
CA GLN A 212 -64.77 -14.98 -43.55
C GLN A 212 -66.11 -14.30 -43.67
N LYS A 213 -66.68 -14.33 -44.88
CA LYS A 213 -67.99 -13.74 -45.09
C LYS A 213 -69.05 -14.38 -44.20
N HIS A 214 -69.03 -15.71 -44.08
CA HIS A 214 -70.08 -16.40 -43.34
C HIS A 214 -69.97 -16.17 -41.83
N ASN A 215 -68.79 -15.80 -41.33
CA ASN A 215 -68.66 -15.54 -39.91
C ASN A 215 -69.29 -14.21 -39.52
N ILE A 216 -69.25 -13.22 -40.41
CA ILE A 216 -69.81 -11.91 -40.12
C ILE A 216 -71.32 -11.99 -40.15
N VAL A 217 -71.97 -11.44 -39.11
CA VAL A 217 -73.42 -11.36 -39.03
C VAL A 217 -73.79 -9.94 -38.64
N VAL A 218 -74.62 -9.29 -39.45
CA VAL A 218 -75.04 -7.92 -39.22
C VAL A 218 -76.50 -7.92 -38.82
N CYS A 219 -76.84 -7.04 -37.87
CA CYS A 219 -78.21 -6.90 -37.37
C CYS A 219 -78.64 -5.46 -37.53
N ASP A 220 -79.76 -5.25 -38.20
CA ASP A 220 -80.37 -3.93 -38.28
C ASP A 220 -81.52 -3.84 -37.27
N SER A 221 -82.30 -2.76 -37.36
CA SER A 221 -83.36 -2.54 -36.38
C SER A 221 -84.42 -3.64 -36.46
N LYS A 222 -84.74 -4.09 -37.68
CA LYS A 222 -85.70 -5.19 -37.83
C LYS A 222 -85.24 -6.43 -37.09
N GLY A 223 -84.00 -6.83 -37.31
CA GLY A 223 -83.43 -8.02 -36.69
C GLY A 223 -82.15 -8.41 -37.41
N VAL A 224 -81.84 -9.70 -37.34
CA VAL A 224 -80.68 -10.24 -38.04
C VAL A 224 -80.94 -10.17 -39.55
N ILE A 225 -79.97 -9.63 -40.28
CA ILE A 225 -80.09 -9.50 -41.74
C ILE A 225 -79.91 -10.87 -42.36
N TYR A 226 -80.99 -11.42 -42.93
CA TYR A 226 -80.93 -12.69 -43.64
C TYR A 226 -81.56 -12.50 -45.02
N GLN A 227 -81.14 -13.36 -45.96
CA GLN A 227 -81.64 -13.26 -47.33
C GLN A 227 -83.12 -13.65 -47.39
N GLY A 228 -83.92 -12.83 -48.05
CA GLY A 228 -85.33 -13.09 -48.21
C GLY A 228 -86.24 -12.38 -47.23
N ARG A 229 -85.67 -11.65 -46.26
CA ARG A 229 -86.50 -10.91 -45.32
C ARG A 229 -87.27 -9.79 -46.03
N GLU A 230 -86.55 -8.96 -46.77
CA GLU A 230 -87.14 -7.88 -47.55
C GLU A 230 -86.82 -8.11 -49.02
N PRO A 231 -87.79 -7.99 -49.93
CA PRO A 231 -87.52 -8.29 -51.34
C PRO A 231 -86.54 -7.34 -52.00
N ASN A 232 -86.66 -6.04 -51.72
CA ASN A 232 -85.75 -5.04 -52.29
C ASN A 232 -84.68 -4.69 -51.26
N MET A 233 -83.79 -5.65 -51.04
CA MET A 233 -82.73 -5.47 -50.06
C MET A 233 -81.70 -4.47 -50.56
N ALA A 234 -81.22 -3.61 -49.67
CA ALA A 234 -80.18 -2.67 -50.01
C ALA A 234 -78.89 -3.40 -50.35
N GLU A 235 -78.11 -2.81 -51.26
CA GLU A 235 -76.86 -3.42 -51.69
C GLU A 235 -75.93 -3.68 -50.52
N THR A 236 -75.82 -2.72 -49.60
CA THR A 236 -74.99 -2.90 -48.43
C THR A 236 -75.46 -4.07 -47.58
N LYS A 237 -76.78 -4.17 -47.37
CA LYS A 237 -77.31 -5.22 -46.52
C LYS A 237 -77.15 -6.60 -47.14
N ALA A 238 -77.26 -6.70 -48.48
CA ALA A 238 -77.25 -8.01 -49.12
C ALA A 238 -75.87 -8.65 -49.12
N ALA A 239 -74.81 -7.84 -49.21
CA ALA A 239 -73.47 -8.39 -49.30
C ALA A 239 -73.10 -9.19 -48.05
N TYR A 240 -73.57 -8.73 -46.89
CA TYR A 240 -73.29 -9.39 -45.63
C TYR A 240 -74.53 -10.02 -45.00
N ALA A 241 -75.61 -10.13 -45.76
CA ALA A 241 -76.76 -10.92 -45.30
C ALA A 241 -76.34 -12.38 -45.15
N VAL A 242 -76.84 -13.01 -44.10
CA VAL A 242 -76.45 -14.37 -43.77
C VAL A 242 -77.54 -15.33 -44.21
N VAL A 243 -77.15 -16.57 -44.48
CA VAL A 243 -78.13 -17.63 -44.70
C VAL A 243 -78.93 -17.83 -43.43
N ASP A 244 -80.25 -17.91 -43.58
CA ASP A 244 -81.12 -17.97 -42.40
C ASP A 244 -80.87 -19.26 -41.62
N ASP A 245 -80.45 -19.10 -40.36
CA ASP A 245 -80.26 -20.22 -39.45
C ASP A 245 -81.31 -20.21 -38.35
N GLY A 246 -82.37 -19.43 -38.49
CA GLY A 246 -83.41 -19.33 -37.48
C GLY A 246 -83.15 -18.29 -36.42
N LYS A 247 -82.15 -17.44 -36.58
CA LYS A 247 -81.79 -16.45 -35.57
C LYS A 247 -82.20 -15.07 -36.06
N ARG A 248 -82.99 -14.37 -35.25
CA ARG A 248 -83.46 -13.03 -35.57
C ARG A 248 -82.95 -11.98 -34.60
N THR A 249 -83.02 -12.24 -33.29
CA THR A 249 -82.64 -11.24 -32.31
C THR A 249 -81.12 -11.19 -32.15
N LEU A 250 -80.64 -10.07 -31.60
CA LEU A 250 -79.21 -9.95 -31.31
C LEU A 250 -78.78 -10.97 -30.27
N ASP A 251 -79.65 -11.23 -29.28
CA ASP A 251 -79.30 -12.20 -28.23
C ASP A 251 -79.09 -13.59 -28.81
N ASP A 252 -79.77 -13.92 -29.91
CA ASP A 252 -79.58 -15.23 -30.54
C ASP A 252 -78.16 -15.39 -31.08
N VAL A 253 -77.64 -14.34 -31.71
CA VAL A 253 -76.33 -14.45 -32.37
C VAL A 253 -75.17 -13.96 -31.51
N ILE A 254 -75.45 -13.30 -30.37
CA ILE A 254 -74.37 -12.80 -29.54
C ILE A 254 -73.62 -13.93 -28.85
N GLU A 255 -74.22 -15.12 -28.73
CA GLU A 255 -73.56 -16.23 -28.06
C GLU A 255 -72.45 -16.79 -28.93
N GLY A 256 -71.31 -17.08 -28.31
CA GLY A 256 -70.18 -17.60 -29.05
C GLY A 256 -69.65 -16.64 -30.11
N ALA A 257 -69.66 -15.34 -29.80
CA ALA A 257 -69.19 -14.31 -30.72
C ALA A 257 -67.88 -13.76 -30.22
N ASP A 258 -66.85 -13.77 -31.08
CA ASP A 258 -65.54 -13.30 -30.67
C ASP A 258 -65.38 -11.79 -30.79
N ILE A 259 -66.08 -11.16 -31.73
CA ILE A 259 -65.96 -9.72 -31.95
C ILE A 259 -67.35 -9.11 -32.09
N PHE A 260 -67.52 -7.92 -31.52
CA PHE A 260 -68.75 -7.15 -31.65
C PHE A 260 -68.41 -5.71 -32.01
N LEU A 261 -69.16 -5.16 -32.98
CA LEU A 261 -68.98 -3.78 -33.43
C LEU A 261 -70.33 -3.09 -33.48
N GLY A 262 -70.40 -1.89 -32.91
CA GLY A 262 -71.65 -1.15 -32.87
C GLY A 262 -71.51 0.34 -33.10
N CYS A 263 -72.02 0.81 -34.24
CA CYS A 263 -72.14 2.22 -34.53
C CYS A 263 -73.55 2.75 -34.32
N SER A 264 -74.47 1.90 -33.84
CA SER A 264 -75.84 2.30 -33.62
C SER A 264 -75.99 3.10 -32.33
N GLY A 265 -77.23 3.21 -31.84
CA GLY A 265 -77.51 3.92 -30.62
C GLY A 265 -77.01 3.19 -29.39
N PRO A 266 -76.82 3.92 -28.30
CA PRO A 266 -76.27 3.30 -27.07
C PRO A 266 -77.27 2.37 -26.42
N LYS A 267 -76.77 1.61 -25.44
CA LYS A 267 -77.52 0.66 -24.63
C LYS A 267 -78.04 -0.53 -25.42
N VAL A 268 -77.45 -0.81 -26.59
CA VAL A 268 -77.85 -1.99 -27.35
C VAL A 268 -77.31 -3.25 -26.69
N LEU A 269 -76.10 -3.18 -26.13
CA LEU A 269 -75.48 -4.32 -25.49
C LEU A 269 -75.90 -4.41 -24.03
N THR A 270 -76.09 -5.65 -23.55
CA THR A 270 -76.46 -5.90 -22.17
C THR A 270 -75.37 -6.72 -21.48
N GLN A 271 -75.37 -6.67 -20.15
CA GLN A 271 -74.38 -7.43 -19.38
C GLN A 271 -74.58 -8.93 -19.54
N GLU A 272 -75.83 -9.38 -19.68
CA GLU A 272 -76.07 -10.80 -19.91
C GLU A 272 -75.56 -11.23 -21.28
N MET A 273 -75.65 -10.35 -22.28
CA MET A 273 -75.13 -10.65 -23.60
C MET A 273 -73.62 -10.85 -23.56
N VAL A 274 -72.92 -10.06 -22.75
CA VAL A 274 -71.47 -10.18 -22.66
C VAL A 274 -71.07 -11.53 -22.06
N LYS A 275 -71.87 -12.06 -21.14
CA LYS A 275 -71.61 -13.40 -20.63
C LYS A 275 -71.65 -14.41 -21.77
N LYS A 276 -72.68 -14.36 -22.60
CA LYS A 276 -72.84 -15.32 -23.70
C LYS A 276 -71.71 -15.26 -24.71
N MET A 277 -71.01 -14.15 -24.81
CA MET A 277 -69.94 -14.00 -25.81
C MET A 277 -68.79 -14.96 -25.51
N ALA A 278 -67.88 -15.07 -26.47
CA ALA A 278 -66.79 -16.03 -26.39
C ALA A 278 -65.67 -15.51 -25.48
N ARG A 279 -64.58 -16.27 -25.42
CA ARG A 279 -63.48 -15.93 -24.53
C ARG A 279 -62.83 -14.62 -24.93
N ALA A 280 -62.54 -13.78 -23.93
CA ALA A 280 -61.91 -12.48 -24.13
C ALA A 280 -62.62 -11.70 -25.25
N PRO A 281 -63.88 -11.35 -25.08
CA PRO A 281 -64.61 -10.69 -26.16
C PRO A 281 -64.01 -9.34 -26.51
N MET A 282 -63.91 -9.08 -27.81
CA MET A 282 -63.45 -7.79 -28.32
C MET A 282 -64.69 -6.98 -28.71
N ILE A 283 -64.92 -5.89 -27.98
CA ILE A 283 -66.11 -5.07 -28.14
C ILE A 283 -65.69 -3.68 -28.59
N LEU A 284 -66.28 -3.20 -29.68
CA LEU A 284 -66.03 -1.85 -30.18
C LEU A 284 -67.36 -1.12 -30.26
N ALA A 285 -67.55 -0.13 -29.40
CA ALA A 285 -68.79 0.64 -29.34
C ALA A 285 -68.50 2.04 -29.86
N LEU A 286 -68.59 2.19 -31.19
CA LEU A 286 -68.42 3.50 -31.83
C LEU A 286 -69.74 4.28 -31.84
N ALA A 287 -70.21 4.59 -30.64
CA ALA A 287 -71.44 5.35 -30.45
C ALA A 287 -71.14 6.62 -29.67
N ASN A 288 -71.59 7.76 -30.19
CA ASN A 288 -71.36 9.04 -29.57
C ASN A 288 -72.68 9.67 -29.16
N PRO A 289 -72.76 10.24 -27.95
CA PRO A 289 -71.64 10.34 -27.02
C PRO A 289 -71.57 9.22 -25.99
N GLU A 290 -72.52 8.28 -26.02
CA GLU A 290 -72.57 7.20 -25.05
C GLU A 290 -72.31 5.87 -25.74
N PRO A 291 -71.38 5.06 -25.23
CA PRO A 291 -71.15 3.74 -25.83
C PRO A 291 -72.29 2.80 -25.52
N GLU A 292 -72.45 1.79 -26.39
CA GLU A 292 -73.54 0.83 -26.21
C GLU A 292 -73.50 0.18 -24.84
N ILE A 293 -72.31 -0.17 -24.36
CA ILE A 293 -72.12 -0.62 -22.99
C ILE A 293 -70.93 0.15 -22.42
N LEU A 294 -71.09 0.68 -21.22
CA LEU A 294 -69.98 1.34 -20.56
C LEU A 294 -68.90 0.32 -20.25
N PRO A 295 -67.63 0.67 -20.46
CA PRO A 295 -66.54 -0.31 -20.31
C PRO A 295 -66.46 -0.91 -18.92
N PRO A 296 -66.61 -0.13 -17.83
CA PRO A 296 -66.55 -0.79 -16.51
C PRO A 296 -67.62 -1.85 -16.31
N LEU A 297 -68.82 -1.62 -16.83
CA LEU A 297 -69.89 -2.62 -16.71
C LEU A 297 -69.50 -3.91 -17.41
N ALA A 298 -68.84 -3.82 -18.57
CA ALA A 298 -68.43 -5.02 -19.29
C ALA A 298 -67.23 -5.68 -18.61
N LYS A 299 -66.30 -4.88 -18.08
CA LYS A 299 -65.18 -5.44 -17.34
C LYS A 299 -65.67 -6.23 -16.13
N GLU A 300 -66.72 -5.74 -15.47
CA GLU A 300 -67.30 -6.44 -14.32
C GLU A 300 -67.76 -7.84 -14.71
N VAL A 301 -68.40 -7.98 -15.87
CA VAL A 301 -68.85 -9.29 -16.32
C VAL A 301 -67.66 -10.15 -16.75
N ARG A 302 -66.75 -9.58 -17.55
CA ARG A 302 -65.61 -10.32 -18.07
C ARG A 302 -64.35 -9.48 -17.87
N PRO A 303 -63.38 -9.94 -17.07
CA PRO A 303 -62.14 -9.17 -16.91
C PRO A 303 -61.22 -9.24 -18.13
N ASP A 304 -61.20 -10.38 -18.83
CA ASP A 304 -60.29 -10.55 -19.96
C ASP A 304 -60.71 -9.78 -21.20
N ALA A 305 -61.88 -9.13 -21.18
CA ALA A 305 -62.41 -8.50 -22.39
C ALA A 305 -61.62 -7.25 -22.76
N ILE A 306 -61.66 -6.93 -24.06
CA ILE A 306 -61.02 -5.74 -24.62
C ILE A 306 -62.12 -4.89 -25.24
N ILE A 307 -62.26 -3.65 -24.75
CA ILE A 307 -63.34 -2.78 -25.17
C ILE A 307 -62.76 -1.45 -25.66
N CYS A 308 -63.33 -0.94 -26.75
CA CYS A 308 -62.90 0.31 -27.36
C CYS A 308 -64.09 1.22 -27.56
N THR A 309 -63.94 2.49 -27.18
CA THR A 309 -65.00 3.49 -27.30
C THR A 309 -64.43 4.76 -27.90
N GLY A 310 -65.33 5.62 -28.40
CA GLY A 310 -64.90 6.91 -28.93
C GLY A 310 -64.60 7.94 -27.87
N ARG A 311 -65.13 7.77 -26.66
CA ARG A 311 -64.95 8.76 -25.61
C ARG A 311 -63.48 8.83 -25.19
N SER A 312 -63.02 10.04 -24.86
CA SER A 312 -61.62 10.25 -24.54
C SER A 312 -61.26 9.76 -23.15
N ASP A 313 -62.23 9.75 -22.22
CA ASP A 313 -61.92 9.38 -20.84
C ASP A 313 -61.65 7.89 -20.69
N TYR A 314 -62.40 7.05 -21.42
CA TYR A 314 -62.18 5.62 -21.35
C TYR A 314 -60.96 5.23 -22.19
N PRO A 315 -60.24 4.18 -21.79
CA PRO A 315 -59.05 3.77 -22.54
C PRO A 315 -59.41 3.19 -23.90
N ASN A 316 -58.37 2.95 -24.70
CA ASN A 316 -58.50 2.39 -26.04
C ASN A 316 -59.45 3.23 -26.90
N GLN A 317 -59.24 4.53 -26.87
CA GLN A 317 -60.11 5.46 -27.59
C GLN A 317 -59.92 5.32 -29.09
N VAL A 318 -61.04 5.37 -29.83
CA VAL A 318 -61.03 5.30 -31.29
C VAL A 318 -61.31 6.72 -31.78
N ASN A 319 -60.27 7.41 -32.26
CA ASN A 319 -60.36 8.81 -32.62
C ASN A 319 -60.08 9.00 -34.11
N ASN A 320 -60.86 9.89 -34.73
CA ASN A 320 -60.63 10.20 -36.14
C ASN A 320 -59.23 10.78 -36.34
N VAL A 321 -58.75 11.55 -35.36
CA VAL A 321 -57.48 12.25 -35.48
C VAL A 321 -56.29 11.31 -35.62
N LEU A 322 -56.50 10.00 -35.47
CA LEU A 322 -55.38 9.08 -35.53
C LEU A 322 -54.91 8.82 -36.96
N CYS A 323 -55.79 8.98 -37.94
CA CYS A 323 -55.41 8.58 -39.30
C CYS A 323 -55.70 9.64 -40.36
N PHE A 324 -56.82 10.36 -40.23
CA PHE A 324 -57.25 11.22 -41.33
C PHE A 324 -56.24 12.30 -41.72
N PRO A 325 -55.37 12.82 -40.84
CA PRO A 325 -54.33 13.74 -41.33
C PRO A 325 -53.22 13.01 -42.07
N PHE A 326 -52.76 11.90 -41.50
CA PHE A 326 -51.53 11.26 -41.96
C PHE A 326 -51.71 10.48 -43.26
N ILE A 327 -52.92 10.05 -43.59
CA ILE A 327 -53.16 9.37 -44.86
C ILE A 327 -53.00 10.35 -46.02
N PHE A 328 -53.63 11.52 -45.90
CA PHE A 328 -53.58 12.50 -46.97
C PHE A 328 -52.14 12.95 -47.24
N ARG A 329 -51.35 13.13 -46.18
CA ARG A 329 -49.99 13.65 -46.31
C ARG A 329 -49.15 12.74 -47.21
N GLY A 330 -49.26 11.43 -47.02
CA GLY A 330 -48.60 10.52 -47.93
C GLY A 330 -49.20 10.56 -49.33
N ALA A 331 -50.53 10.73 -49.41
CA ALA A 331 -51.19 10.79 -50.71
C ALA A 331 -50.85 12.06 -51.47
N LEU A 332 -50.60 13.16 -50.75
CA LEU A 332 -50.28 14.42 -51.43
C LEU A 332 -48.83 14.46 -51.89
N ASP A 333 -47.92 13.85 -51.11
CA ASP A 333 -46.50 13.88 -51.47
C ASP A 333 -46.25 13.10 -52.75
N VAL A 334 -46.97 11.98 -52.95
CA VAL A 334 -46.89 11.24 -54.20
C VAL A 334 -47.95 11.69 -55.20
N GLY A 335 -48.76 12.69 -54.85
CA GLY A 335 -49.77 13.20 -55.77
C GLY A 335 -50.73 12.14 -56.28
N ALA A 336 -51.18 11.24 -55.40
CA ALA A 336 -52.00 10.12 -55.83
C ALA A 336 -53.32 10.60 -56.42
N THR A 337 -53.80 9.86 -57.43
CA THR A 337 -55.07 10.21 -58.05
C THR A 337 -56.24 9.90 -57.14
N ALA A 338 -56.12 8.89 -56.29
CA ALA A 338 -57.14 8.57 -55.31
C ALA A 338 -56.51 7.68 -54.24
N ILE A 339 -57.30 7.40 -53.21
CA ILE A 339 -56.86 6.56 -52.09
C ILE A 339 -57.53 5.20 -52.28
N ASN A 340 -56.77 4.24 -52.81
CA ASN A 340 -57.34 2.93 -53.08
C ASN A 340 -57.37 2.08 -51.81
N GLU A 341 -58.02 0.92 -51.93
CA GLU A 341 -58.19 0.04 -50.76
C GLU A 341 -56.85 -0.49 -50.26
N GLU A 342 -55.86 -0.62 -51.15
CA GLU A 342 -54.56 -1.12 -50.72
C GLU A 342 -53.82 -0.10 -49.85
N MET A 343 -54.03 1.19 -50.11
CA MET A 343 -53.40 2.21 -49.28
C MET A 343 -53.96 2.19 -47.86
N LYS A 344 -55.28 2.08 -47.73
CA LYS A 344 -55.90 2.02 -46.41
C LYS A 344 -55.40 0.80 -45.64
N LEU A 345 -55.17 -0.32 -46.34
CA LEU A 345 -54.69 -1.53 -45.70
C LEU A 345 -53.30 -1.33 -45.11
N ALA A 346 -52.39 -0.70 -45.87
CA ALA A 346 -51.05 -0.44 -45.35
C ALA A 346 -51.09 0.45 -44.12
N ALA A 347 -52.07 1.36 -44.05
CA ALA A 347 -52.21 2.21 -42.87
C ALA A 347 -52.60 1.40 -41.65
N VAL A 348 -53.59 0.51 -41.80
CA VAL A 348 -54.02 -0.36 -40.70
C VAL A 348 -52.82 -1.11 -40.14
N ARG A 349 -51.99 -1.67 -41.03
CA ARG A 349 -50.81 -2.40 -40.58
C ARG A 349 -49.83 -1.49 -39.87
N ALA A 350 -49.69 -0.26 -40.36
CA ALA A 350 -48.78 0.68 -39.71
C ALA A 350 -49.26 1.04 -38.32
N ILE A 351 -50.58 1.21 -38.15
CA ILE A 351 -51.12 1.55 -36.84
C ILE A 351 -50.86 0.44 -35.83
N ALA A 352 -50.99 -0.82 -36.27
CA ALA A 352 -50.72 -1.93 -35.38
C ALA A 352 -49.24 -2.04 -35.03
N GLU A 353 -48.37 -1.84 -36.02
CA GLU A 353 -46.93 -1.92 -35.79
C GLU A 353 -46.49 -0.91 -34.73
N LEU A 354 -47.16 0.25 -34.70
CA LEU A 354 -46.80 1.28 -33.73
C LEU A 354 -47.06 0.82 -32.30
N ALA A 355 -48.23 0.21 -32.06
CA ALA A 355 -48.54 -0.26 -30.73
C ALA A 355 -47.61 -1.39 -30.29
N HIS A 356 -47.20 -2.25 -31.22
CA HIS A 356 -46.33 -3.36 -30.87
C HIS A 356 -44.93 -2.89 -30.48
N ALA A 357 -44.38 -1.94 -31.23
CA ALA A 357 -43.01 -1.49 -30.99
C ALA A 357 -42.88 -0.88 -29.61
N GLU A 358 -41.79 -1.23 -28.93
CA GLU A 358 -41.50 -0.68 -27.62
C GLU A 358 -41.14 0.80 -27.73
N GLN A 359 -41.29 1.52 -26.61
CA GLN A 359 -41.04 2.96 -26.58
C GLN A 359 -39.65 3.32 -27.12
N GLY A 368 -46.38 9.02 -21.65
CA GLY A 368 -45.13 9.23 -20.96
C GLY A 368 -45.15 8.63 -19.56
N ASP A 369 -45.88 9.28 -18.66
CA ASP A 369 -46.11 8.71 -17.34
C ASP A 369 -46.70 7.31 -17.44
N GLN A 370 -47.73 7.16 -18.28
CA GLN A 370 -48.28 5.84 -18.54
C GLN A 370 -47.26 4.98 -19.26
N ASP A 371 -47.15 3.72 -18.85
CA ASP A 371 -46.27 2.78 -19.52
C ASP A 371 -46.86 2.38 -20.86
N LEU A 372 -46.06 2.46 -21.92
CA LEU A 372 -46.52 2.11 -23.27
C LEU A 372 -46.20 0.65 -23.54
N SER A 373 -46.84 -0.23 -22.77
CA SER A 373 -46.70 -1.66 -22.93
C SER A 373 -47.94 -2.21 -23.64
N PHE A 374 -47.70 -2.99 -24.69
CA PHE A 374 -48.79 -3.51 -25.51
C PHE A 374 -49.60 -4.55 -24.74
N GLY A 375 -50.91 -4.35 -24.67
CA GLY A 375 -51.78 -5.25 -23.97
C GLY A 375 -53.24 -4.96 -24.23
N PRO A 376 -54.13 -5.57 -23.45
CA PRO A 376 -55.58 -5.34 -23.65
C PRO A 376 -55.99 -3.89 -23.44
N GLU A 377 -55.32 -3.15 -22.56
CA GLU A 377 -55.62 -1.74 -22.37
C GLU A 377 -55.00 -0.85 -23.42
N TYR A 378 -54.06 -1.37 -24.22
CA TYR A 378 -53.31 -0.59 -25.21
C TYR A 378 -53.14 -1.45 -26.47
N ILE A 379 -54.21 -1.54 -27.26
CA ILE A 379 -54.13 -2.12 -28.60
C ILE A 379 -54.18 -1.05 -29.68
N ILE A 380 -54.34 0.21 -29.30
CA ILE A 380 -54.38 1.33 -30.24
C ILE A 380 -53.35 2.36 -29.80
N PRO A 381 -52.57 2.94 -30.71
CA PRO A 381 -51.69 4.04 -30.33
C PRO A 381 -52.49 5.27 -29.90
N LYS A 382 -51.83 6.11 -29.11
CA LYS A 382 -52.49 7.26 -28.49
C LYS A 382 -52.67 8.39 -29.51
N PRO A 383 -53.62 9.30 -29.26
CA PRO A 383 -53.98 10.29 -30.30
C PRO A 383 -52.88 11.29 -30.61
N PHE A 384 -52.09 11.70 -29.63
CA PHE A 384 -51.06 12.72 -29.85
C PHE A 384 -49.70 12.12 -30.18
N ASP A 385 -49.62 10.82 -30.43
CA ASP A 385 -48.32 10.16 -30.58
C ASP A 385 -47.56 10.73 -31.77
N PRO A 386 -46.35 11.26 -31.58
CA PRO A 386 -45.60 11.82 -32.71
C PRO A 386 -45.26 10.79 -33.77
N ARG A 387 -44.98 9.55 -33.35
CA ARG A 387 -44.60 8.48 -34.26
C ARG A 387 -45.67 8.17 -35.30
N LEU A 388 -46.88 8.73 -35.17
CA LEU A 388 -47.96 8.41 -36.09
C LEU A 388 -47.63 8.84 -37.52
N ILE A 389 -47.27 10.10 -37.70
CA ILE A 389 -47.02 10.60 -39.05
C ILE A 389 -45.76 9.96 -39.65
N VAL A 390 -44.82 9.56 -38.80
CA VAL A 390 -43.56 9.03 -39.30
C VAL A 390 -43.75 7.65 -39.93
N LYS A 391 -44.70 6.86 -39.43
CA LYS A 391 -44.91 5.51 -39.93
C LYS A 391 -46.02 5.41 -40.96
N ILE A 392 -47.13 6.12 -40.75
CA ILE A 392 -48.30 5.93 -41.60
C ILE A 392 -48.04 6.46 -43.01
N ALA A 393 -47.53 7.69 -43.12
CA ALA A 393 -47.35 8.28 -44.44
C ALA A 393 -46.44 7.49 -45.37
N PRO A 394 -45.28 6.96 -44.93
CA PRO A 394 -44.45 6.18 -45.86
C PRO A 394 -45.12 4.93 -46.38
N ALA A 395 -45.76 4.15 -45.51
CA ALA A 395 -46.45 2.94 -45.95
C ALA A 395 -47.54 3.27 -46.95
N VAL A 396 -48.29 4.35 -46.69
CA VAL A 396 -49.28 4.82 -47.66
C VAL A 396 -48.59 5.17 -48.97
N ALA A 397 -47.47 5.89 -48.89
CA ALA A 397 -46.75 6.28 -50.09
C ALA A 397 -46.28 5.06 -50.87
N LYS A 398 -45.69 4.09 -50.18
CA LYS A 398 -45.28 2.86 -50.85
C LYS A 398 -46.47 2.13 -51.46
N ALA A 399 -47.61 2.14 -50.76
CA ALA A 399 -48.79 1.48 -51.29
C ALA A 399 -49.34 2.22 -52.51
N ALA A 400 -49.28 3.54 -52.50
CA ALA A 400 -49.78 4.31 -53.64
C ALA A 400 -48.90 4.11 -54.87
N MET A 401 -47.58 3.99 -54.67
CA MET A 401 -46.69 3.73 -55.79
C MET A 401 -46.91 2.33 -56.35
N GLU A 402 -47.09 1.34 -55.46
CA GLU A 402 -47.39 -0.01 -55.91
C GLU A 402 -48.74 -0.09 -56.58
N SER A 403 -49.70 0.74 -56.15
CA SER A 403 -51.00 0.76 -56.82
C SER A 403 -50.92 1.44 -58.18
N GLY A 404 -49.95 2.36 -58.34
CA GLY A 404 -49.76 3.04 -59.61
C GLY A 404 -50.47 4.36 -59.75
N VAL A 405 -51.24 4.80 -58.74
CA VAL A 405 -51.92 6.08 -58.84
C VAL A 405 -51.04 7.25 -58.47
N ALA A 406 -49.81 7.00 -58.03
CA ALA A 406 -48.90 8.05 -57.61
C ALA A 406 -48.31 8.75 -58.84
N THR A 407 -48.70 10.01 -59.05
CA THR A 407 -48.16 10.76 -60.18
C THR A 407 -46.66 11.00 -60.01
N ARG A 408 -46.23 11.34 -58.81
CA ARG A 408 -44.82 11.64 -58.54
C ARG A 408 -44.25 10.61 -57.56
N PRO A 409 -43.36 9.73 -57.99
CA PRO A 409 -42.72 8.80 -57.05
C PRO A 409 -41.65 9.51 -56.23
N ILE A 410 -41.34 8.91 -55.09
CA ILE A 410 -40.29 9.40 -54.21
C ILE A 410 -39.24 8.30 -54.10
N ALA A 411 -38.12 8.48 -54.82
CA ALA A 411 -37.07 7.49 -54.77
C ALA A 411 -36.31 7.53 -53.45
N ASP A 412 -36.20 8.71 -52.85
CA ASP A 412 -35.40 8.89 -51.63
C ASP A 412 -36.28 8.70 -50.39
N PHE A 413 -36.66 7.44 -50.16
CA PHE A 413 -37.55 7.16 -49.04
C PHE A 413 -36.91 7.46 -47.69
N ASP A 414 -35.61 7.20 -47.56
CA ASP A 414 -34.94 7.53 -46.30
C ASP A 414 -34.83 9.04 -46.10
N VAL A 415 -34.69 9.80 -47.19
CA VAL A 415 -34.70 11.26 -47.08
C VAL A 415 -36.08 11.76 -46.72
N TYR A 416 -37.12 11.11 -47.27
CA TYR A 416 -38.49 11.51 -46.97
C TYR A 416 -38.81 11.29 -45.50
N ILE A 417 -38.29 10.19 -44.91
CA ILE A 417 -38.48 9.95 -43.48
C ILE A 417 -37.81 11.06 -42.67
N ASP A 418 -36.61 11.46 -43.08
CA ASP A 418 -35.88 12.51 -42.36
C ASP A 418 -36.65 13.83 -42.38
N LYS A 419 -37.33 14.12 -43.49
CA LYS A 419 -38.15 15.34 -43.55
C LYS A 419 -39.37 15.22 -42.67
N LEU A 420 -39.95 14.03 -42.57
CA LEU A 420 -41.11 13.84 -41.68
C LEU A 420 -40.69 13.94 -40.21
N THR A 421 -39.60 13.29 -39.84
CA THR A 421 -39.15 13.33 -38.45
C THR A 421 -38.69 14.73 -38.05
N GLU A 422 -38.16 15.51 -38.99
CA GLU A 422 -37.79 16.89 -38.66
C GLU A 422 -39.03 17.73 -38.41
N PHE A 423 -40.11 17.48 -39.16
CA PHE A 423 -41.35 18.24 -38.95
C PHE A 423 -41.97 17.92 -37.60
N VAL A 424 -41.91 16.66 -37.18
CA VAL A 424 -42.55 16.30 -35.93
C VAL A 424 -41.74 16.79 -34.73
N TYR A 425 -40.42 16.89 -34.87
CA TYR A 425 -39.60 17.44 -33.79
C TYR A 425 -39.81 18.94 -33.65
N LYS A 426 -40.07 19.65 -34.76
CA LYS A 426 -40.28 21.09 -34.70
C LYS A 426 -41.61 21.42 -34.03
N THR A 427 -42.70 20.80 -34.48
CA THR A 427 -44.04 21.07 -33.93
C THR A 427 -44.37 20.00 -32.90
N ASN A 428 -43.93 20.22 -31.66
CA ASN A 428 -44.20 19.32 -30.55
C ASN A 428 -45.13 19.99 -29.55
N LEU A 429 -45.75 19.15 -28.72
CA LEU A 429 -46.73 19.60 -27.73
C LEU A 429 -46.33 19.08 -26.36
N PHE A 430 -45.14 19.46 -25.89
CA PHE A 430 -44.65 18.98 -24.61
C PHE A 430 -45.61 19.32 -23.47
N MET A 431 -46.43 20.36 -23.65
CA MET A 431 -47.34 20.76 -22.59
C MET A 431 -48.44 19.74 -22.37
N LYS A 432 -48.89 19.07 -23.43
CA LYS A 432 -50.03 18.15 -23.31
C LYS A 432 -49.72 16.99 -22.36
N PRO A 433 -48.57 16.32 -22.43
CA PRO A 433 -48.30 15.28 -21.41
C PRO A 433 -48.17 15.83 -20.01
N ILE A 434 -47.67 17.06 -19.87
CA ILE A 434 -47.50 17.67 -18.55
C ILE A 434 -48.84 17.76 -17.83
N PHE A 435 -49.85 18.28 -18.52
CA PHE A 435 -51.19 18.35 -17.95
C PHE A 435 -51.66 16.96 -17.50
N SER A 436 -51.48 15.96 -18.36
CA SER A 436 -51.95 14.62 -18.05
C SER A 436 -51.24 14.05 -16.83
N GLN A 437 -49.93 14.23 -16.75
CA GLN A 437 -49.19 13.77 -15.57
C GLN A 437 -49.66 14.50 -14.32
N ALA A 438 -49.96 15.79 -14.46
CA ALA A 438 -50.46 16.55 -13.31
C ALA A 438 -51.85 16.08 -12.90
N ARG A 439 -52.73 15.83 -13.87
CA ARG A 439 -54.06 15.31 -13.56
C ARG A 439 -53.97 14.02 -12.76
N LYS A 440 -52.97 13.18 -13.07
CA LYS A 440 -52.84 11.89 -12.41
C LYS A 440 -52.63 12.05 -10.91
N ALA A 441 -51.81 13.00 -10.50
CA ALA A 441 -51.52 13.23 -9.08
C ALA A 441 -51.42 14.72 -8.83
N PRO A 442 -52.55 15.38 -8.57
CA PRO A 442 -52.50 16.80 -8.22
C PRO A 442 -51.76 17.02 -6.91
N LYS A 443 -50.93 18.05 -6.88
CA LYS A 443 -50.10 18.36 -5.73
C LYS A 443 -50.43 19.75 -5.21
N ARG A 444 -50.00 20.01 -3.98
CA ARG A 444 -50.29 21.27 -3.31
C ARG A 444 -49.45 22.40 -3.88
N VAL A 445 -50.10 23.48 -4.29
CA VAL A 445 -49.43 24.62 -4.92
C VAL A 445 -49.85 25.90 -4.21
N VAL A 446 -48.88 26.76 -3.91
CA VAL A 446 -49.12 28.03 -3.23
C VAL A 446 -48.92 29.15 -4.24
N LEU A 447 -49.89 30.05 -4.32
CA LEU A 447 -49.78 31.24 -5.18
C LEU A 447 -49.89 32.48 -4.30
N PRO A 448 -48.81 33.25 -4.15
CA PRO A 448 -48.83 34.36 -3.18
C PRO A 448 -49.81 35.46 -3.53
N GLU A 449 -50.00 35.77 -4.82
CA GLU A 449 -50.87 36.87 -5.23
C GLU A 449 -52.27 36.35 -5.50
N GLY A 450 -52.95 35.98 -4.41
CA GLY A 450 -54.30 35.46 -4.51
C GLY A 450 -55.35 36.50 -4.85
N GLU A 451 -55.06 37.77 -4.56
CA GLU A 451 -56.00 38.84 -4.87
C GLU A 451 -55.92 39.26 -6.34
N GLU A 452 -54.79 39.02 -6.99
CA GLU A 452 -54.62 39.45 -8.37
C GLU A 452 -55.57 38.70 -9.29
N ALA A 453 -56.17 39.45 -10.22
CA ALA A 453 -57.21 38.88 -11.06
C ALA A 453 -56.70 37.73 -11.91
N ARG A 454 -55.49 37.87 -12.47
CA ARG A 454 -54.98 36.87 -13.39
C ARG A 454 -54.81 35.52 -12.71
N VAL A 455 -54.40 35.51 -11.45
CA VAL A 455 -54.27 34.26 -10.71
C VAL A 455 -55.65 33.63 -10.52
N LEU A 456 -56.65 34.45 -10.20
CA LEU A 456 -57.97 33.93 -9.88
C LEU A 456 -58.58 33.21 -11.09
N HIS A 457 -58.52 33.84 -12.27
CA HIS A 457 -58.96 33.18 -13.49
C HIS A 457 -58.28 31.83 -13.67
N ALA A 458 -56.99 31.77 -13.34
CA ALA A 458 -56.20 30.55 -13.47
C ALA A 458 -56.56 29.52 -12.42
N THR A 459 -56.87 29.95 -11.20
CA THR A 459 -57.34 29.00 -10.19
C THR A 459 -58.57 28.26 -10.67
N GLN A 460 -59.49 28.97 -11.33
CA GLN A 460 -60.70 28.35 -11.84
C GLN A 460 -60.39 27.25 -12.86
N GLU A 461 -59.65 27.61 -13.91
CA GLU A 461 -59.32 26.63 -14.95
C GLU A 461 -58.46 25.50 -14.41
N LEU A 462 -57.65 25.77 -13.38
CA LEU A 462 -56.93 24.70 -12.70
C LEU A 462 -57.90 23.80 -11.95
N VAL A 463 -58.84 24.40 -11.22
CA VAL A 463 -59.85 23.62 -10.50
C VAL A 463 -60.65 22.77 -11.47
N THR A 464 -61.09 23.38 -12.58
CA THR A 464 -61.84 22.64 -13.59
C THR A 464 -61.00 21.50 -14.17
N LEU A 465 -59.76 21.80 -14.57
CA LEU A 465 -58.91 20.79 -15.18
C LEU A 465 -58.52 19.70 -14.20
N GLY A 466 -58.45 20.03 -12.91
CA GLY A 466 -57.96 19.09 -11.92
C GLY A 466 -56.46 18.94 -11.94
N LEU A 467 -55.73 20.00 -12.28
CA LEU A 467 -54.27 19.93 -12.34
C LEU A 467 -53.64 20.03 -10.96
N ALA A 468 -54.09 20.99 -10.15
CA ALA A 468 -53.44 21.25 -8.87
C ALA A 468 -54.46 21.77 -7.86
N LYS A 469 -54.13 21.63 -6.58
CA LYS A 469 -54.97 22.10 -5.49
C LYS A 469 -54.47 23.44 -5.02
N PRO A 470 -55.15 24.55 -5.33
CA PRO A 470 -54.58 25.87 -5.07
C PRO A 470 -54.63 26.24 -3.60
N ILE A 471 -53.60 26.95 -3.16
CA ILE A 471 -53.54 27.54 -1.82
C ILE A 471 -53.22 29.03 -1.95
N LEU A 472 -54.22 29.84 -2.24
CA LEU A 472 -54.00 31.26 -2.44
C LEU A 472 -53.74 31.97 -1.10
N ILE A 473 -53.06 33.11 -1.18
CA ILE A 473 -52.67 33.89 -0.01
C ILE A 473 -53.13 35.33 -0.21
N GLY A 474 -53.78 35.89 0.80
CA GLY A 474 -54.20 37.27 0.74
C GLY A 474 -55.33 37.54 1.72
N ARG A 475 -55.89 38.73 1.60
CA ARG A 475 -57.04 39.10 2.43
C ARG A 475 -58.29 38.39 1.92
N PRO A 476 -58.95 37.58 2.73
CA PRO A 476 -60.08 36.79 2.20
C PRO A 476 -61.21 37.63 1.65
N ASN A 477 -61.45 38.81 2.23
CA ASN A 477 -62.55 39.66 1.78
C ASN A 477 -62.34 40.12 0.35
N VAL A 478 -61.13 40.58 0.03
CA VAL A 478 -60.86 41.10 -1.31
C VAL A 478 -60.92 39.97 -2.33
N ILE A 479 -60.51 38.76 -1.95
CA ILE A 479 -60.60 37.63 -2.87
C ILE A 479 -62.06 37.28 -3.14
N GLU A 480 -62.86 37.14 -2.07
CA GLU A 480 -64.26 36.76 -2.25
C GLU A 480 -65.02 37.80 -3.04
N MET A 481 -64.66 39.07 -2.90
CA MET A 481 -65.35 40.14 -3.63
C MET A 481 -64.94 40.15 -5.10
N ARG A 482 -63.66 39.88 -5.37
CA ARG A 482 -63.19 39.83 -6.76
C ARG A 482 -63.71 38.59 -7.46
N ILE A 483 -63.69 37.45 -6.78
CA ILE A 483 -64.30 36.23 -7.32
C ILE A 483 -65.69 36.53 -7.87
N GLN A 484 -66.53 37.19 -7.08
CA GLN A 484 -67.87 37.55 -7.53
C GLN A 484 -67.82 38.53 -8.68
N LYS A 485 -66.92 39.51 -8.62
CA LYS A 485 -66.82 40.50 -9.68
C LYS A 485 -66.42 39.86 -11.00
N LEU A 486 -65.55 38.85 -10.97
CA LEU A 486 -65.09 38.16 -12.16
C LEU A 486 -66.04 37.06 -12.62
N GLY A 487 -67.10 36.78 -11.86
CA GLY A 487 -68.06 35.78 -12.30
C GLY A 487 -67.51 34.37 -12.34
N LEU A 488 -66.74 33.98 -11.33
CA LEU A 488 -66.10 32.67 -11.28
C LEU A 488 -66.79 31.81 -10.24
N GLN A 489 -66.92 30.52 -10.54
CA GLN A 489 -67.63 29.57 -9.68
C GLN A 489 -66.66 28.82 -8.78
N ILE A 490 -65.96 29.56 -7.93
CA ILE A 490 -65.01 28.99 -6.97
C ILE A 490 -65.34 29.49 -5.59
N LYS A 491 -65.40 28.58 -4.62
CA LYS A 491 -65.80 28.88 -3.26
C LYS A 491 -64.62 28.64 -2.32
N ALA A 492 -64.42 29.57 -1.40
CA ALA A 492 -63.34 29.43 -0.43
C ALA A 492 -63.56 28.20 0.44
N GLY A 493 -62.45 27.56 0.83
CA GLY A 493 -62.48 26.44 1.73
C GLY A 493 -62.74 25.09 1.10
N VAL A 494 -63.24 25.05 -0.13
CA VAL A 494 -63.53 23.77 -0.80
C VAL A 494 -62.68 23.59 -2.05
N ASP A 495 -62.88 24.44 -3.06
CA ASP A 495 -62.06 24.35 -4.28
C ASP A 495 -60.61 24.69 -3.97
N PHE A 496 -60.39 25.79 -3.24
CA PHE A 496 -59.06 26.29 -2.92
C PHE A 496 -59.04 26.73 -1.46
N GLU A 497 -57.85 26.97 -0.94
CA GLU A 497 -57.65 27.35 0.44
C GLU A 497 -57.00 28.72 0.49
N ILE A 498 -57.55 29.61 1.31
CA ILE A 498 -56.99 30.95 1.50
C ILE A 498 -56.22 30.97 2.81
N VAL A 499 -55.05 31.61 2.79
CA VAL A 499 -54.27 31.88 4.00
C VAL A 499 -54.20 33.38 4.15
N ASN A 500 -54.74 33.89 5.26
CA ASN A 500 -54.81 35.33 5.47
C ASN A 500 -53.47 35.83 5.99
N ASN A 501 -52.89 36.81 5.29
CA ASN A 501 -51.58 37.33 5.69
C ASN A 501 -51.68 38.09 7.01
N GLU A 502 -52.78 38.81 7.22
CA GLU A 502 -52.89 39.67 8.39
C GLU A 502 -53.08 38.88 9.67
N SER A 503 -53.72 37.71 9.60
CA SER A 503 -53.96 36.87 10.76
C SER A 503 -53.79 35.41 10.37
N ASP A 504 -53.05 34.66 11.18
CA ASP A 504 -52.81 33.26 10.92
C ASP A 504 -52.44 32.61 12.24
N PRO A 505 -52.95 31.40 12.51
CA PRO A 505 -52.60 30.73 13.77
C PRO A 505 -51.15 30.31 13.85
N ARG A 506 -50.54 29.97 12.71
CA ARG A 506 -49.15 29.50 12.68
C ARG A 506 -48.15 30.64 12.49
N PHE A 507 -48.56 31.88 12.76
CA PHE A 507 -47.70 33.04 12.52
C PHE A 507 -46.42 32.97 13.34
N LYS A 508 -46.51 32.49 14.59
CA LYS A 508 -45.34 32.51 15.47
C LYS A 508 -44.28 31.53 14.98
N GLU A 509 -44.68 30.40 14.40
CA GLU A 509 -43.71 29.42 13.92
C GLU A 509 -43.04 29.89 12.64
N TYR A 510 -43.73 30.68 11.83
CA TYR A 510 -43.21 31.05 10.53
C TYR A 510 -42.10 32.10 10.65
N TRP A 511 -42.39 33.23 11.31
CA TRP A 511 -41.36 34.26 11.42
C TRP A 511 -40.18 33.78 12.25
N THR A 512 -40.41 32.83 13.15
CA THR A 512 -39.29 32.24 13.88
C THR A 512 -38.42 31.39 12.96
N GLU A 513 -39.04 30.58 12.09
CA GLU A 513 -38.26 29.79 11.15
C GLU A 513 -37.54 30.67 10.14
N TYR A 514 -38.24 31.67 9.60
CA TYR A 514 -37.62 32.64 8.69
C TYR A 514 -36.41 33.30 9.34
N PHE A 515 -36.52 33.64 10.62
CA PHE A 515 -35.43 34.30 11.33
C PHE A 515 -34.22 33.39 11.43
N GLN A 516 -34.44 32.12 11.81
CA GLN A 516 -33.32 31.20 11.92
C GLN A 516 -32.62 30.97 10.60
N ILE A 517 -33.32 31.17 9.48
CA ILE A 517 -32.68 31.07 8.18
C ILE A 517 -31.99 32.38 7.81
N MET A 518 -32.57 33.51 8.21
CA MET A 518 -32.10 34.82 7.77
C MET A 518 -31.54 35.68 8.90
N LYS A 519 -31.19 35.08 10.03
CA LYS A 519 -30.62 35.90 11.11
C LYS A 519 -29.24 36.43 10.74
N ARG A 520 -28.50 35.71 9.90
CA ARG A 520 -27.15 36.09 9.51
C ARG A 520 -27.11 36.83 8.18
N ARG A 521 -28.26 37.10 7.57
CA ARG A 521 -28.32 37.85 6.32
C ARG A 521 -29.02 39.19 6.48
N GLY A 522 -29.06 39.72 7.69
CA GLY A 522 -29.57 41.05 7.94
C GLY A 522 -31.04 41.16 8.29
N VAL A 523 -31.63 40.10 8.82
CA VAL A 523 -33.06 40.08 9.17
C VAL A 523 -33.17 39.90 10.68
N THR A 524 -33.60 40.95 11.38
CA THR A 524 -33.84 40.88 12.80
C THR A 524 -35.19 40.18 13.07
N GLN A 525 -35.43 39.88 14.35
CA GLN A 525 -36.72 39.29 14.72
C GLN A 525 -37.87 40.23 14.37
N GLU A 526 -37.74 41.49 14.75
CA GLU A 526 -38.78 42.47 14.45
C GLU A 526 -38.97 42.64 12.95
N GLN A 527 -37.88 42.54 12.18
CA GLN A 527 -37.98 42.59 10.73
C GLN A 527 -38.63 41.33 10.17
N ALA A 528 -38.38 40.17 10.79
CA ALA A 528 -38.97 38.93 10.32
C ALA A 528 -40.49 38.93 10.51
N GLN A 529 -40.97 39.50 11.62
CA GLN A 529 -42.40 39.54 11.84
C GLN A 529 -43.11 40.37 10.77
N ARG A 530 -42.71 41.64 10.62
CA ARG A 530 -43.36 42.49 9.61
C ARG A 530 -43.22 41.88 8.22
N ALA A 531 -42.15 41.14 7.96
CA ALA A 531 -41.94 40.59 6.63
C ALA A 531 -42.89 39.42 6.35
N LEU A 532 -43.27 38.66 7.38
CA LEU A 532 -44.20 37.55 7.16
C LEU A 532 -45.61 38.06 6.88
N ILE A 533 -45.95 39.25 7.33
CA ILE A 533 -47.27 39.81 7.06
C ILE A 533 -47.30 40.59 5.75
N SER A 534 -46.19 41.22 5.37
CA SER A 534 -46.16 42.15 4.25
C SER A 534 -45.79 41.46 2.93
N ASN A 535 -44.89 40.48 2.96
CA ASN A 535 -44.44 39.84 1.73
C ASN A 535 -45.10 38.49 1.59
N PRO A 536 -46.06 38.32 0.68
CA PRO A 536 -46.69 37.00 0.51
C PRO A 536 -45.71 35.92 0.08
N THR A 537 -44.76 36.27 -0.80
CA THR A 537 -43.79 35.29 -1.29
C THR A 537 -42.98 34.68 -0.15
N VAL A 538 -42.74 35.44 0.91
CA VAL A 538 -42.06 34.89 2.08
C VAL A 538 -42.93 33.84 2.75
N ILE A 539 -44.24 34.08 2.81
CA ILE A 539 -45.15 33.14 3.46
C ILE A 539 -45.10 31.78 2.77
N GLY A 540 -45.26 31.78 1.45
CA GLY A 540 -45.30 30.52 0.72
C GLY A 540 -43.97 29.78 0.76
N ALA A 541 -42.87 30.52 0.73
CA ALA A 541 -41.56 29.87 0.79
C ALA A 541 -41.40 29.09 2.09
N ILE A 542 -41.88 29.66 3.20
CA ILE A 542 -41.78 28.97 4.49
C ILE A 542 -42.59 27.68 4.47
N MET A 543 -43.81 27.73 3.91
CA MET A 543 -44.67 26.55 3.85
C MET A 543 -43.98 25.40 3.14
N VAL A 544 -43.44 25.65 1.95
CA VAL A 544 -42.88 24.58 1.14
C VAL A 544 -41.69 23.96 1.86
N GLN A 545 -40.90 24.77 2.56
CA GLN A 545 -39.77 24.23 3.30
C GLN A 545 -40.25 23.38 4.46
N ARG A 546 -41.35 23.78 5.10
CA ARG A 546 -41.95 22.97 6.16
C ARG A 546 -42.52 21.67 5.61
N GLY A 547 -42.99 21.68 4.37
CA GLY A 547 -43.66 20.53 3.78
C GLY A 547 -45.16 20.64 3.73
N GLU A 548 -45.74 21.73 4.23
CA GLU A 548 -47.19 21.90 4.21
C GLU A 548 -47.73 22.01 2.79
N ALA A 549 -46.98 22.62 1.88
CA ALA A 549 -47.35 22.71 0.47
C ALA A 549 -46.21 22.16 -0.38
N ASP A 550 -46.56 21.56 -1.51
CA ASP A 550 -45.57 20.84 -2.29
C ASP A 550 -44.79 21.76 -3.24
N ALA A 551 -45.37 22.88 -3.64
CA ALA A 551 -44.69 23.77 -4.59
C ALA A 551 -45.31 25.16 -4.49
N MET A 552 -44.73 26.09 -5.25
CA MET A 552 -45.16 27.49 -5.25
C MET A 552 -44.88 28.10 -6.61
N ILE A 553 -45.79 28.95 -7.07
CA ILE A 553 -45.62 29.76 -8.28
C ILE A 553 -45.91 31.21 -7.90
N CYS A 554 -44.99 32.12 -8.23
CA CYS A 554 -45.15 33.52 -7.85
C CYS A 554 -44.55 34.41 -8.93
N GLY A 555 -44.66 35.72 -8.70
CA GLY A 555 -44.04 36.70 -9.56
C GLY A 555 -44.97 37.52 -10.43
N THR A 556 -46.29 37.38 -10.28
CA THR A 556 -47.21 38.13 -11.12
C THR A 556 -47.16 39.63 -10.83
N VAL A 557 -46.71 40.03 -9.65
CA VAL A 557 -46.52 41.43 -9.29
C VAL A 557 -45.14 41.57 -8.64
N GLY A 558 -44.35 42.51 -9.13
CA GLY A 558 -43.06 42.83 -8.54
C GLY A 558 -41.90 42.35 -9.40
N ASP A 559 -40.72 42.82 -9.02
CA ASP A 559 -39.49 42.48 -9.72
C ASP A 559 -39.11 41.03 -9.49
N TYR A 560 -38.54 40.40 -10.53
CA TYR A 560 -38.15 39.00 -10.47
C TYR A 560 -37.30 38.71 -9.24
N HIS A 561 -36.32 39.58 -8.97
CA HIS A 561 -35.36 39.30 -7.92
C HIS A 561 -35.94 39.48 -6.53
N GLU A 562 -37.02 40.25 -6.38
CA GLU A 562 -37.66 40.37 -5.08
C GLU A 562 -38.17 39.02 -4.58
N HIS A 563 -38.69 38.21 -5.49
CA HIS A 563 -39.11 36.86 -5.11
C HIS A 563 -37.94 35.89 -5.16
N PHE A 564 -37.06 36.04 -6.16
CA PHE A 564 -35.97 35.09 -6.32
C PHE A 564 -35.05 35.06 -5.10
N SER A 565 -34.69 36.23 -4.59
CA SER A 565 -33.79 36.27 -3.43
C SER A 565 -34.41 35.55 -2.25
N VAL A 566 -35.71 35.74 -2.03
CA VAL A 566 -36.42 34.98 -1.01
C VAL A 566 -36.37 33.49 -1.31
N VAL A 567 -36.57 33.14 -2.58
CA VAL A 567 -36.56 31.74 -2.97
C VAL A 567 -35.17 31.13 -2.76
N LYS A 568 -34.12 31.86 -3.14
CA LYS A 568 -32.78 31.31 -3.06
C LYS A 568 -32.38 31.05 -1.60
N ASN A 569 -32.67 32.01 -0.72
CA ASN A 569 -32.20 31.90 0.66
C ASN A 569 -32.97 30.85 1.43
N VAL A 570 -34.26 30.64 1.12
CA VAL A 570 -35.08 29.73 1.92
C VAL A 570 -34.90 28.30 1.44
N PHE A 571 -35.09 28.05 0.15
CA PHE A 571 -35.01 26.70 -0.37
C PHE A 571 -33.58 26.22 -0.48
N GLY A 572 -32.67 27.10 -0.90
CA GLY A 572 -31.29 26.73 -1.10
C GLY A 572 -31.05 26.18 -2.50
N TYR A 573 -29.76 26.11 -2.87
CA TYR A 573 -29.38 25.62 -4.17
C TYR A 573 -29.56 24.10 -4.23
N ARG A 574 -29.86 23.60 -5.42
CA ARG A 574 -29.92 22.16 -5.64
C ARG A 574 -28.58 21.51 -5.32
N ASP A 575 -28.62 20.33 -4.70
CA ASP A 575 -27.37 19.64 -4.37
C ASP A 575 -26.53 19.40 -5.61
N GLY A 576 -25.27 19.81 -5.55
CA GLY A 576 -24.37 19.71 -6.68
C GLY A 576 -24.47 20.83 -7.68
N VAL A 577 -25.30 21.84 -7.42
CA VAL A 577 -25.48 22.97 -8.32
C VAL A 577 -25.27 24.24 -7.53
N HIS A 578 -24.45 25.15 -8.07
CA HIS A 578 -24.07 26.35 -7.34
C HIS A 578 -24.47 27.64 -8.05
N THR A 579 -25.24 27.55 -9.13
CA THR A 579 -25.80 28.73 -9.78
C THR A 579 -27.18 28.40 -10.32
N ALA A 580 -27.96 29.46 -10.54
CA ALA A 580 -29.34 29.34 -10.96
C ALA A 580 -29.50 29.77 -12.41
N GLY A 581 -30.58 29.31 -13.03
CA GLY A 581 -30.85 29.62 -14.42
C GLY A 581 -32.31 29.90 -14.71
N ALA A 582 -32.56 30.92 -15.53
CA ALA A 582 -33.90 31.29 -15.95
C ALA A 582 -34.06 30.98 -17.43
N MET A 583 -35.03 30.14 -17.76
CA MET A 583 -35.28 29.72 -19.13
C MET A 583 -36.68 30.10 -19.56
N ASN A 584 -36.80 30.70 -20.73
CA ASN A 584 -38.08 31.13 -21.28
C ASN A 584 -38.28 30.45 -22.63
N ALA A 585 -39.47 29.88 -22.84
CA ALA A 585 -39.76 29.07 -24.02
C ALA A 585 -40.62 29.84 -25.01
N LEU A 586 -40.38 29.61 -26.30
CA LEU A 586 -41.12 30.25 -27.37
C LEU A 586 -41.40 29.23 -28.46
N LEU A 587 -42.48 29.46 -29.19
CA LEU A 587 -42.80 28.68 -30.38
C LEU A 587 -42.39 29.49 -31.60
N LEU A 588 -41.39 29.00 -32.33
CA LEU A 588 -40.80 29.71 -33.45
C LEU A 588 -40.98 28.92 -34.74
N PRO A 589 -40.88 29.58 -35.90
CA PRO A 589 -40.95 28.82 -37.15
C PRO A 589 -39.91 27.73 -37.26
N SER A 590 -38.69 28.00 -36.78
CA SER A 590 -37.63 26.99 -36.82
C SER A 590 -37.98 25.78 -35.96
N GLY A 591 -38.77 25.99 -34.91
CA GLY A 591 -39.21 24.91 -34.05
C GLY A 591 -39.47 25.45 -32.66
N ASN A 592 -39.60 24.53 -31.70
CA ASN A 592 -39.66 24.92 -30.30
C ASN A 592 -38.30 25.44 -29.88
N THR A 593 -38.28 26.57 -29.18
CA THR A 593 -37.04 27.28 -28.89
C THR A 593 -37.05 27.81 -27.47
N PHE A 594 -35.92 27.63 -26.78
CA PHE A 594 -35.74 28.09 -25.42
C PHE A 594 -34.52 29.01 -25.36
N ILE A 595 -34.55 29.97 -24.45
CA ILE A 595 -33.44 30.87 -24.22
C ILE A 595 -33.05 30.78 -22.75
N ALA A 596 -31.74 30.93 -22.49
CA ALA A 596 -31.14 30.65 -21.18
C ALA A 596 -30.66 31.94 -20.51
N ASP A 597 -30.84 31.98 -19.18
CA ASP A 597 -30.41 33.10 -18.33
C ASP A 597 -31.14 34.38 -18.68
N THR A 598 -32.47 34.30 -18.70
CA THR A 598 -33.27 35.45 -19.11
C THR A 598 -33.42 36.49 -18.01
N TYR A 599 -33.31 36.08 -16.74
CA TYR A 599 -33.49 37.01 -15.63
C TYR A 599 -32.53 36.84 -14.46
N VAL A 600 -31.87 35.71 -14.26
CA VAL A 600 -31.23 35.46 -12.97
C VAL A 600 -29.87 36.15 -12.86
N ASN A 601 -28.98 35.92 -13.81
CA ASN A 601 -27.59 36.40 -13.71
C ASN A 601 -27.31 37.44 -14.79
N ASP A 602 -26.96 38.65 -14.37
CA ASP A 602 -26.62 39.69 -15.34
C ASP A 602 -25.40 39.30 -16.18
N GLU A 603 -24.35 38.83 -15.52
CA GLU A 603 -23.12 38.41 -16.20
C GLU A 603 -22.69 37.06 -15.62
N PRO A 604 -22.62 36.01 -16.43
CA PRO A 604 -22.28 34.69 -15.89
C PRO A 604 -20.83 34.30 -16.11
N ASP A 605 -20.23 33.69 -15.08
CA ASP A 605 -18.92 33.07 -15.24
C ASP A 605 -19.01 31.91 -16.23
N ALA A 606 -17.87 31.61 -16.86
CA ALA A 606 -17.83 30.48 -17.79
C ALA A 606 -18.29 29.19 -17.10
N GLU A 607 -17.83 28.96 -15.87
CA GLU A 607 -18.35 27.85 -15.08
C GLU A 607 -19.85 27.97 -14.90
N GLU A 608 -20.34 29.17 -14.59
CA GLU A 608 -21.76 29.37 -14.37
C GLU A 608 -22.56 29.16 -15.64
N LEU A 609 -22.05 29.67 -16.77
CA LEU A 609 -22.68 29.42 -18.05
C LEU A 609 -22.78 27.92 -18.32
N ALA A 610 -21.73 27.17 -17.97
CA ALA A 610 -21.74 25.73 -18.20
C ALA A 610 -22.86 25.05 -17.42
N GLU A 611 -22.97 25.35 -16.12
CA GLU A 611 -24.00 24.72 -15.31
C GLU A 611 -25.40 25.11 -15.77
N ILE A 612 -25.56 26.30 -16.34
CA ILE A 612 -26.85 26.69 -16.90
C ILE A 612 -27.19 25.81 -18.10
N THR A 613 -26.24 25.65 -19.01
CA THR A 613 -26.48 24.83 -20.20
C THR A 613 -26.83 23.40 -19.83
N LEU A 614 -26.04 22.79 -18.93
CA LEU A 614 -26.25 21.39 -18.59
C LEU A 614 -27.62 21.17 -17.95
N MET A 615 -28.03 22.06 -17.04
CA MET A 615 -29.34 21.92 -16.41
C MET A 615 -30.45 22.06 -17.43
N ALA A 616 -30.32 23.01 -18.36
CA ALA A 616 -31.38 23.25 -19.34
C ALA A 616 -31.61 22.03 -20.22
N ALA A 617 -30.53 21.40 -20.70
CA ALA A 617 -30.67 20.22 -21.53
C ALA A 617 -31.36 19.09 -20.76
N GLU A 618 -31.04 18.94 -19.48
CA GLU A 618 -31.75 17.96 -18.66
C GLU A 618 -33.24 18.28 -18.58
N THR A 619 -33.58 19.55 -18.41
CA THR A 619 -34.98 19.93 -18.31
C THR A 619 -35.70 19.76 -19.64
N VAL A 620 -35.01 20.05 -20.75
CA VAL A 620 -35.62 19.87 -22.06
C VAL A 620 -35.85 18.40 -22.36
N ARG A 621 -34.91 17.54 -21.97
CA ARG A 621 -35.12 16.10 -22.10
C ARG A 621 -36.37 15.66 -21.36
N ARG A 622 -36.67 16.30 -20.22
CA ARG A 622 -37.87 15.96 -19.48
C ARG A 622 -39.13 16.26 -20.29
N PHE A 623 -39.14 17.40 -20.99
CA PHE A 623 -40.28 17.73 -21.85
C PHE A 623 -40.45 16.71 -22.97
N GLY A 624 -39.35 16.09 -23.41
CA GLY A 624 -39.36 15.15 -24.51
C GLY A 624 -38.63 15.64 -25.74
N ILE A 625 -38.27 16.92 -25.79
CA ILE A 625 -37.56 17.48 -26.93
C ILE A 625 -36.11 17.02 -26.88
N GLU A 626 -35.53 16.74 -28.05
CA GLU A 626 -34.11 16.41 -28.11
C GLU A 626 -33.28 17.65 -27.81
N PRO A 627 -32.28 17.56 -26.93
CA PRO A 627 -31.49 18.74 -26.57
C PRO A 627 -30.44 19.06 -27.62
N ARG A 628 -30.68 20.14 -28.37
CA ARG A 628 -29.72 20.70 -29.33
C ARG A 628 -29.34 22.09 -28.84
N VAL A 629 -28.08 22.27 -28.44
CA VAL A 629 -27.64 23.49 -27.78
C VAL A 629 -26.73 24.29 -28.70
N ALA A 630 -26.84 25.61 -28.63
CA ALA A 630 -25.99 26.53 -29.38
C ALA A 630 -25.67 27.72 -28.50
N LEU A 631 -24.38 28.07 -28.41
CA LEU A 631 -23.92 29.22 -27.65
C LEU A 631 -23.79 30.41 -28.59
N LEU A 632 -24.65 31.41 -28.42
CA LEU A 632 -24.69 32.57 -29.28
C LEU A 632 -23.67 33.61 -28.82
N SER A 633 -23.20 34.41 -29.77
CA SER A 633 -22.29 35.51 -29.47
C SER A 633 -22.19 36.41 -30.69
N HIS A 634 -21.77 37.65 -30.45
CA HIS A 634 -21.59 38.59 -31.56
C HIS A 634 -20.48 38.14 -32.49
N SER A 635 -19.65 37.20 -32.07
CA SER A 635 -18.61 36.64 -32.91
C SER A 635 -19.09 35.32 -33.52
N ASN A 636 -18.66 35.06 -34.75
CA ASN A 636 -19.02 33.85 -35.48
C ASN A 636 -17.79 32.94 -35.55
N PHE A 637 -17.76 31.95 -34.65
CA PHE A 637 -16.71 30.93 -34.62
C PHE A 637 -15.32 31.56 -34.59
N GLY A 638 -15.11 32.43 -33.60
CA GLY A 638 -13.82 33.06 -33.40
C GLY A 638 -13.53 34.26 -34.26
N SER A 639 -14.53 34.83 -34.93
CA SER A 639 -14.29 35.99 -35.79
C SER A 639 -13.89 37.21 -34.97
N SER A 640 -14.35 37.30 -33.73
CA SER A 640 -14.04 38.42 -32.84
C SER A 640 -13.53 37.87 -31.52
N ASP A 641 -12.26 38.17 -31.21
CA ASP A 641 -11.64 37.73 -29.95
C ASP A 641 -11.88 38.80 -28.90
N CYS A 642 -12.77 38.51 -27.95
CA CYS A 642 -13.16 39.46 -26.90
C CYS A 642 -13.40 38.68 -25.62
N PRO A 643 -13.67 39.35 -24.49
CA PRO A 643 -14.00 38.58 -23.27
C PRO A 643 -15.23 37.70 -23.43
N SER A 644 -16.27 38.22 -24.10
CA SER A 644 -17.51 37.47 -24.25
C SER A 644 -17.28 36.18 -25.03
N SER A 645 -16.61 36.26 -26.18
CA SER A 645 -16.39 35.08 -26.99
C SER A 645 -15.47 34.08 -26.29
N SER A 646 -14.40 34.57 -25.66
CA SER A 646 -13.55 33.68 -24.87
C SER A 646 -14.36 32.98 -23.79
N LYS A 647 -15.31 33.69 -23.18
CA LYS A 647 -16.13 33.12 -22.12
C LYS A 647 -16.96 31.94 -22.63
N MET A 648 -17.53 32.08 -23.83
CA MET A 648 -18.36 31.01 -24.37
C MET A 648 -17.53 29.76 -24.66
N ARG A 649 -16.38 29.93 -25.32
CA ARG A 649 -15.60 28.78 -25.77
C ARG A 649 -15.14 27.93 -24.60
N GLN A 650 -14.72 28.57 -23.50
CA GLN A 650 -14.31 27.80 -22.32
C GLN A 650 -15.46 26.95 -21.80
N ALA A 651 -16.68 27.47 -21.86
CA ALA A 651 -17.83 26.71 -21.40
C ALA A 651 -18.07 25.49 -22.28
N LEU A 652 -17.88 25.62 -23.59
CA LEU A 652 -18.03 24.47 -24.48
C LEU A 652 -17.12 23.33 -24.04
N GLU A 653 -15.87 23.64 -23.68
CA GLU A 653 -14.99 22.61 -23.15
C GLU A 653 -15.52 22.06 -21.84
N LEU A 654 -15.96 22.94 -20.94
CA LEU A 654 -16.45 22.50 -19.64
C LEU A 654 -17.69 21.63 -19.77
N VAL A 655 -18.53 21.90 -20.77
CA VAL A 655 -19.74 21.11 -20.93
C VAL A 655 -19.41 19.73 -21.48
N ARG A 656 -18.51 19.66 -22.45
CA ARG A 656 -18.19 18.38 -23.09
C ARG A 656 -17.49 17.43 -22.12
N GLU A 657 -16.75 17.96 -21.15
CA GLU A 657 -16.12 17.09 -20.15
C GLU A 657 -17.15 16.50 -19.20
N ARG A 658 -18.06 17.34 -18.71
CA ARG A 658 -19.07 16.88 -17.76
C ARG A 658 -20.10 15.99 -18.45
N ALA A 659 -20.37 16.24 -19.72
CA ALA A 659 -21.32 15.45 -20.49
C ALA A 659 -21.02 15.51 -21.98
N PRO A 660 -20.26 14.55 -22.54
CA PRO A 660 -19.93 14.62 -23.97
C PRO A 660 -21.10 14.28 -24.87
N GLU A 661 -22.17 13.68 -24.34
CA GLU A 661 -23.30 13.24 -25.15
C GLU A 661 -24.15 14.41 -25.63
N LEU A 662 -24.11 15.54 -24.94
CA LEU A 662 -24.91 16.70 -25.33
C LEU A 662 -24.42 17.28 -26.65
N MET A 663 -25.33 17.39 -27.62
CA MET A 663 -25.00 18.01 -28.90
C MET A 663 -24.96 19.53 -28.72
N ILE A 664 -23.79 20.13 -28.91
CA ILE A 664 -23.64 21.57 -28.73
C ILE A 664 -22.42 22.02 -29.52
N ASP A 665 -22.53 23.21 -30.11
CA ASP A 665 -21.41 23.83 -30.80
C ASP A 665 -21.54 25.34 -30.69
N GLY A 666 -20.40 26.02 -30.53
CA GLY A 666 -20.37 27.46 -30.45
C GLY A 666 -18.94 27.93 -30.63
N GLU A 667 -18.77 29.26 -30.69
CA GLU A 667 -19.86 30.23 -30.67
C GLU A 667 -20.29 30.52 -32.11
N MET A 668 -21.48 31.06 -32.28
CA MET A 668 -21.99 31.34 -33.63
C MET A 668 -22.99 32.47 -33.57
N HIS A 669 -23.30 33.01 -34.75
CA HIS A 669 -24.38 33.97 -34.86
C HIS A 669 -25.71 33.27 -34.62
N GLY A 670 -26.75 34.08 -34.38
CA GLY A 670 -28.07 33.52 -34.16
C GLY A 670 -28.57 32.73 -35.34
N ASP A 671 -28.47 33.33 -36.54
CA ASP A 671 -29.02 32.70 -37.74
C ASP A 671 -28.38 31.34 -38.01
N ALA A 672 -27.10 31.17 -37.68
CA ALA A 672 -26.45 29.88 -37.89
C ALA A 672 -26.99 28.82 -36.93
N ALA A 673 -27.53 29.24 -35.79
CA ALA A 673 -28.09 28.29 -34.85
C ALA A 673 -29.44 27.76 -35.30
N LEU A 674 -30.17 28.53 -36.09
CA LEU A 674 -31.53 28.17 -36.51
C LEU A 674 -31.58 27.66 -37.94
N VAL A 675 -30.95 28.36 -38.87
CA VAL A 675 -30.87 27.93 -40.27
C VAL A 675 -29.65 27.03 -40.41
N GLU A 676 -29.89 25.73 -40.53
CA GLU A 676 -28.78 24.78 -40.69
C GLU A 676 -27.95 25.09 -41.93
N ALA A 677 -28.59 25.60 -42.98
CA ALA A 677 -27.87 25.91 -44.22
C ALA A 677 -26.71 26.85 -43.95
N ILE A 678 -26.96 27.95 -43.23
CA ILE A 678 -25.92 28.92 -42.93
C ILE A 678 -24.81 28.28 -42.11
N ARG A 679 -25.17 27.39 -41.18
CA ARG A 679 -24.17 26.81 -40.29
C ARG A 679 -23.25 25.86 -41.04
N ASN A 680 -23.81 25.01 -41.91
CA ASN A 680 -22.98 24.06 -42.65
C ASN A 680 -21.99 24.76 -43.58
N ASP A 681 -22.28 26.00 -43.99
CA ASP A 681 -21.38 26.68 -44.91
C ASP A 681 -20.15 27.22 -44.19
N ARG A 682 -20.30 27.73 -42.97
CA ARG A 682 -19.11 28.17 -42.25
C ARG A 682 -18.45 27.05 -41.46
N MET A 683 -19.23 26.10 -40.94
CA MET A 683 -18.67 25.00 -40.16
C MET A 683 -19.35 23.71 -40.58
N PRO A 684 -18.79 23.00 -41.57
CA PRO A 684 -19.43 21.75 -42.02
C PRO A 684 -19.41 20.66 -40.97
N ASP A 685 -18.28 20.49 -40.28
CA ASP A 685 -18.09 19.45 -39.28
C ASP A 685 -18.85 19.71 -38.01
N SER A 686 -19.67 20.75 -37.94
CA SER A 686 -20.37 21.10 -36.71
C SER A 686 -21.17 19.91 -36.20
N SER A 687 -21.01 19.61 -34.91
CA SER A 687 -21.81 18.56 -34.28
C SER A 687 -23.28 18.94 -34.22
N LEU A 688 -23.59 20.24 -34.29
CA LEU A 688 -24.97 20.70 -34.31
C LEU A 688 -25.65 20.27 -35.61
N LYS A 689 -26.80 19.60 -35.47
CA LYS A 689 -27.53 19.07 -36.62
C LYS A 689 -28.95 19.61 -36.58
N GLY A 690 -29.31 20.42 -37.57
CA GLY A 690 -30.64 20.95 -37.69
C GLY A 690 -30.79 22.32 -37.06
N SER A 691 -32.03 22.67 -36.76
CA SER A 691 -32.30 23.87 -35.97
C SER A 691 -32.03 23.56 -34.50
N ALA A 692 -31.39 24.51 -33.80
CA ALA A 692 -31.03 24.34 -32.40
C ALA A 692 -32.15 24.88 -31.51
N ASN A 693 -32.54 24.09 -30.51
CA ASN A 693 -33.69 24.43 -29.69
C ASN A 693 -33.31 25.17 -28.41
N ILE A 694 -32.14 24.91 -27.84
CA ILE A 694 -31.72 25.54 -26.59
C ILE A 694 -30.68 26.59 -26.90
N LEU A 695 -31.08 27.86 -26.86
CA LEU A 695 -30.16 28.97 -27.10
C LEU A 695 -29.65 29.50 -25.77
N VAL A 696 -28.34 29.38 -25.54
CA VAL A 696 -27.69 29.92 -24.36
C VAL A 696 -27.03 31.22 -24.74
N MET A 697 -27.23 32.26 -23.95
CA MET A 697 -26.79 33.60 -24.32
C MET A 697 -25.69 34.13 -23.43
N PRO A 698 -24.90 35.10 -23.92
CA PRO A 698 -23.73 35.57 -23.17
C PRO A 698 -24.08 36.37 -21.92
N ASN A 699 -24.99 37.34 -22.05
CA ASN A 699 -25.37 38.18 -20.93
C ASN A 699 -26.89 38.30 -20.85
N MET A 700 -27.38 38.58 -19.66
CA MET A 700 -28.82 38.74 -19.47
C MET A 700 -29.39 39.80 -20.40
N GLU A 701 -28.67 40.90 -20.57
CA GLU A 701 -29.20 42.02 -21.35
C GLU A 701 -29.59 41.59 -22.75
N ALA A 702 -28.71 40.87 -23.44
CA ALA A 702 -29.04 40.42 -24.79
C ALA A 702 -30.16 39.39 -24.77
N ALA A 703 -30.26 38.59 -23.71
CA ALA A 703 -31.26 37.53 -23.69
C ALA A 703 -32.66 38.09 -23.50
N ARG A 704 -32.84 38.96 -22.50
CA ARG A 704 -34.15 39.57 -22.26
C ARG A 704 -34.60 40.39 -23.45
N ILE A 705 -33.68 41.14 -24.07
CA ILE A 705 -34.02 41.90 -25.27
C ILE A 705 -34.50 40.96 -26.37
N SER A 706 -33.77 39.87 -26.60
CA SER A 706 -34.18 38.92 -27.63
C SER A 706 -35.54 38.31 -27.32
N TYR A 707 -35.71 37.81 -26.10
CA TYR A 707 -36.98 37.17 -25.75
C TYR A 707 -38.15 38.12 -25.94
N ASN A 708 -38.01 39.37 -25.49
CA ASN A 708 -39.08 40.33 -25.67
C ASN A 708 -39.37 40.57 -27.15
N LEU A 709 -38.31 40.77 -27.94
CA LEU A 709 -38.52 41.07 -29.35
C LEU A 709 -39.05 39.86 -30.12
N LEU A 710 -38.78 38.66 -29.63
CA LEU A 710 -39.24 37.46 -30.34
C LEU A 710 -40.68 37.11 -29.99
N ARG A 711 -41.06 37.21 -28.71
CA ARG A 711 -42.43 36.87 -28.33
C ARG A 711 -43.45 37.75 -29.03
N VAL A 712 -43.04 38.91 -29.52
CA VAL A 712 -43.94 39.76 -30.28
C VAL A 712 -43.90 39.43 -31.78
N SER A 713 -42.76 38.97 -32.29
CA SER A 713 -42.66 38.64 -33.70
C SER A 713 -42.97 37.17 -34.00
N SER A 714 -43.01 36.32 -32.98
CA SER A 714 -43.60 34.99 -33.11
C SER A 714 -45.08 35.10 -32.79
N SER A 715 -45.92 34.66 -33.72
CA SER A 715 -47.36 34.89 -33.61
C SER A 715 -47.95 34.21 -32.39
N GLU A 716 -47.97 32.87 -32.38
CA GLU A 716 -48.69 32.11 -31.37
C GLU A 716 -47.71 31.38 -30.46
N GLY A 717 -48.27 30.64 -29.50
CA GLY A 717 -47.48 29.83 -28.61
C GLY A 717 -47.46 30.33 -27.18
N VAL A 718 -48.39 29.83 -26.35
CA VAL A 718 -48.35 30.18 -24.94
C VAL A 718 -47.19 29.49 -24.24
N THR A 719 -46.80 28.29 -24.71
CA THR A 719 -45.66 27.52 -24.21
C THR A 719 -45.54 27.56 -22.69
N VAL A 720 -44.33 27.76 -22.17
CA VAL A 720 -44.10 27.90 -20.74
C VAL A 720 -43.50 29.28 -20.48
N GLY A 721 -43.71 29.77 -19.26
CA GLY A 721 -43.17 31.03 -18.82
C GLY A 721 -41.75 30.89 -18.34
N PRO A 722 -41.25 31.92 -17.65
CA PRO A 722 -39.86 31.89 -17.16
C PRO A 722 -39.63 30.73 -16.20
N VAL A 723 -38.73 29.83 -16.56
CA VAL A 723 -38.47 28.60 -15.81
C VAL A 723 -37.23 28.80 -14.93
N LEU A 724 -37.38 28.55 -13.63
CA LEU A 724 -36.29 28.69 -12.67
C LEU A 724 -35.65 27.34 -12.39
N MET A 725 -34.32 27.28 -12.58
CA MET A 725 -33.56 26.04 -12.48
C MET A 725 -32.46 26.18 -11.44
N GLY A 726 -32.24 25.13 -10.67
CA GLY A 726 -31.20 25.10 -9.66
C GLY A 726 -31.66 25.25 -8.23
N VAL A 727 -32.96 25.34 -7.99
CA VAL A 727 -33.50 25.55 -6.66
C VAL A 727 -34.09 24.24 -6.16
N ALA A 728 -33.82 23.92 -4.89
CA ALA A 728 -34.15 22.61 -4.35
C ALA A 728 -35.67 22.35 -4.36
N LYS A 729 -36.44 23.26 -3.75
CA LYS A 729 -37.86 22.95 -3.72
C LYS A 729 -38.55 23.49 -4.98
N PRO A 730 -39.52 22.76 -5.53
CA PRO A 730 -40.13 23.15 -6.83
C PRO A 730 -40.79 24.52 -6.75
N VAL A 731 -40.34 25.43 -7.62
CA VAL A 731 -40.79 26.82 -7.60
C VAL A 731 -40.41 27.46 -8.92
N HIS A 732 -41.13 28.52 -9.28
CA HIS A 732 -40.85 29.31 -10.47
C HIS A 732 -41.28 30.75 -10.22
N VAL A 733 -40.57 31.69 -10.84
CA VAL A 733 -40.88 33.11 -10.74
C VAL A 733 -41.30 33.62 -12.11
N LEU A 734 -42.39 34.36 -12.14
CA LEU A 734 -43.04 34.79 -13.37
C LEU A 734 -42.86 36.28 -13.57
N THR A 735 -43.21 36.73 -14.77
CA THR A 735 -43.17 38.14 -15.12
C THR A 735 -44.44 38.84 -14.67
N PRO A 736 -44.40 40.16 -14.52
CA PRO A 736 -45.63 40.90 -14.21
C PRO A 736 -46.66 40.82 -15.33
N ILE A 737 -46.22 40.66 -16.57
CA ILE A 737 -47.12 40.63 -17.72
C ILE A 737 -47.44 39.20 -18.14
N ALA A 738 -47.19 38.23 -17.27
CA ALA A 738 -47.47 36.84 -17.61
C ALA A 738 -48.96 36.63 -17.82
N SER A 739 -49.32 36.10 -18.98
CA SER A 739 -50.72 35.87 -19.32
C SER A 739 -51.33 34.81 -18.40
N VAL A 740 -52.66 34.79 -18.37
CA VAL A 740 -53.36 33.84 -17.50
C VAL A 740 -53.07 32.41 -17.94
N ARG A 741 -52.91 32.20 -19.25
CA ARG A 741 -52.54 30.88 -19.72
C ARG A 741 -51.17 30.48 -19.21
N ARG A 742 -50.23 31.42 -19.16
CA ARG A 742 -48.89 31.10 -18.68
C ARG A 742 -48.89 30.75 -17.20
N ILE A 743 -49.82 31.32 -16.43
CA ILE A 743 -49.91 30.94 -15.03
C ILE A 743 -50.48 29.54 -14.90
N VAL A 744 -51.45 29.19 -15.75
CA VAL A 744 -52.00 27.84 -15.75
C VAL A 744 -50.92 26.83 -16.12
N ASN A 745 -50.20 27.10 -17.22
CA ASN A 745 -49.16 26.18 -17.67
C ASN A 745 -48.06 26.03 -16.62
N MET A 746 -47.57 27.14 -16.06
CA MET A 746 -46.45 27.07 -15.12
C MET A 746 -46.85 26.42 -13.80
N VAL A 747 -48.13 26.46 -13.44
CA VAL A 747 -48.58 25.75 -12.24
C VAL A 747 -48.52 24.24 -12.46
N ALA A 748 -48.90 23.79 -13.67
CA ALA A 748 -48.84 22.37 -13.98
C ALA A 748 -47.40 21.87 -14.04
N LEU A 749 -46.50 22.68 -14.63
CA LEU A 749 -45.09 22.31 -14.66
C LEU A 749 -44.56 22.04 -13.27
N ALA A 750 -45.04 22.78 -12.27
CA ALA A 750 -44.58 22.60 -10.90
C ALA A 750 -45.10 21.29 -10.31
N VAL A 751 -46.35 20.94 -10.62
CA VAL A 751 -46.92 19.71 -10.09
C VAL A 751 -46.14 18.50 -10.57
N VAL A 752 -45.71 18.53 -11.84
CA VAL A 752 -44.88 17.44 -12.37
C VAL A 752 -43.59 17.33 -11.57
N GLU A 753 -42.96 18.48 -11.30
CA GLU A 753 -41.70 18.48 -10.57
C GLU A 753 -41.86 17.98 -9.15
N ALA A 754 -43.03 18.22 -8.54
CA ALA A 754 -43.24 17.83 -7.14
C ALA A 754 -43.46 16.34 -6.99
N GLN A 755 -43.81 15.64 -8.08
CA GLN A 755 -44.09 14.21 -8.01
C GLN A 755 -42.83 13.35 -7.87
N THR A 756 -41.65 13.93 -8.08
CA THR A 756 -40.42 13.14 -8.07
C THR A 756 -39.89 12.91 -6.66
N GLN A 757 -39.57 13.98 -5.94
CA GLN A 757 -38.99 13.86 -4.60
C GLN A 757 -39.57 14.88 -3.63
N ASP B 2 -39.63 40.02 -70.63
CA ASP B 2 -38.33 39.82 -70.00
C ASP B 2 -37.90 38.36 -70.10
N ASP B 3 -36.71 38.06 -69.56
CA ASP B 3 -36.17 36.70 -69.56
C ASP B 3 -35.60 36.34 -68.19
N GLN B 4 -34.74 37.20 -67.65
CA GLN B 4 -34.19 36.96 -66.32
C GLN B 4 -35.21 37.26 -65.23
N LEU B 5 -36.18 38.16 -65.51
CA LEU B 5 -37.26 38.41 -64.57
C LEU B 5 -38.34 37.33 -64.66
N LYS B 6 -38.58 36.79 -65.85
CA LYS B 6 -39.49 35.66 -65.97
C LYS B 6 -38.97 34.45 -65.19
N GLN B 7 -37.65 34.26 -65.17
CA GLN B 7 -37.07 33.17 -64.40
C GLN B 7 -37.14 33.47 -62.91
N SER B 8 -36.76 34.70 -62.51
CA SER B 8 -36.81 35.08 -61.11
C SER B 8 -38.22 35.11 -60.54
N ALA B 9 -39.24 35.05 -61.40
CA ALA B 9 -40.62 34.88 -60.95
C ALA B 9 -40.97 33.41 -60.77
N LEU B 10 -40.52 32.55 -61.68
CA LEU B 10 -40.71 31.11 -61.51
C LEU B 10 -39.95 30.60 -60.30
N ASP B 11 -38.79 31.19 -60.02
CA ASP B 11 -38.07 30.86 -58.78
C ASP B 11 -38.85 31.34 -57.55
N PHE B 12 -39.56 32.45 -57.68
CA PHE B 12 -40.31 33.02 -56.56
C PHE B 12 -41.53 32.19 -56.20
N HIS B 13 -42.02 31.35 -57.11
CA HIS B 13 -43.20 30.54 -56.84
C HIS B 13 -42.88 29.14 -56.34
N GLU B 14 -41.63 28.69 -56.48
CA GLU B 14 -41.25 27.34 -56.12
C GLU B 14 -40.39 27.25 -54.87
N PHE B 15 -39.68 28.33 -54.51
CA PHE B 15 -38.78 28.31 -53.37
C PHE B 15 -39.19 29.35 -52.34
N PRO B 16 -39.13 29.02 -51.04
CA PRO B 16 -38.66 27.73 -50.52
C PRO B 16 -39.72 26.62 -50.59
N VAL B 17 -40.99 27.01 -50.57
CA VAL B 17 -42.09 26.04 -50.62
C VAL B 17 -42.93 26.32 -51.85
N PRO B 18 -43.37 25.30 -52.58
CA PRO B 18 -44.34 25.53 -53.66
C PRO B 18 -45.62 26.14 -53.12
N GLY B 19 -46.01 27.27 -53.70
CA GLY B 19 -47.20 27.98 -53.28
C GLY B 19 -46.86 29.35 -52.71
N LYS B 20 -47.92 30.14 -52.56
CA LYS B 20 -47.80 31.48 -52.01
C LYS B 20 -48.65 31.74 -50.77
N ILE B 21 -49.52 30.81 -50.39
CA ILE B 21 -50.40 31.00 -49.24
C ILE B 21 -50.48 29.72 -48.43
N GLN B 22 -50.92 29.87 -47.19
CA GLN B 22 -51.07 28.75 -46.26
C GLN B 22 -52.21 29.05 -45.29
N VAL B 23 -52.64 28.01 -44.57
CA VAL B 23 -53.73 28.12 -43.61
C VAL B 23 -53.12 28.11 -42.22
N SER B 24 -53.18 29.27 -41.53
CA SER B 24 -52.59 29.40 -40.21
C SER B 24 -53.67 29.35 -39.14
N PRO B 25 -53.48 28.56 -38.09
CA PRO B 25 -54.41 28.61 -36.96
C PRO B 25 -54.30 29.94 -36.22
N THR B 26 -55.44 30.51 -35.88
CA THR B 26 -55.50 31.77 -35.13
C THR B 26 -55.68 31.55 -33.63
N LYS B 27 -55.73 30.31 -33.18
CA LYS B 27 -55.93 29.97 -31.79
C LYS B 27 -54.81 29.06 -31.33
N PRO B 28 -54.55 29.00 -30.03
CA PRO B 28 -53.54 28.07 -29.54
C PRO B 28 -54.07 26.65 -29.53
N LEU B 29 -53.18 25.69 -29.85
CA LEU B 29 -53.47 24.28 -29.76
C LEU B 29 -52.20 23.59 -29.25
N ALA B 30 -51.91 23.75 -27.97
CA ALA B 30 -50.70 23.21 -27.36
C ALA B 30 -50.97 22.12 -26.33
N THR B 31 -52.11 22.17 -25.67
CA THR B 31 -52.47 21.19 -24.65
C THR B 31 -53.49 20.22 -25.23
N GLN B 32 -54.09 19.42 -24.35
CA GLN B 32 -55.24 18.61 -24.71
C GLN B 32 -56.56 19.36 -24.48
N ARG B 33 -56.62 20.20 -23.45
CA ARG B 33 -57.78 21.08 -23.31
C ARG B 33 -57.82 22.11 -24.42
N ASP B 34 -56.65 22.52 -24.92
CA ASP B 34 -56.59 23.35 -26.13
C ASP B 34 -57.35 22.69 -27.27
N LEU B 35 -57.20 21.37 -27.42
CA LEU B 35 -57.82 20.65 -28.52
C LEU B 35 -59.29 20.32 -28.23
N ALA B 36 -59.64 20.14 -26.96
CA ALA B 36 -61.01 19.78 -26.61
C ALA B 36 -62.00 20.93 -26.80
N LEU B 37 -61.51 22.17 -26.90
CA LEU B 37 -62.38 23.30 -27.18
C LEU B 37 -62.44 23.64 -28.66
N ALA B 38 -61.37 23.36 -29.41
CA ALA B 38 -61.39 23.62 -30.85
C ALA B 38 -62.09 22.52 -31.63
N TYR B 39 -62.07 21.29 -31.11
CA TYR B 39 -62.80 20.19 -31.73
C TYR B 39 -63.81 19.60 -30.76
N SER B 40 -63.76 18.28 -30.56
CA SER B 40 -64.79 17.66 -29.74
C SER B 40 -64.38 17.67 -28.27
N PRO B 41 -65.32 17.91 -27.34
CA PRO B 41 -66.71 18.26 -27.65
C PRO B 41 -67.00 19.75 -27.53
N GLY B 42 -65.94 20.56 -27.47
CA GLY B 42 -66.12 21.98 -27.20
C GLY B 42 -66.66 22.78 -28.38
N VAL B 43 -66.33 22.39 -29.60
CA VAL B 43 -66.75 23.15 -30.76
C VAL B 43 -68.25 23.12 -31.00
N ALA B 44 -68.98 22.27 -30.27
CA ALA B 44 -70.43 22.21 -30.41
C ALA B 44 -71.12 23.50 -29.99
N ALA B 45 -70.49 24.30 -29.13
CA ALA B 45 -71.17 25.49 -28.63
C ALA B 45 -71.35 26.56 -29.72
N PRO B 46 -70.31 26.99 -30.46
CA PRO B 46 -70.57 27.94 -31.54
C PRO B 46 -71.42 27.35 -32.64
N CYS B 47 -71.32 26.04 -32.88
CA CYS B 47 -72.22 25.38 -33.81
C CYS B 47 -73.66 25.58 -33.39
N LEU B 48 -73.98 25.26 -32.14
CA LEU B 48 -75.36 25.32 -31.68
C LEU B 48 -75.84 26.75 -31.49
N GLU B 49 -74.92 27.72 -31.44
CA GLU B 49 -75.30 29.13 -31.37
C GLU B 49 -75.50 29.76 -32.74
N ILE B 50 -74.97 29.15 -33.80
CA ILE B 50 -75.29 29.60 -35.14
C ILE B 50 -76.61 28.99 -35.61
N GLU B 51 -76.93 27.77 -35.15
CA GLU B 51 -78.24 27.19 -35.45
C GLU B 51 -79.36 28.09 -34.95
N LYS B 52 -79.23 28.59 -33.73
CA LYS B 52 -80.22 29.52 -33.19
C LYS B 52 -80.27 30.79 -34.02
N ASP B 53 -79.16 31.51 -34.09
CA ASP B 53 -79.04 32.74 -34.87
C ASP B 53 -78.01 32.56 -35.97
N PRO B 54 -78.43 32.22 -37.19
CA PRO B 54 -77.45 32.07 -38.28
C PRO B 54 -76.72 33.37 -38.60
N LEU B 55 -77.37 34.51 -38.34
CA LEU B 55 -76.73 35.80 -38.55
C LEU B 55 -75.60 36.06 -37.57
N LYS B 56 -75.45 35.22 -36.56
CA LYS B 56 -74.41 35.35 -35.53
C LYS B 56 -73.12 34.64 -35.91
N ALA B 57 -73.00 34.19 -37.16
CA ALA B 57 -71.84 33.39 -37.56
C ALA B 57 -70.57 34.22 -37.58
N TYR B 58 -70.67 35.53 -37.81
CA TYR B 58 -69.49 36.37 -37.93
C TYR B 58 -68.66 36.36 -36.65
N LYS B 59 -69.28 36.07 -35.51
CA LYS B 59 -68.57 36.15 -34.24
C LYS B 59 -67.53 35.04 -34.10
N TYR B 60 -67.82 33.85 -34.61
CA TYR B 60 -66.98 32.68 -34.32
C TYR B 60 -66.42 31.98 -35.56
N THR B 61 -66.69 32.45 -36.78
CA THR B 61 -66.34 31.70 -37.97
C THR B 61 -65.31 32.38 -38.86
N ALA B 62 -64.92 33.62 -38.56
CA ALA B 62 -64.06 34.41 -39.46
C ALA B 62 -64.70 34.57 -40.83
N ARG B 63 -66.03 34.48 -40.90
CA ARG B 63 -66.76 34.81 -42.11
C ARG B 63 -66.59 36.29 -42.47
N GLY B 64 -66.39 37.14 -41.47
CA GLY B 64 -66.31 38.56 -41.70
C GLY B 64 -65.05 39.01 -42.41
N ASN B 65 -64.02 38.17 -42.47
CA ASN B 65 -62.76 38.52 -43.13
C ASN B 65 -62.44 37.60 -44.30
N LEU B 66 -63.44 36.90 -44.84
CA LEU B 66 -63.21 35.89 -45.86
C LEU B 66 -63.91 36.29 -47.16
N VAL B 67 -63.19 36.19 -48.26
CA VAL B 67 -63.72 36.47 -49.59
C VAL B 67 -63.25 35.35 -50.52
N ALA B 68 -64.12 34.96 -51.46
CA ALA B 68 -63.79 33.92 -52.43
C ALA B 68 -63.45 34.54 -53.76
N VAL B 69 -62.24 34.25 -54.25
CA VAL B 69 -61.85 34.62 -55.61
C VAL B 69 -62.14 33.41 -56.50
N ILE B 70 -63.19 33.50 -57.30
CA ILE B 70 -63.66 32.40 -58.13
C ILE B 70 -63.31 32.71 -59.58
N SER B 71 -62.77 31.71 -60.28
CA SER B 71 -62.37 31.88 -61.67
C SER B 71 -62.77 30.65 -62.48
N ASN B 72 -63.00 30.87 -63.77
CA ASN B 72 -63.33 29.81 -64.70
C ASN B 72 -62.21 29.55 -65.69
N GLY B 73 -61.12 30.30 -65.62
CA GLY B 73 -60.01 30.14 -66.55
C GLY B 73 -60.30 30.63 -67.94
N THR B 74 -61.32 31.47 -68.11
CA THR B 74 -61.76 31.87 -69.44
C THR B 74 -61.07 33.14 -69.94
N ALA B 75 -60.61 34.00 -69.06
CA ALA B 75 -59.98 35.25 -69.46
C ALA B 75 -58.99 35.70 -68.39
N VAL B 76 -57.95 34.89 -68.17
CA VAL B 76 -56.93 35.16 -67.15
C VAL B 76 -56.05 36.31 -67.64
N LEU B 77 -56.12 37.45 -66.97
CA LEU B 77 -55.36 38.66 -67.33
C LEU B 77 -55.64 38.95 -68.80
N GLY B 78 -54.61 39.10 -69.65
CA GLY B 78 -54.76 39.07 -71.08
C GLY B 78 -54.35 37.76 -71.71
N LEU B 79 -54.18 36.71 -70.90
CA LEU B 79 -53.70 35.43 -71.40
C LEU B 79 -54.80 34.62 -72.08
N GLY B 80 -56.07 34.99 -71.89
CA GLY B 80 -57.15 34.32 -72.57
C GLY B 80 -57.63 33.07 -71.85
N ASN B 81 -58.26 32.19 -72.62
CA ASN B 81 -58.81 30.94 -72.11
C ASN B 81 -57.69 29.91 -72.04
N ILE B 82 -57.17 29.67 -70.84
CA ILE B 82 -56.08 28.73 -70.62
C ILE B 82 -56.45 27.67 -69.59
N GLY B 83 -57.74 27.53 -69.28
CA GLY B 83 -58.17 26.59 -68.27
C GLY B 83 -58.15 27.18 -66.88
N ALA B 84 -59.05 26.69 -66.03
CA ALA B 84 -59.12 27.19 -64.67
C ALA B 84 -57.89 26.79 -63.87
N LEU B 85 -57.31 25.62 -64.16
CA LEU B 85 -56.15 25.16 -63.40
C LEU B 85 -54.93 26.03 -63.66
N ALA B 86 -54.76 26.50 -64.89
CA ALA B 86 -53.60 27.33 -65.19
C ALA B 86 -53.69 28.69 -64.51
N GLY B 87 -54.90 29.23 -64.35
CA GLY B 87 -55.06 30.50 -63.69
C GLY B 87 -54.95 30.48 -62.19
N LYS B 88 -54.67 29.32 -61.60
CA LYS B 88 -54.60 29.22 -60.15
C LYS B 88 -53.57 30.16 -59.52
N PRO B 89 -52.34 30.28 -60.05
CA PRO B 89 -51.42 31.26 -59.44
C PRO B 89 -51.92 32.70 -59.50
N VAL B 90 -52.72 33.05 -60.51
CA VAL B 90 -53.28 34.39 -60.56
C VAL B 90 -54.30 34.58 -59.44
N MET B 91 -55.18 33.59 -59.25
CA MET B 91 -56.16 33.68 -58.17
C MET B 91 -55.49 33.70 -56.81
N GLU B 92 -54.38 32.98 -56.66
CA GLU B 92 -53.60 33.08 -55.43
C GLU B 92 -52.98 34.47 -55.29
N GLY B 93 -52.44 35.01 -56.38
CA GLY B 93 -51.86 36.34 -56.34
C GLY B 93 -52.88 37.42 -56.00
N LYS B 94 -54.12 37.25 -56.47
CA LYS B 94 -55.18 38.17 -56.08
C LYS B 94 -55.42 38.13 -54.58
N GLY B 95 -55.34 36.94 -53.99
CA GLY B 95 -55.69 36.79 -52.59
C GLY B 95 -54.69 37.45 -51.66
N VAL B 96 -53.41 37.39 -51.99
CA VAL B 96 -52.41 37.99 -51.11
C VAL B 96 -52.54 39.51 -51.14
N LEU B 97 -53.00 40.09 -52.25
CA LEU B 97 -53.24 41.52 -52.29
C LEU B 97 -54.33 41.92 -51.30
N PHE B 98 -55.30 41.04 -51.05
CA PHE B 98 -56.32 41.32 -50.05
C PHE B 98 -55.72 41.34 -48.65
N LYS B 99 -54.90 40.34 -48.32
CA LYS B 99 -54.31 40.28 -46.99
C LYS B 99 -53.21 41.32 -46.81
N LYS B 100 -52.66 41.86 -47.90
CA LYS B 100 -51.59 42.84 -47.76
C LYS B 100 -52.14 44.22 -47.41
N PHE B 101 -52.99 44.77 -48.29
CA PHE B 101 -53.50 46.12 -48.09
C PHE B 101 -54.79 46.14 -47.27
N ALA B 102 -55.67 45.17 -47.47
CA ALA B 102 -56.97 45.16 -46.81
C ALA B 102 -57.04 44.21 -45.62
N GLY B 103 -56.03 43.37 -45.43
CA GLY B 103 -56.05 42.44 -44.30
C GLY B 103 -57.19 41.44 -44.37
N ILE B 104 -57.54 41.01 -45.58
CA ILE B 104 -58.69 40.14 -45.82
C ILE B 104 -58.18 38.78 -46.27
N ASP B 105 -58.54 37.75 -45.51
CA ASP B 105 -58.21 36.39 -45.91
C ASP B 105 -59.07 35.98 -47.11
N VAL B 106 -58.49 35.19 -48.00
CA VAL B 106 -59.11 34.89 -49.28
C VAL B 106 -58.84 33.44 -49.68
N PHE B 107 -59.87 32.76 -50.18
CA PHE B 107 -59.76 31.44 -50.77
C PHE B 107 -59.82 31.57 -52.28
N ASP B 108 -58.85 30.96 -52.97
CA ASP B 108 -58.88 30.93 -54.44
C ASP B 108 -59.71 29.74 -54.90
N ILE B 109 -60.64 29.99 -55.81
CA ILE B 109 -61.57 28.97 -56.31
C ILE B 109 -61.46 28.93 -57.83
N GLU B 110 -61.20 27.74 -58.36
CA GLU B 110 -61.15 27.51 -59.80
C GLU B 110 -62.19 26.47 -60.16
N VAL B 111 -63.10 26.84 -61.08
CA VAL B 111 -64.21 25.98 -61.48
C VAL B 111 -63.90 25.39 -62.85
N ASP B 112 -64.02 24.07 -62.97
CA ASP B 112 -63.75 23.37 -64.22
C ASP B 112 -64.93 23.42 -65.20
N GLU B 113 -66.08 23.94 -64.78
CA GLU B 113 -67.28 23.92 -65.59
C GLU B 113 -67.45 25.25 -66.32
N LEU B 114 -67.42 25.22 -67.64
CA LEU B 114 -67.52 26.42 -68.47
C LEU B 114 -68.95 26.80 -68.81
N ASP B 115 -69.95 26.04 -68.36
CA ASP B 115 -71.34 26.37 -68.65
C ASP B 115 -71.83 27.46 -67.70
N PRO B 116 -72.46 28.52 -68.20
CA PRO B 116 -72.95 29.58 -67.30
C PRO B 116 -74.00 29.11 -66.33
N ASP B 117 -74.95 28.27 -66.77
CA ASP B 117 -75.99 27.79 -65.88
C ASP B 117 -75.41 26.93 -64.76
N LYS B 118 -74.39 26.13 -65.07
CA LYS B 118 -73.80 25.25 -64.07
C LYS B 118 -72.79 25.97 -63.20
N PHE B 119 -72.01 26.89 -63.80
CA PHE B 119 -71.06 27.69 -63.02
C PHE B 119 -71.77 28.42 -61.89
N ILE B 120 -72.92 29.02 -62.19
CA ILE B 120 -73.67 29.74 -61.16
C ILE B 120 -74.13 28.78 -60.07
N GLU B 121 -74.44 27.54 -60.42
CA GLU B 121 -74.88 26.57 -59.42
C GLU B 121 -73.75 26.22 -58.45
N VAL B 122 -72.51 26.23 -58.91
CA VAL B 122 -71.38 25.98 -58.01
C VAL B 122 -71.20 27.16 -57.06
N VAL B 123 -71.21 28.38 -57.60
CA VAL B 123 -70.92 29.56 -56.78
C VAL B 123 -72.01 29.79 -55.76
N ALA B 124 -73.27 29.78 -56.19
CA ALA B 124 -74.38 30.02 -55.27
C ALA B 124 -74.42 28.96 -54.17
N ALA B 125 -73.94 27.75 -54.45
CA ALA B 125 -73.86 26.72 -53.42
C ALA B 125 -72.82 27.04 -52.36
N LEU B 126 -71.83 27.88 -52.67
CA LEU B 126 -70.78 28.25 -51.74
C LEU B 126 -71.11 29.51 -50.95
N GLU B 127 -72.39 29.83 -50.77
CA GLU B 127 -72.74 31.05 -50.05
C GLU B 127 -72.48 30.93 -48.55
N PRO B 128 -72.86 29.85 -47.86
CA PRO B 128 -72.58 29.81 -46.41
C PRO B 128 -71.10 29.78 -46.08
N THR B 129 -70.25 29.31 -46.99
CA THR B 129 -68.82 29.25 -46.70
C THR B 129 -68.23 30.63 -46.50
N PHE B 130 -68.48 31.54 -47.44
CA PHE B 130 -67.83 32.85 -47.46
C PHE B 130 -68.79 33.94 -47.04
N GLY B 131 -68.22 35.13 -46.82
CA GLY B 131 -68.99 36.33 -46.58
C GLY B 131 -68.79 37.30 -47.73
N GLY B 132 -68.24 36.79 -48.84
CA GLY B 132 -68.03 37.59 -50.02
C GLY B 132 -67.64 36.77 -51.23
N ILE B 133 -67.93 37.27 -52.42
CA ILE B 133 -67.64 36.58 -53.68
C ILE B 133 -66.97 37.57 -54.63
N ASN B 134 -65.75 37.27 -55.04
CA ASN B 134 -65.00 38.07 -55.99
C ASN B 134 -64.87 37.28 -57.30
N LEU B 135 -65.77 37.54 -58.24
CA LEU B 135 -65.65 36.95 -59.57
C LEU B 135 -64.39 37.47 -60.25
N GLU B 136 -63.62 36.57 -60.85
CA GLU B 136 -62.32 36.93 -61.41
C GLU B 136 -62.08 36.19 -62.71
N ASP B 137 -61.75 36.95 -63.75
CA ASP B 137 -61.26 36.41 -65.02
C ASP B 137 -62.27 35.44 -65.64
N ILE B 138 -63.48 35.94 -65.86
CA ILE B 138 -64.52 35.22 -66.58
C ILE B 138 -64.83 36.01 -67.84
N LYS B 139 -64.60 35.38 -69.00
CA LYS B 139 -64.73 36.07 -70.27
C LYS B 139 -66.19 36.48 -70.51
N ALA B 140 -66.37 37.36 -71.48
CA ALA B 140 -67.65 37.89 -71.92
C ALA B 140 -68.24 36.99 -73.00
N PRO B 141 -69.58 36.96 -73.14
CA PRO B 141 -70.58 37.70 -72.36
C PRO B 141 -71.16 36.93 -71.20
N GLU B 142 -70.49 35.84 -70.78
CA GLU B 142 -71.01 35.04 -69.67
C GLU B 142 -71.00 35.83 -68.38
N CYS B 143 -70.01 36.69 -68.20
CA CYS B 143 -69.85 37.43 -66.95
C CYS B 143 -71.08 38.29 -66.65
N PHE B 144 -71.54 39.07 -67.64
CA PHE B 144 -72.71 39.92 -67.46
C PHE B 144 -73.89 39.11 -66.93
N TYR B 145 -74.18 37.98 -67.57
CA TYR B 145 -75.28 37.13 -67.15
C TYR B 145 -75.01 36.46 -65.81
N ILE B 146 -73.74 36.19 -65.50
CA ILE B 146 -73.41 35.54 -64.24
C ILE B 146 -73.51 36.51 -63.07
N GLU B 147 -72.83 37.66 -63.16
CA GLU B 147 -72.88 38.63 -62.08
C GLU B 147 -74.32 39.05 -61.77
N GLN B 148 -75.15 39.19 -62.82
CA GLN B 148 -76.54 39.59 -62.62
C GLN B 148 -77.25 38.58 -61.73
N LYS B 149 -77.29 37.32 -62.16
CA LYS B 149 -78.06 36.30 -61.44
C LYS B 149 -77.49 36.05 -60.05
N LEU B 150 -76.19 36.23 -59.86
CA LEU B 150 -75.58 35.92 -58.58
C LEU B 150 -75.87 37.00 -57.54
N ARG B 151 -75.84 38.27 -57.94
CA ARG B 151 -76.07 39.35 -56.99
C ARG B 151 -77.45 39.26 -56.36
N GLU B 152 -78.44 38.81 -57.13
CA GLU B 152 -79.79 38.61 -56.61
C GLU B 152 -79.83 37.39 -55.69
N ARG B 153 -79.41 36.24 -56.21
CA ARG B 153 -79.59 34.96 -55.54
C ARG B 153 -78.87 34.89 -54.20
N MET B 154 -77.72 35.55 -54.09
CA MET B 154 -76.87 35.43 -52.91
C MET B 154 -77.01 36.65 -52.02
N ASN B 155 -77.23 36.42 -50.73
CA ASN B 155 -77.28 37.47 -49.72
C ASN B 155 -75.90 37.92 -49.28
N ILE B 156 -74.89 37.72 -50.12
CA ILE B 156 -73.54 38.21 -49.88
C ILE B 156 -73.08 38.95 -51.13
N PRO B 157 -72.12 39.87 -50.98
CA PRO B 157 -71.74 40.70 -52.14
C PRO B 157 -71.13 39.88 -53.27
N VAL B 158 -71.51 40.24 -54.49
CA VAL B 158 -70.92 39.69 -55.70
C VAL B 158 -70.40 40.85 -56.54
N PHE B 159 -69.15 40.75 -56.97
CA PHE B 159 -68.47 41.89 -57.58
C PHE B 159 -67.38 41.35 -58.49
N HIS B 160 -67.41 41.73 -59.76
CA HIS B 160 -66.39 41.33 -60.73
C HIS B 160 -65.42 42.50 -60.91
N ASP B 161 -64.15 42.27 -60.58
CA ASP B 161 -63.18 43.37 -60.54
C ASP B 161 -62.90 43.92 -61.93
N ASP B 162 -62.74 43.04 -62.93
CA ASP B 162 -62.55 43.52 -64.29
C ASP B 162 -63.81 44.13 -64.87
N GLN B 163 -64.99 43.77 -64.35
CA GLN B 163 -66.24 44.28 -64.90
C GLN B 163 -66.55 45.69 -64.39
N HIS B 164 -66.61 45.86 -63.07
CA HIS B 164 -67.00 47.13 -62.47
C HIS B 164 -65.84 47.89 -61.83
N GLY B 165 -64.79 47.19 -61.41
CA GLY B 165 -63.74 47.85 -60.65
C GLY B 165 -62.92 48.80 -61.49
N THR B 166 -62.43 48.34 -62.65
CA THR B 166 -61.69 49.22 -63.55
C THR B 166 -62.55 50.42 -63.96
N ALA B 167 -63.86 50.21 -64.08
CA ALA B 167 -64.75 51.34 -64.38
C ALA B 167 -64.77 52.34 -63.22
N ILE B 168 -64.76 51.83 -61.98
CA ILE B 168 -64.74 52.71 -60.82
C ILE B 168 -63.52 53.64 -60.87
N ILE B 169 -62.36 53.11 -61.25
CA ILE B 169 -61.17 53.94 -61.38
C ILE B 169 -61.33 54.89 -62.57
N SER B 170 -61.76 54.34 -63.72
CA SER B 170 -61.94 55.18 -64.91
C SER B 170 -62.99 56.26 -64.67
N THR B 171 -64.06 55.92 -63.95
CA THR B 171 -65.07 56.92 -63.63
C THR B 171 -64.46 58.07 -62.83
N ALA B 172 -63.72 57.73 -61.77
CA ALA B 172 -63.07 58.76 -60.98
C ALA B 172 -62.05 59.54 -61.80
N ALA B 173 -61.40 58.87 -62.75
CA ALA B 173 -60.47 59.56 -63.64
C ALA B 173 -61.21 60.58 -64.50
N ILE B 174 -62.38 60.22 -65.01
CA ILE B 174 -63.11 61.11 -65.91
C ILE B 174 -63.66 62.31 -65.14
N LEU B 175 -64.17 62.07 -63.93
CA LEU B 175 -64.72 63.16 -63.12
C LEU B 175 -63.64 64.19 -62.79
N ASN B 176 -62.45 63.73 -62.38
CA ASN B 176 -61.40 64.65 -62.02
C ASN B 176 -60.85 65.39 -63.23
N GLY B 177 -60.76 64.71 -64.37
CA GLY B 177 -60.31 65.37 -65.59
C GLY B 177 -61.30 66.39 -66.11
N LEU B 178 -62.59 66.19 -65.83
CA LEU B 178 -63.59 67.17 -66.23
C LEU B 178 -63.45 68.47 -65.46
N ARG B 179 -62.95 68.41 -64.21
CA ARG B 179 -62.61 69.64 -63.50
C ARG B 179 -61.42 70.34 -64.13
N VAL B 180 -60.47 69.58 -64.67
CA VAL B 180 -59.27 70.16 -65.24
C VAL B 180 -59.55 70.76 -66.61
N VAL B 181 -60.34 70.06 -67.44
CA VAL B 181 -60.68 70.58 -68.76
C VAL B 181 -61.85 71.56 -68.73
N GLU B 182 -62.44 71.78 -67.55
CA GLU B 182 -63.50 72.78 -67.36
C GLU B 182 -64.71 72.45 -68.23
N LYS B 183 -65.12 71.18 -68.20
CA LYS B 183 -66.25 70.71 -68.99
C LYS B 183 -67.26 70.00 -68.10
N ASN B 184 -68.53 70.29 -68.32
CA ASN B 184 -69.61 69.66 -67.55
C ASN B 184 -69.90 68.27 -68.09
N ILE B 185 -70.28 67.36 -67.18
CA ILE B 185 -70.37 65.95 -67.52
C ILE B 185 -71.43 65.70 -68.59
N SER B 186 -72.54 66.44 -68.54
CA SER B 186 -73.63 66.17 -69.46
C SER B 186 -73.28 66.59 -70.89
N ASP B 187 -72.63 67.74 -71.05
CA ASP B 187 -72.42 68.31 -72.38
C ASP B 187 -71.40 67.54 -73.21
N VAL B 188 -70.52 66.77 -72.58
CA VAL B 188 -69.41 66.16 -73.30
C VAL B 188 -69.87 64.92 -74.04
N ARG B 189 -69.21 64.65 -75.17
CA ARG B 189 -69.47 63.47 -75.98
C ARG B 189 -68.38 62.43 -75.71
N MET B 190 -68.80 61.19 -75.50
CA MET B 190 -67.87 60.12 -75.16
C MET B 190 -67.89 59.04 -76.24
N VAL B 191 -66.70 58.54 -76.57
CA VAL B 191 -66.52 57.50 -77.59
C VAL B 191 -65.79 56.33 -76.95
N VAL B 192 -66.30 55.12 -77.15
CA VAL B 192 -65.80 53.91 -76.51
C VAL B 192 -65.26 52.98 -77.59
N SER B 193 -64.07 52.44 -77.34
CA SER B 193 -63.42 51.50 -78.26
C SER B 193 -63.40 50.11 -77.65
N GLY B 194 -63.94 49.14 -78.37
CA GLY B 194 -64.00 47.78 -77.88
C GLY B 194 -65.06 47.59 -76.81
N ALA B 195 -65.88 46.56 -76.95
CA ALA B 195 -66.94 46.29 -75.98
C ALA B 195 -66.38 45.74 -74.68
N GLY B 196 -65.43 46.47 -74.08
CA GLY B 196 -64.84 46.03 -72.84
C GLY B 196 -65.87 45.98 -71.72
N ALA B 197 -65.70 44.99 -70.84
CA ALA B 197 -66.61 44.84 -69.70
C ALA B 197 -66.56 46.07 -68.80
N ALA B 198 -65.38 46.68 -68.67
CA ALA B 198 -65.27 47.92 -67.90
C ALA B 198 -65.94 49.09 -68.62
N ALA B 199 -65.94 49.08 -69.95
CA ALA B 199 -66.55 50.16 -70.71
C ALA B 199 -68.06 50.21 -70.49
N ILE B 200 -68.71 49.06 -70.43
CA ILE B 200 -70.16 49.03 -70.23
C ILE B 200 -70.50 49.54 -68.84
N ALA B 201 -69.78 49.07 -67.82
CA ALA B 201 -70.05 49.50 -66.44
C ALA B 201 -69.65 50.96 -66.22
N CYS B 202 -68.59 51.40 -66.88
CA CYS B 202 -68.22 52.82 -66.83
C CYS B 202 -69.37 53.69 -67.31
N MET B 203 -70.00 53.30 -68.42
CA MET B 203 -71.15 54.04 -68.92
C MET B 203 -72.32 53.96 -67.96
N ASN B 204 -72.57 52.76 -67.40
CA ASN B 204 -73.64 52.62 -66.43
C ASN B 204 -73.39 53.49 -65.21
N LEU B 205 -72.13 53.56 -64.76
CA LEU B 205 -71.79 54.44 -63.64
C LEU B 205 -71.86 55.90 -64.04
N LEU B 206 -71.41 56.23 -65.25
CA LEU B 206 -71.38 57.62 -65.69
C LEU B 206 -72.78 58.16 -65.94
N VAL B 207 -73.66 57.34 -66.52
CA VAL B 207 -75.04 57.77 -66.74
C VAL B 207 -75.71 58.08 -65.40
N ALA B 208 -75.42 57.27 -64.38
CA ALA B 208 -75.94 57.56 -63.05
C ALA B 208 -75.40 58.88 -62.52
N LEU B 209 -74.21 59.29 -62.95
CA LEU B 209 -73.62 60.55 -62.53
C LEU B 209 -74.07 61.73 -63.36
N GLY B 210 -74.62 61.50 -64.56
CA GLY B 210 -75.19 62.58 -65.33
C GLY B 210 -74.83 62.61 -66.80
N LEU B 211 -73.94 61.73 -67.24
CA LEU B 211 -73.57 61.69 -68.65
C LEU B 211 -74.76 61.21 -69.47
N GLN B 212 -75.20 62.05 -70.40
CA GLN B 212 -76.39 61.74 -71.19
C GLN B 212 -76.15 60.54 -72.08
N LYS B 213 -77.19 59.73 -72.25
CA LYS B 213 -77.08 58.56 -73.12
C LYS B 213 -76.92 58.96 -74.58
N HIS B 214 -77.39 60.14 -74.96
CA HIS B 214 -77.30 60.58 -76.35
C HIS B 214 -75.85 60.82 -76.76
N ASN B 215 -75.09 61.53 -75.92
CA ASN B 215 -73.73 61.90 -76.28
C ASN B 215 -72.84 60.68 -76.46
N ILE B 216 -73.18 59.56 -75.81
CA ILE B 216 -72.32 58.39 -75.82
C ILE B 216 -72.37 57.71 -77.18
N VAL B 217 -71.21 57.30 -77.67
CA VAL B 217 -71.08 56.57 -78.94
C VAL B 217 -70.14 55.41 -78.70
N VAL B 218 -70.59 54.19 -79.01
CA VAL B 218 -69.84 52.98 -78.73
C VAL B 218 -69.46 52.31 -80.05
N CYS B 219 -68.24 51.81 -80.12
CA CYS B 219 -67.71 51.19 -81.33
C CYS B 219 -67.02 49.88 -80.96
N ASP B 220 -67.41 48.81 -81.63
CA ASP B 220 -66.75 47.51 -81.49
C ASP B 220 -65.93 47.21 -82.74
N SER B 221 -65.41 45.98 -82.83
CA SER B 221 -64.58 45.62 -83.97
C SER B 221 -65.38 45.58 -85.26
N LYS B 222 -66.69 45.36 -85.18
CA LYS B 222 -67.52 45.37 -86.38
C LYS B 222 -67.61 46.77 -86.98
N GLY B 223 -67.64 47.79 -86.14
CA GLY B 223 -67.77 49.16 -86.57
C GLY B 223 -68.56 49.95 -85.56
N VAL B 224 -69.11 51.07 -86.01
CA VAL B 224 -69.96 51.90 -85.14
C VAL B 224 -71.28 51.17 -84.92
N ILE B 225 -71.62 50.94 -83.66
CA ILE B 225 -72.83 50.20 -83.31
C ILE B 225 -74.04 51.10 -83.57
N TYR B 226 -74.83 50.76 -84.58
CA TYR B 226 -76.04 51.49 -84.91
C TYR B 226 -77.25 50.56 -84.88
N GLN B 227 -78.41 51.16 -84.66
CA GLN B 227 -79.65 50.39 -84.51
C GLN B 227 -80.00 49.67 -85.81
N GLY B 228 -80.38 48.41 -85.69
CA GLY B 228 -80.73 47.60 -86.84
C GLY B 228 -79.56 46.96 -87.56
N ARG B 229 -78.33 47.17 -87.09
CA ARG B 229 -77.18 46.51 -87.70
C ARG B 229 -77.32 44.99 -87.62
N GLU B 230 -77.73 44.48 -86.47
CA GLU B 230 -78.04 43.07 -86.29
C GLU B 230 -79.46 42.90 -85.80
N PRO B 231 -80.21 41.93 -86.33
CA PRO B 231 -81.57 41.68 -85.80
C PRO B 231 -81.55 41.29 -84.34
N ASN B 232 -80.70 40.33 -83.97
CA ASN B 232 -80.48 39.96 -82.58
C ASN B 232 -79.19 40.61 -82.11
N MET B 233 -79.30 41.48 -81.10
CA MET B 233 -78.17 42.26 -80.62
C MET B 233 -77.99 42.03 -79.12
N ALA B 234 -76.73 42.06 -78.69
CA ALA B 234 -76.43 41.86 -77.27
C ALA B 234 -77.07 42.96 -76.44
N GLU B 235 -77.54 42.59 -75.24
CA GLU B 235 -78.21 43.55 -74.38
C GLU B 235 -77.30 44.70 -73.98
N THR B 236 -76.00 44.42 -73.80
CA THR B 236 -75.05 45.49 -73.56
C THR B 236 -74.87 46.36 -74.80
N LYS B 237 -74.76 45.73 -75.98
CA LYS B 237 -74.65 46.48 -77.22
C LYS B 237 -75.94 47.24 -77.54
N ALA B 238 -77.09 46.70 -77.13
CA ALA B 238 -78.35 47.37 -77.40
C ALA B 238 -78.56 48.57 -76.49
N ALA B 239 -78.00 48.54 -75.28
CA ALA B 239 -78.19 49.63 -74.33
C ALA B 239 -77.54 50.92 -74.81
N TYR B 240 -76.42 50.83 -75.52
CA TYR B 240 -75.66 52.00 -75.95
C TYR B 240 -75.35 51.88 -77.44
N ALA B 241 -76.38 51.95 -78.26
CA ALA B 241 -76.24 51.94 -79.71
C ALA B 241 -77.00 53.14 -80.26
N VAL B 242 -76.28 54.06 -80.90
CA VAL B 242 -76.92 55.25 -81.45
C VAL B 242 -77.70 54.87 -82.71
N VAL B 243 -78.65 55.75 -83.07
CA VAL B 243 -79.36 55.58 -84.33
C VAL B 243 -78.40 55.84 -85.49
N ASP B 244 -78.62 55.13 -86.60
CA ASP B 244 -77.69 55.18 -87.72
C ASP B 244 -77.58 56.59 -88.30
N ASP B 245 -76.46 57.25 -88.03
CA ASP B 245 -76.17 58.57 -88.57
C ASP B 245 -75.36 58.51 -89.86
N GLY B 246 -75.19 57.32 -90.44
CA GLY B 246 -74.36 57.15 -91.61
C GLY B 246 -72.88 57.05 -91.33
N LYS B 247 -72.48 56.97 -90.06
CA LYS B 247 -71.09 56.88 -89.67
C LYS B 247 -70.82 55.47 -89.17
N ARG B 248 -69.82 54.81 -89.76
CA ARG B 248 -69.43 53.47 -89.36
C ARG B 248 -67.96 53.35 -88.96
N THR B 249 -67.09 54.24 -89.41
CA THR B 249 -65.68 54.19 -89.06
C THR B 249 -65.44 54.91 -87.74
N LEU B 250 -64.36 54.51 -87.06
CA LEU B 250 -63.97 55.19 -85.84
C LEU B 250 -63.64 56.66 -86.10
N ASP B 251 -63.15 56.97 -87.31
CA ASP B 251 -62.75 58.34 -87.63
C ASP B 251 -63.93 59.26 -87.83
N ASP B 252 -65.14 58.73 -88.00
CA ASP B 252 -66.30 59.58 -88.23
C ASP B 252 -66.83 60.17 -86.93
N VAL B 253 -66.93 59.36 -85.87
CA VAL B 253 -67.46 59.83 -84.59
C VAL B 253 -66.38 60.39 -83.68
N ILE B 254 -65.10 60.26 -84.04
CA ILE B 254 -64.03 60.80 -83.21
C ILE B 254 -63.98 62.32 -83.30
N GLU B 255 -64.63 62.91 -84.30
CA GLU B 255 -64.62 64.35 -84.48
C GLU B 255 -65.45 65.03 -83.39
N GLY B 256 -64.89 66.08 -82.78
CA GLY B 256 -65.58 66.77 -81.71
C GLY B 256 -65.89 65.89 -80.51
N ALA B 257 -65.05 64.89 -80.26
CA ALA B 257 -65.25 63.97 -79.13
C ALA B 257 -64.40 64.43 -77.96
N ASP B 258 -65.03 64.53 -76.79
CA ASP B 258 -64.36 65.07 -75.61
C ASP B 258 -63.64 64.00 -74.80
N ILE B 259 -64.14 62.76 -74.80
CA ILE B 259 -63.58 61.69 -73.98
C ILE B 259 -63.46 60.42 -74.82
N PHE B 260 -62.34 59.72 -74.69
CA PHE B 260 -62.10 58.45 -75.37
C PHE B 260 -61.73 57.39 -74.36
N LEU B 261 -62.42 56.26 -74.41
CA LEU B 261 -62.17 55.12 -73.54
C LEU B 261 -61.84 53.90 -74.39
N GLY B 262 -60.73 53.23 -74.08
CA GLY B 262 -60.31 52.06 -74.82
C GLY B 262 -59.99 50.88 -73.93
N CYS B 263 -60.83 49.83 -74.00
CA CYS B 263 -60.66 48.64 -73.18
C CYS B 263 -60.08 47.47 -73.94
N SER B 264 -59.95 47.57 -75.27
CA SER B 264 -59.47 46.45 -76.08
C SER B 264 -58.79 46.98 -77.32
N GLY B 265 -57.71 46.30 -77.73
CA GLY B 265 -57.04 46.61 -78.96
C GLY B 265 -55.80 47.47 -78.78
N PRO B 266 -54.73 47.13 -79.50
CA PRO B 266 -53.52 47.95 -79.46
C PRO B 266 -53.40 48.88 -80.68
N LYS B 267 -52.88 50.09 -80.45
CA LYS B 267 -52.70 51.10 -81.50
C LYS B 267 -54.00 51.45 -82.20
N VAL B 268 -55.14 51.34 -81.50
CA VAL B 268 -56.42 51.58 -82.14
C VAL B 268 -56.64 53.07 -82.38
N LEU B 269 -56.01 53.93 -81.57
CA LEU B 269 -56.15 55.38 -81.70
C LEU B 269 -54.93 55.94 -82.42
N THR B 270 -55.16 56.64 -83.52
CA THR B 270 -54.10 57.23 -84.33
C THR B 270 -53.80 58.65 -83.88
N GLN B 271 -52.58 59.11 -84.14
CA GLN B 271 -52.23 60.49 -83.87
C GLN B 271 -53.03 61.46 -84.73
N GLU B 272 -53.56 61.00 -85.87
CA GLU B 272 -54.43 61.84 -86.67
C GLU B 272 -55.81 61.96 -86.03
N MET B 273 -56.29 60.88 -85.41
CA MET B 273 -57.59 60.91 -84.75
C MET B 273 -57.59 61.85 -83.55
N VAL B 274 -56.47 61.91 -82.82
CA VAL B 274 -56.40 62.75 -81.62
C VAL B 274 -56.49 64.23 -81.98
N LYS B 275 -55.93 64.63 -83.13
CA LYS B 275 -56.07 66.01 -83.57
C LYS B 275 -57.54 66.37 -83.80
N LYS B 276 -58.30 65.44 -84.37
CA LYS B 276 -59.70 65.69 -84.72
C LYS B 276 -60.61 65.74 -83.50
N MET B 277 -60.12 65.39 -82.31
CA MET B 277 -60.96 65.32 -81.13
C MET B 277 -61.28 66.73 -80.62
N ALA B 278 -62.25 66.80 -79.70
CA ALA B 278 -62.63 68.06 -79.09
C ALA B 278 -61.49 68.61 -78.25
N ARG B 279 -61.68 69.84 -77.77
CA ARG B 279 -60.62 70.53 -77.04
C ARG B 279 -60.29 69.80 -75.74
N ALA B 280 -58.99 69.72 -75.43
CA ALA B 280 -58.46 69.10 -74.22
C ALA B 280 -59.05 67.71 -74.01
N PRO B 281 -58.70 66.74 -74.85
CA PRO B 281 -59.37 65.44 -74.77
C PRO B 281 -58.88 64.62 -73.58
N MET B 282 -59.77 63.78 -73.07
CA MET B 282 -59.42 62.77 -72.08
C MET B 282 -59.33 61.42 -72.78
N ILE B 283 -58.16 60.79 -72.67
CA ILE B 283 -57.88 59.52 -73.35
C ILE B 283 -57.54 58.48 -72.29
N LEU B 284 -58.35 57.43 -72.22
CA LEU B 284 -58.14 56.35 -71.26
C LEU B 284 -57.80 55.09 -72.04
N ALA B 285 -56.57 54.60 -71.86
CA ALA B 285 -56.06 53.43 -72.57
C ALA B 285 -55.81 52.32 -71.56
N LEU B 286 -56.87 51.62 -71.20
CA LEU B 286 -56.77 50.47 -70.30
C LEU B 286 -56.24 49.23 -71.01
N ALA B 287 -55.96 49.32 -72.30
CA ALA B 287 -55.49 48.16 -73.05
C ALA B 287 -54.17 47.67 -72.51
N ASN B 288 -54.03 46.35 -72.43
CA ASN B 288 -52.86 45.71 -71.87
C ASN B 288 -52.37 44.62 -72.82
N PRO B 289 -51.05 44.48 -73.00
CA PRO B 289 -50.03 45.33 -72.38
C PRO B 289 -49.58 46.50 -73.26
N GLU B 290 -50.35 46.80 -74.32
CA GLU B 290 -50.06 47.92 -75.21
C GLU B 290 -51.26 48.85 -75.25
N PRO B 291 -51.10 50.13 -74.92
CA PRO B 291 -52.25 51.05 -74.92
C PRO B 291 -52.73 51.36 -76.34
N GLU B 292 -53.93 51.95 -76.41
CA GLU B 292 -54.46 52.38 -77.70
C GLU B 292 -53.58 53.45 -78.32
N ILE B 293 -52.86 54.22 -77.51
CA ILE B 293 -51.85 55.15 -77.99
C ILE B 293 -50.89 55.41 -76.85
N LEU B 294 -49.64 55.70 -77.19
CA LEU B 294 -48.68 56.04 -76.16
C LEU B 294 -48.86 57.49 -75.72
N PRO B 295 -48.65 57.78 -74.43
CA PRO B 295 -48.84 59.15 -73.94
C PRO B 295 -47.96 60.17 -74.65
N PRO B 296 -46.66 59.90 -74.86
CA PRO B 296 -45.86 60.88 -75.62
C PRO B 296 -46.31 61.04 -77.07
N LEU B 297 -46.90 60.01 -77.67
CA LEU B 297 -47.38 60.12 -79.05
C LEU B 297 -48.66 60.95 -79.13
N ALA B 298 -49.54 60.84 -78.14
CA ALA B 298 -50.73 61.69 -78.10
C ALA B 298 -50.45 63.08 -77.55
N LYS B 299 -49.40 63.24 -76.74
CA LYS B 299 -49.02 64.56 -76.25
C LYS B 299 -48.44 65.43 -77.36
N GLU B 300 -47.82 64.80 -78.37
CA GLU B 300 -47.20 65.56 -79.45
C GLU B 300 -48.25 66.26 -80.32
N VAL B 301 -49.35 65.57 -80.63
CA VAL B 301 -50.37 66.15 -81.49
C VAL B 301 -51.24 67.14 -80.72
N ARG B 302 -51.51 66.88 -79.44
CA ARG B 302 -52.28 67.76 -78.59
C ARG B 302 -51.60 67.91 -77.22
N PRO B 303 -50.96 69.04 -76.94
CA PRO B 303 -50.26 69.18 -75.65
C PRO B 303 -51.19 69.18 -74.45
N ASP B 304 -52.42 69.66 -74.61
CA ASP B 304 -53.38 69.75 -73.52
C ASP B 304 -54.00 68.41 -73.13
N ALA B 305 -53.82 67.38 -73.95
CA ALA B 305 -54.53 66.13 -73.76
C ALA B 305 -54.13 65.46 -72.45
N ILE B 306 -55.08 64.74 -71.85
CA ILE B 306 -54.89 64.01 -70.62
C ILE B 306 -55.06 62.52 -70.92
N ILE B 307 -54.06 61.73 -70.57
CA ILE B 307 -53.99 60.33 -70.96
C ILE B 307 -53.80 59.46 -69.72
N CYS B 308 -54.58 58.38 -69.63
CA CYS B 308 -54.42 57.36 -68.60
C CYS B 308 -54.15 56.03 -69.26
N THR B 309 -53.18 55.29 -68.72
CA THR B 309 -52.79 54.00 -69.25
C THR B 309 -52.90 52.92 -68.17
N GLY B 310 -53.05 51.67 -68.60
CA GLY B 310 -53.02 50.55 -67.67
C GLY B 310 -51.63 50.13 -67.26
N ARG B 311 -50.61 50.53 -68.01
CA ARG B 311 -49.23 50.20 -67.68
C ARG B 311 -48.70 51.16 -66.61
N SER B 312 -47.78 50.64 -65.78
CA SER B 312 -47.31 51.38 -64.62
C SER B 312 -46.22 52.40 -64.94
N ASP B 313 -45.58 52.29 -66.10
CA ASP B 313 -44.49 53.20 -66.43
C ASP B 313 -45.01 54.57 -66.86
N TYR B 314 -46.14 54.61 -67.57
CA TYR B 314 -46.70 55.88 -68.00
C TYR B 314 -47.59 56.46 -66.90
N PRO B 315 -47.72 57.78 -66.82
CA PRO B 315 -48.46 58.39 -65.71
C PRO B 315 -49.95 58.06 -65.76
N ASN B 316 -50.61 58.33 -64.64
CA ASN B 316 -52.05 58.12 -64.47
C ASN B 316 -52.41 56.64 -64.68
N GLN B 317 -51.76 55.80 -63.87
CA GLN B 317 -51.95 54.36 -63.98
C GLN B 317 -53.31 53.95 -63.45
N VAL B 318 -54.08 53.25 -64.29
CA VAL B 318 -55.36 52.71 -63.87
C VAL B 318 -55.15 51.26 -63.46
N ASN B 319 -54.65 51.05 -62.25
CA ASN B 319 -54.44 49.72 -61.71
C ASN B 319 -55.68 49.24 -60.98
N ASN B 320 -56.07 48.00 -61.24
CA ASN B 320 -57.25 47.45 -60.58
C ASN B 320 -57.07 47.36 -59.07
N VAL B 321 -55.82 47.31 -58.59
CA VAL B 321 -55.51 47.15 -57.18
C VAL B 321 -56.03 48.31 -56.34
N LEU B 322 -56.49 49.39 -56.97
CA LEU B 322 -56.87 50.59 -56.23
C LEU B 322 -58.24 50.46 -55.56
N CYS B 323 -59.14 49.65 -56.12
CA CYS B 323 -60.53 49.61 -55.67
C CYS B 323 -60.92 48.30 -55.01
N PHE B 324 -60.72 47.17 -55.70
CA PHE B 324 -61.33 45.92 -55.27
C PHE B 324 -60.96 45.45 -53.86
N PRO B 325 -59.74 45.70 -53.32
CA PRO B 325 -59.49 45.26 -51.94
C PRO B 325 -60.30 46.06 -50.93
N PHE B 326 -60.34 47.38 -51.12
CA PHE B 326 -60.90 48.25 -50.09
C PHE B 326 -62.43 48.34 -50.15
N ILE B 327 -63.01 48.18 -51.34
CA ILE B 327 -64.47 48.12 -51.44
C ILE B 327 -65.01 46.95 -50.63
N PHE B 328 -64.41 45.78 -50.81
CA PHE B 328 -64.81 44.60 -50.04
C PHE B 328 -64.60 44.82 -48.55
N ARG B 329 -63.55 45.55 -48.18
CA ARG B 329 -63.25 45.76 -46.76
C ARG B 329 -64.39 46.50 -46.06
N GLY B 330 -64.93 47.53 -46.70
CA GLY B 330 -66.10 48.18 -46.14
C GLY B 330 -67.31 47.28 -46.11
N ALA B 331 -67.52 46.53 -47.20
CA ALA B 331 -68.69 45.66 -47.28
C ALA B 331 -68.63 44.55 -46.24
N LEU B 332 -67.44 44.03 -45.95
CA LEU B 332 -67.33 42.90 -45.04
C LEU B 332 -67.56 43.33 -43.59
N ASP B 333 -67.04 44.49 -43.21
CA ASP B 333 -67.12 44.91 -41.82
C ASP B 333 -68.52 45.40 -41.43
N VAL B 334 -69.40 45.63 -42.40
CA VAL B 334 -70.81 45.85 -42.10
C VAL B 334 -71.67 44.65 -42.48
N GLY B 335 -71.14 43.71 -43.24
CA GLY B 335 -71.87 42.50 -43.62
C GLY B 335 -72.95 42.75 -44.64
N ALA B 336 -72.62 43.47 -45.71
CA ALA B 336 -73.60 43.80 -46.73
C ALA B 336 -74.06 42.55 -47.47
N THR B 337 -75.27 42.62 -48.01
CA THR B 337 -75.85 41.54 -48.79
C THR B 337 -75.48 41.59 -50.26
N ALA B 338 -74.97 42.72 -50.73
CA ALA B 338 -74.43 42.87 -52.09
C ALA B 338 -73.55 44.11 -52.09
N ILE B 339 -73.12 44.53 -53.28
CA ILE B 339 -72.44 45.80 -53.46
C ILE B 339 -73.23 46.54 -54.53
N ASN B 340 -74.07 47.48 -54.11
CA ASN B 340 -74.96 48.19 -55.01
C ASN B 340 -74.27 49.40 -55.62
N GLU B 341 -74.99 50.09 -56.51
CA GLU B 341 -74.45 51.27 -57.17
C GLU B 341 -74.37 52.46 -56.22
N GLU B 342 -75.13 52.45 -55.12
CA GLU B 342 -74.98 53.48 -54.11
C GLU B 342 -73.60 53.42 -53.45
N MET B 343 -73.06 52.20 -53.29
CA MET B 343 -71.73 52.04 -52.71
C MET B 343 -70.64 52.34 -53.75
N LYS B 344 -70.79 51.79 -54.96
CA LYS B 344 -69.77 51.97 -55.99
C LYS B 344 -69.53 53.44 -56.28
N LEU B 345 -70.58 54.26 -56.21
CA LEU B 345 -70.41 55.69 -56.46
C LEU B 345 -69.68 56.35 -55.31
N ALA B 346 -70.10 56.07 -54.08
CA ALA B 346 -69.40 56.61 -52.92
C ALA B 346 -67.95 56.16 -52.89
N ALA B 347 -67.67 55.02 -53.54
CA ALA B 347 -66.27 54.60 -53.70
C ALA B 347 -65.56 55.47 -54.72
N VAL B 348 -66.23 55.78 -55.84
CA VAL B 348 -65.62 56.62 -56.86
C VAL B 348 -65.32 58.01 -56.30
N ARG B 349 -66.23 58.54 -55.49
CA ARG B 349 -66.01 59.87 -54.91
C ARG B 349 -64.80 59.86 -53.98
N ALA B 350 -64.69 58.83 -53.13
CA ALA B 350 -63.58 58.76 -52.20
C ALA B 350 -62.24 58.71 -52.93
N ILE B 351 -62.23 58.21 -54.17
CA ILE B 351 -60.99 58.13 -54.93
C ILE B 351 -60.68 59.45 -55.60
N ALA B 352 -61.67 60.05 -56.27
CA ALA B 352 -61.44 61.31 -56.96
C ALA B 352 -61.09 62.43 -55.98
N GLU B 353 -61.87 62.55 -54.90
CA GLU B 353 -61.61 63.59 -53.91
C GLU B 353 -60.28 63.40 -53.20
N LEU B 354 -59.68 62.21 -53.30
CA LEU B 354 -58.38 61.98 -52.68
C LEU B 354 -57.27 62.73 -53.41
N ALA B 355 -57.41 62.92 -54.73
CA ALA B 355 -56.38 63.62 -55.48
C ALA B 355 -56.27 65.10 -55.10
N HIS B 356 -57.35 65.68 -54.57
CA HIS B 356 -57.33 67.10 -54.23
C HIS B 356 -56.67 67.35 -52.88
N ALA B 357 -56.99 66.55 -51.87
CA ALA B 357 -56.44 66.74 -50.52
C ALA B 357 -54.93 66.63 -50.50
N VAL B 363 -49.03 65.43 -44.94
CA VAL B 363 -48.25 64.33 -45.50
C VAL B 363 -46.78 64.50 -45.18
N ALA B 364 -46.03 63.40 -45.25
CA ALA B 364 -44.59 63.40 -45.03
C ALA B 364 -43.88 63.05 -46.34
N SER B 365 -43.10 63.98 -46.85
CA SER B 365 -42.36 63.74 -48.08
C SER B 365 -41.37 62.59 -47.89
N ALA B 366 -40.84 62.09 -49.00
CA ALA B 366 -39.91 60.97 -48.97
C ALA B 366 -38.77 61.23 -49.93
N TYR B 367 -37.80 60.33 -49.91
CA TYR B 367 -36.66 60.44 -50.82
C TYR B 367 -37.13 60.19 -52.24
N GLY B 368 -36.64 61.01 -53.17
CA GLY B 368 -37.18 61.04 -54.51
C GLY B 368 -38.25 62.11 -54.67
N ASP B 369 -38.70 62.29 -55.90
CA ASP B 369 -39.64 63.35 -56.24
C ASP B 369 -41.04 62.78 -56.35
N GLN B 370 -41.88 63.07 -55.36
CA GLN B 370 -43.30 62.74 -55.38
C GLN B 370 -44.09 64.03 -55.44
N ASP B 371 -44.90 64.18 -56.48
CA ASP B 371 -45.80 65.32 -56.61
C ASP B 371 -47.23 64.80 -56.57
N LEU B 372 -48.00 65.28 -55.59
CA LEU B 372 -49.40 64.93 -55.46
C LEU B 372 -50.33 66.02 -55.99
N SER B 373 -49.78 67.00 -56.70
CA SER B 373 -50.57 68.13 -57.17
C SER B 373 -51.61 67.69 -58.19
N PHE B 374 -52.87 68.04 -57.92
CA PHE B 374 -53.97 67.75 -58.83
C PHE B 374 -53.78 68.45 -60.17
N GLY B 375 -53.41 67.70 -61.20
CA GLY B 375 -53.19 68.28 -62.51
C GLY B 375 -53.38 67.26 -63.61
N PRO B 376 -53.08 67.66 -64.86
CA PRO B 376 -53.16 66.70 -65.97
C PRO B 376 -52.29 65.47 -65.77
N GLU B 377 -51.12 65.65 -65.15
CA GLU B 377 -50.24 64.53 -64.86
C GLU B 377 -50.73 63.70 -63.67
N TYR B 378 -51.67 64.23 -62.88
CA TYR B 378 -52.15 63.58 -61.66
C TYR B 378 -53.65 63.84 -61.53
N ILE B 379 -54.46 63.05 -62.26
CA ILE B 379 -55.90 63.07 -62.08
C ILE B 379 -56.40 61.86 -61.29
N ILE B 380 -55.56 60.87 -61.05
CA ILE B 380 -55.92 59.71 -60.22
C ILE B 380 -54.81 59.46 -59.21
N PRO B 381 -55.11 58.86 -58.06
CA PRO B 381 -54.07 58.65 -57.04
C PRO B 381 -53.08 57.58 -57.45
N LYS B 382 -52.01 57.49 -56.65
CA LYS B 382 -50.97 56.51 -56.91
C LYS B 382 -51.47 55.11 -56.55
N PRO B 383 -51.08 54.08 -57.32
CA PRO B 383 -51.68 52.74 -57.10
C PRO B 383 -51.48 52.19 -55.71
N PHE B 384 -50.35 52.45 -55.08
CA PHE B 384 -50.06 51.88 -53.77
C PHE B 384 -50.19 52.90 -52.65
N ASP B 385 -50.85 54.03 -52.91
CA ASP B 385 -50.96 55.07 -51.89
C ASP B 385 -51.65 54.51 -50.64
N PRO B 386 -51.16 54.84 -49.45
CA PRO B 386 -51.73 54.22 -48.24
C PRO B 386 -53.14 54.70 -47.92
N ARG B 387 -53.45 55.96 -48.23
CA ARG B 387 -54.73 56.54 -47.84
C ARG B 387 -55.93 55.91 -48.52
N LEU B 388 -55.72 54.98 -49.47
CA LEU B 388 -56.83 54.30 -50.12
C LEU B 388 -57.77 53.67 -49.10
N ILE B 389 -57.21 52.86 -48.21
CA ILE B 389 -58.03 52.16 -47.23
C ILE B 389 -58.74 53.16 -46.31
N VAL B 390 -58.08 54.28 -46.00
CA VAL B 390 -58.64 55.23 -45.06
C VAL B 390 -59.88 55.91 -45.63
N LYS B 391 -59.90 56.15 -46.94
CA LYS B 391 -61.00 56.88 -47.54
C LYS B 391 -62.11 55.98 -48.09
N ILE B 392 -61.74 54.85 -48.70
CA ILE B 392 -62.72 54.05 -49.42
C ILE B 392 -63.64 53.29 -48.48
N ALA B 393 -63.06 52.45 -47.61
CA ALA B 393 -63.87 51.57 -46.79
C ALA B 393 -64.88 52.30 -45.91
N PRO B 394 -64.58 53.45 -45.30
CA PRO B 394 -65.65 54.16 -44.57
C PRO B 394 -66.71 54.72 -45.49
N ALA B 395 -66.33 55.28 -46.63
CA ALA B 395 -67.31 55.83 -47.56
C ALA B 395 -68.18 54.74 -48.17
N VAL B 396 -67.65 53.53 -48.30
CA VAL B 396 -68.44 52.40 -48.78
C VAL B 396 -69.38 51.90 -47.70
N ALA B 397 -68.90 51.82 -46.46
CA ALA B 397 -69.71 51.31 -45.37
C ALA B 397 -70.83 52.29 -45.00
N LYS B 398 -70.55 53.59 -45.06
CA LYS B 398 -71.59 54.57 -44.76
C LYS B 398 -72.64 54.59 -45.86
N ALA B 399 -72.22 54.46 -47.12
CA ALA B 399 -73.18 54.38 -48.22
C ALA B 399 -74.00 53.10 -48.16
N ALA B 400 -73.41 52.01 -47.65
CA ALA B 400 -74.17 50.78 -47.48
C ALA B 400 -75.10 50.85 -46.26
N MET B 401 -74.67 51.53 -45.20
CA MET B 401 -75.53 51.73 -44.05
C MET B 401 -76.77 52.54 -44.42
N GLU B 402 -76.63 53.48 -45.35
CA GLU B 402 -77.74 54.33 -45.75
C GLU B 402 -78.57 53.71 -46.88
N SER B 403 -77.94 53.09 -47.87
CA SER B 403 -78.70 52.39 -48.90
C SER B 403 -79.46 51.20 -48.33
N GLY B 404 -79.12 50.76 -47.13
CA GLY B 404 -79.91 49.76 -46.43
C GLY B 404 -79.59 48.33 -46.79
N VAL B 405 -78.32 47.98 -46.92
CA VAL B 405 -77.89 46.61 -47.21
C VAL B 405 -76.97 46.05 -46.15
N ALA B 406 -76.60 46.84 -45.15
CA ALA B 406 -75.64 46.42 -44.14
C ALA B 406 -76.36 45.76 -42.96
N THR B 407 -75.80 44.66 -42.48
CA THR B 407 -76.37 43.94 -41.35
C THR B 407 -75.84 44.44 -40.01
N ARG B 408 -74.67 45.07 -39.98
CA ARG B 408 -74.03 45.50 -38.74
C ARG B 408 -73.54 46.93 -38.89
N PRO B 409 -74.34 47.92 -38.51
CA PRO B 409 -73.84 49.29 -38.42
C PRO B 409 -72.82 49.40 -37.30
N ILE B 410 -71.86 50.30 -37.50
CA ILE B 410 -70.76 50.47 -36.56
C ILE B 410 -70.94 51.83 -35.87
N ALA B 411 -71.06 51.79 -34.54
CA ALA B 411 -71.18 53.03 -33.78
C ALA B 411 -69.86 53.76 -33.70
N ASP B 412 -68.77 53.03 -33.44
CA ASP B 412 -67.43 53.60 -33.45
C ASP B 412 -66.98 53.91 -34.86
N PHE B 413 -67.77 54.71 -35.58
CA PHE B 413 -67.46 55.02 -36.98
C PHE B 413 -66.16 55.79 -37.11
N ASP B 414 -65.72 56.48 -36.06
CA ASP B 414 -64.43 57.13 -36.08
C ASP B 414 -63.30 56.18 -35.69
N VAL B 415 -63.62 55.15 -34.90
CA VAL B 415 -62.62 54.14 -34.56
C VAL B 415 -62.32 53.27 -35.77
N TYR B 416 -63.35 52.96 -36.57
CA TYR B 416 -63.14 52.35 -37.88
C TYR B 416 -62.07 53.09 -38.66
N ILE B 417 -62.13 54.42 -38.66
CA ILE B 417 -61.09 55.22 -39.33
C ILE B 417 -59.73 54.95 -38.70
N ASP B 418 -59.69 54.81 -37.37
CA ASP B 418 -58.41 54.59 -36.69
C ASP B 418 -57.81 53.24 -37.08
N LYS B 419 -58.59 52.16 -36.98
CA LYS B 419 -58.11 50.83 -37.37
C LYS B 419 -57.47 50.85 -38.75
N LEU B 420 -58.10 51.54 -39.69
CA LEU B 420 -57.65 51.55 -41.07
C LEU B 420 -56.32 52.27 -41.23
N THR B 421 -55.98 53.20 -40.32
CA THR B 421 -54.64 53.75 -40.28
C THR B 421 -53.63 52.78 -39.67
N GLU B 422 -54.08 51.88 -38.80
CA GLU B 422 -53.14 50.94 -38.19
C GLU B 422 -52.53 50.02 -39.25
N PHE B 423 -53.31 49.66 -40.28
CA PHE B 423 -52.74 48.95 -41.42
C PHE B 423 -51.73 49.82 -42.16
N VAL B 424 -51.93 51.14 -42.15
CA VAL B 424 -51.14 52.03 -42.98
C VAL B 424 -49.76 52.30 -42.38
N TYR B 425 -49.68 52.42 -41.05
CA TYR B 425 -48.38 52.57 -40.40
C TYR B 425 -47.48 51.39 -40.74
N LYS B 426 -47.99 50.18 -40.55
CA LYS B 426 -47.35 48.96 -41.04
C LYS B 426 -47.33 48.99 -42.56
N THR B 427 -46.66 48.00 -43.16
CA THR B 427 -46.53 47.81 -44.61
C THR B 427 -46.31 49.14 -45.35
N ASN B 428 -45.17 49.74 -45.06
CA ASN B 428 -44.71 50.90 -45.81
C ASN B 428 -43.82 50.45 -46.96
N LEU B 429 -43.86 51.19 -48.06
CA LEU B 429 -43.25 50.75 -49.31
C LEU B 429 -42.18 51.76 -49.74
N PHE B 430 -41.07 51.81 -49.00
CA PHE B 430 -40.07 52.84 -49.24
C PHE B 430 -39.10 52.49 -50.37
N MET B 431 -39.03 51.24 -50.80
CA MET B 431 -38.02 50.86 -51.78
C MET B 431 -38.37 51.35 -53.17
N LYS B 432 -39.64 51.27 -53.57
CA LYS B 432 -39.99 51.63 -54.95
C LYS B 432 -39.61 53.05 -55.30
N PRO B 433 -39.91 54.08 -54.49
CA PRO B 433 -39.49 55.43 -54.88
C PRO B 433 -37.98 55.59 -54.94
N ILE B 434 -37.26 54.97 -54.01
CA ILE B 434 -35.80 55.09 -53.97
C ILE B 434 -35.21 54.67 -55.32
N PHE B 435 -35.67 53.53 -55.85
CA PHE B 435 -35.20 53.09 -57.16
C PHE B 435 -35.50 54.13 -58.23
N SER B 436 -36.70 54.73 -58.17
CA SER B 436 -37.13 55.63 -59.24
C SER B 436 -36.24 56.87 -59.32
N GLN B 437 -35.88 57.46 -58.17
CA GLN B 437 -34.96 58.59 -58.19
C GLN B 437 -33.57 58.16 -58.62
N ALA B 438 -33.18 56.92 -58.32
CA ALA B 438 -31.91 56.41 -58.82
C ALA B 438 -31.90 56.39 -60.34
N ARG B 439 -33.03 56.03 -60.97
CA ARG B 439 -33.11 56.04 -62.42
C ARG B 439 -32.99 57.46 -62.98
N LYS B 440 -33.41 58.47 -62.21
CA LYS B 440 -33.38 59.84 -62.71
C LYS B 440 -31.95 60.38 -62.80
N ALA B 441 -31.05 59.92 -61.94
CA ALA B 441 -29.65 60.37 -61.95
C ALA B 441 -28.74 59.22 -61.57
N PRO B 442 -28.40 58.35 -62.52
CA PRO B 442 -27.44 57.29 -62.23
C PRO B 442 -26.06 57.85 -61.94
N LYS B 443 -25.38 57.25 -60.97
CA LYS B 443 -24.07 57.69 -60.54
C LYS B 443 -23.07 56.54 -60.68
N ARG B 444 -21.80 56.84 -60.42
CA ARG B 444 -20.73 55.86 -60.53
C ARG B 444 -20.58 55.12 -59.21
N VAL B 445 -20.66 53.78 -59.27
CA VAL B 445 -20.58 52.93 -58.09
C VAL B 445 -19.53 51.86 -58.32
N VAL B 446 -18.57 51.77 -57.39
CA VAL B 446 -17.53 50.75 -57.41
C VAL B 446 -17.96 49.57 -56.55
N LEU B 447 -17.74 48.37 -57.07
CA LEU B 447 -17.99 47.14 -56.31
C LEU B 447 -16.69 46.35 -56.23
N PRO B 448 -16.03 46.31 -55.07
CA PRO B 448 -14.69 45.71 -55.02
C PRO B 448 -14.67 44.22 -55.35
N GLU B 449 -15.66 43.45 -54.88
CA GLU B 449 -15.65 42.00 -55.08
C GLU B 449 -16.21 41.63 -56.46
N GLY B 450 -15.48 42.08 -57.49
CA GLY B 450 -15.94 41.88 -58.85
C GLY B 450 -16.03 40.43 -59.26
N GLU B 451 -15.12 39.58 -58.74
CA GLU B 451 -15.15 38.18 -59.09
C GLU B 451 -16.26 37.40 -58.40
N GLU B 452 -16.81 37.95 -57.31
CA GLU B 452 -17.88 37.26 -56.60
C GLU B 452 -19.12 37.15 -57.49
N ALA B 453 -19.78 35.99 -57.43
CA ALA B 453 -20.92 35.73 -58.31
C ALA B 453 -22.12 36.59 -57.94
N ARG B 454 -22.37 36.77 -56.64
CA ARG B 454 -23.51 37.58 -56.23
C ARG B 454 -23.38 39.02 -56.70
N VAL B 455 -22.15 39.54 -56.73
CA VAL B 455 -21.93 40.89 -57.24
C VAL B 455 -22.29 40.96 -58.72
N LEU B 456 -22.00 39.90 -59.47
CA LEU B 456 -22.25 39.92 -60.90
C LEU B 456 -23.74 39.89 -61.20
N HIS B 457 -24.51 39.05 -60.50
CA HIS B 457 -25.95 38.98 -60.74
C HIS B 457 -26.61 40.33 -60.49
N ALA B 458 -26.06 41.12 -59.57
CA ALA B 458 -26.61 42.44 -59.30
C ALA B 458 -26.20 43.45 -60.37
N THR B 459 -24.94 43.38 -60.82
CA THR B 459 -24.48 44.30 -61.86
C THR B 459 -25.36 44.20 -63.10
N GLN B 460 -25.78 42.99 -63.47
CA GLN B 460 -26.74 42.82 -64.56
C GLN B 460 -28.06 43.49 -64.22
N GLU B 461 -28.61 43.17 -63.05
CA GLU B 461 -29.89 43.75 -62.65
C GLU B 461 -29.80 45.27 -62.52
N LEU B 462 -28.63 45.80 -62.16
CA LEU B 462 -28.45 47.25 -62.11
C LEU B 462 -28.48 47.85 -63.51
N VAL B 463 -27.77 47.23 -64.45
CA VAL B 463 -27.72 47.76 -65.81
C VAL B 463 -29.09 47.64 -66.47
N THR B 464 -29.85 46.60 -66.14
CA THR B 464 -31.17 46.43 -66.74
C THR B 464 -32.15 47.51 -66.26
N LEU B 465 -32.19 47.75 -64.96
CA LEU B 465 -33.12 48.72 -64.39
C LEU B 465 -32.67 50.17 -64.57
N GLY B 466 -31.42 50.39 -64.99
CA GLY B 466 -30.91 51.74 -65.17
C GLY B 466 -30.61 52.49 -63.89
N LEU B 467 -30.06 51.80 -62.89
CA LEU B 467 -29.88 52.43 -61.59
C LEU B 467 -28.54 53.14 -61.50
N ALA B 468 -27.47 52.50 -61.95
CA ALA B 468 -26.14 53.09 -61.81
C ALA B 468 -25.21 52.48 -62.84
N LYS B 469 -23.99 53.05 -62.89
CA LYS B 469 -22.92 52.58 -63.76
C LYS B 469 -21.89 51.85 -62.91
N PRO B 470 -21.87 50.50 -62.92
CA PRO B 470 -21.00 49.77 -61.99
C PRO B 470 -19.56 49.67 -62.49
N ILE B 471 -18.63 49.86 -61.57
CA ILE B 471 -17.21 49.66 -61.80
C ILE B 471 -16.76 48.50 -60.91
N LEU B 472 -16.46 47.35 -61.52
CA LEU B 472 -16.04 46.17 -60.79
C LEU B 472 -14.51 46.12 -60.75
N ILE B 473 -13.96 45.85 -59.58
CA ILE B 473 -12.52 45.67 -59.41
C ILE B 473 -12.25 44.18 -59.27
N GLY B 474 -11.17 43.72 -59.87
CA GLY B 474 -10.79 42.33 -59.81
C GLY B 474 -10.00 41.96 -61.05
N ARG B 475 -9.88 40.64 -61.26
CA ARG B 475 -9.16 40.11 -62.41
C ARG B 475 -10.09 40.06 -63.60
N PRO B 476 -9.84 40.84 -64.66
CA PRO B 476 -10.82 40.90 -65.77
C PRO B 476 -11.09 39.55 -66.41
N ASN B 477 -10.09 38.66 -66.43
CA ASN B 477 -10.25 37.38 -67.10
C ASN B 477 -11.19 36.46 -66.33
N VAL B 478 -11.10 36.45 -65.00
CA VAL B 478 -11.95 35.57 -64.20
C VAL B 478 -13.37 36.12 -64.16
N ILE B 479 -13.53 37.44 -64.21
CA ILE B 479 -14.87 38.02 -64.24
C ILE B 479 -15.56 37.71 -65.56
N GLU B 480 -14.85 37.89 -66.68
CA GLU B 480 -15.43 37.63 -67.99
C GLU B 480 -15.80 36.17 -68.15
N MET B 481 -14.95 35.26 -67.64
CA MET B 481 -15.26 33.84 -67.73
C MET B 481 -16.46 33.48 -66.87
N ARG B 482 -16.57 34.07 -65.67
CA ARG B 482 -17.69 33.74 -64.79
C ARG B 482 -19.00 34.28 -65.34
N ILE B 483 -18.97 35.42 -66.03
CA ILE B 483 -20.18 35.98 -66.63
C ILE B 483 -20.75 35.02 -67.66
N GLN B 484 -19.89 34.51 -68.54
CA GLN B 484 -20.35 33.52 -69.52
C GLN B 484 -20.84 32.25 -68.84
N LYS B 485 -20.26 31.90 -67.68
CA LYS B 485 -20.74 30.75 -66.94
C LYS B 485 -22.13 31.02 -66.36
N LEU B 486 -22.36 32.24 -65.89
CA LEU B 486 -23.69 32.62 -65.41
C LEU B 486 -24.68 32.85 -66.54
N GLY B 487 -24.19 33.04 -67.77
CA GLY B 487 -25.04 33.34 -68.90
C GLY B 487 -25.41 34.80 -69.06
N LEU B 488 -24.86 35.68 -68.23
CA LEU B 488 -25.23 37.08 -68.26
C LEU B 488 -24.71 37.75 -69.52
N GLN B 489 -25.47 38.75 -70.00
CA GLN B 489 -25.19 39.42 -71.26
C GLN B 489 -24.40 40.70 -71.07
N ILE B 490 -24.04 41.07 -69.84
CA ILE B 490 -23.27 42.29 -69.61
C ILE B 490 -21.86 42.11 -70.17
N LYS B 491 -21.31 43.20 -70.71
CA LYS B 491 -20.04 43.14 -71.42
C LYS B 491 -19.14 44.27 -70.97
N ALA B 492 -17.84 43.99 -70.91
CA ALA B 492 -16.85 44.96 -70.44
C ALA B 492 -16.77 46.17 -71.38
N GLY B 493 -16.20 47.26 -70.85
CA GLY B 493 -16.05 48.50 -71.57
C GLY B 493 -17.32 49.28 -71.85
N VAL B 494 -18.51 48.67 -71.73
CA VAL B 494 -19.77 49.35 -72.01
C VAL B 494 -20.71 49.24 -70.82
N ASP B 495 -21.18 48.03 -70.52
CA ASP B 495 -22.09 47.81 -69.40
C ASP B 495 -21.42 48.19 -68.09
N PHE B 496 -20.20 47.70 -67.87
CA PHE B 496 -19.43 47.97 -66.65
C PHE B 496 -17.97 48.15 -67.04
N GLU B 497 -17.25 48.90 -66.22
CA GLU B 497 -15.83 49.14 -66.43
C GLU B 497 -15.04 48.36 -65.38
N ILE B 498 -14.13 47.51 -65.83
CA ILE B 498 -13.29 46.72 -64.93
C ILE B 498 -12.04 47.50 -64.59
N VAL B 499 -11.69 47.54 -63.30
CA VAL B 499 -10.40 48.01 -62.83
C VAL B 499 -9.59 46.79 -62.42
N ASN B 500 -8.39 46.67 -62.99
CA ASN B 500 -7.52 45.54 -62.71
C ASN B 500 -6.61 45.89 -61.54
N ASN B 501 -6.72 45.14 -60.44
CA ASN B 501 -5.89 45.43 -59.28
C ASN B 501 -4.42 45.16 -59.54
N GLU B 502 -4.11 44.19 -60.41
CA GLU B 502 -2.72 43.88 -60.72
C GLU B 502 -2.11 44.95 -61.62
N SER B 503 -2.83 45.37 -62.66
CA SER B 503 -2.35 46.37 -63.60
C SER B 503 -3.21 47.62 -63.51
N ASP B 504 -2.62 48.72 -63.07
CA ASP B 504 -3.33 49.97 -62.90
C ASP B 504 -2.46 51.13 -63.35
N PRO B 505 -2.89 51.93 -64.33
CA PRO B 505 -2.06 53.06 -64.76
C PRO B 505 -1.89 54.14 -63.70
N ARG B 506 -2.87 54.30 -62.80
CA ARG B 506 -2.78 55.25 -61.69
C ARG B 506 -2.25 54.59 -60.42
N PHE B 507 -1.56 53.46 -60.54
CA PHE B 507 -1.14 52.70 -59.36
C PHE B 507 -0.22 53.51 -58.47
N LYS B 508 0.65 54.33 -59.07
CA LYS B 508 1.53 55.17 -58.26
C LYS B 508 0.76 56.26 -57.54
N GLU B 509 -0.29 56.80 -58.18
CA GLU B 509 -1.09 57.84 -57.54
C GLU B 509 -1.92 57.29 -56.40
N TYR B 510 -2.37 56.03 -56.51
CA TYR B 510 -3.26 55.48 -55.49
C TYR B 510 -2.51 55.12 -54.22
N TRP B 511 -1.30 54.55 -54.34
CA TRP B 511 -0.57 54.24 -53.11
C TRP B 511 0.05 55.49 -52.51
N THR B 512 0.33 56.51 -53.33
CA THR B 512 0.79 57.78 -52.77
C THR B 512 -0.33 58.47 -52.02
N GLU B 513 -1.56 58.41 -52.54
CA GLU B 513 -2.72 58.93 -51.82
C GLU B 513 -2.95 58.14 -50.54
N TYR B 514 -2.95 56.81 -50.64
CA TYR B 514 -3.18 55.96 -49.47
C TYR B 514 -2.08 56.14 -48.43
N PHE B 515 -0.84 56.33 -48.88
CA PHE B 515 0.27 56.50 -47.95
C PHE B 515 0.15 57.82 -47.19
N GLN B 516 -0.19 58.90 -47.89
CA GLN B 516 -0.36 60.18 -47.21
C GLN B 516 -1.50 60.16 -46.21
N ILE B 517 -2.38 59.16 -46.30
CA ILE B 517 -3.47 59.03 -45.33
C ILE B 517 -3.07 58.10 -44.18
N MET B 518 -2.20 57.13 -44.42
CA MET B 518 -1.87 56.12 -43.43
C MET B 518 -0.41 56.13 -43.00
N LYS B 519 0.35 57.17 -43.34
CA LYS B 519 1.77 57.19 -43.00
C LYS B 519 1.96 57.28 -41.49
N ARG B 520 1.13 58.05 -40.81
CA ARG B 520 1.21 58.19 -39.36
C ARG B 520 0.44 57.09 -38.63
N ARG B 521 -0.34 56.29 -39.34
CA ARG B 521 -1.12 55.22 -38.75
C ARG B 521 -0.49 53.84 -38.96
N GLY B 522 0.80 53.78 -39.24
CA GLY B 522 1.52 52.52 -39.24
C GLY B 522 1.48 51.72 -40.52
N VAL B 523 1.38 52.38 -41.67
CA VAL B 523 1.39 51.70 -42.96
C VAL B 523 2.53 52.31 -43.77
N THR B 524 3.59 51.54 -43.99
CA THR B 524 4.74 52.03 -44.74
C THR B 524 4.45 52.02 -46.24
N GLN B 525 5.33 52.65 -47.01
CA GLN B 525 5.16 52.70 -48.46
C GLN B 525 5.18 51.29 -49.05
N GLU B 526 6.08 50.43 -48.56
CA GLU B 526 6.18 49.08 -49.10
C GLU B 526 4.93 48.27 -48.78
N GLN B 527 4.22 48.62 -47.71
CA GLN B 527 2.96 47.95 -47.39
C GLN B 527 1.82 48.46 -48.25
N ALA B 528 1.83 49.76 -48.57
CA ALA B 528 0.71 50.38 -49.27
C ALA B 528 0.59 49.88 -50.70
N GLN B 529 1.71 49.78 -51.41
CA GLN B 529 1.68 49.19 -52.74
C GLN B 529 1.13 47.77 -52.69
N ARG B 530 1.64 46.96 -51.74
CA ARG B 530 1.08 45.63 -51.52
C ARG B 530 -0.35 45.69 -51.02
N ALA B 531 -0.76 46.81 -50.42
CA ALA B 531 -2.15 46.95 -49.98
C ALA B 531 -3.10 47.19 -51.15
N LEU B 532 -2.66 47.90 -52.17
CA LEU B 532 -3.53 48.15 -53.32
C LEU B 532 -3.73 46.89 -54.15
N ILE B 533 -2.69 46.07 -54.28
CA ILE B 533 -2.86 44.84 -55.04
C ILE B 533 -3.66 43.81 -54.27
N SER B 534 -3.63 43.88 -52.93
CA SER B 534 -4.23 42.83 -52.11
C SER B 534 -5.69 43.09 -51.76
N ASN B 535 -6.02 44.31 -51.32
CA ASN B 535 -7.38 44.60 -50.85
C ASN B 535 -8.13 45.44 -51.87
N PRO B 536 -9.17 44.92 -52.51
CA PRO B 536 -9.94 45.75 -53.44
C PRO B 536 -10.60 46.92 -52.74
N THR B 537 -11.07 46.70 -51.50
CA THR B 537 -11.73 47.75 -50.74
C THR B 537 -10.86 48.99 -50.60
N VAL B 538 -9.54 48.80 -50.53
CA VAL B 538 -8.64 49.95 -50.43
C VAL B 538 -8.63 50.72 -51.74
N ILE B 539 -8.67 50.01 -52.87
CA ILE B 539 -8.67 50.68 -54.17
C ILE B 539 -9.92 51.54 -54.33
N GLY B 540 -11.09 50.94 -54.07
CA GLY B 540 -12.33 51.66 -54.28
C GLY B 540 -12.45 52.88 -53.38
N ALA B 541 -11.90 52.78 -52.18
CA ALA B 541 -11.92 53.93 -51.27
C ALA B 541 -11.14 55.10 -51.86
N ILE B 542 -9.94 54.83 -52.39
CA ILE B 542 -9.11 55.88 -52.96
C ILE B 542 -9.82 56.54 -54.14
N MET B 543 -10.52 55.74 -54.95
CA MET B 543 -11.25 56.28 -56.10
C MET B 543 -12.31 57.27 -55.64
N VAL B 544 -13.12 56.87 -54.66
CA VAL B 544 -14.25 57.69 -54.26
C VAL B 544 -13.80 59.00 -53.65
N GLN B 545 -12.68 59.00 -52.92
CA GLN B 545 -12.17 60.24 -52.34
C GLN B 545 -11.64 61.18 -53.43
N ARG B 546 -10.92 60.64 -54.41
CA ARG B 546 -10.39 61.47 -55.49
C ARG B 546 -11.49 62.06 -56.36
N GLY B 547 -12.60 61.35 -56.52
CA GLY B 547 -13.68 61.77 -57.40
C GLY B 547 -13.90 60.87 -58.61
N GLU B 548 -13.09 59.83 -58.80
CA GLU B 548 -13.25 58.94 -59.96
C GLU B 548 -14.56 58.17 -59.88
N ALA B 549 -14.90 57.66 -58.71
CA ALA B 549 -16.17 56.99 -58.46
C ALA B 549 -16.98 57.80 -57.46
N ASP B 550 -18.30 57.64 -57.52
CA ASP B 550 -19.20 58.48 -56.73
C ASP B 550 -19.67 57.82 -55.44
N ALA B 551 -19.74 56.50 -55.41
CA ALA B 551 -20.10 55.78 -54.18
C ALA B 551 -19.52 54.38 -54.28
N MET B 552 -19.54 53.67 -53.14
CA MET B 552 -18.93 52.35 -53.05
C MET B 552 -19.77 51.45 -52.15
N ILE B 553 -19.89 50.19 -52.55
CA ILE B 553 -20.56 49.16 -51.77
C ILE B 553 -19.65 47.95 -51.75
N CYS B 554 -19.25 47.51 -50.55
CA CYS B 554 -18.36 46.37 -50.40
C CYS B 554 -18.79 45.55 -49.19
N GLY B 555 -18.05 44.47 -48.93
CA GLY B 555 -18.28 43.65 -47.75
C GLY B 555 -18.96 42.32 -48.00
N THR B 556 -19.23 41.95 -49.26
CA THR B 556 -19.83 40.66 -49.50
C THR B 556 -18.86 39.51 -49.23
N VAL B 557 -17.56 39.79 -49.19
CA VAL B 557 -16.54 38.83 -48.77
C VAL B 557 -15.63 39.53 -47.78
N GLY B 558 -15.57 39.01 -46.55
CA GLY B 558 -14.74 39.60 -45.53
C GLY B 558 -15.53 40.10 -44.33
N ASP B 559 -14.88 40.15 -43.17
CA ASP B 559 -15.55 40.61 -41.97
C ASP B 559 -15.81 42.11 -42.03
N TYR B 560 -16.79 42.55 -41.23
CA TYR B 560 -17.25 43.94 -41.32
C TYR B 560 -16.12 44.91 -40.99
N HIS B 561 -15.35 44.63 -39.94
CA HIS B 561 -14.42 45.62 -39.43
C HIS B 561 -13.17 45.76 -40.29
N GLU B 562 -12.89 44.79 -41.16
CA GLU B 562 -11.76 44.94 -42.07
C GLU B 562 -12.05 45.98 -43.14
N HIS B 563 -13.27 45.99 -43.67
CA HIS B 563 -13.65 47.01 -44.63
C HIS B 563 -13.86 48.36 -43.96
N PHE B 564 -14.52 48.36 -42.80
CA PHE B 564 -14.84 49.63 -42.13
C PHE B 564 -13.59 50.41 -41.79
N SER B 565 -12.54 49.72 -41.33
CA SER B 565 -11.28 50.40 -41.00
C SER B 565 -10.77 51.20 -42.18
N VAL B 566 -10.85 50.64 -43.38
CA VAL B 566 -10.44 51.36 -44.58
C VAL B 566 -11.30 52.59 -44.78
N VAL B 567 -12.62 52.42 -44.61
CA VAL B 567 -13.55 53.52 -44.88
C VAL B 567 -13.35 54.65 -43.88
N LYS B 568 -13.20 54.31 -42.59
CA LYS B 568 -13.06 55.33 -41.56
C LYS B 568 -11.81 56.16 -41.78
N ASN B 569 -10.73 55.52 -42.27
CA ASN B 569 -9.45 56.22 -42.41
C ASN B 569 -9.43 57.12 -43.63
N VAL B 570 -10.03 56.68 -44.74
CA VAL B 570 -9.90 57.41 -46.00
C VAL B 570 -10.92 58.54 -46.09
N PHE B 571 -12.20 58.20 -45.93
CA PHE B 571 -13.27 59.16 -46.13
C PHE B 571 -13.42 60.12 -44.96
N GLY B 572 -13.17 59.63 -43.75
CA GLY B 572 -13.30 60.44 -42.56
C GLY B 572 -14.74 60.60 -42.11
N TYR B 573 -14.90 60.99 -40.86
CA TYR B 573 -16.22 61.20 -40.30
C TYR B 573 -16.92 62.37 -41.01
N ARG B 574 -18.22 62.22 -41.23
CA ARG B 574 -19.01 63.33 -41.76
C ARG B 574 -18.89 64.53 -40.84
N ASP B 575 -18.86 65.72 -41.43
CA ASP B 575 -18.72 66.94 -40.63
C ASP B 575 -19.92 67.09 -39.68
N GLY B 576 -19.62 67.45 -38.44
CA GLY B 576 -20.61 67.52 -37.39
C GLY B 576 -20.87 66.22 -36.66
N VAL B 577 -20.03 65.21 -36.86
CA VAL B 577 -20.24 63.89 -36.32
C VAL B 577 -18.91 63.33 -35.84
N HIS B 578 -18.93 62.61 -34.72
CA HIS B 578 -17.71 62.05 -34.17
C HIS B 578 -17.81 60.56 -33.89
N THR B 579 -18.90 59.91 -34.31
CA THR B 579 -19.00 58.47 -34.22
C THR B 579 -19.97 57.97 -35.28
N ALA B 580 -19.71 56.78 -35.79
CA ALA B 580 -20.49 56.17 -36.85
C ALA B 580 -21.23 54.94 -36.34
N GLY B 581 -22.22 54.51 -37.11
CA GLY B 581 -23.08 53.42 -36.69
C GLY B 581 -23.72 52.67 -37.84
N ALA B 582 -24.12 51.44 -37.57
CA ALA B 582 -24.72 50.55 -38.54
C ALA B 582 -26.18 50.28 -38.18
N MET B 583 -27.04 50.25 -39.19
CA MET B 583 -28.46 50.02 -39.01
C MET B 583 -28.92 48.93 -39.95
N ASN B 584 -29.68 47.97 -39.42
CA ASN B 584 -30.21 46.85 -40.18
C ASN B 584 -31.73 46.91 -40.16
N ALA B 585 -32.35 46.81 -41.32
CA ALA B 585 -33.79 46.91 -41.45
C ALA B 585 -34.42 45.52 -41.57
N LEU B 586 -35.56 45.34 -40.91
CA LEU B 586 -36.30 44.09 -40.94
C LEU B 586 -37.79 44.38 -40.95
N LEU B 587 -38.56 43.51 -41.61
CA LEU B 587 -40.00 43.68 -41.71
C LEU B 587 -40.67 42.69 -40.77
N LEU B 588 -41.34 43.21 -39.75
CA LEU B 588 -41.99 42.45 -38.69
C LEU B 588 -43.50 42.50 -38.82
N PRO B 589 -44.22 41.64 -38.10
CA PRO B 589 -45.67 41.87 -37.94
C PRO B 589 -45.96 43.23 -37.34
N SER B 590 -44.99 43.81 -36.64
CA SER B 590 -45.12 45.14 -36.07
C SER B 590 -44.90 46.25 -37.09
N GLY B 591 -44.60 45.91 -38.34
CA GLY B 591 -44.28 46.89 -39.36
C GLY B 591 -42.78 46.96 -39.62
N ASN B 592 -42.42 47.88 -40.51
CA ASN B 592 -41.02 48.14 -40.80
C ASN B 592 -40.30 48.57 -39.53
N THR B 593 -39.27 47.80 -39.15
CA THR B 593 -38.59 48.01 -37.88
C THR B 593 -37.09 48.01 -38.11
N PHE B 594 -36.39 48.86 -37.35
CA PHE B 594 -34.96 49.06 -37.53
C PHE B 594 -34.21 48.71 -36.24
N ILE B 595 -32.94 48.36 -36.39
CA ILE B 595 -32.06 48.06 -35.27
C ILE B 595 -30.71 48.72 -35.50
N ALA B 596 -30.18 49.35 -34.45
CA ALA B 596 -28.86 49.96 -34.47
C ALA B 596 -28.39 50.08 -33.02
N ASP B 597 -27.07 50.01 -32.82
CA ASP B 597 -26.07 49.77 -33.85
C ASP B 597 -25.68 48.29 -33.93
N THR B 598 -25.55 47.77 -35.15
CA THR B 598 -25.41 46.33 -35.34
C THR B 598 -23.95 45.86 -35.40
N TYR B 599 -23.10 46.49 -36.21
CA TYR B 599 -21.76 45.96 -36.46
C TYR B 599 -20.63 46.92 -36.13
N VAL B 600 -20.91 48.11 -35.61
CA VAL B 600 -19.85 49.11 -35.51
C VAL B 600 -19.26 49.18 -34.10
N ASN B 601 -20.08 49.45 -33.11
CA ASN B 601 -19.61 49.82 -31.77
C ASN B 601 -19.97 48.72 -30.78
N ASP B 602 -18.96 48.09 -30.18
CA ASP B 602 -19.21 46.99 -29.26
C ASP B 602 -19.87 47.48 -27.97
N GLU B 603 -19.34 48.55 -27.38
CA GLU B 603 -19.92 49.17 -26.19
C GLU B 603 -20.02 50.67 -26.46
N PRO B 604 -21.10 51.11 -27.09
CA PRO B 604 -21.21 52.53 -27.47
C PRO B 604 -21.31 53.42 -26.25
N ASP B 605 -20.71 54.60 -26.36
CA ASP B 605 -20.77 55.60 -25.30
C ASP B 605 -22.16 56.20 -25.20
N ALA B 606 -22.43 56.81 -24.04
CA ALA B 606 -23.69 57.53 -23.86
C ALA B 606 -23.85 58.62 -24.91
N GLU B 607 -22.78 59.40 -25.14
CA GLU B 607 -22.81 60.40 -26.21
C GLU B 607 -22.83 59.74 -27.57
N GLU B 608 -22.12 58.61 -27.73
CA GLU B 608 -22.11 57.91 -29.01
C GLU B 608 -23.48 57.32 -29.33
N LEU B 609 -24.21 56.85 -28.32
CA LEU B 609 -25.57 56.37 -28.56
C LEU B 609 -26.48 57.49 -29.03
N ALA B 610 -26.24 58.73 -28.58
CA ALA B 610 -27.06 59.85 -29.00
C ALA B 610 -26.87 60.15 -30.48
N GLU B 611 -25.62 60.23 -30.94
CA GLU B 611 -25.37 60.52 -32.35
C GLU B 611 -25.94 59.43 -33.25
N ILE B 612 -25.96 58.18 -32.78
CA ILE B 612 -26.55 57.10 -33.55
C ILE B 612 -28.05 57.30 -33.73
N THR B 613 -28.74 57.56 -32.62
CA THR B 613 -30.20 57.72 -32.67
C THR B 613 -30.61 58.85 -33.62
N LEU B 614 -29.93 59.99 -33.51
CA LEU B 614 -30.29 61.14 -34.33
C LEU B 614 -30.15 60.82 -35.81
N MET B 615 -29.03 60.19 -36.19
CA MET B 615 -28.82 59.88 -37.60
C MET B 615 -29.80 58.83 -38.09
N ALA B 616 -30.09 57.83 -37.27
CA ALA B 616 -31.08 56.82 -37.65
C ALA B 616 -32.46 57.44 -37.82
N ALA B 617 -32.80 58.40 -36.96
CA ALA B 617 -34.06 59.12 -37.11
C ALA B 617 -34.08 59.90 -38.41
N GLU B 618 -32.98 60.57 -38.74
CA GLU B 618 -32.94 61.33 -39.99
C GLU B 618 -33.03 60.41 -41.21
N THR B 619 -32.33 59.27 -41.16
CA THR B 619 -32.35 58.36 -42.29
C THR B 619 -33.73 57.73 -42.48
N VAL B 620 -34.41 57.40 -41.38
CA VAL B 620 -35.76 56.85 -41.50
C VAL B 620 -36.71 57.90 -42.03
N ARG B 621 -36.58 59.16 -41.58
CA ARG B 621 -37.36 60.25 -42.17
C ARG B 621 -37.09 60.34 -43.67
N ARG B 622 -35.83 60.20 -44.07
CA ARG B 622 -35.48 60.32 -45.48
C ARG B 622 -36.13 59.22 -46.31
N PHE B 623 -36.30 58.02 -45.73
CA PHE B 623 -37.01 56.96 -46.45
C PHE B 623 -38.47 57.30 -46.63
N GLY B 624 -39.05 58.05 -45.70
CA GLY B 624 -40.46 58.40 -45.73
C GLY B 624 -41.24 57.96 -44.52
N ILE B 625 -40.66 57.14 -43.64
CA ILE B 625 -41.37 56.60 -42.48
C ILE B 625 -41.22 57.57 -41.31
N GLU B 626 -42.28 57.68 -40.52
CA GLU B 626 -42.26 58.52 -39.33
C GLU B 626 -41.29 57.93 -38.30
N PRO B 627 -40.37 58.73 -37.75
CA PRO B 627 -39.40 58.19 -36.80
C PRO B 627 -39.96 58.02 -35.39
N ARG B 628 -40.31 56.79 -35.04
CA ARG B 628 -40.77 56.43 -33.69
C ARG B 628 -39.65 55.61 -33.05
N VAL B 629 -38.90 56.23 -32.15
CA VAL B 629 -37.67 55.68 -31.61
C VAL B 629 -37.93 55.06 -30.25
N ALA B 630 -37.14 54.04 -29.90
CA ALA B 630 -37.26 53.38 -28.61
C ALA B 630 -35.89 52.92 -28.15
N LEU B 631 -35.44 53.43 -27.00
CA LEU B 631 -34.18 52.98 -26.41
C LEU B 631 -34.45 51.73 -25.57
N LEU B 632 -33.87 50.61 -26.00
CA LEU B 632 -34.15 49.32 -25.40
C LEU B 632 -33.13 48.99 -24.32
N SER B 633 -33.55 48.19 -23.35
CA SER B 633 -32.66 47.76 -22.28
C SER B 633 -33.33 46.62 -21.53
N HIS B 634 -32.55 45.96 -20.67
CA HIS B 634 -33.13 44.97 -19.78
C HIS B 634 -33.93 45.62 -18.67
N SER B 635 -33.66 46.89 -18.38
CA SER B 635 -34.38 47.61 -17.35
C SER B 635 -35.67 48.20 -17.91
N ASN B 636 -36.75 48.10 -17.12
CA ASN B 636 -38.05 48.63 -17.50
C ASN B 636 -38.24 49.96 -16.78
N PHE B 637 -37.89 51.04 -17.47
CA PHE B 637 -38.08 52.40 -16.97
C PHE B 637 -37.46 52.59 -15.58
N GLY B 638 -36.18 52.28 -15.47
CA GLY B 638 -35.48 52.46 -14.21
C GLY B 638 -35.63 51.34 -13.21
N SER B 639 -36.06 50.15 -13.64
CA SER B 639 -36.19 49.03 -12.71
C SER B 639 -34.82 48.54 -12.22
N SER B 640 -33.78 48.68 -13.04
CA SER B 640 -32.42 48.33 -12.67
C SER B 640 -31.50 49.50 -12.97
N ASP B 641 -30.66 49.86 -12.00
CA ASP B 641 -29.80 51.04 -12.09
C ASP B 641 -28.36 50.69 -12.46
N CYS B 642 -28.17 49.66 -13.28
CA CYS B 642 -26.84 49.26 -13.72
C CYS B 642 -26.25 50.30 -14.67
N PRO B 643 -24.93 50.27 -14.89
CA PRO B 643 -24.31 51.28 -15.76
C PRO B 643 -24.83 51.29 -17.19
N SER B 644 -25.27 50.13 -17.70
CA SER B 644 -25.70 50.07 -19.10
C SER B 644 -27.09 50.64 -19.29
N SER B 645 -28.00 50.39 -18.34
CA SER B 645 -29.32 51.01 -18.41
C SER B 645 -29.23 52.50 -18.13
N SER B 646 -28.36 52.91 -17.20
CA SER B 646 -28.16 54.33 -16.93
C SER B 646 -27.68 55.06 -18.17
N LYS B 647 -26.85 54.40 -18.99
CA LYS B 647 -26.33 55.01 -20.19
C LYS B 647 -27.45 55.43 -21.13
N MET B 648 -28.50 54.61 -21.24
CA MET B 648 -29.61 54.95 -22.12
C MET B 648 -30.32 56.22 -21.65
N ARG B 649 -30.55 56.35 -20.34
CA ARG B 649 -31.31 57.48 -19.83
C ARG B 649 -30.56 58.80 -20.02
N GLN B 650 -29.24 58.78 -19.87
CA GLN B 650 -28.44 59.97 -20.18
C GLN B 650 -28.54 60.31 -21.65
N ALA B 651 -28.45 59.29 -22.52
CA ALA B 651 -28.58 59.53 -23.95
C ALA B 651 -29.92 60.17 -24.27
N LEU B 652 -30.98 59.75 -23.58
CA LEU B 652 -32.30 60.34 -23.82
C LEU B 652 -32.28 61.84 -23.59
N GLU B 653 -31.70 62.28 -22.47
CA GLU B 653 -31.72 63.70 -22.15
C GLU B 653 -30.83 64.50 -23.10
N LEU B 654 -29.78 63.88 -23.64
CA LEU B 654 -28.96 64.58 -24.63
C LEU B 654 -29.67 64.70 -25.96
N VAL B 655 -30.50 63.72 -26.31
CA VAL B 655 -31.21 63.78 -27.58
C VAL B 655 -32.35 64.78 -27.52
N ARG B 656 -33.07 64.83 -26.39
CA ARG B 656 -34.22 65.72 -26.27
C ARG B 656 -33.82 67.18 -26.38
N GLU B 657 -32.60 67.53 -25.96
CA GLU B 657 -32.13 68.90 -26.11
C GLU B 657 -31.66 69.21 -27.53
N ARG B 658 -31.14 68.21 -28.24
CA ARG B 658 -30.65 68.43 -29.60
C ARG B 658 -31.78 68.46 -30.62
N ALA B 659 -32.79 67.61 -30.46
CA ALA B 659 -33.92 67.52 -31.39
C ALA B 659 -35.18 67.23 -30.59
N PRO B 660 -35.82 68.26 -30.03
CA PRO B 660 -37.02 68.01 -29.22
C PRO B 660 -38.16 67.43 -30.03
N GLU B 661 -38.24 67.74 -31.33
CA GLU B 661 -39.35 67.28 -32.16
C GLU B 661 -39.36 65.77 -32.32
N LEU B 662 -38.24 65.10 -32.07
CA LEU B 662 -38.17 63.66 -32.27
C LEU B 662 -38.93 62.93 -31.16
N MET B 663 -39.70 61.92 -31.58
CA MET B 663 -40.47 61.08 -30.65
C MET B 663 -39.58 59.93 -30.20
N ILE B 664 -39.32 59.84 -28.89
CA ILE B 664 -38.41 58.84 -28.36
C ILE B 664 -38.69 58.67 -26.87
N ASP B 665 -38.56 57.44 -26.39
CA ASP B 665 -38.76 57.16 -24.98
C ASP B 665 -37.98 55.91 -24.59
N GLY B 666 -37.36 55.95 -23.42
CA GLY B 666 -36.62 54.82 -22.87
C GLY B 666 -36.26 55.12 -21.43
N GLU B 667 -35.69 54.12 -20.76
CA GLU B 667 -35.46 52.79 -21.31
C GLU B 667 -36.68 51.91 -21.09
N MET B 668 -36.89 50.93 -21.97
CA MET B 668 -38.05 50.07 -21.86
C MET B 668 -37.68 48.67 -22.34
N HIS B 669 -38.43 47.69 -21.84
CA HIS B 669 -38.36 46.33 -22.37
C HIS B 669 -38.61 46.35 -23.86
N GLY B 670 -38.15 45.30 -24.56
CA GLY B 670 -38.43 45.21 -25.99
C GLY B 670 -39.92 45.21 -26.28
N ASP B 671 -40.67 44.39 -25.53
CA ASP B 671 -42.11 44.28 -25.79
C ASP B 671 -42.80 45.63 -25.67
N ALA B 672 -42.35 46.46 -24.73
CA ALA B 672 -42.97 47.77 -24.55
C ALA B 672 -42.78 48.66 -25.76
N ALA B 673 -41.77 48.39 -26.58
CA ALA B 673 -41.50 49.24 -27.73
C ALA B 673 -42.33 48.84 -28.95
N LEU B 674 -42.80 47.61 -29.01
CA LEU B 674 -43.53 47.12 -30.17
C LEU B 674 -45.03 47.04 -29.93
N VAL B 675 -45.45 46.85 -28.69
CA VAL B 675 -46.86 46.71 -28.33
C VAL B 675 -47.25 47.93 -27.51
N GLU B 676 -48.16 48.74 -28.07
CA GLU B 676 -48.58 49.95 -27.37
C GLU B 676 -49.29 49.63 -26.07
N ALA B 677 -50.04 48.53 -26.03
CA ALA B 677 -50.80 48.18 -24.84
C ALA B 677 -49.89 47.91 -23.66
N ILE B 678 -48.73 47.31 -23.91
CA ILE B 678 -47.79 47.04 -22.82
C ILE B 678 -47.17 48.34 -22.33
N ARG B 679 -46.86 49.25 -23.24
CA ARG B 679 -46.20 50.50 -22.85
C ARG B 679 -47.15 51.43 -22.09
N ASN B 680 -48.45 51.43 -22.43
CA ASN B 680 -49.38 52.29 -21.73
C ASN B 680 -49.73 51.79 -20.33
N ASP B 681 -49.54 50.50 -20.05
CA ASP B 681 -49.76 50.03 -18.69
C ASP B 681 -48.57 50.36 -17.80
N ARG B 682 -47.35 50.30 -18.34
CA ARG B 682 -46.16 50.62 -17.57
C ARG B 682 -45.97 52.12 -17.40
N MET B 683 -46.34 52.91 -18.41
CA MET B 683 -46.31 54.37 -18.30
C MET B 683 -47.20 55.00 -19.37
N PRO B 684 -48.40 55.47 -18.99
CA PRO B 684 -49.28 56.08 -20.00
C PRO B 684 -48.80 57.40 -20.53
N ASP B 685 -48.09 58.19 -19.72
CA ASP B 685 -47.61 59.51 -20.16
C ASP B 685 -46.50 59.42 -21.20
N SER B 686 -46.03 58.22 -21.52
CA SER B 686 -44.92 58.07 -22.45
C SER B 686 -45.25 58.75 -23.78
N SER B 687 -44.26 59.47 -24.33
CA SER B 687 -44.45 60.20 -25.57
C SER B 687 -44.47 59.30 -26.80
N LEU B 688 -43.86 58.11 -26.72
CA LEU B 688 -43.91 57.17 -27.83
C LEU B 688 -45.32 56.66 -28.05
N LYS B 689 -45.74 56.62 -29.32
CA LYS B 689 -47.11 56.24 -29.67
C LYS B 689 -47.06 55.10 -30.68
N GLY B 690 -47.58 53.94 -30.29
CA GLY B 690 -47.67 52.79 -31.17
C GLY B 690 -46.43 51.93 -31.15
N SER B 691 -46.33 51.07 -32.15
CA SER B 691 -45.11 50.32 -32.36
C SER B 691 -43.99 51.27 -32.78
N ALA B 692 -42.80 51.06 -32.22
CA ALA B 692 -41.64 51.88 -32.54
C ALA B 692 -40.87 51.25 -33.69
N ASN B 693 -40.55 52.04 -34.70
CA ASN B 693 -39.87 51.55 -35.88
C ASN B 693 -38.35 51.52 -35.74
N ILE B 694 -37.78 52.42 -34.93
CA ILE B 694 -36.34 52.44 -34.69
C ILE B 694 -36.07 51.90 -33.30
N LEU B 695 -35.18 50.91 -33.22
CA LEU B 695 -34.77 50.32 -31.95
C LEU B 695 -33.27 50.50 -31.78
N VAL B 696 -32.87 51.13 -30.68
CA VAL B 696 -31.47 51.36 -30.37
C VAL B 696 -31.05 50.41 -29.25
N MET B 697 -30.01 49.63 -29.50
CA MET B 697 -29.46 48.61 -28.61
C MET B 697 -28.37 49.19 -27.72
N PRO B 698 -28.31 48.76 -26.46
CA PRO B 698 -27.27 49.26 -25.56
C PRO B 698 -25.87 48.84 -25.96
N ASN B 699 -25.71 47.65 -26.53
CA ASN B 699 -24.41 47.18 -27.01
C ASN B 699 -24.61 46.43 -28.31
N MET B 700 -23.50 46.26 -29.05
CA MET B 700 -23.56 45.53 -30.32
C MET B 700 -24.09 44.12 -30.12
N GLU B 701 -23.63 43.43 -29.07
CA GLU B 701 -24.02 42.04 -28.86
C GLU B 701 -25.54 41.89 -28.80
N ALA B 702 -26.22 42.83 -28.14
CA ALA B 702 -27.68 42.80 -28.10
C ALA B 702 -28.26 42.96 -29.50
N ALA B 703 -27.60 43.72 -30.36
CA ALA B 703 -28.13 43.98 -31.69
C ALA B 703 -28.04 42.75 -32.58
N ARG B 704 -26.82 42.25 -32.82
CA ARG B 704 -26.65 41.15 -33.77
C ARG B 704 -27.35 39.89 -33.30
N ILE B 705 -27.40 39.65 -32.00
CA ILE B 705 -28.14 38.49 -31.51
C ILE B 705 -29.64 38.69 -31.75
N SER B 706 -30.14 39.91 -31.56
CA SER B 706 -31.55 40.17 -31.81
C SER B 706 -31.85 40.17 -33.31
N TYR B 707 -31.07 40.93 -34.09
CA TYR B 707 -31.38 41.06 -35.51
C TYR B 707 -31.31 39.72 -36.21
N ASN B 708 -30.25 38.95 -35.97
CA ASN B 708 -30.12 37.66 -36.64
C ASN B 708 -31.29 36.74 -36.29
N LEU B 709 -31.58 36.61 -34.99
CA LEU B 709 -32.69 35.76 -34.57
C LEU B 709 -34.01 36.21 -35.19
N LEU B 710 -34.21 37.53 -35.29
CA LEU B 710 -35.47 38.04 -35.83
C LEU B 710 -35.60 37.75 -37.32
N ARG B 711 -34.49 37.80 -38.06
CA ARG B 711 -34.56 37.57 -39.50
C ARG B 711 -35.10 36.18 -39.81
N VAL B 712 -34.77 35.19 -38.98
CA VAL B 712 -35.34 33.87 -39.14
C VAL B 712 -36.67 33.74 -38.41
N SER B 713 -37.01 34.68 -37.52
CA SER B 713 -38.27 34.66 -36.81
C SER B 713 -39.40 35.32 -37.60
N SER B 714 -39.09 36.42 -38.29
CA SER B 714 -40.03 37.08 -39.19
C SER B 714 -39.47 36.96 -40.61
N SER B 715 -39.91 35.92 -41.31
CA SER B 715 -39.46 35.65 -42.67
C SER B 715 -40.09 36.66 -43.62
N GLU B 716 -39.30 37.64 -44.07
CA GLU B 716 -39.77 38.57 -45.08
C GLU B 716 -38.59 39.03 -45.92
N GLY B 717 -38.91 39.52 -47.12
CA GLY B 717 -37.88 39.89 -48.06
C GLY B 717 -36.99 40.98 -47.50
N VAL B 718 -35.72 40.93 -47.93
CA VAL B 718 -34.75 41.90 -47.46
C VAL B 718 -35.11 43.28 -47.99
N THR B 719 -35.40 44.20 -47.08
CA THR B 719 -35.59 45.59 -47.47
C THR B 719 -34.25 46.28 -47.64
N VAL B 720 -33.46 46.32 -46.58
CA VAL B 720 -32.20 47.05 -46.55
C VAL B 720 -31.18 46.25 -45.74
N GLY B 721 -29.93 46.20 -46.24
CA GLY B 721 -28.85 45.58 -45.52
C GLY B 721 -28.25 46.50 -44.46
N PRO B 722 -27.08 46.15 -43.94
CA PRO B 722 -26.46 46.96 -42.88
C PRO B 722 -26.08 48.37 -43.32
N VAL B 723 -26.92 49.35 -42.98
CA VAL B 723 -26.68 50.73 -43.39
C VAL B 723 -25.55 51.34 -42.57
N LEU B 724 -24.60 51.96 -43.26
CA LEU B 724 -23.57 52.76 -42.59
C LEU B 724 -24.00 54.22 -42.54
N MET B 725 -23.83 54.84 -41.37
CA MET B 725 -24.15 56.25 -41.16
C MET B 725 -22.98 56.94 -40.50
N GLY B 726 -22.72 58.19 -40.91
CA GLY B 726 -21.70 59.00 -40.29
C GLY B 726 -20.39 59.12 -41.06
N VAL B 727 -20.36 58.69 -42.31
CA VAL B 727 -19.16 58.75 -43.15
C VAL B 727 -19.36 59.84 -44.19
N ALA B 728 -18.29 60.58 -44.49
CA ALA B 728 -18.41 61.74 -45.37
C ALA B 728 -18.80 61.35 -46.79
N LYS B 729 -18.36 60.18 -47.26
CA LYS B 729 -18.71 59.76 -48.60
C LYS B 729 -19.71 58.61 -48.57
N PRO B 730 -20.64 58.57 -49.53
CA PRO B 730 -21.70 57.54 -49.50
C PRO B 730 -21.16 56.12 -49.66
N VAL B 731 -21.09 55.39 -48.56
CA VAL B 731 -20.53 54.04 -48.53
C VAL B 731 -21.40 53.18 -47.63
N HIS B 732 -21.53 51.91 -47.99
CA HIS B 732 -22.24 50.94 -47.15
C HIS B 732 -21.52 49.61 -47.21
N VAL B 733 -21.51 48.90 -46.09
CA VAL B 733 -20.79 47.64 -45.95
C VAL B 733 -21.78 46.54 -45.57
N LEU B 734 -21.64 45.38 -46.21
CA LEU B 734 -22.58 44.28 -46.09
C LEU B 734 -21.90 43.07 -45.46
N THR B 735 -22.72 42.10 -45.08
CA THR B 735 -22.25 40.81 -44.59
C THR B 735 -22.18 39.82 -45.74
N PRO B 736 -21.38 38.75 -45.59
CA PRO B 736 -21.27 37.76 -46.67
C PRO B 736 -22.51 36.90 -46.88
N ILE B 737 -23.54 37.00 -46.05
CA ILE B 737 -24.77 36.25 -46.23
C ILE B 737 -25.86 37.08 -46.90
N ALA B 738 -25.48 38.15 -47.58
CA ALA B 738 -26.44 39.03 -48.21
C ALA B 738 -26.84 38.50 -49.58
N SER B 739 -28.14 38.56 -49.87
CA SER B 739 -28.65 38.13 -51.17
C SER B 739 -28.32 39.18 -52.24
N VAL B 740 -28.41 38.76 -53.50
CA VAL B 740 -28.17 39.69 -54.60
C VAL B 740 -29.16 40.84 -54.54
N ARG B 741 -30.42 40.54 -54.24
CA ARG B 741 -31.41 41.60 -54.06
C ARG B 741 -30.97 42.57 -52.96
N ARG B 742 -30.45 42.04 -51.85
CA ARG B 742 -29.89 42.89 -50.81
C ARG B 742 -28.82 43.81 -51.37
N ILE B 743 -27.99 43.29 -52.29
CA ILE B 743 -26.94 44.11 -52.89
C ILE B 743 -27.54 45.21 -53.76
N VAL B 744 -28.53 44.85 -54.58
CA VAL B 744 -29.13 45.83 -55.48
C VAL B 744 -29.69 47.00 -54.68
N ASN B 745 -30.46 46.71 -53.63
CA ASN B 745 -31.06 47.75 -52.80
C ASN B 745 -29.99 48.68 -52.25
N MET B 746 -28.96 48.11 -51.61
CA MET B 746 -27.93 48.94 -50.98
C MET B 746 -27.22 49.80 -52.01
N VAL B 747 -27.01 49.28 -53.22
CA VAL B 747 -26.38 50.10 -54.26
C VAL B 747 -27.31 51.24 -54.66
N ALA B 748 -28.61 50.99 -54.69
CA ALA B 748 -29.56 52.05 -54.95
C ALA B 748 -29.52 53.10 -53.85
N LEU B 749 -29.59 52.66 -52.59
CA LEU B 749 -29.51 53.58 -51.45
C LEU B 749 -28.26 54.43 -51.51
N ALA B 750 -27.16 53.89 -52.06
CA ALA B 750 -25.93 54.67 -52.17
C ALA B 750 -26.05 55.72 -53.26
N VAL B 751 -26.43 55.30 -54.47
CA VAL B 751 -26.62 56.25 -55.57
C VAL B 751 -27.58 57.35 -55.16
N VAL B 752 -28.66 56.95 -54.48
CA VAL B 752 -29.67 57.90 -54.03
C VAL B 752 -29.04 58.89 -53.04
N GLU B 753 -28.31 58.38 -52.05
CA GLU B 753 -27.60 59.27 -51.13
C GLU B 753 -26.54 60.08 -51.85
N ALA B 754 -25.94 59.51 -52.90
CA ALA B 754 -24.85 60.20 -53.60
C ALA B 754 -25.33 61.37 -54.43
N GLN B 755 -26.61 61.40 -54.84
CA GLN B 755 -27.11 62.54 -55.59
C GLN B 755 -27.05 63.82 -54.77
N THR B 756 -27.49 63.75 -53.51
CA THR B 756 -27.35 64.88 -52.61
C THR B 756 -25.91 64.94 -52.07
N GLN B 757 -25.44 66.16 -51.84
CA GLN B 757 -24.06 66.36 -51.41
C GLN B 757 -23.89 67.66 -50.61
N ASP C 2 13.77 53.93 53.25
CA ASP C 2 14.39 54.28 51.97
C ASP C 2 14.24 55.76 51.64
N ASP C 3 14.85 56.18 50.54
CA ASP C 3 14.78 57.56 50.10
C ASP C 3 14.28 57.74 48.66
N GLN C 4 14.28 56.69 47.84
CA GLN C 4 13.65 56.76 46.53
C GLN C 4 12.25 56.14 46.52
N LEU C 5 12.05 55.02 47.22
CA LEU C 5 10.70 54.49 47.38
C LEU C 5 9.88 55.31 48.36
N LYS C 6 10.50 56.29 49.03
CA LYS C 6 9.80 57.21 49.92
C LYS C 6 9.71 58.61 49.35
N GLN C 7 10.41 58.90 48.26
CA GLN C 7 10.21 60.14 47.53
C GLN C 7 9.23 59.95 46.38
N SER C 8 9.41 58.88 45.60
CA SER C 8 8.47 58.55 44.54
C SER C 8 7.07 58.33 45.07
N ALA C 9 6.94 57.98 46.36
CA ALA C 9 5.62 57.89 46.97
C ALA C 9 5.02 59.29 47.14
N LEU C 10 5.84 60.28 47.47
CA LEU C 10 5.33 61.64 47.64
C LEU C 10 4.92 62.27 46.31
N ASP C 11 5.62 61.93 45.23
CA ASP C 11 5.21 62.43 43.92
C ASP C 11 3.96 61.70 43.44
N PHE C 12 3.74 60.47 43.92
CA PHE C 12 2.60 59.68 43.49
C PHE C 12 1.28 60.30 43.94
N HIS C 13 1.27 60.95 45.10
CA HIS C 13 0.06 61.59 45.62
C HIS C 13 -0.13 63.01 45.10
N GLU C 14 0.95 63.66 44.67
CA GLU C 14 0.89 65.08 44.32
C GLU C 14 0.31 65.29 42.93
N PHE C 15 0.95 64.69 41.92
CA PHE C 15 0.55 64.83 40.53
C PHE C 15 -0.13 63.56 40.03
N PRO C 16 -0.94 63.66 38.94
CA PRO C 16 -1.31 64.88 38.21
C PRO C 16 -2.38 65.73 38.88
N VAL C 17 -3.10 65.17 39.86
CA VAL C 17 -4.07 65.94 40.63
C VAL C 17 -3.90 65.56 42.10
N PRO C 18 -3.96 66.53 43.02
CA PRO C 18 -3.90 66.20 44.45
C PRO C 18 -4.94 65.17 44.83
N GLY C 19 -4.57 64.29 45.75
CA GLY C 19 -5.49 63.30 46.26
C GLY C 19 -5.42 61.98 45.53
N LYS C 20 -6.25 61.04 45.98
CA LYS C 20 -6.31 59.71 45.40
C LYS C 20 -7.71 59.26 45.04
N ILE C 21 -8.75 60.04 45.35
CA ILE C 21 -10.13 59.67 45.06
C ILE C 21 -10.87 60.87 44.51
N GLN C 22 -12.06 60.61 43.95
CA GLN C 22 -12.94 61.64 43.45
C GLN C 22 -14.37 61.13 43.48
N VAL C 23 -15.30 62.05 43.69
CA VAL C 23 -16.73 61.73 43.63
C VAL C 23 -17.16 61.81 42.18
N SER C 24 -17.67 60.70 41.65
CA SER C 24 -18.05 60.64 40.25
C SER C 24 -19.54 60.37 40.10
N PRO C 25 -20.22 61.07 39.20
CA PRO C 25 -21.63 60.75 38.93
C PRO C 25 -21.75 59.38 38.26
N THR C 26 -22.82 58.67 38.62
CA THR C 26 -23.15 57.38 38.01
C THR C 26 -24.34 57.48 37.07
N LYS C 27 -25.07 58.60 37.08
CA LYS C 27 -26.31 58.76 36.36
C LYS C 27 -26.15 59.86 35.32
N PRO C 28 -26.89 59.80 34.21
CA PRO C 28 -26.74 60.81 33.17
C PRO C 28 -27.13 62.20 33.65
N LEU C 29 -26.38 63.19 33.18
CA LEU C 29 -26.64 64.59 33.50
C LEU C 29 -26.23 65.45 32.30
N ALA C 30 -26.93 65.28 31.17
CA ALA C 30 -26.62 66.01 29.96
C ALA C 30 -27.71 66.97 29.53
N THR C 31 -28.97 66.65 29.81
CA THR C 31 -30.10 67.46 29.44
C THR C 31 -30.68 68.12 30.68
N GLN C 32 -31.41 69.21 30.46
CA GLN C 32 -32.00 69.90 31.60
C GLN C 32 -33.04 69.04 32.30
N ARG C 33 -33.74 68.17 31.57
CA ARG C 33 -34.65 67.25 32.21
C ARG C 33 -33.90 66.25 33.08
N ASP C 34 -32.74 65.77 32.58
CA ASP C 34 -31.92 64.85 33.36
C ASP C 34 -31.51 65.48 34.69
N LEU C 35 -31.19 66.78 34.68
CA LEU C 35 -30.89 67.49 35.91
C LEU C 35 -32.12 67.59 36.80
N ALA C 36 -33.28 67.92 36.21
CA ALA C 36 -34.51 68.03 36.98
C ALA C 36 -34.82 66.71 37.70
N LEU C 37 -34.65 65.59 37.00
CA LEU C 37 -34.91 64.30 37.63
C LEU C 37 -33.95 64.03 38.78
N ALA C 38 -32.72 64.55 38.70
CA ALA C 38 -31.74 64.27 39.74
C ALA C 38 -31.99 65.10 40.99
N TYR C 39 -32.34 66.37 40.83
CA TYR C 39 -32.55 67.26 41.97
C TYR C 39 -33.98 67.78 41.98
N SER C 40 -34.15 69.09 42.05
CA SER C 40 -35.49 69.66 42.08
C SER C 40 -36.11 69.56 40.69
N PRO C 41 -37.33 69.01 40.56
CA PRO C 41 -38.09 68.50 41.69
C PRO C 41 -38.09 66.97 41.83
N GLY C 42 -37.63 66.27 40.79
CA GLY C 42 -37.77 64.82 40.74
C GLY C 42 -37.15 64.07 41.89
N VAL C 43 -36.23 64.70 42.62
CA VAL C 43 -35.58 64.02 43.74
C VAL C 43 -36.57 63.73 44.85
N ALA C 44 -37.70 64.43 44.89
CA ALA C 44 -38.63 64.25 46.00
C ALA C 44 -39.30 62.88 45.95
N ALA C 45 -39.37 62.28 44.76
CA ALA C 45 -40.05 60.99 44.65
C ALA C 45 -39.29 59.87 45.33
N PRO C 46 -37.97 59.68 45.10
CA PRO C 46 -37.27 58.64 45.86
C PRO C 46 -37.16 58.93 47.34
N CYS C 47 -37.30 60.18 47.76
CA CYS C 47 -37.25 60.51 49.17
C CYS C 47 -38.54 60.15 49.88
N LEU C 48 -39.69 60.42 49.26
CA LEU C 48 -40.97 60.09 49.87
C LEU C 48 -41.16 58.58 50.02
N GLU C 49 -40.52 57.79 49.14
CA GLU C 49 -40.59 56.33 49.28
C GLU C 49 -39.79 55.84 50.47
N ILE C 50 -38.75 56.59 50.88
CA ILE C 50 -37.98 56.22 52.07
C ILE C 50 -38.64 56.72 53.35
N GLU C 51 -39.53 57.71 53.25
CA GLU C 51 -40.32 58.10 54.41
C GLU C 51 -41.38 57.04 54.73
N LYS C 52 -41.80 56.26 53.74
CA LYS C 52 -42.72 55.16 53.97
C LYS C 52 -41.98 53.94 54.53
N ASP C 53 -40.78 53.65 54.01
CA ASP C 53 -40.02 52.48 54.41
C ASP C 53 -38.52 52.75 54.27
N PRO C 54 -37.75 52.74 55.36
CA PRO C 54 -36.30 52.91 55.25
C PRO C 54 -35.60 51.78 54.52
N LEU C 55 -36.26 50.64 54.31
CA LEU C 55 -35.64 49.55 53.58
C LEU C 55 -35.48 49.87 52.10
N LYS C 56 -36.31 50.76 51.56
CA LYS C 56 -36.17 51.16 50.16
C LYS C 56 -34.92 51.99 49.91
N ALA C 57 -34.08 52.20 50.92
CA ALA C 57 -32.91 53.06 50.77
C ALA C 57 -31.90 52.42 49.82
N TYR C 58 -31.42 51.22 50.15
CA TYR C 58 -30.43 50.53 49.32
C TYR C 58 -30.86 50.48 47.86
N LYS C 59 -32.17 50.50 47.59
CA LYS C 59 -32.68 50.48 46.23
C LYS C 59 -32.52 51.82 45.53
N TYR C 60 -32.60 52.93 46.28
CA TYR C 60 -32.60 54.26 45.70
C TYR C 60 -31.37 55.10 46.01
N THR C 61 -30.47 54.62 46.88
CA THR C 61 -29.33 55.41 47.32
C THR C 61 -28.04 54.59 47.19
N ALA C 62 -26.93 55.22 47.57
CA ALA C 62 -25.62 54.61 47.40
C ALA C 62 -25.27 53.65 48.53
N ARG C 63 -25.99 53.68 49.65
CA ARG C 63 -25.79 52.67 50.67
C ARG C 63 -26.08 51.29 50.09
N GLY C 64 -25.60 50.25 50.76
CA GLY C 64 -25.57 48.94 50.14
C GLY C 64 -24.42 48.76 49.18
N ASN C 65 -23.66 49.84 48.90
CA ASN C 65 -22.40 49.78 48.18
C ASN C 65 -21.44 50.81 48.74
N LEU C 66 -21.72 51.34 49.92
CA LEU C 66 -20.99 52.45 50.51
C LEU C 66 -20.59 52.08 51.93
N VAL C 67 -19.34 52.35 52.29
CA VAL C 67 -18.80 52.03 53.60
C VAL C 67 -17.84 53.14 54.00
N ALA C 68 -17.81 53.48 55.29
CA ALA C 68 -16.96 54.55 55.80
C ALA C 68 -15.78 53.97 56.56
N VAL C 69 -14.58 54.40 56.21
CA VAL C 69 -13.36 54.05 56.94
C VAL C 69 -13.00 55.24 57.81
N ILE C 70 -13.10 55.05 59.13
CA ILE C 70 -12.99 56.13 60.11
C ILE C 70 -11.77 55.90 60.98
N SER C 71 -11.04 56.98 61.27
CA SER C 71 -9.85 56.91 62.11
C SER C 71 -9.72 58.21 62.90
N ASN C 72 -8.93 58.15 63.97
CA ASN C 72 -8.62 59.32 64.77
C ASN C 72 -7.14 59.70 64.72
N GLY C 73 -6.28 58.82 64.22
CA GLY C 73 -4.86 59.09 64.13
C GLY C 73 -4.08 58.77 65.40
N THR C 74 -4.31 57.59 65.97
CA THR C 74 -3.63 57.16 67.19
C THR C 74 -2.73 55.94 66.98
N ALA C 75 -2.89 55.21 65.89
CA ALA C 75 -2.10 54.01 65.63
C ALA C 75 -2.02 53.79 64.11
N VAL C 76 -1.41 54.75 63.41
CA VAL C 76 -1.34 54.73 61.95
C VAL C 76 -0.19 53.79 61.56
N LEU C 77 -0.54 52.58 61.13
CA LEU C 77 0.44 51.56 60.72
C LEU C 77 1.50 51.37 61.79
N GLY C 78 2.74 51.74 61.48
CA GLY C 78 3.82 51.73 62.44
C GLY C 78 4.20 53.08 62.98
N LEU C 79 3.56 54.15 62.52
CA LEU C 79 3.95 55.50 62.93
C LEU C 79 3.38 55.87 64.29
N GLY C 80 2.20 55.35 64.63
CA GLY C 80 1.58 55.67 65.91
C GLY C 80 0.65 56.86 65.84
N ASN C 81 0.55 57.61 66.93
CA ASN C 81 -0.35 58.76 67.01
C ASN C 81 0.31 59.94 66.31
N ILE C 82 -0.22 60.32 65.15
CA ILE C 82 0.31 61.42 64.35
C ILE C 82 -0.70 62.51 64.08
N GLY C 83 -1.94 62.34 64.53
CA GLY C 83 -3.00 63.27 64.25
C GLY C 83 -4.00 62.67 63.27
N ALA C 84 -5.24 63.11 63.36
CA ALA C 84 -6.28 62.61 62.46
C ALA C 84 -6.06 63.11 61.04
N LEU C 85 -5.56 64.33 60.89
CA LEU C 85 -5.30 64.88 59.57
C LEU C 85 -4.17 64.14 58.87
N ALA C 86 -3.08 63.87 59.59
CA ALA C 86 -1.95 63.18 59.00
C ALA C 86 -2.30 61.78 58.55
N GLY C 87 -3.35 61.17 59.10
CA GLY C 87 -3.74 59.85 58.70
C GLY C 87 -4.68 59.78 57.51
N LYS C 88 -4.97 60.93 56.90
CA LYS C 88 -5.88 60.94 55.75
C LYS C 88 -5.37 60.11 54.58
N PRO C 89 -4.11 60.23 54.14
CA PRO C 89 -3.68 59.43 52.98
C PRO C 89 -3.79 57.93 53.19
N VAL C 90 -3.72 57.46 54.44
CA VAL C 90 -3.94 56.03 54.68
C VAL C 90 -5.42 55.67 54.52
N MET C 91 -6.31 56.59 54.89
CA MET C 91 -7.74 56.30 54.77
C MET C 91 -8.20 56.33 53.31
N GLU C 92 -7.60 57.20 52.49
CA GLU C 92 -7.88 57.16 51.07
C GLU C 92 -7.41 55.85 50.45
N GLY C 93 -6.18 55.44 50.78
CA GLY C 93 -5.67 54.19 50.26
C GLY C 93 -6.46 52.99 50.72
N LYS C 94 -7.08 53.08 51.90
CA LYS C 94 -7.98 52.01 52.34
C LYS C 94 -9.14 51.85 51.38
N GLY C 95 -9.95 52.90 51.23
CA GLY C 95 -11.16 52.78 50.43
C GLY C 95 -10.85 52.53 48.97
N VAL C 96 -9.66 52.92 48.52
CA VAL C 96 -9.33 52.70 47.12
C VAL C 96 -9.01 51.22 46.90
N LEU C 97 -8.59 50.51 47.95
CA LEU C 97 -8.49 49.06 47.85
C LEU C 97 -9.86 48.41 47.91
N PHE C 98 -10.76 48.97 48.74
CA PHE C 98 -12.14 48.51 48.78
C PHE C 98 -12.76 48.54 47.39
N LYS C 99 -12.52 49.62 46.64
CA LYS C 99 -13.13 49.76 45.34
C LYS C 99 -12.43 48.90 44.28
N LYS C 100 -11.10 48.97 44.24
CA LYS C 100 -10.36 48.26 43.19
C LYS C 100 -10.51 46.74 43.33
N PHE C 101 -10.57 46.24 44.57
CA PHE C 101 -10.64 44.80 44.80
C PHE C 101 -12.06 44.28 44.91
N ALA C 102 -13.01 45.10 45.38
CA ALA C 102 -14.38 44.63 45.59
C ALA C 102 -15.46 45.58 45.08
N GLY C 103 -15.12 46.79 44.63
CA GLY C 103 -16.11 47.69 44.09
C GLY C 103 -16.99 48.37 45.11
N ILE C 104 -16.48 48.59 46.32
CA ILE C 104 -17.25 49.19 47.40
C ILE C 104 -16.73 50.61 47.60
N ASP C 105 -17.53 51.59 47.17
CA ASP C 105 -17.17 53.00 47.36
C ASP C 105 -17.04 53.29 48.85
N VAL C 106 -16.15 54.22 49.18
CA VAL C 106 -15.78 54.48 50.57
C VAL C 106 -15.51 55.97 50.74
N PHE C 107 -16.21 56.58 51.70
CA PHE C 107 -15.84 57.88 52.25
C PHE C 107 -14.87 57.65 53.40
N ASP C 108 -13.65 58.17 53.27
CA ASP C 108 -12.75 58.25 54.41
C ASP C 108 -13.20 59.37 55.32
N ILE C 109 -13.18 59.13 56.62
CA ILE C 109 -13.64 60.10 57.60
C ILE C 109 -12.61 60.19 58.72
N GLU C 110 -12.03 61.37 58.89
CA GLU C 110 -11.03 61.64 59.91
C GLU C 110 -11.69 62.46 61.02
N VAL C 111 -11.87 61.83 62.18
CA VAL C 111 -12.57 62.45 63.31
C VAL C 111 -11.56 63.11 64.22
N ASP C 112 -11.85 64.34 64.64
CA ASP C 112 -10.96 65.11 65.53
C ASP C 112 -11.40 64.87 66.98
N GLU C 113 -11.10 63.67 67.46
CA GLU C 113 -11.55 63.22 68.77
C GLU C 113 -10.47 62.37 69.42
N LEU C 114 -10.38 62.45 70.76
CA LEU C 114 -9.52 61.59 71.54
C LEU C 114 -10.20 60.96 72.75
N ASP C 115 -11.34 61.50 73.20
CA ASP C 115 -12.12 60.87 74.25
C ASP C 115 -13.05 59.84 73.62
N PRO C 116 -12.92 58.55 73.94
CA PRO C 116 -13.76 57.53 73.29
C PRO C 116 -15.25 57.74 73.49
N ASP C 117 -15.68 58.61 74.39
CA ASP C 117 -17.11 58.84 74.58
C ASP C 117 -17.69 59.66 73.44
N LYS C 118 -17.07 60.80 73.13
CA LYS C 118 -17.54 61.62 72.02
C LYS C 118 -17.37 60.91 70.68
N PHE C 119 -16.39 60.00 70.60
CA PHE C 119 -16.13 59.30 69.35
C PHE C 119 -17.29 58.38 68.99
N ILE C 120 -17.74 57.55 69.95
CA ILE C 120 -18.85 56.64 69.69
C ILE C 120 -20.09 57.41 69.27
N GLU C 121 -20.29 58.60 69.85
CA GLU C 121 -21.46 59.41 69.52
C GLU C 121 -21.41 59.91 68.08
N VAL C 122 -20.25 60.41 67.65
CA VAL C 122 -20.13 60.98 66.32
C VAL C 122 -20.37 59.91 65.27
N VAL C 123 -19.75 58.73 65.44
CA VAL C 123 -19.88 57.66 64.47
C VAL C 123 -21.31 57.16 64.41
N ALA C 124 -21.90 56.89 65.58
CA ALA C 124 -23.29 56.42 65.61
C ALA C 124 -24.23 57.41 64.96
N ALA C 125 -23.93 58.71 65.06
CA ALA C 125 -24.73 59.71 64.37
C ALA C 125 -24.68 59.53 62.86
N LEU C 126 -23.54 59.07 62.34
CA LEU C 126 -23.36 58.88 60.92
C LEU C 126 -23.91 57.55 60.41
N GLU C 127 -24.73 56.87 61.21
CA GLU C 127 -25.27 55.59 60.77
C GLU C 127 -26.13 55.69 59.51
N PRO C 128 -27.05 56.67 59.36
CA PRO C 128 -27.93 56.65 58.19
C PRO C 128 -27.18 56.76 56.87
N THR C 129 -25.98 57.34 56.87
CA THR C 129 -25.27 57.55 55.61
C THR C 129 -24.83 56.23 54.99
N PHE C 130 -24.03 55.46 55.72
CA PHE C 130 -23.34 54.31 55.17
C PHE C 130 -24.10 53.02 55.43
N GLY C 131 -23.85 52.03 54.58
CA GLY C 131 -24.27 50.66 54.85
C GLY C 131 -23.39 49.91 55.82
N GLY C 132 -22.22 50.46 56.13
CA GLY C 132 -21.30 49.83 57.05
C GLY C 132 -20.23 50.81 57.50
N ILE C 133 -19.60 50.47 58.62
CA ILE C 133 -18.56 51.30 59.22
C ILE C 133 -17.30 50.46 59.35
N ASN C 134 -16.17 51.02 58.94
CA ASN C 134 -14.87 50.38 59.08
C ASN C 134 -13.98 51.24 59.97
N LEU C 135 -13.41 50.61 60.99
CA LEU C 135 -12.51 51.29 61.93
C LEU C 135 -11.08 50.87 61.66
N GLU C 136 -10.17 51.84 61.64
CA GLU C 136 -8.78 51.60 61.30
C GLU C 136 -7.90 52.58 62.05
N ASP C 137 -6.75 52.09 62.52
CA ASP C 137 -5.73 52.91 63.18
C ASP C 137 -6.29 53.61 64.42
N ILE C 138 -6.81 52.80 65.34
CA ILE C 138 -7.27 53.27 66.64
C ILE C 138 -6.47 52.53 67.71
N LYS C 139 -5.79 53.28 68.57
CA LYS C 139 -4.90 52.67 69.55
C LYS C 139 -5.68 51.89 70.60
N ALA C 140 -5.00 50.93 71.20
CA ALA C 140 -5.53 50.06 72.24
C ALA C 140 -5.26 50.66 73.62
N PRO C 141 -6.06 50.29 74.63
CA PRO C 141 -7.22 49.40 74.57
C PRO C 141 -8.52 50.13 74.24
N GLU C 142 -8.40 51.38 73.80
CA GLU C 142 -9.58 52.17 73.47
C GLU C 142 -10.41 51.53 72.36
N CYS C 143 -9.76 50.82 71.44
CA CYS C 143 -10.45 50.26 70.29
C CYS C 143 -11.45 49.18 70.70
N PHE C 144 -11.05 48.29 71.62
CA PHE C 144 -11.96 47.26 72.11
C PHE C 144 -13.27 47.87 72.57
N TYR C 145 -13.18 48.86 73.45
CA TYR C 145 -14.36 49.48 74.03
C TYR C 145 -15.20 50.18 72.98
N ILE C 146 -14.54 50.87 72.04
CA ILE C 146 -15.27 51.59 70.99
C ILE C 146 -16.04 50.62 70.10
N GLU C 147 -15.36 49.56 69.63
CA GLU C 147 -15.99 48.64 68.70
C GLU C 147 -17.17 47.92 69.36
N GLN C 148 -16.96 47.39 70.57
CA GLN C 148 -18.03 46.67 71.26
C GLN C 148 -19.26 47.56 71.40
N LYS C 149 -19.07 48.80 71.86
CA LYS C 149 -20.20 49.70 72.05
C LYS C 149 -20.85 50.04 70.72
N LEU C 150 -20.06 50.32 69.69
CA LEU C 150 -20.63 50.71 68.41
C LEU C 150 -21.35 49.56 67.73
N ARG C 151 -20.88 48.33 67.91
CA ARG C 151 -21.50 47.20 67.22
C ARG C 151 -22.90 46.94 67.73
N GLU C 152 -23.10 46.99 69.05
CA GLU C 152 -24.44 46.78 69.59
C GLU C 152 -25.32 48.01 69.37
N ARG C 153 -24.76 49.21 69.52
CA ARG C 153 -25.53 50.43 69.41
C ARG C 153 -26.07 50.61 67.98
N MET C 154 -25.22 50.39 66.99
CA MET C 154 -25.57 50.61 65.60
C MET C 154 -26.04 49.31 64.95
N ASN C 155 -27.08 49.42 64.14
CA ASN C 155 -27.62 48.29 63.39
C ASN C 155 -27.04 48.21 61.98
N ILE C 156 -25.88 48.81 61.76
CA ILE C 156 -25.11 48.59 60.53
C ILE C 156 -23.78 47.98 60.96
N PRO C 157 -23.08 47.22 60.13
CA PRO C 157 -21.86 46.54 60.59
C PRO C 157 -20.73 47.50 60.91
N VAL C 158 -20.02 47.20 61.99
CA VAL C 158 -18.81 47.92 62.38
C VAL C 158 -17.70 46.89 62.55
N PHE C 159 -16.53 47.17 61.96
CA PHE C 159 -15.44 46.21 61.87
C PHE C 159 -14.13 46.94 62.08
N HIS C 160 -13.28 46.39 62.95
CA HIS C 160 -11.93 46.91 63.12
C HIS C 160 -11.00 46.13 62.20
N ASP C 161 -10.48 46.82 61.18
CA ASP C 161 -9.65 46.16 60.18
C ASP C 161 -8.36 45.62 60.78
N ASP C 162 -7.73 46.40 61.66
CA ASP C 162 -6.39 46.05 62.13
C ASP C 162 -6.39 44.80 63.01
N GLN C 163 -7.48 44.56 63.76
CA GLN C 163 -7.49 43.46 64.71
C GLN C 163 -8.28 42.25 64.21
N HIS C 164 -9.55 42.42 63.85
CA HIS C 164 -10.35 41.28 63.44
C HIS C 164 -9.90 40.74 62.08
N GLY C 165 -9.51 41.62 61.17
CA GLY C 165 -9.02 41.17 59.88
C GLY C 165 -7.75 40.36 59.98
N THR C 166 -6.80 40.85 60.78
CA THR C 166 -5.56 40.11 61.01
C THR C 166 -5.84 38.78 61.71
N ALA C 167 -6.83 38.75 62.61
CA ALA C 167 -7.11 37.52 63.35
C ALA C 167 -7.76 36.48 62.45
N ILE C 168 -8.59 36.90 61.51
CA ILE C 168 -9.23 35.95 60.61
C ILE C 168 -8.20 35.26 59.73
N ILE C 169 -7.24 36.02 59.19
CA ILE C 169 -6.19 35.44 58.36
C ILE C 169 -5.33 34.49 59.19
N SER C 170 -4.90 34.95 60.37
CA SER C 170 -4.05 34.13 61.22
C SER C 170 -4.73 32.82 61.58
N THR C 171 -6.01 32.87 61.95
CA THR C 171 -6.74 31.67 62.31
C THR C 171 -6.80 30.68 61.14
N ALA C 172 -6.99 31.19 59.93
CA ALA C 172 -6.97 30.31 58.76
C ALA C 172 -5.60 29.66 58.60
N ALA C 173 -4.53 30.41 58.86
CA ALA C 173 -3.19 29.86 58.71
C ALA C 173 -2.95 28.72 59.68
N ILE C 174 -3.39 28.88 60.93
CA ILE C 174 -3.18 27.83 61.93
C ILE C 174 -3.95 26.58 61.57
N LEU C 175 -5.18 26.73 61.09
CA LEU C 175 -5.98 25.56 60.70
C LEU C 175 -5.31 24.77 59.59
N ASN C 176 -4.73 25.48 58.61
CA ASN C 176 -4.06 24.77 57.52
C ASN C 176 -2.74 24.16 57.98
N GLY C 177 -2.01 24.87 58.86
CA GLY C 177 -0.77 24.33 59.36
C GLY C 177 -0.97 23.10 60.24
N LEU C 178 -2.08 23.06 60.98
CA LEU C 178 -2.39 21.87 61.78
C LEU C 178 -2.66 20.66 60.89
N ARG C 179 -3.24 20.86 59.71
CA ARG C 179 -3.39 19.77 58.75
C ARG C 179 -2.02 19.31 58.25
N VAL C 180 -1.09 20.24 58.07
CA VAL C 180 0.25 19.91 57.59
C VAL C 180 1.01 19.11 58.63
N VAL C 181 0.97 19.56 59.89
CA VAL C 181 1.70 18.91 60.97
C VAL C 181 0.88 17.79 61.62
N GLU C 182 -0.36 17.57 61.18
CA GLU C 182 -1.20 16.47 61.66
C GLU C 182 -1.40 16.53 63.17
N LYS C 183 -1.92 17.67 63.64
CA LYS C 183 -2.13 17.92 65.06
C LYS C 183 -3.56 18.41 65.27
N ASN C 184 -4.29 17.72 66.14
CA ASN C 184 -5.66 18.11 66.45
C ASN C 184 -5.69 19.43 67.22
N ILE C 185 -6.69 20.26 66.92
CA ILE C 185 -6.71 21.62 67.48
C ILE C 185 -6.89 21.58 68.98
N SER C 186 -7.65 20.60 69.50
CA SER C 186 -7.87 20.53 70.93
C SER C 186 -6.57 20.25 71.68
N ASP C 187 -5.70 19.42 71.09
CA ASP C 187 -4.50 18.98 71.79
C ASP C 187 -3.37 20.00 71.72
N VAL C 188 -3.33 20.84 70.68
CA VAL C 188 -2.19 21.73 70.51
C VAL C 188 -2.15 22.77 71.61
N ARG C 189 -0.94 23.23 71.93
CA ARG C 189 -0.70 24.23 72.95
C ARG C 189 -0.13 25.48 72.29
N MET C 190 -0.68 26.64 72.64
CA MET C 190 -0.33 27.90 72.00
C MET C 190 0.15 28.89 73.04
N VAL C 191 1.19 29.64 72.68
CA VAL C 191 1.72 30.71 73.51
C VAL C 191 1.71 32.00 72.70
N VAL C 192 1.36 33.10 73.35
CA VAL C 192 1.20 34.37 72.67
C VAL C 192 2.00 35.43 73.43
N SER C 193 2.85 36.15 72.71
CA SER C 193 3.63 37.25 73.25
C SER C 193 3.16 38.55 72.61
N GLY C 194 2.88 39.55 73.45
CA GLY C 194 2.34 40.80 72.97
C GLY C 194 0.82 40.82 72.96
N ALA C 195 0.23 41.57 73.89
CA ALA C 195 -1.23 41.70 74.01
C ALA C 195 -1.85 42.53 72.89
N GLY C 196 -1.42 42.33 71.64
CA GLY C 196 -2.04 43.04 70.54
C GLY C 196 -3.49 42.65 70.36
N ALA C 197 -4.26 43.58 69.79
CA ALA C 197 -5.70 43.36 69.66
C ALA C 197 -6.01 42.18 68.75
N ALA C 198 -5.18 41.95 67.73
CA ALA C 198 -5.41 40.83 66.82
C ALA C 198 -5.23 39.49 67.52
N ALA C 199 -4.29 39.42 68.47
CA ALA C 199 -4.02 38.16 69.15
C ALA C 199 -5.21 37.72 70.00
N ILE C 200 -5.79 38.65 70.77
CA ILE C 200 -6.92 38.32 71.65
C ILE C 200 -8.09 37.80 70.83
N ALA C 201 -8.40 38.46 69.71
CA ALA C 201 -9.50 38.01 68.86
C ALA C 201 -9.18 36.66 68.23
N CYS C 202 -7.94 36.47 67.77
CA CYS C 202 -7.57 35.21 67.15
C CYS C 202 -7.74 34.05 68.12
N MET C 203 -7.31 34.23 69.38
CA MET C 203 -7.50 33.20 70.38
C MET C 203 -8.98 32.92 70.62
N ASN C 204 -9.77 33.98 70.75
CA ASN C 204 -11.22 33.82 70.89
C ASN C 204 -11.79 33.06 69.70
N LEU C 205 -11.35 33.41 68.48
CA LEU C 205 -11.77 32.67 67.30
C LEU C 205 -11.29 31.22 67.36
N LEU C 206 -10.03 31.02 67.76
CA LEU C 206 -9.49 29.67 67.82
C LEU C 206 -10.20 28.83 68.86
N VAL C 207 -10.57 29.44 69.98
CA VAL C 207 -11.26 28.70 71.04
C VAL C 207 -12.60 28.19 70.54
N ALA C 208 -13.30 28.98 69.72
CA ALA C 208 -14.58 28.54 69.17
C ALA C 208 -14.40 27.41 68.16
N LEU C 209 -13.22 27.30 67.55
CA LEU C 209 -12.96 26.27 66.56
C LEU C 209 -12.43 24.97 67.15
N GLY C 210 -12.13 24.94 68.45
CA GLY C 210 -11.70 23.71 69.09
C GLY C 210 -10.50 23.85 70.00
N LEU C 211 -9.91 25.04 70.04
CA LEU C 211 -8.73 25.28 70.87
C LEU C 211 -9.14 25.43 72.33
N GLN C 212 -8.33 24.89 73.22
CA GLN C 212 -8.63 24.82 74.65
C GLN C 212 -7.95 25.97 75.39
N LYS C 213 -8.68 26.57 76.33
CA LYS C 213 -8.13 27.71 77.07
C LYS C 213 -7.00 27.30 78.01
N HIS C 214 -7.08 26.09 78.59
CA HIS C 214 -6.00 25.64 79.47
C HIS C 214 -4.72 25.40 78.68
N ASN C 215 -4.84 25.08 77.39
CA ASN C 215 -3.66 24.95 76.54
C ASN C 215 -3.09 26.31 76.15
N ILE C 216 -3.92 27.35 76.14
CA ILE C 216 -3.48 28.68 75.74
C ILE C 216 -2.82 29.37 76.93
N VAL C 217 -1.62 29.90 76.70
CA VAL C 217 -0.88 30.67 77.69
C VAL C 217 -0.44 31.97 77.05
N VAL C 218 -0.61 33.08 77.78
CA VAL C 218 -0.32 34.41 77.25
C VAL C 218 0.73 35.08 78.14
N CYS C 219 1.63 35.84 77.50
CA CYS C 219 2.68 36.56 78.20
C CYS C 219 2.66 38.02 77.76
N ASP C 220 2.36 38.91 78.70
CA ASP C 220 2.46 40.33 78.46
C ASP C 220 3.84 40.84 78.87
N SER C 221 4.04 42.16 78.77
CA SER C 221 5.37 42.72 79.02
C SER C 221 5.81 42.47 80.46
N LYS C 222 4.88 42.51 81.40
CA LYS C 222 5.23 42.29 82.81
C LYS C 222 5.69 40.86 83.04
N GLY C 223 5.06 39.90 82.38
CA GLY C 223 5.43 38.49 82.52
C GLY C 223 4.33 37.60 81.98
N VAL C 224 4.38 36.34 82.41
CA VAL C 224 3.34 35.39 82.04
C VAL C 224 2.05 35.73 82.76
N ILE C 225 0.96 35.84 82.01
CA ILE C 225 -0.35 36.17 82.58
C ILE C 225 -0.89 34.97 83.33
N TYR C 226 -0.78 34.99 84.66
CA TYR C 226 -1.40 34.00 85.51
C TYR C 226 -2.36 34.70 86.46
N GLN C 227 -3.37 33.95 86.91
CA GLN C 227 -4.43 34.52 87.71
C GLN C 227 -3.89 35.01 89.06
N GLY C 228 -4.40 36.14 89.52
CA GLY C 228 -3.98 36.70 90.78
C GLY C 228 -2.64 37.38 90.78
N ARG C 229 -2.06 37.66 89.61
CA ARG C 229 -0.83 38.43 89.56
C ARG C 229 -1.07 39.89 89.93
N GLU C 230 -2.23 40.43 89.57
CA GLU C 230 -2.66 41.78 89.93
C GLU C 230 -4.13 41.72 90.30
N PRO C 231 -4.53 42.38 91.38
CA PRO C 231 -5.95 42.32 91.80
C PRO C 231 -6.89 42.97 90.79
N ASN C 232 -6.54 44.15 90.28
CA ASN C 232 -7.29 44.79 89.21
C ASN C 232 -6.60 44.46 87.89
N MET C 233 -7.27 43.68 87.05
CA MET C 233 -6.70 43.23 85.78
C MET C 233 -7.64 43.59 84.65
N ALA C 234 -7.06 43.80 83.47
CA ALA C 234 -7.84 44.06 82.28
C ALA C 234 -8.75 42.88 81.97
N GLU C 235 -9.98 43.18 81.57
CA GLU C 235 -10.95 42.10 81.31
C GLU C 235 -10.51 41.23 80.15
N THR C 236 -9.80 41.82 79.18
CA THR C 236 -9.27 41.01 78.08
C THR C 236 -8.11 40.13 78.55
N LYS C 237 -7.23 40.68 79.39
CA LYS C 237 -6.11 39.90 79.91
C LYS C 237 -6.58 38.80 80.86
N ALA C 238 -7.64 39.06 81.63
CA ALA C 238 -8.09 38.10 82.63
C ALA C 238 -8.73 36.87 82.02
N ALA C 239 -9.19 36.94 80.77
CA ALA C 239 -9.88 35.82 80.15
C ALA C 239 -8.94 34.67 79.81
N TYR C 240 -7.64 34.94 79.67
CA TYR C 240 -6.68 33.91 79.29
C TYR C 240 -5.53 33.79 80.28
N ALA C 241 -5.71 34.31 81.49
CA ALA C 241 -4.77 34.01 82.56
C ALA C 241 -4.87 32.54 82.94
N VAL C 242 -3.72 31.94 83.26
CA VAL C 242 -3.64 30.51 83.48
C VAL C 242 -3.38 30.25 84.96
N VAL C 243 -3.63 29.01 85.38
CA VAL C 243 -3.23 28.56 86.71
C VAL C 243 -1.72 28.69 86.83
N ASP C 244 -1.26 29.14 87.99
CA ASP C 244 0.17 29.41 88.18
C ASP C 244 0.96 28.12 88.06
N ASP C 245 1.84 28.06 87.06
CA ASP C 245 2.74 26.94 86.83
C ASP C 245 4.16 27.26 87.25
N GLY C 246 4.37 28.38 87.94
CA GLY C 246 5.70 28.79 88.34
C GLY C 246 6.56 29.31 87.22
N LYS C 247 5.95 29.80 86.14
CA LYS C 247 6.67 30.29 84.98
C LYS C 247 6.30 31.75 84.74
N ARG C 248 7.31 32.62 84.69
CA ARG C 248 7.10 34.03 84.43
C ARG C 248 7.72 34.50 83.12
N THR C 249 8.61 33.72 82.52
CA THR C 249 9.34 34.14 81.34
C THR C 249 8.83 33.40 80.10
N LEU C 250 8.98 34.03 78.95
CA LEU C 250 8.68 33.38 77.68
C LEU C 250 9.49 32.10 77.51
N ASP C 251 10.76 32.15 77.92
CA ASP C 251 11.62 30.96 77.83
C ASP C 251 11.06 29.80 78.65
N ASP C 252 10.38 30.11 79.76
CA ASP C 252 9.82 29.04 80.59
C ASP C 252 8.64 28.37 79.90
N VAL C 253 7.79 29.14 79.20
CA VAL C 253 6.58 28.60 78.62
C VAL C 253 6.73 28.22 77.16
N ILE C 254 7.71 28.77 76.44
CA ILE C 254 7.89 28.43 75.04
C ILE C 254 8.22 26.95 74.87
N GLU C 255 8.63 26.28 75.94
CA GLU C 255 8.94 24.86 75.88
C GLU C 255 7.69 24.05 75.53
N GLY C 256 7.83 23.13 74.58
CA GLY C 256 6.74 22.27 74.18
C GLY C 256 5.55 23.00 73.60
N ALA C 257 5.79 24.13 72.95
CA ALA C 257 4.73 24.96 72.40
C ALA C 257 4.54 24.62 70.92
N ASP C 258 3.28 24.41 70.52
CA ASP C 258 2.96 24.10 69.13
C ASP C 258 2.74 25.34 68.27
N ILE C 259 2.19 26.40 68.85
CA ILE C 259 1.91 27.63 68.12
C ILE C 259 2.46 28.80 68.92
N PHE C 260 3.15 29.71 68.23
CA PHE C 260 3.59 30.97 68.81
C PHE C 260 3.07 32.11 67.95
N LEU C 261 2.33 33.03 68.56
CA LEU C 261 1.76 34.18 67.87
C LEU C 261 2.29 35.45 68.53
N GLY C 262 2.98 36.28 67.75
CA GLY C 262 3.61 37.45 68.30
C GLY C 262 3.10 38.76 67.73
N CYS C 263 2.55 39.61 68.60
CA CYS C 263 2.17 40.96 68.25
C CYS C 263 3.06 42.00 68.92
N SER C 264 4.15 41.56 69.55
CA SER C 264 5.00 42.42 70.36
C SER C 264 6.10 43.03 69.48
N GLY C 265 7.07 43.68 70.13
CA GLY C 265 8.17 44.31 69.43
C GLY C 265 9.09 43.29 68.77
N PRO C 266 9.98 43.77 67.92
CA PRO C 266 10.90 42.85 67.23
C PRO C 266 11.92 42.24 68.17
N LYS C 267 12.44 41.08 67.75
CA LYS C 267 13.51 40.37 68.46
C LYS C 267 13.09 39.88 69.84
N VAL C 268 11.80 39.59 70.02
CA VAL C 268 11.37 38.94 71.26
C VAL C 268 11.67 37.45 71.22
N LEU C 269 11.66 36.85 70.04
CA LEU C 269 11.94 35.42 69.88
C LEU C 269 13.39 35.22 69.46
N THR C 270 14.07 34.29 70.11
CA THR C 270 15.47 33.96 69.82
C THR C 270 15.56 32.59 69.16
N GLN C 271 16.70 32.33 68.52
CA GLN C 271 16.96 31.02 67.96
C GLN C 271 16.94 29.94 69.05
N GLU C 272 17.35 30.29 70.27
CA GLU C 272 17.33 29.33 71.35
C GLU C 272 15.92 28.95 71.75
N MET C 273 14.98 29.90 71.66
CA MET C 273 13.59 29.59 71.93
C MET C 273 12.98 28.73 70.83
N VAL C 274 13.35 28.99 69.58
CA VAL C 274 12.84 28.20 68.47
C VAL C 274 13.30 26.76 68.55
N LYS C 275 14.53 26.53 69.06
CA LYS C 275 15.00 25.15 69.22
C LYS C 275 14.12 24.37 70.18
N LYS C 276 13.73 25.00 71.30
CA LYS C 276 13.01 24.29 72.35
C LYS C 276 11.49 24.28 72.14
N MET C 277 11.01 24.68 70.97
CA MET C 277 9.60 24.53 70.68
C MET C 277 9.30 23.08 70.28
N ALA C 278 8.02 22.74 70.23
CA ALA C 278 7.61 21.38 69.93
C ALA C 278 7.82 21.09 68.44
N ARG C 279 7.33 19.93 67.98
CA ARG C 279 7.58 19.49 66.62
C ARG C 279 6.91 20.40 65.60
N ALA C 280 7.68 20.76 64.56
CA ALA C 280 7.20 21.57 63.45
C ALA C 280 6.40 22.79 63.94
N PRO C 281 7.04 23.70 64.67
CA PRO C 281 6.29 24.79 65.31
C PRO C 281 5.73 25.77 64.29
N MET C 282 4.56 26.31 64.61
CA MET C 282 3.93 27.35 63.81
C MET C 282 4.21 28.69 64.49
N ILE C 283 5.05 29.51 63.86
CA ILE C 283 5.47 30.79 64.40
C ILE C 283 4.80 31.88 63.58
N LEU C 284 3.81 32.55 64.19
CA LEU C 284 3.09 33.63 63.52
C LEU C 284 3.68 34.98 63.96
N ALA C 285 4.89 35.24 63.48
CA ALA C 285 5.63 36.44 63.86
C ALA C 285 5.12 37.62 63.04
N LEU C 286 3.94 38.11 63.43
CA LEU C 286 3.32 39.24 62.73
C LEU C 286 3.71 40.51 63.46
N ALA C 287 4.76 41.16 62.97
CA ALA C 287 5.24 42.40 63.56
C ALA C 287 5.74 43.31 62.44
N ASN C 288 5.47 44.60 62.59
CA ASN C 288 5.93 45.59 61.64
C ASN C 288 6.58 46.75 62.39
N PRO C 289 7.70 47.27 61.87
CA PRO C 289 8.28 46.90 60.58
C PRO C 289 9.18 45.66 60.59
N GLU C 290 9.59 45.19 61.76
CA GLU C 290 10.50 44.06 61.85
C GLU C 290 9.83 42.88 62.54
N PRO C 291 9.88 41.68 61.96
CA PRO C 291 9.32 40.51 62.63
C PRO C 291 10.09 40.16 63.90
N GLU C 292 9.37 39.56 64.85
CA GLU C 292 10.00 39.16 66.12
C GLU C 292 11.16 38.21 65.88
N ILE C 293 10.94 37.18 65.07
CA ILE C 293 12.00 36.27 64.67
C ILE C 293 12.04 36.25 63.14
N LEU C 294 13.24 36.40 62.59
CA LEU C 294 13.36 36.36 61.14
C LEU C 294 13.20 34.93 60.64
N PRO C 295 12.50 34.73 59.53
CA PRO C 295 12.22 33.36 59.05
C PRO C 295 13.48 32.57 58.75
N PRO C 296 14.50 33.14 58.08
CA PRO C 296 15.70 32.33 57.81
C PRO C 296 16.40 31.84 59.07
N LEU C 297 16.51 32.68 60.10
CA LEU C 297 17.14 32.25 61.35
C LEU C 297 16.34 31.13 62.00
N ALA C 298 15.02 31.16 61.88
CA ALA C 298 14.19 30.07 62.37
C ALA C 298 14.24 28.85 61.46
N LYS C 299 14.42 29.07 60.15
CA LYS C 299 14.57 27.96 59.22
C LYS C 299 15.84 27.16 59.49
N GLU C 300 16.92 27.83 59.89
CA GLU C 300 18.19 27.15 60.11
C GLU C 300 18.10 26.20 61.30
N VAL C 301 17.55 26.68 62.43
CA VAL C 301 17.45 25.84 63.61
C VAL C 301 16.38 24.76 63.42
N ARG C 302 15.26 25.11 62.78
CA ARG C 302 14.18 24.18 62.49
C ARG C 302 13.76 24.34 61.03
N PRO C 303 14.17 23.42 60.15
CA PRO C 303 13.74 23.53 58.74
C PRO C 303 12.29 23.18 58.49
N ASP C 304 11.66 22.40 59.37
CA ASP C 304 10.29 21.94 59.17
C ASP C 304 9.25 22.96 59.63
N ALA C 305 9.67 24.07 60.22
CA ALA C 305 8.73 25.02 60.82
C ALA C 305 8.02 25.84 59.76
N ILE C 306 6.81 26.30 60.11
CA ILE C 306 5.99 27.13 59.25
C ILE C 306 5.91 28.51 59.89
N ILE C 307 6.34 29.54 59.16
CA ILE C 307 6.46 30.89 59.71
C ILE C 307 5.70 31.85 58.81
N CYS C 308 5.06 32.84 59.43
CA CYS C 308 4.34 33.89 58.72
C CYS C 308 4.61 35.23 59.38
N THR C 309 4.82 36.26 58.55
CA THR C 309 5.03 37.62 59.02
C THR C 309 4.17 38.58 58.19
N GLY C 310 4.21 39.86 58.60
CA GLY C 310 3.45 40.87 57.89
C GLY C 310 4.12 41.36 56.62
N ARG C 311 5.45 41.31 56.59
CA ARG C 311 6.19 41.84 55.44
C ARG C 311 5.97 40.97 54.20
N SER C 312 6.13 41.59 53.03
CA SER C 312 5.78 40.96 51.76
C SER C 312 6.91 40.13 51.17
N ASP C 313 8.17 40.44 51.51
CA ASP C 313 9.30 39.75 50.91
C ASP C 313 9.45 38.32 51.45
N TYR C 314 9.00 38.07 52.70
CA TYR C 314 9.01 36.71 53.23
C TYR C 314 7.77 35.95 52.79
N PRO C 315 7.85 34.62 52.65
CA PRO C 315 6.69 33.84 52.20
C PRO C 315 5.59 33.82 53.27
N ASN C 316 4.42 33.36 52.83
CA ASN C 316 3.24 33.28 53.68
C ASN C 316 2.96 34.63 54.37
N GLN C 317 2.93 35.68 53.56
CA GLN C 317 2.69 37.01 54.09
C GLN C 317 1.24 37.13 54.57
N VAL C 318 1.05 37.68 55.75
CA VAL C 318 -0.27 37.97 56.28
C VAL C 318 -0.59 39.42 55.93
N ASN C 319 -1.62 39.61 55.11
CA ASN C 319 -1.99 40.93 54.64
C ASN C 319 -3.47 41.20 54.93
N ASN C 320 -3.76 42.41 55.38
CA ASN C 320 -5.14 42.81 55.63
C ASN C 320 -5.97 42.75 54.36
N VAL C 321 -5.34 43.01 53.21
CA VAL C 321 -6.02 43.09 51.91
C VAL C 321 -6.55 41.72 51.51
N LEU C 322 -6.27 40.70 52.30
CA LEU C 322 -6.72 39.35 52.00
C LEU C 322 -8.20 39.12 52.29
N CYS C 323 -8.79 39.91 53.19
CA CYS C 323 -10.16 39.62 53.62
C CYS C 323 -11.03 40.87 53.75
N PHE C 324 -10.45 41.96 54.23
CA PHE C 324 -11.27 43.11 54.64
C PHE C 324 -12.13 43.70 53.53
N PRO C 325 -11.76 43.67 52.24
CA PRO C 325 -12.73 44.10 51.22
C PRO C 325 -13.85 43.09 51.04
N PHE C 326 -13.56 41.80 51.22
CA PHE C 326 -14.49 40.76 50.84
C PHE C 326 -15.49 40.41 51.93
N ILE C 327 -15.17 40.67 53.20
CA ILE C 327 -16.15 40.47 54.26
C ILE C 327 -17.30 41.45 54.11
N PHE C 328 -16.98 42.71 53.77
CA PHE C 328 -18.02 43.73 53.63
C PHE C 328 -18.88 43.48 52.40
N ARG C 329 -18.27 43.00 51.31
CA ARG C 329 -19.01 42.74 50.09
C ARG C 329 -20.12 41.73 50.32
N GLY C 330 -19.84 40.67 51.09
CA GLY C 330 -20.87 39.69 51.38
C GLY C 330 -21.94 40.25 52.31
N ALA C 331 -21.53 41.07 53.28
CA ALA C 331 -22.49 41.62 54.23
C ALA C 331 -23.42 42.63 53.57
N LEU C 332 -22.91 43.40 52.61
CA LEU C 332 -23.72 44.43 51.98
C LEU C 332 -24.68 43.87 50.95
N ASP C 333 -24.29 42.80 50.24
CA ASP C 333 -25.17 42.19 49.24
C ASP C 333 -26.37 41.51 49.87
N VAL C 334 -26.34 41.28 51.18
CA VAL C 334 -27.51 40.83 51.93
C VAL C 334 -27.96 41.84 52.96
N GLY C 335 -27.28 42.99 53.06
CA GLY C 335 -27.67 44.04 53.96
C GLY C 335 -27.63 43.65 55.42
N ALA C 336 -26.54 43.01 55.84
CA ALA C 336 -26.43 42.53 57.21
C ALA C 336 -26.40 43.69 58.19
N THR C 337 -27.07 43.49 59.33
CA THR C 337 -27.12 44.53 60.35
C THR C 337 -25.81 44.66 61.12
N ALA C 338 -24.97 43.64 61.10
CA ALA C 338 -23.67 43.67 61.75
C ALA C 338 -22.87 42.45 61.29
N ILE C 339 -21.65 42.34 61.78
CA ILE C 339 -20.77 41.21 61.51
C ILE C 339 -20.66 40.38 62.79
N ASN C 340 -21.08 39.12 62.72
CA ASN C 340 -21.12 38.27 63.89
C ASN C 340 -20.06 37.17 63.77
N GLU C 341 -19.96 36.35 64.83
CA GLU C 341 -18.91 35.35 64.90
C GLU C 341 -19.12 34.23 63.89
N GLU C 342 -20.38 33.88 63.60
CA GLU C 342 -20.65 32.81 62.63
C GLU C 342 -20.10 33.17 61.26
N MET C 343 -20.24 34.44 60.87
CA MET C 343 -19.65 34.91 59.61
C MET C 343 -18.13 34.85 59.67
N LYS C 344 -17.54 35.40 60.74
CA LYS C 344 -16.09 35.44 60.87
C LYS C 344 -15.48 34.05 60.79
N LEU C 345 -16.22 33.02 61.23
CA LEU C 345 -15.72 31.66 61.12
C LEU C 345 -15.78 31.17 59.68
N ALA C 346 -16.92 31.38 59.01
CA ALA C 346 -17.02 30.97 57.61
C ALA C 346 -16.05 31.73 56.73
N ALA C 347 -15.63 32.94 57.15
CA ALA C 347 -14.59 33.66 56.43
C ALA C 347 -13.25 32.96 56.56
N VAL C 348 -12.87 32.62 57.80
CA VAL C 348 -11.68 31.80 58.02
C VAL C 348 -11.78 30.50 57.21
N ARG C 349 -12.96 29.89 57.21
CA ARG C 349 -13.14 28.64 56.46
C ARG C 349 -12.95 28.87 54.97
N ALA C 350 -13.46 29.99 54.45
CA ALA C 350 -13.30 30.28 53.02
C ALA C 350 -11.84 30.46 52.66
N ILE C 351 -11.08 31.13 53.52
CA ILE C 351 -9.69 31.44 53.18
C ILE C 351 -8.82 30.20 53.29
N ALA C 352 -9.05 29.38 54.33
CA ALA C 352 -8.27 28.16 54.48
C ALA C 352 -8.55 27.17 53.35
N GLU C 353 -9.81 27.03 52.95
CA GLU C 353 -10.18 26.12 51.87
C GLU C 353 -9.65 26.56 50.52
N LEU C 354 -9.08 27.77 50.42
CA LEU C 354 -8.52 28.24 49.16
C LEU C 354 -7.11 27.72 48.92
N ALA C 355 -6.43 27.26 49.97
CA ALA C 355 -5.09 26.71 49.81
C ALA C 355 -5.10 25.25 49.38
N HIS C 356 -6.18 24.52 49.63
CA HIS C 356 -6.21 23.09 49.32
C HIS C 356 -6.54 22.83 47.86
N ALA C 357 -7.54 23.53 47.31
CA ALA C 357 -7.93 23.32 45.93
C ALA C 357 -6.79 23.67 44.98
N GLU C 358 -6.84 23.09 43.78
CA GLU C 358 -5.75 23.22 42.82
C GLU C 358 -6.00 24.39 41.87
N GLN C 359 -5.05 24.58 40.94
CA GLN C 359 -5.09 25.66 39.97
C GLN C 359 -6.23 25.47 38.97
N ALA C 366 -0.04 30.72 30.97
CA ALA C 366 0.10 30.67 32.43
C ALA C 366 1.28 31.53 32.89
N TYR C 367 1.00 32.80 33.21
CA TYR C 367 2.04 33.74 33.64
C TYR C 367 2.29 33.72 35.14
N GLY C 368 1.52 32.97 35.91
CA GLY C 368 1.73 32.88 37.34
C GLY C 368 2.83 31.90 37.70
N ASP C 369 4.08 32.38 37.67
CA ASP C 369 5.22 31.49 37.92
C ASP C 369 5.16 30.90 39.31
N GLN C 370 4.69 31.67 40.29
CA GLN C 370 4.60 31.19 41.66
C GLN C 370 3.68 29.99 41.74
N ASP C 371 4.21 28.86 42.19
CA ASP C 371 3.46 27.61 42.23
C ASP C 371 2.56 27.60 43.45
N LEU C 372 1.25 27.41 43.22
CA LEU C 372 0.26 27.39 44.29
C LEU C 372 0.05 25.94 44.75
N SER C 373 1.08 25.40 45.40
CA SER C 373 1.07 24.05 45.94
C SER C 373 0.96 24.11 47.46
N PHE C 374 -0.05 23.45 48.00
CA PHE C 374 -0.29 23.48 49.44
C PHE C 374 0.86 22.80 50.17
N GLY C 375 1.59 23.59 50.97
CA GLY C 375 2.71 23.08 51.73
C GLY C 375 3.12 24.04 52.82
N PRO C 376 4.34 23.88 53.33
CA PRO C 376 4.81 24.77 54.41
C PRO C 376 4.98 26.21 53.95
N GLU C 377 5.27 26.44 52.68
CA GLU C 377 5.47 27.79 52.16
C GLU C 377 4.18 28.41 51.64
N TYR C 378 3.08 27.65 51.58
CA TYR C 378 1.80 28.13 51.06
C TYR C 378 0.68 27.57 51.94
N ILE C 379 0.40 28.28 53.04
CA ILE C 379 -0.80 28.02 53.84
C ILE C 379 -1.77 29.19 53.83
N ILE C 380 -1.37 30.33 53.28
CA ILE C 380 -2.25 31.48 53.08
C ILE C 380 -2.23 31.84 51.60
N PRO C 381 -3.40 32.00 50.96
CA PRO C 381 -3.40 32.41 49.55
C PRO C 381 -2.77 33.78 49.35
N LYS C 382 -2.42 34.06 48.10
CA LYS C 382 -1.67 35.27 47.76
C LYS C 382 -2.52 36.53 47.95
N PRO C 383 -1.88 37.69 48.10
CA PRO C 383 -2.65 38.92 48.28
C PRO C 383 -3.50 39.30 47.06
N PHE C 384 -2.96 39.16 45.86
CA PHE C 384 -3.67 39.51 44.64
C PHE C 384 -4.50 38.36 44.08
N ASP C 385 -4.82 37.35 44.89
CA ASP C 385 -5.42 36.14 44.36
C ASP C 385 -6.79 36.44 43.76
N PRO C 386 -7.10 35.93 42.57
CA PRO C 386 -8.35 36.34 41.92
C PRO C 386 -9.60 35.78 42.59
N ARG C 387 -9.58 34.53 42.99
CA ARG C 387 -10.76 33.84 43.50
C ARG C 387 -11.13 34.26 44.93
N LEU C 388 -10.45 35.25 45.51
CA LEU C 388 -10.71 35.63 46.90
C LEU C 388 -12.16 36.07 47.07
N ILE C 389 -12.61 37.04 46.27
CA ILE C 389 -13.96 37.54 46.41
C ILE C 389 -14.98 36.48 46.04
N VAL C 390 -14.65 35.59 45.11
CA VAL C 390 -15.62 34.60 44.65
C VAL C 390 -15.95 33.59 45.74
N LYS C 391 -15.01 33.29 46.62
CA LYS C 391 -15.23 32.29 47.66
C LYS C 391 -15.70 32.89 48.98
N ILE C 392 -15.10 34.00 49.42
CA ILE C 392 -15.35 34.50 50.76
C ILE C 392 -16.75 35.08 50.88
N ALA C 393 -17.11 35.99 49.97
CA ALA C 393 -18.39 36.68 50.08
C ALA C 393 -19.60 35.74 50.12
N PRO C 394 -19.68 34.68 49.31
CA PRO C 394 -20.81 33.74 49.48
C PRO C 394 -20.89 33.12 50.85
N ALA C 395 -19.75 32.69 51.41
CA ALA C 395 -19.77 32.13 52.75
C ALA C 395 -20.19 33.16 53.80
N VAL C 396 -19.83 34.43 53.58
CA VAL C 396 -20.26 35.49 54.49
C VAL C 396 -21.76 35.70 54.40
N ALA C 397 -22.29 35.79 53.17
CA ALA C 397 -23.72 35.98 53.00
C ALA C 397 -24.51 34.76 53.47
N LYS C 398 -23.97 33.56 53.26
CA LYS C 398 -24.66 32.35 53.68
C LYS C 398 -24.67 32.23 55.20
N ALA C 399 -23.53 32.49 55.83
CA ALA C 399 -23.46 32.36 57.28
C ALA C 399 -24.21 33.50 57.96
N ALA C 400 -24.36 34.64 57.28
CA ALA C 400 -25.14 35.73 57.84
C ALA C 400 -26.64 35.45 57.74
N MET C 401 -27.07 34.81 56.64
CA MET C 401 -28.47 34.44 56.51
C MET C 401 -28.87 33.37 57.52
N GLU C 402 -27.93 32.51 57.91
CA GLU C 402 -28.24 31.46 58.87
C GLU C 402 -28.13 31.97 60.31
N SER C 403 -27.26 32.95 60.56
CA SER C 403 -27.22 33.57 61.88
C SER C 403 -28.38 34.52 62.10
N GLY C 404 -28.95 35.06 61.03
CA GLY C 404 -30.13 35.90 61.12
C GLY C 404 -29.84 37.36 61.39
N VAL C 405 -29.10 38.00 60.48
CA VAL C 405 -28.78 39.42 60.60
C VAL C 405 -28.94 40.10 59.26
N ALA C 406 -29.19 39.32 58.22
CA ALA C 406 -29.31 39.85 56.85
C ALA C 406 -30.74 40.29 56.58
N THR C 407 -30.88 41.47 55.99
CA THR C 407 -32.19 42.04 55.68
C THR C 407 -32.61 41.81 54.23
N ARG C 408 -31.74 41.24 53.40
CA ARG C 408 -32.02 41.07 51.97
C ARG C 408 -31.60 39.66 51.55
N PRO C 409 -32.54 38.72 51.47
CA PRO C 409 -32.17 37.36 51.07
C PRO C 409 -31.77 37.31 49.61
N ILE C 410 -30.69 36.59 49.33
CA ILE C 410 -30.32 36.24 47.96
C ILE C 410 -30.93 34.88 47.64
N ALA C 411 -31.86 34.87 46.68
CA ALA C 411 -32.61 33.65 46.40
C ALA C 411 -31.69 32.54 45.93
N ASP C 412 -30.79 32.84 45.00
CA ASP C 412 -29.94 31.85 44.37
C ASP C 412 -28.48 32.27 44.50
N PHE C 413 -27.66 31.41 45.13
CA PHE C 413 -26.24 31.68 45.22
C PHE C 413 -25.52 31.48 43.89
N ASP C 414 -26.12 30.75 42.95
CA ASP C 414 -25.49 30.56 41.65
C ASP C 414 -25.39 31.87 40.88
N VAL C 415 -26.52 32.57 40.73
CA VAL C 415 -26.50 33.86 40.05
C VAL C 415 -25.63 34.86 40.80
N TYR C 416 -25.62 34.77 42.13
CA TYR C 416 -24.80 35.68 42.93
C TYR C 416 -23.32 35.49 42.62
N ILE C 417 -22.85 34.24 42.64
CA ILE C 417 -21.45 33.97 42.31
C ILE C 417 -21.11 34.47 40.91
N ASP C 418 -22.04 34.31 39.97
CA ASP C 418 -21.81 34.76 38.61
C ASP C 418 -21.54 36.26 38.55
N LYS C 419 -22.32 37.04 39.29
CA LYS C 419 -22.07 38.48 39.36
C LYS C 419 -20.70 38.76 39.96
N LEU C 420 -20.32 37.99 41.00
CA LEU C 420 -18.99 38.13 41.59
C LEU C 420 -17.90 37.78 40.60
N THR C 421 -18.05 36.64 39.91
CA THR C 421 -17.02 36.20 38.96
C THR C 421 -16.84 37.20 37.83
N GLU C 422 -17.92 37.83 37.37
CA GLU C 422 -17.82 38.79 36.29
C GLU C 422 -17.01 40.01 36.69
N PHE C 423 -17.09 40.41 37.96
CA PHE C 423 -16.34 41.59 38.40
C PHE C 423 -14.85 41.35 38.37
N VAL C 424 -14.42 40.13 38.70
CA VAL C 424 -12.99 39.83 38.71
C VAL C 424 -12.44 39.76 37.29
N TYR C 425 -13.14 39.03 36.42
CA TYR C 425 -12.71 38.93 35.03
C TYR C 425 -12.69 40.29 34.35
N LYS C 426 -13.60 41.18 34.72
CA LYS C 426 -13.65 42.50 34.11
C LYS C 426 -12.48 43.37 34.58
N THR C 427 -12.09 43.25 35.85
CA THR C 427 -11.07 44.12 36.43
C THR C 427 -9.73 43.42 36.64
N ASN C 428 -9.53 42.25 36.03
CA ASN C 428 -8.30 41.50 36.23
C ASN C 428 -7.09 42.36 35.89
N LEU C 429 -6.15 42.43 36.82
CA LEU C 429 -4.95 43.25 36.65
C LEU C 429 -3.86 42.35 36.06
N PHE C 430 -3.78 42.34 34.73
CA PHE C 430 -2.78 41.49 34.08
C PHE C 430 -1.37 41.98 34.32
N MET C 431 -1.20 43.28 34.60
CA MET C 431 0.14 43.83 34.73
C MET C 431 0.87 43.28 35.95
N LYS C 432 0.14 43.03 37.05
CA LYS C 432 0.80 42.61 38.29
C LYS C 432 1.59 41.32 38.08
N PRO C 433 1.00 40.22 37.61
CA PRO C 433 1.80 38.99 37.45
C PRO C 433 2.96 39.17 36.49
N ILE C 434 2.81 40.02 35.47
CA ILE C 434 3.90 40.29 34.54
C ILE C 434 5.09 40.90 35.25
N PHE C 435 4.86 41.98 36.01
CA PHE C 435 5.94 42.63 36.73
C PHE C 435 6.63 41.66 37.67
N SER C 436 5.85 40.83 38.37
CA SER C 436 6.44 39.85 39.28
C SER C 436 7.33 38.87 38.54
N GLN C 437 6.90 38.43 37.35
CA GLN C 437 7.74 37.53 36.54
C GLN C 437 9.00 38.21 36.08
N ALA C 438 8.91 39.50 35.72
CA ALA C 438 10.10 40.23 35.29
C ALA C 438 11.10 40.38 36.42
N ARG C 439 10.61 40.59 37.65
CA ARG C 439 11.53 40.70 38.79
C ARG C 439 12.27 39.39 39.02
N LYS C 440 11.60 38.25 38.78
CA LYS C 440 12.21 36.96 39.09
C LYS C 440 13.44 36.65 38.25
N ALA C 441 13.51 37.19 37.03
CA ALA C 441 14.66 36.96 36.15
C ALA C 441 14.77 38.13 35.19
N PRO C 442 15.63 39.11 35.48
CA PRO C 442 15.83 40.21 34.54
C PRO C 442 16.51 39.74 33.27
N LYS C 443 16.17 40.40 32.17
CA LYS C 443 16.75 40.10 30.87
C LYS C 443 17.25 41.40 30.24
N ARG C 444 18.16 41.26 29.29
CA ARG C 444 18.76 42.41 28.64
C ARG C 444 17.80 43.01 27.62
N VAL C 445 17.53 44.30 27.75
CA VAL C 445 16.58 45.01 26.90
C VAL C 445 17.27 46.23 26.31
N VAL C 446 17.02 46.50 25.04
CA VAL C 446 17.63 47.61 24.32
C VAL C 446 16.57 48.68 24.05
N LEU C 447 16.91 49.92 24.36
CA LEU C 447 16.08 51.09 24.06
C LEU C 447 16.84 52.04 23.15
N PRO C 448 16.52 52.08 21.85
CA PRO C 448 17.33 52.87 20.91
C PRO C 448 17.26 54.37 21.12
N GLU C 449 16.14 54.90 21.59
CA GLU C 449 16.01 56.35 21.78
C GLU C 449 16.46 56.73 23.19
N GLY C 450 17.78 56.60 23.40
CA GLY C 450 18.33 56.80 24.74
C GLY C 450 18.35 58.25 25.18
N GLU C 451 18.49 59.19 24.23
CA GLU C 451 18.52 60.60 24.60
C GLU C 451 17.16 61.09 25.06
N GLU C 452 16.08 60.42 24.65
CA GLU C 452 14.73 60.89 24.94
C GLU C 452 14.45 60.79 26.44
N ALA C 453 13.97 61.90 27.01
CA ALA C 453 13.83 62.01 28.46
C ALA C 453 12.93 60.91 29.01
N ARG C 454 11.77 60.69 28.36
CA ARG C 454 10.85 59.65 28.82
C ARG C 454 11.53 58.30 28.92
N VAL C 455 12.38 57.97 27.95
CA VAL C 455 13.15 56.74 28.02
C VAL C 455 14.06 56.76 29.24
N LEU C 456 14.73 57.89 29.47
CA LEU C 456 15.60 58.00 30.63
C LEU C 456 14.82 57.83 31.92
N HIS C 457 13.68 58.52 32.05
CA HIS C 457 12.83 58.34 33.22
C HIS C 457 12.41 56.88 33.37
N ALA C 458 12.08 56.23 32.25
CA ALA C 458 11.65 54.83 32.31
C ALA C 458 12.79 53.92 32.75
N THR C 459 14.03 54.24 32.37
CA THR C 459 15.15 53.39 32.75
C THR C 459 15.34 53.37 34.26
N GLN C 460 15.17 54.51 34.92
CA GLN C 460 15.31 54.58 36.38
C GLN C 460 14.31 53.65 37.05
N GLU C 461 13.05 53.74 36.67
CA GLU C 461 12.02 52.91 37.29
C GLU C 461 12.28 51.44 37.05
N LEU C 462 12.86 51.09 35.89
CA LEU C 462 13.18 49.69 35.61
C LEU C 462 14.26 49.19 36.54
N VAL C 463 15.34 49.96 36.70
CA VAL C 463 16.44 49.53 37.55
C VAL C 463 15.98 49.43 39.00
N THR C 464 15.27 50.45 39.48
CA THR C 464 14.80 50.46 40.86
C THR C 464 13.91 49.26 41.15
N LEU C 465 12.90 49.03 40.31
CA LEU C 465 12.07 47.84 40.46
C LEU C 465 12.84 46.56 40.17
N GLY C 466 13.94 46.65 39.44
CA GLY C 466 14.67 45.46 39.04
C GLY C 466 13.98 44.65 37.97
N LEU C 467 13.29 45.30 37.02
CA LEU C 467 12.58 44.58 35.96
C LEU C 467 13.54 44.06 34.89
N ALA C 468 14.49 44.87 34.45
CA ALA C 468 15.34 44.46 33.34
C ALA C 468 16.71 45.12 33.46
N LYS C 469 17.67 44.58 32.70
CA LYS C 469 18.98 45.18 32.55
C LYS C 469 18.97 46.02 31.28
N PRO C 470 18.90 47.35 31.38
CA PRO C 470 18.71 48.16 30.17
C PRO C 470 20.01 48.48 29.44
N ILE C 471 19.88 48.55 28.12
CA ILE C 471 20.96 48.92 27.21
C ILE C 471 20.44 50.05 26.34
N LEU C 472 20.98 51.25 26.53
CA LEU C 472 20.51 52.43 25.81
C LEU C 472 21.49 52.80 24.70
N ILE C 473 20.95 53.31 23.60
CA ILE C 473 21.75 53.73 22.44
C ILE C 473 21.59 55.23 22.27
N GLY C 474 22.70 55.91 22.04
CA GLY C 474 22.66 57.35 21.81
C GLY C 474 24.03 57.96 22.06
N ARG C 475 24.04 59.29 22.04
CA ARG C 475 25.26 60.02 22.33
C ARG C 475 25.48 60.06 23.84
N PRO C 476 26.59 59.53 24.36
CA PRO C 476 26.75 59.44 25.82
C PRO C 476 26.83 60.79 26.49
N ASN C 477 27.42 61.78 25.82
CA ASN C 477 27.49 63.14 26.37
C ASN C 477 26.11 63.65 26.74
N VAL C 478 25.19 63.61 25.78
CA VAL C 478 23.87 64.20 25.96
C VAL C 478 23.08 63.44 27.00
N ILE C 479 23.18 62.10 26.99
CA ILE C 479 22.44 61.28 27.94
C ILE C 479 22.85 61.60 29.38
N GLU C 480 24.17 61.64 29.62
CA GLU C 480 24.66 61.94 30.96
C GLU C 480 24.24 63.33 31.41
N MET C 481 24.32 64.31 30.51
CA MET C 481 23.93 65.67 30.83
C MET C 481 22.43 65.76 31.12
N ARG C 482 21.61 65.08 30.33
CA ARG C 482 20.18 65.10 30.57
C ARG C 482 19.83 64.38 31.87
N ILE C 483 20.54 63.29 32.17
CA ILE C 483 20.27 62.55 33.41
C ILE C 483 20.40 63.47 34.61
N GLN C 484 21.46 64.28 34.65
CA GLN C 484 21.65 65.21 35.75
C GLN C 484 20.53 66.25 35.79
N LYS C 485 20.22 66.85 34.64
CA LYS C 485 19.14 67.84 34.59
C LYS C 485 17.82 67.26 35.10
N LEU C 486 17.54 66.02 34.73
CA LEU C 486 16.32 65.36 35.23
C LEU C 486 16.42 65.05 36.72
N GLY C 487 17.63 64.88 37.23
CA GLY C 487 17.81 64.48 38.61
C GLY C 487 17.84 62.99 38.83
N LEU C 488 18.04 62.20 37.78
CA LEU C 488 18.02 60.76 37.90
C LEU C 488 19.31 60.25 38.54
N GLN C 489 19.16 59.24 39.40
CA GLN C 489 20.27 58.71 40.19
C GLN C 489 20.99 57.56 39.51
N ILE C 490 20.58 57.15 38.31
CA ILE C 490 21.23 56.02 37.66
C ILE C 490 22.59 56.44 37.13
N LYS C 491 23.56 55.56 37.26
CA LYS C 491 24.92 55.78 36.79
C LYS C 491 25.23 54.84 35.64
N ALA C 492 25.99 55.33 34.67
CA ALA C 492 26.31 54.55 33.48
C ALA C 492 27.44 53.57 33.76
N GLY C 493 27.49 52.51 32.93
CA GLY C 493 28.42 51.43 33.13
C GLY C 493 28.10 50.50 34.27
N VAL C 494 27.16 50.88 35.15
CA VAL C 494 26.80 50.08 36.31
C VAL C 494 25.36 49.60 36.17
N ASP C 495 24.40 50.50 36.41
CA ASP C 495 22.99 50.14 36.30
C ASP C 495 22.61 49.79 34.87
N PHE C 496 23.14 50.52 33.89
CA PHE C 496 22.82 50.32 32.50
C PHE C 496 24.08 50.46 31.67
N GLU C 497 24.03 49.93 30.45
CA GLU C 497 25.10 50.05 29.49
C GLU C 497 24.69 51.02 28.39
N ILE C 498 25.67 51.73 27.84
CA ILE C 498 25.46 52.63 26.72
C ILE C 498 26.28 52.13 25.55
N VAL C 499 25.71 52.18 24.36
CA VAL C 499 26.41 51.88 23.12
C VAL C 499 26.39 53.14 22.28
N ASN C 500 27.57 53.69 21.99
CA ASN C 500 27.67 54.97 21.30
C ASN C 500 27.42 54.75 19.82
N ASN C 501 26.43 55.45 19.27
CA ASN C 501 26.08 55.26 17.87
C ASN C 501 27.19 55.72 16.94
N GLU C 502 27.86 56.82 17.28
CA GLU C 502 28.85 57.40 16.39
C GLU C 502 30.10 56.53 16.29
N SER C 503 30.47 55.87 17.39
CA SER C 503 31.68 55.07 17.42
C SER C 503 31.46 53.86 18.32
N ASP C 504 31.69 52.66 17.77
CA ASP C 504 31.54 51.43 18.51
C ASP C 504 32.51 50.41 17.94
N PRO C 505 33.16 49.60 18.78
CA PRO C 505 34.14 48.63 18.26
C PRO C 505 33.53 47.57 17.35
N ARG C 506 32.24 47.27 17.50
CA ARG C 506 31.60 46.25 16.69
C ARG C 506 30.95 46.82 15.43
N PHE C 507 31.26 48.07 15.09
CA PHE C 507 30.63 48.72 13.94
C PHE C 507 30.86 47.93 12.66
N LYS C 508 32.11 47.53 12.40
CA LYS C 508 32.42 46.84 11.15
C LYS C 508 31.67 45.52 11.04
N GLU C 509 31.49 44.83 12.16
CA GLU C 509 30.75 43.57 12.14
C GLU C 509 29.26 43.79 11.93
N TYR C 510 28.74 44.91 12.45
CA TYR C 510 27.30 45.14 12.42
C TYR C 510 26.82 45.51 11.01
N TRP C 511 27.46 46.50 10.38
CA TRP C 511 27.00 46.89 9.04
C TRP C 511 27.16 45.75 8.05
N THR C 512 28.18 44.90 8.23
CA THR C 512 28.35 43.75 7.35
C THR C 512 27.25 42.71 7.59
N GLU C 513 26.83 42.54 8.84
CA GLU C 513 25.73 41.62 9.11
C GLU C 513 24.40 42.19 8.60
N TYR C 514 24.20 43.50 8.75
CA TYR C 514 23.01 44.14 8.22
C TYR C 514 22.98 44.10 6.71
N PHE C 515 24.14 44.32 6.07
CA PHE C 515 24.20 44.34 4.61
C PHE C 515 23.83 42.98 4.02
N GLN C 516 24.33 41.89 4.60
CA GLN C 516 24.01 40.57 4.09
C GLN C 516 22.53 40.24 4.24
N ILE C 517 21.82 40.88 5.19
CA ILE C 517 20.39 40.67 5.28
C ILE C 517 19.65 41.52 4.25
N MET C 518 20.20 42.68 3.89
CA MET C 518 19.48 43.68 3.12
C MET C 518 20.14 44.02 1.79
N LYS C 519 21.07 43.19 1.31
CA LYS C 519 21.79 43.54 0.09
C LYS C 519 20.87 43.52 -1.12
N ARG C 520 19.97 42.53 -1.19
CA ARG C 520 19.05 42.41 -2.30
C ARG C 520 17.72 43.09 -2.03
N ARG C 521 17.55 43.68 -0.85
CA ARG C 521 16.38 44.46 -0.50
C ARG C 521 16.61 45.96 -0.62
N GLY C 522 17.61 46.36 -1.40
CA GLY C 522 17.81 47.76 -1.69
C GLY C 522 18.79 48.49 -0.80
N VAL C 523 19.55 47.78 0.03
CA VAL C 523 20.56 48.38 0.89
C VAL C 523 21.93 48.04 0.34
N THR C 524 22.74 49.07 0.14
CA THR C 524 24.11 48.90 -0.32
C THR C 524 25.06 48.86 0.88
N GLN C 525 26.32 48.46 0.61
CA GLN C 525 27.33 48.48 1.66
C GLN C 525 27.52 49.89 2.21
N GLU C 526 27.56 50.89 1.34
CA GLU C 526 27.72 52.27 1.77
C GLU C 526 26.48 52.76 2.50
N GLN C 527 25.29 52.35 2.03
CA GLN C 527 24.05 52.74 2.69
C GLN C 527 23.94 52.09 4.06
N ALA C 528 24.39 50.85 4.20
CA ALA C 528 24.32 50.16 5.49
C ALA C 528 25.15 50.87 6.55
N GLN C 529 26.31 51.40 6.16
CA GLN C 529 27.17 52.06 7.13
C GLN C 529 26.55 53.34 7.65
N ARG C 530 26.07 54.21 6.74
CA ARG C 530 25.37 55.42 7.17
C ARG C 530 24.23 55.10 8.12
N ALA C 531 23.57 53.96 7.90
CA ALA C 531 22.40 53.62 8.70
C ALA C 531 22.80 53.17 10.11
N LEU C 532 23.96 52.56 10.27
CA LEU C 532 24.37 52.08 11.58
C LEU C 532 24.83 53.19 12.51
N ILE C 533 25.00 54.42 12.00
CA ILE C 533 25.33 55.56 12.85
C ILE C 533 24.13 56.47 13.01
N SER C 534 23.29 56.58 11.97
CA SER C 534 22.20 57.53 11.99
C SER C 534 20.91 56.98 12.60
N ASN C 535 20.60 55.70 12.35
CA ASN C 535 19.34 55.13 12.83
C ASN C 535 19.60 54.24 14.04
N PRO C 536 19.22 54.67 15.24
CA PRO C 536 19.43 53.80 16.43
C PRO C 536 18.69 52.48 16.35
N THR C 537 17.46 52.48 15.83
CA THR C 537 16.65 51.27 15.82
C THR C 537 17.33 50.14 15.05
N VAL C 538 18.11 50.49 14.03
CA VAL C 538 18.82 49.47 13.27
C VAL C 538 19.83 48.75 14.16
N ILE C 539 20.47 49.51 15.07
CA ILE C 539 21.53 48.94 15.90
C ILE C 539 20.97 47.87 16.83
N GLY C 540 19.93 48.22 17.59
CA GLY C 540 19.37 47.27 18.55
C GLY C 540 18.84 46.01 17.90
N ALA C 541 18.34 46.13 16.67
CA ALA C 541 17.87 44.96 15.94
C ALA C 541 18.99 43.95 15.72
N ILE C 542 20.14 44.44 15.25
CA ILE C 542 21.27 43.55 15.00
C ILE C 542 21.72 42.89 16.30
N MET C 543 21.71 43.64 17.40
CA MET C 543 22.10 43.09 18.70
C MET C 543 21.20 41.91 19.08
N VAL C 544 19.88 42.12 18.99
CA VAL C 544 18.94 41.08 19.41
C VAL C 544 19.15 39.82 18.58
N GLN C 545 19.38 39.98 17.27
CA GLN C 545 19.63 38.82 16.43
C GLN C 545 20.97 38.16 16.75
N ARG C 546 22.00 38.98 17.02
CA ARG C 546 23.30 38.43 17.36
C ARG C 546 23.31 37.73 18.71
N GLY C 547 22.36 38.04 19.59
CA GLY C 547 22.32 37.52 20.93
C GLY C 547 22.84 38.47 21.99
N GLU C 548 23.39 39.63 21.57
CA GLU C 548 23.93 40.59 22.53
C GLU C 548 22.83 41.14 23.44
N ALA C 549 21.61 41.25 22.92
CA ALA C 549 20.47 41.70 23.69
C ALA C 549 19.34 40.69 23.53
N ASP C 550 18.53 40.56 24.59
CA ASP C 550 17.45 39.59 24.57
C ASP C 550 16.16 40.14 23.98
N ALA C 551 15.97 41.46 24.00
CA ALA C 551 14.76 42.08 23.45
C ALA C 551 15.03 43.55 23.19
N MET C 552 14.07 44.21 22.57
CA MET C 552 14.19 45.62 22.21
C MET C 552 12.83 46.30 22.31
N ILE C 553 12.84 47.54 22.76
CA ILE C 553 11.65 48.38 22.86
C ILE C 553 11.99 49.74 22.27
N CYS C 554 11.38 50.07 21.14
CA CYS C 554 11.72 51.29 20.40
C CYS C 554 10.45 51.98 19.93
N GLY C 555 10.62 52.93 19.01
CA GLY C 555 9.51 53.66 18.43
C GLY C 555 9.04 54.85 19.21
N THR C 556 9.68 55.17 20.35
CA THR C 556 9.26 56.32 21.14
C THR C 556 9.38 57.61 20.36
N VAL C 557 10.32 57.66 19.43
CA VAL C 557 10.45 58.78 18.50
C VAL C 557 10.48 58.21 17.09
N GLY C 558 9.68 58.78 16.21
CA GLY C 558 9.62 58.35 14.83
C GLY C 558 8.27 57.73 14.47
N ASP C 559 7.99 57.70 13.18
CA ASP C 559 6.77 57.09 12.68
C ASP C 559 6.84 55.57 12.83
N TYR C 560 5.67 54.96 13.07
CA TYR C 560 5.64 53.54 13.40
C TYR C 560 6.25 52.67 12.31
N HIS C 561 5.97 52.99 11.05
CA HIS C 561 6.35 52.06 9.99
C HIS C 561 7.84 52.13 9.63
N GLU C 562 8.56 53.17 10.08
CA GLU C 562 10.01 53.14 9.97
C GLU C 562 10.59 52.05 10.87
N HIS C 563 10.22 52.06 12.15
CA HIS C 563 10.72 51.05 13.08
C HIS C 563 10.21 49.66 12.71
N PHE C 564 8.95 49.56 12.28
CA PHE C 564 8.43 48.25 11.90
C PHE C 564 9.16 47.68 10.69
N SER C 565 9.42 48.52 9.68
CA SER C 565 10.14 48.07 8.50
C SER C 565 11.45 47.39 8.88
N VAL C 566 12.26 48.07 9.69
CA VAL C 566 13.53 47.51 10.13
C VAL C 566 13.31 46.19 10.85
N VAL C 567 12.33 46.14 11.74
CA VAL C 567 12.09 44.95 12.55
C VAL C 567 11.74 43.77 11.65
N LYS C 568 10.85 43.99 10.68
CA LYS C 568 10.37 42.88 9.86
C LYS C 568 11.49 42.28 9.02
N ASN C 569 12.39 43.13 8.53
CA ASN C 569 13.48 42.65 7.68
C ASN C 569 14.45 41.77 8.45
N VAL C 570 14.87 42.22 9.63
CA VAL C 570 15.93 41.54 10.36
C VAL C 570 15.40 40.31 11.09
N PHE C 571 14.38 40.52 11.93
CA PHE C 571 13.91 39.44 12.79
C PHE C 571 13.10 38.42 12.00
N GLY C 572 12.23 38.89 11.11
CA GLY C 572 11.39 38.01 10.35
C GLY C 572 10.16 37.55 11.11
N TYR C 573 9.24 36.94 10.38
CA TYR C 573 8.01 36.45 10.96
C TYR C 573 8.25 35.13 11.70
N ARG C 574 7.48 34.92 12.76
CA ARG C 574 7.53 33.64 13.48
C ARG C 574 7.23 32.50 12.52
N ASP C 575 7.70 31.30 12.88
CA ASP C 575 7.34 30.12 12.12
C ASP C 575 5.86 29.85 12.27
N GLY C 576 5.18 29.66 11.13
CA GLY C 576 3.76 29.40 11.11
C GLY C 576 2.88 30.62 10.94
N VAL C 577 3.47 31.80 10.84
CA VAL C 577 2.72 33.05 10.71
C VAL C 577 3.34 33.87 9.59
N HIS C 578 2.50 34.45 8.74
CA HIS C 578 2.97 35.23 7.60
C HIS C 578 2.45 36.66 7.62
N THR C 579 1.84 37.09 8.73
CA THR C 579 1.32 38.44 8.85
C THR C 579 1.51 38.92 10.28
N ALA C 580 1.47 40.24 10.47
CA ALA C 580 1.72 40.86 11.76
C ALA C 580 0.54 41.72 12.17
N GLY C 581 0.44 41.97 13.48
CA GLY C 581 -0.65 42.75 14.03
C GLY C 581 -0.20 43.61 15.19
N ALA C 582 -0.97 44.67 15.41
CA ALA C 582 -0.71 45.63 16.48
C ALA C 582 -1.92 45.71 17.39
N MET C 583 -1.71 45.47 18.68
CA MET C 583 -2.78 45.46 19.67
C MET C 583 -2.54 46.55 20.70
N ASN C 584 -3.60 47.29 21.03
CA ASN C 584 -3.55 48.26 22.11
C ASN C 584 -4.55 47.87 23.20
N ALA C 585 -4.22 48.24 24.43
CA ALA C 585 -5.02 47.88 25.60
C ALA C 585 -5.69 49.11 26.18
N LEU C 586 -6.95 48.96 26.57
CA LEU C 586 -7.75 50.01 27.18
C LEU C 586 -8.43 49.48 28.42
N LEU C 587 -8.49 50.29 29.47
CA LEU C 587 -9.23 49.94 30.67
C LEU C 587 -10.60 50.59 30.56
N LEU C 588 -11.49 49.92 29.84
CA LEU C 588 -12.83 50.39 29.57
C LEU C 588 -13.77 50.04 30.72
N PRO C 589 -14.88 50.78 30.87
CA PRO C 589 -15.87 50.41 31.91
C PRO C 589 -16.39 48.99 31.79
N SER C 590 -16.55 48.49 30.56
CA SER C 590 -17.01 47.11 30.37
C SER C 590 -15.95 46.11 30.81
N GLY C 591 -14.69 46.49 30.75
CA GLY C 591 -13.61 45.60 31.12
C GLY C 591 -12.35 45.96 30.38
N ASN C 592 -11.30 45.18 30.63
CA ASN C 592 -10.09 45.30 29.85
C ASN C 592 -10.38 44.90 28.40
N THR C 593 -10.08 45.81 27.48
CA THR C 593 -10.45 45.63 26.09
C THR C 593 -9.25 45.89 25.19
N PHE C 594 -9.06 45.01 24.21
CA PHE C 594 -7.94 45.07 23.28
C PHE C 594 -8.47 45.28 21.86
N ILE C 595 -7.70 45.99 21.05
CA ILE C 595 -8.08 46.33 19.69
C ILE C 595 -6.92 46.02 18.75
N ALA C 596 -7.26 45.45 17.59
CA ALA C 596 -6.25 45.05 16.61
C ALA C 596 -6.88 45.00 15.22
N ASP C 597 -6.09 45.30 14.20
CA ASP C 597 -4.73 45.82 14.37
C ASP C 597 -4.74 47.31 14.11
N THR C 598 -3.84 48.05 14.76
CA THR C 598 -3.92 49.49 14.77
C THR C 598 -2.77 50.19 14.06
N TYR C 599 -1.72 49.46 13.68
CA TYR C 599 -0.58 50.09 13.01
C TYR C 599 0.04 49.29 11.89
N VAL C 600 -0.26 47.99 11.76
CA VAL C 600 0.47 47.15 10.82
C VAL C 600 -0.13 47.22 9.42
N ASN C 601 -1.35 46.72 9.26
CA ASN C 601 -1.96 46.51 7.95
C ASN C 601 -3.10 47.50 7.73
N ASP C 602 -3.02 48.27 6.64
CA ASP C 602 -4.03 49.29 6.39
C ASP C 602 -5.37 48.68 5.97
N GLU C 603 -5.32 47.65 5.13
CA GLU C 603 -6.54 46.96 4.67
C GLU C 603 -6.26 45.48 4.64
N PRO C 604 -6.29 44.82 5.80
CA PRO C 604 -5.97 43.39 5.85
C PRO C 604 -7.03 42.58 5.12
N ASP C 605 -6.58 41.52 4.44
CA ASP C 605 -7.49 40.62 3.77
C ASP C 605 -8.04 39.61 4.79
N ALA C 606 -8.89 38.71 4.30
CA ALA C 606 -9.59 37.80 5.19
C ALA C 606 -8.63 36.88 5.95
N GLU C 607 -7.69 36.27 5.23
CA GLU C 607 -6.75 35.37 5.87
C GLU C 607 -5.84 36.10 6.84
N GLU C 608 -5.37 37.29 6.46
CA GLU C 608 -4.56 38.09 7.37
C GLU C 608 -5.34 38.49 8.61
N LEU C 609 -6.63 38.80 8.43
CA LEU C 609 -7.47 39.15 9.57
C LEU C 609 -7.63 37.98 10.53
N ALA C 610 -7.72 36.75 10.00
CA ALA C 610 -7.91 35.59 10.85
C ALA C 610 -6.66 35.30 11.68
N GLU C 611 -5.48 35.37 11.06
CA GLU C 611 -4.26 35.12 11.81
C GLU C 611 -4.05 36.15 12.92
N ILE C 612 -4.36 37.42 12.62
CA ILE C 612 -4.32 38.45 13.65
C ILE C 612 -5.16 38.03 14.85
N THR C 613 -6.40 37.61 14.58
CA THR C 613 -7.29 37.20 15.66
C THR C 613 -6.67 36.07 16.49
N LEU C 614 -6.16 35.04 15.83
CA LEU C 614 -5.59 33.91 16.57
C LEU C 614 -4.44 34.35 17.45
N MET C 615 -3.54 35.19 16.92
CA MET C 615 -2.41 35.66 17.70
C MET C 615 -2.87 36.50 18.88
N ALA C 616 -3.89 37.34 18.67
CA ALA C 616 -4.42 38.14 19.77
C ALA C 616 -5.03 37.27 20.85
N ALA C 617 -5.62 36.14 20.47
CA ALA C 617 -6.14 35.21 21.47
C ALA C 617 -5.03 34.61 22.31
N GLU C 618 -3.93 34.20 21.66
CA GLU C 618 -2.79 33.65 22.40
C GLU C 618 -2.26 34.65 23.41
N THR C 619 -2.09 35.90 22.99
CA THR C 619 -1.53 36.92 23.87
C THR C 619 -2.42 37.20 25.05
N VAL C 620 -3.74 37.28 24.83
CA VAL C 620 -4.66 37.54 25.93
C VAL C 620 -4.70 36.35 26.89
N ARG C 621 -4.67 35.13 26.36
CA ARG C 621 -4.61 33.94 27.22
C ARG C 621 -3.36 33.97 28.09
N ARG C 622 -2.23 34.38 27.50
CA ARG C 622 -1.00 34.50 28.28
C ARG C 622 -1.17 35.50 29.42
N PHE C 623 -1.84 36.62 29.16
CA PHE C 623 -2.13 37.59 30.21
C PHE C 623 -2.96 37.01 31.34
N GLY C 624 -3.70 35.93 31.08
CA GLY C 624 -4.57 35.32 32.06
C GLY C 624 -6.05 35.57 31.82
N ILE C 625 -6.37 36.63 31.07
CA ILE C 625 -7.77 36.93 30.76
C ILE C 625 -8.29 35.94 29.73
N GLU C 626 -9.54 35.51 29.89
CA GLU C 626 -10.14 34.61 28.93
C GLU C 626 -10.50 35.37 27.66
N PRO C 627 -10.26 34.78 26.47
CA PRO C 627 -10.50 35.51 25.23
C PRO C 627 -11.94 35.47 24.74
N ARG C 628 -12.58 36.64 24.65
CA ARG C 628 -13.89 36.81 24.04
C ARG C 628 -13.71 37.76 22.85
N VAL C 629 -13.92 37.25 21.63
CA VAL C 629 -13.56 37.97 20.41
C VAL C 629 -14.83 38.39 19.68
N ALA C 630 -14.79 39.57 19.06
CA ALA C 630 -15.89 40.08 18.26
C ALA C 630 -15.34 40.79 17.04
N LEU C 631 -15.94 40.51 15.89
CA LEU C 631 -15.55 41.11 14.62
C LEU C 631 -16.50 42.27 14.33
N LEU C 632 -15.95 43.47 14.22
CA LEU C 632 -16.74 44.69 14.12
C LEU C 632 -16.89 45.11 12.67
N SER C 633 -18.06 45.66 12.34
CA SER C 633 -18.32 46.18 11.01
C SER C 633 -19.53 47.09 11.08
N HIS C 634 -19.67 47.95 10.06
CA HIS C 634 -20.85 48.80 9.99
C HIS C 634 -22.11 47.98 9.77
N SER C 635 -21.96 46.82 9.11
CA SER C 635 -23.06 45.87 8.98
C SER C 635 -23.20 45.05 10.25
N ASN C 636 -24.44 44.81 10.65
CA ASN C 636 -24.76 44.02 11.85
C ASN C 636 -25.37 42.70 11.39
N PHE C 637 -24.58 41.63 11.45
CA PHE C 637 -25.01 40.28 11.08
C PHE C 637 -25.62 40.26 9.68
N GLY C 638 -24.93 40.90 8.75
CA GLY C 638 -25.34 40.92 7.36
C GLY C 638 -26.39 41.94 6.99
N SER C 639 -26.56 42.99 7.79
CA SER C 639 -27.50 44.05 7.42
C SER C 639 -27.05 44.75 6.15
N SER C 640 -25.74 44.90 5.96
CA SER C 640 -25.16 45.44 4.74
C SER C 640 -24.20 44.42 4.15
N ASP C 641 -24.38 44.12 2.87
CA ASP C 641 -23.49 43.24 2.13
C ASP C 641 -22.50 44.11 1.34
N CYS C 642 -21.24 44.03 1.73
CA CYS C 642 -20.19 44.86 1.16
C CYS C 642 -18.88 44.10 1.30
N PRO C 643 -17.83 44.52 0.59
CA PRO C 643 -16.54 43.82 0.72
C PRO C 643 -16.02 43.77 2.15
N SER C 644 -16.13 44.87 2.89
CA SER C 644 -15.65 44.87 4.27
C SER C 644 -16.38 43.84 5.11
N SER C 645 -17.71 43.79 4.99
CA SER C 645 -18.48 42.86 5.81
C SER C 645 -18.25 41.42 5.38
N SER C 646 -18.29 41.16 4.06
CA SER C 646 -18.07 39.80 3.57
C SER C 646 -16.71 39.26 4.01
N LYS C 647 -15.70 40.13 4.02
CA LYS C 647 -14.38 39.73 4.51
C LYS C 647 -14.46 39.27 5.97
N MET C 648 -15.21 39.98 6.81
CA MET C 648 -15.31 39.61 8.21
C MET C 648 -15.94 38.24 8.38
N ARG C 649 -17.02 37.96 7.63
CA ARG C 649 -17.71 36.68 7.77
C ARG C 649 -16.80 35.53 7.36
N GLN C 650 -16.05 35.69 6.27
CA GLN C 650 -15.12 34.64 5.84
C GLN C 650 -14.08 34.36 6.90
N ALA C 651 -13.52 35.41 7.50
CA ALA C 651 -12.52 35.22 8.53
C ALA C 651 -13.08 34.44 9.71
N LEU C 652 -14.33 34.71 10.07
CA LEU C 652 -14.97 34.00 11.17
C LEU C 652 -14.93 32.50 10.93
N GLU C 653 -15.28 32.06 9.72
CA GLU C 653 -15.23 30.65 9.39
C GLU C 653 -13.80 30.12 9.46
N LEU C 654 -12.83 30.90 8.99
CA LEU C 654 -11.44 30.47 9.03
C LEU C 654 -10.97 30.27 10.46
N VAL C 655 -11.31 31.21 11.35
CA VAL C 655 -10.85 31.12 12.74
C VAL C 655 -11.48 29.91 13.42
N ARG C 656 -12.77 29.66 13.16
CA ARG C 656 -13.45 28.53 13.77
C ARG C 656 -12.85 27.20 13.32
N GLU C 657 -12.38 27.12 12.08
CA GLU C 657 -11.74 25.90 11.62
C GLU C 657 -10.39 25.69 12.31
N ARG C 658 -9.58 26.74 12.39
CA ARG C 658 -8.24 26.61 12.97
C ARG C 658 -8.30 26.44 14.48
N ALA C 659 -9.33 26.99 15.14
CA ALA C 659 -9.47 26.90 16.59
C ALA C 659 -10.94 26.96 16.94
N PRO C 660 -11.56 25.82 17.22
CA PRO C 660 -12.98 25.83 17.61
C PRO C 660 -13.21 26.40 18.99
N GLU C 661 -12.23 26.28 19.89
CA GLU C 661 -12.43 26.65 21.29
C GLU C 661 -12.65 28.15 21.46
N LEU C 662 -12.14 28.96 20.53
CA LEU C 662 -12.23 30.40 20.66
C LEU C 662 -13.68 30.87 20.58
N MET C 663 -14.04 31.77 21.49
CA MET C 663 -15.40 32.33 21.55
C MET C 663 -15.43 33.60 20.72
N ILE C 664 -16.18 33.59 19.62
CA ILE C 664 -16.20 34.72 18.70
C ILE C 664 -17.47 34.64 17.87
N ASP C 665 -17.99 35.80 17.49
CA ASP C 665 -19.14 35.90 16.59
C ASP C 665 -19.02 37.19 15.79
N GLY C 666 -19.52 37.15 14.56
CA GLY C 666 -19.44 38.32 13.71
C GLY C 666 -20.28 38.14 12.46
N GLU C 667 -20.41 39.22 11.70
CA GLU C 667 -19.91 40.54 12.08
C GLU C 667 -20.90 41.12 13.07
N MET C 668 -20.57 42.23 13.72
CA MET C 668 -21.56 42.87 14.57
C MET C 668 -21.19 44.33 14.76
N HIS C 669 -22.19 45.11 15.18
CA HIS C 669 -21.95 46.48 15.58
C HIS C 669 -21.07 46.51 16.83
N GLY C 670 -20.50 47.68 17.09
CA GLY C 670 -19.67 47.83 18.28
C GLY C 670 -20.45 47.62 19.56
N ASP C 671 -21.65 48.22 19.63
CA ASP C 671 -22.46 48.10 20.82
C ASP C 671 -22.80 46.66 21.15
N ALA C 672 -22.97 45.80 20.13
CA ALA C 672 -23.33 44.41 20.38
C ALA C 672 -22.18 43.64 21.02
N ALA C 673 -20.94 44.08 20.80
CA ALA C 673 -19.82 43.42 21.45
C ALA C 673 -19.68 43.83 22.91
N LEU C 674 -20.10 45.03 23.25
CA LEU C 674 -19.87 45.54 24.60
C LEU C 674 -21.06 45.31 25.52
N VAL C 675 -22.28 45.54 25.04
CA VAL C 675 -23.49 45.41 25.83
C VAL C 675 -24.17 44.08 25.46
N GLU C 676 -24.19 43.15 26.42
CA GLU C 676 -24.81 41.85 26.17
C GLU C 676 -26.27 42.00 25.80
N ALA C 677 -26.98 42.94 26.44
CA ALA C 677 -28.41 43.10 26.18
C ALA C 677 -28.70 43.38 24.71
N ILE C 678 -27.91 44.25 24.09
CA ILE C 678 -28.14 44.58 22.69
C ILE C 678 -27.88 43.36 21.81
N ARG C 679 -26.86 42.57 22.15
CA ARG C 679 -26.53 41.41 21.33
C ARG C 679 -27.55 40.30 21.49
N ASN C 680 -28.11 40.12 22.69
CA ASN C 680 -29.10 39.09 22.89
C ASN C 680 -30.37 39.36 22.09
N ASP C 681 -30.72 40.63 21.93
CA ASP C 681 -31.90 40.97 21.14
C ASP C 681 -31.69 40.68 19.67
N ARG C 682 -30.53 41.07 19.13
CA ARG C 682 -30.27 40.89 17.71
C ARG C 682 -29.98 39.44 17.37
N MET C 683 -29.28 38.73 18.26
CA MET C 683 -28.92 37.33 18.05
C MET C 683 -28.95 36.60 19.38
N PRO C 684 -30.04 35.90 19.69
CA PRO C 684 -30.07 35.14 20.94
C PRO C 684 -29.05 34.00 20.96
N ASP C 685 -28.77 33.40 19.81
CA ASP C 685 -27.92 32.22 19.71
C ASP C 685 -26.44 32.55 19.65
N SER C 686 -26.07 33.78 19.96
CA SER C 686 -24.67 34.19 19.84
C SER C 686 -23.79 33.39 20.79
N SER C 687 -22.76 32.77 20.24
CA SER C 687 -21.79 32.06 21.07
C SER C 687 -21.06 33.00 22.01
N LEU C 688 -20.88 34.25 21.60
CA LEU C 688 -20.28 35.26 22.47
C LEU C 688 -21.16 35.49 23.69
N LYS C 689 -20.53 35.54 24.86
CA LYS C 689 -21.24 35.71 26.13
C LYS C 689 -20.58 36.82 26.93
N GLY C 690 -21.40 37.66 27.54
CA GLY C 690 -20.88 38.74 28.36
C GLY C 690 -20.40 39.93 27.56
N SER C 691 -19.30 40.54 27.99
CA SER C 691 -18.73 41.69 27.33
C SER C 691 -17.38 41.27 26.72
N ALA C 692 -17.31 41.28 25.39
CA ALA C 692 -16.10 40.84 24.70
C ALA C 692 -14.93 41.77 25.02
N ASN C 693 -13.73 41.21 25.02
CA ASN C 693 -12.52 41.94 25.38
C ASN C 693 -11.54 42.11 24.23
N ILE C 694 -11.80 41.49 23.09
CA ILE C 694 -10.91 41.58 21.93
C ILE C 694 -11.73 42.04 20.73
N LEU C 695 -11.35 43.17 20.15
CA LEU C 695 -12.09 43.77 19.05
C LEU C 695 -11.22 43.78 17.80
N VAL C 696 -11.48 42.84 16.90
CA VAL C 696 -10.85 42.81 15.59
C VAL C 696 -11.56 43.80 14.68
N MET C 697 -10.82 44.46 13.81
CA MET C 697 -11.37 45.53 13.00
C MET C 697 -11.31 45.19 11.52
N PRO C 698 -12.15 45.84 10.70
CA PRO C 698 -12.07 45.56 9.25
C PRO C 698 -10.86 46.21 8.59
N ASN C 699 -10.49 47.40 9.01
CA ASN C 699 -9.34 48.09 8.45
C ASN C 699 -8.72 49.01 9.49
N MET C 700 -7.45 49.34 9.27
CA MET C 700 -6.69 50.12 10.24
C MET C 700 -7.35 51.47 10.52
N GLU C 701 -7.87 52.13 9.48
CA GLU C 701 -8.37 53.49 9.63
C GLU C 701 -9.45 53.58 10.70
N ALA C 702 -10.29 52.55 10.80
CA ALA C 702 -11.31 52.54 11.84
C ALA C 702 -10.73 52.16 13.19
N ALA C 703 -9.75 51.26 13.21
CA ALA C 703 -9.13 50.86 14.47
C ALA C 703 -8.37 52.03 15.10
N ARG C 704 -7.60 52.75 14.30
CA ARG C 704 -6.79 53.85 14.83
C ARG C 704 -7.68 54.98 15.34
N ILE C 705 -8.73 55.32 14.58
CA ILE C 705 -9.65 56.37 15.02
C ILE C 705 -10.46 55.93 16.23
N SER C 706 -10.62 54.62 16.44
CA SER C 706 -11.29 54.13 17.64
C SER C 706 -10.39 54.28 18.86
N TYR C 707 -9.18 53.70 18.80
CA TYR C 707 -8.28 53.74 19.95
C TYR C 707 -7.97 55.17 20.36
N ASN C 708 -7.84 56.08 19.39
CA ASN C 708 -7.58 57.48 19.72
C ASN C 708 -8.73 58.07 20.52
N LEU C 709 -9.95 58.00 19.98
CA LEU C 709 -11.09 58.58 20.68
C LEU C 709 -11.44 57.81 21.95
N LEU C 710 -10.94 56.59 22.11
CA LEU C 710 -11.23 55.85 23.33
C LEU C 710 -10.22 56.13 24.45
N ARG C 711 -8.92 56.21 24.11
CA ARG C 711 -7.92 56.48 25.14
C ARG C 711 -8.10 57.84 25.79
N VAL C 712 -8.96 58.69 25.23
CA VAL C 712 -9.35 59.93 25.89
C VAL C 712 -10.68 59.79 26.61
N SER C 713 -11.46 58.74 26.33
CA SER C 713 -12.73 58.51 27.00
C SER C 713 -12.63 57.54 28.19
N SER C 714 -11.52 56.81 28.33
CA SER C 714 -11.27 55.97 29.50
C SER C 714 -9.86 56.26 30.01
N SER C 715 -9.66 57.50 30.48
CA SER C 715 -8.34 58.04 30.81
C SER C 715 -7.73 57.41 32.06
N GLU C 716 -8.50 56.70 32.88
CA GLU C 716 -7.99 56.25 34.17
C GLU C 716 -7.10 55.02 34.08
N GLY C 717 -7.06 54.34 32.93
CA GLY C 717 -6.18 53.20 32.77
C GLY C 717 -5.07 53.44 31.78
N VAL C 718 -3.82 53.25 32.21
CA VAL C 718 -2.65 53.32 31.33
C VAL C 718 -1.87 52.03 31.56
N THR C 719 -2.06 51.05 30.68
CA THR C 719 -1.50 49.73 30.91
C THR C 719 -0.53 49.34 29.81
N VAL C 720 -1.02 48.76 28.73
CA VAL C 720 -0.20 48.17 27.68
C VAL C 720 -0.32 49.01 26.42
N GLY C 721 0.82 49.42 25.86
CA GLY C 721 0.86 50.15 24.63
C GLY C 721 0.74 49.23 23.44
N PRO C 722 1.14 49.71 22.26
CA PRO C 722 1.00 48.90 21.04
C PRO C 722 1.78 47.58 21.09
N VAL C 723 1.08 46.46 21.23
CA VAL C 723 1.71 45.14 21.28
C VAL C 723 1.92 44.65 19.85
N LEU C 724 3.17 44.33 19.52
CA LEU C 724 3.50 43.75 18.22
C LEU C 724 3.41 42.23 18.30
N MET C 725 2.64 41.64 17.39
CA MET C 725 2.36 40.21 17.40
C MET C 725 2.76 39.59 16.07
N GLY C 726 3.60 38.57 16.12
CA GLY C 726 4.00 37.81 14.94
C GLY C 726 5.48 37.85 14.64
N VAL C 727 6.21 38.82 15.17
CA VAL C 727 7.64 38.93 14.91
C VAL C 727 8.38 37.90 15.75
N ALA C 728 9.45 37.33 15.18
CA ALA C 728 10.18 36.25 15.84
C ALA C 728 10.76 36.69 17.18
N LYS C 729 11.62 37.70 17.17
CA LYS C 729 12.30 38.12 18.40
C LYS C 729 11.39 39.02 19.24
N PRO C 730 11.59 39.05 20.57
CA PRO C 730 10.73 39.87 21.43
C PRO C 730 10.90 41.36 21.19
N VAL C 731 10.02 41.93 20.37
CA VAL C 731 10.13 43.32 19.94
C VAL C 731 8.76 43.97 20.01
N HIS C 732 8.74 45.25 20.37
CA HIS C 732 7.52 46.03 20.37
C HIS C 732 7.84 47.46 19.97
N VAL C 733 6.98 48.05 19.15
CA VAL C 733 7.15 49.42 18.69
C VAL C 733 6.07 50.28 19.32
N LEU C 734 6.46 51.45 19.81
CA LEU C 734 5.59 52.33 20.55
C LEU C 734 5.23 53.56 19.72
N THR C 735 4.57 54.51 20.35
CA THR C 735 4.11 55.74 19.74
C THR C 735 4.94 56.92 20.24
N PRO C 736 4.98 58.02 19.48
CA PRO C 736 5.64 59.23 20.00
C PRO C 736 4.98 59.79 21.26
N ILE C 737 3.71 59.46 21.53
CA ILE C 737 2.96 60.04 22.64
C ILE C 737 2.97 59.07 23.81
N ALA C 738 3.84 58.07 23.70
CA ALA C 738 3.91 57.02 24.72
C ALA C 738 4.38 57.61 26.03
N SER C 739 3.55 57.45 27.08
CA SER C 739 3.90 57.94 28.40
C SER C 739 5.02 57.10 29.00
N VAL C 740 5.74 57.69 29.96
CA VAL C 740 6.78 56.96 30.66
C VAL C 740 6.20 55.72 31.32
N ARG C 741 5.00 55.85 31.89
CA ARG C 741 4.24 54.70 32.36
C ARG C 741 4.20 53.61 31.30
N ARG C 742 3.91 54.00 30.05
CA ARG C 742 3.73 53.01 29.00
C ARG C 742 5.05 52.36 28.62
N ILE C 743 6.14 53.12 28.58
CA ILE C 743 7.42 52.55 28.20
C ILE C 743 7.91 51.57 29.26
N VAL C 744 7.66 51.86 30.53
CA VAL C 744 8.04 50.94 31.59
C VAL C 744 7.24 49.65 31.47
N ASN C 745 5.93 49.78 31.29
CA ASN C 745 5.07 48.60 31.21
C ASN C 745 5.44 47.72 30.02
N MET C 746 5.75 48.34 28.88
CA MET C 746 6.04 47.56 27.68
C MET C 746 7.38 46.84 27.78
N VAL C 747 8.37 47.46 28.45
CA VAL C 747 9.64 46.77 28.67
C VAL C 747 9.43 45.56 29.57
N ALA C 748 8.50 45.66 30.52
CA ALA C 748 8.15 44.52 31.35
C ALA C 748 7.50 43.41 30.53
N LEU C 749 6.63 43.78 29.60
CA LEU C 749 6.06 42.78 28.69
C LEU C 749 7.15 42.14 27.84
N ALA C 750 8.11 42.95 27.39
CA ALA C 750 9.19 42.43 26.56
C ALA C 750 10.03 41.41 27.32
N VAL C 751 10.34 41.69 28.58
CA VAL C 751 11.16 40.78 29.37
C VAL C 751 10.47 39.43 29.52
N VAL C 752 9.18 39.45 29.86
CA VAL C 752 8.44 38.21 30.05
C VAL C 752 8.47 37.37 28.78
N GLU C 753 8.35 38.02 27.62
CA GLU C 753 8.35 37.28 26.37
C GLU C 753 9.70 36.65 26.09
N ALA C 754 10.79 37.36 26.38
CA ALA C 754 12.11 36.86 26.04
C ALA C 754 12.57 35.75 26.97
N GLN C 755 11.91 35.58 28.12
CA GLN C 755 12.32 34.53 29.05
C GLN C 755 12.19 33.15 28.44
N THR C 756 11.15 32.95 27.63
CA THR C 756 10.94 31.70 26.90
C THR C 756 11.09 32.01 25.42
N GLN C 757 12.30 31.81 24.90
CA GLN C 757 12.58 32.07 23.49
C GLN C 757 12.41 30.79 22.66
N ASP D 2 -46.83 66.61 38.39
CA ASP D 2 -47.07 65.58 37.39
C ASP D 2 -46.94 64.18 37.98
N ASP D 3 -47.55 63.20 37.31
CA ASP D 3 -47.40 61.79 37.63
C ASP D 3 -46.61 61.03 36.58
N GLN D 4 -46.61 61.52 35.34
CA GLN D 4 -45.79 60.91 34.28
C GLN D 4 -44.31 61.18 34.53
N LEU D 5 -43.97 62.42 34.86
CA LEU D 5 -42.59 62.77 35.18
C LEU D 5 -42.20 62.40 36.60
N LYS D 6 -43.17 62.21 37.50
CA LYS D 6 -42.85 61.78 38.85
C LYS D 6 -42.32 60.35 38.86
N GLN D 7 -42.82 59.51 37.96
CA GLN D 7 -42.40 58.12 37.95
C GLN D 7 -41.08 57.92 37.22
N SER D 8 -40.80 58.72 36.19
CA SER D 8 -39.56 58.56 35.45
C SER D 8 -38.35 58.94 36.29
N ALA D 9 -38.56 59.61 37.41
CA ALA D 9 -37.47 59.94 38.32
C ALA D 9 -37.23 58.81 39.32
N LEU D 10 -38.30 58.14 39.77
CA LEU D 10 -38.13 56.96 40.59
C LEU D 10 -37.34 55.89 39.86
N ASP D 11 -37.56 55.77 38.54
CA ASP D 11 -36.76 54.87 37.73
C ASP D 11 -35.34 55.41 37.53
N PHE D 12 -35.20 56.74 37.45
CA PHE D 12 -33.89 57.34 37.21
C PHE D 12 -32.96 57.14 38.40
N HIS D 13 -33.48 57.17 39.62
CA HIS D 13 -32.68 56.99 40.82
C HIS D 13 -32.39 55.53 41.12
N GLU D 14 -32.70 54.63 40.21
CA GLU D 14 -32.51 53.20 40.45
C GLU D 14 -31.78 52.49 39.32
N PHE D 15 -32.03 52.88 38.06
CA PHE D 15 -31.40 52.26 36.90
C PHE D 15 -30.21 53.10 36.46
N PRO D 16 -29.02 52.49 36.25
CA PRO D 16 -28.75 51.05 36.33
C PRO D 16 -28.23 50.60 37.69
N VAL D 17 -27.70 51.53 38.48
CA VAL D 17 -27.09 51.19 39.76
C VAL D 17 -27.74 52.01 40.87
N PRO D 18 -28.06 51.40 42.02
CA PRO D 18 -28.60 52.19 43.13
C PRO D 18 -27.62 53.27 43.57
N GLY D 19 -28.12 54.50 43.64
CA GLY D 19 -27.30 55.63 43.99
C GLY D 19 -26.89 56.45 42.77
N LYS D 20 -26.56 57.71 43.00
CA LYS D 20 -26.18 58.60 41.92
C LYS D 20 -24.68 58.86 41.84
N ILE D 21 -23.99 58.85 42.97
CA ILE D 21 -22.56 59.16 43.01
C ILE D 21 -21.79 57.91 43.36
N GLN D 22 -20.49 57.93 43.04
CA GLN D 22 -19.59 56.80 43.28
C GLN D 22 -18.18 57.33 43.50
N VAL D 23 -17.45 56.68 44.40
CA VAL D 23 -16.06 57.01 44.66
C VAL D 23 -15.19 56.19 43.73
N SER D 24 -14.45 56.87 42.86
CA SER D 24 -13.59 56.23 41.88
C SER D 24 -12.14 56.64 42.11
N PRO D 25 -11.18 55.76 41.79
CA PRO D 25 -9.77 56.12 41.94
C PRO D 25 -9.39 57.27 41.02
N THR D 26 -8.31 57.95 41.39
CA THR D 26 -7.71 58.97 40.53
C THR D 26 -6.26 58.68 40.18
N LYS D 27 -5.58 57.82 40.93
CA LYS D 27 -4.23 57.37 40.62
C LYS D 27 -4.25 55.90 40.21
N PRO D 28 -3.33 55.49 39.34
CA PRO D 28 -3.34 54.10 38.88
C PRO D 28 -3.04 53.14 40.04
N LEU D 29 -3.33 51.85 39.78
CA LEU D 29 -3.07 50.80 40.76
C LEU D 29 -2.93 49.46 40.06
N ALA D 30 -2.30 49.46 38.88
CA ALA D 30 -2.18 48.22 38.11
C ALA D 30 -1.07 47.33 38.65
N THR D 31 0.11 47.89 38.88
CA THR D 31 1.27 47.09 39.21
C THR D 31 1.32 46.78 40.70
N GLN D 32 2.29 45.95 41.07
CA GLN D 32 2.55 45.67 42.48
C GLN D 32 3.29 46.82 43.15
N ARG D 33 4.11 47.55 42.40
CA ARG D 33 4.70 48.77 42.95
C ARG D 33 3.65 49.84 43.18
N ASP D 34 2.64 49.90 42.30
CA ASP D 34 1.58 50.89 42.47
C ASP D 34 0.85 50.71 43.79
N LEU D 35 0.69 49.46 44.24
CA LEU D 35 0.06 49.23 45.54
C LEU D 35 1.00 49.59 46.68
N ALA D 36 2.30 49.35 46.51
CA ALA D 36 3.28 49.68 47.53
C ALA D 36 3.51 51.19 47.66
N LEU D 37 3.00 52.00 46.74
CA LEU D 37 3.04 53.44 46.86
C LEU D 37 1.74 54.04 47.37
N ALA D 38 0.61 53.38 47.12
CA ALA D 38 -0.65 53.85 47.67
C ALA D 38 -0.86 53.43 49.11
N TYR D 39 -0.30 52.28 49.50
CA TYR D 39 -0.38 51.83 50.89
C TYR D 39 1.01 51.60 51.46
N SER D 40 1.23 50.44 52.08
CA SER D 40 2.47 50.19 52.82
C SER D 40 3.57 49.73 51.86
N PRO D 41 4.82 50.17 52.06
CA PRO D 41 5.19 51.14 53.10
C PRO D 41 5.36 52.55 52.55
N GLY D 42 4.90 52.76 51.31
CA GLY D 42 5.12 54.05 50.66
C GLY D 42 4.27 55.16 51.24
N VAL D 43 3.04 54.84 51.63
CA VAL D 43 2.12 55.84 52.15
C VAL D 43 2.62 56.48 53.44
N ALA D 44 3.67 55.92 54.05
CA ALA D 44 4.25 56.53 55.23
C ALA D 44 4.71 57.96 54.94
N ALA D 45 5.31 58.18 53.77
CA ALA D 45 5.91 59.48 53.47
C ALA D 45 4.89 60.62 53.41
N PRO D 46 3.76 60.50 52.70
CA PRO D 46 2.82 61.63 52.68
C PRO D 46 2.26 61.95 54.06
N CYS D 47 2.00 60.93 54.88
CA CYS D 47 1.49 61.17 56.22
C CYS D 47 2.50 61.90 57.10
N LEU D 48 3.79 61.61 56.92
CA LEU D 48 4.83 62.26 57.71
C LEU D 48 5.06 63.70 57.27
N GLU D 49 4.61 64.07 56.09
CA GLU D 49 4.67 65.45 55.63
C GLU D 49 3.43 66.26 56.01
N ILE D 50 2.44 65.62 56.62
CA ILE D 50 1.25 66.33 57.09
C ILE D 50 1.37 66.56 58.59
N GLU D 51 2.11 65.69 59.28
CA GLU D 51 2.46 65.97 60.66
C GLU D 51 3.60 66.99 60.75
N LYS D 52 4.43 67.07 59.72
CA LYS D 52 5.40 68.17 59.63
C LYS D 52 4.69 69.49 59.37
N ASP D 53 3.71 69.50 58.47
CA ASP D 53 3.05 70.73 58.03
C ASP D 53 1.61 70.39 57.65
N PRO D 54 0.65 70.65 58.55
CA PRO D 54 -0.76 70.38 58.20
C PRO D 54 -1.31 71.30 57.12
N LEU D 55 -0.65 72.42 56.83
CA LEU D 55 -1.05 73.24 55.70
C LEU D 55 -0.76 72.57 54.36
N LYS D 56 0.15 71.59 54.34
CA LYS D 56 0.48 70.80 53.16
C LYS D 56 -0.53 69.70 52.88
N ALA D 57 -1.73 69.77 53.48
CA ALA D 57 -2.73 68.72 53.25
C ALA D 57 -3.34 68.81 51.87
N TYR D 58 -3.37 70.00 51.27
CA TYR D 58 -3.95 70.15 49.93
C TYR D 58 -3.10 69.46 48.89
N LYS D 59 -1.79 69.33 49.12
CA LYS D 59 -0.90 68.81 48.09
C LYS D 59 -1.08 67.31 47.89
N TYR D 60 -1.31 66.55 48.95
CA TYR D 60 -1.28 65.10 48.87
C TYR D 60 -2.64 64.44 49.12
N THR D 61 -3.68 65.21 49.43
CA THR D 61 -4.99 64.64 49.71
C THR D 61 -6.05 65.31 48.87
N ALA D 62 -7.22 64.68 48.82
CA ALA D 62 -8.37 65.23 48.12
C ALA D 62 -9.07 66.32 48.93
N ARG D 63 -8.44 66.79 50.01
CA ARG D 63 -9.03 67.85 50.82
C ARG D 63 -9.07 69.18 50.08
N GLY D 64 -8.13 69.41 49.15
CA GLY D 64 -8.08 70.65 48.40
C GLY D 64 -9.27 70.88 47.48
N ASN D 65 -10.15 69.89 47.33
CA ASN D 65 -11.35 69.99 46.50
C ASN D 65 -12.38 68.99 47.06
N LEU D 66 -12.84 69.25 48.28
CA LEU D 66 -13.79 68.35 48.94
C LEU D 66 -14.66 69.16 49.87
N VAL D 67 -15.98 68.99 49.75
CA VAL D 67 -16.94 69.67 50.59
C VAL D 67 -17.96 68.63 51.05
N ALA D 68 -18.38 68.72 52.30
CA ALA D 68 -19.40 67.83 52.82
C ALA D 68 -20.74 68.55 52.86
N VAL D 69 -21.75 67.95 52.25
CA VAL D 69 -23.12 68.39 52.41
C VAL D 69 -23.72 67.58 53.55
N ILE D 70 -24.13 68.26 54.62
CA ILE D 70 -24.59 67.61 55.84
C ILE D 70 -26.04 67.99 56.07
N SER D 71 -26.79 67.06 56.66
CA SER D 71 -28.21 67.25 56.89
C SER D 71 -28.72 66.24 57.91
N ASN D 72 -29.64 66.68 58.78
CA ASN D 72 -30.38 65.80 59.67
C ASN D 72 -31.76 65.48 59.13
N GLY D 73 -32.11 66.01 57.96
CA GLY D 73 -33.42 65.79 57.37
C GLY D 73 -34.54 66.58 57.97
N THR D 74 -34.22 67.67 58.69
CA THR D 74 -35.24 68.38 59.46
C THR D 74 -36.16 69.19 58.57
N ALA D 75 -35.65 69.72 57.45
CA ALA D 75 -36.46 70.52 56.53
C ALA D 75 -35.89 70.37 55.12
N VAL D 76 -36.01 69.16 54.58
CA VAL D 76 -35.48 68.86 53.26
C VAL D 76 -36.37 69.51 52.20
N LEU D 77 -35.82 70.53 51.53
CA LEU D 77 -36.55 71.29 50.51
C LEU D 77 -37.86 71.82 51.06
N GLY D 78 -38.97 71.19 50.66
CA GLY D 78 -40.27 71.56 51.19
C GLY D 78 -40.98 70.38 51.81
N LEU D 79 -40.28 69.27 51.95
CA LEU D 79 -40.92 68.05 52.44
C LEU D 79 -41.04 68.02 53.96
N GLY D 80 -40.19 68.76 54.66
CA GLY D 80 -40.19 68.76 56.11
C GLY D 80 -39.24 67.75 56.71
N ASN D 81 -39.49 67.43 57.98
CA ASN D 81 -38.68 66.44 58.70
C ASN D 81 -39.20 65.04 58.37
N ILE D 82 -38.72 64.51 57.24
CA ILE D 82 -39.06 63.16 56.83
C ILE D 82 -38.02 62.14 57.29
N GLY D 83 -36.96 62.59 57.95
CA GLY D 83 -35.89 61.71 58.40
C GLY D 83 -34.59 62.00 57.71
N ALA D 84 -33.47 61.81 58.42
CA ALA D 84 -32.17 62.02 57.79
C ALA D 84 -31.90 60.99 56.71
N LEU D 85 -32.29 59.74 56.95
CA LEU D 85 -32.06 58.68 55.98
C LEU D 85 -32.85 58.92 54.70
N ALA D 86 -34.08 59.41 54.82
CA ALA D 86 -34.88 59.71 53.63
C ALA D 86 -34.37 60.93 52.88
N GLY D 87 -33.61 61.79 53.54
CA GLY D 87 -33.04 62.96 52.90
C GLY D 87 -31.75 62.71 52.16
N LYS D 88 -31.25 61.47 52.19
CA LYS D 88 -30.00 61.15 51.51
C LYS D 88 -30.05 61.40 50.00
N PRO D 89 -31.11 61.05 49.27
CA PRO D 89 -31.11 61.34 47.82
C PRO D 89 -30.98 62.81 47.49
N VAL D 90 -31.42 63.71 48.38
CA VAL D 90 -31.23 65.13 48.13
C VAL D 90 -29.76 65.51 48.34
N MET D 91 -29.15 65.00 49.42
CA MET D 91 -27.75 65.31 49.70
C MET D 91 -26.83 64.79 48.60
N GLU D 92 -27.15 63.62 48.04
CA GLU D 92 -26.41 63.15 46.88
C GLU D 92 -26.64 64.06 45.68
N GLY D 93 -27.83 64.66 45.57
CA GLY D 93 -28.08 65.59 44.48
C GLY D 93 -27.23 66.84 44.57
N LYS D 94 -26.97 67.32 45.79
CA LYS D 94 -26.07 68.45 45.96
C LYS D 94 -24.69 68.13 45.39
N GLY D 95 -24.19 66.93 45.67
CA GLY D 95 -22.85 66.59 45.22
C GLY D 95 -22.76 66.43 43.71
N VAL D 96 -23.77 65.81 43.12
CA VAL D 96 -23.72 65.60 41.68
C VAL D 96 -23.87 66.93 40.94
N LEU D 97 -24.60 67.89 41.51
CA LEU D 97 -24.63 69.23 40.93
C LEU D 97 -23.31 69.94 41.21
N PHE D 98 -22.75 69.73 42.39
CA PHE D 98 -21.44 70.28 42.72
C PHE D 98 -20.40 69.84 41.70
N LYS D 99 -20.41 68.54 41.35
CA LYS D 99 -19.39 68.02 40.45
C LYS D 99 -19.64 68.45 39.01
N LYS D 100 -20.91 68.51 38.61
CA LYS D 100 -21.21 68.84 37.22
C LYS D 100 -20.84 70.28 36.89
N PHE D 101 -21.05 71.20 37.83
CA PHE D 101 -20.84 72.62 37.58
C PHE D 101 -19.59 73.18 38.26
N ALA D 102 -19.34 72.83 39.51
CA ALA D 102 -18.19 73.35 40.23
C ALA D 102 -17.00 72.41 40.25
N GLY D 103 -17.16 71.17 39.79
CA GLY D 103 -16.07 70.21 39.83
C GLY D 103 -15.58 69.92 41.23
N ILE D 104 -16.45 70.04 42.23
CA ILE D 104 -16.10 69.86 43.62
C ILE D 104 -16.62 68.51 44.09
N ASP D 105 -15.70 67.59 44.38
CA ASP D 105 -16.07 66.32 44.98
C ASP D 105 -16.81 66.60 46.28
N VAL D 106 -17.93 65.90 46.49
CA VAL D 106 -18.78 66.17 47.63
C VAL D 106 -19.25 64.86 48.25
N PHE D 107 -19.11 64.73 49.57
CA PHE D 107 -19.61 63.61 50.32
C PHE D 107 -20.97 63.97 50.92
N ASP D 108 -21.94 63.07 50.75
CA ASP D 108 -23.24 63.24 51.39
C ASP D 108 -23.17 62.71 52.82
N ILE D 109 -23.62 63.52 53.78
CA ILE D 109 -23.55 63.18 55.19
C ILE D 109 -24.92 63.39 55.81
N GLU D 110 -25.47 62.34 56.42
CA GLU D 110 -26.75 62.40 57.10
C GLU D 110 -26.55 62.02 58.56
N VAL D 111 -26.76 62.98 59.45
CA VAL D 111 -26.52 62.81 60.88
C VAL D 111 -27.86 62.61 61.57
N ASP D 112 -27.99 61.52 62.34
CA ASP D 112 -29.21 61.23 63.08
C ASP D 112 -29.10 61.83 64.48
N GLU D 113 -29.20 63.16 64.53
CA GLU D 113 -29.15 63.89 65.78
C GLU D 113 -30.05 65.12 65.66
N LEU D 114 -31.03 65.23 66.56
CA LEU D 114 -31.93 66.37 66.59
C LEU D 114 -31.49 67.44 67.58
N ASP D 115 -30.76 67.06 68.63
CA ASP D 115 -30.23 68.02 69.57
C ASP D 115 -29.29 68.98 68.87
N PRO D 116 -29.52 70.30 68.94
CA PRO D 116 -28.65 71.23 68.22
C PRO D 116 -27.19 71.17 68.65
N ASP D 117 -26.93 71.02 69.96
CA ASP D 117 -25.55 71.00 70.43
C ASP D 117 -24.83 69.74 69.96
N LYS D 118 -25.47 68.57 70.14
CA LYS D 118 -24.84 67.31 69.74
C LYS D 118 -24.55 67.30 68.24
N PHE D 119 -25.49 67.81 67.44
CA PHE D 119 -25.25 67.90 66.00
C PHE D 119 -24.04 68.77 65.70
N ILE D 120 -23.85 69.85 66.47
CA ILE D 120 -22.72 70.74 66.23
C ILE D 120 -21.41 70.04 66.54
N GLU D 121 -21.41 69.17 67.55
CA GLU D 121 -20.18 68.45 67.90
C GLU D 121 -19.74 67.53 66.78
N VAL D 122 -20.68 66.81 66.18
CA VAL D 122 -20.34 65.88 65.10
C VAL D 122 -19.71 66.63 63.94
N VAL D 123 -20.27 67.79 63.57
CA VAL D 123 -19.77 68.54 62.43
C VAL D 123 -18.37 69.09 62.71
N ALA D 124 -18.18 69.67 63.90
CA ALA D 124 -16.84 70.15 64.26
C ALA D 124 -15.84 69.00 64.32
N ALA D 125 -16.31 67.78 64.59
CA ALA D 125 -15.42 66.62 64.63
C ALA D 125 -14.93 66.27 63.23
N LEU D 126 -15.78 66.43 62.22
CA LEU D 126 -15.44 66.09 60.85
C LEU D 126 -14.66 67.19 60.14
N GLU D 127 -14.04 68.12 60.89
CA GLU D 127 -13.33 69.22 60.25
C GLU D 127 -12.09 68.76 59.48
N PRO D 128 -11.21 67.90 60.02
CA PRO D 128 -10.03 67.51 59.25
C PRO D 128 -10.35 66.78 57.96
N THR D 129 -11.46 66.03 57.92
CA THR D 129 -11.82 65.27 56.73
C THR D 129 -12.05 66.18 55.54
N PHE D 130 -12.98 67.12 55.66
CA PHE D 130 -13.44 67.93 54.54
C PHE D 130 -12.74 69.29 54.52
N GLY D 131 -12.51 69.79 53.30
CA GLY D 131 -12.03 71.14 53.13
C GLY D 131 -13.08 72.20 53.31
N GLY D 132 -14.36 71.84 53.22
CA GLY D 132 -15.45 72.78 53.41
C GLY D 132 -16.70 72.05 53.85
N ILE D 133 -17.63 72.80 54.43
CA ILE D 133 -18.87 72.26 54.97
C ILE D 133 -20.04 73.07 54.41
N ASN D 134 -20.97 72.39 53.74
CA ASN D 134 -22.22 72.99 53.27
C ASN D 134 -23.36 72.41 54.09
N LEU D 135 -23.93 73.23 54.97
CA LEU D 135 -25.06 72.81 55.78
C LEU D 135 -26.33 72.88 54.95
N GLU D 136 -27.06 71.77 54.86
CA GLU D 136 -28.17 71.65 53.93
C GLU D 136 -29.42 71.18 54.67
N ASP D 137 -30.54 71.85 54.42
CA ASP D 137 -31.86 71.41 54.87
C ASP D 137 -31.90 71.16 56.38
N ILE D 138 -31.60 72.23 57.11
CA ILE D 138 -31.64 72.22 58.57
C ILE D 138 -32.68 73.25 59.00
N LYS D 139 -33.78 72.77 59.58
CA LYS D 139 -34.92 73.63 59.87
C LYS D 139 -34.53 74.74 60.84
N ALA D 140 -35.39 75.78 60.88
CA ALA D 140 -35.30 76.94 61.74
C ALA D 140 -35.99 76.67 63.08
N PRO D 141 -35.56 77.32 64.17
CA PRO D 141 -34.47 78.29 64.26
C PRO D 141 -33.10 77.66 64.55
N GLU D 142 -33.04 76.32 64.50
CA GLU D 142 -31.80 75.62 64.81
C GLU D 142 -30.68 76.06 63.89
N CYS D 143 -31.00 76.35 62.64
CA CYS D 143 -29.96 76.68 61.65
C CYS D 143 -29.22 77.95 62.02
N PHE D 144 -29.94 78.97 62.49
CA PHE D 144 -29.29 80.22 62.89
C PHE D 144 -28.26 79.97 63.98
N TYR D 145 -28.60 79.13 64.96
CA TYR D 145 -27.69 78.85 66.06
C TYR D 145 -26.53 77.96 65.61
N ILE D 146 -26.82 76.93 64.82
CA ILE D 146 -25.78 75.98 64.41
C ILE D 146 -24.77 76.66 63.48
N GLU D 147 -25.26 77.38 62.47
CA GLU D 147 -24.38 77.98 61.48
C GLU D 147 -23.48 79.03 62.13
N GLN D 148 -24.03 79.81 63.08
CA GLN D 148 -23.25 80.85 63.74
C GLN D 148 -22.11 80.24 64.55
N LYS D 149 -22.42 79.22 65.36
CA LYS D 149 -21.42 78.61 66.22
C LYS D 149 -20.32 77.93 65.41
N LEU D 150 -20.70 77.30 64.29
CA LEU D 150 -19.74 76.48 63.54
C LEU D 150 -18.74 77.34 62.78
N ARG D 151 -19.16 78.53 62.31
CA ARG D 151 -18.23 79.39 61.58
C ARG D 151 -17.12 79.89 62.49
N GLU D 152 -17.47 80.25 63.74
CA GLU D 152 -16.44 80.60 64.72
C GLU D 152 -15.60 79.38 65.08
N ARG D 153 -16.26 78.26 65.40
CA ARG D 153 -15.58 77.08 65.90
C ARG D 153 -14.64 76.48 64.85
N MET D 154 -15.08 76.43 63.60
CA MET D 154 -14.35 75.72 62.56
C MET D 154 -13.58 76.69 61.67
N ASN D 155 -12.27 76.43 61.54
CA ASN D 155 -11.34 77.10 60.63
C ASN D 155 -11.51 76.67 59.18
N ILE D 156 -12.61 75.99 58.86
CA ILE D 156 -12.97 75.70 57.48
C ILE D 156 -14.32 76.37 57.22
N PRO D 157 -14.65 76.70 55.98
CA PRO D 157 -15.89 77.44 55.72
C PRO D 157 -17.13 76.62 56.04
N VAL D 158 -18.11 77.28 56.63
CA VAL D 158 -19.42 76.71 56.89
C VAL D 158 -20.46 77.62 56.26
N PHE D 159 -21.44 77.01 55.58
CA PHE D 159 -22.36 77.76 54.74
C PHE D 159 -23.70 77.06 54.73
N HIS D 160 -24.77 77.85 54.66
CA HIS D 160 -26.13 77.34 54.56
C HIS D 160 -26.72 77.81 53.24
N ASP D 161 -26.99 76.87 52.33
CA ASP D 161 -27.45 77.22 50.99
C ASP D 161 -28.85 77.82 51.03
N ASP D 162 -29.71 77.33 51.91
CA ASP D 162 -31.07 77.87 51.96
C ASP D 162 -31.12 79.26 52.58
N GLN D 163 -30.28 79.53 53.58
CA GLN D 163 -30.38 80.79 54.31
C GLN D 163 -29.55 81.90 53.66
N HIS D 164 -28.26 81.66 53.48
CA HIS D 164 -27.38 82.68 52.91
C HIS D 164 -27.34 82.63 51.38
N GLY D 165 -27.51 81.46 50.79
CA GLY D 165 -27.38 81.35 49.34
C GLY D 165 -28.50 82.05 48.60
N THR D 166 -29.75 81.71 48.92
CA THR D 166 -30.89 82.40 48.34
C THR D 166 -30.88 83.90 48.67
N ALA D 167 -30.24 84.30 49.77
CA ALA D 167 -30.12 85.71 50.08
C ALA D 167 -29.17 86.43 49.11
N ILE D 168 -28.12 85.74 48.66
CA ILE D 168 -27.21 86.35 47.70
C ILE D 168 -27.92 86.60 46.38
N ILE D 169 -28.79 85.67 45.97
CA ILE D 169 -29.55 85.85 44.73
C ILE D 169 -30.57 86.98 44.89
N SER D 170 -31.34 86.93 45.98
CA SER D 170 -32.40 87.92 46.18
C SER D 170 -31.82 89.32 46.35
N THR D 171 -30.72 89.46 47.09
CA THR D 171 -30.08 90.76 47.24
C THR D 171 -29.59 91.29 45.90
N ALA D 172 -29.03 90.41 45.07
CA ALA D 172 -28.57 90.84 43.75
C ALA D 172 -29.74 91.28 42.88
N ALA D 173 -30.88 90.61 43.00
CA ALA D 173 -32.05 91.02 42.24
C ALA D 173 -32.54 92.39 42.70
N ILE D 174 -32.49 92.65 44.00
CA ILE D 174 -32.97 93.92 44.54
C ILE D 174 -32.11 95.07 44.05
N LEU D 175 -30.79 94.92 44.15
CA LEU D 175 -29.88 95.97 43.67
C LEU D 175 -30.08 96.22 42.19
N ASN D 176 -30.26 95.16 41.40
CA ASN D 176 -30.49 95.33 39.97
C ASN D 176 -31.84 95.96 39.70
N GLY D 177 -32.89 95.49 40.38
CA GLY D 177 -34.20 96.09 40.19
C GLY D 177 -34.25 97.54 40.63
N LEU D 178 -33.48 97.90 41.66
CA LEU D 178 -33.40 99.29 42.07
C LEU D 178 -32.77 100.16 40.98
N ARG D 179 -31.84 99.61 40.22
CA ARG D 179 -31.26 100.36 39.12
C ARG D 179 -32.27 100.59 38.00
N VAL D 180 -33.20 99.65 37.81
CA VAL D 180 -34.17 99.78 36.73
C VAL D 180 -35.24 100.81 37.08
N VAL D 181 -35.71 100.80 38.32
CA VAL D 181 -36.72 101.75 38.77
C VAL D 181 -36.11 103.08 39.20
N GLU D 182 -34.79 103.17 39.26
CA GLU D 182 -34.06 104.40 39.64
C GLU D 182 -34.49 104.88 41.03
N LYS D 183 -34.25 104.03 42.02
CA LYS D 183 -34.52 104.31 43.41
C LYS D 183 -33.26 103.99 44.21
N ASN D 184 -32.83 104.94 45.05
CA ASN D 184 -31.66 104.71 45.88
C ASN D 184 -31.98 103.77 47.03
N ILE D 185 -30.99 102.94 47.40
CA ILE D 185 -31.24 101.86 48.34
C ILE D 185 -31.54 102.39 49.73
N SER D 186 -30.90 103.50 50.12
CA SER D 186 -31.14 104.06 51.45
C SER D 186 -32.56 104.58 51.59
N ASP D 187 -33.18 105.00 50.48
CA ASP D 187 -34.51 105.59 50.56
C ASP D 187 -35.61 104.54 50.55
N VAL D 188 -35.41 103.41 49.90
CA VAL D 188 -36.49 102.45 49.71
C VAL D 188 -36.88 101.82 51.04
N ARG D 189 -38.18 101.57 51.20
CA ARG D 189 -38.72 100.94 52.39
C ARG D 189 -39.06 99.49 52.05
N MET D 190 -38.49 98.55 52.80
CA MET D 190 -38.64 97.14 52.52
C MET D 190 -39.60 96.50 53.52
N VAL D 191 -40.49 95.66 52.99
CA VAL D 191 -41.46 94.93 53.81
C VAL D 191 -41.28 93.45 53.52
N VAL D 192 -41.09 92.65 54.58
CA VAL D 192 -40.82 91.23 54.47
C VAL D 192 -41.96 90.46 55.13
N SER D 193 -42.50 89.49 54.41
CA SER D 193 -43.61 88.67 54.88
C SER D 193 -43.09 87.31 55.33
N GLY D 194 -43.45 86.91 56.55
CA GLY D 194 -43.09 85.60 57.05
C GLY D 194 -41.70 85.51 57.65
N ALA D 195 -41.52 84.60 58.61
CA ALA D 195 -40.24 84.41 59.28
C ALA D 195 -39.28 83.61 58.39
N GLY D 196 -38.94 84.22 57.27
CA GLY D 196 -38.07 83.56 56.30
C GLY D 196 -36.65 83.44 56.83
N ALA D 197 -36.07 82.24 56.69
CA ALA D 197 -34.67 82.07 57.07
C ALA D 197 -33.76 82.94 56.22
N ALA D 198 -34.03 83.02 54.92
CA ALA D 198 -33.24 83.88 54.05
C ALA D 198 -33.53 85.35 54.31
N ALA D 199 -34.74 85.67 54.76
CA ALA D 199 -35.13 87.06 54.98
C ALA D 199 -34.16 87.76 55.94
N ILE D 200 -33.73 87.06 56.99
CA ILE D 200 -32.81 87.66 57.94
C ILE D 200 -31.47 87.97 57.28
N ALA D 201 -31.02 87.09 56.40
CA ALA D 201 -29.74 87.30 55.71
C ALA D 201 -29.86 88.33 54.60
N CYS D 202 -31.03 88.42 53.95
CA CYS D 202 -31.23 89.47 52.96
C CYS D 202 -31.03 90.85 53.57
N MET D 203 -31.71 91.10 54.69
CA MET D 203 -31.59 92.40 55.36
C MET D 203 -30.15 92.69 55.75
N ASN D 204 -29.48 91.71 56.36
CA ASN D 204 -28.09 91.90 56.78
C ASN D 204 -27.22 92.32 55.60
N LEU D 205 -27.34 91.61 54.48
CA LEU D 205 -26.58 91.99 53.29
C LEU D 205 -27.06 93.33 52.74
N LEU D 206 -28.36 93.57 52.78
CA LEU D 206 -28.90 94.83 52.27
C LEU D 206 -28.48 96.00 53.15
N VAL D 207 -28.41 95.77 54.47
CA VAL D 207 -27.95 96.83 55.38
C VAL D 207 -26.50 97.17 55.09
N ALA D 208 -25.67 96.15 54.82
CA ALA D 208 -24.25 96.40 54.56
C ALA D 208 -24.04 97.19 53.28
N LEU D 209 -25.02 97.23 52.38
CA LEU D 209 -24.91 97.98 51.14
C LEU D 209 -25.51 99.37 51.21
N GLY D 210 -26.39 99.62 52.18
CA GLY D 210 -26.92 100.95 52.37
C GLY D 210 -28.36 101.03 52.84
N LEU D 211 -29.04 99.89 52.92
CA LEU D 211 -30.46 99.90 53.29
C LEU D 211 -30.63 100.34 54.74
N GLN D 212 -31.57 101.25 54.97
CA GLN D 212 -31.86 101.75 56.31
C GLN D 212 -32.70 100.73 57.08
N LYS D 213 -32.29 100.46 58.33
CA LYS D 213 -33.01 99.47 59.13
C LYS D 213 -34.41 99.93 59.47
N HIS D 214 -34.60 101.22 59.71
CA HIS D 214 -35.92 101.74 60.08
C HIS D 214 -36.91 101.57 58.94
N ASN D 215 -36.46 101.72 57.70
CA ASN D 215 -37.32 101.45 56.55
C ASN D 215 -37.77 100.00 56.55
N ILE D 216 -36.88 99.08 56.92
CA ILE D 216 -37.23 97.66 56.96
C ILE D 216 -38.34 97.44 57.96
N VAL D 217 -39.38 96.74 57.52
CA VAL D 217 -40.51 96.37 58.37
C VAL D 217 -40.69 94.86 58.24
N VAL D 218 -40.52 94.15 59.35
CA VAL D 218 -40.59 92.69 59.37
C VAL D 218 -41.96 92.27 59.89
N CYS D 219 -42.55 91.28 59.22
CA CYS D 219 -43.89 90.80 59.56
C CYS D 219 -43.84 89.27 59.72
N ASP D 220 -43.86 88.81 60.97
CA ASP D 220 -43.95 87.38 61.22
C ASP D 220 -45.36 86.88 60.87
N SER D 221 -45.52 85.55 60.88
CA SER D 221 -46.81 84.98 60.52
C SER D 221 -47.89 85.33 61.53
N LYS D 222 -47.50 85.62 62.78
CA LYS D 222 -48.48 86.08 63.77
C LYS D 222 -48.96 87.49 63.45
N GLY D 223 -48.05 88.34 62.99
CA GLY D 223 -48.39 89.72 62.69
C GLY D 223 -47.13 90.52 62.50
N VAL D 224 -47.30 91.84 62.40
CA VAL D 224 -46.15 92.72 62.30
C VAL D 224 -45.35 92.64 63.59
N ILE D 225 -44.02 92.78 63.47
CA ILE D 225 -43.18 92.85 64.66
C ILE D 225 -43.54 94.10 65.44
N TYR D 226 -44.00 93.92 66.68
CA TYR D 226 -44.28 95.02 67.59
C TYR D 226 -43.28 94.97 68.73
N GLN D 227 -42.51 96.04 68.90
CA GLN D 227 -41.52 96.09 69.97
C GLN D 227 -42.20 96.03 71.33
N GLY D 228 -41.85 95.02 72.12
CA GLY D 228 -42.36 94.89 73.46
C GLY D 228 -43.58 94.01 73.61
N ARG D 229 -44.19 93.55 72.51
CA ARG D 229 -45.36 92.69 72.62
C ARG D 229 -45.02 91.33 73.22
N GLU D 230 -43.75 90.93 73.18
CA GLU D 230 -43.29 89.72 73.84
C GLU D 230 -42.05 90.07 74.65
N PRO D 231 -42.06 89.91 75.97
CA PRO D 231 -40.84 90.22 76.74
C PRO D 231 -39.66 89.34 76.37
N ASN D 232 -39.91 88.07 76.07
CA ASN D 232 -38.88 87.15 75.59
C ASN D 232 -39.05 86.97 74.10
N MET D 233 -38.01 87.32 73.33
CA MET D 233 -38.09 87.35 71.89
C MET D 233 -36.86 86.68 71.28
N ALA D 234 -37.07 86.00 70.16
CA ALA D 234 -35.96 85.42 69.43
C ALA D 234 -34.99 86.52 68.97
N GLU D 235 -33.71 86.18 68.93
CA GLU D 235 -32.69 87.19 68.64
C GLU D 235 -32.82 87.71 67.21
N THR D 236 -33.24 86.85 66.28
CA THR D 236 -33.44 87.31 64.89
C THR D 236 -34.61 88.26 64.79
N LYS D 237 -35.68 88.01 65.56
CA LYS D 237 -36.82 88.91 65.56
C LYS D 237 -36.55 90.17 66.36
N ALA D 238 -35.74 90.07 67.42
CA ALA D 238 -35.41 91.25 68.22
C ALA D 238 -34.42 92.16 67.52
N ALA D 239 -33.51 91.60 66.71
CA ALA D 239 -32.54 92.42 66.00
C ALA D 239 -33.23 93.35 65.00
N TYR D 240 -34.19 92.82 64.25
CA TYR D 240 -34.99 93.62 63.31
C TYR D 240 -36.35 93.84 63.94
N ALA D 241 -36.40 94.77 64.89
CA ALA D 241 -37.59 95.04 65.68
C ALA D 241 -38.27 96.30 65.16
N VAL D 242 -39.57 96.20 64.93
CA VAL D 242 -40.39 97.32 64.45
C VAL D 242 -41.17 97.86 65.64
N VAL D 243 -41.00 99.16 65.92
CA VAL D 243 -41.75 99.79 67.00
C VAL D 243 -43.24 99.75 66.66
N ASP D 244 -44.07 99.45 67.67
CA ASP D 244 -45.49 99.29 67.45
C ASP D 244 -46.11 100.55 66.87
N ASP D 245 -46.50 100.50 65.60
CA ASP D 245 -47.05 101.65 64.88
C ASP D 245 -48.54 101.52 64.62
N GLY D 246 -49.22 100.60 65.30
CA GLY D 246 -50.64 100.38 65.10
C GLY D 246 -50.98 99.56 63.87
N LYS D 247 -49.99 99.08 63.14
CA LYS D 247 -50.21 98.27 61.94
C LYS D 247 -50.05 96.80 62.31
N ARG D 248 -51.12 96.02 62.12
CA ARG D 248 -51.15 94.63 62.54
C ARG D 248 -51.05 93.62 61.40
N THR D 249 -51.55 93.95 60.21
CA THR D 249 -51.60 93.02 59.10
C THR D 249 -50.63 93.44 58.00
N LEU D 250 -50.57 92.62 56.94
CA LEU D 250 -49.77 92.99 55.78
C LEU D 250 -50.39 94.14 55.02
N ASP D 251 -51.73 94.15 54.91
CA ASP D 251 -52.43 95.19 54.17
C ASP D 251 -52.25 96.58 54.79
N ASP D 252 -51.66 96.67 55.97
CA ASP D 252 -51.40 97.96 56.61
C ASP D 252 -50.03 98.52 56.24
N VAL D 253 -49.02 97.66 56.10
CA VAL D 253 -47.67 98.09 55.76
C VAL D 253 -47.38 98.03 54.26
N ILE D 254 -48.26 97.39 53.47
CA ILE D 254 -47.99 97.23 52.04
C ILE D 254 -48.05 98.58 51.32
N GLU D 255 -48.80 99.53 51.86
CA GLU D 255 -48.94 100.83 51.22
C GLU D 255 -47.70 101.67 51.49
N GLY D 256 -47.22 102.33 50.45
CA GLY D 256 -45.99 103.08 50.55
C GLY D 256 -44.76 102.21 50.71
N ALA D 257 -44.81 100.99 50.19
CA ALA D 257 -43.72 100.03 50.29
C ALA D 257 -43.06 99.86 48.92
N ASP D 258 -41.73 99.94 48.88
CA ASP D 258 -41.01 99.86 47.62
C ASP D 258 -40.65 98.44 47.22
N ILE D 259 -40.41 97.56 48.19
CA ILE D 259 -39.96 96.19 47.93
C ILE D 259 -40.74 95.24 48.81
N PHE D 260 -41.08 94.08 48.26
CA PHE D 260 -41.77 93.02 49.00
C PHE D 260 -40.97 91.72 48.86
N LEU D 261 -40.83 91.02 49.99
CA LEU D 261 -39.99 89.82 50.03
C LEU D 261 -40.54 88.89 51.10
N GLY D 262 -40.15 87.61 51.00
CA GLY D 262 -40.51 86.66 52.03
C GLY D 262 -40.48 85.20 51.61
N CYS D 263 -39.84 84.36 52.42
CA CYS D 263 -39.88 82.92 52.18
C CYS D 263 -41.23 82.34 52.54
N SER D 264 -41.80 82.76 53.67
CA SER D 264 -43.04 82.19 54.15
C SER D 264 -44.25 82.87 53.51
N GLY D 265 -45.31 82.09 53.32
CA GLY D 265 -46.54 82.58 52.76
C GLY D 265 -46.86 81.98 51.41
N PRO D 266 -47.96 81.20 51.34
CA PRO D 266 -48.33 80.55 50.08
C PRO D 266 -48.79 81.54 49.02
N LYS D 267 -49.84 82.31 49.32
CA LYS D 267 -50.37 83.33 48.42
C LYS D 267 -50.90 84.48 49.29
N VAL D 268 -49.98 85.19 49.94
CA VAL D 268 -50.37 86.26 50.85
C VAL D 268 -50.73 87.53 50.10
N LEU D 269 -50.14 87.76 48.93
CA LEU D 269 -50.36 88.98 48.17
C LEU D 269 -51.59 88.83 47.28
N THR D 270 -52.45 89.85 47.29
CA THR D 270 -53.62 89.93 46.44
C THR D 270 -53.44 91.02 45.40
N GLN D 271 -54.32 91.02 44.40
CA GLN D 271 -54.26 92.04 43.36
C GLN D 271 -54.49 93.44 43.93
N GLU D 272 -55.34 93.56 44.96
CA GLU D 272 -55.62 94.86 45.54
C GLU D 272 -54.44 95.39 46.33
N MET D 273 -53.63 94.51 46.92
CA MET D 273 -52.46 94.95 47.66
C MET D 273 -51.37 95.46 46.73
N VAL D 274 -51.32 94.94 45.51
CA VAL D 274 -50.29 95.37 44.56
C VAL D 274 -50.56 96.80 44.09
N LYS D 275 -51.83 97.20 43.99
CA LYS D 275 -52.14 98.58 43.65
C LYS D 275 -51.65 99.54 44.72
N LYS D 276 -51.76 99.13 45.99
CA LYS D 276 -51.42 100.02 47.11
C LYS D 276 -49.93 100.25 47.25
N MET D 277 -49.10 99.43 46.61
CA MET D 277 -47.67 99.55 46.76
C MET D 277 -47.15 100.83 46.10
N ALA D 278 -45.88 101.12 46.32
CA ALA D 278 -45.28 102.36 45.85
C ALA D 278 -45.07 102.29 44.34
N ARG D 279 -44.36 103.28 43.80
CA ARG D 279 -44.11 103.34 42.37
C ARG D 279 -43.11 102.26 41.95
N ALA D 280 -43.45 101.53 40.89
CA ALA D 280 -42.63 100.46 40.33
C ALA D 280 -42.19 99.50 41.43
N PRO D 281 -43.11 98.75 42.01
CA PRO D 281 -42.75 97.92 43.16
C PRO D 281 -41.92 96.71 42.78
N MET D 282 -41.06 96.29 43.69
CA MET D 282 -40.26 95.08 43.53
C MET D 282 -40.87 93.97 44.38
N ILE D 283 -41.33 92.92 43.72
CA ILE D 283 -42.02 91.81 44.38
C ILE D 283 -41.14 90.57 44.25
N LEU D 284 -40.64 90.07 45.38
CA LEU D 284 -39.82 88.88 45.42
C LEU D 284 -40.62 87.79 46.14
N ALA D 285 -41.35 87.01 45.35
CA ALA D 285 -42.16 85.91 45.87
C ALA D 285 -41.31 84.64 45.87
N LEU D 286 -41.02 84.11 47.05
CA LEU D 286 -40.15 82.95 47.20
C LEU D 286 -40.77 81.93 48.16
N ALA D 287 -41.89 81.34 47.73
CA ALA D 287 -42.47 80.19 48.40
C ALA D 287 -42.52 79.05 47.39
N ASN D 288 -41.90 77.92 47.73
CA ASN D 288 -41.78 76.80 46.80
C ASN D 288 -43.10 76.33 46.22
N PRO D 289 -44.18 76.12 46.99
CA PRO D 289 -45.44 75.65 46.38
C PRO D 289 -46.09 76.69 45.48
N GLU D 290 -46.30 77.90 46.00
CA GLU D 290 -47.05 78.92 45.29
C GLU D 290 -46.37 80.28 45.43
N PRO D 291 -46.32 81.08 44.36
CA PRO D 291 -45.83 82.45 44.50
C PRO D 291 -46.76 83.30 45.34
N GLU D 292 -46.18 84.28 46.03
CA GLU D 292 -46.97 85.17 46.89
C GLU D 292 -48.09 85.84 46.09
N ILE D 293 -47.81 86.23 44.85
CA ILE D 293 -48.84 86.64 43.91
C ILE D 293 -48.48 86.05 42.56
N LEU D 294 -49.50 85.65 41.80
CA LEU D 294 -49.28 85.19 40.45
C LEU D 294 -48.67 86.33 39.63
N PRO D 295 -47.56 86.09 38.94
CA PRO D 295 -46.86 87.20 38.24
C PRO D 295 -47.75 87.90 37.22
N PRO D 296 -48.61 87.20 36.48
CA PRO D 296 -49.56 87.94 35.63
C PRO D 296 -50.59 88.73 36.41
N LEU D 297 -50.98 88.27 37.60
CA LEU D 297 -51.94 89.03 38.41
C LEU D 297 -51.36 90.37 38.85
N ALA D 298 -50.07 90.40 39.17
CA ALA D 298 -49.42 91.64 39.58
C ALA D 298 -49.13 92.55 38.39
N LYS D 299 -48.86 91.98 37.22
CA LYS D 299 -48.61 92.80 36.03
C LYS D 299 -49.88 93.46 35.52
N GLU D 300 -51.04 92.84 35.77
CA GLU D 300 -52.30 93.42 35.30
C GLU D 300 -52.69 94.67 36.09
N VAL D 301 -52.41 94.67 37.39
CA VAL D 301 -52.70 95.84 38.21
C VAL D 301 -51.57 96.87 38.17
N ARG D 302 -50.32 96.43 38.00
CA ARG D 302 -49.17 97.31 37.95
C ARG D 302 -48.24 96.84 36.83
N PRO D 303 -48.21 97.54 35.69
CA PRO D 303 -47.30 97.11 34.61
C PRO D 303 -45.85 97.43 34.89
N ASP D 304 -45.56 98.49 35.66
CA ASP D 304 -44.19 98.86 35.97
C ASP D 304 -43.52 97.92 36.96
N ALA D 305 -44.26 96.98 37.53
CA ALA D 305 -43.73 96.14 38.61
C ALA D 305 -42.76 95.10 38.07
N ILE D 306 -41.91 94.61 38.98
CA ILE D 306 -40.94 93.56 38.69
C ILE D 306 -41.16 92.43 39.69
N ILE D 307 -41.33 91.22 39.19
CA ILE D 307 -41.67 90.07 40.01
C ILE D 307 -40.57 89.03 39.89
N CYS D 308 -40.17 88.44 41.02
CA CYS D 308 -39.19 87.36 41.06
C CYS D 308 -39.77 86.18 41.83
N THR D 309 -39.75 85.01 41.21
CA THR D 309 -40.25 83.79 41.81
C THR D 309 -39.15 82.73 41.84
N GLY D 310 -39.34 81.72 42.68
CA GLY D 310 -38.45 80.58 42.68
C GLY D 310 -38.75 79.56 41.62
N ARG D 311 -39.94 79.60 41.04
CA ARG D 311 -40.35 78.63 40.03
C ARG D 311 -39.76 79.02 38.66
N SER D 312 -39.47 77.99 37.86
CA SER D 312 -38.72 78.19 36.62
C SER D 312 -39.59 78.66 35.46
N ASP D 313 -40.89 78.35 35.48
CA ASP D 313 -41.75 78.80 34.39
C ASP D 313 -41.91 80.31 34.38
N TYR D 314 -42.13 80.91 35.55
CA TYR D 314 -42.18 82.36 35.63
C TYR D 314 -40.76 82.92 35.50
N PRO D 315 -40.60 84.04 34.80
CA PRO D 315 -39.25 84.61 34.60
C PRO D 315 -38.63 85.04 35.91
N ASN D 316 -37.33 85.33 35.84
CA ASN D 316 -36.52 85.78 36.97
C ASN D 316 -36.48 84.71 38.07
N GLN D 317 -35.96 83.54 37.70
CA GLN D 317 -35.93 82.41 38.61
C GLN D 317 -34.82 82.60 39.63
N VAL D 318 -35.17 82.55 40.91
CA VAL D 318 -34.20 82.57 42.00
C VAL D 318 -33.94 81.11 42.37
N ASN D 319 -32.86 80.55 41.83
CA ASN D 319 -32.48 79.18 42.08
C ASN D 319 -31.28 79.14 43.03
N ASN D 320 -31.32 78.22 43.99
CA ASN D 320 -30.19 78.04 44.89
C ASN D 320 -28.95 77.55 44.13
N VAL D 321 -29.16 76.77 43.06
CA VAL D 321 -28.06 76.27 42.26
C VAL D 321 -27.29 77.37 41.53
N LEU D 322 -27.80 78.60 41.59
CA LEU D 322 -27.19 79.71 40.87
C LEU D 322 -25.90 80.22 41.50
N CYS D 323 -25.61 79.84 42.75
CA CYS D 323 -24.47 80.45 43.44
C CYS D 323 -23.63 79.47 44.24
N PHE D 324 -24.26 78.71 45.13
CA PHE D 324 -23.54 77.99 46.19
C PHE D 324 -22.43 77.06 45.72
N PRO D 325 -22.47 76.49 44.50
CA PRO D 325 -21.26 75.80 44.04
C PRO D 325 -20.16 76.77 43.65
N PHE D 326 -20.54 77.88 42.99
CA PHE D 326 -19.55 78.81 42.47
C PHE D 326 -18.86 79.58 43.60
N ILE D 327 -19.51 79.72 44.75
CA ILE D 327 -18.87 80.33 45.91
C ILE D 327 -17.81 79.40 46.47
N PHE D 328 -18.18 78.14 46.71
CA PHE D 328 -17.26 77.17 47.28
C PHE D 328 -16.03 76.98 46.41
N ARG D 329 -16.18 77.08 45.09
CA ARG D 329 -15.06 76.85 44.18
C ARG D 329 -13.96 77.88 44.42
N GLY D 330 -14.32 79.16 44.49
CA GLY D 330 -13.32 80.18 44.79
C GLY D 330 -12.76 80.04 46.19
N ALA D 331 -13.61 79.70 47.16
CA ALA D 331 -13.14 79.54 48.53
C ALA D 331 -12.16 78.39 48.66
N LEU D 332 -12.45 77.26 48.01
CA LEU D 332 -11.58 76.10 48.13
C LEU D 332 -10.25 76.30 47.42
N ASP D 333 -10.21 77.13 46.38
CA ASP D 333 -8.98 77.31 45.62
C ASP D 333 -7.98 78.20 46.35
N VAL D 334 -8.45 79.08 47.24
CA VAL D 334 -7.56 79.88 48.08
C VAL D 334 -7.49 79.35 49.50
N GLY D 335 -8.23 78.28 49.81
CA GLY D 335 -8.19 77.68 51.14
C GLY D 335 -8.68 78.60 52.23
N ALA D 336 -9.84 79.21 52.04
CA ALA D 336 -10.35 80.19 52.99
C ALA D 336 -10.76 79.51 54.29
N THR D 337 -10.49 80.20 55.41
CA THR D 337 -10.85 79.66 56.72
C THR D 337 -12.35 79.68 56.94
N ALA D 338 -13.06 80.62 56.32
CA ALA D 338 -14.51 80.66 56.36
C ALA D 338 -14.96 81.59 55.24
N ILE D 339 -16.27 81.64 55.03
CA ILE D 339 -16.86 82.52 54.03
C ILE D 339 -17.36 83.76 54.77
N ASN D 340 -16.60 84.85 54.69
CA ASN D 340 -17.00 86.07 55.36
C ASN D 340 -18.10 86.79 54.58
N GLU D 341 -18.71 87.77 55.24
CA GLU D 341 -19.77 88.52 54.58
C GLU D 341 -19.26 89.29 53.38
N GLU D 342 -17.99 89.69 53.41
CA GLU D 342 -17.40 90.44 52.30
C GLU D 342 -17.33 89.60 51.03
N MET D 343 -16.99 88.32 51.17
CA MET D 343 -17.00 87.42 50.02
C MET D 343 -18.42 87.25 49.47
N LYS D 344 -19.38 86.97 50.35
CA LYS D 344 -20.77 86.85 49.92
C LYS D 344 -21.22 88.08 49.16
N LEU D 345 -20.84 89.26 49.63
CA LEU D 345 -21.18 90.48 48.94
C LEU D 345 -20.50 90.52 47.57
N ALA D 346 -19.22 90.14 47.53
CA ALA D 346 -18.50 90.10 46.27
C ALA D 346 -19.19 89.19 45.26
N ALA D 347 -19.82 88.12 45.75
CA ALA D 347 -20.61 87.27 44.87
C ALA D 347 -21.85 88.00 44.36
N VAL D 348 -22.48 88.79 45.23
CA VAL D 348 -23.66 89.56 44.82
C VAL D 348 -23.33 90.51 43.70
N ARG D 349 -22.17 91.17 43.78
CA ARG D 349 -21.74 92.06 42.70
C ARG D 349 -21.58 91.31 41.39
N ALA D 350 -20.84 90.20 41.40
CA ALA D 350 -20.57 89.47 40.18
C ALA D 350 -21.86 88.97 39.52
N ILE D 351 -22.82 88.52 40.33
CA ILE D 351 -24.08 88.04 39.78
C ILE D 351 -24.85 89.16 39.12
N ALA D 352 -24.92 90.33 39.77
CA ALA D 352 -25.54 91.48 39.13
C ALA D 352 -24.75 91.92 37.91
N GLU D 353 -23.42 91.84 37.98
CA GLU D 353 -22.58 92.22 36.85
C GLU D 353 -22.83 91.33 35.63
N LEU D 354 -23.19 90.07 35.86
CA LEU D 354 -23.44 89.16 34.75
C LEU D 354 -24.66 89.61 33.93
N ALA D 355 -25.65 90.21 34.58
CA ALA D 355 -26.82 90.71 33.84
C ALA D 355 -26.46 91.93 33.02
N HIS D 356 -25.60 92.81 33.54
CA HIS D 356 -25.23 94.02 32.81
C HIS D 356 -24.38 93.70 31.57
N ALA D 357 -23.49 92.73 31.68
CA ALA D 357 -22.58 92.41 30.57
C ALA D 357 -23.38 91.92 29.36
N GLU D 358 -22.88 92.25 28.18
CA GLU D 358 -23.59 91.99 26.94
C GLU D 358 -23.48 90.52 26.54
N GLN D 359 -24.55 90.01 25.94
CA GLN D 359 -24.58 88.63 25.48
C GLN D 359 -23.66 88.45 24.29
N SER D 360 -23.25 87.19 24.06
CA SER D 360 -22.32 86.85 23.00
C SER D 360 -22.87 85.68 22.19
N GLU D 361 -22.43 85.60 20.94
CA GLU D 361 -22.90 84.60 19.97
C GLU D 361 -24.39 84.74 19.70
N ALA D 366 -29.52 81.56 17.77
CA ALA D 366 -29.81 80.22 18.28
C ALA D 366 -31.19 79.77 17.81
N TYR D 367 -31.39 78.46 17.64
CA TYR D 367 -32.72 77.95 17.30
C TYR D 367 -33.72 78.35 18.38
N GLY D 368 -33.36 78.11 19.64
CA GLY D 368 -34.14 78.67 20.73
C GLY D 368 -34.03 80.18 20.74
N ASP D 369 -35.16 80.84 21.02
CA ASP D 369 -35.26 82.30 20.95
C ASP D 369 -35.33 82.85 22.37
N GLN D 370 -34.26 83.53 22.79
CA GLN D 370 -34.20 84.18 24.09
C GLN D 370 -33.54 85.54 23.93
N ASP D 371 -33.91 86.47 24.82
CA ASP D 371 -33.27 87.77 24.89
C ASP D 371 -32.70 87.95 26.29
N LEU D 372 -31.42 88.29 26.36
CA LEU D 372 -30.73 88.49 27.63
C LEU D 372 -30.50 89.96 27.94
N SER D 373 -31.13 90.86 27.20
CA SER D 373 -30.95 92.29 27.44
C SER D 373 -31.47 92.67 28.82
N PHE D 374 -30.78 93.63 29.45
CA PHE D 374 -31.10 94.04 30.81
C PHE D 374 -32.45 94.75 30.85
N GLY D 375 -33.41 94.18 31.56
CA GLY D 375 -34.73 94.75 31.65
C GLY D 375 -35.54 94.15 32.77
N PRO D 376 -36.82 94.53 32.87
CA PRO D 376 -37.68 93.96 33.92
C PRO D 376 -37.82 92.46 33.85
N GLU D 377 -37.62 91.86 32.67
CA GLU D 377 -37.67 90.40 32.55
C GLU D 377 -36.37 89.74 32.98
N TYR D 378 -35.25 90.46 32.84
CA TYR D 378 -33.91 89.92 33.08
C TYR D 378 -33.18 90.85 34.05
N ILE D 379 -33.44 90.68 35.34
CA ILE D 379 -32.62 91.32 36.38
C ILE D 379 -31.69 90.34 37.07
N ILE D 380 -31.83 89.05 36.80
CA ILE D 380 -30.88 88.04 37.30
C ILE D 380 -30.55 87.08 36.18
N PRO D 381 -29.31 86.60 36.14
CA PRO D 381 -28.89 85.71 35.05
C PRO D 381 -29.64 84.39 35.06
N LYS D 382 -29.53 83.68 33.94
CA LYS D 382 -30.20 82.40 33.76
C LYS D 382 -29.72 81.41 34.82
N PRO D 383 -30.60 80.50 35.26
CA PRO D 383 -30.22 79.57 36.34
C PRO D 383 -29.01 78.71 36.00
N PHE D 384 -28.81 78.36 34.74
CA PHE D 384 -27.70 77.50 34.35
C PHE D 384 -26.70 78.23 33.44
N ASP D 385 -26.59 79.54 33.61
CA ASP D 385 -25.70 80.33 32.76
C ASP D 385 -24.26 79.83 32.90
N PRO D 386 -23.53 79.65 31.80
CA PRO D 386 -22.16 79.11 31.94
C PRO D 386 -21.19 80.10 32.55
N ARG D 387 -21.33 81.39 32.25
CA ARG D 387 -20.41 82.40 32.72
C ARG D 387 -20.41 82.59 34.23
N LEU D 388 -21.27 81.88 34.98
CA LEU D 388 -21.34 82.08 36.43
C LEU D 388 -19.99 81.81 37.08
N ILE D 389 -19.37 80.68 36.74
CA ILE D 389 -18.12 80.31 37.38
C ILE D 389 -17.00 81.28 37.00
N VAL D 390 -17.05 81.82 35.78
CA VAL D 390 -15.97 82.71 35.35
C VAL D 390 -15.99 84.01 36.14
N LYS D 391 -17.17 84.43 36.62
CA LYS D 391 -17.28 85.69 37.36
C LYS D 391 -17.34 85.52 38.87
N ILE D 392 -18.02 84.50 39.37
CA ILE D 392 -18.21 84.38 40.82
C ILE D 392 -16.91 83.99 41.52
N ALA D 393 -16.23 82.97 40.99
CA ALA D 393 -15.07 82.41 41.68
C ALA D 393 -13.91 83.40 41.82
N PRO D 394 -13.52 84.15 40.78
CA PRO D 394 -12.45 85.15 40.98
C PRO D 394 -12.81 86.24 41.97
N ALA D 395 -14.07 86.69 41.98
CA ALA D 395 -14.48 87.72 42.92
C ALA D 395 -14.41 87.22 44.36
N VAL D 396 -14.90 86.00 44.60
CA VAL D 396 -14.82 85.41 45.94
C VAL D 396 -13.37 85.29 46.39
N ALA D 397 -12.48 84.85 45.49
CA ALA D 397 -11.09 84.63 45.86
C ALA D 397 -10.36 85.95 46.08
N LYS D 398 -10.63 86.96 45.24
CA LYS D 398 -9.97 88.25 45.41
C LYS D 398 -10.39 88.90 46.72
N ALA D 399 -11.68 88.80 47.07
CA ALA D 399 -12.14 89.34 48.34
C ALA D 399 -11.57 88.55 49.52
N ALA D 400 -11.42 87.23 49.38
CA ALA D 400 -10.86 86.42 50.45
C ALA D 400 -9.40 86.77 50.70
N MET D 401 -8.65 87.08 49.63
CA MET D 401 -7.25 87.48 49.81
C MET D 401 -7.16 88.84 50.49
N GLU D 402 -8.09 89.74 50.20
CA GLU D 402 -8.12 91.04 50.89
C GLU D 402 -8.52 90.87 52.35
N SER D 403 -9.49 89.99 52.61
CA SER D 403 -9.96 89.79 53.98
C SER D 403 -8.89 89.16 54.87
N GLY D 404 -8.00 88.36 54.29
CA GLY D 404 -6.93 87.72 55.04
C GLY D 404 -7.20 86.29 55.47
N VAL D 405 -8.34 85.71 55.10
CA VAL D 405 -8.61 84.31 55.40
C VAL D 405 -8.09 83.39 54.32
N ALA D 406 -7.52 83.93 53.24
CA ALA D 406 -7.01 83.12 52.13
C ALA D 406 -5.64 82.57 52.51
N THR D 407 -5.60 81.28 52.85
CA THR D 407 -4.33 80.63 53.17
C THR D 407 -3.42 80.58 51.94
N ARG D 408 -3.97 80.19 50.79
CA ARG D 408 -3.18 80.01 49.58
C ARG D 408 -3.51 81.11 48.58
N PRO D 409 -2.54 81.93 48.19
CA PRO D 409 -2.82 82.97 47.19
C PRO D 409 -2.78 82.39 45.80
N ILE D 410 -3.37 83.14 44.87
CA ILE D 410 -3.26 82.86 43.44
C ILE D 410 -2.44 83.98 42.81
N ALA D 411 -1.33 83.61 42.17
CA ALA D 411 -0.40 84.61 41.67
C ALA D 411 -1.03 85.43 40.55
N ASP D 412 -1.65 84.76 39.58
CA ASP D 412 -2.24 85.43 38.43
C ASP D 412 -3.72 85.05 38.34
N PHE D 413 -4.59 86.05 38.32
CA PHE D 413 -6.01 85.79 38.16
C PHE D 413 -6.36 85.39 36.73
N ASP D 414 -5.57 85.85 35.75
CA ASP D 414 -5.85 85.51 34.35
C ASP D 414 -5.66 84.01 34.09
N VAL D 415 -4.64 83.42 34.71
CA VAL D 415 -4.44 81.98 34.58
C VAL D 415 -5.60 81.22 35.21
N TYR D 416 -6.05 81.67 36.38
CA TYR D 416 -7.17 81.02 37.06
C TYR D 416 -8.45 81.12 36.22
N ILE D 417 -8.71 82.28 35.64
CA ILE D 417 -9.88 82.46 34.80
C ILE D 417 -9.82 81.51 33.61
N ASP D 418 -8.64 81.31 33.04
CA ASP D 418 -8.51 80.44 31.87
C ASP D 418 -8.86 79.00 32.21
N LYS D 419 -8.39 78.50 33.36
CA LYS D 419 -8.82 77.18 33.82
C LYS D 419 -10.33 77.13 33.94
N LEU D 420 -10.93 78.18 34.52
CA LEU D 420 -12.39 78.26 34.61
C LEU D 420 -13.01 78.31 33.23
N THR D 421 -12.34 78.95 32.27
CA THR D 421 -12.89 79.05 30.93
C THR D 421 -12.94 77.70 30.25
N GLU D 422 -11.94 76.84 30.50
CA GLU D 422 -11.96 75.50 29.91
C GLU D 422 -13.12 74.66 30.42
N PHE D 423 -13.47 74.82 31.70
CA PHE D 423 -14.58 74.04 32.25
C PHE D 423 -15.91 74.46 31.66
N VAL D 424 -16.05 75.73 31.28
CA VAL D 424 -17.30 76.22 30.70
C VAL D 424 -17.56 75.56 29.36
N TYR D 425 -16.52 75.46 28.52
CA TYR D 425 -16.69 74.91 27.18
C TYR D 425 -17.25 73.49 27.21
N LYS D 426 -16.94 72.72 28.27
CA LYS D 426 -17.30 71.31 28.29
C LYS D 426 -18.80 71.12 28.46
N THR D 427 -19.44 71.96 29.25
CA THR D 427 -20.84 71.78 29.61
C THR D 427 -21.72 72.71 28.79
N ASN D 428 -22.79 72.15 28.22
CA ASN D 428 -23.76 72.97 27.52
C ASN D 428 -25.11 72.26 27.57
N LEU D 429 -26.18 73.05 27.61
CA LEU D 429 -27.51 72.48 27.67
C LEU D 429 -28.36 72.93 26.48
N PHE D 430 -28.00 72.50 25.27
CA PHE D 430 -28.69 72.96 24.06
C PHE D 430 -30.12 72.44 23.96
N MET D 431 -30.44 71.35 24.66
CA MET D 431 -31.76 70.73 24.52
C MET D 431 -32.86 71.63 25.06
N LYS D 432 -32.65 72.20 26.25
CA LYS D 432 -33.72 72.96 26.91
C LYS D 432 -34.25 74.12 26.07
N PRO D 433 -33.42 74.94 25.41
CA PRO D 433 -34.00 76.02 24.57
C PRO D 433 -34.79 75.49 23.38
N ILE D 434 -34.39 74.35 22.82
CA ILE D 434 -35.12 73.75 21.70
C ILE D 434 -36.53 73.38 22.13
N PHE D 435 -36.66 72.76 23.31
CA PHE D 435 -37.98 72.39 23.82
C PHE D 435 -38.86 73.61 23.97
N SER D 436 -38.34 74.67 24.60
CA SER D 436 -39.14 75.87 24.82
C SER D 436 -39.56 76.51 23.49
N GLN D 437 -38.68 76.46 22.49
CA GLN D 437 -39.04 76.98 21.17
C GLN D 437 -40.16 76.18 20.54
N ALA D 438 -40.25 74.88 20.85
CA ALA D 438 -41.33 74.05 20.31
C ALA D 438 -42.69 74.46 20.87
N ARG D 439 -42.75 74.89 22.13
CA ARG D 439 -44.01 75.28 22.72
C ARG D 439 -44.56 76.55 22.07
N LYS D 440 -43.69 77.39 21.51
CA LYS D 440 -44.12 78.67 20.99
C LYS D 440 -44.90 78.53 19.69
N ALA D 441 -44.60 77.51 18.89
CA ALA D 441 -45.28 77.28 17.62
C ALA D 441 -45.23 75.80 17.26
N PRO D 442 -46.16 75.01 17.80
CA PRO D 442 -46.17 73.58 17.47
C PRO D 442 -46.51 73.36 16.01
N LYS D 443 -45.93 72.31 15.44
CA LYS D 443 -46.20 71.90 14.07
C LYS D 443 -46.56 70.43 14.06
N ARG D 444 -47.26 70.00 13.02
CA ARG D 444 -47.71 68.61 12.92
C ARG D 444 -46.57 67.73 12.44
N VAL D 445 -46.40 66.59 13.11
CA VAL D 445 -45.31 65.66 12.84
C VAL D 445 -45.88 64.25 12.68
N VAL D 446 -45.44 63.55 11.63
CA VAL D 446 -45.89 62.19 11.34
C VAL D 446 -44.92 61.20 11.95
N LEU D 447 -45.46 60.18 12.62
CA LEU D 447 -44.66 59.06 13.10
C LEU D 447 -45.08 57.79 12.38
N PRO D 448 -44.31 57.30 11.40
CA PRO D 448 -44.76 56.13 10.63
C PRO D 448 -44.89 54.86 11.43
N GLU D 449 -44.15 54.72 12.53
CA GLU D 449 -44.22 53.52 13.35
C GLU D 449 -45.17 53.73 14.54
N GLY D 450 -46.42 54.05 14.19
CA GLY D 450 -47.39 54.39 15.21
C GLY D 450 -47.71 53.25 16.15
N GLU D 451 -47.57 52.00 15.68
CA GLU D 451 -47.90 50.86 16.51
C GLU D 451 -46.78 50.45 17.45
N GLU D 452 -45.60 51.05 17.33
CA GLU D 452 -44.48 50.66 18.18
C GLU D 452 -44.64 51.21 19.58
N ALA D 453 -44.22 50.42 20.57
CA ALA D 453 -44.45 50.77 21.97
C ALA D 453 -43.74 52.08 22.32
N ARG D 454 -42.49 52.22 21.90
CA ARG D 454 -41.72 53.42 22.25
C ARG D 454 -42.35 54.67 21.65
N VAL D 455 -42.90 54.57 20.44
CA VAL D 455 -43.52 55.72 19.80
C VAL D 455 -44.71 56.21 20.61
N LEU D 456 -45.46 55.27 21.20
CA LEU D 456 -46.63 55.65 21.98
C LEU D 456 -46.24 56.41 23.24
N HIS D 457 -45.21 55.95 23.95
CA HIS D 457 -44.72 56.68 25.11
C HIS D 457 -44.26 58.08 24.72
N ALA D 458 -43.63 58.21 23.55
CA ALA D 458 -43.18 59.52 23.09
C ALA D 458 -44.36 60.41 22.73
N THR D 459 -45.41 59.81 22.13
CA THR D 459 -46.58 60.60 21.75
C THR D 459 -47.20 61.29 22.95
N GLN D 460 -47.17 60.63 24.12
CA GLN D 460 -47.75 61.21 25.32
C GLN D 460 -46.92 62.37 25.84
N GLU D 461 -45.60 62.15 26.01
CA GLU D 461 -44.74 63.20 26.54
C GLU D 461 -44.66 64.38 25.57
N LEU D 462 -44.86 64.14 24.28
CA LEU D 462 -44.93 65.24 23.33
C LEU D 462 -46.25 65.99 23.47
N VAL D 463 -47.34 65.26 23.76
CA VAL D 463 -48.62 65.92 23.98
C VAL D 463 -48.64 66.63 25.33
N THR D 464 -48.01 66.04 26.34
CA THR D 464 -47.98 66.63 27.68
C THR D 464 -47.24 67.97 27.67
N LEU D 465 -45.98 67.96 27.21
CA LEU D 465 -45.22 69.20 27.13
C LEU D 465 -45.74 70.15 26.07
N GLY D 466 -46.62 69.69 25.17
CA GLY D 466 -47.20 70.53 24.15
C GLY D 466 -46.21 70.99 23.10
N LEU D 467 -45.51 70.04 22.49
CA LEU D 467 -44.45 70.34 21.54
C LEU D 467 -44.90 70.28 20.09
N ALA D 468 -45.74 69.30 19.73
CA ALA D 468 -46.12 69.11 18.33
C ALA D 468 -47.46 68.40 18.27
N LYS D 469 -47.98 68.26 17.04
CA LYS D 469 -49.23 67.57 16.77
C LYS D 469 -48.94 66.18 16.23
N PRO D 470 -48.95 65.13 17.06
CA PRO D 470 -48.55 63.80 16.57
C PRO D 470 -49.59 63.21 15.62
N ILE D 471 -49.10 62.63 14.53
CA ILE D 471 -49.94 61.99 13.51
C ILE D 471 -49.38 60.59 13.31
N LEU D 472 -49.91 59.62 14.06
CA LEU D 472 -49.43 58.25 13.99
C LEU D 472 -50.03 57.54 12.78
N ILE D 473 -49.30 56.55 12.27
CA ILE D 473 -49.72 55.74 11.14
C ILE D 473 -49.68 54.28 11.54
N GLY D 474 -50.68 53.52 11.09
CA GLY D 474 -50.80 52.12 11.43
C GLY D 474 -52.26 51.74 11.61
N ARG D 475 -52.50 50.48 11.96
CA ARG D 475 -53.86 50.02 12.19
C ARG D 475 -54.37 50.60 13.51
N PRO D 476 -55.39 51.45 13.49
CA PRO D 476 -55.88 52.05 14.74
C PRO D 476 -56.22 51.02 15.79
N ASN D 477 -56.66 49.84 15.37
CA ASN D 477 -57.08 48.80 16.30
C ASN D 477 -55.93 48.38 17.20
N VAL D 478 -54.73 48.24 16.65
CA VAL D 478 -53.59 47.82 17.46
C VAL D 478 -53.10 48.96 18.33
N ILE D 479 -53.20 50.20 17.84
CA ILE D 479 -52.78 51.36 18.63
C ILE D 479 -53.68 51.51 19.86
N GLU D 480 -55.00 51.43 19.66
CA GLU D 480 -55.94 51.61 20.76
C GLU D 480 -55.68 50.61 21.87
N MET D 481 -55.53 49.33 21.51
CA MET D 481 -55.23 48.29 22.48
C MET D 481 -53.95 48.59 23.25
N ARG D 482 -52.89 48.94 22.53
CA ARG D 482 -51.59 49.14 23.15
C ARG D 482 -51.61 50.33 24.11
N ILE D 483 -52.38 51.36 23.79
CA ILE D 483 -52.52 52.51 24.68
C ILE D 483 -53.04 52.06 26.04
N GLN D 484 -54.10 51.26 26.05
CA GLN D 484 -54.70 50.83 27.31
C GLN D 484 -53.79 49.89 28.08
N LYS D 485 -52.95 49.11 27.39
CA LYS D 485 -52.04 48.21 28.10
C LYS D 485 -50.90 48.99 28.75
N LEU D 486 -50.49 50.11 28.15
CA LEU D 486 -49.40 50.91 28.71
C LEU D 486 -49.84 51.75 29.89
N GLY D 487 -51.09 52.20 29.91
CA GLY D 487 -51.57 53.10 30.93
C GLY D 487 -51.57 54.56 30.53
N LEU D 488 -51.54 54.87 29.24
CA LEU D 488 -51.48 56.23 28.76
C LEU D 488 -52.89 56.83 28.67
N GLN D 489 -52.95 58.16 28.66
CA GLN D 489 -54.21 58.88 28.63
C GLN D 489 -54.44 59.61 27.31
N ILE D 490 -53.72 59.23 26.26
CA ILE D 490 -53.82 59.91 24.98
C ILE D 490 -55.03 59.41 24.22
N LYS D 491 -55.77 60.35 23.61
CA LYS D 491 -57.07 60.08 22.98
C LYS D 491 -56.95 60.22 21.48
N ALA D 492 -57.34 59.16 20.76
CA ALA D 492 -57.36 59.21 19.31
C ALA D 492 -58.38 60.24 18.81
N GLY D 493 -58.08 60.82 17.65
CA GLY D 493 -58.91 61.87 17.09
C GLY D 493 -58.91 63.17 17.86
N VAL D 494 -58.34 63.20 19.07
CA VAL D 494 -58.30 64.41 19.90
C VAL D 494 -56.87 64.82 20.11
N ASP D 495 -56.15 64.08 20.96
CA ASP D 495 -54.74 64.40 21.23
C ASP D 495 -53.88 64.21 19.99
N PHE D 496 -54.19 63.22 19.16
CA PHE D 496 -53.37 62.85 18.02
C PHE D 496 -54.25 62.23 16.95
N GLU D 497 -53.87 62.45 15.70
CA GLU D 497 -54.61 61.92 14.56
C GLU D 497 -53.99 60.60 14.11
N ILE D 498 -54.81 59.56 14.02
CA ILE D 498 -54.38 58.27 13.50
C ILE D 498 -54.73 58.19 12.02
N VAL D 499 -53.80 57.70 11.22
CA VAL D 499 -54.03 57.43 9.81
C VAL D 499 -53.80 55.94 9.58
N ASN D 500 -54.85 55.23 9.18
CA ASN D 500 -54.75 53.81 8.90
C ASN D 500 -54.20 53.61 7.49
N ASN D 501 -53.18 52.76 7.36
CA ASN D 501 -52.58 52.51 6.06
C ASN D 501 -53.49 51.72 5.15
N GLU D 502 -54.45 50.97 5.71
CA GLU D 502 -55.34 50.14 4.91
C GLU D 502 -56.52 50.94 4.37
N SER D 503 -57.11 51.81 5.20
CA SER D 503 -58.28 52.60 4.85
C SER D 503 -57.91 54.08 4.80
N ASP D 504 -58.10 54.71 3.64
CA ASP D 504 -57.75 56.10 3.47
C ASP D 504 -58.55 56.67 2.31
N PRO D 505 -59.22 57.82 2.50
CA PRO D 505 -59.95 58.42 1.36
C PRO D 505 -59.04 58.94 0.26
N ARG D 506 -57.97 59.66 0.62
CA ARG D 506 -57.04 60.24 -0.35
C ARG D 506 -56.07 59.21 -0.92
N PHE D 507 -56.34 57.92 -0.74
CA PHE D 507 -55.36 56.89 -1.12
C PHE D 507 -55.03 56.97 -2.61
N LYS D 508 -56.03 57.22 -3.45
CA LYS D 508 -55.76 57.31 -4.89
C LYS D 508 -54.93 58.54 -5.22
N GLU D 509 -55.20 59.66 -4.54
CA GLU D 509 -54.42 60.87 -4.77
C GLU D 509 -52.96 60.65 -4.39
N TYR D 510 -52.72 59.85 -3.35
CA TYR D 510 -51.36 59.68 -2.84
C TYR D 510 -50.51 58.81 -3.75
N TRP D 511 -51.04 57.67 -4.20
CA TRP D 511 -50.24 56.81 -5.06
C TRP D 511 -50.00 57.44 -6.42
N THR D 512 -50.86 58.35 -6.86
CA THR D 512 -50.62 59.03 -8.13
C THR D 512 -49.43 59.98 -8.02
N GLU D 513 -49.28 60.63 -6.87
CA GLU D 513 -48.13 61.53 -6.68
C GLU D 513 -46.84 60.73 -6.57
N TYR D 514 -46.85 59.65 -5.78
CA TYR D 514 -45.68 58.79 -5.67
C TYR D 514 -45.32 58.16 -7.00
N PHE D 515 -46.33 57.74 -7.77
CA PHE D 515 -46.08 57.16 -9.08
C PHE D 515 -45.50 58.20 -10.04
N GLN D 516 -46.05 59.42 -10.04
CA GLN D 516 -45.51 60.44 -10.93
C GLN D 516 -44.07 60.79 -10.60
N ILE D 517 -43.65 60.59 -9.35
CA ILE D 517 -42.26 60.82 -8.99
C ILE D 517 -41.39 59.62 -9.36
N MET D 518 -41.93 58.41 -9.23
CA MET D 518 -41.14 57.19 -9.36
C MET D 518 -41.51 56.33 -10.56
N LYS D 519 -42.27 56.87 -11.51
CA LYS D 519 -42.54 56.10 -12.73
C LYS D 519 -41.26 55.81 -13.48
N ARG D 520 -40.30 56.73 -13.45
CA ARG D 520 -39.05 56.57 -14.16
C ARG D 520 -37.97 55.92 -13.31
N ARG D 521 -38.13 55.90 -11.97
CA ARG D 521 -37.22 55.20 -11.08
C ARG D 521 -37.67 53.77 -10.79
N GLY D 522 -38.36 53.14 -11.74
CA GLY D 522 -38.70 51.74 -11.63
C GLY D 522 -39.76 51.43 -10.61
N VAL D 523 -40.90 52.12 -10.68
CA VAL D 523 -42.04 51.85 -9.83
C VAL D 523 -43.27 51.88 -10.71
N THR D 524 -43.90 50.72 -10.92
CA THR D 524 -45.12 50.66 -11.71
C THR D 524 -46.31 51.13 -10.87
N GLN D 525 -47.42 51.42 -11.55
CA GLN D 525 -48.63 51.79 -10.83
C GLN D 525 -49.04 50.68 -9.85
N GLU D 526 -48.98 49.43 -10.29
CA GLU D 526 -49.36 48.32 -9.42
C GLU D 526 -48.43 48.18 -8.23
N GLN D 527 -47.21 48.73 -8.33
CA GLN D 527 -46.29 48.68 -7.20
C GLN D 527 -46.54 49.85 -6.24
N ALA D 528 -46.84 51.02 -6.79
CA ALA D 528 -46.99 52.21 -5.96
C ALA D 528 -48.19 52.06 -5.02
N GLN D 529 -49.27 51.44 -5.49
CA GLN D 529 -50.41 51.20 -4.62
C GLN D 529 -50.08 50.19 -3.54
N ARG D 530 -49.25 49.19 -3.86
CA ARG D 530 -48.71 48.32 -2.82
C ARG D 530 -47.87 49.10 -1.82
N ALA D 531 -47.19 50.16 -2.28
CA ALA D 531 -46.25 50.87 -1.43
C ALA D 531 -46.95 51.70 -0.37
N LEU D 532 -48.11 52.25 -0.68
CA LEU D 532 -48.83 53.11 0.25
C LEU D 532 -49.69 52.34 1.21
N ILE D 533 -49.52 51.02 1.29
CA ILE D 533 -50.19 50.21 2.30
C ILE D 533 -49.20 49.47 3.20
N SER D 534 -47.99 49.21 2.74
CA SER D 534 -47.02 48.41 3.47
C SER D 534 -45.92 49.23 4.13
N ASN D 535 -45.38 50.25 3.44
CA ASN D 535 -44.28 51.03 3.97
C ASN D 535 -44.79 52.37 4.47
N PRO D 536 -44.99 52.55 5.77
CA PRO D 536 -45.55 53.82 6.26
C PRO D 536 -44.64 55.00 6.02
N THR D 537 -43.32 54.76 5.90
CA THR D 537 -42.40 55.85 5.62
C THR D 537 -42.78 56.56 4.32
N VAL D 538 -43.21 55.79 3.31
CA VAL D 538 -43.63 56.39 2.05
C VAL D 538 -44.86 57.26 2.26
N ILE D 539 -45.78 56.81 3.13
CA ILE D 539 -47.01 57.55 3.34
C ILE D 539 -46.73 58.90 3.97
N GLY D 540 -45.99 58.90 5.08
CA GLY D 540 -45.64 60.16 5.72
C GLY D 540 -44.83 61.06 4.81
N ALA D 541 -43.92 60.47 4.02
CA ALA D 541 -43.13 61.26 3.09
C ALA D 541 -44.03 62.01 2.11
N ILE D 542 -45.08 61.36 1.62
CA ILE D 542 -46.00 62.04 0.72
C ILE D 542 -46.75 63.14 1.47
N MET D 543 -47.07 62.91 2.74
CA MET D 543 -47.85 63.89 3.50
C MET D 543 -47.09 65.19 3.66
N VAL D 544 -45.78 65.13 3.84
CA VAL D 544 -45.00 66.33 4.09
C VAL D 544 -44.89 67.18 2.83
N GLN D 545 -44.75 66.53 1.67
CA GLN D 545 -44.63 67.28 0.42
C GLN D 545 -45.92 68.00 0.07
N ARG D 546 -47.07 67.42 0.43
CA ARG D 546 -48.35 68.06 0.12
C ARG D 546 -48.67 69.18 1.11
N GLY D 547 -48.27 69.01 2.36
CA GLY D 547 -48.66 69.91 3.44
C GLY D 547 -49.51 69.25 4.52
N GLU D 548 -49.86 67.97 4.36
CA GLU D 548 -50.68 67.27 5.36
C GLU D 548 -49.94 67.18 6.70
N ALA D 549 -48.62 67.17 6.65
CA ALA D 549 -47.79 67.29 7.84
C ALA D 549 -46.65 68.24 7.52
N ASP D 550 -45.88 68.58 8.55
CA ASP D 550 -44.76 69.50 8.38
C ASP D 550 -43.40 68.87 8.60
N ALA D 551 -43.35 67.69 9.22
CA ALA D 551 -42.08 67.01 9.48
C ALA D 551 -42.38 65.52 9.71
N MET D 552 -41.31 64.74 9.79
CA MET D 552 -41.46 63.29 9.94
C MET D 552 -40.28 62.72 10.70
N ILE D 553 -40.58 61.85 11.67
CA ILE D 553 -39.57 61.13 12.45
C ILE D 553 -39.83 59.65 12.27
N CYS D 554 -38.89 58.94 11.65
CA CYS D 554 -39.07 57.54 11.31
C CYS D 554 -37.79 56.77 11.59
N GLY D 555 -37.88 55.45 11.41
CA GLY D 555 -36.75 54.57 11.58
C GLY D 555 -36.63 53.88 12.93
N THR D 556 -37.65 53.98 13.79
CA THR D 556 -37.58 53.31 15.08
C THR D 556 -37.66 51.79 14.94
N VAL D 557 -38.13 51.29 13.79
CA VAL D 557 -38.08 49.88 13.44
C VAL D 557 -37.84 49.80 11.94
N GLY D 558 -36.69 49.28 11.55
CA GLY D 558 -36.34 49.13 10.15
C GLY D 558 -34.90 49.52 9.88
N ASP D 559 -34.33 48.93 8.84
CA ASP D 559 -32.98 49.30 8.41
C ASP D 559 -32.95 50.76 7.97
N TYR D 560 -31.90 51.47 8.39
CA TYR D 560 -31.82 52.91 8.14
C TYR D 560 -32.00 53.24 6.66
N HIS D 561 -31.37 52.46 5.79
CA HIS D 561 -31.37 52.83 4.38
C HIS D 561 -32.72 52.59 3.71
N GLU D 562 -33.54 51.72 4.27
CA GLU D 562 -34.91 51.59 3.77
C GLU D 562 -35.63 52.93 3.83
N HIS D 563 -35.66 53.53 5.01
CA HIS D 563 -36.36 54.80 5.19
C HIS D 563 -35.63 55.93 4.48
N PHE D 564 -34.30 55.90 4.47
CA PHE D 564 -33.55 57.02 3.91
C PHE D 564 -33.72 57.10 2.40
N SER D 565 -33.73 55.96 1.72
CA SER D 565 -33.94 55.97 0.28
C SER D 565 -35.32 56.51 -0.06
N VAL D 566 -36.31 56.25 0.80
CA VAL D 566 -37.65 56.78 0.58
C VAL D 566 -37.63 58.30 0.68
N VAL D 567 -37.00 58.83 1.74
CA VAL D 567 -36.91 60.28 1.92
C VAL D 567 -36.16 60.90 0.75
N LYS D 568 -35.01 60.32 0.38
CA LYS D 568 -34.13 60.93 -0.61
C LYS D 568 -34.84 61.11 -1.95
N ASN D 569 -35.83 60.27 -2.24
CA ASN D 569 -36.52 60.34 -3.52
C ASN D 569 -37.69 61.31 -3.51
N VAL D 570 -38.35 61.50 -2.37
CA VAL D 570 -39.56 62.29 -2.33
C VAL D 570 -39.27 63.78 -2.16
N PHE D 571 -38.36 64.15 -1.27
CA PHE D 571 -38.03 65.55 -1.04
C PHE D 571 -36.77 66.01 -1.77
N GLY D 572 -35.81 65.12 -1.98
CA GLY D 572 -34.57 65.49 -2.65
C GLY D 572 -33.66 66.35 -1.81
N TYR D 573 -32.46 66.64 -2.31
CA TYR D 573 -31.51 67.43 -1.56
C TYR D 573 -32.01 68.87 -1.42
N ARG D 574 -31.52 69.55 -0.39
CA ARG D 574 -31.80 70.97 -0.22
C ARG D 574 -31.16 71.76 -1.37
N ASP D 575 -31.39 73.06 -1.37
CA ASP D 575 -30.77 73.91 -2.38
C ASP D 575 -29.28 74.07 -2.10
N GLY D 576 -28.47 74.01 -3.15
CA GLY D 576 -27.04 74.15 -3.01
C GLY D 576 -26.35 72.97 -2.37
N VAL D 577 -27.00 71.81 -2.34
CA VAL D 577 -26.42 70.60 -1.75
C VAL D 577 -26.52 69.49 -2.77
N HIS D 578 -25.59 68.53 -2.69
CA HIS D 578 -25.65 67.35 -3.54
C HIS D 578 -25.34 66.07 -2.79
N THR D 579 -25.29 66.11 -1.46
CA THR D 579 -25.13 64.90 -0.67
C THR D 579 -25.63 65.16 0.74
N ALA D 580 -26.19 64.13 1.34
CA ALA D 580 -26.78 64.22 2.67
C ALA D 580 -25.80 63.69 3.73
N GLY D 581 -26.04 64.08 4.97
CA GLY D 581 -25.16 63.70 6.06
C GLY D 581 -25.94 63.28 7.28
N ALA D 582 -25.30 62.41 8.08
CA ALA D 582 -25.88 61.87 9.30
C ALA D 582 -24.95 62.19 10.47
N MET D 583 -25.44 62.99 11.41
CA MET D 583 -24.64 63.46 12.55
C MET D 583 -25.23 62.96 13.85
N ASN D 584 -24.46 62.18 14.58
CA ASN D 584 -24.84 61.74 15.92
C ASN D 584 -24.07 62.54 16.96
N ALA D 585 -24.56 62.47 18.20
CA ALA D 585 -24.00 63.26 19.29
C ALA D 585 -23.76 62.39 20.51
N LEU D 586 -22.77 62.78 21.31
CA LEU D 586 -22.45 62.11 22.56
C LEU D 586 -21.93 63.12 23.56
N LEU D 587 -22.22 62.88 24.84
CA LEU D 587 -21.74 63.72 25.93
C LEU D 587 -20.43 63.14 26.45
N LEU D 588 -19.32 63.77 26.08
CA LEU D 588 -17.98 63.29 26.33
C LEU D 588 -17.30 64.12 27.41
N PRO D 589 -16.23 63.59 28.03
CA PRO D 589 -15.40 64.44 28.90
C PRO D 589 -14.91 65.69 28.20
N SER D 590 -14.63 65.60 26.91
CA SER D 590 -14.23 66.71 26.07
C SER D 590 -15.38 67.64 25.75
N GLY D 591 -16.54 67.44 26.35
CA GLY D 591 -17.71 68.23 26.06
C GLY D 591 -18.66 67.53 25.11
N ASN D 592 -19.69 68.26 24.72
CA ASN D 592 -20.61 67.77 23.71
C ASN D 592 -19.87 67.62 22.39
N THR D 593 -19.97 66.44 21.78
CA THR D 593 -19.17 66.11 20.61
C THR D 593 -20.03 65.39 19.58
N PHE D 594 -19.69 65.58 18.30
CA PHE D 594 -20.47 65.06 17.19
C PHE D 594 -19.60 64.26 16.23
N ILE D 595 -20.26 63.39 15.47
CA ILE D 595 -19.62 62.58 14.44
C ILE D 595 -20.36 62.79 13.13
N ALA D 596 -19.62 62.83 12.02
CA ALA D 596 -20.17 63.20 10.73
C ALA D 596 -20.34 61.98 9.82
N ASP D 597 -21.49 61.91 9.15
CA ASP D 597 -21.84 60.86 8.20
C ASP D 597 -21.67 59.47 8.80
N THR D 598 -22.60 59.14 9.69
CA THR D 598 -22.61 57.85 10.35
C THR D 598 -23.52 56.84 9.66
N TYR D 599 -24.33 57.27 8.70
CA TYR D 599 -25.26 56.36 8.03
C TYR D 599 -25.44 56.61 6.53
N VAL D 600 -25.19 57.81 6.02
CA VAL D 600 -25.60 58.16 4.66
C VAL D 600 -24.71 57.51 3.62
N ASN D 601 -23.47 57.98 3.50
CA ASN D 601 -22.56 57.56 2.44
C ASN D 601 -21.53 56.58 2.97
N ASP D 602 -21.42 55.42 2.31
CA ASP D 602 -20.44 54.42 2.73
C ASP D 602 -19.02 54.93 2.52
N GLU D 603 -18.74 55.51 1.37
CA GLU D 603 -17.43 56.06 1.06
C GLU D 603 -17.61 57.46 0.48
N PRO D 604 -17.62 58.48 1.33
CA PRO D 604 -17.78 59.85 0.84
C PRO D 604 -16.51 60.33 0.18
N ASP D 605 -16.67 61.08 -0.91
CA ASP D 605 -15.54 61.60 -1.67
C ASP D 605 -15.11 62.94 -1.09
N ALA D 606 -14.22 63.64 -1.79
CA ALA D 606 -13.67 64.89 -1.28
C ALA D 606 -14.75 65.94 -1.13
N GLU D 607 -15.43 66.29 -2.24
CA GLU D 607 -16.45 67.33 -2.19
C GLU D 607 -17.65 66.89 -1.34
N GLU D 608 -17.97 65.60 -1.33
CA GLU D 608 -19.06 65.13 -0.48
C GLU D 608 -18.73 65.30 0.99
N LEU D 609 -17.47 65.03 1.38
CA LEU D 609 -17.07 65.21 2.77
C LEU D 609 -17.07 66.68 3.17
N ALA D 610 -16.82 67.58 2.22
CA ALA D 610 -16.81 69.00 2.55
C ALA D 610 -18.22 69.51 2.82
N GLU D 611 -19.18 69.13 1.98
CA GLU D 611 -20.55 69.58 2.19
C GLU D 611 -21.11 69.09 3.52
N ILE D 612 -20.72 67.89 3.95
CA ILE D 612 -21.15 67.39 5.25
C ILE D 612 -20.63 68.31 6.35
N THR D 613 -19.36 68.70 6.27
CA THR D 613 -18.75 69.55 7.28
C THR D 613 -19.50 70.87 7.41
N LEU D 614 -19.83 71.49 6.29
CA LEU D 614 -20.50 72.80 6.34
C LEU D 614 -21.87 72.69 7.00
N MET D 615 -22.64 71.65 6.66
CA MET D 615 -23.97 71.51 7.24
C MET D 615 -23.90 71.22 8.73
N ALA D 616 -22.91 70.43 9.16
CA ALA D 616 -22.76 70.15 10.58
C ALA D 616 -22.39 71.39 11.36
N ALA D 617 -21.53 72.23 10.79
CA ALA D 617 -21.17 73.49 11.44
C ALA D 617 -22.38 74.42 11.53
N GLU D 618 -23.06 74.63 10.40
CA GLU D 618 -24.28 75.43 10.40
C GLU D 618 -25.29 74.92 11.42
N THR D 619 -25.44 73.60 11.53
CA THR D 619 -26.41 73.04 12.46
C THR D 619 -25.96 73.17 13.91
N VAL D 620 -24.67 73.13 14.17
CA VAL D 620 -24.20 73.27 15.55
C VAL D 620 -24.25 74.72 16.00
N ARG D 621 -23.93 75.67 15.10
CA ARG D 621 -24.09 77.09 15.42
C ARG D 621 -25.48 77.38 15.96
N ARG D 622 -26.50 76.86 15.27
CA ARG D 622 -27.88 77.11 15.66
C ARG D 622 -28.17 76.54 17.05
N PHE D 623 -27.51 75.45 17.41
CA PHE D 623 -27.74 74.83 18.72
C PHE D 623 -27.33 75.74 19.87
N GLY D 624 -26.47 76.72 19.62
CA GLY D 624 -25.88 77.50 20.68
C GLY D 624 -24.52 76.99 21.11
N ILE D 625 -23.82 76.25 20.26
CA ILE D 625 -22.52 75.68 20.58
C ILE D 625 -21.52 76.17 19.53
N GLU D 626 -20.29 76.40 19.97
CA GLU D 626 -19.26 76.92 19.08
C GLU D 626 -18.79 75.84 18.11
N PRO D 627 -18.83 76.09 16.79
CA PRO D 627 -18.36 75.08 15.83
C PRO D 627 -16.84 75.02 15.74
N ARG D 628 -16.24 74.01 16.38
CA ARG D 628 -14.80 73.78 16.34
C ARG D 628 -14.58 72.42 15.69
N VAL D 629 -14.39 72.43 14.36
CA VAL D 629 -14.41 71.22 13.54
C VAL D 629 -13.00 70.65 13.44
N ALA D 630 -12.91 69.32 13.33
CA ALA D 630 -11.62 68.66 13.20
C ALA D 630 -11.79 67.42 12.34
N LEU D 631 -11.06 67.36 11.23
CA LEU D 631 -11.12 66.20 10.33
C LEU D 631 -10.20 65.11 10.85
N LEU D 632 -10.70 63.87 10.83
CA LEU D 632 -10.01 62.74 11.42
C LEU D 632 -9.50 61.79 10.34
N SER D 633 -8.38 61.14 10.63
CA SER D 633 -7.80 60.17 9.71
C SER D 633 -6.80 59.32 10.47
N HIS D 634 -6.40 58.21 9.86
CA HIS D 634 -5.28 57.44 10.40
C HIS D 634 -3.96 58.18 10.21
N SER D 635 -3.92 59.14 9.28
CA SER D 635 -2.75 59.97 9.06
C SER D 635 -2.77 61.17 10.00
N ASN D 636 -1.58 61.59 10.42
CA ASN D 636 -1.41 62.73 11.32
C ASN D 636 -0.66 63.82 10.56
N PHE D 637 -1.41 64.78 10.02
CA PHE D 637 -0.83 65.94 9.34
C PHE D 637 0.19 65.52 8.28
N GLY D 638 -0.23 64.61 7.41
CA GLY D 638 0.63 64.13 6.36
C GLY D 638 1.49 62.94 6.70
N SER D 639 1.13 62.17 7.73
CA SER D 639 1.87 60.96 8.05
C SER D 639 1.82 59.96 6.90
N SER D 640 0.63 59.70 6.36
CA SER D 640 0.43 58.78 5.26
C SER D 640 -0.13 59.53 4.06
N ASP D 641 0.22 59.07 2.86
CA ASP D 641 -0.29 59.62 1.62
C ASP D 641 -1.48 58.79 1.10
N CYS D 642 -2.10 58.00 1.97
CA CYS D 642 -3.23 57.16 1.60
C CYS D 642 -4.27 57.97 0.85
N PRO D 643 -4.88 57.41 -0.20
CA PRO D 643 -5.92 58.15 -0.93
C PRO D 643 -7.04 58.65 -0.04
N SER D 644 -7.36 57.93 1.04
CA SER D 644 -8.35 58.42 1.99
C SER D 644 -7.81 59.58 2.81
N SER D 645 -6.51 59.59 3.11
CA SER D 645 -5.92 60.72 3.80
C SER D 645 -5.74 61.92 2.88
N SER D 646 -5.42 61.68 1.60
CA SER D 646 -5.34 62.78 0.64
C SER D 646 -6.70 63.43 0.44
N LYS D 647 -7.77 62.62 0.44
CA LYS D 647 -9.11 63.15 0.27
C LYS D 647 -9.48 64.11 1.40
N MET D 648 -9.13 63.75 2.64
CA MET D 648 -9.42 64.64 3.75
C MET D 648 -8.74 65.99 3.57
N ARG D 649 -7.50 65.98 3.06
CA ARG D 649 -6.76 67.23 2.91
C ARG D 649 -7.42 68.14 1.88
N GLN D 650 -7.80 67.58 0.73
CA GLN D 650 -8.50 68.38 -0.27
C GLN D 650 -9.76 69.01 0.30
N ALA D 651 -10.45 68.29 1.21
CA ALA D 651 -11.69 68.82 1.77
C ALA D 651 -11.43 70.04 2.65
N LEU D 652 -10.33 70.02 3.41
CA LEU D 652 -10.00 71.17 4.24
C LEU D 652 -9.86 72.43 3.41
N GLU D 653 -9.20 72.32 2.25
CA GLU D 653 -9.06 73.48 1.38
C GLU D 653 -10.42 73.91 0.83
N LEU D 654 -11.29 72.96 0.53
CA LEU D 654 -12.59 73.30 -0.05
C LEU D 654 -13.44 74.10 0.93
N VAL D 655 -13.55 73.61 2.17
CA VAL D 655 -14.36 74.30 3.18
C VAL D 655 -13.81 75.69 3.44
N ARG D 656 -12.50 75.87 3.31
CA ARG D 656 -11.88 77.15 3.65
C ARG D 656 -12.33 78.26 2.71
N GLU D 657 -12.72 77.93 1.48
CA GLU D 657 -13.16 78.95 0.54
C GLU D 657 -14.65 79.27 0.66
N ARG D 658 -15.47 78.32 1.12
CA ARG D 658 -16.90 78.56 1.26
C ARG D 658 -17.27 79.19 2.60
N ALA D 659 -16.61 78.76 3.68
CA ALA D 659 -16.84 79.31 5.01
C ALA D 659 -15.50 79.51 5.69
N PRO D 660 -14.77 80.57 5.31
CA PRO D 660 -13.46 80.79 5.92
C PRO D 660 -13.54 81.13 7.40
N GLU D 661 -14.64 81.72 7.85
CA GLU D 661 -14.79 82.06 9.26
C GLU D 661 -14.83 80.82 10.16
N LEU D 662 -15.16 79.66 9.60
CA LEU D 662 -15.27 78.45 10.40
C LEU D 662 -13.91 78.00 10.90
N MET D 663 -13.86 77.63 12.18
CA MET D 663 -12.64 77.09 12.77
C MET D 663 -12.55 75.60 12.46
N ILE D 664 -11.47 75.19 11.81
CA ILE D 664 -11.25 73.79 11.46
C ILE D 664 -9.79 73.57 11.05
N ASP D 665 -9.24 72.41 11.38
CA ASP D 665 -7.92 72.01 10.93
C ASP D 665 -7.88 70.50 10.78
N GLY D 666 -6.84 70.02 10.12
CA GLY D 666 -6.70 68.60 9.86
C GLY D 666 -5.71 68.37 8.73
N GLU D 667 -5.50 67.09 8.41
CA GLU D 667 -6.09 65.96 9.13
C GLU D 667 -5.31 65.72 10.41
N MET D 668 -5.87 64.94 11.34
CA MET D 668 -5.14 64.69 12.57
C MET D 668 -5.62 63.38 13.19
N HIS D 669 -4.81 62.88 14.11
CA HIS D 669 -5.23 61.76 14.94
C HIS D 669 -6.38 62.18 15.84
N GLY D 670 -7.14 61.19 16.29
CA GLY D 670 -8.29 61.49 17.14
C GLY D 670 -7.90 62.18 18.43
N ASP D 671 -6.84 61.71 19.07
CA ASP D 671 -6.38 62.34 20.31
C ASP D 671 -6.09 63.82 20.10
N ALA D 672 -5.47 64.16 18.96
CA ALA D 672 -5.10 65.56 18.71
C ALA D 672 -6.32 66.46 18.63
N ALA D 673 -7.46 65.91 18.24
CA ALA D 673 -8.67 66.71 18.10
C ALA D 673 -9.42 66.90 19.42
N LEU D 674 -9.05 66.15 20.46
CA LEU D 674 -9.74 66.25 21.75
C LEU D 674 -8.88 66.85 22.85
N VAL D 675 -7.58 66.64 22.82
CA VAL D 675 -6.65 67.18 23.81
C VAL D 675 -5.84 68.28 23.14
N GLU D 676 -6.00 69.52 23.63
CA GLU D 676 -5.29 70.65 23.03
C GLU D 676 -3.78 70.53 23.26
N ALA D 677 -3.36 69.82 24.30
CA ALA D 677 -1.94 69.66 24.55
C ALA D 677 -1.28 68.85 23.44
N ILE D 678 -1.84 67.67 23.14
CA ILE D 678 -1.26 66.80 22.12
C ILE D 678 -1.16 67.52 20.78
N ARG D 679 -2.13 68.37 20.50
CA ARG D 679 -2.12 69.10 19.22
C ARG D 679 -1.07 70.20 19.21
N ASN D 680 -0.76 70.80 20.37
CA ASN D 680 0.23 71.87 20.40
C ASN D 680 1.65 71.38 20.18
N ASP D 681 1.93 70.11 20.46
CA ASP D 681 3.26 69.55 20.25
C ASP D 681 3.49 69.09 18.81
N ARG D 682 2.45 68.63 18.14
CA ARG D 682 2.54 68.24 16.73
C ARG D 682 2.29 69.41 15.79
N MET D 683 1.54 70.42 16.24
CA MET D 683 1.25 71.60 15.43
C MET D 683 0.91 72.79 16.31
N PRO D 684 1.89 73.66 16.60
CA PRO D 684 1.58 74.85 17.40
C PRO D 684 0.69 75.84 16.67
N ASP D 685 0.92 76.06 15.38
CA ASP D 685 0.17 76.99 14.54
C ASP D 685 -1.26 76.56 14.27
N SER D 686 -1.76 75.50 14.92
CA SER D 686 -3.09 75.01 14.60
C SER D 686 -4.13 76.08 14.83
N SER D 687 -4.96 76.32 13.80
CA SER D 687 -6.09 77.23 13.97
C SER D 687 -7.09 76.67 14.97
N LEU D 688 -7.18 75.34 15.07
CA LEU D 688 -8.03 74.72 16.07
C LEU D 688 -7.52 75.03 17.47
N LYS D 689 -8.43 75.46 18.35
CA LYS D 689 -8.09 75.79 19.72
C LYS D 689 -9.07 75.08 20.65
N GLY D 690 -8.53 74.39 21.65
CA GLY D 690 -9.35 73.71 22.63
C GLY D 690 -9.83 72.36 22.14
N SER D 691 -10.72 71.77 22.92
CA SER D 691 -11.35 70.52 22.53
C SER D 691 -12.31 70.75 21.36
N ALA D 692 -12.16 69.96 20.30
CA ALA D 692 -13.05 70.06 19.16
C ALA D 692 -14.33 69.25 19.41
N ASN D 693 -15.43 69.72 18.84
CA ASN D 693 -16.74 69.13 19.08
C ASN D 693 -17.37 68.50 17.84
N ILE D 694 -16.74 68.62 16.68
CA ILE D 694 -17.25 68.05 15.44
C ILE D 694 -16.16 67.23 14.80
N LEU D 695 -16.42 65.94 14.59
CA LEU D 695 -15.43 64.99 14.10
C LEU D 695 -15.92 64.40 12.79
N VAL D 696 -15.31 64.81 11.68
CA VAL D 696 -15.69 64.35 10.35
C VAL D 696 -14.85 63.14 9.98
N MET D 697 -15.51 62.03 9.73
CA MET D 697 -14.82 60.77 9.52
C MET D 697 -14.45 60.59 8.05
N PRO D 698 -13.46 59.73 7.76
CA PRO D 698 -13.10 59.48 6.36
C PRO D 698 -13.99 58.47 5.67
N ASN D 699 -14.74 57.68 6.42
CA ASN D 699 -15.68 56.71 5.85
C ASN D 699 -16.69 56.31 6.92
N MET D 700 -17.76 55.65 6.49
CA MET D 700 -18.83 55.29 7.42
C MET D 700 -18.35 54.27 8.45
N GLU D 701 -17.60 53.25 8.02
CA GLU D 701 -17.13 52.24 8.95
C GLU D 701 -16.37 52.87 10.11
N ALA D 702 -15.52 53.84 9.81
CA ALA D 702 -14.85 54.59 10.87
C ALA D 702 -15.84 55.27 11.79
N ALA D 703 -16.92 55.81 11.23
CA ALA D 703 -17.91 56.51 12.04
C ALA D 703 -18.71 55.54 12.89
N ARG D 704 -19.36 54.57 12.25
CA ARG D 704 -20.27 53.68 12.99
C ARG D 704 -19.54 52.88 14.05
N ILE D 705 -18.28 52.51 13.81
CA ILE D 705 -17.52 51.82 14.83
C ILE D 705 -17.19 52.76 15.99
N SER D 706 -17.01 54.05 15.70
CA SER D 706 -16.68 55.00 16.75
C SER D 706 -17.91 55.35 17.58
N TYR D 707 -19.02 55.68 16.93
CA TYR D 707 -20.21 56.08 17.67
C TYR D 707 -20.67 54.97 18.62
N ASN D 708 -20.67 53.73 18.13
CA ASN D 708 -21.07 52.60 18.97
C ASN D 708 -20.13 52.46 20.16
N LEU D 709 -18.85 52.26 19.89
CA LEU D 709 -17.88 51.99 20.96
C LEU D 709 -17.82 53.13 21.96
N LEU D 710 -18.16 54.35 21.54
CA LEU D 710 -18.13 55.45 22.47
C LEU D 710 -19.44 55.63 23.23
N ARG D 711 -20.58 55.29 22.61
CA ARG D 711 -21.85 55.45 23.31
C ARG D 711 -21.88 54.63 24.60
N VAL D 712 -21.27 53.45 24.56
CA VAL D 712 -21.29 52.59 25.74
C VAL D 712 -20.28 53.06 26.77
N SER D 713 -19.08 53.43 26.34
CA SER D 713 -17.97 53.63 27.28
C SER D 713 -17.68 55.09 27.58
N SER D 714 -18.31 56.04 26.88
CA SER D 714 -18.13 57.46 27.22
C SER D 714 -19.12 57.88 28.30
N SER D 715 -20.40 57.92 27.94
CA SER D 715 -21.45 58.34 28.87
C SER D 715 -22.80 57.93 28.29
N GLU D 716 -23.84 58.06 29.11
CA GLU D 716 -25.20 57.81 28.65
C GLU D 716 -25.97 59.12 28.52
N GLY D 717 -25.41 60.09 27.83
CA GLY D 717 -26.08 61.33 27.56
C GLY D 717 -26.90 61.29 26.29
N VAL D 718 -28.19 61.02 26.41
CA VAL D 718 -29.08 61.00 25.25
C VAL D 718 -29.50 62.43 24.93
N THR D 719 -29.03 62.93 23.79
CA THR D 719 -29.23 64.32 23.43
C THR D 719 -29.95 64.43 22.10
N VAL D 720 -29.23 64.22 21.01
CA VAL D 720 -29.82 64.07 19.67
C VAL D 720 -29.24 62.80 19.04
N GLY D 721 -30.13 61.96 18.49
CA GLY D 721 -29.73 60.77 17.79
C GLY D 721 -29.22 61.10 16.41
N PRO D 722 -29.47 60.22 15.45
CA PRO D 722 -28.98 60.44 14.08
C PRO D 722 -29.61 61.63 13.40
N VAL D 723 -28.94 62.78 13.42
CA VAL D 723 -29.47 63.99 12.81
C VAL D 723 -29.18 63.98 11.31
N LEU D 724 -30.21 63.84 10.51
CA LEU D 724 -30.07 63.90 9.06
C LEU D 724 -30.00 65.36 8.60
N MET D 725 -29.09 65.63 7.67
CA MET D 725 -28.85 66.99 7.19
C MET D 725 -28.84 67.01 5.68
N GLY D 726 -29.29 68.13 5.10
CA GLY D 726 -29.23 68.35 3.67
C GLY D 726 -30.49 68.04 2.91
N VAL D 727 -31.44 67.33 3.52
CA VAL D 727 -32.70 67.06 2.87
C VAL D 727 -33.57 68.30 2.93
N ALA D 728 -34.30 68.57 1.84
CA ALA D 728 -35.07 69.81 1.75
C ALA D 728 -36.26 69.85 2.70
N LYS D 729 -36.73 68.70 3.18
CA LYS D 729 -37.86 68.71 4.08
C LYS D 729 -37.45 68.25 5.47
N PRO D 730 -38.01 68.85 6.53
CA PRO D 730 -37.55 68.54 7.90
C PRO D 730 -37.85 67.11 8.31
N VAL D 731 -36.85 66.23 8.18
CA VAL D 731 -37.01 64.81 8.41
C VAL D 731 -35.76 64.29 9.09
N HIS D 732 -35.93 63.30 9.96
CA HIS D 732 -34.81 62.63 10.60
C HIS D 732 -35.12 61.15 10.72
N VAL D 733 -34.14 60.30 10.38
CA VAL D 733 -34.28 58.86 10.42
C VAL D 733 -33.44 58.31 11.57
N LEU D 734 -34.03 57.39 12.33
CA LEU D 734 -33.49 56.94 13.60
C LEU D 734 -33.03 55.49 13.52
N THR D 735 -32.36 55.06 14.59
CA THR D 735 -31.97 53.67 14.75
C THR D 735 -33.12 52.88 15.34
N PRO D 736 -33.15 51.55 15.12
CA PRO D 736 -34.21 50.73 15.73
C PRO D 736 -34.07 50.57 17.24
N ILE D 737 -32.86 50.67 17.79
CA ILE D 737 -32.66 50.57 19.22
C ILE D 737 -32.77 51.94 19.91
N ALA D 738 -33.35 52.94 19.23
CA ALA D 738 -33.44 54.26 19.83
C ALA D 738 -34.43 54.25 21.00
N SER D 739 -33.99 54.82 22.13
CA SER D 739 -34.81 54.87 23.32
C SER D 739 -35.96 55.87 23.15
N VAL D 740 -36.90 55.84 24.11
CA VAL D 740 -38.04 56.75 24.03
C VAL D 740 -37.58 58.19 24.19
N ARG D 741 -36.65 58.44 25.10
CA ARG D 741 -36.12 59.78 25.29
C ARG D 741 -35.49 60.30 24.01
N ARG D 742 -34.85 59.42 23.23
CA ARG D 742 -34.26 59.83 21.96
C ARG D 742 -35.35 60.21 20.95
N ILE D 743 -36.46 59.50 20.95
CA ILE D 743 -37.54 59.80 20.01
C ILE D 743 -38.13 61.17 20.29
N VAL D 744 -38.36 61.48 21.57
CA VAL D 744 -38.95 62.77 21.92
C VAL D 744 -38.04 63.90 21.48
N ASN D 745 -36.76 63.83 21.85
CA ASN D 745 -35.82 64.88 21.51
C ASN D 745 -35.80 65.14 20.01
N MET D 746 -35.81 64.08 19.21
CA MET D 746 -35.75 64.26 17.76
C MET D 746 -37.01 64.92 17.22
N VAL D 747 -38.18 64.61 17.80
CA VAL D 747 -39.42 65.22 17.33
C VAL D 747 -39.39 66.73 17.58
N ALA D 748 -38.88 67.13 18.74
CA ALA D 748 -38.76 68.56 19.03
C ALA D 748 -37.83 69.24 18.04
N LEU D 749 -36.69 68.61 17.74
CA LEU D 749 -35.76 69.18 16.78
C LEU D 749 -36.42 69.39 15.42
N ALA D 750 -37.35 68.51 15.04
CA ALA D 750 -38.03 68.66 13.76
C ALA D 750 -38.97 69.86 13.76
N VAL D 751 -39.60 70.13 14.90
CA VAL D 751 -40.54 71.25 14.98
C VAL D 751 -39.81 72.57 14.78
N VAL D 752 -38.65 72.73 15.43
CA VAL D 752 -37.90 73.98 15.29
C VAL D 752 -37.40 74.13 13.86
N GLU D 753 -37.01 73.01 13.23
CA GLU D 753 -36.68 73.04 11.82
C GLU D 753 -37.91 73.30 10.97
N ALA D 754 -39.08 72.90 11.44
CA ALA D 754 -40.33 73.18 10.72
C ALA D 754 -40.77 74.63 10.85
N GLN D 755 -40.35 75.32 11.92
CA GLN D 755 -40.62 76.74 12.03
C GLN D 755 -39.77 77.55 11.05
N THR D 756 -38.61 77.02 10.68
CA THR D 756 -37.74 77.67 9.70
C THR D 756 -38.46 77.77 8.35
N GLN D 757 -37.96 78.70 7.51
CA GLN D 757 -38.51 78.94 6.19
C GLN D 757 -38.60 77.66 5.38
N PRO D 758 -39.82 77.17 5.07
CA PRO D 758 -40.02 75.92 4.34
C PRO D 758 -39.92 76.09 2.83
N ASP E 2 38.77 32.16 -59.45
CA ASP E 2 37.53 32.16 -60.21
C ASP E 2 37.11 33.57 -60.58
N ASP E 3 35.89 33.71 -61.12
CA ASP E 3 35.29 35.01 -61.35
C ASP E 3 33.98 35.21 -60.60
N GLN E 4 33.30 34.13 -60.22
CA GLN E 4 32.16 34.26 -59.32
C GLN E 4 32.60 34.69 -57.93
N LEU E 5 33.83 34.35 -57.55
CA LEU E 5 34.36 34.73 -56.25
C LEU E 5 35.18 36.01 -56.30
N LYS E 6 35.99 36.19 -57.35
CA LYS E 6 36.84 37.38 -57.42
C LYS E 6 36.04 38.66 -57.69
N GLN E 7 34.78 38.54 -58.07
CA GLN E 7 33.90 39.71 -58.13
C GLN E 7 33.24 39.98 -56.79
N SER E 8 32.75 38.93 -56.12
CA SER E 8 32.15 39.11 -54.80
C SER E 8 33.18 39.60 -53.78
N ALA E 9 34.45 39.27 -53.99
CA ALA E 9 35.51 39.75 -53.11
C ALA E 9 36.01 41.14 -53.50
N LEU E 10 35.91 41.49 -54.79
CA LEU E 10 36.30 42.82 -55.23
C LEU E 10 35.45 43.89 -54.53
N ASP E 11 34.23 43.56 -54.15
CA ASP E 11 33.34 44.50 -53.48
C ASP E 11 33.50 44.51 -51.98
N PHE E 12 34.06 43.44 -51.41
CA PHE E 12 34.23 43.35 -49.96
C PHE E 12 35.09 44.50 -49.42
N HIS E 13 36.04 44.98 -50.22
CA HIS E 13 36.92 46.06 -49.81
C HIS E 13 36.33 47.43 -50.08
N GLU E 14 35.69 47.60 -51.25
CA GLU E 14 35.20 48.91 -51.69
C GLU E 14 34.13 49.46 -50.75
N PHE E 15 32.97 48.82 -50.74
CA PHE E 15 31.85 49.28 -49.92
C PHE E 15 32.02 48.83 -48.47
N PRO E 16 31.48 49.60 -47.51
CA PRO E 16 30.80 50.89 -47.70
C PRO E 16 31.78 52.07 -47.68
N VAL E 17 32.98 51.83 -47.15
CA VAL E 17 34.06 52.81 -47.17
C VAL E 17 35.32 52.10 -47.64
N PRO E 18 36.10 52.69 -48.54
CA PRO E 18 37.34 52.04 -48.99
C PRO E 18 38.28 51.78 -47.82
N GLY E 19 38.80 50.56 -47.77
CA GLY E 19 39.76 50.17 -46.76
C GLY E 19 39.29 48.96 -45.97
N LYS E 20 40.22 48.47 -45.14
CA LYS E 20 39.94 47.38 -44.20
C LYS E 20 40.33 47.71 -42.76
N ILE E 21 41.03 48.82 -42.52
CA ILE E 21 41.44 49.23 -41.19
C ILE E 21 41.06 50.70 -40.99
N GLN E 22 41.29 51.19 -39.78
CA GLN E 22 41.07 52.58 -39.44
C GLN E 22 41.65 52.84 -38.05
N VAL E 23 42.17 54.03 -37.84
CA VAL E 23 42.66 54.46 -36.54
C VAL E 23 41.52 55.10 -35.78
N SER E 24 41.41 54.79 -34.49
CA SER E 24 40.38 55.37 -33.65
C SER E 24 40.95 55.53 -32.24
N PRO E 25 40.61 56.61 -31.55
CA PRO E 25 41.25 56.87 -30.24
C PRO E 25 40.76 55.91 -29.16
N THR E 26 41.69 55.51 -28.29
CA THR E 26 41.34 54.71 -27.13
C THR E 26 40.85 55.54 -25.96
N LYS E 27 41.12 56.84 -25.97
CA LYS E 27 40.95 57.69 -24.81
C LYS E 27 39.80 58.67 -24.99
N PRO E 28 39.25 59.21 -23.90
CA PRO E 28 38.16 60.17 -24.01
C PRO E 28 38.57 61.41 -24.79
N LEU E 29 37.62 61.95 -25.56
CA LEU E 29 37.85 63.09 -26.44
C LEU E 29 36.53 63.86 -26.55
N ALA E 30 36.17 64.55 -25.46
CA ALA E 30 34.91 65.27 -25.40
C ALA E 30 35.10 66.73 -24.99
N THR E 31 35.71 66.96 -23.84
CA THR E 31 35.92 68.31 -23.35
C THR E 31 37.26 68.85 -23.84
N GLN E 32 37.43 70.16 -23.74
CA GLN E 32 38.71 70.78 -24.07
C GLN E 32 39.81 70.29 -23.14
N ARG E 33 39.48 70.06 -21.86
CA ARG E 33 40.48 69.60 -20.91
C ARG E 33 40.96 68.20 -21.26
N ASP E 34 40.05 67.35 -21.74
CA ASP E 34 40.46 66.03 -22.24
C ASP E 34 41.43 66.18 -23.40
N LEU E 35 41.14 67.09 -24.31
CA LEU E 35 42.07 67.38 -25.41
C LEU E 35 43.34 68.05 -24.90
N ALA E 36 43.23 68.87 -23.85
CA ALA E 36 44.42 69.50 -23.27
C ALA E 36 45.33 68.49 -22.58
N LEU E 37 44.83 67.29 -22.28
CA LEU E 37 45.66 66.21 -21.77
C LEU E 37 46.29 65.37 -22.88
N ALA E 38 45.59 65.22 -24.01
CA ALA E 38 46.11 64.41 -25.10
C ALA E 38 47.26 65.10 -25.83
N TYR E 39 47.18 66.43 -26.00
CA TYR E 39 48.24 67.18 -26.64
C TYR E 39 48.84 68.18 -25.66
N SER E 40 49.07 69.39 -26.08
CA SER E 40 49.62 70.39 -25.18
C SER E 40 48.53 70.87 -24.20
N PRO E 41 48.88 71.08 -22.91
CA PRO E 41 50.23 70.86 -22.37
C PRO E 41 50.37 69.54 -21.62
N GLY E 42 49.31 68.72 -21.63
CA GLY E 42 49.32 67.50 -20.82
C GLY E 42 50.27 66.44 -21.33
N VAL E 43 50.45 66.35 -22.64
CA VAL E 43 51.31 65.31 -23.22
C VAL E 43 52.78 65.49 -22.90
N ALA E 44 53.18 66.68 -22.42
CA ALA E 44 54.59 66.92 -22.13
C ALA E 44 55.10 66.07 -20.96
N ALA E 45 54.21 65.68 -20.05
CA ALA E 45 54.66 64.90 -18.89
C ALA E 45 55.02 63.47 -19.26
N PRO E 46 54.19 62.72 -20.02
CA PRO E 46 54.63 61.36 -20.39
C PRO E 46 55.89 61.34 -21.24
N CYS E 47 56.11 62.37 -22.07
CA CYS E 47 57.30 62.39 -22.91
C CYS E 47 58.56 62.53 -22.07
N LEU E 48 58.52 63.37 -21.03
CA LEU E 48 59.67 63.50 -20.16
C LEU E 48 59.88 62.24 -19.33
N GLU E 49 58.81 61.51 -19.03
CA GLU E 49 58.94 60.23 -18.31
C GLU E 49 59.58 59.17 -19.20
N ILE E 50 59.31 59.18 -20.50
CA ILE E 50 59.93 58.21 -21.40
C ILE E 50 61.40 58.56 -21.62
N GLU E 51 61.75 59.84 -21.56
CA GLU E 51 63.15 60.24 -21.71
C GLU E 51 63.96 59.83 -20.49
N LYS E 52 63.36 59.90 -19.30
CA LYS E 52 64.07 59.51 -18.09
C LYS E 52 64.23 57.99 -18.01
N ASP E 53 63.16 57.25 -18.29
CA ASP E 53 63.17 55.79 -18.29
C ASP E 53 62.63 55.28 -19.60
N PRO E 54 63.47 54.74 -20.49
CA PRO E 54 62.96 54.20 -21.77
C PRO E 54 62.11 52.95 -21.60
N LEU E 55 62.15 52.30 -20.44
CA LEU E 55 61.37 51.09 -20.24
C LEU E 55 59.89 51.40 -20.01
N LYS E 56 59.57 52.60 -19.52
CA LYS E 56 58.21 52.97 -19.16
C LYS E 56 57.30 53.20 -20.37
N ALA E 57 57.78 52.96 -21.59
CA ALA E 57 56.98 53.26 -22.77
C ALA E 57 55.75 52.37 -22.87
N TYR E 58 55.83 51.12 -22.38
CA TYR E 58 54.70 50.20 -22.52
C TYR E 58 53.50 50.64 -21.70
N LYS E 59 53.71 51.42 -20.64
CA LYS E 59 52.60 51.90 -19.83
C LYS E 59 51.87 53.05 -20.49
N TYR E 60 52.58 53.92 -21.22
CA TYR E 60 51.98 55.15 -21.73
C TYR E 60 51.76 55.15 -23.23
N THR E 61 52.38 54.25 -23.98
CA THR E 61 52.22 54.21 -25.43
C THR E 61 51.70 52.84 -25.86
N ALA E 62 51.05 52.83 -27.02
CA ALA E 62 50.50 51.61 -27.61
C ALA E 62 51.57 50.69 -28.14
N ARG E 63 52.84 51.02 -27.92
CA ARG E 63 53.93 50.16 -28.37
C ARG E 63 53.86 48.79 -27.72
N GLY E 64 53.35 48.72 -26.49
CA GLY E 64 53.15 47.43 -25.83
C GLY E 64 52.18 46.52 -26.55
N ASN E 65 51.44 47.03 -27.54
CA ASN E 65 50.53 46.22 -28.33
C ASN E 65 50.65 46.54 -29.82
N LEU E 66 51.78 47.10 -30.26
CA LEU E 66 51.96 47.55 -31.64
C LEU E 66 52.94 46.63 -32.36
N VAL E 67 52.54 46.15 -33.54
CA VAL E 67 53.35 45.31 -34.39
C VAL E 67 53.25 45.83 -35.82
N ALA E 68 54.36 45.83 -36.54
CA ALA E 68 54.39 46.32 -37.91
C ALA E 68 54.49 45.15 -38.87
N VAL E 69 53.54 45.05 -39.80
CA VAL E 69 53.63 44.11 -40.90
C VAL E 69 54.27 44.84 -42.07
N ILE E 70 55.47 44.39 -42.47
CA ILE E 70 56.29 45.09 -43.45
C ILE E 70 56.56 44.17 -44.63
N SER E 71 56.57 44.75 -45.83
CA SER E 71 56.75 43.99 -47.06
C SER E 71 57.28 44.91 -48.15
N ASN E 72 57.97 44.31 -49.13
CA ASN E 72 58.36 44.99 -50.35
C ASN E 72 57.54 44.56 -51.56
N GLY E 73 56.55 43.68 -51.37
CA GLY E 73 55.72 43.25 -52.47
C GLY E 73 56.39 42.31 -53.45
N THR E 74 57.48 41.66 -53.05
CA THR E 74 58.25 40.86 -54.00
C THR E 74 57.64 39.48 -54.24
N ALA E 75 56.96 38.90 -53.25
CA ALA E 75 56.38 37.57 -53.40
C ALA E 75 55.07 37.50 -52.60
N VAL E 76 54.06 38.22 -53.08
CA VAL E 76 52.77 38.28 -52.41
C VAL E 76 52.03 36.96 -52.65
N LEU E 77 51.90 36.14 -51.62
CA LEU E 77 51.20 34.84 -51.69
C LEU E 77 51.91 34.03 -52.76
N GLY E 78 51.19 33.47 -53.74
CA GLY E 78 51.77 32.91 -54.94
C GLY E 78 51.66 33.80 -56.16
N LEU E 79 51.25 35.06 -55.98
CA LEU E 79 51.01 35.94 -57.12
C LEU E 79 52.32 36.37 -57.79
N GLY E 80 53.33 36.69 -56.99
CA GLY E 80 54.61 37.15 -57.49
C GLY E 80 54.90 38.58 -57.09
N ASN E 81 55.77 39.22 -57.87
CA ASN E 81 56.16 40.61 -57.63
C ASN E 81 55.12 41.53 -58.27
N ILE E 82 53.99 41.67 -57.58
CA ILE E 82 52.94 42.56 -58.07
C ILE E 82 53.30 44.02 -57.81
N GLY E 83 54.05 44.29 -56.74
CA GLY E 83 54.40 45.65 -56.40
C GLY E 83 54.27 45.91 -54.92
N ALA E 84 54.81 47.05 -54.46
CA ALA E 84 54.68 47.40 -53.04
C ALA E 84 53.32 48.05 -52.76
N LEU E 85 52.87 48.95 -53.63
CA LEU E 85 51.56 49.56 -53.45
C LEU E 85 50.43 48.57 -53.73
N ALA E 86 50.66 47.59 -54.60
CA ALA E 86 49.62 46.64 -54.97
C ALA E 86 49.35 45.64 -53.86
N GLY E 87 50.37 45.25 -53.10
CA GLY E 87 50.21 44.33 -52.00
C GLY E 87 49.68 44.94 -50.72
N LYS E 88 49.26 46.20 -50.76
CA LYS E 88 48.73 46.85 -49.57
C LYS E 88 47.50 46.16 -48.99
N PRO E 89 46.53 45.69 -49.78
CA PRO E 89 45.42 44.95 -49.18
C PRO E 89 45.82 43.74 -48.37
N VAL E 90 46.88 43.02 -48.77
CA VAL E 90 47.27 41.81 -48.05
C VAL E 90 47.76 42.16 -46.64
N MET E 91 48.44 43.29 -46.49
CA MET E 91 48.97 43.67 -45.18
C MET E 91 47.87 44.15 -44.26
N GLU E 92 46.87 44.86 -44.79
CA GLU E 92 45.74 45.30 -43.97
C GLU E 92 45.01 44.10 -43.39
N GLY E 93 44.76 43.07 -44.21
CA GLY E 93 44.14 41.86 -43.70
C GLY E 93 44.98 41.18 -42.64
N LYS E 94 46.31 41.22 -42.80
CA LYS E 94 47.20 40.74 -41.76
C LYS E 94 46.99 41.53 -40.46
N GLY E 95 47.02 42.85 -40.55
CA GLY E 95 46.77 43.69 -39.38
C GLY E 95 45.37 43.54 -38.83
N VAL E 96 44.45 42.98 -39.62
CA VAL E 96 43.12 42.69 -39.14
C VAL E 96 43.10 41.37 -38.38
N LEU E 97 43.66 40.31 -38.98
CA LEU E 97 43.74 39.03 -38.30
C LEU E 97 44.47 39.13 -36.99
N PHE E 98 45.45 40.04 -36.90
CA PHE E 98 46.14 40.28 -35.63
C PHE E 98 45.19 40.79 -34.57
N LYS E 99 44.26 41.68 -34.95
CA LYS E 99 43.31 42.23 -34.00
C LYS E 99 42.19 41.24 -33.67
N LYS E 100 41.83 40.38 -34.62
CA LYS E 100 40.69 39.50 -34.39
C LYS E 100 41.08 38.30 -33.53
N PHE E 101 42.05 37.51 -33.98
CA PHE E 101 42.42 36.31 -33.25
C PHE E 101 43.24 36.59 -32.01
N ALA E 102 43.93 37.72 -31.94
CA ALA E 102 44.82 37.99 -30.82
C ALA E 102 44.75 39.40 -30.29
N GLY E 103 43.97 40.30 -30.90
CA GLY E 103 43.87 41.66 -30.42
C GLY E 103 45.21 42.37 -30.38
N ILE E 104 45.85 42.51 -31.53
CA ILE E 104 47.17 43.12 -31.63
C ILE E 104 47.09 44.22 -32.67
N ASP E 105 47.19 45.47 -32.23
CA ASP E 105 47.13 46.60 -33.14
C ASP E 105 48.34 46.59 -34.06
N VAL E 106 48.10 46.77 -35.37
CA VAL E 106 49.14 46.57 -36.37
C VAL E 106 49.06 47.66 -37.43
N PHE E 107 50.20 48.30 -37.71
CA PHE E 107 50.36 49.17 -38.86
C PHE E 107 50.84 48.35 -40.04
N ASP E 108 50.25 48.56 -41.21
CA ASP E 108 50.73 47.96 -42.44
C ASP E 108 51.79 48.87 -43.05
N ILE E 109 53.00 48.34 -43.25
CA ILE E 109 54.12 49.10 -43.77
C ILE E 109 54.56 48.49 -45.09
N GLU E 110 54.64 49.30 -46.13
CA GLU E 110 55.07 48.88 -47.45
C GLU E 110 56.26 49.71 -47.90
N VAL E 111 57.28 49.05 -48.43
CA VAL E 111 58.56 49.68 -48.75
C VAL E 111 58.75 49.63 -50.27
N ASP E 112 58.94 50.81 -50.87
CA ASP E 112 59.17 50.88 -52.32
C ASP E 112 60.58 50.41 -52.67
N GLU E 113 61.54 50.55 -51.76
CA GLU E 113 62.93 50.25 -52.05
C GLU E 113 63.13 48.75 -52.08
N LEU E 114 63.48 48.21 -53.25
CA LEU E 114 63.69 46.77 -53.43
C LEU E 114 65.13 46.34 -53.20
N ASP E 115 66.02 47.24 -52.79
CA ASP E 115 67.39 46.86 -52.51
C ASP E 115 67.47 46.18 -51.14
N PRO E 116 68.12 45.02 -51.05
CA PRO E 116 68.08 44.26 -49.78
C PRO E 116 68.61 45.03 -48.58
N ASP E 117 69.66 45.82 -48.75
CA ASP E 117 70.24 46.51 -47.60
C ASP E 117 69.48 47.79 -47.27
N LYS E 118 69.05 48.53 -48.28
CA LYS E 118 68.30 49.76 -48.01
C LYS E 118 67.00 49.47 -47.28
N PHE E 119 66.39 48.32 -47.54
CA PHE E 119 65.18 47.93 -46.82
C PHE E 119 65.45 47.79 -45.32
N ILE E 120 66.61 47.23 -44.97
CA ILE E 120 66.91 46.96 -43.57
C ILE E 120 67.13 48.27 -42.81
N GLU E 121 67.83 49.23 -43.43
CA GLU E 121 68.10 50.49 -42.74
C GLU E 121 66.81 51.27 -42.47
N VAL E 122 65.81 51.13 -43.33
CA VAL E 122 64.51 51.73 -43.05
C VAL E 122 63.84 51.02 -41.88
N VAL E 123 64.01 49.71 -41.78
CA VAL E 123 63.37 48.94 -40.72
C VAL E 123 64.03 49.23 -39.38
N ALA E 124 65.35 49.13 -39.31
CA ALA E 124 66.07 49.40 -38.07
C ALA E 124 65.84 50.84 -37.60
N ALA E 125 65.49 51.74 -38.51
CA ALA E 125 65.16 53.12 -38.15
C ALA E 125 63.80 53.24 -37.48
N LEU E 126 62.90 52.29 -37.71
CA LEU E 126 61.57 52.30 -37.10
C LEU E 126 61.52 51.52 -35.80
N GLU E 127 62.67 51.13 -35.25
CA GLU E 127 62.67 50.39 -33.99
C GLU E 127 61.97 51.12 -32.85
N PRO E 128 62.10 52.44 -32.67
CA PRO E 128 61.35 53.10 -31.58
C PRO E 128 59.84 53.02 -31.77
N THR E 129 59.36 53.02 -33.01
CA THR E 129 57.93 53.11 -33.25
C THR E 129 57.18 51.87 -32.75
N PHE E 130 57.61 50.70 -33.18
CA PHE E 130 56.88 49.47 -32.90
C PHE E 130 57.54 48.66 -31.80
N GLY E 131 56.76 47.78 -31.19
CA GLY E 131 57.25 46.79 -30.26
C GLY E 131 57.40 45.41 -30.85
N GLY E 132 57.24 45.27 -32.17
CA GLY E 132 57.37 44.00 -32.85
C GLY E 132 57.35 44.17 -34.35
N ILE E 133 58.07 43.31 -35.07
CA ILE E 133 58.18 43.41 -36.52
C ILE E 133 57.78 42.08 -37.14
N ASN E 134 56.71 42.09 -37.93
CA ASN E 134 56.29 40.93 -38.70
C ASN E 134 56.66 41.16 -40.17
N LEU E 135 57.29 40.16 -40.77
CA LEU E 135 57.70 40.21 -42.17
C LEU E 135 56.81 39.30 -43.00
N GLU E 136 56.41 39.78 -44.16
CA GLU E 136 55.49 39.05 -45.03
C GLU E 136 55.82 39.35 -46.48
N ASP E 137 55.83 38.30 -47.30
CA ASP E 137 55.95 38.42 -48.76
C ASP E 137 57.25 39.13 -49.17
N ILE E 138 58.36 38.49 -48.83
CA ILE E 138 59.69 38.89 -49.30
C ILE E 138 60.32 37.70 -50.01
N LYS E 139 60.74 37.92 -51.26
CA LYS E 139 61.21 36.82 -52.10
C LYS E 139 62.61 36.38 -51.71
N ALA E 140 62.96 35.15 -52.13
CA ALA E 140 64.25 34.54 -51.87
C ALA E 140 65.29 34.99 -52.89
N PRO E 141 66.59 34.99 -52.52
CA PRO E 141 67.13 34.63 -51.21
C PRO E 141 67.26 35.81 -50.26
N GLU E 142 66.71 36.96 -50.65
CA GLU E 142 66.84 38.16 -49.84
C GLU E 142 66.18 37.99 -48.47
N CYS E 143 65.16 37.13 -48.38
CA CYS E 143 64.42 36.98 -47.14
C CYS E 143 65.31 36.43 -46.01
N PHE E 144 65.98 35.30 -46.27
CA PHE E 144 66.88 34.72 -45.28
C PHE E 144 67.84 35.76 -44.74
N TYR E 145 68.44 36.54 -45.65
CA TYR E 145 69.45 37.52 -45.28
C TYR E 145 68.83 38.66 -44.49
N ILE E 146 67.69 39.18 -44.94
CA ILE E 146 67.06 40.32 -44.27
C ILE E 146 66.71 39.98 -42.84
N GLU E 147 66.02 38.86 -42.63
CA GLU E 147 65.60 38.48 -41.28
C GLU E 147 66.79 38.25 -40.37
N GLN E 148 67.83 37.58 -40.88
CA GLN E 148 68.97 37.22 -40.05
C GLN E 148 69.66 38.47 -39.50
N LYS E 149 69.97 39.43 -40.37
CA LYS E 149 70.67 40.63 -39.93
C LYS E 149 69.79 41.49 -39.04
N LEU E 150 68.49 41.57 -39.34
CA LEU E 150 67.61 42.43 -38.56
C LEU E 150 67.39 41.90 -37.15
N ARG E 151 67.18 40.58 -37.02
CA ARG E 151 66.89 39.99 -35.71
C ARG E 151 68.01 40.30 -34.72
N GLU E 152 69.26 40.16 -35.16
CA GLU E 152 70.39 40.47 -34.29
C GLU E 152 70.44 41.96 -33.97
N ARG E 153 70.39 42.80 -35.00
CA ARG E 153 70.51 44.24 -34.82
C ARG E 153 69.43 44.78 -33.89
N MET E 154 68.17 44.49 -34.22
CA MET E 154 67.06 45.09 -33.49
C MET E 154 66.85 44.42 -32.15
N ASN E 155 66.62 45.26 -31.12
CA ASN E 155 66.26 44.78 -29.80
C ASN E 155 64.75 44.63 -29.64
N ILE E 156 64.02 44.52 -30.74
CA ILE E 156 62.60 44.19 -30.75
C ILE E 156 62.43 42.94 -31.59
N PRO E 157 61.38 42.13 -31.38
CA PRO E 157 61.27 40.87 -32.11
C PRO E 157 61.03 41.07 -33.60
N VAL E 158 61.67 40.22 -34.40
CA VAL E 158 61.47 40.19 -35.84
C VAL E 158 61.09 38.77 -36.23
N PHE E 159 60.10 38.64 -37.10
CA PHE E 159 59.51 37.35 -37.43
C PHE E 159 58.98 37.39 -38.85
N HIS E 160 59.31 36.37 -39.64
CA HIS E 160 58.82 36.22 -41.00
C HIS E 160 57.82 35.07 -41.00
N ASP E 161 56.54 35.38 -41.24
CA ASP E 161 55.48 34.39 -41.11
C ASP E 161 55.59 33.30 -42.17
N ASP E 162 55.80 33.70 -43.43
CA ASP E 162 55.96 32.71 -44.49
C ASP E 162 57.16 31.81 -44.25
N GLN E 163 58.20 32.32 -43.59
CA GLN E 163 59.39 31.51 -43.31
C GLN E 163 59.17 30.59 -42.12
N HIS E 164 59.08 31.17 -40.91
CA HIS E 164 59.07 30.36 -39.70
C HIS E 164 57.66 29.97 -39.25
N GLY E 165 56.65 30.78 -39.57
CA GLY E 165 55.29 30.43 -39.18
C GLY E 165 54.81 29.15 -39.85
N THR E 166 55.11 29.00 -41.14
CA THR E 166 54.76 27.77 -41.84
C THR E 166 55.48 26.56 -41.26
N ALA E 167 56.72 26.75 -40.80
CA ALA E 167 57.51 25.65 -40.27
C ALA E 167 57.09 25.28 -38.86
N ILE E 168 56.74 26.26 -38.04
CA ILE E 168 56.29 25.99 -36.68
C ILE E 168 55.06 25.09 -36.68
N ILE E 169 54.18 25.29 -37.67
CA ILE E 169 53.00 24.45 -37.79
C ILE E 169 53.39 23.07 -38.32
N SER E 170 54.18 23.04 -39.39
CA SER E 170 54.59 21.77 -39.99
C SER E 170 55.33 20.90 -38.98
N THR E 171 56.15 21.52 -38.14
CA THR E 171 56.90 20.77 -37.13
C THR E 171 55.95 20.06 -36.16
N ALA E 172 54.88 20.75 -35.75
CA ALA E 172 53.93 20.12 -34.85
C ALA E 172 53.20 18.97 -35.52
N ALA E 173 52.84 19.14 -36.79
CA ALA E 173 52.12 18.09 -37.51
C ALA E 173 52.95 16.82 -37.60
N ILE E 174 54.26 16.97 -37.81
CA ILE E 174 55.13 15.80 -37.93
C ILE E 174 55.26 15.10 -36.59
N LEU E 175 55.49 15.87 -35.51
CA LEU E 175 55.60 15.28 -34.19
C LEU E 175 54.35 14.49 -33.82
N ASN E 176 53.17 15.06 -34.11
CA ASN E 176 51.93 14.34 -33.87
C ASN E 176 51.82 13.11 -34.77
N GLY E 177 52.19 13.26 -36.04
CA GLY E 177 52.15 12.13 -36.95
C GLY E 177 52.99 10.96 -36.48
N LEU E 178 54.11 11.25 -35.80
CA LEU E 178 54.88 10.18 -35.18
C LEU E 178 54.10 9.51 -34.05
N ARG E 179 53.29 10.28 -33.32
CA ARG E 179 52.44 9.69 -32.30
C ARG E 179 51.28 8.89 -32.89
N VAL E 180 51.02 9.05 -34.18
CA VAL E 180 49.98 8.26 -34.85
C VAL E 180 50.55 6.95 -35.40
N VAL E 181 51.80 6.97 -35.88
CA VAL E 181 52.38 5.83 -36.58
C VAL E 181 53.35 5.04 -35.72
N GLU E 182 53.64 5.52 -34.50
CA GLU E 182 54.46 4.80 -33.52
C GLU E 182 55.88 4.58 -34.04
N LYS E 183 56.61 5.69 -34.15
CA LYS E 183 57.98 5.68 -34.62
C LYS E 183 58.79 6.73 -33.87
N ASN E 184 59.99 6.36 -33.46
CA ASN E 184 60.87 7.30 -32.77
C ASN E 184 61.38 8.35 -33.75
N ILE E 185 61.69 9.53 -33.21
CA ILE E 185 62.11 10.64 -34.06
C ILE E 185 63.51 10.42 -34.60
N SER E 186 64.36 9.73 -33.85
CA SER E 186 65.71 9.46 -34.35
C SER E 186 65.73 8.41 -35.46
N ASP E 187 64.69 7.59 -35.57
CA ASP E 187 64.67 6.47 -36.50
C ASP E 187 64.04 6.81 -37.85
N VAL E 188 63.31 7.91 -37.95
CA VAL E 188 62.56 8.23 -39.17
C VAL E 188 63.47 8.95 -40.15
N ARG E 189 63.29 8.64 -41.42
CA ARG E 189 64.06 9.21 -42.53
C ARG E 189 63.19 10.21 -43.27
N MET E 190 63.75 11.38 -43.56
CA MET E 190 63.00 12.47 -44.17
C MET E 190 63.61 12.86 -45.50
N VAL E 191 62.74 13.12 -46.48
CA VAL E 191 63.14 13.55 -47.81
C VAL E 191 62.46 14.89 -48.09
N VAL E 192 63.24 15.85 -48.56
CA VAL E 192 62.77 17.21 -48.77
C VAL E 192 62.94 17.58 -50.24
N SER E 193 61.90 18.13 -50.84
CA SER E 193 61.89 18.55 -52.24
C SER E 193 61.86 20.06 -52.31
N GLY E 194 62.84 20.65 -52.99
CA GLY E 194 62.91 22.09 -53.14
C GLY E 194 63.53 22.78 -51.94
N ALA E 195 64.26 23.86 -52.18
CA ALA E 195 64.91 24.62 -51.11
C ALA E 195 63.95 25.68 -50.56
N GLY E 196 62.81 25.20 -50.08
CA GLY E 196 61.81 26.10 -49.52
C GLY E 196 62.29 26.74 -48.23
N ALA E 197 61.95 28.01 -48.05
CA ALA E 197 62.36 28.74 -46.85
C ALA E 197 61.76 28.11 -45.60
N ALA E 198 60.52 27.63 -45.69
CA ALA E 198 59.92 26.93 -44.57
C ALA E 198 60.63 25.60 -44.29
N ALA E 199 61.06 24.91 -45.36
CA ALA E 199 61.72 23.62 -45.19
C ALA E 199 63.02 23.76 -44.41
N ILE E 200 63.84 24.76 -44.76
CA ILE E 200 65.09 24.98 -44.04
C ILE E 200 64.82 25.23 -42.56
N ALA E 201 63.83 26.07 -42.27
CA ALA E 201 63.51 26.36 -40.88
C ALA E 201 62.87 25.16 -40.18
N CYS E 202 62.00 24.44 -40.89
CA CYS E 202 61.39 23.25 -40.30
C CYS E 202 62.45 22.20 -39.95
N MET E 203 63.43 22.01 -40.83
CA MET E 203 64.51 21.07 -40.53
C MET E 203 65.29 21.50 -39.30
N ASN E 204 65.58 22.81 -39.20
CA ASN E 204 66.28 23.34 -38.04
C ASN E 204 65.53 23.00 -36.75
N LEU E 205 64.20 23.13 -36.76
CA LEU E 205 63.41 22.82 -35.58
C LEU E 205 63.37 21.31 -35.34
N LEU E 206 63.37 20.52 -36.41
CA LEU E 206 63.28 19.07 -36.25
C LEU E 206 64.59 18.49 -35.72
N VAL E 207 65.72 19.04 -36.17
CA VAL E 207 67.02 18.56 -35.68
C VAL E 207 67.16 18.83 -34.19
N ALA E 208 66.82 20.04 -33.76
CA ALA E 208 66.89 20.38 -32.34
C ALA E 208 65.96 19.52 -31.49
N LEU E 209 64.88 18.98 -32.08
CA LEU E 209 63.95 18.14 -31.35
C LEU E 209 64.41 16.68 -31.26
N GLY E 210 65.41 16.29 -32.04
CA GLY E 210 65.94 14.94 -31.94
C GLY E 210 66.09 14.21 -33.26
N LEU E 211 65.59 14.81 -34.34
CA LEU E 211 65.71 14.18 -35.65
C LEU E 211 67.17 14.16 -36.09
N GLN E 212 67.60 13.02 -36.62
CA GLN E 212 68.99 12.82 -36.97
C GLN E 212 69.32 13.46 -38.32
N LYS E 213 70.46 14.14 -38.39
CA LYS E 213 70.86 14.81 -39.63
C LYS E 213 71.19 13.81 -40.72
N HIS E 214 71.79 12.68 -40.37
CA HIS E 214 72.06 11.64 -41.38
C HIS E 214 70.81 10.95 -41.88
N ASN E 215 69.63 11.29 -41.32
CA ASN E 215 68.36 10.82 -41.83
C ASN E 215 67.69 11.82 -42.77
N ILE E 216 68.15 13.07 -42.78
CA ILE E 216 67.57 14.10 -43.63
C ILE E 216 68.28 14.11 -44.97
N VAL E 217 67.52 14.08 -46.05
CA VAL E 217 68.04 14.12 -47.41
C VAL E 217 67.28 15.20 -48.17
N VAL E 218 68.01 16.08 -48.84
CA VAL E 218 67.43 17.22 -49.52
C VAL E 218 67.76 17.14 -51.01
N CYS E 219 66.76 17.38 -51.85
CA CYS E 219 66.94 17.43 -53.30
C CYS E 219 66.41 18.76 -53.82
N ASP E 220 67.22 19.46 -54.59
CA ASP E 220 66.81 20.67 -55.28
C ASP E 220 66.73 20.39 -56.79
N SER E 221 66.78 21.45 -57.60
CA SER E 221 66.67 21.28 -59.04
C SER E 221 67.88 20.53 -59.60
N LYS E 222 69.06 20.77 -59.05
CA LYS E 222 70.25 20.06 -59.52
C LYS E 222 70.15 18.56 -59.27
N GLY E 223 69.47 18.17 -58.20
CA GLY E 223 69.32 16.78 -57.84
C GLY E 223 69.52 16.62 -56.35
N VAL E 224 69.83 15.38 -55.94
CA VAL E 224 70.07 15.09 -54.53
C VAL E 224 71.30 15.84 -54.07
N ILE E 225 71.15 16.64 -53.02
CA ILE E 225 72.26 17.41 -52.46
C ILE E 225 73.12 16.47 -51.62
N TYR E 226 74.33 16.20 -52.10
CA TYR E 226 75.32 15.44 -51.36
C TYR E 226 76.60 16.24 -51.24
N GLN E 227 77.39 15.92 -50.22
CA GLN E 227 78.63 16.65 -49.98
C GLN E 227 79.60 16.44 -51.14
N GLY E 228 79.99 17.53 -51.79
CA GLY E 228 80.92 17.46 -52.89
C GLY E 228 80.31 17.36 -54.27
N ARG E 229 79.02 17.69 -54.41
CA ARG E 229 78.40 17.68 -55.73
C ARG E 229 78.83 18.88 -56.56
N GLU E 230 79.09 20.01 -55.90
CA GLU E 230 79.51 21.25 -56.54
C GLU E 230 80.51 21.94 -55.63
N PRO E 231 81.50 22.64 -56.21
CA PRO E 231 82.58 23.21 -55.39
C PRO E 231 82.10 24.25 -54.40
N ASN E 232 81.45 25.29 -54.88
CA ASN E 232 80.88 26.32 -54.01
C ASN E 232 79.45 25.92 -53.68
N MET E 233 79.21 25.59 -52.41
CA MET E 233 77.92 25.09 -51.96
C MET E 233 77.29 26.05 -50.98
N ALA E 234 75.97 26.21 -51.08
CA ALA E 234 75.24 27.09 -50.17
C ALA E 234 75.31 26.54 -48.74
N GLU E 235 75.25 27.46 -47.78
CA GLU E 235 75.39 27.07 -46.38
C GLU E 235 74.22 26.21 -45.92
N THR E 236 73.01 26.54 -46.38
CA THR E 236 71.85 25.71 -46.02
C THR E 236 71.92 24.35 -46.68
N LYS E 237 72.48 24.26 -47.89
CA LYS E 237 72.55 22.99 -48.60
C LYS E 237 73.66 22.10 -48.05
N ALA E 238 74.77 22.69 -47.59
CA ALA E 238 75.90 21.89 -47.14
C ALA E 238 75.65 21.27 -45.77
N ALA E 239 75.00 22.01 -44.86
CA ALA E 239 74.72 21.49 -43.53
C ALA E 239 73.74 20.32 -43.56
N TYR E 240 72.96 20.19 -44.63
CA TYR E 240 72.04 19.06 -44.80
C TYR E 240 72.38 18.24 -46.03
N ALA E 241 73.60 18.36 -46.54
CA ALA E 241 74.07 17.46 -47.59
C ALA E 241 74.48 16.12 -46.98
N VAL E 242 74.29 15.06 -47.74
CA VAL E 242 74.53 13.71 -47.25
C VAL E 242 75.88 13.22 -47.75
N VAL E 243 76.40 12.19 -47.09
CA VAL E 243 77.52 11.44 -47.65
C VAL E 243 77.05 10.75 -48.92
N ASP E 244 77.85 10.89 -49.98
CA ASP E 244 77.40 10.44 -51.30
C ASP E 244 77.15 8.93 -51.30
N ASP E 245 75.91 8.54 -51.59
CA ASP E 245 75.50 7.14 -51.63
C ASP E 245 75.13 6.70 -53.04
N GLY E 246 75.51 7.47 -54.05
CA GLY E 246 75.22 7.13 -55.42
C GLY E 246 73.81 7.43 -55.88
N LYS E 247 73.02 8.10 -55.06
CA LYS E 247 71.65 8.43 -55.39
C LYS E 247 71.59 9.86 -55.91
N ARG E 248 71.02 10.03 -57.11
CA ARG E 248 70.97 11.33 -57.77
C ARG E 248 69.57 11.87 -58.00
N THR E 249 68.54 11.03 -57.94
CA THR E 249 67.18 11.46 -58.25
C THR E 249 66.30 11.40 -57.00
N LEU E 250 65.15 12.09 -57.08
CA LEU E 250 64.17 12.00 -56.02
C LEU E 250 63.58 10.60 -55.90
N ASP E 251 63.46 9.89 -57.02
CA ASP E 251 62.96 8.52 -57.00
C ASP E 251 63.90 7.59 -56.24
N ASP E 252 65.19 7.93 -56.18
CA ASP E 252 66.15 7.08 -55.50
C ASP E 252 65.97 7.14 -53.98
N VAL E 253 66.04 8.35 -53.41
CA VAL E 253 66.02 8.51 -51.96
C VAL E 253 64.63 8.35 -51.37
N ILE E 254 63.58 8.25 -52.19
CA ILE E 254 62.23 8.16 -51.66
C ILE E 254 61.90 6.75 -51.17
N GLU E 255 62.69 5.75 -51.57
CA GLU E 255 62.45 4.39 -51.11
C GLU E 255 62.71 4.29 -49.60
N GLY E 256 61.76 3.70 -48.88
CA GLY E 256 61.89 3.58 -47.44
C GLY E 256 61.88 4.89 -46.70
N ALA E 257 61.26 5.92 -47.26
CA ALA E 257 61.18 7.23 -46.62
C ALA E 257 59.92 7.31 -45.76
N ASP E 258 60.04 7.94 -44.60
CA ASP E 258 58.95 8.06 -43.64
C ASP E 258 58.22 9.39 -43.71
N ILE E 259 58.95 10.48 -43.98
CA ILE E 259 58.37 11.82 -44.06
C ILE E 259 58.84 12.47 -45.35
N PHE E 260 57.91 13.10 -46.06
CA PHE E 260 58.23 13.91 -47.24
C PHE E 260 57.68 15.31 -47.04
N LEU E 261 58.50 16.31 -47.35
CA LEU E 261 58.10 17.70 -47.21
C LEU E 261 58.59 18.48 -48.42
N GLY E 262 57.66 19.05 -49.18
CA GLY E 262 58.02 19.85 -50.33
C GLY E 262 57.40 21.23 -50.30
N CYS E 263 58.21 22.27 -50.53
CA CYS E 263 57.74 23.64 -50.50
C CYS E 263 57.67 24.29 -51.88
N SER E 264 58.22 23.65 -52.91
CA SER E 264 58.35 24.27 -54.22
C SER E 264 57.89 23.30 -55.29
N GLY E 265 57.05 23.78 -56.20
CA GLY E 265 56.64 23.01 -57.35
C GLY E 265 55.36 22.23 -57.14
N PRO E 266 54.58 22.07 -58.22
CA PRO E 266 53.40 21.20 -58.15
C PRO E 266 53.63 19.87 -58.86
N LYS E 267 52.87 18.84 -58.47
CA LYS E 267 52.96 17.51 -59.06
C LYS E 267 54.40 16.98 -59.03
N VAL E 268 55.07 17.16 -57.89
CA VAL E 268 56.42 16.65 -57.75
C VAL E 268 56.42 15.18 -57.34
N LEU E 269 55.43 14.76 -56.56
CA LEU E 269 55.35 13.39 -56.07
C LEU E 269 54.36 12.60 -56.92
N THR E 270 54.69 11.32 -57.15
CA THR E 270 53.87 10.44 -57.97
C THR E 270 53.31 9.30 -57.12
N GLN E 271 52.29 8.63 -57.65
CA GLN E 271 51.68 7.52 -56.94
C GLN E 271 52.66 6.35 -56.80
N GLU E 272 53.47 6.11 -57.84
CA GLU E 272 54.45 5.02 -57.77
C GLU E 272 55.49 5.28 -56.69
N MET E 273 55.81 6.55 -56.43
CA MET E 273 56.73 6.89 -55.37
C MET E 273 56.12 6.65 -53.99
N VAL E 274 54.79 6.82 -53.86
CA VAL E 274 54.13 6.64 -52.58
C VAL E 274 54.12 5.17 -52.17
N LYS E 275 54.01 4.25 -53.13
CA LYS E 275 54.17 2.84 -52.80
C LYS E 275 55.53 2.59 -52.14
N LYS E 276 56.60 3.04 -52.77
CA LYS E 276 57.95 2.77 -52.30
C LYS E 276 58.23 3.32 -50.91
N MET E 277 57.46 4.29 -50.43
CA MET E 277 57.73 4.90 -49.15
C MET E 277 57.46 3.93 -48.00
N ALA E 278 57.90 4.30 -46.81
CA ALA E 278 57.82 3.43 -45.65
C ALA E 278 56.37 3.37 -45.14
N ARG E 279 56.19 2.66 -44.03
CA ARG E 279 54.86 2.40 -43.50
C ARG E 279 54.19 3.69 -43.05
N ALA E 280 52.92 3.85 -43.45
CA ALA E 280 52.10 5.02 -43.13
C ALA E 280 52.87 6.31 -43.47
N PRO E 281 53.10 6.59 -44.75
CA PRO E 281 53.93 7.74 -45.10
C PRO E 281 53.26 9.05 -44.75
N MET E 282 54.04 9.98 -44.20
CA MET E 282 53.58 11.32 -43.90
C MET E 282 54.05 12.26 -45.01
N ILE E 283 53.12 12.86 -45.72
CA ILE E 283 53.42 13.72 -46.86
C ILE E 283 52.91 15.11 -46.55
N LEU E 284 53.78 16.11 -46.70
CA LEU E 284 53.44 17.51 -46.48
C LEU E 284 53.77 18.30 -47.74
N ALA E 285 52.76 18.94 -48.32
CA ALA E 285 52.91 19.75 -49.52
C ALA E 285 52.54 21.19 -49.20
N LEU E 286 53.47 22.12 -49.42
CA LEU E 286 53.30 23.50 -49.01
C LEU E 286 53.24 24.45 -50.19
N ALA E 287 53.02 23.94 -51.40
CA ALA E 287 52.94 24.80 -52.58
C ALA E 287 51.57 25.48 -52.63
N ASN E 288 51.58 26.81 -52.69
CA ASN E 288 50.32 27.56 -52.66
C ASN E 288 49.39 27.23 -53.82
N PRO E 289 49.83 27.22 -55.09
CA PRO E 289 48.89 26.92 -56.18
C PRO E 289 48.33 25.50 -56.11
N GLU E 290 49.20 24.50 -56.16
CA GLU E 290 48.79 23.11 -56.26
C GLU E 290 49.59 22.23 -55.30
N PRO E 291 48.96 21.27 -54.65
CA PRO E 291 49.73 20.32 -53.82
C PRO E 291 50.74 19.56 -54.65
N GLU E 292 51.86 19.23 -54.03
CA GLU E 292 52.87 18.39 -54.70
C GLU E 292 52.26 17.06 -55.13
N ILE E 293 51.33 16.53 -54.33
CA ILE E 293 50.54 15.38 -54.72
C ILE E 293 49.15 15.58 -54.12
N LEU E 294 48.13 15.31 -54.93
CA LEU E 294 46.77 15.51 -54.47
C LEU E 294 46.43 14.50 -53.38
N PRO E 295 45.77 14.93 -52.31
CA PRO E 295 45.50 14.04 -51.17
C PRO E 295 44.68 12.81 -51.56
N PRO E 296 43.64 12.94 -52.39
CA PRO E 296 42.96 11.70 -52.82
C PRO E 296 43.82 10.78 -53.66
N LEU E 297 44.74 11.33 -54.47
CA LEU E 297 45.59 10.50 -55.30
C LEU E 297 46.58 9.69 -54.46
N ALA E 298 47.12 10.30 -53.40
CA ALA E 298 48.01 9.57 -52.51
C ALA E 298 47.24 8.65 -51.58
N LYS E 299 46.05 9.08 -51.14
CA LYS E 299 45.18 8.22 -50.34
C LYS E 299 44.82 6.94 -51.09
N GLU E 300 44.70 7.01 -52.41
CA GLU E 300 44.30 5.85 -53.19
C GLU E 300 45.33 4.73 -53.11
N VAL E 301 46.61 5.08 -53.23
CA VAL E 301 47.66 4.06 -53.10
C VAL E 301 47.76 3.56 -51.67
N ARG E 302 47.79 4.49 -50.71
CA ARG E 302 47.93 4.14 -49.30
C ARG E 302 46.82 4.82 -48.50
N PRO E 303 45.87 4.04 -47.96
CA PRO E 303 44.83 4.64 -47.11
C PRO E 303 45.31 5.11 -45.74
N ASP E 304 46.37 4.52 -45.19
CA ASP E 304 46.86 4.86 -43.86
C ASP E 304 47.74 6.09 -43.84
N ALA E 305 48.02 6.69 -45.00
CA ALA E 305 48.95 7.81 -45.06
C ALA E 305 48.31 9.08 -44.51
N ILE E 306 49.16 9.91 -43.89
CA ILE E 306 48.75 11.22 -43.36
C ILE E 306 49.31 12.29 -44.28
N ILE E 307 48.43 13.13 -44.82
CA ILE E 307 48.80 14.15 -45.78
C ILE E 307 48.32 15.50 -45.29
N CYS E 308 49.12 16.54 -45.51
CA CYS E 308 48.79 17.91 -45.11
C CYS E 308 49.16 18.86 -46.24
N THR E 309 48.23 19.75 -46.58
CA THR E 309 48.48 20.79 -47.58
C THR E 309 47.90 22.10 -47.07
N GLY E 310 48.21 23.18 -47.80
CA GLY E 310 47.73 24.50 -47.42
C GLY E 310 46.33 24.81 -47.89
N ARG E 311 45.84 24.09 -48.89
CA ARG E 311 44.49 24.33 -49.40
C ARG E 311 43.46 23.99 -48.32
N SER E 312 42.41 24.81 -48.22
CA SER E 312 41.48 24.74 -47.11
C SER E 312 40.36 23.72 -47.30
N ASP E 313 40.25 23.11 -48.48
CA ASP E 313 39.20 22.12 -48.71
C ASP E 313 39.62 20.71 -48.30
N TYR E 314 40.91 20.39 -48.40
CA TYR E 314 41.41 19.14 -47.84
C TYR E 314 41.67 19.31 -46.35
N PRO E 315 41.54 18.23 -45.56
CA PRO E 315 41.75 18.35 -44.11
C PRO E 315 43.21 18.57 -43.73
N ASN E 316 43.47 18.79 -42.44
CA ASN E 316 44.82 19.02 -41.93
C ASN E 316 45.50 20.17 -42.66
N GLN E 317 44.80 21.30 -42.74
CA GLN E 317 45.31 22.46 -43.47
C GLN E 317 46.40 23.16 -42.68
N VAL E 318 47.47 23.53 -43.38
CA VAL E 318 48.60 24.22 -42.77
C VAL E 318 48.43 25.69 -43.11
N ASN E 319 47.76 26.41 -42.21
CA ASN E 319 47.46 27.82 -42.41
C ASN E 319 48.30 28.68 -41.47
N ASN E 320 48.81 29.79 -42.01
CA ASN E 320 49.63 30.70 -41.21
C ASN E 320 48.85 31.28 -40.04
N VAL E 321 47.54 31.48 -40.19
CA VAL E 321 46.70 32.06 -39.16
C VAL E 321 46.66 31.22 -37.89
N LEU E 322 47.26 30.02 -37.92
CA LEU E 322 47.27 29.13 -36.76
C LEU E 322 48.33 29.50 -35.73
N CYS E 323 49.29 30.35 -36.07
CA CYS E 323 50.46 30.55 -35.21
C CYS E 323 50.84 32.01 -35.06
N PHE E 324 51.02 32.71 -36.17
CA PHE E 324 51.64 34.03 -36.15
C PHE E 324 50.95 35.06 -35.24
N PRO E 325 49.62 35.03 -35.02
CA PRO E 325 49.05 35.98 -34.04
C PRO E 325 49.43 35.63 -32.62
N PHE E 326 49.32 34.36 -32.27
CA PHE E 326 49.46 33.92 -30.89
C PHE E 326 50.92 33.90 -30.41
N ILE E 327 51.87 33.89 -31.34
CA ILE E 327 53.28 33.95 -30.94
C ILE E 327 53.64 35.36 -30.47
N PHE E 328 53.21 36.37 -31.22
CA PHE E 328 53.50 37.74 -30.83
C PHE E 328 52.79 38.13 -29.54
N ARG E 329 51.61 37.56 -29.28
CA ARG E 329 50.86 37.92 -28.08
C ARG E 329 51.62 37.48 -26.82
N GLY E 330 52.22 36.30 -26.87
CA GLY E 330 53.06 35.86 -25.77
C GLY E 330 54.39 36.55 -25.68
N ALA E 331 54.86 37.11 -26.81
CA ALA E 331 56.14 37.81 -26.82
C ALA E 331 56.00 39.29 -26.50
N LEU E 332 54.85 39.90 -26.81
CA LEU E 332 54.68 41.32 -26.57
C LEU E 332 54.43 41.64 -25.10
N ASP E 333 53.77 40.72 -24.38
CA ASP E 333 53.39 40.99 -23.00
C ASP E 333 54.51 40.71 -22.01
N VAL E 334 55.54 39.96 -22.40
CA VAL E 334 56.79 39.94 -21.67
C VAL E 334 57.81 40.90 -22.28
N GLY E 335 57.57 41.38 -23.49
CA GLY E 335 58.44 42.34 -24.14
C GLY E 335 59.83 41.80 -24.43
N ALA E 336 59.91 40.77 -25.28
CA ALA E 336 61.18 40.14 -25.58
C ALA E 336 61.98 40.98 -26.57
N THR E 337 63.31 40.90 -26.46
CA THR E 337 64.19 41.62 -27.37
C THR E 337 64.26 40.99 -28.75
N ALA E 338 63.82 39.74 -28.88
CA ALA E 338 63.72 39.05 -30.17
C ALA E 338 62.99 37.75 -29.92
N ILE E 339 62.75 37.01 -31.00
CA ILE E 339 62.13 35.68 -30.94
C ILE E 339 63.24 34.65 -31.10
N ASN E 340 63.37 33.76 -30.13
CA ASN E 340 64.44 32.76 -30.11
C ASN E 340 63.87 31.39 -30.42
N GLU E 341 64.77 30.39 -30.45
CA GLU E 341 64.36 29.04 -30.82
C GLU E 341 63.60 28.35 -29.69
N GLU E 342 63.93 28.67 -28.43
CA GLU E 342 63.22 28.06 -27.31
C GLU E 342 61.76 28.47 -27.30
N MET E 343 61.46 29.70 -27.74
CA MET E 343 60.07 30.12 -27.85
C MET E 343 59.35 29.36 -28.96
N LYS E 344 59.99 29.27 -30.14
CA LYS E 344 59.39 28.56 -31.27
C LYS E 344 59.13 27.10 -30.93
N LEU E 345 60.07 26.47 -30.23
CA LEU E 345 59.87 25.08 -29.81
C LEU E 345 58.72 24.97 -28.83
N ALA E 346 58.69 25.85 -27.83
CA ALA E 346 57.55 25.89 -26.91
C ALA E 346 56.25 26.14 -27.66
N ALA E 347 56.31 26.92 -28.74
CA ALA E 347 55.12 27.15 -29.55
C ALA E 347 54.71 25.88 -30.30
N VAL E 348 55.68 25.21 -30.92
CA VAL E 348 55.39 23.94 -31.59
C VAL E 348 54.79 22.95 -30.62
N ARG E 349 55.36 22.86 -29.42
CA ARG E 349 54.83 21.94 -28.42
C ARG E 349 53.43 22.32 -27.99
N ALA E 350 53.12 23.62 -27.99
CA ALA E 350 51.78 24.06 -27.59
C ALA E 350 50.73 23.64 -28.60
N ILE E 351 51.04 23.77 -29.90
CA ILE E 351 50.07 23.42 -30.93
C ILE E 351 49.85 21.91 -30.96
N ALA E 352 50.85 21.13 -30.56
CA ALA E 352 50.67 19.67 -30.50
C ALA E 352 49.75 19.29 -29.34
N GLU E 353 49.89 19.96 -28.19
CA GLU E 353 49.04 19.64 -27.04
C GLU E 353 47.58 19.87 -27.34
N LEU E 354 47.27 20.75 -28.29
CA LEU E 354 45.87 21.11 -28.56
C LEU E 354 45.13 19.96 -29.22
N ALA E 355 45.79 19.24 -30.14
CA ALA E 355 45.12 18.16 -30.85
C ALA E 355 44.91 16.93 -29.96
N HIS E 356 45.69 16.77 -28.90
CA HIS E 356 45.53 15.61 -28.02
C HIS E 356 44.29 15.73 -27.16
N ALA E 357 44.12 16.87 -26.49
CA ALA E 357 43.02 17.05 -25.55
C ALA E 357 41.69 17.03 -26.29
N GLU E 358 40.62 16.88 -25.51
CA GLU E 358 39.26 16.79 -26.00
C GLU E 358 38.87 18.01 -26.84
N TYR E 367 27.44 23.49 -30.87
CA TYR E 367 26.69 23.05 -32.05
C TYR E 367 27.65 22.88 -33.22
N GLY E 368 28.86 22.41 -32.94
CA GLY E 368 29.82 22.16 -34.00
C GLY E 368 29.75 20.73 -34.52
N ASP E 369 29.43 20.57 -35.81
CA ASP E 369 29.26 19.23 -36.37
C ASP E 369 30.53 18.40 -36.23
N GLN E 370 31.69 19.04 -36.23
CA GLN E 370 32.95 18.32 -36.11
C GLN E 370 33.15 17.85 -34.67
N ASP E 371 33.70 16.65 -34.53
CA ASP E 371 33.97 16.03 -33.24
C ASP E 371 35.48 15.88 -33.08
N LEU E 372 36.04 16.44 -32.01
CA LEU E 372 37.48 16.41 -31.79
C LEU E 372 37.95 15.02 -31.36
N SER E 373 38.27 14.18 -32.34
CA SER E 373 38.87 12.86 -32.09
C SER E 373 40.23 12.84 -32.77
N PHE E 374 41.29 12.75 -31.97
CA PHE E 374 42.65 12.73 -32.50
C PHE E 374 42.86 11.57 -33.46
N GLY E 375 43.08 11.88 -34.73
CA GLY E 375 43.30 10.86 -35.73
C GLY E 375 44.12 11.37 -36.90
N PRO E 376 44.24 10.55 -37.95
CA PRO E 376 44.98 11.00 -39.14
C PRO E 376 44.36 12.19 -39.84
N GLU E 377 43.06 12.44 -39.64
CA GLU E 377 42.41 13.61 -40.22
C GLU E 377 42.55 14.86 -39.38
N TYR E 378 42.89 14.71 -38.09
CA TYR E 378 43.00 15.83 -37.16
C TYR E 378 44.28 15.65 -36.34
N ILE E 379 45.40 16.06 -36.92
CA ILE E 379 46.64 16.22 -36.17
C ILE E 379 47.01 17.68 -35.97
N ILE E 380 46.40 18.58 -36.73
CA ILE E 380 46.59 20.02 -36.56
C ILE E 380 45.29 20.60 -36.02
N PRO E 381 45.32 21.45 -35.01
CA PRO E 381 44.10 22.15 -34.59
C PRO E 381 43.57 23.03 -35.71
N LYS E 382 42.27 23.32 -35.64
CA LYS E 382 41.60 24.05 -36.70
C LYS E 382 42.01 25.53 -36.67
N PRO E 383 41.93 26.22 -37.81
CA PRO E 383 42.44 27.60 -37.89
C PRO E 383 41.75 28.57 -36.95
N PHE E 384 40.53 28.28 -36.51
CA PHE E 384 39.72 29.23 -35.74
C PHE E 384 39.56 28.83 -34.29
N ASP E 385 40.29 27.81 -33.83
CA ASP E 385 40.09 27.31 -32.49
C ASP E 385 40.37 28.40 -31.45
N PRO E 386 39.46 28.63 -30.51
CA PRO E 386 39.71 29.68 -29.50
C PRO E 386 40.84 29.32 -28.56
N ARG E 387 41.07 28.03 -28.31
CA ARG E 387 42.09 27.61 -27.36
C ARG E 387 43.51 27.89 -27.83
N LEU E 388 43.70 28.37 -29.06
CA LEU E 388 45.04 28.63 -29.57
C LEU E 388 45.75 29.69 -28.73
N ILE E 389 45.13 30.86 -28.59
CA ILE E 389 45.76 31.91 -27.79
C ILE E 389 45.80 31.53 -26.31
N VAL E 390 45.01 30.52 -25.90
CA VAL E 390 44.99 30.12 -24.50
C VAL E 390 46.28 29.40 -24.12
N LYS E 391 46.78 28.54 -24.99
CA LYS E 391 47.95 27.72 -24.68
C LYS E 391 49.25 28.27 -25.29
N ILE E 392 49.17 28.93 -26.43
CA ILE E 392 50.38 29.35 -27.14
C ILE E 392 51.03 30.55 -26.44
N ALA E 393 50.26 31.62 -26.28
CA ALA E 393 50.83 32.85 -25.71
C ALA E 393 51.44 32.65 -24.32
N PRO E 394 50.85 31.89 -23.39
CA PRO E 394 51.54 31.66 -22.11
C PRO E 394 52.78 30.80 -22.26
N ALA E 395 52.69 29.71 -23.02
CA ALA E 395 53.83 28.82 -23.20
C ALA E 395 54.99 29.55 -23.87
N VAL E 396 54.70 30.42 -24.84
CA VAL E 396 55.75 31.24 -25.43
C VAL E 396 56.33 32.19 -24.40
N ALA E 397 55.48 32.77 -23.56
CA ALA E 397 55.96 33.68 -22.52
C ALA E 397 56.81 32.94 -21.50
N LYS E 398 56.47 31.68 -21.18
CA LYS E 398 57.23 30.94 -20.19
C LYS E 398 58.62 30.56 -20.71
N ALA E 399 58.75 30.25 -22.01
CA ALA E 399 60.05 29.93 -22.57
C ALA E 399 60.91 31.18 -22.80
N ALA E 400 60.29 32.33 -23.05
CA ALA E 400 61.06 33.56 -23.23
C ALA E 400 61.61 34.06 -21.90
N MET E 401 60.90 33.81 -20.79
CA MET E 401 61.44 34.15 -19.48
C MET E 401 62.54 33.18 -19.08
N GLU E 402 62.42 31.90 -19.46
CA GLU E 402 63.50 30.95 -19.24
C GLU E 402 64.70 31.28 -20.12
N SER E 403 64.46 31.76 -21.33
CA SER E 403 65.56 32.19 -22.19
C SER E 403 66.19 33.49 -21.69
N GLY E 404 65.45 34.29 -20.94
CA GLY E 404 65.98 35.50 -20.35
C GLY E 404 65.87 36.74 -21.21
N VAL E 405 65.31 36.63 -22.42
CA VAL E 405 65.21 37.80 -23.30
C VAL E 405 64.03 38.69 -22.94
N ALA E 406 63.16 38.27 -22.02
CA ALA E 406 62.00 39.07 -21.65
C ALA E 406 62.40 40.20 -20.70
N THR E 407 61.84 41.38 -20.94
CA THR E 407 62.12 42.54 -20.11
C THR E 407 61.17 42.64 -18.92
N ARG E 408 59.91 42.25 -19.08
CA ARG E 408 58.92 42.33 -18.00
C ARG E 408 58.37 40.95 -17.69
N PRO E 409 58.72 40.36 -16.55
CA PRO E 409 58.18 39.04 -16.21
C PRO E 409 56.74 39.14 -15.76
N ILE E 410 55.87 38.36 -16.39
CA ILE E 410 54.47 38.24 -15.95
C ILE E 410 54.46 37.14 -14.89
N ALA E 411 54.76 37.53 -13.64
CA ALA E 411 54.84 36.56 -12.57
C ALA E 411 53.50 35.88 -12.30
N ASP E 412 52.39 36.55 -12.62
CA ASP E 412 51.06 36.02 -12.37
C ASP E 412 50.55 35.35 -13.63
N PHE E 413 51.06 34.13 -13.88
CA PHE E 413 50.66 33.40 -15.09
C PHE E 413 49.18 33.01 -15.05
N ASP E 414 48.67 32.63 -13.88
CA ASP E 414 47.27 32.24 -13.80
C ASP E 414 46.34 33.41 -14.02
N VAL E 415 46.72 34.61 -13.55
CA VAL E 415 45.95 35.81 -13.88
C VAL E 415 46.02 36.09 -15.38
N TYR E 416 47.22 35.94 -15.95
CA TYR E 416 47.39 36.05 -17.40
C TYR E 416 46.49 35.07 -18.13
N ILE E 417 46.46 33.81 -17.68
CA ILE E 417 45.57 32.83 -18.29
C ILE E 417 44.12 33.29 -18.19
N ASP E 418 43.75 33.92 -17.08
CA ASP E 418 42.39 34.43 -16.95
C ASP E 418 42.15 35.60 -17.90
N LYS E 419 43.18 36.42 -18.14
CA LYS E 419 43.01 37.58 -19.01
C LYS E 419 42.74 37.16 -20.45
N LEU E 420 43.49 36.16 -20.96
CA LEU E 420 43.34 35.81 -22.36
C LEU E 420 42.14 34.91 -22.60
N THR E 421 41.79 34.06 -21.64
CA THR E 421 40.54 33.30 -21.77
C THR E 421 39.34 34.22 -21.81
N GLU E 422 39.44 35.38 -21.15
CA GLU E 422 38.38 36.37 -21.23
C GLU E 422 38.27 36.96 -22.65
N PHE E 423 39.39 37.21 -23.31
CA PHE E 423 39.34 37.69 -24.69
C PHE E 423 38.69 36.68 -25.61
N VAL E 424 38.99 35.40 -25.41
CA VAL E 424 38.30 34.33 -26.13
C VAL E 424 36.80 34.40 -25.90
N TYR E 425 36.40 34.52 -24.62
CA TYR E 425 34.98 34.47 -24.28
C TYR E 425 34.21 35.67 -24.84
N LYS E 426 34.86 36.83 -24.95
CA LYS E 426 34.15 38.01 -25.45
C LYS E 426 33.91 37.93 -26.96
N THR E 427 34.93 37.57 -27.73
CA THR E 427 34.81 37.50 -29.19
C THR E 427 34.88 36.06 -29.63
N ASN E 428 33.70 35.45 -29.80
CA ASN E 428 33.56 34.15 -30.44
C ASN E 428 32.72 34.33 -31.68
N LEU E 429 33.16 33.74 -32.81
CA LEU E 429 32.45 33.96 -34.06
C LEU E 429 31.06 33.35 -34.05
N PHE E 430 30.91 32.17 -33.45
CA PHE E 430 29.64 31.47 -33.26
C PHE E 430 28.79 31.38 -34.53
N MET E 431 29.29 31.93 -35.64
CA MET E 431 28.69 31.75 -36.96
C MET E 431 29.49 30.78 -37.82
N LYS E 432 30.82 30.81 -37.73
CA LYS E 432 31.63 29.93 -38.57
C LYS E 432 31.30 28.45 -38.37
N PRO E 433 31.08 27.94 -37.16
CA PRO E 433 30.60 26.55 -37.04
C PRO E 433 29.22 26.33 -37.64
N ILE E 434 28.36 27.35 -37.54
CA ILE E 434 27.00 27.24 -38.05
C ILE E 434 27.01 27.08 -39.57
N PHE E 435 27.67 27.99 -40.27
CA PHE E 435 27.79 27.91 -41.72
C PHE E 435 28.29 26.53 -42.16
N SER E 436 29.38 26.08 -41.54
CA SER E 436 29.96 24.78 -41.88
C SER E 436 28.95 23.66 -41.67
N GLN E 437 28.23 23.67 -40.55
CA GLN E 437 27.21 22.66 -40.32
C GLN E 437 26.13 22.71 -41.41
N ALA E 438 25.79 23.91 -41.88
CA ALA E 438 24.83 24.03 -42.96
C ALA E 438 25.38 23.44 -44.25
N ARG E 439 26.67 23.63 -44.51
CA ARG E 439 27.27 23.11 -45.73
C ARG E 439 27.25 21.59 -45.77
N LYS E 440 27.38 20.95 -44.60
CA LYS E 440 27.38 19.49 -44.56
C LYS E 440 26.01 18.90 -44.85
N ALA E 441 24.94 19.59 -44.47
CA ALA E 441 23.57 19.12 -44.69
C ALA E 441 22.65 20.30 -45.00
N PRO E 442 22.60 20.72 -46.27
CA PRO E 442 21.67 21.78 -46.65
C PRO E 442 20.24 21.28 -46.63
N LYS E 443 19.33 22.14 -46.18
CA LYS E 443 17.92 21.80 -46.04
C LYS E 443 17.08 22.76 -46.86
N ARG E 444 15.81 22.41 -47.02
CA ARG E 444 14.88 23.21 -47.81
C ARG E 444 14.33 24.36 -46.97
N VAL E 445 14.51 25.58 -47.45
CA VAL E 445 14.06 26.79 -46.77
C VAL E 445 13.13 27.56 -47.71
N VAL E 446 11.97 27.96 -47.19
CA VAL E 446 10.99 28.73 -47.94
C VAL E 446 11.08 30.19 -47.51
N LEU E 447 11.24 31.08 -48.49
CA LEU E 447 11.24 32.51 -48.23
C LEU E 447 10.01 33.12 -48.87
N PRO E 448 8.96 33.43 -48.09
CA PRO E 448 7.69 33.84 -48.70
C PRO E 448 7.77 35.10 -49.55
N GLU E 449 8.56 36.09 -49.12
CA GLU E 449 8.66 37.36 -49.85
C GLU E 449 9.80 37.25 -50.88
N GLY E 450 9.56 36.39 -51.87
CA GLY E 450 10.60 36.08 -52.83
C GLY E 450 10.92 37.21 -53.79
N GLU E 451 9.93 38.05 -54.10
CA GLU E 451 10.15 39.15 -55.02
C GLU E 451 11.09 40.21 -54.43
N GLU E 452 11.13 40.32 -53.10
CA GLU E 452 11.92 41.35 -52.45
C GLU E 452 13.39 41.21 -52.83
N ALA E 453 14.01 42.33 -53.22
CA ALA E 453 15.36 42.28 -53.77
C ALA E 453 16.37 41.73 -52.78
N ARG E 454 16.24 42.13 -51.51
CA ARG E 454 17.17 41.65 -50.48
C ARG E 454 17.12 40.13 -50.37
N VAL E 455 15.92 39.56 -50.39
CA VAL E 455 15.80 38.10 -50.44
C VAL E 455 16.54 37.55 -51.65
N LEU E 456 16.41 38.23 -52.80
CA LEU E 456 17.04 37.75 -54.02
C LEU E 456 18.56 37.77 -53.88
N HIS E 457 19.13 38.86 -53.34
CA HIS E 457 20.57 38.91 -53.13
C HIS E 457 21.05 37.79 -52.24
N ALA E 458 20.28 37.48 -51.18
CA ALA E 458 20.66 36.41 -50.27
C ALA E 458 20.53 35.03 -50.92
N THR E 459 19.55 34.85 -51.81
CA THR E 459 19.39 33.56 -52.47
C THR E 459 20.62 33.20 -53.28
N GLN E 460 21.27 34.20 -53.89
CA GLN E 460 22.49 33.94 -54.64
C GLN E 460 23.59 33.43 -53.73
N GLU E 461 23.82 34.10 -52.60
CA GLU E 461 24.88 33.68 -51.70
C GLU E 461 24.57 32.33 -51.04
N LEU E 462 23.29 31.99 -50.89
CA LEU E 462 22.94 30.67 -50.36
C LEU E 462 23.27 29.57 -51.36
N VAL E 463 22.98 29.80 -52.64
CA VAL E 463 23.29 28.82 -53.66
C VAL E 463 24.80 28.67 -53.83
N THR E 464 25.52 29.80 -53.86
CA THR E 464 26.97 29.75 -54.01
C THR E 464 27.62 28.98 -52.87
N LEU E 465 27.35 29.37 -51.63
CA LEU E 465 27.96 28.72 -50.48
C LEU E 465 27.40 27.33 -50.22
N GLY E 466 26.39 26.89 -50.98
CA GLY E 466 25.80 25.58 -50.74
C GLY E 466 25.21 25.43 -49.36
N LEU E 467 24.51 26.47 -48.87
CA LEU E 467 23.95 26.46 -47.52
C LEU E 467 22.57 25.80 -47.45
N ALA E 468 21.68 26.08 -48.39
CA ALA E 468 20.31 25.59 -48.31
C ALA E 468 19.71 25.45 -49.70
N LYS E 469 18.62 24.69 -49.78
CA LYS E 469 17.80 24.57 -50.98
C LYS E 469 16.69 25.61 -50.94
N PRO E 470 16.81 26.73 -51.66
CA PRO E 470 15.87 27.83 -51.47
C PRO E 470 14.61 27.61 -52.30
N ILE E 471 13.45 27.80 -51.66
CA ILE E 471 12.15 27.82 -52.33
C ILE E 471 11.59 29.21 -52.13
N LEU E 472 11.43 29.96 -53.22
CA LEU E 472 10.93 31.33 -53.19
C LEU E 472 9.48 31.37 -53.67
N ILE E 473 8.66 32.17 -53.00
CA ILE E 473 7.25 32.33 -53.32
C ILE E 473 7.03 33.74 -53.87
N GLY E 474 6.24 33.82 -54.94
CA GLY E 474 5.95 35.08 -55.57
C GLY E 474 5.56 34.88 -57.01
N ARG E 475 5.29 36.00 -57.67
CA ARG E 475 4.96 35.97 -59.10
C ARG E 475 6.21 35.62 -59.89
N PRO E 476 6.23 34.50 -60.59
CA PRO E 476 7.47 34.08 -61.27
C PRO E 476 7.96 35.09 -62.28
N ASN E 477 7.08 35.96 -62.77
CA ASN E 477 7.47 36.87 -63.83
C ASN E 477 8.28 38.03 -63.28
N VAL E 478 7.87 38.55 -62.12
CA VAL E 478 8.56 39.69 -61.53
C VAL E 478 9.92 39.27 -60.99
N ILE E 479 10.00 38.05 -60.44
CA ILE E 479 11.27 37.55 -59.94
C ILE E 479 12.29 37.46 -61.05
N GLU E 480 11.90 36.85 -62.17
CA GLU E 480 12.82 36.69 -63.30
C GLU E 480 13.29 38.04 -63.82
N MET E 481 12.39 39.02 -63.89
CA MET E 481 12.77 40.35 -64.36
C MET E 481 13.73 41.04 -63.39
N ARG E 482 13.46 40.95 -62.08
CA ARG E 482 14.34 41.56 -61.10
C ARG E 482 15.69 40.87 -61.05
N ILE E 483 15.71 39.54 -61.19
CA ILE E 483 16.96 38.79 -61.26
C ILE E 483 17.84 39.34 -62.38
N GLN E 484 17.25 39.54 -63.56
CA GLN E 484 18.00 40.05 -64.70
C GLN E 484 18.50 41.47 -64.42
N LYS E 485 17.67 42.31 -63.81
CA LYS E 485 18.13 43.65 -63.44
C LYS E 485 19.24 43.59 -62.40
N LEU E 486 19.15 42.62 -61.48
CA LEU E 486 20.17 42.49 -60.44
C LEU E 486 21.44 41.85 -60.97
N GLY E 487 21.34 41.04 -62.01
CA GLY E 487 22.50 40.36 -62.57
C GLY E 487 22.89 39.08 -61.87
N LEU E 488 22.05 38.57 -60.97
CA LEU E 488 22.38 37.35 -60.25
C LEU E 488 22.33 36.14 -61.18
N GLN E 489 23.16 35.14 -60.88
CA GLN E 489 23.32 33.97 -61.73
C GLN E 489 22.35 32.85 -61.39
N ILE E 490 21.54 32.99 -60.34
CA ILE E 490 20.56 31.98 -59.99
C ILE E 490 19.55 31.78 -61.12
N LYS E 491 19.27 30.52 -61.42
CA LYS E 491 18.34 30.14 -62.47
C LYS E 491 17.20 29.34 -61.86
N ALA E 492 15.97 29.75 -62.15
CA ALA E 492 14.79 29.08 -61.59
C ALA E 492 14.68 27.65 -62.09
N GLY E 493 14.10 26.80 -61.26
CA GLY E 493 14.01 25.37 -61.54
C GLY E 493 15.33 24.64 -61.61
N VAL E 494 16.45 25.33 -61.50
CA VAL E 494 17.78 24.73 -61.53
C VAL E 494 18.45 24.95 -60.18
N ASP E 495 18.92 26.19 -59.95
CA ASP E 495 19.54 26.52 -58.68
C ASP E 495 18.53 26.57 -57.54
N PHE E 496 17.30 27.00 -57.81
CA PHE E 496 16.29 27.17 -56.79
C PHE E 496 14.92 26.87 -57.38
N GLU E 497 13.96 26.61 -56.51
CA GLU E 497 12.58 26.31 -56.90
C GLU E 497 11.67 27.48 -56.57
N ILE E 498 10.66 27.68 -57.40
CA ILE E 498 9.70 28.76 -57.23
C ILE E 498 8.31 28.17 -57.10
N VAL E 499 7.54 28.70 -56.17
CA VAL E 499 6.12 28.38 -56.03
C VAL E 499 5.34 29.65 -56.38
N ASN E 500 4.43 29.53 -57.34
CA ASN E 500 3.66 30.67 -57.83
C ASN E 500 2.44 30.87 -56.93
N ASN E 501 2.34 32.04 -56.28
CA ASN E 501 1.27 32.27 -55.32
C ASN E 501 -0.10 32.31 -55.99
N GLU E 502 -0.16 32.84 -57.22
CA GLU E 502 -1.45 32.99 -57.90
C GLU E 502 -1.98 31.64 -58.39
N SER E 503 -1.09 30.75 -58.83
CA SER E 503 -1.51 29.44 -59.34
C SER E 503 -0.53 28.39 -58.85
N ASP E 504 -1.06 27.39 -58.14
CA ASP E 504 -0.31 26.23 -57.73
C ASP E 504 -1.24 25.03 -57.82
N PRO E 505 -0.73 23.88 -58.28
CA PRO E 505 -1.59 22.68 -58.29
C PRO E 505 -2.04 22.28 -56.90
N ARG E 506 -1.17 22.46 -55.91
CA ARG E 506 -1.49 22.15 -54.52
C ARG E 506 -2.15 23.36 -53.84
N PHE E 507 -3.32 23.72 -54.35
CA PHE E 507 -4.10 24.82 -53.79
C PHE E 507 -5.31 24.34 -53.01
N LYS E 508 -6.13 23.47 -53.62
CA LYS E 508 -7.29 22.94 -52.92
C LYS E 508 -6.87 22.24 -51.62
N GLU E 509 -5.76 21.53 -51.65
CA GLU E 509 -5.29 20.82 -50.46
C GLU E 509 -4.83 21.80 -49.39
N TYR E 510 -4.20 22.91 -49.80
CA TYR E 510 -3.59 23.82 -48.83
C TYR E 510 -4.65 24.63 -48.09
N TRP E 511 -5.63 25.19 -48.81
CA TRP E 511 -6.65 25.99 -48.13
C TRP E 511 -7.51 25.13 -47.24
N THR E 512 -7.78 23.89 -47.65
CA THR E 512 -8.49 22.96 -46.78
C THR E 512 -7.65 22.63 -45.55
N GLU E 513 -6.33 22.57 -45.71
CA GLU E 513 -5.46 22.29 -44.57
C GLU E 513 -5.38 23.49 -43.62
N TYR E 514 -5.25 24.69 -44.17
CA TYR E 514 -5.23 25.91 -43.34
C TYR E 514 -6.57 26.16 -42.69
N PHE E 515 -7.68 25.79 -43.37
CA PHE E 515 -9.00 26.02 -42.81
C PHE E 515 -9.27 25.13 -41.61
N GLN E 516 -8.83 23.88 -41.66
CA GLN E 516 -9.03 22.98 -40.53
C GLN E 516 -8.29 23.43 -39.28
N ILE E 517 -7.23 24.21 -39.44
CA ILE E 517 -6.56 24.77 -38.26
C ILE E 517 -7.25 26.04 -37.80
N MET E 518 -7.80 26.83 -38.72
CA MET E 518 -8.29 28.17 -38.43
C MET E 518 -9.80 28.30 -38.55
N LYS E 519 -10.54 27.18 -38.55
CA LYS E 519 -11.99 27.30 -38.70
C LYS E 519 -12.62 27.94 -37.47
N ARG E 520 -12.16 27.57 -36.28
CA ARG E 520 -12.68 28.11 -35.04
C ARG E 520 -12.00 29.40 -34.61
N ARG E 521 -10.92 29.80 -35.29
CA ARG E 521 -10.19 31.01 -34.96
C ARG E 521 -10.58 32.19 -35.84
N GLY E 522 -11.73 32.11 -36.51
CA GLY E 522 -12.27 33.24 -37.24
C GLY E 522 -11.95 33.29 -38.72
N VAL E 523 -11.49 32.19 -39.31
CA VAL E 523 -11.20 32.12 -40.74
C VAL E 523 -12.29 31.31 -41.41
N THR E 524 -13.05 31.96 -42.30
CA THR E 524 -14.06 31.27 -43.07
C THR E 524 -13.42 30.50 -44.22
N GLN E 525 -14.19 29.61 -44.85
CA GLN E 525 -13.68 28.88 -46.00
C GLN E 525 -13.27 29.85 -47.10
N GLU E 526 -14.12 30.83 -47.42
CA GLU E 526 -13.82 31.77 -48.49
C GLU E 526 -12.59 32.60 -48.15
N GLN E 527 -12.43 32.95 -46.88
CA GLN E 527 -11.26 33.72 -46.45
C GLN E 527 -9.99 32.91 -46.59
N ALA E 528 -10.04 31.62 -46.24
CA ALA E 528 -8.84 30.78 -46.28
C ALA E 528 -8.29 30.69 -47.70
N GLN E 529 -9.17 30.63 -48.69
CA GLN E 529 -8.72 30.63 -50.08
C GLN E 529 -8.01 31.94 -50.41
N ARG E 530 -8.66 33.07 -50.15
CA ARG E 530 -8.07 34.37 -50.47
C ARG E 530 -6.74 34.59 -49.77
N ALA E 531 -6.57 34.00 -48.59
CA ALA E 531 -5.31 34.15 -47.86
C ALA E 531 -4.16 33.48 -48.60
N LEU E 532 -4.42 32.31 -49.18
CA LEU E 532 -3.34 31.58 -49.84
C LEU E 532 -2.89 32.26 -51.12
N ILE E 533 -3.76 33.03 -51.77
CA ILE E 533 -3.36 33.69 -53.00
C ILE E 533 -2.51 34.93 -52.72
N SER E 534 -2.77 35.64 -51.63
CA SER E 534 -2.11 36.92 -51.40
C SER E 534 -1.28 37.00 -50.12
N ASN E 535 -1.35 36.00 -49.24
CA ASN E 535 -0.50 36.02 -48.05
C ASN E 535 0.64 35.02 -48.24
N PRO E 536 1.84 35.47 -48.61
CA PRO E 536 2.93 34.51 -48.83
C PRO E 536 3.30 33.73 -47.58
N THR E 537 3.31 34.38 -46.41
CA THR E 537 3.73 33.73 -45.18
C THR E 537 2.86 32.53 -44.84
N VAL E 538 1.58 32.58 -45.20
CA VAL E 538 0.69 31.46 -44.90
C VAL E 538 1.02 30.26 -45.77
N ILE E 539 1.44 30.51 -47.02
CA ILE E 539 1.76 29.42 -47.94
C ILE E 539 2.92 28.60 -47.40
N GLY E 540 4.02 29.26 -47.05
CA GLY E 540 5.19 28.55 -46.54
C GLY E 540 4.93 27.86 -45.22
N ALA E 541 4.05 28.42 -44.39
CA ALA E 541 3.72 27.79 -43.13
C ALA E 541 3.08 26.42 -43.35
N ILE E 542 2.18 26.32 -44.32
CA ILE E 542 1.50 25.06 -44.58
C ILE E 542 2.50 24.02 -45.09
N MET E 543 3.46 24.45 -45.91
CA MET E 543 4.46 23.52 -46.44
C MET E 543 5.27 22.87 -45.33
N VAL E 544 5.80 23.68 -44.42
CA VAL E 544 6.66 23.15 -43.36
C VAL E 544 5.86 22.21 -42.46
N GLN E 545 4.60 22.55 -42.19
CA GLN E 545 3.77 21.67 -41.38
C GLN E 545 3.46 20.37 -42.11
N ARG E 546 3.23 20.45 -43.43
CA ARG E 546 3.03 19.25 -44.23
C ARG E 546 4.28 18.36 -44.21
N GLY E 547 5.46 18.97 -44.28
CA GLY E 547 6.71 18.27 -44.45
C GLY E 547 7.38 18.52 -45.78
N GLU E 548 6.71 19.19 -46.71
CA GLU E 548 7.30 19.44 -48.03
C GLU E 548 8.52 20.35 -47.91
N ALA E 549 8.47 21.33 -47.03
CA ALA E 549 9.60 22.22 -46.78
C ALA E 549 10.13 21.99 -45.36
N ASP E 550 11.42 22.18 -45.19
CA ASP E 550 12.06 21.88 -43.90
C ASP E 550 12.04 23.05 -42.94
N ALA E 551 12.17 24.28 -43.44
CA ALA E 551 12.18 25.46 -42.59
C ALA E 551 11.65 26.65 -43.36
N MET E 552 11.61 27.81 -42.70
CA MET E 552 11.05 29.01 -43.32
C MET E 552 11.71 30.24 -42.71
N ILE E 553 11.93 31.25 -43.55
CA ILE E 553 12.43 32.56 -43.13
C ILE E 553 11.59 33.63 -43.82
N CYS E 554 10.90 34.45 -43.04
CA CYS E 554 10.00 35.47 -43.58
C CYS E 554 10.16 36.75 -42.75
N GLY E 555 9.28 37.72 -43.01
CA GLY E 555 9.24 38.96 -42.28
C GLY E 555 9.98 40.12 -42.92
N THR E 556 10.56 39.93 -44.11
CA THR E 556 11.28 41.02 -44.76
C THR E 556 10.34 42.16 -45.13
N VAL E 557 9.07 41.87 -45.33
CA VAL E 557 8.06 42.87 -45.66
C VAL E 557 6.86 42.66 -44.74
N GLY E 558 6.49 43.70 -44.00
CA GLY E 558 5.35 43.63 -43.11
C GLY E 558 5.73 43.80 -41.65
N ASP E 559 4.75 44.06 -40.80
CA ASP E 559 4.99 44.15 -39.37
C ASP E 559 5.19 42.75 -38.78
N TYR E 560 6.00 42.68 -37.72
CA TYR E 560 6.38 41.39 -37.15
C TYR E 560 5.15 40.57 -36.77
N HIS E 561 4.18 41.19 -36.11
CA HIS E 561 3.07 40.44 -35.54
C HIS E 561 2.16 39.82 -36.59
N GLU E 562 2.14 40.36 -37.82
CA GLU E 562 1.36 39.74 -38.88
C GLU E 562 1.89 38.35 -39.19
N HIS E 563 3.19 38.24 -39.44
CA HIS E 563 3.78 36.95 -39.76
C HIS E 563 3.74 36.01 -38.55
N PHE E 564 4.05 36.54 -37.36
CA PHE E 564 4.07 35.68 -36.17
C PHE E 564 2.72 35.05 -35.91
N SER E 565 1.64 35.82 -36.05
CA SER E 565 0.30 35.27 -35.85
C SER E 565 0.08 34.06 -36.74
N VAL E 566 0.48 34.16 -38.01
CA VAL E 566 0.40 33.03 -38.91
C VAL E 566 1.17 31.84 -38.34
N VAL E 567 2.40 32.11 -37.89
CA VAL E 567 3.29 31.04 -37.44
C VAL E 567 2.70 30.33 -36.23
N LYS E 568 2.24 31.11 -35.25
CA LYS E 568 1.82 30.52 -33.98
C LYS E 568 0.65 29.56 -34.18
N ASN E 569 -0.35 29.96 -34.96
CA ASN E 569 -1.54 29.12 -35.12
C ASN E 569 -1.25 27.86 -35.93
N VAL E 570 -0.29 27.92 -36.86
CA VAL E 570 -0.07 26.81 -37.78
C VAL E 570 0.86 25.78 -37.17
N PHE E 571 2.06 26.22 -36.76
CA PHE E 571 3.07 25.28 -36.28
C PHE E 571 2.78 24.80 -34.86
N GLY E 572 2.32 25.70 -34.02
CA GLY E 572 2.06 25.34 -32.63
C GLY E 572 3.27 25.57 -31.74
N TYR E 573 3.00 25.77 -30.46
CA TYR E 573 4.07 25.93 -29.49
C TYR E 573 4.84 24.62 -29.36
N ARG E 574 6.15 24.72 -29.15
CA ARG E 574 6.94 23.53 -28.85
C ARG E 574 6.46 22.92 -27.53
N ASP E 575 6.44 21.59 -27.47
CA ASP E 575 6.03 20.92 -26.25
C ASP E 575 6.95 21.29 -25.10
N GLY E 576 6.36 21.50 -23.93
CA GLY E 576 7.10 21.95 -22.76
C GLY E 576 7.24 23.44 -22.64
N VAL E 577 6.69 24.20 -23.58
CA VAL E 577 6.73 25.65 -23.55
C VAL E 577 5.33 26.18 -23.79
N HIS E 578 5.02 27.32 -23.15
CA HIS E 578 3.72 27.96 -23.31
C HIS E 578 3.85 29.43 -23.68
N THR E 579 5.05 29.89 -23.99
CA THR E 579 5.28 31.27 -24.40
C THR E 579 6.38 31.29 -25.46
N ALA E 580 6.46 32.40 -26.19
CA ALA E 580 7.38 32.56 -27.31
C ALA E 580 8.34 33.71 -27.04
N GLY E 581 9.55 33.57 -27.58
CA GLY E 581 10.63 34.49 -27.27
C GLY E 581 11.39 34.88 -28.52
N ALA E 582 11.69 36.17 -28.62
CA ALA E 582 12.46 36.75 -29.70
C ALA E 582 13.77 37.31 -29.15
N MET E 583 14.87 37.05 -29.85
CA MET E 583 16.21 37.43 -29.40
C MET E 583 16.99 38.09 -30.52
N ASN E 584 17.61 39.24 -30.22
CA ASN E 584 18.47 39.94 -31.16
C ASN E 584 19.88 40.04 -30.58
N ALA E 585 20.89 39.84 -31.43
CA ALA E 585 22.27 39.76 -30.98
C ALA E 585 23.09 40.89 -31.60
N LEU E 586 23.90 41.54 -30.77
CA LEU E 586 24.83 42.57 -31.23
C LEU E 586 26.20 42.28 -30.63
N LEU E 587 27.21 42.16 -31.49
CA LEU E 587 28.58 42.22 -31.02
C LEU E 587 28.84 43.61 -30.43
N LEU E 588 29.35 43.64 -29.21
CA LEU E 588 29.49 44.86 -28.43
C LEU E 588 30.90 44.96 -27.87
N PRO E 589 31.31 46.14 -27.41
CA PRO E 589 32.57 46.23 -26.67
C PRO E 589 32.67 45.21 -25.55
N SER E 590 31.58 45.03 -24.79
CA SER E 590 31.58 44.03 -23.74
C SER E 590 31.71 42.61 -24.28
N GLY E 591 31.42 42.41 -25.55
CA GLY E 591 31.51 41.12 -26.21
C GLY E 591 30.27 40.88 -27.04
N ASN E 592 30.06 39.61 -27.39
CA ASN E 592 28.79 39.22 -28.00
C ASN E 592 27.70 39.25 -26.95
N THR E 593 26.58 39.88 -27.28
CA THR E 593 25.52 40.12 -26.32
C THR E 593 24.16 39.85 -26.96
N PHE E 594 23.23 39.31 -26.17
CA PHE E 594 21.90 38.96 -26.63
C PHE E 594 20.86 39.67 -25.77
N ILE E 595 19.72 39.98 -26.40
CA ILE E 595 18.64 40.69 -25.74
C ILE E 595 17.31 40.03 -26.11
N ALA E 596 16.44 39.89 -25.11
CA ALA E 596 15.10 39.34 -25.27
C ALA E 596 14.23 39.91 -24.15
N ASP E 597 12.92 40.00 -24.36
CA ASP E 597 12.20 39.61 -25.57
C ASP E 597 11.81 40.88 -26.35
N THR E 598 12.13 40.93 -27.64
CA THR E 598 12.06 42.20 -28.38
C THR E 598 10.72 42.47 -29.05
N TYR E 599 10.00 41.44 -29.53
CA TYR E 599 8.74 41.68 -30.25
C TYR E 599 7.55 40.83 -29.82
N VAL E 600 7.76 39.66 -29.23
CA VAL E 600 6.66 38.73 -29.03
C VAL E 600 5.68 39.25 -27.99
N ASN E 601 6.16 39.53 -26.79
CA ASN E 601 5.32 39.89 -25.65
C ASN E 601 5.57 41.34 -25.27
N ASP E 602 4.50 42.15 -25.28
CA ASP E 602 4.63 43.56 -24.95
C ASP E 602 4.91 43.76 -23.46
N GLU E 603 4.28 42.95 -22.62
CA GLU E 603 4.45 43.05 -21.16
C GLU E 603 4.41 41.64 -20.60
N PRO E 604 5.54 40.93 -20.66
CA PRO E 604 5.56 39.53 -20.21
C PRO E 604 5.36 39.44 -18.70
N ASP E 605 4.62 38.43 -18.28
CA ASP E 605 4.47 38.15 -16.87
C ASP E 605 5.68 37.37 -16.36
N ALA E 606 5.69 37.08 -15.07
CA ALA E 606 6.89 36.57 -14.42
C ALA E 606 7.30 35.20 -14.98
N GLU E 607 6.35 34.27 -15.06
CA GLU E 607 6.68 32.94 -15.57
C GLU E 607 7.03 32.98 -17.05
N GLU E 608 6.42 33.90 -17.81
CA GLU E 608 6.77 34.04 -19.22
C GLU E 608 8.23 34.48 -19.38
N LEU E 609 8.69 35.39 -18.52
CA LEU E 609 10.09 35.77 -18.54
C LEU E 609 10.99 34.59 -18.23
N ALA E 610 10.62 33.78 -17.24
CA ALA E 610 11.45 32.64 -16.85
C ALA E 610 11.60 31.66 -18.02
N GLU E 611 10.50 31.38 -18.73
CA GLU E 611 10.59 30.47 -19.87
C GLU E 611 11.42 31.07 -20.99
N ILE E 612 11.28 32.37 -21.24
CA ILE E 612 12.12 33.04 -22.22
C ILE E 612 13.59 32.90 -21.84
N THR E 613 13.90 33.10 -20.57
CA THR E 613 15.28 32.96 -20.11
C THR E 613 15.83 31.56 -20.38
N LEU E 614 15.09 30.53 -19.98
CA LEU E 614 15.60 29.17 -20.11
C LEU E 614 15.84 28.79 -21.57
N MET E 615 14.91 29.17 -22.46
CA MET E 615 15.10 28.89 -23.88
C MET E 615 16.32 29.62 -24.41
N ALA E 616 16.51 30.87 -24.01
CA ALA E 616 17.67 31.64 -24.47
C ALA E 616 18.97 31.02 -23.98
N ALA E 617 18.99 30.56 -22.73
CA ALA E 617 20.18 29.87 -22.23
C ALA E 617 20.46 28.61 -23.02
N GLU E 618 19.42 27.89 -23.42
CA GLU E 618 19.61 26.70 -24.25
C GLU E 618 20.15 27.07 -25.63
N THR E 619 19.58 28.10 -26.25
CA THR E 619 19.99 28.47 -27.60
C THR E 619 21.41 29.01 -27.63
N VAL E 620 21.77 29.83 -26.63
CA VAL E 620 23.12 30.40 -26.64
C VAL E 620 24.16 29.34 -26.30
N ARG E 621 23.82 28.36 -25.46
CA ARG E 621 24.73 27.25 -25.22
C ARG E 621 25.01 26.49 -26.50
N ARG E 622 24.00 26.36 -27.37
CA ARG E 622 24.23 25.75 -28.68
C ARG E 622 25.26 26.52 -29.47
N PHE E 623 25.15 27.86 -29.48
CA PHE E 623 26.14 28.69 -30.16
C PHE E 623 27.55 28.47 -29.65
N GLY E 624 27.70 28.01 -28.40
CA GLY E 624 28.99 27.72 -27.81
C GLY E 624 29.38 28.69 -26.71
N ILE E 625 28.84 29.92 -26.75
CA ILE E 625 29.10 30.87 -25.69
C ILE E 625 28.41 30.40 -24.42
N GLU E 626 29.16 30.31 -23.33
CA GLU E 626 28.55 29.94 -22.07
C GLU E 626 27.59 31.04 -21.62
N PRO E 627 26.45 30.67 -21.03
CA PRO E 627 25.36 31.63 -20.81
C PRO E 627 25.57 32.42 -19.52
N ARG E 628 25.61 33.74 -19.65
CA ARG E 628 25.73 34.71 -18.54
C ARG E 628 24.45 35.54 -18.53
N VAL E 629 23.47 35.17 -17.71
CA VAL E 629 22.14 35.77 -17.77
C VAL E 629 22.03 36.86 -16.72
N ALA E 630 21.48 38.01 -17.11
CA ALA E 630 21.26 39.13 -16.21
C ALA E 630 19.87 39.70 -16.46
N LEU E 631 19.04 39.71 -15.43
CA LEU E 631 17.68 40.25 -15.53
C LEU E 631 17.74 41.75 -15.26
N LEU E 632 17.65 42.54 -16.32
CA LEU E 632 17.82 43.97 -16.21
C LEU E 632 16.53 44.62 -15.74
N SER E 633 16.68 45.69 -14.95
CA SER E 633 15.51 46.44 -14.49
C SER E 633 15.99 47.80 -13.98
N HIS E 634 15.04 48.73 -13.83
CA HIS E 634 15.37 50.03 -13.30
C HIS E 634 15.86 49.92 -11.86
N SER E 635 15.31 48.97 -11.11
CA SER E 635 15.74 48.73 -9.74
C SER E 635 17.06 47.98 -9.74
N ASN E 636 17.92 48.31 -8.79
CA ASN E 636 19.20 47.62 -8.60
C ASN E 636 19.13 46.87 -7.28
N PHE E 637 18.89 45.56 -7.37
CA PHE E 637 18.87 44.68 -6.20
C PHE E 637 17.95 45.21 -5.10
N GLY E 638 16.73 45.56 -5.49
CA GLY E 638 15.73 45.98 -4.54
C GLY E 638 15.62 47.47 -4.29
N SER E 639 16.15 48.31 -5.18
CA SER E 639 16.02 49.75 -4.98
C SER E 639 14.57 50.21 -5.13
N SER E 640 13.79 49.52 -5.96
CA SER E 640 12.37 49.79 -6.13
C SER E 640 11.58 48.52 -5.87
N ASP E 641 10.45 48.66 -5.18
CA ASP E 641 9.56 47.55 -4.88
C ASP E 641 8.33 47.54 -5.78
N CYS E 642 8.37 48.26 -6.90
CA CYS E 642 7.24 48.34 -7.81
C CYS E 642 7.04 47.00 -8.53
N PRO E 643 5.86 46.80 -9.13
CA PRO E 643 5.57 45.47 -9.72
C PRO E 643 6.54 45.02 -10.80
N SER E 644 7.13 45.94 -11.56
CA SER E 644 8.09 45.55 -12.59
C SER E 644 9.29 44.85 -11.97
N SER E 645 9.86 45.43 -10.91
CA SER E 645 10.99 44.81 -10.23
C SER E 645 10.56 43.53 -9.52
N SER E 646 9.37 43.53 -8.91
CA SER E 646 8.89 42.33 -8.21
C SER E 646 8.72 41.16 -9.17
N LYS E 647 8.31 41.44 -10.41
CA LYS E 647 8.14 40.39 -11.40
C LYS E 647 9.47 39.73 -11.72
N MET E 648 10.55 40.51 -11.82
CA MET E 648 11.86 39.96 -12.14
C MET E 648 12.32 38.99 -11.06
N ARG E 649 12.28 39.44 -9.79
CA ARG E 649 12.81 38.62 -8.70
C ARG E 649 12.12 37.27 -8.64
N GLN E 650 10.79 37.25 -8.81
CA GLN E 650 10.05 35.99 -8.80
C GLN E 650 10.55 35.07 -9.90
N ALA E 651 10.74 35.61 -11.11
CA ALA E 651 11.26 34.80 -12.20
C ALA E 651 12.63 34.25 -11.87
N LEU E 652 13.46 35.05 -11.19
CA LEU E 652 14.79 34.58 -10.80
C LEU E 652 14.70 33.34 -9.93
N GLU E 653 13.80 33.36 -8.94
CA GLU E 653 13.60 32.17 -8.13
C GLU E 653 13.05 31.01 -8.95
N LEU E 654 12.14 31.30 -9.89
CA LEU E 654 11.58 30.24 -10.74
C LEU E 654 12.66 29.60 -11.60
N VAL E 655 13.56 30.41 -12.16
CA VAL E 655 14.59 29.88 -13.03
C VAL E 655 15.53 28.98 -12.24
N ARG E 656 15.92 29.42 -11.04
CA ARG E 656 16.86 28.64 -10.23
C ARG E 656 16.28 27.29 -9.83
N GLU E 657 14.96 27.24 -9.62
CA GLU E 657 14.33 25.97 -9.24
C GLU E 657 14.19 25.02 -10.42
N ARG E 658 14.01 25.54 -11.64
CA ARG E 658 13.86 24.69 -12.80
C ARG E 658 15.20 24.16 -13.30
N ALA E 659 16.25 24.97 -13.21
CA ALA E 659 17.59 24.56 -13.66
C ALA E 659 18.62 25.38 -12.89
N PRO E 660 19.21 24.82 -11.82
CA PRO E 660 20.13 25.62 -10.99
C PRO E 660 21.45 25.93 -11.68
N GLU E 661 21.80 25.20 -12.75
CA GLU E 661 23.12 25.31 -13.33
C GLU E 661 23.36 26.67 -13.98
N LEU E 662 22.30 27.33 -14.44
CA LEU E 662 22.46 28.57 -15.18
C LEU E 662 23.03 29.67 -14.29
N MET E 663 23.96 30.44 -14.83
CA MET E 663 24.52 31.59 -14.15
C MET E 663 23.63 32.80 -14.40
N ILE E 664 23.02 33.33 -13.34
CA ILE E 664 22.07 34.42 -13.49
C ILE E 664 21.95 35.15 -12.16
N ASP E 665 21.87 36.48 -12.22
CA ASP E 665 21.59 37.30 -11.06
C ASP E 665 20.76 38.49 -11.50
N GLY E 666 19.72 38.81 -10.72
CA GLY E 666 18.89 39.96 -10.97
C GLY E 666 18.28 40.42 -9.66
N GLU E 667 17.71 41.62 -9.69
CA GLU E 667 17.73 42.50 -10.85
C GLU E 667 18.97 43.36 -10.75
N MET E 668 19.29 44.11 -11.79
CA MET E 668 20.39 45.05 -11.71
C MET E 668 20.22 46.13 -12.75
N HIS E 669 20.91 47.24 -12.52
CA HIS E 669 21.03 48.28 -13.54
C HIS E 669 21.65 47.69 -14.80
N GLY E 670 21.44 48.38 -15.92
CA GLY E 670 22.03 47.93 -17.16
C GLY E 670 23.54 47.86 -17.10
N ASP E 671 24.17 48.91 -16.55
CA ASP E 671 25.62 48.95 -16.51
C ASP E 671 26.20 47.87 -15.62
N ALA E 672 25.53 47.52 -14.53
CA ALA E 672 26.06 46.51 -13.60
C ALA E 672 26.12 45.12 -14.22
N ALA E 673 25.49 44.89 -15.36
CA ALA E 673 25.55 43.59 -16.00
C ALA E 673 26.74 43.44 -16.94
N LEU E 674 27.40 44.54 -17.31
CA LEU E 674 28.50 44.51 -18.26
C LEU E 674 29.85 44.78 -17.61
N VAL E 675 29.95 45.81 -16.77
CA VAL E 675 31.17 46.13 -16.06
C VAL E 675 31.19 45.31 -14.78
N GLU E 676 32.06 44.30 -14.73
CA GLU E 676 32.15 43.47 -13.53
C GLU E 676 32.55 44.30 -12.31
N ALA E 677 33.26 45.42 -12.53
CA ALA E 677 33.67 46.25 -11.41
C ALA E 677 32.47 46.84 -10.69
N ILE E 678 31.46 47.30 -11.44
CA ILE E 678 30.30 47.94 -10.82
C ILE E 678 29.47 46.91 -10.06
N ARG E 679 29.29 45.72 -10.64
CA ARG E 679 28.46 44.71 -9.99
C ARG E 679 29.09 44.21 -8.69
N ASN E 680 30.41 44.01 -8.67
CA ASN E 680 31.05 43.52 -7.45
C ASN E 680 30.97 44.53 -6.31
N ASP E 681 30.82 45.81 -6.64
CA ASP E 681 30.71 46.82 -5.59
C ASP E 681 29.31 46.82 -4.97
N ARG E 682 28.27 46.65 -5.80
CA ARG E 682 26.92 46.51 -5.26
C ARG E 682 26.67 45.12 -4.70
N MET E 683 27.32 44.09 -5.24
CA MET E 683 27.04 42.71 -4.86
C MET E 683 28.35 41.91 -4.92
N PRO E 684 28.97 41.66 -3.77
CA PRO E 684 30.22 40.89 -3.77
C PRO E 684 30.02 39.45 -4.20
N ASP E 685 29.11 38.75 -3.52
CA ASP E 685 28.91 37.32 -3.76
C ASP E 685 27.97 37.07 -4.94
N SER E 686 27.92 37.99 -5.90
CA SER E 686 27.11 37.79 -7.08
C SER E 686 27.56 36.54 -7.83
N SER E 687 26.60 35.68 -8.16
CA SER E 687 26.94 34.49 -8.94
C SER E 687 27.35 34.86 -10.37
N LEU E 688 26.89 36.00 -10.87
CA LEU E 688 27.31 36.47 -12.18
C LEU E 688 28.77 36.91 -12.14
N LYS E 689 29.57 36.39 -13.05
CA LYS E 689 31.01 36.68 -13.10
C LYS E 689 31.35 37.27 -14.46
N GLY E 690 31.82 38.51 -14.47
CA GLY E 690 32.21 39.16 -15.70
C GLY E 690 31.04 39.81 -16.41
N SER E 691 31.35 40.30 -17.62
CA SER E 691 30.33 40.94 -18.45
C SER E 691 29.28 39.92 -18.86
N ALA E 692 28.00 40.29 -18.73
CA ALA E 692 26.91 39.40 -19.11
C ALA E 692 26.62 39.50 -20.59
N ASN E 693 26.11 38.40 -21.16
CA ASN E 693 25.83 38.32 -22.58
C ASN E 693 24.36 38.07 -22.90
N ILE E 694 23.55 37.66 -21.95
CA ILE E 694 22.10 37.51 -22.13
C ILE E 694 21.43 38.50 -21.19
N LEU E 695 20.94 39.60 -21.75
CA LEU E 695 20.19 40.60 -20.99
C LEU E 695 18.71 40.37 -21.21
N VAL E 696 17.98 40.14 -20.13
CA VAL E 696 16.53 39.94 -20.18
C VAL E 696 15.85 41.25 -19.80
N MET E 697 14.74 41.56 -20.46
CA MET E 697 14.10 42.86 -20.27
C MET E 697 12.75 42.72 -19.57
N PRO E 698 12.34 43.74 -18.81
CA PRO E 698 11.04 43.65 -18.12
C PRO E 698 9.85 43.82 -19.05
N ASN E 699 9.99 44.61 -20.11
CA ASN E 699 8.91 44.79 -21.07
C ASN E 699 9.51 45.11 -22.43
N MET E 700 8.74 44.78 -23.48
CA MET E 700 9.26 44.87 -24.84
C MET E 700 9.74 46.27 -25.19
N GLU E 701 9.05 47.30 -24.68
CA GLU E 701 9.43 48.67 -25.02
C GLU E 701 10.86 48.97 -24.59
N ALA E 702 11.24 48.56 -23.38
CA ALA E 702 12.63 48.73 -22.97
C ALA E 702 13.57 47.95 -23.87
N ALA E 703 13.17 46.74 -24.26
CA ALA E 703 14.01 45.94 -25.15
C ALA E 703 14.16 46.58 -26.51
N ARG E 704 13.04 46.78 -27.21
CA ARG E 704 13.09 47.28 -28.57
C ARG E 704 13.76 48.65 -28.64
N ILE E 705 13.68 49.45 -27.57
CA ILE E 705 14.36 50.73 -27.57
C ILE E 705 15.85 50.56 -27.28
N SER E 706 16.20 49.61 -26.41
CA SER E 706 17.60 49.33 -26.14
C SER E 706 18.30 48.78 -27.39
N TYR E 707 17.75 47.71 -27.97
CA TYR E 707 18.39 47.09 -29.12
C TYR E 707 18.47 48.05 -30.29
N ASN E 708 17.42 48.83 -30.53
CA ASN E 708 17.45 49.78 -31.64
C ASN E 708 18.48 50.87 -31.42
N LEU E 709 18.69 51.27 -30.17
CA LEU E 709 19.69 52.30 -29.91
C LEU E 709 21.11 51.75 -29.98
N LEU E 710 21.30 50.49 -29.58
CA LEU E 710 22.65 49.92 -29.58
C LEU E 710 23.10 49.48 -30.97
N ARG E 711 22.18 49.06 -31.83
CA ARG E 711 22.56 48.59 -33.16
C ARG E 711 23.26 49.69 -33.95
N VAL E 712 22.93 50.95 -33.69
CA VAL E 712 23.62 52.06 -34.34
C VAL E 712 24.72 52.63 -33.46
N SER E 713 24.81 52.22 -32.20
CA SER E 713 25.91 52.64 -31.34
C SER E 713 27.03 51.62 -31.27
N SER E 714 26.90 50.47 -31.94
CA SER E 714 27.96 49.48 -32.03
C SER E 714 28.64 49.50 -33.39
N SER E 715 27.86 49.54 -34.47
CA SER E 715 28.34 49.62 -35.85
C SER E 715 29.33 48.48 -36.15
N GLU E 716 28.77 47.27 -36.20
CA GLU E 716 29.57 46.06 -36.34
C GLU E 716 28.84 45.11 -37.29
N GLY E 717 29.43 43.93 -37.51
CA GLY E 717 28.76 42.90 -38.28
C GLY E 717 27.43 42.54 -37.68
N VAL E 718 26.49 42.13 -38.54
CA VAL E 718 25.11 42.00 -38.10
C VAL E 718 24.91 40.80 -37.18
N THR E 719 25.73 39.76 -37.31
CA THR E 719 25.61 38.51 -36.55
C THR E 719 24.24 37.91 -36.84
N VAL E 720 23.34 37.77 -35.85
CA VAL E 720 22.00 37.22 -36.08
C VAL E 720 20.95 38.28 -35.75
N GLY E 721 19.78 38.11 -36.36
CA GLY E 721 18.65 38.98 -36.12
C GLY E 721 17.61 38.32 -35.23
N PRO E 722 16.34 38.73 -35.37
CA PRO E 722 15.29 38.22 -34.47
C PRO E 722 15.15 36.71 -34.48
N VAL E 723 15.58 36.06 -33.40
CA VAL E 723 15.58 34.60 -33.31
C VAL E 723 14.29 34.19 -32.60
N LEU E 724 13.42 33.48 -33.31
CA LEU E 724 12.17 33.01 -32.73
C LEU E 724 12.42 31.75 -31.92
N MET E 725 11.99 31.78 -30.66
CA MET E 725 12.17 30.68 -29.72
C MET E 725 10.82 30.24 -29.19
N GLY E 726 10.62 28.91 -29.13
CA GLY E 726 9.40 28.33 -28.60
C GLY E 726 8.49 27.72 -29.66
N VAL E 727 8.68 28.08 -30.93
CA VAL E 727 7.85 27.52 -31.97
C VAL E 727 8.25 26.08 -32.24
N ALA E 728 7.26 25.25 -32.60
CA ALA E 728 7.54 23.84 -32.82
C ALA E 728 8.39 23.61 -34.06
N LYS E 729 8.19 24.40 -35.10
CA LYS E 729 8.92 24.20 -36.35
C LYS E 729 10.02 25.24 -36.48
N PRO E 730 11.10 24.93 -37.25
CA PRO E 730 12.22 25.87 -37.36
C PRO E 730 11.89 27.11 -38.20
N VAL E 731 11.50 28.19 -37.54
CA VAL E 731 10.98 29.39 -38.19
C VAL E 731 11.59 30.61 -37.53
N HIS E 732 11.71 31.68 -38.31
CA HIS E 732 12.16 32.97 -37.81
C HIS E 732 11.48 34.06 -38.61
N VAL E 733 11.30 35.22 -37.98
CA VAL E 733 10.70 36.38 -38.62
C VAL E 733 11.65 37.56 -38.46
N LEU E 734 11.85 38.28 -39.56
CA LEU E 734 12.77 39.40 -39.58
C LEU E 734 11.99 40.70 -39.68
N THR E 735 12.73 41.79 -39.85
CA THR E 735 12.21 43.13 -39.97
C THR E 735 12.46 43.69 -41.36
N PRO E 736 11.66 44.65 -41.83
CA PRO E 736 11.94 45.27 -43.13
C PRO E 736 13.31 45.92 -43.22
N ILE E 737 13.87 46.41 -42.10
CA ILE E 737 15.20 47.01 -42.13
C ILE E 737 16.31 45.97 -42.15
N ALA E 738 15.97 44.68 -42.15
CA ALA E 738 16.97 43.63 -42.13
C ALA E 738 17.84 43.69 -43.38
N SER E 739 19.15 43.61 -43.18
CA SER E 739 20.11 43.65 -44.27
C SER E 739 20.17 42.29 -44.98
N VAL E 740 20.96 42.22 -46.06
CA VAL E 740 21.07 40.96 -46.78
C VAL E 740 21.91 39.97 -45.98
N ARG E 741 22.98 40.45 -45.34
CA ARG E 741 23.79 39.59 -44.48
C ARG E 741 22.95 38.96 -43.38
N ARG E 742 22.03 39.75 -42.79
CA ARG E 742 21.15 39.21 -41.77
C ARG E 742 20.28 38.09 -42.32
N ILE E 743 19.71 38.28 -43.51
CA ILE E 743 18.91 37.23 -44.13
C ILE E 743 19.77 36.01 -44.42
N VAL E 744 20.97 36.23 -44.94
CA VAL E 744 21.89 35.12 -45.18
C VAL E 744 22.17 34.38 -43.88
N ASN E 745 22.61 35.11 -42.85
CA ASN E 745 22.93 34.49 -41.58
C ASN E 745 21.71 33.76 -41.00
N MET E 746 20.53 34.38 -41.10
CA MET E 746 19.35 33.81 -40.46
C MET E 746 18.85 32.58 -41.20
N VAL E 747 18.89 32.59 -42.54
CA VAL E 747 18.53 31.39 -43.30
C VAL E 747 19.45 30.25 -42.91
N ALA E 748 20.75 30.53 -42.75
CA ALA E 748 21.69 29.53 -42.29
C ALA E 748 21.28 28.97 -40.93
N LEU E 749 21.07 29.85 -39.95
CA LEU E 749 20.66 29.44 -38.62
C LEU E 749 19.51 28.45 -38.66
N ALA E 750 18.56 28.67 -39.56
CA ALA E 750 17.38 27.81 -39.65
C ALA E 750 17.71 26.45 -40.22
N VAL E 751 18.51 26.42 -41.30
CA VAL E 751 18.96 25.15 -41.87
C VAL E 751 19.63 24.31 -40.80
N VAL E 752 20.41 24.96 -39.95
CA VAL E 752 21.14 24.26 -38.89
C VAL E 752 20.16 23.71 -37.86
N GLU E 753 19.07 24.43 -37.62
CA GLU E 753 18.04 23.92 -36.72
C GLU E 753 17.33 22.71 -37.29
N ALA E 754 17.20 22.64 -38.62
CA ALA E 754 16.43 21.58 -39.25
C ALA E 754 17.15 20.24 -39.26
N GLN E 755 18.46 20.22 -39.00
CA GLN E 755 19.19 18.96 -39.01
C GLN E 755 18.70 18.03 -37.92
N THR E 756 18.18 18.57 -36.82
CA THR E 756 17.78 17.80 -35.66
C THR E 756 16.26 17.77 -35.52
N GLN E 757 15.78 16.77 -34.79
CA GLN E 757 14.36 16.63 -34.47
C GLN E 757 14.16 16.04 -33.08
N ASP F 2 50.68 72.97 -13.62
CA ASP F 2 50.15 72.34 -12.41
C ASP F 2 50.67 70.90 -12.29
N ASP F 3 51.22 70.59 -11.12
CA ASP F 3 51.72 69.24 -10.85
C ASP F 3 50.63 68.27 -10.43
N GLN F 4 49.42 68.77 -10.15
CA GLN F 4 48.29 67.89 -9.90
C GLN F 4 47.64 67.46 -11.22
N LEU F 5 47.55 68.38 -12.19
CA LEU F 5 47.08 68.02 -13.52
C LEU F 5 48.16 67.31 -14.33
N LYS F 6 49.45 67.60 -14.06
CA LYS F 6 50.52 66.88 -14.72
C LYS F 6 50.49 65.39 -14.36
N GLN F 7 50.25 65.09 -13.08
CA GLN F 7 50.04 63.71 -12.68
C GLN F 7 48.76 63.15 -13.30
N SER F 8 47.76 64.00 -13.50
CA SER F 8 46.51 63.56 -14.13
C SER F 8 46.70 63.21 -15.59
N ALA F 9 47.68 63.83 -16.25
CA ALA F 9 47.95 63.50 -17.65
C ALA F 9 48.64 62.15 -17.76
N LEU F 10 49.51 61.82 -16.80
CA LEU F 10 50.20 60.54 -16.83
C LEU F 10 49.25 59.37 -16.66
N ASP F 11 48.20 59.55 -15.86
CA ASP F 11 47.18 58.51 -15.75
C ASP F 11 46.21 58.52 -16.92
N PHE F 12 46.10 59.64 -17.63
CA PHE F 12 45.26 59.69 -18.82
C PHE F 12 45.85 58.85 -19.96
N HIS F 13 47.18 58.77 -20.03
CA HIS F 13 47.82 57.99 -21.10
C HIS F 13 47.86 56.51 -20.78
N GLU F 14 47.90 56.14 -19.50
CA GLU F 14 48.04 54.75 -19.09
C GLU F 14 46.71 54.08 -18.79
N PHE F 15 45.75 54.80 -18.21
CA PHE F 15 44.47 54.23 -17.85
C PHE F 15 43.37 54.69 -18.80
N PRO F 16 42.41 53.81 -19.15
CA PRO F 16 42.26 52.44 -18.64
C PRO F 16 43.24 51.43 -19.25
N VAL F 17 43.59 51.61 -20.51
CA VAL F 17 44.50 50.70 -21.20
C VAL F 17 45.63 51.53 -21.79
N PRO F 18 46.88 51.06 -21.71
CA PRO F 18 48.00 51.83 -22.24
C PRO F 18 47.80 52.22 -23.70
N GLY F 19 48.21 53.43 -24.03
CA GLY F 19 48.16 53.95 -25.38
C GLY F 19 47.04 54.97 -25.56
N LYS F 20 46.94 55.47 -26.79
CA LYS F 20 45.91 56.43 -27.16
C LYS F 20 45.24 56.15 -28.50
N ILE F 21 45.71 55.16 -29.26
CA ILE F 21 45.09 54.80 -30.54
C ILE F 21 45.09 53.28 -30.68
N GLN F 22 44.06 52.76 -31.36
CA GLN F 22 44.03 51.36 -31.75
C GLN F 22 43.67 51.29 -33.23
N VAL F 23 43.86 50.11 -33.80
CA VAL F 23 43.48 49.84 -35.18
C VAL F 23 42.19 49.02 -35.16
N SER F 24 41.16 49.54 -35.83
CA SER F 24 39.84 48.94 -35.82
C SER F 24 39.45 48.51 -37.22
N PRO F 25 39.09 47.24 -37.43
CA PRO F 25 38.65 46.80 -38.75
C PRO F 25 37.30 47.41 -39.12
N THR F 26 37.23 47.93 -40.34
CA THR F 26 35.97 48.50 -40.82
C THR F 26 35.03 47.40 -41.33
N LYS F 27 35.56 46.45 -42.12
CA LYS F 27 34.75 45.37 -42.65
C LYS F 27 34.65 44.24 -41.63
N PRO F 28 33.49 43.60 -41.50
CA PRO F 28 33.34 42.50 -40.55
C PRO F 28 33.88 41.19 -41.10
N LEU F 29 34.31 40.33 -40.16
CA LEU F 29 34.73 38.96 -40.45
C LEU F 29 34.09 38.05 -39.42
N ALA F 30 33.27 37.11 -39.87
CA ALA F 30 32.56 36.22 -38.93
C ALA F 30 32.49 34.77 -39.35
N THR F 31 32.61 34.44 -40.63
CA THR F 31 32.49 33.06 -41.12
C THR F 31 33.79 32.65 -41.81
N GLN F 32 33.77 31.46 -42.42
CA GLN F 32 34.89 31.05 -43.26
C GLN F 32 34.89 31.78 -44.59
N ARG F 33 33.72 32.17 -45.10
CA ARG F 33 33.69 32.92 -46.35
C ARG F 33 34.20 34.35 -46.15
N ASP F 34 33.94 34.94 -44.98
CA ASP F 34 34.43 36.29 -44.71
C ASP F 34 35.95 36.34 -44.69
N LEU F 35 36.60 35.30 -44.17
CA LEU F 35 38.05 35.24 -44.19
C LEU F 35 38.57 35.02 -45.59
N ALA F 36 37.91 34.16 -46.37
CA ALA F 36 38.34 33.89 -47.73
C ALA F 36 38.25 35.13 -48.63
N LEU F 37 37.34 36.05 -48.31
CA LEU F 37 37.26 37.32 -49.05
C LEU F 37 38.26 38.34 -48.53
N ALA F 38 38.53 38.33 -47.21
CA ALA F 38 39.45 39.30 -46.62
C ALA F 38 40.90 38.94 -46.87
N TYR F 39 41.25 37.65 -46.75
CA TYR F 39 42.61 37.22 -47.04
C TYR F 39 42.63 36.31 -48.25
N SER F 40 43.33 35.18 -48.16
CA SER F 40 43.40 34.38 -49.37
C SER F 40 42.16 33.47 -49.50
N PRO F 41 41.66 33.28 -50.72
CA PRO F 41 42.16 33.82 -51.99
C PRO F 41 41.47 35.08 -52.51
N GLY F 42 40.46 35.56 -51.79
CA GLY F 42 39.67 36.67 -52.27
C GLY F 42 40.44 37.97 -52.39
N VAL F 43 41.37 38.23 -51.47
CA VAL F 43 42.11 39.49 -51.49
C VAL F 43 43.00 39.63 -52.73
N ALA F 44 43.23 38.54 -53.45
CA ALA F 44 44.06 38.61 -54.64
C ALA F 44 43.47 39.53 -55.70
N ALA F 45 42.14 39.58 -55.79
CA ALA F 45 41.52 40.39 -56.83
C ALA F 45 41.75 41.88 -56.63
N PRO F 46 41.53 42.47 -55.45
CA PRO F 46 41.85 43.90 -55.30
C PRO F 46 43.32 44.19 -55.51
N CYS F 47 44.20 43.27 -55.11
CA CYS F 47 45.63 43.47 -55.34
C CYS F 47 45.94 43.50 -56.83
N LEU F 48 45.45 42.50 -57.58
CA LEU F 48 45.67 42.48 -59.02
C LEU F 48 44.99 43.65 -59.73
N GLU F 49 44.06 44.33 -59.07
CA GLU F 49 43.45 45.54 -59.59
C GLU F 49 44.23 46.79 -59.22
N ILE F 50 45.01 46.76 -58.14
CA ILE F 50 45.91 47.87 -57.87
C ILE F 50 47.20 47.70 -58.68
N GLU F 51 47.60 46.46 -58.94
CA GLU F 51 48.78 46.22 -59.78
C GLU F 51 48.55 46.72 -61.20
N LYS F 52 47.38 46.44 -61.76
CA LYS F 52 47.00 46.91 -63.09
C LYS F 52 46.57 48.37 -63.10
N ASP F 53 46.26 48.94 -61.95
CA ASP F 53 45.78 50.32 -61.86
C ASP F 53 46.15 50.87 -60.48
N PRO F 54 47.37 51.39 -60.33
CA PRO F 54 47.79 51.87 -59.00
C PRO F 54 47.00 53.06 -58.51
N LEU F 55 46.32 53.78 -59.40
CA LEU F 55 45.51 54.92 -58.97
C LEU F 55 44.27 54.48 -58.21
N LYS F 56 43.85 53.23 -58.36
CA LYS F 56 42.71 52.69 -57.62
C LYS F 56 43.10 52.21 -56.21
N ALA F 57 44.30 52.56 -55.74
CA ALA F 57 44.72 52.14 -54.40
C ALA F 57 43.83 52.75 -53.33
N TYR F 58 43.36 53.98 -53.53
CA TYR F 58 42.42 54.58 -52.60
C TYR F 58 41.08 53.88 -52.60
N LYS F 59 40.77 53.12 -53.66
CA LYS F 59 39.46 52.51 -53.81
C LYS F 59 39.28 51.26 -52.94
N TYR F 60 40.37 50.62 -52.51
CA TYR F 60 40.28 49.37 -51.78
C TYR F 60 41.10 49.34 -50.49
N THR F 61 41.83 50.41 -50.18
CA THR F 61 42.63 50.49 -48.96
C THR F 61 42.37 51.82 -48.27
N ALA F 62 43.00 52.01 -47.12
CA ALA F 62 42.88 53.24 -46.35
C ALA F 62 43.78 54.35 -46.87
N ARG F 63 44.40 54.16 -48.03
CA ARG F 63 45.34 55.16 -48.55
C ARG F 63 44.68 56.52 -48.72
N GLY F 64 43.45 56.54 -49.21
CA GLY F 64 42.76 57.81 -49.41
C GLY F 64 42.50 58.58 -48.12
N ASN F 65 42.70 57.94 -46.96
CA ASN F 65 42.43 58.57 -45.67
C ASN F 65 43.55 58.32 -44.67
N LEU F 66 44.78 58.11 -45.15
CA LEU F 66 45.89 57.77 -44.27
C LEU F 66 46.99 58.81 -44.41
N VAL F 67 47.42 59.37 -43.27
CA VAL F 67 48.48 60.35 -43.21
C VAL F 67 49.44 59.95 -42.09
N ALA F 68 50.74 60.09 -42.32
CA ALA F 68 51.75 59.69 -41.36
C ALA F 68 52.36 60.92 -40.69
N VAL F 69 52.34 60.93 -39.36
CA VAL F 69 53.04 61.95 -38.58
C VAL F 69 54.40 61.38 -38.21
N ILE F 70 55.45 61.95 -38.78
CA ILE F 70 56.81 61.43 -38.64
C ILE F 70 57.67 62.44 -37.89
N SER F 71 58.50 61.95 -36.99
CA SER F 71 59.44 62.78 -36.25
C SER F 71 60.70 61.99 -35.96
N ASN F 72 61.81 62.71 -35.90
CA ASN F 72 63.09 62.16 -35.45
C ASN F 72 63.36 62.43 -33.98
N GLY F 73 62.49 63.19 -33.31
CA GLY F 73 62.63 63.45 -31.89
C GLY F 73 63.61 64.54 -31.51
N THR F 74 64.01 65.39 -32.46
CA THR F 74 65.01 66.41 -32.18
C THR F 74 64.43 67.69 -31.59
N ALA F 75 63.14 67.96 -31.78
CA ALA F 75 62.56 69.21 -31.31
C ALA F 75 61.08 69.01 -30.96
N VAL F 76 60.82 68.10 -30.03
CA VAL F 76 59.44 67.80 -29.61
C VAL F 76 58.90 68.98 -28.82
N LEU F 77 57.92 69.67 -29.39
CA LEU F 77 57.25 70.83 -28.77
C LEU F 77 58.35 71.84 -28.41
N GLY F 78 58.42 72.34 -27.18
CA GLY F 78 59.56 73.08 -26.70
C GLY F 78 60.52 72.25 -25.88
N LEU F 79 60.32 70.93 -25.80
CA LEU F 79 61.17 70.09 -24.95
C LEU F 79 62.56 69.88 -25.55
N GLY F 80 62.69 70.00 -26.87
CA GLY F 80 63.96 69.77 -27.52
C GLY F 80 64.15 68.31 -27.90
N ASN F 81 65.41 67.91 -28.01
CA ASN F 81 65.76 66.55 -28.39
C ASN F 81 65.66 65.64 -27.17
N ILE F 82 64.52 64.95 -27.04
CA ILE F 82 64.32 63.98 -25.97
C ILE F 82 64.45 62.55 -26.49
N GLY F 83 64.92 62.37 -27.72
CA GLY F 83 64.97 61.06 -28.34
C GLY F 83 63.73 60.77 -29.17
N ALA F 84 63.87 59.81 -30.08
CA ALA F 84 62.76 59.47 -30.96
C ALA F 84 61.63 58.81 -30.20
N LEU F 85 61.95 57.87 -29.30
CA LEU F 85 60.91 57.13 -28.59
C LEU F 85 60.06 58.02 -27.69
N ALA F 86 60.66 59.06 -27.10
CA ALA F 86 59.90 59.92 -26.19
C ALA F 86 58.84 60.73 -26.92
N GLY F 87 59.08 61.08 -28.19
CA GLY F 87 58.11 61.86 -28.92
C GLY F 87 56.87 61.10 -29.34
N LYS F 88 56.84 59.79 -29.13
CA LYS F 88 55.71 58.99 -29.58
C LYS F 88 54.37 59.46 -29.00
N PRO F 89 54.26 59.78 -27.71
CA PRO F 89 52.96 60.32 -27.23
C PRO F 89 52.56 61.61 -27.92
N VAL F 90 53.51 62.48 -28.26
CA VAL F 90 53.16 63.71 -28.96
C VAL F 90 52.64 63.38 -30.36
N MET F 91 53.27 62.42 -31.04
CA MET F 91 52.77 61.98 -32.34
C MET F 91 51.40 61.32 -32.20
N GLU F 92 51.22 60.49 -31.16
CA GLU F 92 49.91 59.89 -30.92
C GLU F 92 48.86 60.96 -30.64
N GLY F 93 49.22 62.01 -29.90
CA GLY F 93 48.30 63.11 -29.67
C GLY F 93 47.94 63.84 -30.94
N LYS F 94 48.94 64.06 -31.81
CA LYS F 94 48.68 64.60 -33.14
C LYS F 94 47.64 63.76 -33.87
N GLY F 95 47.74 62.44 -33.76
CA GLY F 95 46.81 61.57 -34.44
C GLY F 95 45.42 61.59 -33.86
N VAL F 96 45.32 61.76 -32.54
CA VAL F 96 44.02 61.93 -31.90
C VAL F 96 43.34 63.19 -32.43
N LEU F 97 44.10 64.27 -32.57
CA LEU F 97 43.53 65.53 -33.05
C LEU F 97 43.05 65.39 -34.49
N PHE F 98 43.76 64.62 -35.31
CA PHE F 98 43.39 64.47 -36.72
C PHE F 98 42.02 63.82 -36.84
N LYS F 99 41.82 62.71 -36.14
CA LYS F 99 40.56 61.98 -36.23
C LYS F 99 39.39 62.83 -35.71
N LYS F 100 39.64 63.64 -34.67
CA LYS F 100 38.58 64.44 -34.08
C LYS F 100 38.03 65.47 -35.05
N PHE F 101 38.92 66.27 -35.65
CA PHE F 101 38.52 67.41 -36.44
C PHE F 101 38.49 67.14 -37.94
N ALA F 102 39.41 66.32 -38.45
CA ALA F 102 39.49 66.06 -39.88
C ALA F 102 39.02 64.67 -40.28
N GLY F 103 38.86 63.75 -39.33
CA GLY F 103 38.46 62.40 -39.68
C GLY F 103 39.46 61.69 -40.56
N ILE F 104 40.75 61.86 -40.29
CA ILE F 104 41.82 61.30 -41.10
C ILE F 104 42.55 60.25 -40.27
N ASP F 105 42.59 59.02 -40.78
CA ASP F 105 43.38 57.97 -40.14
C ASP F 105 44.86 58.34 -40.20
N VAL F 106 45.58 58.05 -39.12
CA VAL F 106 46.92 58.58 -38.89
C VAL F 106 47.79 57.56 -38.20
N PHE F 107 48.96 57.30 -38.76
CA PHE F 107 49.97 56.42 -38.18
C PHE F 107 51.09 57.28 -37.62
N ASP F 108 51.40 57.11 -36.34
CA ASP F 108 52.57 57.75 -35.77
C ASP F 108 53.84 57.00 -36.19
N ILE F 109 54.86 57.76 -36.58
CA ILE F 109 56.11 57.21 -37.08
C ILE F 109 57.28 57.91 -36.39
N GLU F 110 58.20 57.12 -35.86
CA GLU F 110 59.36 57.63 -35.12
C GLU F 110 60.63 57.02 -35.71
N VAL F 111 61.58 57.87 -36.06
CA VAL F 111 62.81 57.46 -36.76
C VAL F 111 63.99 57.62 -35.82
N ASP F 112 64.76 56.53 -35.66
CA ASP F 112 65.93 56.55 -34.78
C ASP F 112 67.06 57.38 -35.38
N GLU F 113 67.22 57.32 -36.69
CA GLU F 113 68.35 57.98 -37.35
C GLU F 113 68.20 59.49 -37.29
N LEU F 114 69.32 60.18 -37.03
CA LEU F 114 69.36 61.64 -37.03
C LEU F 114 70.03 62.23 -38.25
N ASP F 115 70.61 61.40 -39.12
CA ASP F 115 71.27 61.92 -40.33
C ASP F 115 70.22 62.40 -41.32
N PRO F 116 70.37 63.59 -41.90
CA PRO F 116 69.33 64.12 -42.79
C PRO F 116 69.08 63.27 -44.03
N ASP F 117 70.13 62.75 -44.65
CA ASP F 117 69.96 61.98 -45.88
C ASP F 117 69.29 60.64 -45.61
N LYS F 118 69.71 59.94 -44.56
CA LYS F 118 69.06 58.68 -44.21
C LYS F 118 67.62 58.89 -43.81
N PHE F 119 67.33 60.00 -43.12
CA PHE F 119 65.95 60.34 -42.77
C PHE F 119 65.07 60.43 -44.00
N ILE F 120 65.57 61.10 -45.05
CA ILE F 120 64.78 61.25 -46.27
C ILE F 120 64.53 59.90 -46.93
N GLU F 121 65.53 59.02 -46.90
CA GLU F 121 65.38 57.70 -47.52
C GLU F 121 64.26 56.90 -46.86
N VAL F 122 64.14 57.00 -45.54
CA VAL F 122 63.10 56.26 -44.83
C VAL F 122 61.72 56.72 -45.28
N VAL F 123 61.52 58.04 -45.36
CA VAL F 123 60.22 58.58 -45.72
C VAL F 123 59.84 58.19 -47.14
N ALA F 124 60.79 58.24 -48.07
CA ALA F 124 60.49 57.88 -49.45
C ALA F 124 60.07 56.42 -49.56
N ALA F 125 60.67 55.54 -48.76
CA ALA F 125 60.28 54.13 -48.76
C ALA F 125 58.87 53.94 -48.24
N LEU F 126 58.38 54.89 -47.45
CA LEU F 126 57.04 54.80 -46.88
C LEU F 126 55.98 55.48 -47.73
N GLU F 127 56.32 55.85 -48.97
CA GLU F 127 55.37 56.57 -49.82
C GLU F 127 54.17 55.71 -50.22
N PRO F 128 54.35 54.43 -50.62
CA PRO F 128 53.16 53.61 -50.93
C PRO F 128 52.24 53.41 -49.74
N THR F 129 52.80 53.28 -48.54
CA THR F 129 52.01 53.03 -47.35
C THR F 129 50.98 54.14 -47.12
N PHE F 130 51.46 55.37 -47.01
CA PHE F 130 50.63 56.48 -46.57
C PHE F 130 50.17 57.32 -47.75
N GLY F 131 48.90 57.73 -47.74
CA GLY F 131 48.43 58.72 -48.69
C GLY F 131 48.97 60.11 -48.41
N GLY F 132 49.47 60.35 -47.21
CA GLY F 132 50.03 61.65 -46.87
C GLY F 132 51.11 61.52 -45.83
N ILE F 133 51.92 62.57 -45.72
CA ILE F 133 53.06 62.63 -44.81
C ILE F 133 53.02 63.94 -44.06
N ASN F 134 53.02 63.86 -42.73
CA ASN F 134 53.09 65.04 -41.87
C ASN F 134 54.42 65.06 -41.13
N LEU F 135 55.15 66.16 -41.26
CA LEU F 135 56.44 66.32 -40.60
C LEU F 135 56.26 67.14 -39.33
N GLU F 136 56.85 66.66 -38.24
CA GLU F 136 56.66 67.29 -36.94
C GLU F 136 57.95 67.15 -36.13
N ASP F 137 58.33 68.22 -35.44
CA ASP F 137 59.41 68.22 -34.46
C ASP F 137 60.74 67.76 -35.09
N ILE F 138 61.16 68.50 -36.11
CA ILE F 138 62.42 68.25 -36.80
C ILE F 138 63.40 69.36 -36.42
N LYS F 139 64.67 68.99 -36.26
CA LYS F 139 65.67 69.95 -35.80
C LYS F 139 65.87 71.07 -36.80
N ALA F 140 66.17 72.26 -36.28
CA ALA F 140 66.52 73.39 -37.12
C ALA F 140 68.02 73.37 -37.41
N PRO F 141 68.45 73.77 -38.62
CA PRO F 141 67.57 74.09 -39.75
C PRO F 141 67.51 72.97 -40.78
N GLU F 142 67.87 71.75 -40.36
CA GLU F 142 67.86 70.60 -41.27
C GLU F 142 66.48 70.33 -41.85
N CYS F 143 65.43 70.84 -41.20
CA CYS F 143 64.07 70.57 -41.64
C CYS F 143 63.80 71.11 -43.03
N PHE F 144 64.19 72.37 -43.27
CA PHE F 144 63.95 73.01 -44.56
C PHE F 144 64.45 72.14 -45.71
N TYR F 145 65.67 71.62 -45.58
CA TYR F 145 66.26 70.81 -46.64
C TYR F 145 65.56 69.47 -46.78
N ILE F 146 65.16 68.87 -45.66
CA ILE F 146 64.46 67.58 -45.70
C ILE F 146 63.12 67.75 -46.43
N GLU F 147 62.37 68.79 -46.07
CA GLU F 147 61.05 68.99 -46.67
C GLU F 147 61.15 69.26 -48.17
N GLN F 148 62.11 70.10 -48.59
CA GLN F 148 62.23 70.43 -50.01
C GLN F 148 62.43 69.18 -50.85
N LYS F 149 63.32 68.29 -50.42
CA LYS F 149 63.58 67.07 -51.18
C LYS F 149 62.36 66.15 -51.16
N LEU F 150 61.64 66.12 -50.04
CA LEU F 150 60.57 65.14 -49.86
C LEU F 150 59.40 65.42 -50.78
N ARG F 151 58.96 66.68 -50.86
CA ARG F 151 57.79 67.01 -51.68
C ARG F 151 58.03 66.66 -53.14
N GLU F 152 59.24 66.91 -53.65
CA GLU F 152 59.57 66.55 -55.02
C GLU F 152 59.71 65.05 -55.18
N ARG F 153 60.48 64.40 -54.29
CA ARG F 153 60.76 62.98 -54.44
C ARG F 153 59.51 62.13 -54.36
N MET F 154 58.52 62.53 -53.57
CA MET F 154 57.35 61.71 -53.30
C MET F 154 56.10 62.31 -53.93
N ASN F 155 55.33 61.44 -54.58
CA ASN F 155 54.06 61.79 -55.20
C ASN F 155 52.92 61.91 -54.20
N ILE F 156 53.23 61.96 -52.91
CA ILE F 156 52.23 62.18 -51.87
C ILE F 156 52.55 63.49 -51.16
N PRO F 157 51.57 64.19 -50.60
CA PRO F 157 51.85 65.50 -50.02
C PRO F 157 52.74 65.41 -48.80
N VAL F 158 53.69 66.34 -48.71
CA VAL F 158 54.60 66.45 -47.58
C VAL F 158 54.51 67.86 -47.03
N PHE F 159 54.30 67.97 -45.72
CA PHE F 159 53.96 69.23 -45.08
C PHE F 159 54.49 69.20 -43.65
N HIS F 160 55.10 70.31 -43.23
CA HIS F 160 55.62 70.44 -41.87
C HIS F 160 54.71 71.41 -41.11
N ASP F 161 54.08 70.91 -40.05
CA ASP F 161 53.05 71.69 -39.36
C ASP F 161 53.65 72.87 -38.60
N ASP F 162 54.77 72.65 -37.91
CA ASP F 162 55.42 73.74 -37.19
C ASP F 162 55.95 74.79 -38.16
N GLN F 163 56.45 74.37 -39.32
CA GLN F 163 57.03 75.30 -40.27
C GLN F 163 55.95 76.14 -40.95
N HIS F 164 54.94 75.49 -41.52
CA HIS F 164 53.97 76.18 -42.37
C HIS F 164 52.63 76.42 -41.69
N GLY F 165 52.22 75.57 -40.76
CA GLY F 165 50.91 75.72 -40.14
C GLY F 165 50.79 77.01 -39.34
N THR F 166 51.76 77.26 -38.44
CA THR F 166 51.74 78.49 -37.66
C THR F 166 51.84 79.72 -38.55
N ALA F 167 52.55 79.60 -39.68
CA ALA F 167 52.73 80.75 -40.56
C ALA F 167 51.45 81.07 -41.33
N ILE F 168 50.74 80.04 -41.79
CA ILE F 168 49.48 80.26 -42.49
C ILE F 168 48.51 81.05 -41.62
N ILE F 169 48.49 80.74 -40.32
CA ILE F 169 47.63 81.47 -39.39
C ILE F 169 48.08 82.93 -39.27
N SER F 170 49.40 83.14 -39.11
CA SER F 170 49.90 84.49 -38.92
C SER F 170 49.71 85.34 -40.17
N THR F 171 49.92 84.76 -41.35
CA THR F 171 49.73 85.50 -42.59
C THR F 171 48.27 85.91 -42.77
N ALA F 172 47.35 85.01 -42.47
CA ALA F 172 45.93 85.37 -42.47
C ALA F 172 45.64 86.44 -41.42
N ALA F 173 46.32 86.35 -40.26
CA ALA F 173 46.16 87.37 -39.24
C ALA F 173 46.72 88.71 -39.67
N ILE F 174 47.75 88.71 -40.51
CA ILE F 174 48.31 89.96 -41.01
C ILE F 174 47.31 90.65 -41.94
N LEU F 175 46.64 89.88 -42.80
CA LEU F 175 45.67 90.47 -43.73
C LEU F 175 44.48 91.07 -42.99
N ASN F 176 44.03 90.41 -41.92
CA ASN F 176 42.94 90.96 -41.12
C ASN F 176 43.39 92.20 -40.35
N GLY F 177 44.64 92.20 -39.86
CA GLY F 177 45.16 93.38 -39.21
C GLY F 177 45.29 94.56 -40.14
N LEU F 178 45.51 94.31 -41.43
CA LEU F 178 45.53 95.38 -42.41
C LEU F 178 44.16 96.02 -42.57
N ARG F 179 43.10 95.20 -42.48
CA ARG F 179 41.74 95.75 -42.50
C ARG F 179 41.43 96.50 -41.21
N VAL F 180 42.06 96.11 -40.10
CA VAL F 180 41.81 96.77 -38.83
C VAL F 180 42.52 98.12 -38.77
N VAL F 181 43.80 98.16 -39.14
CA VAL F 181 44.53 99.42 -39.14
C VAL F 181 44.02 100.38 -40.20
N GLU F 182 43.36 99.88 -41.24
CA GLU F 182 42.80 100.71 -42.31
C GLU F 182 43.83 101.65 -42.93
N ASN F 184 47.22 98.84 -46.83
CA ASN F 184 47.89 98.31 -48.02
C ASN F 184 49.14 97.53 -47.61
N ILE F 185 49.28 96.31 -48.15
CA ILE F 185 50.35 95.42 -47.70
C ILE F 185 51.71 95.92 -48.19
N SER F 186 51.76 96.46 -49.41
CA SER F 186 53.05 96.88 -49.96
C SER F 186 53.63 98.07 -49.20
N ASP F 187 52.78 98.85 -48.52
CA ASP F 187 53.20 100.10 -47.90
C ASP F 187 53.49 99.97 -46.41
N VAL F 188 53.32 98.79 -45.82
CA VAL F 188 53.52 98.60 -44.38
C VAL F 188 54.88 97.95 -44.16
N ARG F 189 55.67 98.55 -43.27
CA ARG F 189 56.97 98.01 -42.88
C ARG F 189 56.79 96.85 -41.90
N MET F 190 57.69 95.88 -41.98
CA MET F 190 57.66 94.72 -41.10
C MET F 190 59.04 94.47 -40.52
N VAL F 191 59.06 93.99 -39.27
CA VAL F 191 60.29 93.68 -38.55
C VAL F 191 60.15 92.28 -37.97
N VAL F 192 61.18 91.46 -38.14
CA VAL F 192 61.19 90.09 -37.65
C VAL F 192 62.22 89.98 -36.54
N SER F 193 61.83 89.35 -35.44
CA SER F 193 62.68 89.21 -34.26
C SER F 193 63.11 87.75 -34.13
N GLY F 194 64.43 87.52 -34.09
CA GLY F 194 64.96 86.19 -33.93
C GLY F 194 64.84 85.35 -35.18
N ALA F 195 65.37 84.13 -35.09
CA ALA F 195 65.35 83.17 -36.18
C ALA F 195 64.21 82.19 -35.93
N GLY F 196 63.14 82.31 -36.71
CA GLY F 196 62.02 81.41 -36.59
C GLY F 196 61.70 80.70 -37.89
N ALA F 197 61.50 79.39 -37.82
CA ALA F 197 61.13 78.63 -39.01
C ALA F 197 59.80 79.11 -39.58
N ALA F 198 58.85 79.45 -38.71
CA ALA F 198 57.60 80.04 -39.16
C ALA F 198 57.81 81.43 -39.72
N ALA F 199 58.75 82.19 -39.14
CA ALA F 199 59.02 83.54 -39.62
C ALA F 199 59.52 83.52 -41.06
N ILE F 200 60.36 82.55 -41.41
CA ILE F 200 60.82 82.42 -42.79
C ILE F 200 59.65 82.16 -43.72
N ALA F 201 58.74 81.29 -43.31
CA ALA F 201 57.57 80.99 -44.14
C ALA F 201 56.67 82.22 -44.27
N CYS F 202 56.39 82.90 -43.16
CA CYS F 202 55.59 84.12 -43.20
C CYS F 202 56.12 85.10 -44.24
N MET F 203 57.44 85.29 -44.24
CA MET F 203 58.05 86.18 -45.22
C MET F 203 57.87 85.66 -46.64
N ASN F 204 58.00 84.34 -46.83
CA ASN F 204 57.79 83.75 -48.14
C ASN F 204 56.35 83.96 -48.62
N LEU F 205 55.38 83.76 -47.72
CA LEU F 205 53.98 83.96 -48.08
C LEU F 205 53.66 85.43 -48.34
N LEU F 206 54.26 86.34 -47.57
CA LEU F 206 54.04 87.76 -47.81
C LEU F 206 54.65 88.20 -49.13
N VAL F 207 55.76 87.60 -49.54
CA VAL F 207 56.33 87.88 -50.85
C VAL F 207 55.38 87.42 -51.95
N ALA F 208 54.76 86.24 -51.77
CA ALA F 208 53.72 85.81 -52.69
C ALA F 208 52.52 86.75 -52.69
N LEU F 209 52.22 87.35 -51.53
CA LEU F 209 51.14 88.33 -51.47
C LEU F 209 51.52 89.62 -52.18
N GLY F 210 52.82 89.92 -52.25
CA GLY F 210 53.29 91.14 -52.86
C GLY F 210 53.96 92.12 -51.91
N LEU F 211 54.20 91.73 -50.66
CA LEU F 211 54.86 92.63 -49.71
C LEU F 211 56.29 92.92 -50.17
N GLN F 212 56.65 94.19 -50.13
CA GLN F 212 57.98 94.61 -50.57
C GLN F 212 59.05 94.12 -49.61
N LYS F 213 60.14 93.59 -50.18
CA LYS F 213 61.24 93.12 -49.35
C LYS F 213 61.88 94.25 -48.56
N HIS F 214 61.93 95.46 -49.13
CA HIS F 214 62.58 96.57 -48.43
C HIS F 214 61.86 96.93 -47.15
N ASN F 215 60.53 96.80 -47.13
CA ASN F 215 59.79 97.03 -45.89
C ASN F 215 60.16 96.00 -44.83
N ILE F 216 60.46 94.77 -45.24
CA ILE F 216 60.78 93.69 -44.33
C ILE F 216 62.18 93.89 -43.77
N VAL F 217 62.32 93.76 -42.46
CA VAL F 217 63.60 93.84 -41.76
C VAL F 217 63.79 92.56 -40.98
N VAL F 218 64.97 91.96 -41.11
CA VAL F 218 65.28 90.65 -40.52
C VAL F 218 66.32 90.83 -39.44
N CYS F 219 66.10 90.20 -38.29
CA CYS F 219 67.00 90.30 -37.14
C CYS F 219 67.15 88.93 -36.49
N ASP F 220 68.28 88.74 -35.80
CA ASP F 220 68.55 87.53 -35.04
C ASP F 220 69.01 87.92 -33.64
N SER F 221 68.79 87.02 -32.68
CA SER F 221 69.09 87.34 -31.28
C SER F 221 70.57 87.65 -31.08
N LYS F 222 71.45 86.88 -31.73
CA LYS F 222 72.88 87.16 -31.66
C LYS F 222 73.18 88.53 -32.25
N GLY F 223 72.60 88.83 -33.41
CA GLY F 223 72.74 90.13 -34.01
C GLY F 223 71.83 90.23 -35.21
N VAL F 224 71.52 91.48 -35.58
CA VAL F 224 70.65 91.72 -36.72
C VAL F 224 71.25 91.09 -37.96
N ILE F 225 70.44 90.31 -38.67
CA ILE F 225 70.90 89.68 -39.91
C ILE F 225 71.04 90.74 -40.99
N TYR F 226 72.25 90.91 -41.50
CA TYR F 226 72.52 91.90 -42.54
C TYR F 226 73.48 91.31 -43.56
N GLN F 227 73.52 91.94 -44.73
CA GLN F 227 74.40 91.48 -45.80
C GLN F 227 75.85 91.53 -45.36
N GLY F 228 76.54 90.40 -45.50
CA GLY F 228 77.94 90.32 -45.12
C GLY F 228 78.19 90.12 -43.64
N ARG F 229 77.16 89.79 -42.86
CA ARG F 229 77.38 89.50 -41.45
C ARG F 229 78.26 88.27 -41.27
N GLU F 230 78.08 87.26 -42.13
CA GLU F 230 78.84 86.04 -42.08
C GLU F 230 79.03 85.55 -43.50
N PRO F 231 80.20 84.98 -43.84
CA PRO F 231 80.38 84.47 -45.21
C PRO F 231 79.45 83.32 -45.54
N ASN F 232 79.25 82.40 -44.61
CA ASN F 232 78.30 81.29 -44.78
C ASN F 232 77.02 81.62 -44.03
N MET F 233 75.93 81.78 -44.78
CA MET F 233 74.64 82.15 -44.21
C MET F 233 73.56 81.31 -44.87
N ALA F 234 72.43 81.16 -44.19
CA ALA F 234 71.27 80.52 -44.78
C ALA F 234 70.82 81.32 -46.00
N GLU F 235 70.55 80.60 -47.10
CA GLU F 235 70.22 81.28 -48.34
C GLU F 235 68.95 82.11 -48.22
N THR F 236 67.99 81.65 -47.41
CA THR F 236 66.79 82.45 -47.16
C THR F 236 67.11 83.70 -46.35
N LYS F 237 67.98 83.56 -45.34
CA LYS F 237 68.38 84.72 -44.55
C LYS F 237 69.07 85.77 -45.42
N ALA F 238 69.87 85.33 -46.39
CA ALA F 238 70.60 86.26 -47.25
C ALA F 238 69.68 86.96 -48.24
N ALA F 239 68.62 86.28 -48.71
CA ALA F 239 67.71 86.89 -49.67
C ALA F 239 66.96 88.07 -49.05
N TYR F 240 66.63 87.97 -47.75
CA TYR F 240 65.91 89.02 -47.06
C TYR F 240 66.82 89.90 -46.21
N ALA F 241 68.11 89.55 -46.09
CA ALA F 241 69.06 90.40 -45.39
C ALA F 241 69.21 91.73 -46.12
N VAL F 242 69.58 92.76 -45.37
CA VAL F 242 69.71 94.11 -45.90
C VAL F 242 71.10 94.63 -45.56
N VAL F 243 71.54 95.63 -46.34
CA VAL F 243 72.84 96.23 -46.10
C VAL F 243 72.86 96.87 -44.72
N ASP F 244 73.93 96.62 -43.97
CA ASP F 244 74.01 97.08 -42.59
C ASP F 244 73.95 98.60 -42.51
N ASP F 245 73.09 99.10 -41.62
CA ASP F 245 73.03 100.53 -41.32
C ASP F 245 73.91 100.90 -40.14
N GLY F 246 74.84 100.03 -39.75
CA GLY F 246 75.66 100.24 -38.57
C GLY F 246 75.00 99.89 -37.26
N LYS F 247 73.76 99.40 -37.28
CA LYS F 247 73.01 99.09 -36.08
C LYS F 247 72.61 97.61 -36.11
N ARG F 248 73.15 96.84 -35.17
CA ARG F 248 72.84 95.42 -35.05
C ARG F 248 71.88 95.14 -33.90
N THR F 249 71.28 96.16 -33.32
CA THR F 249 70.37 96.01 -32.19
C THR F 249 68.93 96.03 -32.68
N LEU F 250 68.08 95.23 -32.02
CA LEU F 250 66.66 95.23 -32.33
C LEU F 250 66.02 96.58 -32.02
N ASP F 251 66.56 97.30 -31.04
CA ASP F 251 65.96 98.56 -30.63
C ASP F 251 66.11 99.65 -31.69
N ASP F 252 67.12 99.54 -32.55
CA ASP F 252 67.30 100.56 -33.58
C ASP F 252 66.37 100.33 -34.76
N VAL F 253 66.15 99.07 -35.15
CA VAL F 253 65.22 98.76 -36.24
C VAL F 253 63.78 98.82 -35.80
N ILE F 254 63.51 98.84 -34.49
CA ILE F 254 62.13 98.79 -34.02
C ILE F 254 61.43 100.12 -34.26
N GLU F 255 62.19 101.20 -34.43
CA GLU F 255 61.60 102.52 -34.63
C GLU F 255 60.88 102.59 -35.97
N GLY F 256 59.66 103.11 -35.95
CA GLY F 256 58.89 103.31 -37.16
C GLY F 256 58.61 102.03 -37.93
N ALA F 257 58.17 101.00 -37.21
CA ALA F 257 57.82 99.71 -37.80
C ALA F 257 56.32 99.48 -37.65
N ASP F 258 55.65 99.12 -38.75
CA ASP F 258 54.21 98.93 -38.72
C ASP F 258 53.81 97.58 -38.17
N ILE F 259 54.60 96.53 -38.42
CA ILE F 259 54.27 95.17 -38.01
C ILE F 259 55.46 94.55 -37.29
N PHE F 260 55.19 93.81 -36.23
CA PHE F 260 56.20 93.09 -35.47
C PHE F 260 55.89 91.60 -35.48
N LEU F 261 56.93 90.79 -35.69
CA LEU F 261 56.80 89.33 -35.67
C LEU F 261 57.84 88.78 -34.71
N GLY F 262 57.38 87.98 -33.74
CA GLY F 262 58.26 87.49 -32.69
C GLY F 262 58.30 85.98 -32.54
N CYS F 263 59.41 85.37 -32.94
CA CYS F 263 59.66 83.95 -32.73
C CYS F 263 60.93 83.70 -31.93
N SER F 264 61.58 84.77 -31.44
CA SER F 264 62.90 84.63 -30.81
C SER F 264 62.81 83.86 -29.50
N GLY F 265 61.91 84.28 -28.60
CA GLY F 265 61.76 83.62 -27.33
C GLY F 265 61.11 84.49 -26.28
N PRO F 266 61.09 84.01 -25.04
CA PRO F 266 60.42 84.76 -23.97
C PRO F 266 61.19 86.02 -23.56
N LYS F 267 60.44 87.08 -23.29
CA LYS F 267 60.94 88.33 -22.72
C LYS F 267 61.82 89.13 -23.67
N VAL F 268 61.77 88.84 -24.97
CA VAL F 268 62.65 89.51 -25.92
C VAL F 268 62.17 90.94 -26.17
N LEU F 269 60.87 91.11 -26.41
CA LEU F 269 60.32 92.43 -26.66
C LEU F 269 60.17 93.20 -25.35
N THR F 270 60.38 94.52 -25.42
CA THR F 270 60.20 95.40 -24.28
C THR F 270 59.10 96.41 -24.57
N GLN F 271 58.51 96.94 -23.49
CA GLN F 271 57.42 97.89 -23.62
C GLN F 271 57.90 99.19 -24.26
N GLU F 272 59.16 99.56 -24.04
CA GLU F 272 59.68 100.81 -24.58
C GLU F 272 59.80 100.76 -26.10
N MET F 273 60.06 99.57 -26.66
CA MET F 273 60.18 99.44 -28.11
C MET F 273 58.84 99.65 -28.80
N VAL F 274 57.74 99.19 -28.17
CA VAL F 274 56.43 99.25 -28.82
C VAL F 274 55.98 100.70 -28.97
N LYS F 275 56.30 101.55 -27.99
CA LYS F 275 56.01 102.98 -28.14
C LYS F 275 56.76 103.56 -29.34
N LYS F 276 58.03 103.17 -29.52
CA LYS F 276 58.80 103.58 -30.68
C LYS F 276 58.22 103.07 -31.99
N MET F 277 57.47 101.97 -31.95
CA MET F 277 56.89 101.42 -33.16
C MET F 277 55.79 102.32 -33.68
N ALA F 278 55.41 102.10 -34.94
CA ALA F 278 54.33 102.86 -35.55
C ALA F 278 53.03 102.64 -34.80
N ARG F 279 52.10 103.58 -34.98
CA ARG F 279 50.82 103.51 -34.28
C ARG F 279 50.04 102.28 -34.72
N ALA F 280 49.28 101.72 -33.78
CA ALA F 280 48.55 100.48 -33.98
C ALA F 280 49.45 99.36 -34.51
N PRO F 281 50.49 98.99 -33.78
CA PRO F 281 51.40 97.94 -34.28
C PRO F 281 50.76 96.57 -34.21
N MET F 282 51.13 95.72 -35.16
CA MET F 282 50.69 94.33 -35.18
C MET F 282 51.76 93.49 -34.48
N ILE F 283 51.43 93.00 -33.28
CA ILE F 283 52.33 92.19 -32.48
C ILE F 283 51.91 90.73 -32.60
N LEU F 284 52.85 89.87 -33.00
CA LEU F 284 52.60 88.44 -33.21
C LEU F 284 53.63 87.64 -32.43
N ALA F 285 53.47 87.61 -31.11
CA ALA F 285 54.39 86.88 -30.23
C ALA F 285 53.97 85.42 -30.18
N LEU F 286 54.51 84.62 -31.11
CA LEU F 286 54.19 83.20 -31.21
C LEU F 286 55.08 82.33 -30.34
N ALA F 287 55.97 82.92 -29.55
CA ALA F 287 56.88 82.14 -28.72
C ALA F 287 56.13 81.44 -27.61
N ASN F 288 56.46 80.16 -27.39
CA ASN F 288 55.89 79.36 -26.33
C ASN F 288 57.01 78.71 -25.54
N PRO F 289 56.87 78.59 -24.21
CA PRO F 289 55.65 78.85 -23.43
C PRO F 289 55.34 80.31 -23.11
N GLU F 290 56.28 81.23 -23.37
CA GLU F 290 56.10 82.62 -22.95
C GLU F 290 56.30 83.55 -24.13
N PRO F 291 55.40 84.52 -24.32
CA PRO F 291 55.52 85.44 -25.46
C PRO F 291 56.61 86.47 -25.25
N GLU F 292 56.94 87.17 -26.35
CA GLU F 292 57.98 88.20 -26.30
C GLU F 292 57.62 89.31 -25.32
N ILE F 293 56.38 89.78 -25.38
CA ILE F 293 55.89 90.80 -24.45
C ILE F 293 54.53 90.37 -23.93
N LEU F 294 54.23 90.79 -22.71
CA LEU F 294 52.93 90.47 -22.14
C LEU F 294 51.86 91.33 -22.80
N PRO F 295 50.69 90.77 -23.07
CA PRO F 295 49.62 91.54 -23.74
C PRO F 295 49.12 92.72 -22.92
N PRO F 296 48.90 92.58 -21.60
CA PRO F 296 48.46 93.77 -20.84
C PRO F 296 49.47 94.90 -20.84
N LEU F 297 50.76 94.59 -20.76
CA LEU F 297 51.77 95.65 -20.82
C LEU F 297 51.81 96.32 -22.19
N ALA F 298 51.56 95.54 -23.26
CA ALA F 298 51.58 96.11 -24.60
C ALA F 298 50.35 96.98 -24.86
N LYS F 299 49.20 96.58 -24.32
CA LYS F 299 48.02 97.44 -24.41
C LYS F 299 48.19 98.72 -23.60
N GLU F 300 48.93 98.64 -22.48
CA GLU F 300 49.13 99.81 -21.63
C GLU F 300 49.95 100.88 -22.34
N VAL F 301 50.95 100.47 -23.13
CA VAL F 301 51.78 101.43 -23.81
C VAL F 301 51.13 101.92 -25.11
N ARG F 302 50.43 101.03 -25.81
CA ARG F 302 49.76 101.39 -27.08
C ARG F 302 48.29 101.01 -26.98
N PRO F 303 47.37 101.98 -27.09
CA PRO F 303 45.94 101.62 -26.95
C PRO F 303 45.38 100.89 -28.17
N ASP F 304 45.80 101.26 -29.38
CA ASP F 304 45.26 100.68 -30.60
C ASP F 304 46.07 99.49 -31.11
N ALA F 305 46.90 98.89 -30.27
CA ALA F 305 47.76 97.80 -30.71
C ALA F 305 46.96 96.51 -30.89
N ILE F 306 47.30 95.77 -31.95
CA ILE F 306 46.72 94.46 -32.21
C ILE F 306 47.73 93.41 -31.75
N ILE F 307 47.32 92.56 -30.82
CA ILE F 307 48.22 91.62 -30.16
C ILE F 307 47.76 90.20 -30.44
N CYS F 308 48.70 89.35 -30.87
CA CYS F 308 48.49 87.92 -31.05
C CYS F 308 49.47 87.16 -30.19
N THR F 309 49.02 86.07 -29.59
CA THR F 309 49.83 85.27 -28.68
C THR F 309 49.72 83.80 -29.05
N GLY F 310 50.59 82.99 -28.43
CA GLY F 310 50.53 81.55 -28.53
C GLY F 310 49.93 80.87 -27.32
N ARG F 311 49.32 81.63 -26.41
CA ARG F 311 48.76 81.11 -25.17
C ARG F 311 47.24 81.27 -25.21
N SER F 312 46.52 80.28 -24.68
CA SER F 312 45.07 80.25 -24.82
C SER F 312 44.39 81.31 -23.96
N ASP F 313 44.96 81.62 -22.79
CA ASP F 313 44.35 82.61 -21.92
C ASP F 313 44.40 84.01 -22.53
N TYR F 314 45.50 84.35 -23.20
CA TYR F 314 45.64 85.64 -23.84
C TYR F 314 44.87 85.66 -25.16
N PRO F 315 44.44 86.84 -25.61
CA PRO F 315 43.59 86.90 -26.81
C PRO F 315 44.38 86.65 -28.09
N ASN F 316 43.63 86.35 -29.16
CA ASN F 316 44.18 86.11 -30.49
C ASN F 316 45.21 84.98 -30.47
N GLN F 317 44.85 83.87 -29.84
CA GLN F 317 45.74 82.73 -29.75
C GLN F 317 45.94 82.10 -31.12
N VAL F 318 47.19 81.70 -31.39
CA VAL F 318 47.55 81.03 -32.64
C VAL F 318 47.85 79.57 -32.30
N ASN F 319 47.05 78.67 -32.84
CA ASN F 319 47.19 77.24 -32.58
C ASN F 319 47.42 76.50 -33.89
N ASN F 320 48.39 75.58 -33.87
CA ASN F 320 48.65 74.77 -35.06
C ASN F 320 47.43 73.94 -35.42
N VAL F 321 46.70 73.44 -34.42
CA VAL F 321 45.53 72.60 -34.65
C VAL F 321 44.44 73.35 -35.42
N LEU F 322 44.55 74.68 -35.52
CA LEU F 322 43.48 75.47 -36.12
C LEU F 322 43.31 75.13 -37.60
N CYS F 323 44.41 74.87 -38.30
CA CYS F 323 44.33 74.74 -39.76
C CYS F 323 44.91 73.45 -40.31
N PHE F 324 46.02 72.96 -39.76
CA PHE F 324 46.74 71.88 -40.41
C PHE F 324 45.94 70.60 -40.61
N PRO F 325 44.96 70.22 -39.76
CA PRO F 325 44.19 69.02 -40.10
C PRO F 325 43.27 69.24 -41.29
N PHE F 326 42.66 70.42 -41.39
CA PHE F 326 41.67 70.66 -42.43
C PHE F 326 42.32 70.83 -43.80
N ILE F 327 43.53 71.36 -43.84
CA ILE F 327 44.28 71.42 -45.10
C ILE F 327 44.52 70.03 -45.64
N PHE F 328 45.01 69.12 -44.78
CA PHE F 328 45.25 67.75 -45.19
C PHE F 328 43.98 67.07 -45.66
N ARG F 329 42.85 67.38 -45.02
CA ARG F 329 41.58 66.74 -45.37
C ARG F 329 41.20 67.04 -46.81
N GLY F 330 41.31 68.31 -47.22
CA GLY F 330 41.08 68.64 -48.61
C GLY F 330 42.11 68.04 -49.54
N ALA F 331 43.37 67.98 -49.10
CA ALA F 331 44.42 67.42 -49.94
C ALA F 331 44.24 65.92 -50.12
N LEU F 332 43.82 65.21 -49.07
CA LEU F 332 43.61 63.78 -49.19
C LEU F 332 42.38 63.46 -50.03
N ASP F 333 41.40 64.36 -50.08
CA ASP F 333 40.22 64.11 -50.88
C ASP F 333 40.50 64.22 -52.37
N VAL F 334 41.40 65.12 -52.77
CA VAL F 334 41.74 65.28 -54.19
C VAL F 334 42.99 64.49 -54.59
N GLY F 335 43.68 63.86 -53.63
CA GLY F 335 44.87 63.08 -53.93
C GLY F 335 46.00 63.87 -54.53
N ALA F 336 46.33 65.02 -53.91
CA ALA F 336 47.36 65.89 -54.44
C ALA F 336 48.73 65.23 -54.36
N THR F 337 49.54 65.46 -55.40
CA THR F 337 50.89 64.89 -55.41
C THR F 337 51.77 65.51 -54.33
N ALA F 338 51.50 66.75 -53.95
CA ALA F 338 52.22 67.41 -52.87
C ALA F 338 51.39 68.60 -52.41
N ILE F 339 51.86 69.24 -51.35
CA ILE F 339 51.25 70.49 -50.90
C ILE F 339 51.66 71.60 -51.85
N ASN F 340 50.69 72.38 -52.30
CA ASN F 340 50.91 73.40 -53.31
C ASN F 340 50.75 74.79 -52.70
N GLU F 341 51.50 75.75 -53.25
CA GLU F 341 51.52 77.09 -52.68
C GLU F 341 50.17 77.79 -52.85
N GLU F 342 49.52 77.60 -54.00
CA GLU F 342 48.18 78.18 -54.18
C GLU F 342 47.18 77.57 -53.21
N MET F 343 47.37 76.29 -52.85
CA MET F 343 46.54 75.68 -51.82
C MET F 343 46.73 76.39 -50.48
N LYS F 344 47.99 76.65 -50.11
CA LYS F 344 48.27 77.38 -48.88
C LYS F 344 47.59 78.75 -48.89
N LEU F 345 47.61 79.43 -50.04
CA LEU F 345 46.96 80.73 -50.15
C LEU F 345 45.46 80.62 -49.96
N ALA F 346 44.83 79.62 -50.57
CA ALA F 346 43.38 79.46 -50.46
C ALA F 346 42.95 79.21 -49.03
N ALA F 347 43.80 78.54 -48.24
CA ALA F 347 43.50 78.34 -46.82
C ALA F 347 43.61 79.64 -46.04
N VAL F 348 44.62 80.46 -46.36
CA VAL F 348 44.79 81.74 -45.69
C VAL F 348 43.56 82.62 -45.90
N ARG F 349 43.03 82.64 -47.13
CA ARG F 349 41.84 83.44 -47.41
C ARG F 349 40.64 82.92 -46.63
N ALA F 350 40.48 81.60 -46.54
CA ALA F 350 39.32 81.03 -45.85
C ALA F 350 39.33 81.41 -44.37
N ILE F 351 40.49 81.30 -43.72
CA ILE F 351 40.59 81.67 -42.31
C ILE F 351 40.27 83.15 -42.13
N ALA F 352 40.82 83.99 -43.00
CA ALA F 352 40.57 85.43 -42.91
C ALA F 352 39.11 85.75 -43.19
N GLU F 353 38.50 85.08 -44.17
CA GLU F 353 37.14 85.41 -44.57
C GLU F 353 36.14 85.15 -43.46
N LEU F 354 36.39 84.14 -42.63
CA LEU F 354 35.44 83.82 -41.56
C LEU F 354 35.34 84.96 -40.55
N ALA F 355 36.46 85.62 -40.25
CA ALA F 355 36.43 86.75 -39.33
C ALA F 355 35.73 87.95 -39.96
N HIS F 356 35.97 88.19 -41.26
CA HIS F 356 35.34 89.32 -41.93
C HIS F 356 33.83 89.15 -42.00
N ALA F 357 33.38 87.98 -42.45
CA ALA F 357 31.95 87.75 -42.64
C ALA F 357 31.25 87.60 -41.29
N GLU F 358 29.92 87.77 -41.33
CA GLU F 358 29.10 87.56 -40.14
C GLU F 358 28.83 86.07 -39.96
N GLN F 359 29.01 85.59 -38.73
CA GLN F 359 28.86 84.16 -38.46
C GLN F 359 27.40 83.74 -38.58
N SER F 360 26.47 84.50 -37.99
CA SER F 360 25.04 84.23 -38.06
C SER F 360 24.72 82.80 -37.58
N GLU F 361 25.25 82.46 -36.42
CA GLU F 361 25.06 81.14 -35.82
C GLU F 361 24.67 81.30 -34.35
N VAL F 362 23.68 80.54 -33.93
CA VAL F 362 23.22 80.60 -32.54
C VAL F 362 24.10 79.68 -31.69
N VAL F 363 24.76 80.27 -30.69
CA VAL F 363 25.66 79.53 -29.80
C VAL F 363 26.07 80.43 -28.64
N ALA F 366 24.96 81.24 -25.97
CA ALA F 366 24.88 80.03 -25.15
C ALA F 366 25.00 80.38 -23.68
N TYR F 367 25.19 79.36 -22.84
CA TYR F 367 25.41 79.62 -21.41
C TYR F 367 26.68 80.43 -21.21
N GLY F 368 27.71 80.16 -22.01
CA GLY F 368 28.91 80.98 -21.95
C GLY F 368 28.67 82.41 -22.37
N ASP F 369 27.67 82.64 -23.24
CA ASP F 369 27.27 83.97 -23.69
C ASP F 369 28.44 84.70 -24.37
N GLN F 370 29.29 83.96 -25.07
CA GLN F 370 30.40 84.57 -25.79
C GLN F 370 29.89 85.26 -27.04
N ASP F 371 30.33 86.49 -27.27
CA ASP F 371 29.92 87.29 -28.41
C ASP F 371 31.15 87.60 -29.27
N LEU F 372 31.06 87.29 -30.55
CA LEU F 372 32.18 87.41 -31.48
C LEU F 372 31.83 88.39 -32.57
N SER F 373 32.62 89.47 -32.67
CA SER F 373 32.51 90.44 -33.75
C SER F 373 33.91 90.78 -34.23
N PHE F 374 34.03 91.07 -35.53
CA PHE F 374 35.34 91.32 -36.11
C PHE F 374 35.91 92.62 -35.56
N GLY F 375 37.13 92.52 -35.01
CA GLY F 375 37.80 93.65 -34.42
C GLY F 375 39.14 93.23 -33.87
N PRO F 376 39.76 94.10 -33.07
CA PRO F 376 41.08 93.75 -32.50
C PRO F 376 41.07 92.47 -31.68
N GLU F 377 39.98 92.21 -30.96
CA GLU F 377 39.93 91.02 -30.11
C GLU F 377 39.75 89.74 -30.94
N TYR F 378 39.14 89.85 -32.13
CA TYR F 378 38.76 88.69 -32.93
C TYR F 378 39.23 88.88 -34.38
N ILE F 379 40.56 88.88 -34.58
CA ILE F 379 41.12 88.78 -35.92
C ILE F 379 41.45 87.35 -36.31
N ILE F 380 41.37 86.41 -35.37
CA ILE F 380 41.70 85.01 -35.62
C ILE F 380 40.55 84.16 -35.10
N PRO F 381 40.04 83.20 -35.90
CA PRO F 381 38.96 82.35 -35.41
C PRO F 381 39.41 81.44 -34.28
N LYS F 382 38.44 81.00 -33.50
CA LYS F 382 38.72 80.14 -32.36
C LYS F 382 39.34 78.82 -32.82
N PRO F 383 40.24 78.24 -32.03
CA PRO F 383 40.90 76.99 -32.46
C PRO F 383 39.94 75.84 -32.67
N PHE F 384 38.95 75.70 -31.79
CA PHE F 384 38.01 74.59 -31.86
C PHE F 384 36.72 74.95 -32.59
N ASP F 385 36.69 76.09 -33.27
CA ASP F 385 35.51 76.50 -34.01
C ASP F 385 35.23 75.48 -35.11
N PRO F 386 34.01 74.96 -35.21
CA PRO F 386 33.75 73.86 -36.15
C PRO F 386 33.74 74.30 -37.61
N ARG F 387 33.49 75.57 -37.88
CA ARG F 387 33.33 76.04 -39.26
C ARG F 387 34.59 75.90 -40.09
N LEU F 388 35.74 75.69 -39.46
CA LEU F 388 37.02 75.75 -40.18
C LEU F 388 37.09 74.70 -41.28
N ILE F 389 36.68 73.47 -40.98
CA ILE F 389 36.77 72.42 -41.99
C ILE F 389 35.85 72.72 -43.17
N VAL F 390 34.73 73.38 -42.91
CA VAL F 390 33.75 73.62 -43.98
C VAL F 390 34.30 74.61 -45.00
N LYS F 391 35.14 75.55 -44.57
CA LYS F 391 35.67 76.56 -45.48
C LYS F 391 37.07 76.22 -46.00
N ILE F 392 37.93 75.65 -45.16
CA ILE F 392 39.31 75.40 -45.57
C ILE F 392 39.37 74.25 -46.57
N ALA F 393 38.69 73.15 -46.27
CA ALA F 393 38.85 71.95 -47.08
C ALA F 393 38.38 72.12 -48.52
N PRO F 394 37.24 72.74 -48.83
CA PRO F 394 36.92 72.97 -50.25
C PRO F 394 37.83 73.99 -50.90
N ALA F 395 38.32 74.97 -50.14
CA ALA F 395 39.18 76.01 -50.73
C ALA F 395 40.50 75.43 -51.21
N VAL F 396 41.11 74.52 -50.43
CA VAL F 396 42.38 73.94 -50.84
C VAL F 396 42.19 72.97 -51.99
N ALA F 397 41.02 72.34 -52.09
CA ALA F 397 40.77 71.40 -53.18
C ALA F 397 40.63 72.13 -54.50
N LYS F 398 40.00 73.31 -54.50
CA LYS F 398 39.86 74.09 -55.72
C LYS F 398 41.21 74.59 -56.21
N ALA F 399 42.07 75.05 -55.29
CA ALA F 399 43.39 75.51 -55.69
C ALA F 399 44.27 74.36 -56.17
N ALA F 400 44.04 73.15 -55.65
CA ALA F 400 44.77 71.99 -56.15
C ALA F 400 44.32 71.61 -57.56
N MET F 401 43.02 71.78 -57.84
CA MET F 401 42.53 71.54 -59.20
C MET F 401 43.03 72.61 -60.16
N GLU F 402 43.13 73.86 -59.70
CA GLU F 402 43.73 74.90 -60.53
C GLU F 402 45.21 74.65 -60.74
N SER F 403 45.91 74.20 -59.71
CA SER F 403 47.33 73.88 -59.85
C SER F 403 47.54 72.65 -60.74
N GLY F 404 46.54 71.77 -60.81
CA GLY F 404 46.65 70.56 -61.60
C GLY F 404 47.26 69.38 -60.89
N VAL F 405 47.55 69.49 -59.59
CA VAL F 405 48.12 68.38 -58.83
C VAL F 405 47.06 67.43 -58.31
N ALA F 406 45.78 67.65 -58.64
CA ALA F 406 44.68 66.85 -58.13
C ALA F 406 44.51 65.61 -59.01
N THR F 407 44.81 64.43 -58.43
CA THR F 407 44.58 63.18 -59.14
C THR F 407 43.09 62.93 -59.34
N ARG F 408 42.30 63.12 -58.31
CA ARG F 408 40.86 62.87 -58.36
C ARG F 408 40.08 64.13 -58.00
N PRO F 409 39.37 64.74 -58.94
CA PRO F 409 38.61 65.95 -58.63
C PRO F 409 37.27 65.63 -57.97
N ILE F 410 36.76 66.61 -57.25
CA ILE F 410 35.44 66.52 -56.65
C ILE F 410 34.43 67.00 -57.67
N ALA F 411 33.55 66.10 -58.10
CA ALA F 411 32.59 66.42 -59.16
C ALA F 411 31.69 67.59 -58.74
N ASP F 412 31.10 67.50 -57.55
CA ASP F 412 30.22 68.55 -57.03
C ASP F 412 30.76 69.02 -55.70
N PHE F 413 31.11 70.31 -55.63
CA PHE F 413 31.55 70.89 -54.36
C PHE F 413 30.40 71.15 -53.41
N ASP F 414 29.16 71.22 -53.91
CA ASP F 414 28.02 71.41 -53.04
C ASP F 414 27.71 70.15 -52.25
N VAL F 415 27.78 68.98 -52.90
CA VAL F 415 27.59 67.72 -52.19
C VAL F 415 28.68 67.53 -51.14
N TYR F 416 29.90 67.97 -51.46
CA TYR F 416 31.02 67.85 -50.54
C TYR F 416 30.86 68.77 -49.34
N ILE F 417 30.25 69.95 -49.53
CA ILE F 417 30.02 70.88 -48.43
C ILE F 417 29.09 70.26 -47.39
N ASP F 418 28.00 69.64 -47.85
CA ASP F 418 27.06 69.01 -46.92
C ASP F 418 27.72 67.87 -46.17
N LYS F 419 28.57 67.09 -46.86
CA LYS F 419 29.26 65.98 -46.19
C LYS F 419 30.13 66.49 -45.04
N LEU F 420 30.85 67.59 -45.26
CA LEU F 420 31.66 68.16 -44.19
C LEU F 420 30.78 68.65 -43.04
N THR F 421 29.66 69.32 -43.38
CA THR F 421 28.77 69.83 -42.34
C THR F 421 28.24 68.70 -41.46
N GLU F 422 28.01 67.52 -42.05
CA GLU F 422 27.58 66.38 -41.28
C GLU F 422 28.63 65.96 -40.26
N PHE F 423 29.91 66.06 -40.63
CA PHE F 423 30.96 65.75 -39.68
C PHE F 423 31.09 66.83 -38.60
N VAL F 424 30.69 68.07 -38.92
CA VAL F 424 30.75 69.15 -37.95
C VAL F 424 29.76 68.91 -36.81
N TYR F 425 28.54 68.46 -37.14
CA TYR F 425 27.52 68.25 -36.13
C TYR F 425 27.97 67.22 -35.10
N LYS F 426 28.67 66.18 -35.55
CA LYS F 426 29.09 65.11 -34.64
C LYS F 426 30.02 65.62 -33.55
N THR F 427 30.92 66.53 -33.89
CA THR F 427 31.95 67.00 -32.98
C THR F 427 31.52 68.34 -32.40
N ASN F 428 31.05 68.34 -31.15
CA ASN F 428 30.71 69.57 -30.47
C ASN F 428 31.22 69.52 -29.04
N LEU F 429 31.86 70.61 -28.62
CA LEU F 429 32.45 70.75 -27.29
C LEU F 429 31.75 71.91 -26.61
N PHE F 430 30.80 71.61 -25.73
CA PHE F 430 30.04 72.65 -25.04
C PHE F 430 30.55 72.93 -23.64
N MET F 431 31.39 72.04 -23.08
CA MET F 431 31.80 72.17 -21.69
C MET F 431 32.77 73.33 -21.49
N LYS F 432 33.71 73.51 -22.42
CA LYS F 432 34.71 74.56 -22.25
C LYS F 432 34.10 75.95 -22.13
N PRO F 433 33.06 76.34 -22.89
CA PRO F 433 32.40 77.62 -22.60
C PRO F 433 31.81 77.68 -21.20
N ILE F 434 31.28 76.56 -20.71
CA ILE F 434 30.64 76.54 -19.40
C ILE F 434 31.64 76.88 -18.31
N PHE F 435 32.76 76.14 -18.26
CA PHE F 435 33.81 76.43 -17.30
C PHE F 435 34.20 77.90 -17.34
N SER F 436 34.42 78.43 -18.55
CA SER F 436 34.89 79.81 -18.69
C SER F 436 33.86 80.80 -18.16
N GLN F 437 32.58 80.62 -18.50
CA GLN F 437 31.56 81.52 -17.97
C GLN F 437 31.45 81.37 -16.45
N ALA F 438 31.65 80.16 -15.94
CA ALA F 438 31.71 79.98 -14.49
C ALA F 438 32.93 80.65 -13.90
N ARG F 439 34.05 80.62 -14.62
CA ARG F 439 35.27 81.26 -14.14
C ARG F 439 35.10 82.76 -13.99
N LYS F 440 34.27 83.38 -14.84
CA LYS F 440 34.10 84.83 -14.80
C LYS F 440 33.42 85.28 -13.51
N ALA F 441 32.41 84.55 -13.05
CA ALA F 441 31.70 84.90 -11.82
C ALA F 441 31.46 83.63 -11.02
N PRO F 442 32.25 83.37 -9.98
CA PRO F 442 32.01 82.19 -9.14
C PRO F 442 30.84 82.42 -8.21
N LYS F 443 30.23 81.31 -7.79
CA LYS F 443 29.10 81.32 -6.87
C LYS F 443 29.30 80.22 -5.85
N ARG F 444 28.66 80.37 -4.69
CA ARG F 444 28.79 79.38 -3.63
C ARG F 444 27.98 78.13 -3.97
N VAL F 445 28.60 76.96 -3.82
CA VAL F 445 27.95 75.67 -4.05
C VAL F 445 28.16 74.80 -2.82
N VAL F 446 27.07 74.24 -2.30
CA VAL F 446 27.13 73.34 -1.15
C VAL F 446 27.18 71.91 -1.66
N LEU F 447 28.18 71.16 -1.23
CA LEU F 447 28.26 69.74 -1.53
C LEU F 447 27.94 68.96 -0.27
N PRO F 448 26.76 68.37 -0.14
CA PRO F 448 26.40 67.70 1.12
C PRO F 448 27.27 66.50 1.45
N GLU F 449 27.72 65.74 0.47
CA GLU F 449 28.52 64.55 0.73
C GLU F 449 30.00 64.93 0.86
N GLY F 450 30.28 65.77 1.87
CA GLY F 450 31.62 66.31 2.03
C GLY F 450 32.66 65.27 2.42
N GLU F 451 32.24 64.22 3.14
CA GLU F 451 33.19 63.20 3.60
C GLU F 451 33.61 62.26 2.48
N GLU F 452 32.82 62.14 1.42
CA GLU F 452 33.16 61.23 0.34
C GLU F 452 34.42 61.72 -0.38
N ALA F 453 35.32 60.78 -0.66
CA ALA F 453 36.62 61.14 -1.22
C ALA F 453 36.49 61.76 -2.60
N ARG F 454 35.56 61.28 -3.41
CA ARG F 454 35.38 61.82 -4.75
C ARG F 454 35.01 63.30 -4.70
N VAL F 455 34.19 63.69 -3.72
CA VAL F 455 33.84 65.10 -3.55
C VAL F 455 35.10 65.92 -3.26
N LEU F 456 36.00 65.39 -2.44
CA LEU F 456 37.19 66.13 -2.07
C LEU F 456 38.07 66.39 -3.28
N HIS F 457 38.34 65.37 -4.09
CA HIS F 457 39.14 65.55 -5.30
C HIS F 457 38.53 66.62 -6.20
N ALA F 458 37.21 66.70 -6.23
CA ALA F 458 36.55 67.71 -7.05
C ALA F 458 36.66 69.09 -6.42
N THR F 459 36.58 69.17 -5.09
CA THR F 459 36.71 70.45 -4.41
C THR F 459 38.06 71.09 -4.72
N GLN F 460 39.11 70.28 -4.84
CA GLN F 460 40.43 70.80 -5.20
C GLN F 460 40.44 71.31 -6.63
N GLU F 461 39.94 70.50 -7.58
CA GLU F 461 40.00 70.90 -8.98
C GLU F 461 39.16 72.14 -9.24
N LEU F 462 38.05 72.30 -8.53
CA LEU F 462 37.26 73.53 -8.65
C LEU F 462 38.02 74.71 -8.07
N VAL F 463 38.66 74.52 -6.92
CA VAL F 463 39.46 75.58 -6.32
C VAL F 463 40.61 75.95 -7.24
N THR F 464 41.24 74.96 -7.87
CA THR F 464 42.36 75.21 -8.75
C THR F 464 41.95 76.07 -9.96
N LEU F 465 40.87 75.67 -10.63
CA LEU F 465 40.41 76.41 -11.80
C LEU F 465 39.60 77.66 -11.44
N GLY F 466 39.28 77.86 -10.16
CA GLY F 466 38.51 79.02 -9.74
C GLY F 466 37.07 79.02 -10.20
N LEU F 467 36.46 77.84 -10.37
CA LEU F 467 35.11 77.78 -10.91
C LEU F 467 34.07 78.23 -9.89
N ALA F 468 34.21 77.81 -8.64
CA ALA F 468 33.19 78.09 -7.64
C ALA F 468 33.81 78.04 -6.25
N LYS F 469 33.06 78.56 -5.28
CA LYS F 469 33.46 78.54 -3.88
C LYS F 469 32.82 77.34 -3.20
N PRO F 470 33.57 76.28 -2.91
CA PRO F 470 32.94 75.05 -2.41
C PRO F 470 32.65 75.12 -0.92
N ILE F 471 31.43 74.73 -0.54
CA ILE F 471 31.04 74.53 0.85
C ILE F 471 30.72 73.06 1.03
N LEU F 472 31.48 72.38 1.89
CA LEU F 472 31.32 70.96 2.13
C LEU F 472 30.69 70.73 3.49
N ILE F 473 29.78 69.76 3.57
CA ILE F 473 29.04 69.46 4.79
C ILE F 473 29.37 68.05 5.24
N GLY F 474 29.59 67.88 6.53
CA GLY F 474 29.98 66.61 7.10
C GLY F 474 30.79 66.84 8.35
N ARG F 475 31.39 65.77 8.84
CA ARG F 475 32.22 65.88 10.02
C ARG F 475 33.59 66.44 9.64
N PRO F 476 34.05 67.53 10.27
CA PRO F 476 35.31 68.16 9.85
C PRO F 476 36.51 67.23 9.95
N ASN F 477 36.41 66.18 10.76
CA ASN F 477 37.57 65.37 11.12
C ASN F 477 37.90 64.35 10.04
N VAL F 478 36.89 63.65 9.53
CA VAL F 478 37.12 62.70 8.45
C VAL F 478 37.59 63.42 7.19
N ILE F 479 37.06 64.62 6.95
CA ILE F 479 37.49 65.43 5.80
C ILE F 479 38.97 65.80 5.95
N GLU F 480 39.36 66.27 7.14
CA GLU F 480 40.74 66.68 7.35
C GLU F 480 41.70 65.52 7.15
N MET F 481 41.35 64.34 7.67
CA MET F 481 42.21 63.17 7.53
C MET F 481 42.29 62.71 6.08
N ARG F 482 41.15 62.63 5.39
CA ARG F 482 41.15 62.15 4.02
C ARG F 482 41.91 63.09 3.09
N ILE F 483 41.87 64.39 3.38
CA ILE F 483 42.68 65.35 2.62
C ILE F 483 44.15 64.97 2.72
N GLN F 484 44.62 64.66 3.93
CA GLN F 484 46.00 64.25 4.13
C GLN F 484 46.27 62.91 3.46
N LYS F 485 45.29 62.00 3.50
CA LYS F 485 45.50 60.66 2.95
C LYS F 485 45.64 60.70 1.44
N LEU F 486 44.91 61.59 0.77
CA LEU F 486 44.99 61.75 -0.68
C LEU F 486 46.06 62.76 -1.11
N GLY F 487 46.66 63.48 -0.16
CA GLY F 487 47.65 64.48 -0.50
C GLY F 487 47.10 65.72 -1.15
N LEU F 488 45.89 66.13 -0.77
CA LEU F 488 45.23 67.26 -1.41
C LEU F 488 45.69 68.58 -0.78
N GLN F 489 45.73 69.62 -1.61
CA GLN F 489 46.32 70.90 -1.24
C GLN F 489 45.30 71.91 -0.69
N ILE F 490 44.03 71.50 -0.52
CA ILE F 490 43.00 72.45 -0.14
C ILE F 490 43.11 72.80 1.34
N LYS F 491 42.79 74.05 1.66
CA LYS F 491 43.02 74.64 2.97
C LYS F 491 41.68 75.02 3.59
N ALA F 492 41.36 74.45 4.74
CA ALA F 492 40.09 74.70 5.39
C ALA F 492 39.99 76.15 5.84
N GLY F 493 38.76 76.65 5.89
CA GLY F 493 38.49 78.03 6.29
C GLY F 493 38.84 79.07 5.26
N VAL F 494 39.63 78.74 4.24
CA VAL F 494 40.04 79.68 3.20
C VAL F 494 39.51 79.21 1.86
N ASP F 495 40.08 78.10 1.36
CA ASP F 495 39.64 77.55 0.08
C ASP F 495 38.20 77.07 0.14
N PHE F 496 37.83 76.37 1.22
CA PHE F 496 36.50 75.81 1.38
C PHE F 496 36.07 76.00 2.83
N GLU F 497 34.76 75.91 3.05
CA GLU F 497 34.17 76.09 4.37
C GLU F 497 33.38 74.85 4.74
N ILE F 498 33.64 74.31 5.92
CA ILE F 498 32.99 73.08 6.39
C ILE F 498 31.85 73.45 7.32
N VAL F 499 30.69 72.84 7.11
CA VAL F 499 29.58 72.89 8.03
C VAL F 499 29.43 71.51 8.64
N ASN F 500 29.30 71.46 9.97
CA ASN F 500 29.28 70.21 10.70
C ASN F 500 27.83 69.75 10.88
N ASN F 501 27.54 68.51 10.48
CA ASN F 501 26.17 68.00 10.56
C ASN F 501 25.75 67.73 11.99
N GLU F 502 26.70 67.49 12.89
CA GLU F 502 26.36 67.22 14.29
C GLU F 502 26.05 68.51 15.05
N SER F 503 26.73 69.60 14.74
CA SER F 503 26.46 70.87 15.43
C SER F 503 26.78 72.03 14.50
N ASP F 504 26.10 73.14 14.75
CA ASP F 504 26.20 74.35 13.94
C ASP F 504 25.48 75.47 14.69
N PRO F 505 25.93 76.71 14.57
CA PRO F 505 25.24 77.80 15.31
C PRO F 505 23.84 78.09 14.81
N ARG F 506 23.54 77.83 13.54
CA ARG F 506 22.23 78.13 12.97
C ARG F 506 21.33 76.91 12.92
N PHE F 507 21.61 75.90 13.74
CA PHE F 507 20.86 74.64 13.66
C PHE F 507 19.38 74.84 13.99
N LYS F 508 19.09 75.66 15.02
CA LYS F 508 17.70 75.87 15.40
C LYS F 508 16.92 76.60 14.31
N GLU F 509 17.52 77.62 13.69
CA GLU F 509 16.84 78.37 12.65
C GLU F 509 16.51 77.48 11.46
N TYR F 510 17.35 76.49 11.18
CA TYR F 510 17.16 75.66 10.00
C TYR F 510 15.97 74.71 10.17
N TRP F 511 15.90 73.98 11.30
CA TRP F 511 14.78 73.06 11.47
C TRP F 511 13.48 73.82 11.67
N THR F 512 13.54 75.05 12.18
CA THR F 512 12.33 75.87 12.25
C THR F 512 11.79 76.18 10.87
N GLU F 513 12.68 76.55 9.94
CA GLU F 513 12.25 76.75 8.56
C GLU F 513 11.84 75.45 7.91
N TYR F 514 12.61 74.38 8.13
CA TYR F 514 12.26 73.07 7.58
C TYR F 514 10.92 72.59 8.11
N PHE F 515 10.63 72.84 9.39
CA PHE F 515 9.35 72.45 9.95
C PHE F 515 8.20 73.17 9.26
N GLN F 516 8.37 74.46 8.99
CA GLN F 516 7.32 75.21 8.31
C GLN F 516 7.06 74.68 6.92
N ILE F 517 8.08 74.09 6.28
CA ILE F 517 7.89 73.53 4.95
C ILE F 517 7.20 72.18 5.03
N MET F 518 7.49 71.39 6.07
CA MET F 518 7.09 70.00 6.12
C MET F 518 6.18 69.66 7.30
N LYS F 519 5.59 70.66 7.96
CA LYS F 519 4.74 70.36 9.10
C LYS F 519 3.48 69.61 8.66
N ARG F 520 2.91 69.99 7.52
CA ARG F 520 1.73 69.33 7.00
C ARG F 520 2.07 68.07 6.19
N ARG F 521 3.35 67.83 5.92
CA ARG F 521 3.78 66.69 5.13
C ARG F 521 4.27 65.53 6.00
N GLY F 522 3.93 65.52 7.29
CA GLY F 522 4.24 64.41 8.15
C GLY F 522 5.55 64.47 8.89
N VAL F 523 6.18 65.64 8.96
CA VAL F 523 7.45 65.80 9.65
C VAL F 523 7.19 66.61 10.92
N THR F 524 7.41 65.98 12.08
CA THR F 524 7.24 66.66 13.35
C THR F 524 8.43 67.57 13.63
N GLN F 525 8.25 68.47 14.60
CA GLN F 525 9.37 69.30 15.05
C GLN F 525 10.53 68.44 15.52
N GLU F 526 10.24 67.40 16.31
CA GLU F 526 11.29 66.50 16.76
C GLU F 526 11.91 65.75 15.59
N GLN F 527 11.13 65.51 14.53
CA GLN F 527 11.63 64.79 13.37
C GLN F 527 12.57 65.65 12.54
N ALA F 528 12.34 66.97 12.52
CA ALA F 528 13.18 67.86 11.70
C ALA F 528 14.57 68.02 12.31
N GLN F 529 14.64 68.06 13.65
CA GLN F 529 15.94 68.19 14.30
C GLN F 529 16.82 67.00 14.03
N ARG F 530 16.30 65.78 14.21
CA ARG F 530 17.05 64.58 13.86
C ARG F 530 17.37 64.55 12.37
N ALA F 531 16.47 65.12 11.55
CA ALA F 531 16.68 65.10 10.10
C ALA F 531 17.85 65.99 9.69
N LEU F 532 17.97 67.17 10.32
CA LEU F 532 19.07 68.07 9.98
C LEU F 532 20.42 67.46 10.33
N ILE F 533 20.50 66.77 11.47
CA ILE F 533 21.75 66.15 11.86
C ILE F 533 22.04 64.92 11.01
N SER F 534 21.02 64.11 10.73
CA SER F 534 21.25 62.83 10.09
C SER F 534 21.45 62.95 8.58
N ASN F 535 20.68 63.82 7.92
CA ASN F 535 20.73 63.92 6.46
C ASN F 535 21.42 65.20 6.05
N PRO F 536 22.57 65.13 5.37
CA PRO F 536 23.24 66.37 4.93
C PRO F 536 22.46 67.12 3.87
N THR F 537 21.84 66.41 2.92
CA THR F 537 21.15 67.07 1.81
C THR F 537 20.10 68.05 2.30
N VAL F 538 19.44 67.72 3.41
CA VAL F 538 18.40 68.60 3.94
C VAL F 538 19.01 69.93 4.36
N ILE F 539 20.23 69.90 4.89
CA ILE F 539 20.85 71.12 5.40
C ILE F 539 21.13 72.08 4.24
N GLY F 540 21.81 71.58 3.20
CA GLY F 540 22.16 72.44 2.08
C GLY F 540 20.94 73.01 1.40
N ALA F 541 19.86 72.23 1.30
CA ALA F 541 18.62 72.73 0.71
C ALA F 541 18.10 73.93 1.48
N ILE F 542 18.12 73.85 2.81
CA ILE F 542 17.66 74.97 3.63
C ILE F 542 18.53 76.20 3.37
N MET F 543 19.85 76.00 3.25
CA MET F 543 20.75 77.13 3.00
C MET F 543 20.39 77.86 1.70
N VAL F 544 20.08 77.11 0.65
CA VAL F 544 19.87 77.72 -0.65
C VAL F 544 18.59 78.56 -0.66
N GLN F 545 17.55 78.08 0.01
CA GLN F 545 16.31 78.84 0.09
C GLN F 545 16.51 80.12 0.91
N ARG F 546 17.28 80.04 1.99
CA ARG F 546 17.58 81.23 2.78
C ARG F 546 18.39 82.24 1.98
N GLY F 547 19.30 81.76 1.12
CA GLY F 547 20.22 82.60 0.41
C GLY F 547 21.66 82.49 0.86
N GLU F 548 21.96 81.68 1.88
CA GLU F 548 23.32 81.54 2.34
C GLU F 548 24.19 80.85 1.30
N ALA F 549 23.63 79.89 0.58
CA ALA F 549 24.32 79.20 -0.50
C ALA F 549 23.60 79.46 -1.81
N ASP F 550 24.37 79.57 -2.89
CA ASP F 550 23.80 79.89 -4.20
C ASP F 550 23.31 78.67 -4.97
N ALA F 551 23.91 77.51 -4.75
CA ALA F 551 23.49 76.28 -5.44
C ALA F 551 23.96 75.08 -4.63
N MET F 552 23.48 73.91 -5.04
CA MET F 552 23.77 72.67 -4.32
C MET F 552 23.89 71.51 -5.31
N ILE F 553 24.87 70.65 -5.05
CA ILE F 553 25.11 69.44 -5.84
C ILE F 553 25.21 68.27 -4.87
N CYS F 554 24.29 67.31 -4.99
CA CYS F 554 24.26 66.15 -4.11
C CYS F 554 24.00 64.89 -4.93
N GLY F 555 23.96 63.75 -4.23
CA GLY F 555 23.67 62.48 -4.85
C GLY F 555 24.84 61.55 -5.04
N THR F 556 26.03 61.90 -4.54
CA THR F 556 27.17 60.98 -4.65
C THR F 556 26.93 59.72 -3.84
N VAL F 557 26.17 59.83 -2.75
CA VAL F 557 25.78 58.68 -1.93
C VAL F 557 24.27 58.76 -1.70
N GLY F 558 23.59 57.64 -1.91
CA GLY F 558 22.16 57.56 -1.71
C GLY F 558 21.41 57.48 -3.03
N ASP F 559 20.12 57.13 -2.92
CA ASP F 559 19.28 56.99 -4.09
C ASP F 559 18.79 58.36 -4.58
N TYR F 560 18.62 58.47 -5.90
CA TYR F 560 18.23 59.73 -6.52
C TYR F 560 16.96 60.28 -5.88
N HIS F 561 15.96 59.43 -5.69
CA HIS F 561 14.65 59.91 -5.24
C HIS F 561 14.69 60.38 -3.79
N GLU F 562 15.58 59.81 -2.96
CA GLU F 562 15.69 60.28 -1.60
C GLU F 562 16.08 61.75 -1.55
N HIS F 563 17.08 62.13 -2.35
CA HIS F 563 17.49 63.53 -2.42
C HIS F 563 16.44 64.36 -3.13
N PHE F 564 15.86 63.82 -4.22
CA PHE F 564 14.89 64.58 -5.00
C PHE F 564 13.70 65.00 -4.16
N SER F 565 13.18 64.09 -3.34
CA SER F 565 12.02 64.40 -2.52
C SER F 565 12.32 65.56 -1.58
N VAL F 566 13.54 65.57 -1.01
CA VAL F 566 13.95 66.68 -0.16
C VAL F 566 14.03 67.97 -0.96
N VAL F 567 14.55 67.87 -2.18
CA VAL F 567 14.72 69.06 -3.01
C VAL F 567 13.37 69.62 -3.44
N LYS F 568 12.48 68.74 -3.93
CA LYS F 568 11.20 69.20 -4.46
C LYS F 568 10.38 69.91 -3.40
N ASN F 569 10.40 69.40 -2.17
CA ASN F 569 9.54 69.94 -1.12
C ASN F 569 10.01 71.33 -0.68
N VAL F 570 11.31 71.55 -0.61
CA VAL F 570 11.83 72.82 -0.11
C VAL F 570 11.79 73.88 -1.19
N PHE F 571 12.39 73.59 -2.35
CA PHE F 571 12.54 74.60 -3.39
C PHE F 571 11.23 74.81 -4.15
N GLY F 572 10.53 73.73 -4.48
CA GLY F 572 9.31 73.83 -5.25
C GLY F 572 9.56 73.90 -6.74
N TYR F 573 8.51 73.61 -7.49
CA TYR F 573 8.61 73.58 -8.94
C TYR F 573 8.85 74.98 -9.47
N ARG F 574 9.66 75.08 -10.52
CA ARG F 574 9.87 76.35 -11.20
C ARG F 574 8.54 76.89 -11.71
N ASP F 575 8.42 78.22 -11.73
CA ASP F 575 7.18 78.85 -12.19
C ASP F 575 6.89 78.49 -13.64
N GLY F 576 5.62 78.18 -13.92
CA GLY F 576 5.18 77.77 -15.23
C GLY F 576 5.33 76.28 -15.51
N VAL F 577 5.88 75.51 -14.59
CA VAL F 577 6.17 74.10 -14.80
C VAL F 577 5.61 73.32 -13.62
N HIS F 578 5.08 72.13 -13.89
CA HIS F 578 4.49 71.31 -12.85
C HIS F 578 4.96 69.87 -12.92
N THR F 579 6.04 69.61 -13.64
CA THR F 579 6.70 68.32 -13.63
C THR F 579 8.20 68.53 -13.65
N ALA F 580 8.94 67.52 -13.21
CA ALA F 580 10.39 67.60 -13.18
C ALA F 580 10.99 66.55 -14.11
N GLY F 581 12.21 66.84 -14.57
CA GLY F 581 12.89 65.93 -15.47
C GLY F 581 14.39 65.76 -15.27
N ALA F 582 14.88 64.54 -15.51
CA ALA F 582 16.29 64.23 -15.39
C ALA F 582 16.84 63.91 -16.77
N MET F 583 17.97 64.51 -17.12
CA MET F 583 18.56 64.36 -18.43
C MET F 583 20.01 63.93 -18.30
N ASN F 584 20.38 62.86 -18.99
CA ASN F 584 21.74 62.35 -19.02
C ASN F 584 22.32 62.56 -20.40
N ALA F 585 23.57 63.01 -20.46
CA ALA F 585 24.25 63.26 -21.72
C ALA F 585 25.24 62.15 -22.03
N LEU F 586 25.25 61.72 -23.29
CA LEU F 586 26.12 60.64 -23.75
C LEU F 586 26.74 61.03 -25.08
N LEU F 587 28.06 60.86 -25.19
CA LEU F 587 28.75 61.08 -26.45
C LEU F 587 28.65 59.81 -27.29
N LEU F 588 28.03 59.93 -28.46
CA LEU F 588 27.73 58.80 -29.32
C LEU F 588 28.27 59.04 -30.71
N PRO F 589 28.44 57.98 -31.52
CA PRO F 589 28.94 58.18 -32.89
C PRO F 589 28.08 59.11 -33.72
N SER F 590 26.75 59.06 -33.54
CA SER F 590 25.86 59.95 -34.26
C SER F 590 26.07 61.41 -33.87
N GLY F 591 26.61 61.67 -32.69
CA GLY F 591 26.83 63.00 -32.19
C GLY F 591 26.51 63.03 -30.70
N ASN F 592 26.50 64.24 -30.14
CA ASN F 592 26.02 64.41 -28.77
C ASN F 592 24.55 64.03 -28.71
N THR F 593 24.19 63.15 -27.78
CA THR F 593 22.84 62.64 -27.67
C THR F 593 22.38 62.69 -26.22
N PHE F 594 21.15 63.14 -26.00
CA PHE F 594 20.59 63.38 -24.68
C PHE F 594 19.37 62.50 -24.46
N ILE F 595 19.19 62.02 -23.23
CA ILE F 595 18.10 61.10 -22.88
C ILE F 595 17.40 61.61 -21.63
N ALA F 596 16.08 61.48 -21.61
CA ALA F 596 15.18 61.88 -20.54
C ALA F 596 13.82 61.23 -20.81
N ASP F 597 13.02 61.01 -19.77
CA ASP F 597 13.32 61.30 -18.37
C ASP F 597 14.01 60.11 -17.70
N THR F 598 15.25 60.32 -17.26
CA THR F 598 16.08 59.20 -16.85
C THR F 598 15.80 58.73 -15.42
N TYR F 599 15.34 59.62 -14.52
CA TYR F 599 15.18 59.21 -13.13
C TYR F 599 13.94 59.74 -12.41
N VAL F 600 13.24 60.75 -12.92
CA VAL F 600 12.24 61.43 -12.10
C VAL F 600 10.91 60.68 -12.11
N ASN F 601 10.35 60.45 -13.29
CA ASN F 601 8.96 59.99 -13.43
C ASN F 601 8.95 58.57 -13.97
N ASP F 602 8.34 57.65 -13.22
CA ASP F 602 8.27 56.25 -13.66
C ASP F 602 7.39 56.10 -14.89
N GLU F 603 6.26 56.80 -14.93
CA GLU F 603 5.33 56.76 -16.05
C GLU F 603 4.79 58.16 -16.29
N PRO F 604 5.56 58.99 -16.99
CA PRO F 604 5.12 60.39 -17.22
C PRO F 604 3.91 60.40 -18.15
N ASP F 605 2.92 61.20 -17.78
CA ASP F 605 1.74 61.36 -18.64
C ASP F 605 2.05 62.31 -19.79
N ALA F 606 1.06 62.50 -20.66
CA ALA F 606 1.30 63.20 -21.92
C ALA F 606 1.74 64.64 -21.68
N GLU F 607 1.05 65.35 -20.78
CA GLU F 607 1.41 66.73 -20.50
C GLU F 607 2.79 66.80 -19.83
N GLU F 608 3.09 65.84 -18.95
CA GLU F 608 4.39 65.83 -18.29
C GLU F 608 5.51 65.53 -19.27
N LEU F 609 5.27 64.61 -20.21
CA LEU F 609 6.25 64.34 -21.25
C LEU F 609 6.51 65.58 -22.09
N ALA F 610 5.45 66.33 -22.41
CA ALA F 610 5.62 67.55 -23.21
C ALA F 610 6.40 68.61 -22.46
N GLU F 611 6.10 68.82 -21.18
CA GLU F 611 6.88 69.77 -20.38
C GLU F 611 8.34 69.34 -20.29
N ILE F 612 8.58 68.03 -20.17
CA ILE F 612 9.95 67.54 -20.15
C ILE F 612 10.67 67.91 -21.44
N THR F 613 10.01 67.68 -22.58
CA THR F 613 10.62 67.97 -23.88
C THR F 613 10.98 69.44 -24.00
N LEU F 614 10.07 70.33 -23.61
CA LEU F 614 10.31 71.76 -23.79
C LEU F 614 11.50 72.24 -22.98
N MET F 615 11.59 71.81 -21.72
CA MET F 615 12.71 72.22 -20.88
C MET F 615 14.03 71.69 -21.43
N ALA F 616 14.01 70.46 -21.96
CA ALA F 616 15.25 69.87 -22.47
C ALA F 616 15.73 70.59 -23.73
N ALA F 617 14.81 70.94 -24.63
CA ALA F 617 15.19 71.70 -25.81
C ALA F 617 15.75 73.06 -25.41
N GLU F 618 15.09 73.74 -24.47
CA GLU F 618 15.62 74.99 -23.96
C GLU F 618 17.00 74.81 -23.34
N THR F 619 17.19 73.72 -22.59
CA THR F 619 18.49 73.47 -21.97
C THR F 619 19.55 73.16 -23.03
N VAL F 620 19.16 72.45 -24.09
CA VAL F 620 20.12 72.15 -25.14
C VAL F 620 20.47 73.42 -25.93
N ARG F 621 19.48 74.28 -26.16
CA ARG F 621 19.78 75.60 -26.71
C ARG F 621 20.74 76.36 -25.82
N ARG F 622 20.59 76.21 -24.50
CA ARG F 622 21.49 76.88 -23.56
C ARG F 622 22.93 76.41 -23.74
N PHE F 623 23.13 75.12 -23.99
CA PHE F 623 24.47 74.61 -24.23
C PHE F 623 25.08 75.18 -25.52
N GLY F 624 24.23 75.52 -26.48
CA GLY F 624 24.68 76.00 -27.78
C GLY F 624 24.42 75.05 -28.92
N ILE F 625 23.88 73.85 -28.65
CA ILE F 625 23.62 72.85 -29.67
C ILE F 625 22.22 73.04 -30.24
N GLU F 626 22.08 72.70 -31.52
CA GLU F 626 20.80 72.78 -32.21
C GLU F 626 19.83 71.75 -31.64
N PRO F 627 18.66 72.16 -31.15
CA PRO F 627 17.73 71.22 -30.52
C PRO F 627 16.93 70.43 -31.56
N ARG F 628 17.26 69.16 -31.72
CA ARG F 628 16.56 68.25 -32.62
C ARG F 628 15.98 67.12 -31.79
N VAL F 629 14.67 67.15 -31.57
CA VAL F 629 14.01 66.27 -30.61
C VAL F 629 13.37 65.10 -31.33
N ALA F 630 13.37 63.95 -30.70
CA ALA F 630 12.70 62.77 -31.24
C ALA F 630 11.99 62.04 -30.10
N LEU F 631 10.70 61.77 -30.31
CA LEU F 631 9.91 61.00 -29.34
C LEU F 631 10.00 59.53 -29.74
N LEU F 632 10.46 58.69 -28.81
CA LEU F 632 10.74 57.29 -29.10
C LEU F 632 9.65 56.40 -28.52
N SER F 633 9.39 55.29 -29.20
CA SER F 633 8.43 54.31 -28.71
C SER F 633 8.63 53.01 -29.47
N HIS F 634 8.16 51.92 -28.87
CA HIS F 634 8.26 50.62 -29.54
C HIS F 634 7.45 50.61 -30.83
N SER F 635 6.44 51.47 -30.94
CA SER F 635 5.69 51.62 -32.18
C SER F 635 6.43 52.55 -33.12
N ASN F 636 6.36 52.23 -34.42
CA ASN F 636 7.04 52.99 -35.46
C ASN F 636 5.98 53.73 -36.27
N PHE F 637 5.82 55.02 -35.98
CA PHE F 637 4.84 55.89 -36.65
C PHE F 637 3.45 55.25 -36.66
N GLY F 638 3.04 54.75 -35.50
CA GLY F 638 1.74 54.12 -35.38
C GLY F 638 1.67 52.68 -35.82
N SER F 639 2.79 51.97 -35.85
CA SER F 639 2.75 50.54 -36.18
C SER F 639 1.95 49.75 -35.14
N SER F 640 2.00 50.17 -33.88
CA SER F 640 1.22 49.57 -32.80
C SER F 640 0.49 50.68 -32.07
N ASP F 641 -0.83 50.53 -31.95
CA ASP F 641 -1.65 51.49 -31.21
C ASP F 641 -1.89 50.93 -29.82
N CYS F 642 -1.36 51.62 -28.82
CA CYS F 642 -1.46 51.19 -27.43
C CYS F 642 -1.47 52.44 -26.56
N PRO F 643 -1.76 52.30 -25.25
CA PRO F 643 -1.70 53.48 -24.38
C PRO F 643 -0.37 54.21 -24.40
N SER F 644 0.74 53.48 -24.42
CA SER F 644 2.06 54.12 -24.41
C SER F 644 2.31 54.89 -25.70
N SER F 645 2.04 54.26 -26.85
CA SER F 645 2.26 54.92 -28.13
C SER F 645 1.32 56.12 -28.31
N SER F 646 0.06 55.97 -27.89
CA SER F 646 -0.88 57.08 -27.97
C SER F 646 -0.37 58.28 -27.18
N LYS F 647 0.20 58.02 -25.99
CA LYS F 647 0.73 59.09 -25.16
C LYS F 647 1.77 59.91 -25.91
N MET F 648 2.70 59.23 -26.60
CA MET F 648 3.73 59.93 -27.34
C MET F 648 3.13 60.85 -28.40
N ARG F 649 2.18 60.33 -29.18
CA ARG F 649 1.59 61.12 -30.26
C ARG F 649 0.89 62.35 -29.72
N GLN F 650 0.07 62.18 -28.66
CA GLN F 650 -0.62 63.32 -28.08
C GLN F 650 0.37 64.37 -27.57
N ALA F 651 1.47 63.92 -26.98
CA ALA F 651 2.49 64.86 -26.53
C ALA F 651 3.10 65.62 -27.71
N LEU F 652 3.26 64.94 -28.85
CA LEU F 652 3.81 65.60 -30.03
C LEU F 652 2.99 66.81 -30.43
N GLU F 653 1.66 66.65 -30.48
CA GLU F 653 0.78 67.76 -30.83
C GLU F 653 0.86 68.88 -29.79
N LEU F 654 0.97 68.52 -28.51
CA LEU F 654 1.08 69.54 -27.46
C LEU F 654 2.36 70.35 -27.62
N VAL F 655 3.47 69.68 -27.96
CA VAL F 655 4.74 70.38 -28.08
C VAL F 655 4.70 71.39 -29.22
N ARG F 656 4.15 70.97 -30.37
CA ARG F 656 4.12 71.85 -31.54
C ARG F 656 3.25 73.07 -31.30
N GLU F 657 2.14 72.90 -30.56
CA GLU F 657 1.28 74.03 -30.26
C GLU F 657 1.98 75.04 -29.36
N ARG F 658 2.75 74.56 -28.39
CA ARG F 658 3.38 75.45 -27.42
C ARG F 658 4.63 76.12 -27.98
N ALA F 659 5.37 75.44 -28.86
CA ALA F 659 6.60 75.98 -29.44
C ALA F 659 6.68 75.54 -30.90
N PRO F 660 6.39 76.43 -31.85
CA PRO F 660 6.47 76.04 -33.27
C PRO F 660 7.89 75.80 -33.73
N GLU F 661 8.87 76.53 -33.20
CA GLU F 661 10.23 76.47 -33.70
C GLU F 661 10.89 75.12 -33.44
N LEU F 662 10.40 74.36 -32.46
CA LEU F 662 11.05 73.11 -32.12
C LEU F 662 10.87 72.07 -33.23
N MET F 663 11.95 71.36 -33.53
CA MET F 663 11.96 70.32 -34.56
C MET F 663 11.82 68.98 -33.87
N ILE F 664 10.74 68.25 -34.20
CA ILE F 664 10.42 67.03 -33.47
C ILE F 664 9.48 66.18 -34.32
N ASP F 665 9.60 64.85 -34.17
CA ASP F 665 8.73 63.91 -34.85
C ASP F 665 8.62 62.64 -34.01
N GLY F 666 7.49 61.96 -34.13
CA GLY F 666 7.26 60.73 -33.40
C GLY F 666 5.92 60.13 -33.76
N GLU F 667 5.67 58.92 -33.27
CA GLU F 667 6.65 58.13 -32.52
C GLU F 667 7.55 57.41 -33.51
N MET F 668 8.78 57.10 -33.14
CA MET F 668 9.67 56.42 -34.07
C MET F 668 10.54 55.42 -33.32
N HIS F 669 11.04 54.44 -34.08
CA HIS F 669 12.06 53.54 -33.55
C HIS F 669 13.30 54.33 -33.16
N GLY F 670 14.09 53.75 -32.26
CA GLY F 670 15.35 54.37 -31.90
C GLY F 670 16.29 54.50 -33.07
N ASP F 671 16.36 53.46 -33.91
CA ASP F 671 17.21 53.51 -35.10
C ASP F 671 16.82 54.66 -36.02
N ALA F 672 15.53 55.00 -36.07
CA ALA F 672 15.08 56.08 -36.94
C ALA F 672 15.54 57.44 -36.44
N ALA F 673 15.69 57.60 -35.13
CA ALA F 673 16.10 58.89 -34.60
C ALA F 673 17.60 59.13 -34.78
N LEU F 674 18.39 58.07 -34.92
CA LEU F 674 19.82 58.18 -35.06
C LEU F 674 20.29 58.11 -36.50
N VAL F 675 19.67 57.26 -37.32
CA VAL F 675 20.04 57.08 -38.71
C VAL F 675 19.09 57.89 -39.57
N GLU F 676 19.61 58.94 -40.23
CA GLU F 676 18.78 59.76 -41.08
C GLU F 676 18.21 58.95 -42.25
N ALA F 677 18.96 57.97 -42.74
CA ALA F 677 18.50 57.20 -43.90
C ALA F 677 17.28 56.35 -43.55
N ILE F 678 17.28 55.71 -42.39
CA ILE F 678 16.13 54.91 -41.99
C ILE F 678 14.89 55.77 -41.87
N ARG F 679 15.03 56.97 -41.31
CA ARG F 679 13.86 57.82 -41.08
C ARG F 679 13.25 58.29 -42.39
N ASN F 680 14.07 58.53 -43.41
CA ASN F 680 13.52 59.02 -44.68
C ASN F 680 12.79 57.93 -45.45
N ASP F 681 13.25 56.67 -45.35
CA ASP F 681 12.60 55.61 -46.12
C ASP F 681 11.17 55.36 -45.63
N ARG F 682 10.94 55.43 -44.33
CA ARG F 682 9.57 55.34 -43.83
C ARG F 682 8.83 56.66 -44.00
N MET F 683 9.48 57.78 -43.70
CA MET F 683 8.81 59.09 -43.70
C MET F 683 9.68 60.11 -44.41
N PRO F 684 9.51 60.28 -45.73
CA PRO F 684 10.24 61.34 -46.42
C PRO F 684 9.85 62.72 -45.96
N ASP F 685 8.60 62.90 -45.55
CA ASP F 685 8.09 64.18 -45.11
C ASP F 685 8.44 64.50 -43.67
N SER F 686 9.29 63.69 -43.04
CA SER F 686 9.61 63.89 -41.63
C SER F 686 10.16 65.29 -41.41
N SER F 687 9.62 65.98 -40.40
CA SER F 687 10.13 67.30 -40.06
C SER F 687 11.57 67.23 -39.54
N LEU F 688 11.92 66.16 -38.84
CA LEU F 688 13.26 66.01 -38.30
C LEU F 688 14.28 65.88 -39.44
N LYS F 689 15.40 66.58 -39.29
CA LYS F 689 16.45 66.59 -40.31
C LYS F 689 17.77 66.20 -39.67
N GLY F 690 18.33 65.06 -40.07
CA GLY F 690 19.56 64.57 -39.51
C GLY F 690 19.34 63.68 -38.30
N SER F 691 20.43 63.44 -37.57
CA SER F 691 20.33 62.68 -36.34
C SER F 691 19.73 63.53 -35.23
N ALA F 692 18.95 62.89 -34.35
CA ALA F 692 18.35 63.59 -33.22
C ALA F 692 19.30 63.59 -32.04
N ASN F 693 19.39 64.74 -31.37
CA ASN F 693 20.26 64.88 -30.21
C ASN F 693 19.52 64.78 -28.88
N ILE F 694 18.19 64.81 -28.90
CA ILE F 694 17.37 64.67 -27.69
C ILE F 694 16.43 63.49 -27.90
N LEU F 695 16.50 62.53 -26.98
CA LEU F 695 15.69 61.31 -27.07
C LEU F 695 14.79 61.24 -25.85
N VAL F 696 13.48 61.20 -26.08
CA VAL F 696 12.49 61.14 -25.03
C VAL F 696 11.94 59.72 -24.95
N MET F 697 11.91 59.18 -23.73
CA MET F 697 11.49 57.81 -23.48
C MET F 697 10.05 57.78 -22.97
N PRO F 698 9.28 56.76 -23.36
CA PRO F 698 7.88 56.68 -22.89
C PRO F 698 7.78 56.42 -21.40
N ASN F 699 8.73 55.71 -20.82
CA ASN F 699 8.74 55.44 -19.39
C ASN F 699 10.18 55.51 -18.88
N MET F 700 10.33 55.44 -17.56
CA MET F 700 11.66 55.55 -16.97
C MET F 700 12.49 54.29 -17.24
N GLU F 701 11.89 53.10 -17.08
CA GLU F 701 12.60 51.85 -17.28
C GLU F 701 13.33 51.84 -18.63
N ALA F 702 12.71 52.41 -19.65
CA ALA F 702 13.34 52.48 -20.97
C ALA F 702 14.58 53.36 -20.94
N ALA F 703 14.49 54.54 -20.31
CA ALA F 703 15.62 55.45 -20.27
C ALA F 703 16.81 54.84 -19.57
N ARG F 704 16.61 54.34 -18.35
CA ARG F 704 17.71 53.78 -17.57
C ARG F 704 18.35 52.61 -18.29
N ILE F 705 17.54 51.62 -18.69
CA ILE F 705 18.10 50.45 -19.36
C ILE F 705 18.78 50.85 -20.66
N SER F 706 18.31 51.90 -21.32
CA SER F 706 19.02 52.41 -22.49
C SER F 706 20.31 53.11 -22.08
N TYR F 707 20.20 54.13 -21.22
CA TYR F 707 21.37 54.93 -20.86
C TYR F 707 22.48 54.06 -20.27
N ASN F 708 22.13 53.20 -19.32
CA ASN F 708 23.14 52.35 -18.68
C ASN F 708 23.80 51.42 -19.68
N LEU F 709 23.01 50.78 -20.54
CA LEU F 709 23.60 49.94 -21.59
C LEU F 709 24.34 50.79 -22.62
N LEU F 710 23.90 52.03 -22.83
CA LEU F 710 24.57 52.89 -23.80
C LEU F 710 25.81 53.56 -23.25
N ARG F 711 25.98 53.65 -21.94
CA ARG F 711 27.20 54.25 -21.41
C ARG F 711 28.38 53.30 -21.47
N VAL F 712 28.13 52.01 -21.59
CA VAL F 712 29.23 51.06 -21.78
C VAL F 712 29.79 51.15 -23.18
N SER F 713 28.92 51.29 -24.19
CA SER F 713 29.38 51.67 -25.51
C SER F 713 29.66 53.16 -25.56
N SER F 714 30.68 53.54 -26.33
CA SER F 714 31.01 54.95 -26.55
C SER F 714 31.14 55.72 -25.22
N SER F 715 31.92 55.14 -24.31
CA SER F 715 32.04 55.67 -22.96
C SER F 715 33.03 56.83 -22.86
N GLU F 716 33.53 57.34 -23.99
CA GLU F 716 34.56 58.37 -23.93
C GLU F 716 34.02 59.66 -23.31
N GLY F 717 32.92 60.18 -23.84
CA GLY F 717 32.39 61.43 -23.36
C GLY F 717 31.87 61.38 -21.94
N VAL F 718 32.63 61.95 -21.01
CA VAL F 718 32.13 62.09 -19.63
C VAL F 718 30.98 63.09 -19.60
N THR F 719 31.20 64.30 -20.13
CA THR F 719 30.18 65.33 -20.34
C THR F 719 29.42 65.54 -19.03
N VAL F 720 28.08 65.52 -19.03
CA VAL F 720 27.29 65.81 -17.83
C VAL F 720 26.46 64.60 -17.46
N GLY F 721 26.20 64.48 -16.16
CA GLY F 721 25.37 63.41 -15.63
C GLY F 721 23.92 63.83 -15.52
N PRO F 722 23.17 63.19 -14.60
CA PRO F 722 21.73 63.46 -14.47
C PRO F 722 21.38 64.91 -14.17
N VAL F 723 20.82 65.62 -15.14
CA VAL F 723 20.51 67.03 -15.01
C VAL F 723 19.07 67.19 -14.54
N LEU F 724 18.87 67.90 -13.43
CA LEU F 724 17.53 68.11 -12.87
C LEU F 724 16.95 69.41 -13.40
N MET F 725 15.91 69.29 -14.24
CA MET F 725 15.24 70.44 -14.84
C MET F 725 13.88 70.64 -14.17
N GLY F 726 13.49 71.91 -14.02
CA GLY F 726 12.18 72.24 -13.51
C GLY F 726 12.12 72.59 -12.03
N VAL F 727 13.24 72.92 -11.40
CA VAL F 727 13.27 73.28 -10.00
C VAL F 727 13.58 74.77 -9.89
N ALA F 728 13.00 75.40 -8.88
CA ALA F 728 13.16 76.85 -8.71
C ALA F 728 14.62 77.24 -8.44
N LYS F 729 15.37 76.39 -7.75
CA LYS F 729 16.73 76.74 -7.38
C LYS F 729 17.73 75.83 -8.09
N PRO F 730 18.94 76.35 -8.41
CA PRO F 730 19.90 75.56 -9.20
C PRO F 730 20.46 74.36 -8.45
N VAL F 731 19.95 73.18 -8.78
CA VAL F 731 20.22 71.95 -8.04
C VAL F 731 20.42 70.82 -9.04
N HIS F 732 21.27 69.86 -8.68
CA HIS F 732 21.41 68.65 -9.47
C HIS F 732 21.69 67.47 -8.55
N VAL F 733 21.05 66.35 -8.87
CA VAL F 733 21.23 65.09 -8.14
C VAL F 733 21.93 64.11 -9.06
N LEU F 734 22.90 63.38 -8.52
CA LEU F 734 23.82 62.58 -9.31
C LEU F 734 23.73 61.11 -8.93
N THR F 735 24.21 60.27 -9.83
CA THR F 735 24.34 58.85 -9.52
C THR F 735 25.55 58.63 -8.62
N PRO F 736 25.52 57.60 -7.76
CA PRO F 736 26.70 57.28 -6.96
C PRO F 736 27.84 56.68 -7.76
N ILE F 737 27.65 56.40 -9.05
CA ILE F 737 28.71 55.86 -9.89
C ILE F 737 29.20 56.96 -10.81
N ALA F 738 29.21 58.20 -10.31
CA ALA F 738 29.67 59.35 -11.07
C ALA F 738 31.12 59.64 -10.72
N SER F 739 31.98 59.69 -11.73
CA SER F 739 33.40 59.92 -11.52
C SER F 739 33.64 61.36 -11.06
N VAL F 740 34.84 61.59 -10.50
CA VAL F 740 35.21 62.92 -10.04
C VAL F 740 35.16 63.92 -11.19
N ARG F 741 35.52 63.47 -12.39
CA ARG F 741 35.34 64.29 -13.58
C ARG F 741 33.89 64.72 -13.73
N ARG F 742 32.95 63.78 -13.58
CA ARG F 742 31.54 64.09 -13.74
C ARG F 742 31.05 65.07 -12.68
N ILE F 743 31.58 64.98 -11.46
CA ILE F 743 31.15 65.90 -10.41
C ILE F 743 31.65 67.31 -10.70
N VAL F 744 32.88 67.44 -11.19
CA VAL F 744 33.40 68.75 -11.56
C VAL F 744 32.58 69.34 -12.70
N ASN F 745 32.22 68.51 -13.68
CA ASN F 745 31.34 68.96 -14.75
C ASN F 745 30.02 69.50 -14.18
N MET F 746 29.38 68.73 -13.30
CA MET F 746 28.04 69.08 -12.83
C MET F 746 28.07 70.29 -11.91
N VAL F 747 29.13 70.46 -11.13
CA VAL F 747 29.23 71.63 -10.26
C VAL F 747 29.37 72.90 -11.11
N ALA F 748 30.15 72.82 -12.19
CA ALA F 748 30.31 73.96 -13.08
C ALA F 748 28.97 74.37 -13.69
N LEU F 749 28.20 73.39 -14.17
CA LEU F 749 26.92 73.69 -14.78
C LEU F 749 26.00 74.43 -13.82
N ALA F 750 25.99 74.02 -12.56
CA ALA F 750 25.10 74.64 -11.58
C ALA F 750 25.50 76.08 -11.29
N VAL F 751 26.79 76.38 -11.34
CA VAL F 751 27.25 77.74 -11.06
C VAL F 751 26.78 78.69 -12.14
N VAL F 752 26.91 78.28 -13.41
CA VAL F 752 26.45 79.13 -14.51
C VAL F 752 24.94 79.33 -14.45
N GLU F 753 24.22 78.29 -14.01
CA GLU F 753 22.79 78.43 -13.80
C GLU F 753 22.50 79.50 -12.75
N ALA F 754 23.28 79.51 -11.66
CA ALA F 754 23.05 80.45 -10.57
C ALA F 754 23.41 81.89 -10.96
N GLN F 755 24.27 82.07 -11.96
CA GLN F 755 24.62 83.42 -12.38
C GLN F 755 23.40 84.20 -12.85
N THR F 756 22.52 83.54 -13.59
CA THR F 756 21.39 84.17 -14.27
C THR F 756 20.08 83.64 -13.67
N GLN F 757 19.82 83.99 -12.43
CA GLN F 757 18.58 83.60 -11.77
C GLN F 757 17.42 84.50 -12.21
N MET G 1 -44.52 -30.92 56.35
CA MET G 1 -43.39 -31.68 55.83
C MET G 1 -43.85 -32.67 54.77
N ASP G 2 -43.25 -32.58 53.58
CA ASP G 2 -43.58 -33.50 52.49
C ASP G 2 -43.34 -34.94 52.93
N ASP G 3 -44.19 -35.85 52.45
CA ASP G 3 -43.97 -37.27 52.76
C ASP G 3 -42.77 -37.82 52.02
N GLN G 4 -42.40 -37.21 50.90
CA GLN G 4 -41.21 -37.63 50.16
C GLN G 4 -39.96 -36.94 50.65
N LEU G 5 -40.05 -35.67 51.08
CA LEU G 5 -38.92 -35.02 51.73
C LEU G 5 -38.68 -35.57 53.12
N LYS G 6 -39.70 -36.19 53.73
CA LYS G 6 -39.56 -36.83 55.03
C LYS G 6 -38.93 -38.22 54.90
N GLN G 7 -39.34 -38.98 53.89
CA GLN G 7 -38.76 -40.31 53.70
C GLN G 7 -37.34 -40.21 53.13
N SER G 8 -37.14 -39.34 52.13
CA SER G 8 -35.80 -39.16 51.57
C SER G 8 -34.82 -38.60 52.60
N ALA G 9 -35.33 -38.02 53.69
CA ALA G 9 -34.46 -37.57 54.75
C ALA G 9 -34.03 -38.72 55.64
N LEU G 10 -34.94 -39.65 55.94
CA LEU G 10 -34.60 -40.80 56.77
C LEU G 10 -33.47 -41.63 56.14
N ASP G 11 -33.44 -41.69 54.81
CA ASP G 11 -32.43 -42.50 54.13
C ASP G 11 -31.06 -41.86 54.24
N PHE G 12 -31.00 -40.52 54.16
CA PHE G 12 -29.73 -39.81 54.21
C PHE G 12 -28.93 -40.16 55.46
N HIS G 13 -29.62 -40.46 56.56
CA HIS G 13 -28.96 -40.66 57.85
C HIS G 13 -28.50 -42.10 58.06
N GLU G 14 -29.28 -43.08 57.59
CA GLU G 14 -29.00 -44.47 57.95
C GLU G 14 -28.02 -45.15 57.01
N PHE G 15 -28.15 -44.96 55.70
CA PHE G 15 -27.28 -45.68 54.79
C PHE G 15 -26.15 -44.79 54.29
N PRO G 16 -24.96 -45.37 54.02
CA PRO G 16 -24.65 -46.79 54.21
C PRO G 16 -24.03 -47.10 55.58
N VAL G 17 -23.83 -46.07 56.41
CA VAL G 17 -23.30 -46.23 57.75
C VAL G 17 -24.20 -45.45 58.72
N PRO G 18 -24.51 -45.99 59.89
CA PRO G 18 -25.26 -45.20 60.88
C PRO G 18 -24.41 -44.03 61.38
N GLY G 19 -25.01 -42.85 61.39
CA GLY G 19 -24.36 -41.67 61.94
C GLY G 19 -23.77 -40.78 60.85
N LYS G 20 -23.65 -39.49 61.17
CA LYS G 20 -23.15 -38.50 60.24
C LYS G 20 -21.74 -38.03 60.58
N ILE G 21 -21.07 -38.67 61.54
CA ILE G 21 -19.71 -38.31 61.93
C ILE G 21 -18.92 -39.58 62.22
N GLN G 22 -17.62 -39.41 62.42
CA GLN G 22 -16.72 -40.52 62.74
C GLN G 22 -15.41 -39.95 63.25
N VAL G 23 -14.69 -40.76 64.02
CA VAL G 23 -13.42 -40.37 64.63
C VAL G 23 -12.30 -40.88 63.74
N SER G 24 -11.55 -39.96 63.15
CA SER G 24 -10.49 -40.31 62.22
C SER G 24 -9.13 -40.04 62.82
N PRO G 25 -8.20 -40.99 62.74
CA PRO G 25 -6.82 -40.71 63.18
C PRO G 25 -6.15 -39.68 62.26
N THR G 26 -5.49 -38.70 62.88
CA THR G 26 -4.76 -37.69 62.13
C THR G 26 -3.25 -37.95 62.09
N LYS G 27 -2.74 -38.83 62.95
CA LYS G 27 -1.34 -39.21 63.00
C LYS G 27 -1.17 -40.62 62.46
N PRO G 28 -0.04 -40.91 61.82
CA PRO G 28 0.17 -42.26 61.26
C PRO G 28 0.13 -43.33 62.35
N LEU G 29 -0.42 -44.48 61.98
CA LEU G 29 -0.49 -45.64 62.86
C LEU G 29 -0.23 -46.91 62.06
N ALA G 30 0.87 -46.92 61.31
CA ALA G 30 1.17 -48.02 60.41
C ALA G 30 2.07 -49.07 61.06
N THR G 31 3.14 -48.63 61.70
CA THR G 31 4.12 -49.53 62.28
C THR G 31 3.99 -49.55 63.79
N GLN G 32 4.71 -50.50 64.41
CA GLN G 32 4.71 -50.58 65.87
C GLN G 32 5.32 -49.34 66.49
N ARG G 33 6.35 -48.77 65.85
CA ARG G 33 7.00 -47.59 66.40
C ARG G 33 6.05 -46.39 66.44
N ASP G 34 5.23 -46.23 65.39
CA ASP G 34 4.19 -45.21 65.44
C ASP G 34 3.25 -45.46 66.62
N LEU G 35 2.97 -46.73 66.91
CA LEU G 35 2.12 -47.07 68.05
C LEU G 35 2.81 -46.74 69.36
N ALA G 36 4.11 -46.97 69.44
CA ALA G 36 4.85 -46.62 70.65
C ALA G 36 4.82 -45.11 70.90
N LEU G 37 4.82 -44.32 69.83
CA LEU G 37 4.74 -42.86 69.99
C LEU G 37 3.34 -42.42 70.38
N ALA G 38 2.31 -43.13 69.93
CA ALA G 38 0.94 -42.74 70.22
C ALA G 38 0.59 -43.01 71.68
N TYR G 39 1.09 -44.12 72.23
CA TYR G 39 0.78 -44.49 73.60
C TYR G 39 2.04 -44.77 74.43
N SER G 40 2.19 -46.00 74.87
CA SER G 40 3.31 -46.38 75.73
C SER G 40 4.58 -46.52 74.88
N PRO G 41 5.67 -45.83 75.23
CA PRO G 41 5.71 -44.86 76.34
C PRO G 41 5.70 -43.41 75.86
N GLY G 42 5.59 -43.22 74.54
CA GLY G 42 5.80 -41.90 73.97
C GLY G 42 4.79 -40.87 74.38
N VAL G 43 3.56 -41.29 74.68
CA VAL G 43 2.51 -40.34 75.02
C VAL G 43 2.82 -39.60 76.31
N ALA G 44 3.73 -40.14 77.13
CA ALA G 44 4.01 -39.51 78.42
C ALA G 44 4.65 -38.14 78.26
N ALA G 45 5.50 -37.97 77.24
CA ALA G 45 6.25 -36.72 77.15
C ALA G 45 5.35 -35.51 76.88
N PRO G 46 4.37 -35.56 75.97
CA PRO G 46 3.49 -34.38 75.81
C PRO G 46 2.66 -34.11 77.05
N CYS G 47 2.35 -35.14 77.84
CA CYS G 47 1.54 -34.93 79.04
C CYS G 47 2.29 -34.12 80.09
N LEU G 48 3.59 -34.38 80.25
CA LEU G 48 4.36 -33.67 81.26
C LEU G 48 4.56 -32.21 80.90
N GLU G 49 4.59 -31.87 79.61
CA GLU G 49 4.70 -30.48 79.20
C GLU G 49 3.41 -29.71 79.49
N ILE G 50 2.25 -30.37 79.39
CA ILE G 50 0.99 -29.74 79.78
C ILE G 50 0.92 -29.60 81.29
N GLU G 51 1.62 -30.47 82.02
CA GLU G 51 1.73 -30.32 83.47
C GLU G 51 2.47 -29.03 83.83
N LYS G 52 3.54 -28.71 83.09
CA LYS G 52 4.25 -27.46 83.33
C LYS G 52 3.43 -26.25 82.90
N ASP G 53 2.72 -26.36 81.78
CA ASP G 53 1.96 -25.25 81.24
C ASP G 53 0.64 -25.72 80.63
N PRO G 54 -0.50 -25.24 81.15
CA PRO G 54 -1.78 -25.61 80.53
C PRO G 54 -1.98 -25.00 79.15
N LEU G 55 -1.39 -23.83 78.89
CA LEU G 55 -1.48 -23.21 77.57
C LEU G 55 -0.70 -24.00 76.52
N LYS G 56 0.31 -24.77 76.92
CA LYS G 56 1.05 -25.63 76.00
C LYS G 56 0.19 -26.75 75.42
N ALA G 57 -1.00 -26.98 75.98
CA ALA G 57 -1.86 -28.04 75.49
C ALA G 57 -2.36 -27.75 74.08
N TYR G 58 -2.69 -26.48 73.79
CA TYR G 58 -3.14 -26.10 72.45
C TYR G 58 -2.11 -26.45 71.38
N LYS G 59 -0.84 -26.62 71.78
CA LYS G 59 0.22 -27.00 70.85
C LYS G 59 0.29 -28.51 70.63
N TYR G 60 -0.14 -29.30 71.61
CA TYR G 60 0.02 -30.75 71.56
C TYR G 60 -1.29 -31.53 71.46
N THR G 61 -2.43 -30.88 71.69
CA THR G 61 -3.73 -31.57 71.64
C THR G 61 -4.67 -30.85 70.69
N ALA G 62 -5.73 -31.57 70.32
CA ALA G 62 -6.77 -31.05 69.42
C ALA G 62 -7.70 -30.08 70.10
N ARG G 63 -7.40 -29.68 71.34
CA ARG G 63 -8.24 -28.73 72.06
C ARG G 63 -8.30 -27.38 71.35
N GLY G 64 -7.30 -27.05 70.52
CA GLY G 64 -7.33 -25.80 69.79
C GLY G 64 -8.48 -25.70 68.79
N ASN G 65 -8.87 -26.84 68.21
CA ASN G 65 -9.91 -26.86 67.17
C ASN G 65 -11.11 -27.70 67.59
N LEU G 66 -11.35 -27.86 68.88
CA LEU G 66 -12.43 -28.70 69.38
C LEU G 66 -13.47 -27.84 70.09
N VAL G 67 -14.73 -28.05 69.76
CA VAL G 67 -15.84 -27.28 70.32
C VAL G 67 -16.98 -28.24 70.62
N ALA G 68 -17.61 -28.06 71.78
CA ALA G 68 -18.71 -28.92 72.20
C ALA G 68 -20.05 -28.27 71.88
N VAL G 69 -20.93 -29.03 71.25
CA VAL G 69 -22.31 -28.62 71.03
C VAL G 69 -23.18 -29.45 71.98
N ILE G 70 -23.85 -28.78 72.91
CA ILE G 70 -24.52 -29.45 74.02
C ILE G 70 -26.00 -29.10 74.00
N SER G 71 -26.84 -30.10 74.26
CA SER G 71 -28.29 -29.93 74.28
C SER G 71 -28.91 -30.96 75.18
N ASN G 72 -30.06 -30.61 75.76
CA ASN G 72 -30.90 -31.55 76.49
C ASN G 72 -32.15 -31.94 75.71
N GLY G 73 -32.30 -31.45 74.48
CA GLY G 73 -33.44 -31.81 73.67
C GLY G 73 -34.74 -31.15 74.07
N THR G 74 -34.67 -29.99 74.72
CA THR G 74 -35.85 -29.31 75.24
C THR G 74 -36.54 -28.42 74.23
N ALA G 75 -35.83 -27.96 73.19
CA ALA G 75 -36.40 -27.08 72.18
C ALA G 75 -35.69 -27.31 70.86
N VAL G 76 -35.75 -28.56 70.37
CA VAL G 76 -35.06 -28.95 69.14
C VAL G 76 -35.71 -28.26 67.95
N LEU G 77 -35.11 -27.16 67.49
CA LEU G 77 -35.62 -26.36 66.38
C LEU G 77 -37.08 -25.97 66.62
N GLY G 78 -37.98 -26.57 65.87
CA GLY G 78 -39.41 -26.36 66.07
C GLY G 78 -40.09 -27.57 66.67
N LEU G 79 -39.36 -28.68 66.79
CA LEU G 79 -39.94 -29.93 67.29
C LEU G 79 -40.31 -29.87 68.76
N GLY G 80 -39.79 -28.90 69.50
CA GLY G 80 -40.07 -28.80 70.92
C GLY G 80 -39.29 -29.82 71.73
N ASN G 81 -39.77 -30.05 72.95
CA ASN G 81 -39.15 -31.03 73.84
C ASN G 81 -39.37 -32.44 73.28
N ILE G 82 -38.31 -33.04 72.75
CA ILE G 82 -38.37 -34.41 72.26
C ILE G 82 -37.40 -35.33 72.99
N GLY G 83 -36.68 -34.83 74.00
CA GLY G 83 -35.75 -35.63 74.75
C GLY G 83 -34.31 -35.41 74.32
N ALA G 84 -33.39 -35.79 75.21
CA ALA G 84 -31.97 -35.63 74.91
C ALA G 84 -31.52 -36.61 73.82
N LEU G 85 -32.15 -37.77 73.72
CA LEU G 85 -31.75 -38.75 72.72
C LEU G 85 -32.25 -38.39 71.33
N ALA G 86 -33.38 -37.70 71.23
CA ALA G 86 -33.94 -37.36 69.91
C ALA G 86 -33.21 -36.19 69.26
N GLY G 87 -32.72 -35.24 70.04
CA GLY G 87 -31.99 -34.12 69.47
C GLY G 87 -30.58 -34.45 69.01
N LYS G 88 -30.16 -35.72 69.11
CA LYS G 88 -28.80 -36.09 68.74
C LYS G 88 -28.49 -35.88 67.27
N PRO G 89 -29.36 -36.24 66.31
CA PRO G 89 -29.06 -35.90 64.90
C PRO G 89 -28.95 -34.41 64.65
N VAL G 90 -29.79 -33.60 65.30
CA VAL G 90 -29.71 -32.15 65.12
C VAL G 90 -28.39 -31.62 65.66
N MET G 91 -27.83 -32.29 66.66
CA MET G 91 -26.53 -31.88 67.20
C MET G 91 -25.38 -32.39 66.34
N GLU G 92 -25.51 -33.58 65.76
CA GLU G 92 -24.52 -34.05 64.80
C GLU G 92 -24.49 -33.17 63.56
N GLY G 93 -25.66 -32.67 63.13
CA GLY G 93 -25.71 -31.77 62.01
C GLY G 93 -25.02 -30.45 62.28
N LYS G 94 -25.04 -30.01 63.54
CA LYS G 94 -24.22 -28.87 63.95
C LYS G 94 -22.74 -29.18 63.76
N GLY G 95 -22.29 -30.32 64.31
CA GLY G 95 -20.89 -30.68 64.25
C GLY G 95 -20.37 -30.91 62.84
N VAL G 96 -21.26 -31.23 61.91
CA VAL G 96 -20.84 -31.36 60.52
C VAL G 96 -20.70 -29.99 59.87
N LEU G 97 -21.61 -29.06 60.18
CA LEU G 97 -21.52 -27.72 59.62
C LEU G 97 -20.26 -27.00 60.09
N PHE G 98 -19.81 -27.27 61.32
CA PHE G 98 -18.55 -26.70 61.78
C PHE G 98 -17.39 -27.16 60.92
N LYS G 99 -17.39 -28.45 60.54
CA LYS G 99 -16.28 -29.01 59.79
C LYS G 99 -16.34 -28.63 58.31
N LYS G 100 -17.54 -28.57 57.74
CA LYS G 100 -17.69 -28.33 56.32
C LYS G 100 -17.60 -26.84 55.95
N PHE G 101 -17.88 -25.94 56.90
CA PHE G 101 -17.80 -24.51 56.66
C PHE G 101 -16.58 -23.86 57.31
N ALA G 102 -16.28 -24.22 58.56
CA ALA G 102 -15.17 -23.60 59.28
C ALA G 102 -14.08 -24.59 59.69
N GLY G 103 -14.20 -25.86 59.32
CA GLY G 103 -13.21 -26.86 59.66
C GLY G 103 -12.96 -26.95 61.14
N ILE G 104 -14.02 -27.13 61.92
CA ILE G 104 -13.94 -27.13 63.38
C ILE G 104 -14.40 -28.49 63.87
N ASP G 105 -13.50 -29.23 64.50
CA ASP G 105 -13.86 -30.51 65.09
C ASP G 105 -14.87 -30.29 66.22
N VAL G 106 -15.92 -31.10 66.25
CA VAL G 106 -17.00 -30.91 67.21
C VAL G 106 -17.45 -32.26 67.77
N PHE G 107 -17.50 -32.34 69.11
CA PHE G 107 -18.25 -33.38 69.81
C PHE G 107 -19.62 -32.82 70.17
N ASP G 108 -20.67 -33.61 69.93
CA ASP G 108 -21.98 -33.27 70.45
C ASP G 108 -22.18 -33.98 71.79
N ILE G 109 -22.90 -33.31 72.69
CA ILE G 109 -23.10 -33.83 74.05
C ILE G 109 -24.55 -33.62 74.43
N GLU G 110 -25.26 -34.71 74.72
CA GLU G 110 -26.65 -34.66 75.13
C GLU G 110 -26.75 -35.01 76.61
N VAL G 111 -27.23 -34.05 77.41
CA VAL G 111 -27.30 -34.19 78.86
C VAL G 111 -28.69 -34.68 79.24
N ASP G 112 -28.74 -35.76 80.02
CA ASP G 112 -30.00 -36.31 80.52
C ASP G 112 -30.35 -35.63 81.85
N GLU G 113 -30.66 -34.34 81.73
CA GLU G 113 -30.93 -33.51 82.90
C GLU G 113 -31.66 -32.26 82.47
N LEU G 114 -32.72 -31.92 83.21
CA LEU G 114 -33.48 -30.70 82.98
C LEU G 114 -33.20 -29.61 84.00
N ASP G 115 -32.56 -29.94 85.13
CA ASP G 115 -32.34 -28.98 86.19
C ASP G 115 -31.24 -28.00 85.80
N PRO G 116 -31.52 -26.69 85.78
CA PRO G 116 -30.49 -25.74 85.33
C PRO G 116 -29.22 -25.75 86.16
N ASP G 117 -29.28 -26.21 87.41
CA ASP G 117 -28.09 -26.24 88.25
C ASP G 117 -27.26 -27.49 88.00
N LYS G 118 -27.90 -28.65 87.96
CA LYS G 118 -27.17 -29.88 87.66
C LYS G 118 -26.60 -29.86 86.25
N PHE G 119 -27.29 -29.20 85.32
CA PHE G 119 -26.81 -29.09 83.94
C PHE G 119 -25.48 -28.34 83.89
N ILE G 120 -25.40 -27.21 84.60
CA ILE G 120 -24.18 -26.40 84.59
C ILE G 120 -23.02 -27.16 85.21
N GLU G 121 -23.29 -27.93 86.27
CA GLU G 121 -22.22 -28.64 86.97
C GLU G 121 -21.54 -29.66 86.05
N VAL G 122 -22.33 -30.42 85.30
CA VAL G 122 -21.75 -31.37 84.36
C VAL G 122 -20.98 -30.64 83.25
N VAL G 123 -21.54 -29.54 82.76
CA VAL G 123 -20.89 -28.79 81.69
C VAL G 123 -19.56 -28.21 82.18
N ALA G 124 -19.61 -27.43 83.26
CA ALA G 124 -18.40 -26.82 83.79
C ALA G 124 -17.36 -27.88 84.16
N ALA G 125 -17.80 -29.08 84.52
CA ALA G 125 -16.86 -30.17 84.80
C ALA G 125 -16.12 -30.63 83.55
N LEU G 126 -16.62 -30.27 82.36
CA LEU G 126 -16.03 -30.69 81.10
C LEU G 126 -15.18 -29.58 80.46
N GLU G 127 -14.75 -28.59 81.23
CA GLU G 127 -13.90 -27.54 80.69
C GLU G 127 -12.55 -28.04 80.18
N PRO G 128 -11.85 -28.99 80.83
CA PRO G 128 -10.55 -29.41 80.31
C PRO G 128 -10.60 -30.00 78.90
N THR G 129 -11.69 -30.67 78.53
CA THR G 129 -11.74 -31.35 77.24
C THR G 129 -11.76 -30.36 76.08
N PHE G 130 -12.68 -29.40 76.10
CA PHE G 130 -12.93 -28.52 74.97
C PHE G 130 -12.30 -27.16 75.17
N GLY G 131 -11.98 -26.51 74.06
CA GLY G 131 -11.61 -25.11 74.03
C GLY G 131 -12.75 -24.17 73.74
N GLY G 132 -13.96 -24.71 73.59
CA GLY G 132 -15.13 -23.90 73.32
C GLY G 132 -16.39 -24.66 73.70
N ILE G 133 -17.46 -23.90 73.93
CA ILE G 133 -18.75 -24.43 74.33
C ILE G 133 -19.83 -23.79 73.48
N ASN G 134 -20.55 -24.61 72.70
CA ASN G 134 -21.68 -24.17 71.90
C ASN G 134 -22.95 -24.75 72.50
N LEU G 135 -23.95 -23.91 72.71
CA LEU G 135 -25.23 -24.32 73.28
C LEU G 135 -26.31 -24.21 72.22
N GLU G 136 -27.10 -25.27 72.07
CA GLU G 136 -28.16 -25.33 71.07
C GLU G 136 -29.38 -26.02 71.65
N ASP G 137 -30.56 -25.45 71.38
CA ASP G 137 -31.85 -26.07 71.69
C ASP G 137 -32.01 -26.33 73.19
N ILE G 138 -32.05 -25.23 73.94
CA ILE G 138 -32.44 -25.23 75.34
C ILE G 138 -33.54 -24.20 75.52
N LYS G 139 -34.70 -24.64 76.01
CA LYS G 139 -35.87 -23.80 76.09
C LYS G 139 -35.65 -22.66 77.09
N ALA G 140 -36.57 -21.64 77.03
CA ALA G 140 -36.61 -20.42 77.83
C ALA G 140 -37.50 -20.61 79.06
N PRO G 141 -37.20 -19.95 80.18
CA PRO G 141 -36.05 -19.06 80.36
C PRO G 141 -34.82 -19.74 80.97
N GLU G 142 -34.74 -21.06 80.91
CA GLU G 142 -33.57 -21.76 81.45
C GLU G 142 -32.30 -21.38 80.72
N CYS G 143 -32.41 -20.99 79.44
CA CYS G 143 -31.23 -20.62 78.66
C CYS G 143 -30.53 -19.42 79.27
N PHE G 144 -31.29 -18.35 79.54
CA PHE G 144 -30.70 -17.13 80.10
C PHE G 144 -29.94 -17.43 81.39
N TYR G 145 -30.48 -18.31 82.23
CA TYR G 145 -29.86 -18.60 83.50
C TYR G 145 -28.66 -19.53 83.36
N ILE G 146 -28.76 -20.53 82.47
CA ILE G 146 -27.67 -21.48 82.30
C ILE G 146 -26.46 -20.82 81.63
N GLU G 147 -26.70 -20.02 80.60
CA GLU G 147 -25.60 -19.42 79.85
C GLU G 147 -24.91 -18.32 80.66
N GLN G 148 -25.69 -17.56 81.44
CA GLN G 148 -25.11 -16.47 82.20
C GLN G 148 -24.12 -16.97 83.24
N LYS G 149 -24.47 -18.05 83.96
CA LYS G 149 -23.59 -18.57 85.00
C LYS G 149 -22.42 -19.35 84.42
N LEU G 150 -22.61 -19.99 83.26
CA LEU G 150 -21.54 -20.80 82.68
C LEU G 150 -20.41 -19.94 82.13
N ARG G 151 -20.74 -18.78 81.56
CA ARG G 151 -19.72 -17.93 80.95
C ARG G 151 -18.68 -17.47 81.97
N GLU G 152 -19.14 -16.91 83.08
CA GLU G 152 -18.22 -16.43 84.10
C GLU G 152 -17.43 -17.57 84.73
N ARG G 153 -18.12 -18.68 85.04
CA ARG G 153 -17.48 -19.81 85.70
C ARG G 153 -16.36 -20.40 84.84
N MET G 154 -16.61 -20.56 83.56
CA MET G 154 -15.68 -21.26 82.66
C MET G 154 -14.76 -20.28 81.96
N ASN G 155 -13.47 -20.63 81.90
CA ASN G 155 -12.47 -19.88 81.15
C ASN G 155 -12.38 -20.34 79.70
N ILE G 156 -13.41 -21.02 79.20
CA ILE G 156 -13.55 -21.33 77.78
C ILE G 156 -14.84 -20.69 77.29
N PRO G 157 -14.92 -20.27 76.03
CA PRO G 157 -16.09 -19.50 75.58
C PRO G 157 -17.36 -20.33 75.60
N VAL G 158 -18.42 -19.72 76.15
CA VAL G 158 -19.75 -20.32 76.19
C VAL G 158 -20.67 -19.46 75.34
N PHE G 159 -21.38 -20.10 74.40
CA PHE G 159 -22.19 -19.39 73.41
C PHE G 159 -23.47 -20.18 73.19
N HIS G 160 -24.60 -19.48 73.22
CA HIS G 160 -25.89 -20.09 72.90
C HIS G 160 -26.27 -19.67 71.49
N ASP G 161 -26.46 -20.66 70.61
CA ASP G 161 -26.67 -20.37 69.20
C ASP G 161 -28.01 -19.67 68.96
N ASP G 162 -29.08 -20.18 69.56
CA ASP G 162 -30.39 -19.58 69.33
C ASP G 162 -30.50 -18.19 69.94
N GLN G 163 -29.89 -17.99 71.11
CA GLN G 163 -29.99 -16.69 71.78
C GLN G 163 -29.28 -15.60 70.97
N HIS G 164 -28.02 -15.83 70.63
CA HIS G 164 -27.19 -14.79 70.02
C HIS G 164 -26.88 -15.02 68.56
N GLY G 165 -26.77 -16.27 68.10
CA GLY G 165 -26.50 -16.52 66.70
C GLY G 165 -27.55 -15.93 65.79
N THR G 166 -28.82 -16.09 66.15
CA THR G 166 -29.89 -15.46 65.40
C THR G 166 -29.89 -13.95 65.58
N ALA G 167 -29.49 -13.48 66.76
CA ALA G 167 -29.54 -12.05 67.04
C ALA G 167 -28.43 -11.29 66.32
N ILE G 168 -27.26 -11.91 66.18
CA ILE G 168 -26.15 -11.24 65.51
C ILE G 168 -26.50 -10.96 64.06
N ILE G 169 -27.12 -11.94 63.38
CA ILE G 169 -27.51 -11.75 61.98
C ILE G 169 -28.55 -10.64 61.85
N SER G 170 -29.58 -10.69 62.70
CA SER G 170 -30.63 -9.69 62.65
C SER G 170 -30.08 -8.29 62.88
N THR G 171 -29.11 -8.16 63.79
CA THR G 171 -28.51 -6.86 64.06
C THR G 171 -27.88 -6.27 62.82
N ALA G 172 -27.10 -7.08 62.09
CA ALA G 172 -26.47 -6.60 60.88
C ALA G 172 -27.49 -6.19 59.83
N ALA G 173 -28.59 -6.95 59.72
CA ALA G 173 -29.61 -6.63 58.74
C ALA G 173 -30.21 -5.27 58.99
N ILE G 174 -30.48 -4.95 60.26
CA ILE G 174 -31.09 -3.67 60.59
C ILE G 174 -30.15 -2.52 60.27
N LEU G 175 -28.86 -2.67 60.61
CA LEU G 175 -27.88 -1.63 60.30
C LEU G 175 -27.82 -1.37 58.81
N ASN G 176 -27.86 -2.42 58.00
CA ASN G 176 -27.83 -2.25 56.55
C ASN G 176 -29.11 -1.62 56.05
N GLY G 177 -30.26 -2.06 56.54
CA GLY G 177 -31.52 -1.49 56.09
C GLY G 177 -31.64 -0.01 56.41
N LEU G 178 -31.07 0.41 57.55
CA LEU G 178 -31.08 1.83 57.89
C LEU G 178 -30.30 2.64 56.86
N ARG G 179 -29.22 2.08 56.32
CA ARG G 179 -28.53 2.72 55.20
C ARG G 179 -29.43 2.76 53.98
N VAL G 180 -30.19 1.70 53.74
CA VAL G 180 -31.06 1.64 52.56
C VAL G 180 -32.19 2.66 52.67
N VAL G 181 -32.83 2.73 53.86
CA VAL G 181 -33.91 3.68 54.06
C VAL G 181 -33.40 5.06 54.50
N GLU G 182 -32.09 5.19 54.71
CA GLU G 182 -31.47 6.47 55.06
C GLU G 182 -32.10 7.06 56.34
N LYS G 183 -32.07 6.25 57.40
CA LYS G 183 -32.65 6.62 58.69
C LYS G 183 -31.60 6.44 59.77
N ASN G 184 -31.40 7.45 60.59
CA ASN G 184 -30.45 7.37 61.68
C ASN G 184 -30.90 6.34 62.71
N ILE G 185 -29.93 5.66 63.32
CA ILE G 185 -30.26 4.61 64.28
C ILE G 185 -30.87 5.20 65.55
N SER G 186 -30.50 6.43 65.90
CA SER G 186 -31.02 7.03 67.13
C SER G 186 -32.50 7.39 66.98
N ASP G 187 -32.90 7.87 65.80
CA ASP G 187 -34.26 8.39 65.62
C ASP G 187 -35.30 7.28 65.46
N VAL G 188 -34.90 6.11 64.96
CA VAL G 188 -35.88 5.09 64.62
C VAL G 188 -36.49 4.51 65.89
N ARG G 189 -37.75 4.07 65.77
CA ARG G 189 -38.52 3.50 66.85
C ARG G 189 -38.83 2.04 66.52
N MET G 190 -38.54 1.14 67.45
CA MET G 190 -38.61 -0.29 67.20
C MET G 190 -39.61 -0.95 68.14
N VAL G 191 -40.40 -1.87 67.58
CA VAL G 191 -41.43 -2.60 68.33
C VAL G 191 -41.10 -4.08 68.26
N VAL G 192 -41.07 -4.73 69.42
CA VAL G 192 -40.67 -6.13 69.53
C VAL G 192 -41.84 -6.92 70.09
N SER G 193 -42.24 -7.97 69.37
CA SER G 193 -43.34 -8.84 69.78
C SER G 193 -42.81 -10.25 69.98
N GLY G 194 -43.23 -10.89 71.07
CA GLY G 194 -42.76 -12.23 71.38
C GLY G 194 -41.50 -12.24 72.19
N ALA G 195 -41.52 -12.93 73.34
CA ALA G 195 -40.37 -12.99 74.24
C ALA G 195 -39.36 -14.05 73.76
N GLY G 196 -38.96 -13.91 72.50
CA GLY G 196 -37.94 -14.80 71.96
C GLY G 196 -36.57 -14.50 72.53
N ALA G 197 -35.79 -15.57 72.70
CA ALA G 197 -34.46 -15.43 73.30
C ALA G 197 -33.54 -14.56 72.45
N ALA G 198 -33.72 -14.58 71.13
CA ALA G 198 -32.92 -13.73 70.27
C ALA G 198 -33.37 -12.28 70.34
N ALA G 199 -34.64 -12.03 70.68
CA ALA G 199 -35.14 -10.67 70.73
C ALA G 199 -34.48 -9.86 71.84
N ILE G 200 -34.32 -10.45 73.02
CA ILE G 200 -33.70 -9.73 74.14
C ILE G 200 -32.25 -9.42 73.83
N ALA G 201 -31.52 -10.43 73.34
CA ALA G 201 -30.10 -10.25 73.06
C ALA G 201 -29.87 -9.28 71.90
N CYS G 202 -30.68 -9.38 70.85
CA CYS G 202 -30.56 -8.45 69.73
C CYS G 202 -30.79 -7.01 70.16
N MET G 203 -31.77 -6.79 71.04
CA MET G 203 -32.00 -5.45 71.57
C MET G 203 -30.78 -4.94 72.33
N ASN G 204 -30.18 -5.80 73.16
CA ASN G 204 -28.97 -5.42 73.88
C ASN G 204 -27.88 -4.96 72.91
N LEU G 205 -27.72 -5.69 71.81
CA LEU G 205 -26.71 -5.33 70.83
C LEU G 205 -27.07 -4.02 70.11
N LEU G 206 -28.36 -3.82 69.85
CA LEU G 206 -28.78 -2.64 69.10
C LEU G 206 -28.60 -1.37 69.91
N VAL G 207 -28.89 -1.42 71.22
CA VAL G 207 -28.76 -0.24 72.06
C VAL G 207 -27.32 0.24 72.08
N ALA G 208 -26.37 -0.69 72.25
CA ALA G 208 -24.96 -0.33 72.25
C ALA G 208 -24.53 0.29 70.92
N LEU G 209 -25.15 -0.15 69.82
CA LEU G 209 -24.82 0.39 68.51
C LEU G 209 -25.48 1.74 68.25
N GLY G 210 -26.42 2.17 69.09
CA GLY G 210 -26.98 3.49 68.96
C GLY G 210 -28.49 3.58 69.05
N LEU G 211 -29.16 2.45 69.29
CA LEU G 211 -30.60 2.46 69.40
C LEU G 211 -31.01 3.05 70.74
N GLN G 212 -31.97 3.98 70.71
CA GLN G 212 -32.41 4.68 71.90
C GLN G 212 -33.44 3.83 72.66
N LYS G 213 -33.19 3.62 73.96
CA LYS G 213 -34.09 2.78 74.75
C LYS G 213 -35.48 3.40 74.85
N HIS G 214 -35.56 4.73 74.96
CA HIS G 214 -36.87 5.36 75.04
C HIS G 214 -37.68 5.15 73.76
N ASN G 215 -37.00 4.91 72.63
CA ASN G 215 -37.70 4.56 71.40
C ASN G 215 -38.12 3.10 71.38
N ILE G 216 -37.40 2.24 72.09
CA ILE G 216 -37.73 0.81 72.10
C ILE G 216 -39.00 0.56 72.89
N VAL G 217 -39.88 -0.26 72.33
CA VAL G 217 -41.13 -0.68 72.96
C VAL G 217 -41.28 -2.19 72.77
N VAL G 218 -41.62 -2.89 73.84
CA VAL G 218 -41.71 -4.35 73.83
C VAL G 218 -43.11 -4.77 74.22
N CYS G 219 -43.64 -5.76 73.50
CA CYS G 219 -44.97 -6.31 73.74
C CYS G 219 -44.86 -7.81 74.02
N ASP G 220 -45.62 -8.27 75.01
CA ASP G 220 -45.70 -9.69 75.32
C ASP G 220 -47.15 -10.15 75.32
N SER G 221 -47.40 -11.35 75.87
CA SER G 221 -48.75 -11.92 75.79
C SER G 221 -49.75 -11.11 76.62
N LYS G 222 -49.34 -10.62 77.78
CA LYS G 222 -50.23 -9.81 78.60
C LYS G 222 -50.62 -8.51 77.89
N GLY G 223 -49.67 -7.92 77.16
CA GLY G 223 -49.91 -6.68 76.46
C GLY G 223 -48.59 -5.94 76.25
N VAL G 224 -48.72 -4.62 76.09
CA VAL G 224 -47.53 -3.78 75.99
C VAL G 224 -46.87 -3.69 77.35
N ILE G 225 -45.58 -4.02 77.42
CA ILE G 225 -44.85 -3.99 78.68
C ILE G 225 -44.62 -2.53 79.07
N TYR G 226 -45.38 -2.06 80.05
CA TYR G 226 -45.15 -0.74 80.64
C TYR G 226 -44.78 -0.91 82.11
N GLN G 227 -44.08 0.09 82.63
CA GLN G 227 -43.59 0.03 84.00
C GLN G 227 -44.77 0.00 84.98
N GLY G 228 -44.74 -0.95 85.91
CA GLY G 228 -45.77 -1.07 86.92
C GLY G 228 -46.96 -1.92 86.52
N ARG G 229 -46.93 -2.56 85.35
CA ARG G 229 -48.02 -3.45 84.97
C ARG G 229 -48.09 -4.64 85.92
N GLU G 230 -46.94 -5.24 86.23
CA GLU G 230 -46.82 -6.27 87.25
C GLU G 230 -45.97 -5.76 88.40
N PRO G 231 -46.37 -6.03 89.65
CA PRO G 231 -45.56 -5.56 90.79
C PRO G 231 -44.15 -6.10 90.80
N ASN G 232 -43.98 -7.38 90.53
CA ASN G 232 -42.67 -7.99 90.35
C ASN G 232 -42.54 -8.42 88.90
N MET G 233 -41.50 -7.94 88.23
CA MET G 233 -41.33 -8.14 86.80
C MET G 233 -39.99 -8.79 86.52
N ALA G 234 -39.93 -9.54 85.41
CA ALA G 234 -38.68 -10.17 85.01
C ALA G 234 -37.64 -9.12 84.69
N GLU G 235 -36.38 -9.44 84.97
CA GLU G 235 -35.30 -8.46 84.82
C GLU G 235 -35.14 -8.03 83.37
N THR G 236 -35.26 -8.97 82.43
CA THR G 236 -35.17 -8.60 81.02
C THR G 236 -36.40 -7.82 80.56
N LYS G 237 -37.57 -8.20 81.07
CA LYS G 237 -38.80 -7.51 80.69
C LYS G 237 -38.89 -6.12 81.31
N ALA G 238 -38.43 -5.98 82.56
CA ALA G 238 -38.51 -4.69 83.24
C ALA G 238 -37.56 -3.67 82.62
N ALA G 239 -36.34 -4.09 82.27
CA ALA G 239 -35.38 -3.17 81.68
C ALA G 239 -35.88 -2.60 80.36
N TYR G 240 -36.63 -3.38 79.59
CA TYR G 240 -37.21 -2.89 78.33
C TYR G 240 -38.71 -2.66 78.52
N ALA G 241 -39.00 -1.65 79.31
CA ALA G 241 -40.36 -1.18 79.53
C ALA G 241 -40.39 0.34 79.38
N VAL G 242 -41.56 0.86 79.03
CA VAL G 242 -41.72 2.28 78.74
C VAL G 242 -42.68 2.89 79.75
N VAL G 243 -42.50 4.18 80.02
CA VAL G 243 -43.50 4.94 80.76
C VAL G 243 -44.84 4.80 80.05
N ASP G 244 -45.89 4.52 80.83
CA ASP G 244 -47.20 4.26 80.24
C ASP G 244 -47.66 5.45 79.42
N ASP G 245 -47.90 5.22 78.13
CA ASP G 245 -48.41 6.24 77.23
C ASP G 245 -49.87 6.00 76.86
N GLY G 246 -50.57 5.13 77.59
CA GLY G 246 -51.94 4.80 77.26
C GLY G 246 -52.09 3.76 76.19
N LYS G 247 -51.01 3.15 75.72
CA LYS G 247 -51.04 2.14 74.68
C LYS G 247 -50.74 0.78 75.30
N ARG G 248 -51.70 -0.13 75.20
CA ARG G 248 -51.54 -1.49 75.70
C ARG G 248 -51.59 -2.54 74.62
N THR G 249 -51.78 -2.15 73.36
CA THR G 249 -51.98 -3.08 72.26
C THR G 249 -50.83 -3.02 71.27
N LEU G 250 -50.52 -4.17 70.66
CA LEU G 250 -49.54 -4.18 69.58
C LEU G 250 -49.98 -3.28 68.43
N ASP G 251 -51.28 -3.18 68.18
CA ASP G 251 -51.78 -2.29 67.15
C ASP G 251 -51.65 -0.82 67.56
N ASP G 252 -51.63 -0.55 68.87
CA ASP G 252 -51.50 0.83 69.33
C ASP G 252 -50.09 1.37 69.06
N VAL G 253 -49.06 0.55 69.30
CA VAL G 253 -47.68 1.01 69.16
C VAL G 253 -47.11 0.78 67.77
N ILE G 254 -47.77 -0.02 66.93
CA ILE G 254 -47.22 -0.30 65.61
C ILE G 254 -47.31 0.93 64.71
N GLU G 255 -48.23 1.85 64.99
CA GLU G 255 -48.37 3.05 64.18
C GLU G 255 -47.15 3.96 64.37
N GLY G 256 -46.56 4.38 63.27
CA GLY G 256 -45.38 5.21 63.33
C GLY G 256 -44.13 4.48 63.80
N ALA G 257 -44.03 3.20 63.49
CA ALA G 257 -42.89 2.37 63.90
C ALA G 257 -42.03 2.05 62.69
N ASP G 258 -40.73 2.33 62.79
CA ASP G 258 -39.83 2.14 61.66
C ASP G 258 -39.33 0.71 61.55
N ILE G 259 -39.20 0.00 62.66
CA ILE G 259 -38.67 -1.36 62.68
C ILE G 259 -39.58 -2.23 63.53
N PHE G 260 -39.81 -3.46 63.08
CA PHE G 260 -40.59 -4.45 63.81
C PHE G 260 -39.82 -5.76 63.85
N LEU G 261 -39.84 -6.42 65.01
CA LEU G 261 -39.18 -7.70 65.21
C LEU G 261 -40.14 -8.67 65.87
N GLY G 262 -40.36 -9.82 65.25
CA GLY G 262 -41.20 -10.85 65.83
C GLY G 262 -40.45 -12.15 66.01
N CYS G 263 -40.48 -12.70 67.22
CA CYS G 263 -39.72 -13.90 67.54
C CYS G 263 -40.56 -15.08 68.00
N SER G 264 -41.74 -14.84 68.56
CA SER G 264 -42.58 -15.91 69.09
C SER G 264 -43.98 -15.78 68.51
N GLY G 265 -44.51 -16.90 68.01
CA GLY G 265 -45.86 -16.94 67.49
C GLY G 265 -45.93 -16.67 66.00
N PRO G 266 -46.91 -17.28 65.33
CA PRO G 266 -47.11 -17.01 63.90
C PRO G 266 -48.31 -16.13 63.62
N LYS G 267 -48.30 -15.46 62.46
CA LYS G 267 -49.40 -14.61 62.02
C LYS G 267 -49.76 -13.56 63.07
N VAL G 268 -48.77 -13.11 63.85
CA VAL G 268 -49.04 -12.08 64.85
C VAL G 268 -49.29 -10.74 64.17
N LEU G 269 -48.64 -10.49 63.04
CA LEU G 269 -48.80 -9.24 62.30
C LEU G 269 -49.91 -9.38 61.27
N THR G 270 -50.53 -8.24 60.95
CA THR G 270 -51.59 -8.19 59.96
C THR G 270 -51.21 -7.25 58.83
N GLN G 271 -51.88 -7.42 57.68
CA GLN G 271 -51.69 -6.49 56.57
C GLN G 271 -52.07 -5.07 56.94
N GLU G 272 -53.13 -4.93 57.74
CA GLU G 272 -53.54 -3.60 58.18
C GLU G 272 -52.51 -2.98 59.11
N MET G 273 -51.86 -3.80 59.94
CA MET G 273 -50.81 -3.29 60.81
C MET G 273 -49.61 -2.77 60.02
N VAL G 274 -49.25 -3.46 58.93
CA VAL G 274 -48.13 -3.02 58.12
C VAL G 274 -48.43 -1.70 57.42
N LYS G 275 -49.68 -1.48 57.01
CA LYS G 275 -50.05 -0.18 56.47
C LYS G 275 -49.70 0.94 57.45
N LYS G 276 -50.06 0.76 58.72
CA LYS G 276 -49.87 1.77 59.75
C LYS G 276 -48.41 2.00 60.12
N MET G 277 -47.48 1.19 59.63
CA MET G 277 -46.08 1.34 59.99
C MET G 277 -45.48 2.60 59.33
N ALA G 278 -44.26 2.93 59.73
CA ALA G 278 -43.60 4.13 59.25
C ALA G 278 -43.07 3.92 57.83
N ARG G 279 -42.49 4.98 57.26
CA ARG G 279 -42.03 4.94 55.88
C ARG G 279 -40.94 3.89 55.68
N ALA G 280 -41.03 3.19 54.56
CA ALA G 280 -40.09 2.13 54.20
C ALA G 280 -39.86 1.20 55.39
N PRO G 281 -40.93 0.54 55.88
CA PRO G 281 -40.80 -0.21 57.13
C PRO G 281 -39.87 -1.41 56.98
N MET G 282 -39.12 -1.68 58.04
CA MET G 282 -38.25 -2.85 58.11
C MET G 282 -38.89 -3.86 59.03
N ILE G 283 -39.28 -5.00 58.47
CA ILE G 283 -39.92 -6.09 59.22
C ILE G 283 -38.94 -7.24 59.33
N LEU G 284 -38.80 -7.78 60.55
CA LEU G 284 -37.88 -8.88 60.83
C LEU G 284 -38.66 -9.98 61.54
N ALA G 285 -39.56 -10.64 60.80
CA ALA G 285 -40.41 -11.68 61.35
C ALA G 285 -39.66 -13.01 61.27
N LEU G 286 -39.26 -13.53 62.43
CA LEU G 286 -38.49 -14.76 62.54
C LEU G 286 -39.27 -15.74 63.42
N ALA G 287 -39.70 -16.85 62.83
CA ALA G 287 -40.45 -17.85 63.59
C ALA G 287 -40.32 -19.20 62.90
N ASN G 288 -40.51 -20.25 63.70
CA ASN G 288 -40.42 -21.63 63.21
C ASN G 288 -41.79 -22.27 63.19
N PRO G 289 -42.29 -22.70 62.02
CA PRO G 289 -41.66 -22.43 60.73
C PRO G 289 -42.49 -21.50 59.86
N GLU G 290 -43.36 -20.71 60.48
CA GLU G 290 -44.21 -19.77 59.76
C GLU G 290 -43.87 -18.35 60.19
N PRO G 291 -43.60 -17.45 59.25
CA PRO G 291 -43.33 -16.05 59.61
C PRO G 291 -44.57 -15.38 60.16
N GLU G 292 -44.34 -14.38 61.02
CA GLU G 292 -45.45 -13.59 61.57
C GLU G 292 -46.22 -12.87 60.47
N ILE G 293 -45.55 -12.48 59.40
CA ILE G 293 -46.21 -11.90 58.24
C ILE G 293 -45.57 -12.50 56.99
N LEU G 294 -46.40 -12.92 56.04
CA LEU G 294 -45.88 -13.49 54.81
C LEU G 294 -45.29 -12.37 53.95
N PRO G 295 -44.10 -12.57 53.38
CA PRO G 295 -43.40 -11.46 52.69
C PRO G 295 -44.19 -10.88 51.52
N PRO G 296 -44.81 -11.71 50.66
CA PRO G 296 -45.59 -11.08 49.56
C PRO G 296 -46.74 -10.23 50.04
N LEU G 297 -47.42 -10.66 51.12
CA LEU G 297 -48.54 -9.88 51.65
C LEU G 297 -48.08 -8.50 52.11
N ALA G 298 -46.92 -8.43 52.76
CA ALA G 298 -46.41 -7.13 53.22
C ALA G 298 -45.97 -6.27 52.05
N LYS G 299 -45.40 -6.89 51.01
CA LYS G 299 -45.04 -6.14 49.81
C LYS G 299 -46.27 -5.57 49.12
N GLU G 300 -47.40 -6.27 49.19
CA GLU G 300 -48.61 -5.82 48.53
C GLU G 300 -49.13 -4.52 49.14
N VAL G 301 -49.23 -4.47 50.47
CA VAL G 301 -49.71 -3.26 51.13
C VAL G 301 -48.64 -2.18 51.11
N ARG G 302 -47.38 -2.55 51.26
CA ARG G 302 -46.27 -1.60 51.29
C ARG G 302 -45.17 -2.06 50.33
N PRO G 303 -44.94 -1.34 49.23
CA PRO G 303 -43.98 -1.85 48.24
C PRO G 303 -42.53 -1.73 48.66
N ASP G 304 -42.14 -0.64 49.32
CA ASP G 304 -40.71 -0.39 49.61
C ASP G 304 -40.20 -1.11 50.85
N ALA G 305 -41.04 -1.90 51.52
CA ALA G 305 -40.64 -2.52 52.78
C ALA G 305 -39.56 -3.59 52.55
N ILE G 306 -38.73 -3.76 53.57
CA ILE G 306 -37.68 -4.78 53.58
C ILE G 306 -38.03 -5.79 54.67
N ILE G 307 -38.18 -7.05 54.29
CA ILE G 307 -38.62 -8.10 55.20
C ILE G 307 -37.60 -9.22 55.20
N CYS G 308 -37.38 -9.81 56.38
CA CYS G 308 -36.44 -10.90 56.56
C CYS G 308 -37.11 -11.99 57.39
N THR G 309 -36.97 -13.24 56.95
CA THR G 309 -37.67 -14.35 57.58
C THR G 309 -36.71 -15.51 57.78
N GLY G 310 -37.14 -16.49 58.59
CA GLY G 310 -36.34 -17.67 58.83
C GLY G 310 -36.44 -18.71 57.73
N ARG G 311 -37.57 -18.77 57.03
CA ARG G 311 -37.74 -19.75 55.96
C ARG G 311 -36.75 -19.49 54.84
N SER G 312 -36.33 -20.57 54.17
CA SER G 312 -35.24 -20.49 53.20
C SER G 312 -35.70 -19.98 51.84
N ASP G 313 -36.98 -20.16 51.50
CA ASP G 313 -37.44 -19.81 50.16
C ASP G 313 -37.54 -18.31 49.97
N TYR G 314 -37.97 -17.58 51.01
CA TYR G 314 -38.08 -16.13 50.90
C TYR G 314 -36.71 -15.48 50.94
N PRO G 315 -36.56 -14.29 50.35
CA PRO G 315 -35.25 -13.62 50.33
C PRO G 315 -34.88 -13.07 51.69
N ASN G 316 -33.60 -12.72 51.82
CA ASN G 316 -33.03 -12.16 53.05
C ASN G 316 -33.28 -13.09 54.24
N GLN G 317 -32.98 -14.37 54.04
CA GLN G 317 -33.17 -15.35 55.10
C GLN G 317 -32.18 -15.09 56.23
N VAL G 318 -32.67 -15.24 57.46
CA VAL G 318 -31.83 -15.17 58.65
C VAL G 318 -31.55 -16.59 59.10
N ASN G 319 -30.31 -17.04 58.95
CA ASN G 319 -29.94 -18.42 59.24
C ASN G 319 -28.82 -18.47 60.27
N ASN G 320 -28.86 -19.51 61.11
CA ASN G 320 -27.82 -19.71 62.11
C ASN G 320 -26.48 -20.02 61.48
N VAL G 321 -26.47 -20.73 60.33
CA VAL G 321 -25.24 -21.16 59.69
C VAL G 321 -24.38 -19.99 59.25
N LEU G 322 -24.94 -18.78 59.21
CA LEU G 322 -24.22 -17.62 58.70
C LEU G 322 -23.13 -17.14 59.66
N CYS G 323 -23.21 -17.44 60.95
CA CYS G 323 -22.27 -16.85 61.89
C CYS G 323 -21.68 -17.87 62.85
N PHE G 324 -22.47 -18.86 63.28
CA PHE G 324 -22.03 -19.71 64.38
C PHE G 324 -20.76 -20.51 64.09
N PRO G 325 -20.44 -20.94 62.87
CA PRO G 325 -19.14 -21.57 62.67
C PRO G 325 -17.99 -20.57 62.64
N PHE G 326 -18.24 -19.38 62.07
CA PHE G 326 -17.15 -18.45 61.77
C PHE G 326 -16.73 -17.62 62.98
N ILE G 327 -17.63 -17.37 63.92
CA ILE G 327 -17.21 -16.69 65.15
C ILE G 327 -16.28 -17.57 65.96
N PHE G 328 -16.58 -18.87 66.04
CA PHE G 328 -15.77 -19.77 66.85
C PHE G 328 -14.39 -19.98 66.26
N ARG G 329 -14.26 -19.93 64.93
CA ARG G 329 -12.97 -20.16 64.28
C ARG G 329 -11.97 -19.07 64.66
N GLY G 330 -12.41 -17.81 64.64
CA GLY G 330 -11.54 -16.73 65.07
C GLY G 330 -11.22 -16.80 66.56
N ALA G 331 -12.21 -17.17 67.37
CA ALA G 331 -12.01 -17.24 68.81
C ALA G 331 -11.07 -18.38 69.19
N LEU G 332 -11.15 -19.50 68.47
CA LEU G 332 -10.30 -20.65 68.81
C LEU G 332 -8.84 -20.39 68.46
N ASP G 333 -8.57 -19.61 67.41
CA ASP G 333 -7.19 -19.33 67.03
C ASP G 333 -6.50 -18.45 68.06
N VAL G 334 -7.22 -17.50 68.65
CA VAL G 334 -6.67 -16.66 69.71
C VAL G 334 -6.87 -17.24 71.10
N GLY G 335 -7.60 -18.36 71.21
CA GLY G 335 -7.81 -19.02 72.49
C GLY G 335 -8.45 -18.14 73.55
N ALA G 336 -9.53 -17.47 73.19
CA ALA G 336 -10.19 -16.55 74.11
C ALA G 336 -10.86 -17.30 75.26
N THR G 337 -10.92 -16.64 76.42
CA THR G 337 -11.51 -17.26 77.60
C THR G 337 -13.02 -17.27 77.55
N ALA G 338 -13.62 -16.35 76.80
CA ALA G 338 -15.07 -16.31 76.62
C ALA G 338 -15.37 -15.38 75.46
N ILE G 339 -16.60 -15.46 74.98
CA ILE G 339 -17.09 -14.55 73.94
C ILE G 339 -17.66 -13.31 74.62
N ASN G 340 -17.27 -12.14 74.12
CA ASN G 340 -17.69 -10.88 74.72
C ASN G 340 -18.49 -10.06 73.72
N GLU G 341 -19.13 -9.01 74.23
CA GLU G 341 -19.99 -8.16 73.40
C GLU G 341 -19.20 -7.49 72.29
N GLU G 342 -17.96 -7.08 72.58
CA GLU G 342 -17.13 -6.41 71.59
C GLU G 342 -16.81 -7.32 70.41
N MET G 343 -16.74 -8.63 70.65
CA MET G 343 -16.54 -9.58 69.55
C MET G 343 -17.79 -9.68 68.69
N LYS G 344 -18.97 -9.71 69.32
CA LYS G 344 -20.22 -9.79 68.58
C LYS G 344 -20.46 -8.54 67.75
N LEU G 345 -20.05 -7.37 68.24
CA LEU G 345 -20.21 -6.14 67.46
C LEU G 345 -19.28 -6.12 66.25
N ALA G 346 -18.03 -6.53 66.44
CA ALA G 346 -17.12 -6.64 65.30
C ALA G 346 -17.61 -7.65 64.27
N ALA G 347 -18.37 -8.66 64.72
CA ALA G 347 -18.93 -9.64 63.81
C ALA G 347 -20.14 -9.08 63.07
N VAL G 348 -21.02 -8.36 63.78
CA VAL G 348 -22.18 -7.75 63.15
C VAL G 348 -21.74 -6.80 62.05
N ARG G 349 -20.69 -6.03 62.28
CA ARG G 349 -20.18 -5.12 61.25
C ARG G 349 -19.59 -5.90 60.08
N ALA G 350 -18.93 -7.02 60.36
CA ALA G 350 -18.30 -7.80 59.30
C ALA G 350 -19.32 -8.37 58.33
N ILE G 351 -20.45 -8.84 58.86
CA ILE G 351 -21.50 -9.36 57.99
C ILE G 351 -22.13 -8.24 57.18
N ALA G 352 -22.23 -7.05 57.74
CA ALA G 352 -22.77 -5.91 57.00
C ALA G 352 -21.82 -5.47 55.90
N GLU G 353 -20.53 -5.36 56.21
CA GLU G 353 -19.53 -4.97 55.22
C GLU G 353 -19.44 -5.97 54.08
N LEU G 354 -19.93 -7.20 54.28
CA LEU G 354 -19.85 -8.21 53.23
C LEU G 354 -20.94 -8.01 52.19
N ALA G 355 -22.14 -7.63 52.61
CA ALA G 355 -23.21 -7.37 51.65
C ALA G 355 -22.96 -6.08 50.88
N HIS G 356 -22.22 -5.14 51.47
CA HIS G 356 -21.95 -3.88 50.79
C HIS G 356 -20.91 -4.05 49.69
N ALA G 357 -19.77 -4.66 50.02
CA ALA G 357 -18.64 -4.71 49.11
C ALA G 357 -19.00 -5.40 47.80
N GLU G 358 -18.25 -5.07 46.76
CA GLU G 358 -18.51 -5.61 45.43
C GLU G 358 -18.08 -7.07 45.33
N GLN G 359 -18.58 -7.74 44.30
CA GLN G 359 -18.28 -9.14 44.06
C GLN G 359 -16.78 -9.36 43.83
N TYR G 367 -19.22 -19.76 35.30
CA TYR G 367 -20.65 -20.02 35.45
C TYR G 367 -21.05 -19.85 36.90
N GLY G 368 -20.55 -18.79 37.53
CA GLY G 368 -20.90 -18.53 38.92
C GLY G 368 -22.37 -18.17 39.08
N ASP G 369 -22.88 -17.30 38.21
CA ASP G 369 -24.25 -16.79 38.29
C ASP G 369 -24.57 -16.28 39.69
N GLN G 370 -25.81 -16.50 40.13
CA GLN G 370 -26.24 -16.13 41.48
C GLN G 370 -25.89 -14.66 41.76
N ASP G 371 -26.24 -13.81 40.81
CA ASP G 371 -25.87 -12.40 40.88
C ASP G 371 -26.46 -11.74 42.12
N LEU G 372 -25.61 -11.07 42.89
CA LEU G 372 -26.00 -10.44 44.14
C LEU G 372 -25.61 -8.97 44.10
N SER G 373 -26.61 -8.10 44.17
CA SER G 373 -26.42 -6.66 44.23
C SER G 373 -27.09 -6.12 45.48
N PHE G 374 -26.42 -5.17 46.14
CA PHE G 374 -26.92 -4.66 47.42
C PHE G 374 -28.17 -3.81 47.21
N GLY G 375 -29.25 -4.20 47.88
CA GLY G 375 -30.50 -3.47 47.80
C GLY G 375 -31.49 -3.98 48.82
N PRO G 376 -32.77 -3.61 48.65
CA PRO G 376 -33.80 -4.12 49.58
C PRO G 376 -33.92 -5.63 49.57
N GLU G 377 -33.57 -6.29 48.46
CA GLU G 377 -33.64 -7.75 48.39
C GLU G 377 -32.42 -8.43 48.98
N TYR G 378 -31.32 -7.68 49.20
CA TYR G 378 -30.04 -8.25 49.61
C TYR G 378 -29.41 -7.33 50.65
N ILE G 379 -29.94 -7.39 51.88
CA ILE G 379 -29.29 -6.76 53.03
C ILE G 379 -28.57 -7.76 53.90
N ILE G 380 -28.61 -9.04 53.55
CA ILE G 380 -27.93 -10.10 54.28
C ILE G 380 -27.21 -11.00 53.28
N PRO G 381 -25.95 -11.35 53.51
CA PRO G 381 -25.28 -12.31 52.61
C PRO G 381 -25.89 -13.70 52.69
N LYS G 382 -25.72 -14.46 51.61
CA LYS G 382 -26.33 -15.78 51.47
C LYS G 382 -25.60 -16.79 52.36
N PRO G 383 -26.20 -17.97 52.59
CA PRO G 383 -25.61 -18.90 53.56
C PRO G 383 -24.25 -19.47 53.17
N PHE G 384 -24.05 -19.83 51.90
CA PHE G 384 -22.85 -20.56 51.50
C PHE G 384 -21.70 -19.66 51.05
N ASP G 385 -21.75 -18.37 51.37
CA ASP G 385 -20.78 -17.44 50.78
C ASP G 385 -19.37 -17.77 51.25
N PRO G 386 -18.40 -17.90 50.33
CA PRO G 386 -17.05 -18.30 50.76
C PRO G 386 -16.32 -17.22 51.54
N ARG G 387 -16.55 -15.95 51.24
CA ARG G 387 -15.87 -14.85 51.92
C ARG G 387 -16.26 -14.73 53.40
N LEU G 388 -17.21 -15.53 53.89
CA LEU G 388 -17.68 -15.36 55.26
C LEU G 388 -16.58 -15.61 56.28
N ILE G 389 -15.80 -16.67 56.10
CA ILE G 389 -14.78 -17.00 57.08
C ILE G 389 -13.56 -16.08 56.97
N VAL G 390 -13.36 -15.43 55.82
CA VAL G 390 -12.20 -14.57 55.66
C VAL G 390 -12.37 -13.24 56.38
N LYS G 391 -13.61 -12.77 56.52
CA LYS G 391 -13.87 -11.46 57.14
C LYS G 391 -14.28 -11.56 58.60
N ILE G 392 -15.09 -12.54 58.98
CA ILE G 392 -15.62 -12.60 60.34
C ILE G 392 -14.52 -13.03 61.32
N ALA G 393 -13.85 -14.14 61.03
CA ALA G 393 -12.90 -14.70 62.00
C ALA G 393 -11.78 -13.75 62.39
N PRO G 394 -11.15 -12.99 61.48
CA PRO G 394 -10.10 -12.05 61.93
C PRO G 394 -10.63 -10.93 62.80
N ALA G 395 -11.75 -10.29 62.39
CA ALA G 395 -12.32 -9.22 63.20
C ALA G 395 -12.75 -9.73 64.57
N VAL G 396 -13.15 -10.99 64.67
CA VAL G 396 -13.43 -11.59 65.96
C VAL G 396 -12.14 -11.77 66.77
N ALA G 397 -11.09 -12.28 66.12
CA ALA G 397 -9.82 -12.48 66.82
C ALA G 397 -9.21 -11.14 67.24
N LYS G 398 -9.38 -10.09 66.42
CA LYS G 398 -8.86 -8.79 66.79
C LYS G 398 -9.64 -8.18 67.94
N ALA G 399 -10.97 -8.25 67.88
CA ALA G 399 -11.79 -7.80 68.99
C ALA G 399 -11.55 -8.62 70.25
N ALA G 400 -11.07 -9.87 70.10
CA ALA G 400 -10.67 -10.66 71.25
C ALA G 400 -9.31 -10.24 71.79
N MET G 401 -8.47 -9.68 70.92
CA MET G 401 -7.19 -9.14 71.37
C MET G 401 -7.31 -7.72 71.89
N GLU G 402 -8.37 -7.00 71.53
CA GLU G 402 -8.62 -5.67 72.07
C GLU G 402 -9.37 -5.72 73.39
N SER G 403 -10.28 -6.69 73.54
CA SER G 403 -10.95 -6.86 74.83
C SER G 403 -10.05 -7.54 75.84
N GLY G 404 -9.05 -8.30 75.39
CA GLY G 404 -8.02 -8.83 76.26
C GLY G 404 -8.21 -10.26 76.71
N VAL G 405 -9.23 -10.96 76.24
CA VAL G 405 -9.46 -12.32 76.70
C VAL G 405 -8.62 -13.34 75.96
N ALA G 406 -8.01 -12.97 74.83
CA ALA G 406 -7.27 -13.93 74.02
C ALA G 406 -5.96 -14.31 74.72
N THR G 407 -5.67 -15.61 74.76
CA THR G 407 -4.42 -16.10 75.32
C THR G 407 -3.33 -16.29 74.27
N ARG G 408 -3.70 -16.49 73.01
CA ARG G 408 -2.73 -16.73 71.94
C ARG G 408 -2.74 -15.54 70.99
N PRO G 409 -1.74 -14.68 71.01
CA PRO G 409 -1.71 -13.53 70.10
C PRO G 409 -1.21 -13.93 68.72
N ILE G 410 -2.10 -13.85 67.73
CA ILE G 410 -1.72 -14.09 66.34
C ILE G 410 -1.32 -12.73 65.76
N ALA G 411 -0.02 -12.42 65.86
CA ALA G 411 0.45 -11.10 65.46
C ALA G 411 0.49 -10.94 63.94
N ASP G 412 0.80 -12.01 63.21
CA ASP G 412 0.88 -11.96 61.75
C ASP G 412 -0.51 -12.22 61.16
N PHE G 413 -1.34 -11.18 61.20
CA PHE G 413 -2.71 -11.34 60.72
C PHE G 413 -2.77 -11.53 59.21
N ASP G 414 -1.77 -11.04 58.49
CA ASP G 414 -1.75 -11.23 57.04
C ASP G 414 -1.58 -12.70 56.67
N VAL G 415 -0.67 -13.41 57.35
CA VAL G 415 -0.46 -14.83 57.07
C VAL G 415 -1.70 -15.63 57.46
N TYR G 416 -2.38 -15.23 58.53
CA TYR G 416 -3.53 -15.96 59.02
C TYR G 416 -4.75 -15.74 58.15
N ILE G 417 -4.91 -14.54 57.58
CA ILE G 417 -5.96 -14.33 56.58
C ILE G 417 -5.73 -15.24 55.38
N ASP G 418 -4.47 -15.41 54.97
CA ASP G 418 -4.16 -16.30 53.86
C ASP G 418 -4.40 -17.76 54.23
N LYS G 419 -4.20 -18.12 55.51
CA LYS G 419 -4.56 -19.45 55.97
C LYS G 419 -6.06 -19.70 55.84
N LEU G 420 -6.88 -18.66 56.02
CA LEU G 420 -8.33 -18.79 55.89
C LEU G 420 -8.77 -18.88 54.44
N THR G 421 -8.25 -18.00 53.58
CA THR G 421 -8.61 -18.04 52.17
C THR G 421 -8.21 -19.38 51.55
N GLU G 422 -7.09 -19.95 51.99
CA GLU G 422 -6.68 -21.26 51.49
C GLU G 422 -7.64 -22.35 51.94
N PHE G 423 -8.11 -22.27 53.19
CA PHE G 423 -9.01 -23.31 53.69
C PHE G 423 -10.35 -23.26 52.97
N VAL G 424 -10.96 -22.07 52.88
CA VAL G 424 -12.24 -21.94 52.19
C VAL G 424 -12.09 -22.31 50.72
N TYR G 425 -10.88 -22.16 50.17
CA TYR G 425 -10.63 -22.56 48.79
C TYR G 425 -10.65 -24.09 48.67
N LYS G 426 -9.96 -24.77 49.59
CA LYS G 426 -9.89 -26.24 49.52
C LYS G 426 -11.27 -26.87 49.65
N THR G 427 -12.08 -26.40 50.58
CA THR G 427 -13.45 -26.88 50.72
C THR G 427 -14.44 -25.98 49.99
N ASN G 428 -14.16 -25.71 48.71
CA ASN G 428 -15.08 -24.97 47.86
C ASN G 428 -16.04 -25.94 47.21
N LEU G 429 -17.32 -25.66 47.29
CA LEU G 429 -18.36 -26.58 46.82
C LEU G 429 -18.93 -26.02 45.52
N PHE G 430 -18.52 -26.58 44.39
CA PHE G 430 -18.95 -26.04 43.11
C PHE G 430 -20.37 -26.45 42.76
N MET G 431 -20.83 -27.60 43.27
CA MET G 431 -22.15 -28.09 42.90
C MET G 431 -23.29 -27.27 43.49
N LYS G 432 -23.05 -26.56 44.59
CA LYS G 432 -24.15 -25.82 45.23
C LYS G 432 -24.68 -24.71 44.33
N PRO G 433 -23.86 -23.82 43.77
CA PRO G 433 -24.42 -22.83 42.84
C PRO G 433 -24.97 -23.46 41.58
N ILE G 434 -24.41 -24.59 41.16
CA ILE G 434 -24.85 -25.25 39.93
C ILE G 434 -26.29 -25.71 40.05
N PHE G 435 -26.61 -26.44 41.12
CA PHE G 435 -27.97 -26.90 41.33
C PHE G 435 -28.95 -25.74 41.34
N SER G 436 -28.52 -24.58 41.85
CA SER G 436 -29.41 -23.43 41.92
C SER G 436 -29.68 -22.85 40.55
N GLN G 437 -28.66 -22.82 39.67
CA GLN G 437 -28.87 -22.27 38.33
C GLN G 437 -29.72 -23.20 37.48
N ALA G 438 -29.54 -24.52 37.64
CA ALA G 438 -30.41 -25.46 36.94
C ALA G 438 -31.85 -25.33 37.40
N ARG G 439 -32.06 -25.01 38.69
CA ARG G 439 -33.40 -24.82 39.21
C ARG G 439 -34.04 -23.53 38.70
N LYS G 440 -33.24 -22.56 38.26
CA LYS G 440 -33.78 -21.28 37.84
C LYS G 440 -34.16 -21.24 36.36
N ALA G 441 -33.72 -22.22 35.57
CA ALA G 441 -34.10 -22.33 34.16
C ALA G 441 -33.81 -23.74 33.66
N PRO G 442 -34.70 -24.69 33.90
CA PRO G 442 -34.43 -26.08 33.50
C PRO G 442 -34.55 -26.26 32.00
N LYS G 443 -33.73 -27.15 31.46
CA LYS G 443 -33.70 -27.48 30.05
C LYS G 443 -33.85 -29.00 29.91
N ARG G 444 -34.15 -29.44 28.69
CA ARG G 444 -34.39 -30.86 28.45
C ARG G 444 -33.10 -31.64 28.36
N VAL G 445 -33.09 -32.82 28.98
CA VAL G 445 -31.91 -33.69 29.02
C VAL G 445 -32.36 -35.11 28.72
N VAL G 446 -31.85 -35.68 27.63
CA VAL G 446 -32.21 -37.03 27.20
C VAL G 446 -31.28 -38.03 27.87
N LEU G 447 -31.87 -39.07 28.47
CA LEU G 447 -31.10 -40.16 29.06
C LEU G 447 -31.32 -41.41 28.22
N PRO G 448 -30.40 -41.78 27.34
CA PRO G 448 -30.66 -42.89 26.41
C PRO G 448 -30.95 -44.21 27.10
N GLU G 449 -30.20 -44.54 28.15
CA GLU G 449 -30.37 -45.81 28.84
C GLU G 449 -31.46 -45.69 29.92
N GLY G 450 -32.66 -45.36 29.47
CA GLY G 450 -33.77 -45.06 30.37
C GLY G 450 -34.32 -46.26 31.11
N GLU G 451 -34.04 -47.46 30.63
CA GLU G 451 -34.50 -48.66 31.32
C GLU G 451 -33.58 -49.05 32.49
N GLU G 452 -32.42 -48.43 32.61
CA GLU G 452 -31.47 -48.80 33.65
C GLU G 452 -31.95 -48.28 35.00
N ALA G 453 -31.76 -49.09 36.04
CA ALA G 453 -32.27 -48.75 37.37
C ALA G 453 -31.71 -47.43 37.87
N ARG G 454 -30.38 -47.30 37.88
CA ARG G 454 -29.75 -46.09 38.39
C ARG G 454 -30.22 -44.86 37.65
N VAL G 455 -30.53 -45.00 36.35
CA VAL G 455 -31.03 -43.86 35.57
C VAL G 455 -32.38 -43.42 36.10
N LEU G 456 -33.28 -44.39 36.36
CA LEU G 456 -34.61 -44.04 36.86
C LEU G 456 -34.53 -43.36 38.22
N HIS G 457 -33.68 -43.87 39.11
CA HIS G 457 -33.48 -43.24 40.42
C HIS G 457 -33.11 -41.77 40.25
N ALA G 458 -32.21 -41.47 39.31
CA ALA G 458 -31.76 -40.10 39.10
C ALA G 458 -32.88 -39.21 38.60
N THR G 459 -33.73 -39.73 37.71
CA THR G 459 -34.85 -38.95 37.19
C THR G 459 -35.78 -38.52 38.31
N GLN G 460 -35.94 -39.35 39.35
CA GLN G 460 -36.81 -39.00 40.46
C GLN G 460 -36.30 -37.76 41.20
N GLU G 461 -35.03 -37.77 41.61
CA GLU G 461 -34.49 -36.64 42.34
C GLU G 461 -34.32 -35.41 41.45
N LEU G 462 -34.23 -35.59 40.14
CA LEU G 462 -34.27 -34.44 39.22
C LEU G 462 -35.65 -33.80 39.23
N VAL G 463 -36.70 -34.61 39.13
CA VAL G 463 -38.06 -34.08 39.13
C VAL G 463 -38.35 -33.39 40.45
N THR G 464 -37.98 -34.03 41.56
CA THR G 464 -38.19 -33.43 42.88
C THR G 464 -37.45 -32.11 43.00
N LEU G 465 -36.12 -32.15 42.83
CA LEU G 465 -35.33 -30.92 42.93
C LEU G 465 -35.70 -29.92 41.85
N GLY G 466 -36.17 -30.38 40.71
CA GLY G 466 -36.52 -29.50 39.61
C GLY G 466 -35.32 -28.98 38.87
N LEU G 467 -34.38 -29.86 38.51
CA LEU G 467 -33.18 -29.46 37.78
C LEU G 467 -33.40 -29.50 36.28
N ALA G 468 -33.98 -30.58 35.77
CA ALA G 468 -34.15 -30.75 34.34
C ALA G 468 -35.51 -31.37 34.04
N LYS G 469 -35.91 -31.27 32.77
CA LYS G 469 -37.11 -31.93 32.27
C LYS G 469 -36.68 -33.22 31.58
N PRO G 470 -36.72 -34.37 32.24
CA PRO G 470 -36.06 -35.56 31.70
C PRO G 470 -36.82 -36.18 30.54
N ILE G 471 -36.05 -36.75 29.61
CA ILE G 471 -36.56 -37.48 28.45
C ILE G 471 -35.85 -38.82 28.44
N LEU G 472 -36.56 -39.89 28.76
CA LEU G 472 -35.98 -41.22 28.82
C LEU G 472 -36.28 -41.99 27.54
N ILE G 473 -35.44 -43.01 27.28
CA ILE G 473 -35.55 -43.81 26.07
C ILE G 473 -35.45 -45.28 26.44
N GLY G 474 -36.30 -46.10 25.82
CA GLY G 474 -36.33 -47.51 26.08
C GLY G 474 -37.74 -48.05 25.89
N ARG G 475 -37.88 -49.34 26.14
CA ARG G 475 -39.19 -49.97 26.08
C ARG G 475 -40.07 -49.45 27.22
N PRO G 476 -41.15 -48.71 26.93
CA PRO G 476 -41.91 -48.07 28.01
C PRO G 476 -42.56 -49.05 28.96
N ASN G 477 -42.84 -50.29 28.53
CA ASN G 477 -43.47 -51.27 29.40
C ASN G 477 -42.51 -51.81 30.45
N VAL G 478 -41.21 -51.89 30.11
CA VAL G 478 -40.23 -52.30 31.12
C VAL G 478 -39.88 -51.13 32.02
N ILE G 479 -39.92 -49.90 31.50
CA ILE G 479 -39.71 -48.73 32.34
C ILE G 479 -40.80 -48.63 33.39
N GLU G 480 -42.07 -48.65 32.97
CA GLU G 480 -43.17 -48.52 33.91
C GLU G 480 -43.18 -49.67 34.91
N MET G 481 -42.74 -50.85 34.49
CA MET G 481 -42.73 -52.00 35.38
C MET G 481 -41.65 -51.90 36.43
N ARG G 482 -40.45 -51.43 36.04
CA ARG G 482 -39.37 -51.27 37.01
C ARG G 482 -39.67 -50.13 37.98
N ILE G 483 -40.17 -49.00 37.46
CA ILE G 483 -40.54 -47.84 38.26
C ILE G 483 -41.32 -48.28 39.48
N GLN G 484 -42.34 -49.11 39.26
CA GLN G 484 -43.20 -49.54 40.36
C GLN G 484 -42.47 -50.51 41.28
N LYS G 485 -41.65 -51.41 40.72
CA LYS G 485 -40.90 -52.34 41.55
C LYS G 485 -39.90 -51.61 42.43
N LEU G 486 -39.40 -50.45 41.98
CA LEU G 486 -38.47 -49.69 42.79
C LEU G 486 -39.18 -48.83 43.83
N GLY G 487 -40.36 -48.32 43.50
CA GLY G 487 -41.12 -47.50 44.41
C GLY G 487 -41.01 -46.00 44.18
N LEU G 488 -40.69 -45.57 42.97
CA LEU G 488 -40.59 -44.15 42.67
C LEU G 488 -41.94 -43.61 42.22
N GLN G 489 -42.14 -42.31 42.44
CA GLN G 489 -43.41 -41.67 42.18
C GLN G 489 -43.43 -40.88 40.87
N ILE G 490 -42.44 -41.09 40.01
CA ILE G 490 -42.45 -40.45 38.70
C ILE G 490 -43.52 -41.06 37.82
N LYS G 491 -44.23 -40.22 37.08
CA LYS G 491 -45.35 -40.64 36.24
C LYS G 491 -45.00 -40.33 34.79
N ALA G 492 -45.20 -41.31 33.92
CA ALA G 492 -44.95 -41.11 32.50
C ALA G 492 -45.86 -40.03 31.94
N GLY G 493 -45.39 -39.35 30.91
CA GLY G 493 -46.17 -38.29 30.29
C GLY G 493 -46.14 -36.98 31.04
N VAL G 494 -46.07 -37.04 32.37
CA VAL G 494 -46.15 -35.85 33.21
C VAL G 494 -44.78 -35.47 33.76
N ASP G 495 -44.29 -36.24 34.73
CA ASP G 495 -42.98 -35.95 35.31
C ASP G 495 -41.87 -36.02 34.26
N PHE G 496 -41.93 -37.02 33.38
CA PHE G 496 -40.93 -37.20 32.34
C PHE G 496 -41.61 -37.74 31.09
N GLU G 497 -40.94 -37.55 29.96
CA GLU G 497 -41.45 -37.99 28.66
C GLU G 497 -40.64 -39.19 28.21
N ILE G 498 -41.33 -40.20 27.68
CA ILE G 498 -40.68 -41.39 27.16
C ILE G 498 -40.76 -41.36 25.63
N VAL G 499 -39.64 -41.67 24.99
CA VAL G 499 -39.59 -41.93 23.56
C VAL G 499 -39.26 -43.41 23.40
N ASN G 500 -40.16 -44.15 22.77
CA ASN G 500 -40.02 -45.59 22.65
C ASN G 500 -39.06 -45.93 21.51
N ASN G 501 -38.07 -46.77 21.79
CA ASN G 501 -37.03 -47.07 20.81
C ASN G 501 -37.54 -47.98 19.70
N GLU G 502 -38.49 -48.87 20.01
CA GLU G 502 -39.01 -49.77 18.99
C GLU G 502 -39.92 -49.04 18.01
N SER G 503 -40.75 -48.12 18.51
CA SER G 503 -41.65 -47.35 17.67
C SER G 503 -41.67 -45.90 18.13
N ASP G 504 -41.47 -44.98 17.20
CA ASP G 504 -41.58 -43.57 17.49
C ASP G 504 -42.13 -42.93 16.22
N PRO G 505 -43.04 -41.95 16.34
CA PRO G 505 -43.63 -41.37 15.13
C PRO G 505 -42.62 -40.74 14.19
N ARG G 506 -41.63 -40.04 14.71
CA ARG G 506 -40.60 -39.42 13.86
C ARG G 506 -39.43 -40.37 13.67
N PHE G 507 -39.71 -41.51 13.03
CA PHE G 507 -38.67 -42.49 12.77
C PHE G 507 -37.94 -42.22 11.46
N LYS G 508 -38.66 -41.78 10.42
CA LYS G 508 -38.03 -41.59 9.13
C LYS G 508 -37.13 -40.37 9.12
N GLU G 509 -37.54 -39.29 9.81
CA GLU G 509 -36.71 -38.09 9.83
C GLU G 509 -35.40 -38.34 10.54
N TYR G 510 -35.38 -39.27 11.49
CA TYR G 510 -34.18 -39.48 12.31
C TYR G 510 -33.14 -40.32 11.58
N TRP G 511 -33.52 -41.50 11.09
CA TRP G 511 -32.55 -42.35 10.41
C TRP G 511 -32.04 -41.70 9.13
N THR G 512 -32.87 -40.90 8.46
CA THR G 512 -32.38 -40.18 7.29
C THR G 512 -31.44 -39.04 7.69
N GLU G 513 -31.67 -38.44 8.86
CA GLU G 513 -30.79 -37.39 9.34
C GLU G 513 -29.45 -37.95 9.82
N TYR G 514 -29.48 -39.14 10.44
CA TYR G 514 -28.25 -39.82 10.81
C TYR G 514 -27.51 -40.29 9.58
N PHE G 515 -28.24 -40.72 8.54
CA PHE G 515 -27.60 -41.22 7.33
C PHE G 515 -26.87 -40.11 6.59
N GLN G 516 -27.48 -38.94 6.49
CA GLN G 516 -26.80 -37.84 5.82
C GLN G 516 -25.59 -37.32 6.60
N ILE G 517 -25.25 -37.90 7.74
CA ILE G 517 -24.07 -37.50 8.50
C ILE G 517 -23.09 -38.64 8.44
N MET G 518 -23.63 -39.85 8.28
CA MET G 518 -22.79 -41.06 8.33
C MET G 518 -22.76 -41.85 7.01
N LYS G 519 -23.21 -41.27 5.89
CA LYS G 519 -23.19 -42.02 4.64
C LYS G 519 -21.78 -42.30 4.15
N ARG G 520 -20.83 -41.40 4.42
CA ARG G 520 -19.45 -41.55 3.99
C ARG G 520 -18.55 -42.11 5.08
N ARG G 521 -19.07 -42.34 6.29
CA ARG G 521 -18.31 -42.95 7.36
C ARG G 521 -18.64 -44.43 7.56
N GLY G 522 -19.18 -45.09 6.53
CA GLY G 522 -19.36 -46.53 6.56
C GLY G 522 -20.68 -47.02 7.08
N VAL G 523 -21.69 -46.16 7.19
CA VAL G 523 -23.03 -46.54 7.63
C VAL G 523 -23.96 -46.48 6.43
N THR G 524 -24.52 -47.63 6.05
CA THR G 524 -25.46 -47.69 4.95
C THR G 524 -26.87 -47.37 5.44
N GLN G 525 -27.77 -47.16 4.48
CA GLN G 525 -29.17 -46.85 4.81
C GLN G 525 -29.77 -47.93 5.71
N GLU G 526 -29.59 -49.20 5.34
CA GLU G 526 -30.13 -50.28 6.16
C GLU G 526 -29.51 -50.29 7.55
N GLN G 527 -28.21 -50.04 7.65
CA GLN G 527 -27.55 -49.97 8.95
C GLN G 527 -28.06 -48.77 9.75
N ALA G 528 -28.30 -47.65 9.07
CA ALA G 528 -28.77 -46.45 9.76
C ALA G 528 -30.13 -46.68 10.41
N GLN G 529 -31.00 -47.41 9.72
CA GLN G 529 -32.29 -47.75 10.31
C GLN G 529 -32.12 -48.66 11.53
N ARG G 530 -31.36 -49.75 11.37
CA ARG G 530 -31.10 -50.65 12.49
C ARG G 530 -30.42 -49.94 13.66
N ALA G 531 -29.74 -48.82 13.39
CA ALA G 531 -29.07 -48.07 14.44
C ALA G 531 -30.07 -47.29 15.29
N LEU G 532 -31.12 -46.75 14.67
CA LEU G 532 -32.06 -45.90 15.40
C LEU G 532 -32.92 -46.68 16.37
N ILE G 533 -32.93 -48.01 16.31
CA ILE G 533 -33.82 -48.80 17.16
C ILE G 533 -32.99 -49.52 18.22
N SER G 534 -31.75 -49.85 17.88
CA SER G 534 -30.94 -50.63 18.82
C SER G 534 -30.01 -49.80 19.68
N ASN G 535 -29.59 -48.62 19.21
CA ASN G 535 -28.64 -47.78 19.95
C ASN G 535 -29.36 -46.57 20.53
N PRO G 536 -29.66 -46.55 21.83
CA PRO G 536 -30.31 -45.37 22.40
C PRO G 536 -29.47 -44.11 22.31
N THR G 537 -28.14 -44.24 22.49
CA THR G 537 -27.26 -43.08 22.43
C THR G 537 -27.38 -42.37 21.10
N VAL G 538 -27.59 -43.13 20.02
CA VAL G 538 -27.77 -42.53 18.71
C VAL G 538 -29.04 -41.68 18.69
N ILE G 539 -30.10 -42.16 19.33
CA ILE G 539 -31.38 -41.45 19.30
C ILE G 539 -31.26 -40.11 19.99
N GLY G 540 -30.76 -40.10 21.23
CA GLY G 540 -30.58 -38.86 21.94
C GLY G 540 -29.61 -37.92 21.25
N ALA G 541 -28.59 -38.48 20.60
CA ALA G 541 -27.64 -37.67 19.84
C ALA G 541 -28.36 -36.94 18.72
N ILE G 542 -29.22 -37.64 17.98
CA ILE G 542 -29.98 -37.01 16.91
C ILE G 542 -30.92 -35.94 17.47
N MET G 543 -31.55 -36.23 18.62
CA MET G 543 -32.51 -35.30 19.19
C MET G 543 -31.86 -33.97 19.55
N VAL G 544 -30.69 -34.03 20.22
CA VAL G 544 -30.03 -32.80 20.65
C VAL G 544 -29.66 -31.95 19.44
N GLN G 545 -29.25 -32.60 18.35
CA GLN G 545 -28.89 -31.84 17.16
C GLN G 545 -30.10 -31.19 16.52
N ARG G 546 -31.23 -31.91 16.49
CA ARG G 546 -32.44 -31.35 15.88
C ARG G 546 -32.95 -30.13 16.64
N GLY G 547 -32.77 -30.11 17.96
CA GLY G 547 -33.33 -29.09 18.82
C GLY G 547 -34.44 -29.59 19.73
N GLU G 548 -34.91 -30.82 19.53
CA GLU G 548 -35.98 -31.37 20.36
C GLU G 548 -35.57 -31.54 21.81
N ALA G 549 -34.26 -31.59 22.08
CA ALA G 549 -33.75 -31.62 23.44
C ALA G 549 -32.55 -30.68 23.52
N ASP G 550 -32.12 -30.39 24.75
CA ASP G 550 -31.08 -29.40 24.98
C ASP G 550 -29.75 -29.99 25.41
N ALA G 551 -29.74 -31.20 26.00
CA ALA G 551 -28.51 -31.85 26.41
C ALA G 551 -28.76 -33.35 26.46
N MET G 552 -27.73 -34.10 26.83
CA MET G 552 -27.83 -35.55 26.89
C MET G 552 -26.77 -36.08 27.84
N ILE G 553 -27.13 -37.14 28.57
CA ILE G 553 -26.23 -37.81 29.53
C ILE G 553 -26.39 -39.31 29.33
N CYS G 554 -25.31 -39.98 28.91
CA CYS G 554 -25.35 -41.41 28.61
C CYS G 554 -24.06 -42.07 29.08
N GLY G 555 -23.96 -43.38 28.84
CA GLY G 555 -22.77 -44.13 29.15
C GLY G 555 -22.84 -45.02 30.38
N THR G 556 -24.01 -45.13 31.01
CA THR G 556 -24.13 -45.99 32.18
C THR G 556 -24.10 -47.47 31.82
N VAL G 557 -24.45 -47.82 30.58
CA VAL G 557 -24.38 -49.19 30.10
C VAL G 557 -23.59 -49.17 28.80
N GLY G 558 -22.39 -49.73 28.82
CA GLY G 558 -21.56 -49.86 27.64
C GLY G 558 -20.18 -49.28 27.84
N ASP G 559 -19.35 -49.48 26.82
CA ASP G 559 -18.00 -48.93 26.79
C ASP G 559 -18.06 -47.45 26.42
N TYR G 560 -17.11 -46.68 26.99
CA TYR G 560 -17.10 -45.24 26.79
C TYR G 560 -17.01 -44.88 25.31
N HIS G 561 -16.10 -45.54 24.58
CA HIS G 561 -15.84 -45.16 23.21
C HIS G 561 -16.99 -45.50 22.25
N GLU G 562 -17.90 -46.38 22.67
CA GLU G 562 -19.08 -46.63 21.83
C GLU G 562 -20.00 -45.42 21.81
N HIS G 563 -20.18 -44.77 22.96
CA HIS G 563 -21.03 -43.60 23.03
C HIS G 563 -20.29 -42.34 22.56
N PHE G 564 -19.00 -42.24 22.86
CA PHE G 564 -18.25 -41.07 22.44
C PHE G 564 -18.14 -40.99 20.93
N SER G 565 -17.90 -42.12 20.27
CA SER G 565 -17.85 -42.12 18.81
C SER G 565 -19.17 -41.65 18.22
N VAL G 566 -20.29 -42.12 18.77
CA VAL G 566 -21.60 -41.65 18.34
C VAL G 566 -21.74 -40.15 18.59
N VAL G 567 -21.21 -39.69 19.72
CA VAL G 567 -21.30 -38.27 20.05
C VAL G 567 -20.40 -37.45 19.12
N LYS G 568 -19.17 -37.92 18.89
CA LYS G 568 -18.23 -37.14 18.09
C LYS G 568 -18.74 -36.95 16.66
N ASN G 569 -19.33 -37.99 16.08
CA ASN G 569 -19.76 -37.92 14.69
C ASN G 569 -20.96 -37.01 14.52
N VAL G 570 -21.90 -37.05 15.46
CA VAL G 570 -23.17 -36.35 15.27
C VAL G 570 -23.05 -34.87 15.65
N PHE G 571 -22.43 -34.59 16.79
CA PHE G 571 -22.35 -33.22 17.29
C PHE G 571 -21.17 -32.46 16.72
N GLY G 572 -20.01 -33.10 16.66
CA GLY G 572 -18.82 -32.47 16.13
C GLY G 572 -18.09 -31.63 17.16
N TYR G 573 -16.80 -31.39 16.87
CA TYR G 573 -15.99 -30.56 17.74
C TYR G 573 -16.50 -29.13 17.75
N ARG G 574 -16.24 -28.43 18.86
CA ARG G 574 -16.60 -27.03 18.97
C ARG G 574 -15.76 -26.19 18.01
N ASP G 575 -16.32 -25.05 17.58
CA ASP G 575 -15.55 -24.10 16.79
C ASP G 575 -14.38 -23.58 17.61
N GLY G 576 -13.18 -23.72 17.07
CA GLY G 576 -11.96 -23.43 17.79
C GLY G 576 -11.33 -24.61 18.49
N VAL G 577 -11.74 -25.82 18.17
CA VAL G 577 -11.29 -27.03 18.85
C VAL G 577 -10.98 -28.09 17.80
N HIS G 578 -9.90 -28.83 18.01
CA HIS G 578 -9.52 -29.93 17.13
C HIS G 578 -9.24 -31.21 17.90
N THR G 579 -9.59 -31.27 19.19
CA THR G 579 -9.43 -32.47 19.98
C THR G 579 -10.30 -32.36 21.23
N ALA G 580 -10.78 -33.50 21.70
CA ALA G 580 -11.67 -33.55 22.85
C ALA G 580 -10.91 -34.00 24.10
N GLY G 581 -11.55 -33.77 25.25
CA GLY G 581 -10.96 -34.15 26.52
C GLY G 581 -11.95 -34.56 27.58
N ALA G 582 -11.60 -35.59 28.35
CA ALA G 582 -12.40 -36.08 29.46
C ALA G 582 -11.69 -35.76 30.77
N MET G 583 -12.40 -35.11 31.68
CA MET G 583 -11.83 -34.67 32.95
C MET G 583 -12.67 -35.22 34.11
N ASN G 584 -12.00 -35.84 35.07
CA ASN G 584 -12.65 -36.42 36.24
C ASN G 584 -12.22 -35.67 37.50
N ALA G 585 -13.17 -35.44 38.40
CA ALA G 585 -12.93 -34.67 39.60
C ALA G 585 -13.08 -35.54 40.85
N LEU G 586 -12.16 -35.33 41.78
CA LEU G 586 -12.16 -36.03 43.07
C LEU G 586 -11.96 -35.02 44.18
N LEU G 587 -12.64 -35.25 45.30
CA LEU G 587 -12.34 -34.50 46.52
C LEU G 587 -11.18 -35.18 47.23
N LEU G 588 -10.14 -34.42 47.52
CA LEU G 588 -8.88 -34.92 48.03
C LEU G 588 -8.43 -34.11 49.23
N PRO G 589 -7.62 -34.71 50.12
CA PRO G 589 -7.12 -33.95 51.27
C PRO G 589 -6.43 -32.64 50.91
N SER G 590 -5.79 -32.59 49.74
CA SER G 590 -5.14 -31.35 49.30
C SER G 590 -6.12 -30.36 48.67
N GLY G 591 -7.34 -30.80 48.33
CA GLY G 591 -8.36 -29.96 47.80
C GLY G 591 -9.18 -30.67 46.74
N ASN G 592 -10.02 -29.92 46.05
CA ASN G 592 -10.74 -30.43 44.89
C ASN G 592 -9.79 -30.49 43.70
N THR G 593 -9.79 -31.62 43.00
CA THR G 593 -8.76 -31.90 42.01
C THR G 593 -9.40 -32.46 40.73
N PHE G 594 -8.64 -32.37 39.64
CA PHE G 594 -9.10 -32.82 38.33
C PHE G 594 -7.99 -33.59 37.62
N ILE G 595 -8.39 -34.55 36.81
CA ILE G 595 -7.47 -35.40 36.06
C ILE G 595 -7.96 -35.50 34.63
N ALA G 596 -7.04 -35.37 33.67
CA ALA G 596 -7.34 -35.44 32.25
C ALA G 596 -6.04 -35.68 31.51
N ASP G 597 -6.10 -36.34 30.35
CA ASP G 597 -7.32 -36.86 29.73
C ASP G 597 -7.50 -38.34 30.07
N THR G 598 -8.69 -38.68 30.57
CA THR G 598 -8.92 -39.98 31.19
C THR G 598 -9.56 -41.02 30.29
N TYR G 599 -10.25 -40.62 29.21
CA TYR G 599 -10.87 -41.61 28.33
C TYR G 599 -10.71 -41.33 26.84
N VAL G 600 -10.56 -40.09 26.40
CA VAL G 600 -10.68 -39.78 24.97
C VAL G 600 -9.47 -40.31 24.21
N ASN G 601 -8.27 -39.86 24.58
CA ASN G 601 -7.07 -40.09 23.79
C ASN G 601 -6.10 -40.99 24.54
N ASP G 602 -5.66 -42.06 23.87
CA ASP G 602 -4.71 -42.98 24.49
C ASP G 602 -3.33 -42.34 24.60
N GLU G 603 -2.81 -41.82 23.50
CA GLU G 603 -1.50 -41.19 23.45
C GLU G 603 -1.65 -39.79 22.85
N PRO G 604 -2.05 -38.82 23.66
CA PRO G 604 -2.22 -37.45 23.13
C PRO G 604 -0.87 -36.87 22.75
N ASP G 605 -0.87 -36.09 21.68
CA ASP G 605 0.35 -35.43 21.24
C ASP G 605 0.52 -34.11 22.00
N ALA G 606 1.57 -33.36 21.66
CA ALA G 606 1.87 -32.13 22.36
C ALA G 606 0.74 -31.12 22.24
N GLU G 607 0.23 -30.93 21.03
CA GLU G 607 -0.82 -29.95 20.80
C GLU G 607 -2.13 -30.37 21.45
N GLU G 608 -2.51 -31.64 21.30
CA GLU G 608 -3.76 -32.10 21.89
C GLU G 608 -3.74 -32.02 23.42
N LEU G 609 -2.57 -32.19 24.02
CA LEU G 609 -2.47 -31.96 25.46
C LEU G 609 -2.62 -30.48 25.80
N ALA G 610 -2.15 -29.59 24.92
CA ALA G 610 -2.31 -28.16 25.17
C ALA G 610 -3.77 -27.75 25.11
N GLU G 611 -4.48 -28.18 24.06
CA GLU G 611 -5.91 -27.87 23.95
C GLU G 611 -6.69 -28.41 25.14
N ILE G 612 -6.32 -29.60 25.62
CA ILE G 612 -6.95 -30.17 26.81
C ILE G 612 -6.71 -29.26 28.01
N THR G 613 -5.45 -28.83 28.18
CA THR G 613 -5.13 -27.96 29.32
C THR G 613 -5.89 -26.65 29.26
N LEU G 614 -6.03 -26.07 28.06
CA LEU G 614 -6.76 -24.81 27.94
C LEU G 614 -8.26 -25.00 28.15
N MET G 615 -8.80 -26.16 27.77
CA MET G 615 -10.23 -26.41 27.97
C MET G 615 -10.53 -26.70 29.43
N ALA G 616 -9.70 -27.52 30.09
CA ALA G 616 -9.88 -27.75 31.53
C ALA G 616 -9.77 -26.45 32.31
N ALA G 617 -8.99 -25.49 31.79
CA ALA G 617 -8.89 -24.19 32.45
C ALA G 617 -10.23 -23.47 32.42
N GLU G 618 -10.79 -23.28 31.23
CA GLU G 618 -12.04 -22.53 31.12
C GLU G 618 -13.18 -23.23 31.84
N THR G 619 -13.16 -24.57 31.89
CA THR G 619 -14.23 -25.31 32.53
C THR G 619 -14.13 -25.24 34.05
N VAL G 620 -12.91 -25.26 34.58
CA VAL G 620 -12.76 -25.11 36.02
C VAL G 620 -13.03 -23.66 36.44
N ARG G 621 -12.67 -22.70 35.60
CA ARG G 621 -13.05 -21.31 35.86
C ARG G 621 -14.56 -21.16 35.95
N ARG G 622 -15.31 -22.01 35.26
CA ARG G 622 -16.76 -22.02 35.41
C ARG G 622 -17.15 -22.45 36.83
N PHE G 623 -16.54 -23.52 37.33
CA PHE G 623 -16.85 -24.01 38.67
C PHE G 623 -16.52 -22.99 39.75
N GLY G 624 -15.64 -22.03 39.45
CA GLY G 624 -15.23 -21.01 40.39
C GLY G 624 -13.84 -21.20 40.95
N ILE G 625 -13.26 -22.38 40.79
CA ILE G 625 -11.94 -22.66 41.33
C ILE G 625 -10.89 -21.95 40.48
N GLU G 626 -9.89 -21.40 41.16
CA GLU G 626 -8.73 -20.84 40.47
C GLU G 626 -7.98 -21.95 39.75
N PRO G 627 -7.69 -21.81 38.47
CA PRO G 627 -6.96 -22.86 37.75
C PRO G 627 -5.47 -22.82 38.05
N ARG G 628 -5.01 -23.80 38.82
CA ARG G 628 -3.58 -23.97 39.12
C ARG G 628 -3.16 -25.32 38.53
N VAL G 629 -2.51 -25.27 37.36
CA VAL G 629 -2.32 -26.45 36.53
C VAL G 629 -0.91 -27.00 36.73
N ALA G 630 -0.80 -28.34 36.68
CA ALA G 630 0.48 -29.02 36.81
C ALA G 630 0.52 -30.20 35.86
N LEU G 631 1.58 -30.28 35.05
CA LEU G 631 1.76 -31.36 34.10
C LEU G 631 2.60 -32.46 34.73
N LEU G 632 2.05 -33.66 34.82
CA LEU G 632 2.69 -34.76 35.52
C LEU G 632 3.49 -35.61 34.56
N SER G 633 4.61 -36.13 35.06
CA SER G 633 5.42 -37.07 34.30
C SER G 633 6.38 -37.77 35.24
N HIS G 634 6.91 -38.90 34.78
CA HIS G 634 7.96 -39.61 35.51
C HIS G 634 9.29 -38.89 35.48
N SER G 635 9.32 -37.69 34.89
CA SER G 635 10.49 -36.83 34.90
C SER G 635 10.20 -35.61 35.75
N ASN G 636 11.21 -35.15 36.49
CA ASN G 636 11.09 -33.98 37.35
C ASN G 636 12.02 -32.90 36.78
N PHE G 637 11.41 -31.90 36.13
CA PHE G 637 12.12 -30.77 35.55
C PHE G 637 13.35 -31.22 34.75
N GLY G 638 13.15 -32.23 33.92
CA GLY G 638 14.20 -32.70 33.03
C GLY G 638 15.04 -33.84 33.55
N SER G 639 14.59 -34.57 34.58
CA SER G 639 15.36 -35.69 35.09
C SER G 639 15.41 -36.85 34.10
N SER G 640 14.46 -36.92 33.16
CA SER G 640 14.47 -37.89 32.08
C SER G 640 14.10 -37.18 30.79
N ASP G 641 14.79 -37.53 29.70
CA ASP G 641 14.55 -36.92 28.40
C ASP G 641 13.94 -37.90 27.40
N CYS G 642 13.11 -38.81 27.87
CA CYS G 642 12.38 -39.71 26.99
C CYS G 642 11.28 -38.94 26.27
N PRO G 643 10.70 -39.50 25.21
CA PRO G 643 9.65 -38.77 24.46
C PRO G 643 8.44 -38.37 25.30
N SER G 644 8.15 -39.08 26.40
CA SER G 644 7.03 -38.68 27.25
C SER G 644 7.30 -37.33 27.91
N SER G 645 8.50 -37.15 28.46
CA SER G 645 8.82 -35.89 29.14
C SER G 645 8.99 -34.76 28.14
N SER G 646 9.70 -35.00 27.03
CA SER G 646 9.86 -33.97 26.02
C SER G 646 8.52 -33.51 25.45
N LYS G 647 7.55 -34.42 25.37
CA LYS G 647 6.21 -34.04 24.92
C LYS G 647 5.57 -33.06 25.89
N MET G 648 5.55 -33.41 27.18
CA MET G 648 4.92 -32.56 28.19
C MET G 648 5.50 -31.16 28.18
N ARG G 649 6.81 -31.05 27.96
CA ARG G 649 7.47 -29.76 28.03
C ARG G 649 6.97 -28.82 26.93
N GLN G 650 6.83 -29.34 25.71
CA GLN G 650 6.42 -28.50 24.58
C GLN G 650 5.06 -27.87 24.85
N ALA G 651 4.11 -28.66 25.36
CA ALA G 651 2.77 -28.15 25.56
C ALA G 651 2.76 -27.01 26.57
N LEU G 652 3.67 -27.04 27.55
CA LEU G 652 3.71 -25.98 28.54
C LEU G 652 3.96 -24.62 27.89
N GLU G 653 4.83 -24.59 26.87
CA GLU G 653 5.03 -23.34 26.14
C GLU G 653 3.87 -23.05 25.22
N LEU G 654 3.31 -24.09 24.58
CA LEU G 654 2.11 -23.89 23.77
C LEU G 654 1.00 -23.24 24.60
N VAL G 655 0.87 -23.65 25.85
CA VAL G 655 -0.13 -23.04 26.73
C VAL G 655 0.19 -21.58 26.96
N ARG G 656 1.43 -21.29 27.37
CA ARG G 656 1.80 -19.93 27.74
C ARG G 656 1.78 -18.97 26.54
N GLU G 657 1.76 -19.49 25.32
CA GLU G 657 1.68 -18.64 24.14
C GLU G 657 0.25 -18.42 23.68
N ARG G 658 -0.72 -19.11 24.25
CA ARG G 658 -2.13 -18.82 24.05
C ARG G 658 -2.82 -18.31 25.30
N ALA G 659 -2.45 -18.84 26.47
CA ALA G 659 -2.99 -18.41 27.76
C ALA G 659 -1.81 -18.01 28.65
N PRO G 660 -1.29 -16.79 28.49
CA PRO G 660 -0.17 -16.37 29.34
C PRO G 660 -0.58 -16.15 30.78
N GLU G 661 -1.83 -15.78 31.03
CA GLU G 661 -2.28 -15.50 32.39
C GLU G 661 -2.43 -16.79 33.19
N LEU G 662 -2.69 -17.91 32.54
CA LEU G 662 -2.92 -19.17 33.24
C LEU G 662 -1.71 -19.55 34.08
N MET G 663 -1.94 -19.83 35.36
CA MET G 663 -0.90 -20.33 36.25
C MET G 663 -0.68 -21.82 35.99
N ILE G 664 0.51 -22.16 35.50
CA ILE G 664 0.84 -23.56 35.22
C ILE G 664 2.36 -23.70 35.23
N ASP G 665 2.82 -24.80 35.81
CA ASP G 665 4.22 -25.20 35.74
C ASP G 665 4.27 -26.71 35.51
N GLY G 666 5.50 -27.22 35.39
CA GLY G 666 5.72 -28.62 35.06
C GLY G 666 6.91 -28.77 34.15
N GLU G 667 7.29 -30.01 33.81
CA GLU G 667 6.67 -31.21 34.34
C GLU G 667 7.27 -31.57 35.68
N MET G 668 6.65 -32.51 36.39
CA MET G 668 7.09 -32.81 37.75
C MET G 668 6.50 -34.15 38.19
N HIS G 669 6.95 -34.62 39.33
CA HIS G 669 6.30 -35.74 39.99
C HIS G 669 4.96 -35.31 40.56
N GLY G 670 4.18 -36.28 41.00
CA GLY G 670 2.85 -35.97 41.53
C GLY G 670 2.92 -35.16 42.80
N ASP G 671 3.74 -35.60 43.76
CA ASP G 671 3.85 -34.90 45.02
C ASP G 671 4.26 -33.45 44.85
N ALA G 672 5.04 -33.14 43.79
CA ALA G 672 5.42 -31.76 43.54
C ALA G 672 4.22 -30.90 43.15
N ALA G 673 3.15 -31.51 42.67
CA ALA G 673 1.95 -30.78 42.29
C ALA G 673 1.00 -30.57 43.46
N LEU G 674 1.29 -31.15 44.63
CA LEU G 674 0.39 -31.08 45.78
C LEU G 674 1.05 -30.45 46.99
N VAL G 675 2.24 -30.90 47.36
CA VAL G 675 2.97 -30.37 48.50
C VAL G 675 3.77 -29.17 48.03
N GLU G 676 3.39 -27.97 48.48
CA GLU G 676 4.19 -26.80 48.18
C GLU G 676 5.60 -26.92 48.75
N ALA G 677 5.74 -27.65 49.87
CA ALA G 677 7.06 -27.81 50.47
C ALA G 677 7.98 -28.62 49.58
N ILE G 678 7.45 -29.63 48.90
CA ILE G 678 8.30 -30.46 48.03
C ILE G 678 8.64 -29.72 46.74
N ARG G 679 7.69 -28.97 46.19
CA ARG G 679 7.96 -28.24 44.96
C ARG G 679 8.89 -27.05 45.19
N ASN G 680 8.84 -26.44 46.39
CA ASN G 680 9.73 -25.31 46.67
C ASN G 680 11.19 -25.75 46.78
N ASP G 681 11.45 -27.05 46.93
CA ASP G 681 12.82 -27.53 47.04
C ASP G 681 13.45 -27.74 45.67
N ARG G 682 12.68 -28.26 44.72
CA ARG G 682 13.18 -28.50 43.36
C ARG G 682 13.08 -27.28 42.47
N MET G 683 12.38 -26.22 42.89
CA MET G 683 12.17 -25.05 42.05
C MET G 683 11.60 -23.90 42.86
N PRO G 684 12.43 -23.01 43.40
CA PRO G 684 11.90 -21.86 44.12
C PRO G 684 11.18 -20.87 43.21
N ASP G 685 11.56 -20.81 41.93
CA ASP G 685 11.00 -19.84 41.00
C ASP G 685 9.73 -20.34 40.33
N SER G 686 9.20 -21.47 40.76
CA SER G 686 8.01 -22.04 40.14
C SER G 686 6.84 -21.07 40.21
N SER G 687 6.26 -20.77 39.04
CA SER G 687 5.08 -19.90 39.00
C SER G 687 3.88 -20.53 39.70
N LEU G 688 3.89 -21.84 39.87
CA LEU G 688 2.82 -22.53 40.59
C LEU G 688 2.87 -22.14 42.07
N LYS G 689 1.72 -21.80 42.64
CA LYS G 689 1.63 -21.37 44.01
C LYS G 689 0.69 -22.28 44.77
N GLY G 690 1.15 -22.78 45.91
CA GLY G 690 0.24 -23.53 46.75
C GLY G 690 0.17 -24.96 46.21
N SER G 691 -1.03 -25.51 46.19
CA SER G 691 -1.31 -26.85 45.72
C SER G 691 -2.10 -26.78 44.42
N ALA G 692 -1.70 -27.59 43.44
CA ALA G 692 -2.36 -27.56 42.13
C ALA G 692 -3.66 -28.34 42.16
N ASN G 693 -4.58 -27.96 41.28
CA ASN G 693 -5.91 -28.55 41.23
C ASN G 693 -6.22 -29.27 39.92
N ILE G 694 -5.47 -29.03 38.85
CA ILE G 694 -5.67 -29.70 37.57
C ILE G 694 -4.40 -30.45 37.23
N LEU G 695 -4.51 -31.77 37.10
CA LEU G 695 -3.38 -32.64 36.77
C LEU G 695 -3.54 -33.10 35.32
N VAL G 696 -2.72 -32.55 34.43
CA VAL G 696 -2.70 -32.97 33.05
C VAL G 696 -1.74 -34.14 32.92
N MET G 697 -2.21 -35.22 32.31
CA MET G 697 -1.50 -36.48 32.27
C MET G 697 -0.76 -36.63 30.94
N PRO G 698 0.27 -37.49 30.89
CA PRO G 698 0.99 -37.70 29.64
C PRO G 698 0.34 -38.74 28.74
N ASN G 699 -0.23 -39.79 29.33
CA ASN G 699 -0.99 -40.77 28.58
C ASN G 699 -2.23 -41.17 29.37
N MET G 700 -3.22 -41.69 28.66
CA MET G 700 -4.47 -42.08 29.30
C MET G 700 -4.22 -43.16 30.37
N GLU G 701 -3.36 -44.13 30.06
CA GLU G 701 -3.19 -45.27 30.95
C GLU G 701 -2.81 -44.85 32.36
N ALA G 702 -1.94 -43.85 32.48
CA ALA G 702 -1.59 -43.34 33.81
C ALA G 702 -2.76 -42.61 34.43
N ALA G 703 -3.53 -41.88 33.63
CA ALA G 703 -4.69 -41.16 34.16
C ALA G 703 -5.72 -42.13 34.72
N ARG G 704 -6.06 -43.17 33.96
CA ARG G 704 -7.04 -44.15 34.42
C ARG G 704 -6.55 -44.85 35.67
N ILE G 705 -5.29 -45.28 35.69
CA ILE G 705 -4.75 -45.97 36.85
C ILE G 705 -4.68 -45.03 38.05
N SER G 706 -4.41 -43.75 37.83
CA SER G 706 -4.43 -42.79 38.92
C SER G 706 -5.84 -42.59 39.44
N TYR G 707 -6.77 -42.23 38.55
CA TYR G 707 -8.14 -41.95 38.97
C TYR G 707 -8.78 -43.14 39.66
N ASN G 708 -8.56 -44.34 39.13
CA ASN G 708 -9.17 -45.53 39.72
C ASN G 708 -8.64 -45.77 41.13
N LEU G 709 -7.32 -45.67 41.32
CA LEU G 709 -6.76 -45.91 42.65
C LEU G 709 -7.07 -44.78 43.61
N LEU G 710 -7.20 -43.55 43.09
CA LEU G 710 -7.47 -42.40 43.95
C LEU G 710 -8.93 -42.35 44.41
N ARG G 711 -9.87 -42.73 43.53
CA ARG G 711 -11.28 -42.70 43.91
C ARG G 711 -11.55 -43.62 45.10
N VAL G 712 -10.85 -44.76 45.16
CA VAL G 712 -11.03 -45.66 46.28
C VAL G 712 -10.31 -45.13 47.52
N SER G 713 -9.18 -44.44 47.34
CA SER G 713 -8.41 -43.96 48.48
C SER G 713 -8.97 -42.68 49.08
N SER G 714 -9.55 -41.79 48.28
CA SER G 714 -10.13 -40.55 48.80
C SER G 714 -11.58 -40.78 49.21
N SER G 715 -11.99 -40.10 50.27
CA SER G 715 -13.37 -40.15 50.71
C SER G 715 -14.25 -39.29 49.80
N GLU G 716 -15.56 -39.43 49.99
CA GLU G 716 -16.55 -38.81 49.11
C GLU G 716 -16.23 -39.13 47.66
N GLY G 717 -15.77 -38.15 46.90
CA GLY G 717 -15.51 -38.34 45.49
C GLY G 717 -16.75 -38.37 44.62
N VAL G 718 -17.91 -38.03 45.16
CA VAL G 718 -19.16 -38.01 44.43
C VAL G 718 -19.35 -36.65 43.79
N THR G 719 -18.27 -35.87 43.72
CA THR G 719 -18.34 -34.48 43.27
C THR G 719 -18.70 -34.39 41.79
N VAL G 720 -17.81 -34.79 40.88
CA VAL G 720 -18.08 -34.72 39.45
C VAL G 720 -17.66 -36.02 38.78
N GLY G 721 -18.43 -36.44 37.77
CA GLY G 721 -18.08 -37.55 36.93
C GLY G 721 -17.34 -37.09 35.68
N PRO G 722 -17.15 -37.99 34.72
CA PRO G 722 -16.35 -37.67 33.53
C PRO G 722 -16.93 -36.51 32.74
N VAL G 723 -16.14 -35.45 32.61
CA VAL G 723 -16.56 -34.22 31.94
C VAL G 723 -16.01 -34.23 30.52
N LEU G 724 -16.90 -34.35 29.53
CA LEU G 724 -16.50 -34.31 28.13
C LEU G 724 -16.38 -32.85 27.69
N MET G 725 -15.19 -32.47 27.22
CA MET G 725 -14.89 -31.10 26.86
C MET G 725 -14.56 -31.01 25.38
N GLY G 726 -14.95 -29.90 24.75
CA GLY G 726 -14.69 -29.64 23.36
C GLY G 726 -15.81 -30.02 22.43
N VAL G 727 -16.69 -30.94 22.84
CA VAL G 727 -17.83 -31.30 22.01
C VAL G 727 -18.77 -30.11 21.89
N ALA G 728 -19.32 -29.91 20.70
CA ALA G 728 -20.18 -28.76 20.40
C ALA G 728 -21.38 -28.69 21.34
N LYS G 729 -22.33 -29.61 21.15
CA LYS G 729 -23.56 -29.57 21.93
C LYS G 729 -23.28 -30.01 23.37
N PRO G 730 -24.13 -29.58 24.33
CA PRO G 730 -23.89 -29.93 25.73
C PRO G 730 -24.11 -31.40 26.01
N VAL G 731 -23.02 -32.19 26.01
CA VAL G 731 -23.10 -33.63 26.19
C VAL G 731 -22.00 -34.07 27.14
N HIS G 732 -22.23 -35.21 27.78
CA HIS G 732 -21.23 -35.87 28.62
C HIS G 732 -21.47 -37.37 28.55
N VAL G 733 -20.44 -38.15 28.87
CA VAL G 733 -20.53 -39.60 28.89
C VAL G 733 -19.91 -40.11 30.18
N LEU G 734 -20.51 -41.15 30.74
CA LEU G 734 -20.18 -41.64 32.08
C LEU G 734 -19.75 -43.09 32.01
N THR G 735 -19.39 -43.62 33.19
CA THR G 735 -18.91 -44.98 33.36
C THR G 735 -20.05 -45.94 33.65
N PRO G 736 -19.85 -47.24 33.43
CA PRO G 736 -20.83 -48.22 33.93
C PRO G 736 -20.90 -48.27 35.44
N ILE G 737 -19.81 -47.94 36.14
CA ILE G 737 -19.80 -47.90 37.60
C ILE G 737 -20.38 -46.62 38.16
N ALA G 738 -20.84 -45.71 37.29
CA ALA G 738 -21.29 -44.40 37.74
C ALA G 738 -22.42 -44.53 38.76
N SER G 739 -22.23 -43.92 39.92
CA SER G 739 -23.26 -43.92 40.95
C SER G 739 -24.44 -43.07 40.51
N VAL G 740 -25.54 -43.19 41.26
CA VAL G 740 -26.71 -42.38 40.96
C VAL G 740 -26.41 -40.91 41.18
N ARG G 741 -25.70 -40.60 42.27
CA ARG G 741 -25.26 -39.23 42.51
C ARG G 741 -24.48 -38.70 41.32
N ARG G 742 -23.59 -39.53 40.76
CA ARG G 742 -22.85 -39.12 39.57
C ARG G 742 -23.80 -38.72 38.45
N ILE G 743 -24.89 -39.47 38.28
CA ILE G 743 -25.85 -39.15 37.23
C ILE G 743 -26.57 -37.85 37.54
N VAL G 744 -27.00 -37.68 38.80
CA VAL G 744 -27.73 -36.48 39.18
C VAL G 744 -26.85 -35.25 39.03
N ASN G 745 -25.63 -35.32 39.55
CA ASN G 745 -24.73 -34.18 39.47
C ASN G 745 -24.42 -33.82 38.03
N MET G 746 -24.21 -34.83 37.17
CA MET G 746 -23.81 -34.56 35.80
C MET G 746 -24.97 -34.06 34.95
N VAL G 747 -26.20 -34.47 35.26
CA VAL G 747 -27.35 -33.90 34.55
C VAL G 747 -27.53 -32.44 34.93
N ALA G 748 -27.21 -32.09 36.18
CA ALA G 748 -27.25 -30.69 36.58
C ALA G 748 -26.22 -29.88 35.81
N LEU G 749 -25.00 -30.39 35.72
CA LEU G 749 -23.96 -29.71 34.96
C LEU G 749 -24.36 -29.58 33.49
N ALA G 750 -25.06 -30.58 32.96
CA ALA G 750 -25.51 -30.51 31.58
C ALA G 750 -26.48 -29.34 31.38
N VAL G 751 -27.44 -29.20 32.28
CA VAL G 751 -28.42 -28.11 32.15
C VAL G 751 -27.73 -26.76 32.27
N VAL G 752 -26.74 -26.66 33.17
CA VAL G 752 -25.98 -25.41 33.32
C VAL G 752 -25.26 -25.08 32.02
N GLU G 753 -24.65 -26.08 31.39
CA GLU G 753 -23.92 -25.85 30.15
C GLU G 753 -24.85 -25.42 29.02
N ALA G 754 -26.12 -25.80 29.09
CA ALA G 754 -27.05 -25.59 28.00
C ALA G 754 -27.82 -24.28 28.09
N GLN G 755 -27.98 -23.71 29.28
CA GLN G 755 -28.68 -22.44 29.40
C GLN G 755 -27.94 -21.31 28.71
N THR G 756 -26.60 -21.36 28.70
CA THR G 756 -25.77 -20.27 28.22
C THR G 756 -25.21 -20.58 26.84
N GLN G 757 -24.42 -19.65 26.32
CA GLN G 757 -23.72 -19.81 25.06
C GLN G 757 -22.21 -19.76 25.27
N ASP H 2 14.82 -42.87 76.81
CA ASP H 2 15.61 -42.30 75.73
C ASP H 2 15.10 -40.91 75.37
N ASP H 3 15.92 -39.88 75.64
CA ASP H 3 15.51 -38.50 75.37
C ASP H 3 15.41 -38.20 73.89
N GLN H 4 16.05 -39.01 73.03
CA GLN H 4 15.83 -38.87 71.60
C GLN H 4 14.46 -39.38 71.19
N LEU H 5 13.83 -40.22 72.01
CA LEU H 5 12.48 -40.70 71.77
C LEU H 5 11.42 -39.80 72.39
N LYS H 6 11.66 -39.29 73.61
CA LYS H 6 10.74 -38.31 74.18
C LYS H 6 10.71 -37.05 73.34
N GLN H 7 11.85 -36.65 72.78
CA GLN H 7 11.87 -35.49 71.91
C GLN H 7 11.23 -35.80 70.57
N SER H 8 11.41 -37.03 70.06
CA SER H 8 10.78 -37.43 68.81
C SER H 8 9.28 -37.65 68.97
N ALA H 9 8.81 -37.85 70.21
CA ALA H 9 7.37 -37.98 70.44
C ALA H 9 6.69 -36.62 70.50
N LEU H 10 7.39 -35.60 71.03
CA LEU H 10 6.83 -34.25 71.03
C LEU H 10 6.65 -33.73 69.60
N ASP H 11 7.57 -34.08 68.70
CA ASP H 11 7.37 -33.78 67.29
C ASP H 11 6.15 -34.52 66.75
N PHE H 12 5.84 -35.69 67.30
CA PHE H 12 4.78 -36.52 66.77
C PHE H 12 3.40 -36.01 67.15
N HIS H 13 3.26 -35.38 68.31
CA HIS H 13 1.96 -34.88 68.74
C HIS H 13 1.64 -33.49 68.19
N GLU H 14 2.66 -32.68 67.90
CA GLU H 14 2.42 -31.34 67.38
C GLU H 14 2.48 -31.28 65.86
N PHE H 15 3.39 -32.01 65.24
CA PHE H 15 3.51 -31.90 63.79
C PHE H 15 2.82 -33.07 63.09
N PRO H 16 2.12 -32.83 61.98
CA PRO H 16 1.98 -31.52 61.34
C PRO H 16 0.91 -30.63 61.97
N VAL H 17 -0.13 -31.23 62.54
CA VAL H 17 -1.25 -30.50 63.11
C VAL H 17 -1.46 -30.96 64.55
N PRO H 18 -1.69 -30.05 65.50
CA PRO H 18 -1.90 -30.46 66.90
C PRO H 18 -3.11 -31.37 67.02
N GLY H 19 -2.93 -32.45 67.76
CA GLY H 19 -3.98 -33.41 68.01
C GLY H 19 -3.65 -34.79 67.46
N LYS H 20 -4.58 -35.72 67.70
CA LYS H 20 -4.46 -37.06 67.15
C LYS H 20 -5.77 -37.63 66.62
N ILE H 21 -6.87 -36.88 66.69
CA ILE H 21 -8.16 -37.33 66.20
C ILE H 21 -8.89 -36.15 65.58
N GLN H 22 -9.87 -36.47 64.74
CA GLN H 22 -10.69 -35.46 64.07
C GLN H 22 -12.09 -36.01 63.82
N VAL H 23 -13.03 -35.09 63.65
CA VAL H 23 -14.43 -35.42 63.38
C VAL H 23 -14.69 -35.12 61.91
N SER H 24 -14.89 -36.17 61.11
CA SER H 24 -15.06 -36.02 59.67
C SER H 24 -16.43 -36.55 59.25
N PRO H 25 -17.07 -35.90 58.28
CA PRO H 25 -18.40 -36.36 57.84
C PRO H 25 -18.34 -37.69 57.11
N THR H 26 -19.26 -38.59 57.46
CA THR H 26 -19.45 -39.83 56.70
C THR H 26 -20.46 -39.65 55.57
N LYS H 27 -21.40 -38.74 55.73
CA LYS H 27 -22.31 -38.39 54.65
C LYS H 27 -21.73 -37.24 53.83
N PRO H 28 -21.94 -37.24 52.51
CA PRO H 28 -21.42 -36.13 51.69
C PRO H 28 -22.30 -34.89 51.86
N LEU H 29 -21.63 -33.74 52.02
CA LEU H 29 -22.26 -32.43 51.84
C LEU H 29 -21.53 -31.74 50.70
N ALA H 30 -22.12 -31.81 49.50
CA ALA H 30 -21.56 -31.16 48.33
C ALA H 30 -22.58 -30.29 47.59
N THR H 31 -23.86 -30.34 47.96
CA THR H 31 -24.93 -29.63 47.28
C THR H 31 -25.71 -28.80 48.30
N GLN H 32 -26.76 -28.15 47.82
CA GLN H 32 -27.67 -27.40 48.68
C GLN H 32 -28.72 -28.31 49.30
N ARG H 33 -29.10 -29.39 48.61
CA ARG H 33 -30.05 -30.34 49.17
C ARG H 33 -29.43 -31.15 50.31
N ASP H 34 -28.11 -31.30 50.33
CA ASP H 34 -27.46 -32.03 51.40
C ASP H 34 -27.66 -31.32 52.75
N LEU H 35 -27.46 -30.01 52.78
CA LEU H 35 -27.67 -29.26 54.01
C LEU H 35 -29.13 -29.31 54.45
N ALA H 36 -30.05 -29.26 53.50
CA ALA H 36 -31.47 -29.30 53.83
C ALA H 36 -31.90 -30.65 54.39
N LEU H 37 -31.12 -31.71 54.15
CA LEU H 37 -31.41 -33.03 54.71
C LEU H 37 -30.57 -33.35 55.94
N ALA H 38 -29.45 -32.65 56.14
CA ALA H 38 -28.65 -32.83 57.34
C ALA H 38 -28.99 -31.85 58.45
N TYR H 39 -29.72 -30.78 58.13
CA TYR H 39 -30.24 -29.86 59.14
C TYR H 39 -31.70 -29.53 58.85
N SER H 40 -32.04 -28.24 58.80
CA SER H 40 -33.45 -27.94 58.65
C SER H 40 -33.85 -27.91 57.18
N PRO H 41 -35.04 -28.44 56.84
CA PRO H 41 -35.97 -29.08 57.77
C PRO H 41 -35.89 -30.61 57.74
N GLY H 42 -34.87 -31.13 57.06
CA GLY H 42 -34.82 -32.57 56.79
C GLY H 42 -34.44 -33.39 58.01
N VAL H 43 -33.59 -32.86 58.87
CA VAL H 43 -33.14 -33.60 60.03
C VAL H 43 -34.27 -33.88 61.01
N ALA H 44 -35.43 -33.26 60.81
CA ALA H 44 -36.55 -33.47 61.72
C ALA H 44 -37.06 -34.91 61.68
N ALA H 45 -36.88 -35.61 60.56
CA ALA H 45 -37.51 -36.92 60.44
C ALA H 45 -36.82 -37.99 61.30
N PRO H 46 -35.48 -38.09 61.35
CA PRO H 46 -34.89 -39.09 62.26
C PRO H 46 -35.18 -38.81 63.72
N CYS H 47 -35.28 -37.54 64.11
CA CYS H 47 -35.58 -37.20 65.51
C CYS H 47 -36.97 -37.65 65.90
N LEU H 48 -37.95 -37.47 65.03
CA LEU H 48 -39.30 -37.95 65.31
C LEU H 48 -39.33 -39.46 65.41
N GLU H 49 -38.43 -40.16 64.70
CA GLU H 49 -38.34 -41.61 64.79
C GLU H 49 -37.55 -42.07 66.01
N ILE H 50 -36.69 -41.21 66.57
CA ILE H 50 -36.07 -41.51 67.84
C ILE H 50 -37.02 -41.15 68.99
N GLU H 51 -37.86 -40.13 68.79
CA GLU H 51 -38.82 -39.76 69.82
C GLU H 51 -39.85 -40.86 70.03
N LYS H 52 -40.36 -41.44 68.94
CA LYS H 52 -41.28 -42.57 69.07
C LYS H 52 -40.58 -43.79 69.67
N ASP H 53 -39.36 -44.05 69.22
CA ASP H 53 -38.65 -45.27 69.60
C ASP H 53 -37.18 -44.95 69.91
N PRO H 54 -36.78 -44.94 71.18
CA PRO H 54 -35.37 -44.71 71.50
C PRO H 54 -34.44 -45.81 70.99
N LEU H 55 -34.94 -47.05 70.89
CA LEU H 55 -34.11 -48.11 70.33
C LEU H 55 -33.74 -47.85 68.88
N LYS H 56 -34.56 -47.06 68.16
CA LYS H 56 -34.27 -46.71 66.78
C LYS H 56 -33.35 -45.49 66.73
N ALA H 57 -32.28 -45.52 67.52
CA ALA H 57 -31.25 -44.48 67.49
C ALA H 57 -29.94 -44.97 66.92
N TYR H 58 -29.62 -46.25 67.10
CA TYR H 58 -28.46 -46.85 66.44
C TYR H 58 -28.58 -46.77 64.91
N LYS H 59 -29.77 -46.52 64.39
CA LYS H 59 -29.97 -46.46 62.95
C LYS H 59 -29.45 -45.14 62.37
N TYR H 60 -29.99 -44.02 62.83
CA TYR H 60 -29.76 -42.73 62.20
C TYR H 60 -28.68 -41.90 62.89
N THR H 61 -28.02 -42.42 63.92
CA THR H 61 -27.00 -41.68 64.65
C THR H 61 -25.75 -42.54 64.82
N ALA H 62 -24.67 -41.88 65.23
CA ALA H 62 -23.40 -42.54 65.47
C ALA H 62 -23.34 -43.26 66.82
N ARG H 63 -24.46 -43.27 67.56
CA ARG H 63 -24.50 -43.96 68.84
C ARG H 63 -24.16 -45.44 68.70
N GLY H 64 -24.39 -46.02 67.53
CA GLY H 64 -24.17 -47.44 67.34
C GLY H 64 -22.72 -47.87 67.46
N ASN H 65 -21.78 -46.93 67.34
CA ASN H 65 -20.36 -47.29 67.31
C ASN H 65 -19.55 -46.25 68.08
N LEU H 66 -20.10 -45.73 69.17
CA LEU H 66 -19.46 -44.65 69.91
C LEU H 66 -19.22 -45.10 71.36
N VAL H 67 -17.97 -45.03 71.80
CA VAL H 67 -17.58 -45.34 73.17
C VAL H 67 -16.76 -44.16 73.69
N ALA H 68 -17.13 -43.63 74.85
CA ALA H 68 -16.47 -42.49 75.44
C ALA H 68 -15.45 -42.94 76.48
N VAL H 69 -14.20 -42.52 76.31
CA VAL H 69 -13.15 -42.78 77.28
C VAL H 69 -13.05 -41.57 78.20
N ILE H 70 -13.30 -41.78 79.49
CA ILE H 70 -13.34 -40.71 80.48
C ILE H 70 -12.26 -40.94 81.52
N SER H 71 -11.66 -39.85 82.00
CA SER H 71 -10.63 -39.92 83.03
C SER H 71 -10.60 -38.59 83.79
N ASN H 72 -10.49 -38.70 85.11
CA ASN H 72 -10.31 -37.52 85.95
C ASN H 72 -8.85 -37.10 86.08
N GLY H 73 -7.93 -37.89 85.52
CA GLY H 73 -6.51 -37.60 85.60
C GLY H 73 -5.83 -38.02 86.87
N THR H 74 -6.46 -38.90 87.67
CA THR H 74 -5.90 -39.24 88.98
C THR H 74 -4.78 -40.27 88.89
N ALA H 75 -4.80 -41.15 87.88
CA ALA H 75 -3.77 -42.17 87.72
C ALA H 75 -2.86 -41.94 86.53
N VAL H 76 -3.44 -41.69 85.35
CA VAL H 76 -2.71 -41.47 84.10
C VAL H 76 -1.70 -42.59 83.89
N LEU H 77 -2.13 -43.83 84.11
CA LEU H 77 -1.32 -45.02 83.81
C LEU H 77 0.00 -45.01 84.59
N GLY H 78 -0.07 -44.68 85.87
CA GLY H 78 1.11 -44.69 86.73
C GLY H 78 1.88 -43.40 86.78
N LEU H 79 1.37 -42.31 86.20
CA LEU H 79 2.01 -41.01 86.27
C LEU H 79 1.47 -40.14 87.41
N GLY H 80 0.53 -40.65 88.19
CA GLY H 80 -0.04 -39.90 89.29
C GLY H 80 -1.12 -38.93 88.83
N ASN H 81 -1.61 -38.15 89.80
CA ASN H 81 -2.62 -37.13 89.52
C ASN H 81 -1.93 -35.84 89.05
N ILE H 82 -1.46 -35.89 87.80
CA ILE H 82 -0.80 -34.71 87.24
C ILE H 82 -1.82 -33.66 86.81
N GLY H 83 -3.03 -34.08 86.47
CA GLY H 83 -4.08 -33.15 86.12
C GLY H 83 -5.00 -33.74 85.06
N ALA H 84 -6.25 -33.24 85.04
CA ALA H 84 -7.21 -33.72 84.05
C ALA H 84 -6.83 -33.24 82.65
N LEU H 85 -6.31 -32.02 82.54
CA LEU H 85 -5.91 -31.51 81.23
C LEU H 85 -4.69 -32.24 80.68
N ALA H 86 -3.79 -32.68 81.56
CA ALA H 86 -2.57 -33.34 81.12
C ALA H 86 -2.80 -34.77 80.65
N GLY H 87 -3.90 -35.41 81.07
CA GLY H 87 -4.18 -36.76 80.62
C GLY H 87 -4.92 -36.85 79.30
N LYS H 88 -5.32 -35.71 78.74
CA LYS H 88 -6.03 -35.71 77.47
C LYS H 88 -5.27 -36.42 76.35
N PRO H 89 -3.96 -36.24 76.18
CA PRO H 89 -3.25 -37.03 75.15
C PRO H 89 -3.37 -38.53 75.34
N VAL H 90 -3.37 -39.01 76.58
CA VAL H 90 -3.51 -40.44 76.81
C VAL H 90 -4.91 -40.90 76.41
N MET H 91 -5.92 -40.06 76.63
CA MET H 91 -7.29 -40.43 76.28
C MET H 91 -7.48 -40.43 74.76
N GLU H 92 -6.86 -39.48 74.06
CA GLU H 92 -6.88 -39.49 72.60
C GLU H 92 -6.21 -40.76 72.07
N GLY H 93 -5.11 -41.18 72.70
CA GLY H 93 -4.42 -42.37 72.25
C GLY H 93 -5.23 -43.64 72.44
N LYS H 94 -6.06 -43.68 73.48
CA LYS H 94 -6.98 -44.80 73.63
C LYS H 94 -7.94 -44.87 72.46
N GLY H 95 -8.49 -43.71 72.05
CA GLY H 95 -9.46 -43.70 70.97
C GLY H 95 -8.85 -44.00 69.61
N VAL H 96 -7.61 -43.60 69.39
CA VAL H 96 -6.95 -43.91 68.13
C VAL H 96 -6.65 -45.41 68.06
N LEU H 97 -6.42 -46.06 69.21
CA LEU H 97 -6.22 -47.50 69.23
C LEU H 97 -7.55 -48.21 69.04
N PHE H 98 -8.62 -47.71 69.67
CA PHE H 98 -9.96 -48.25 69.48
C PHE H 98 -10.28 -48.33 67.99
N LYS H 99 -10.13 -47.20 67.29
CA LYS H 99 -10.45 -47.14 65.87
C LYS H 99 -9.52 -48.02 65.04
N LYS H 100 -8.25 -48.15 65.47
CA LYS H 100 -7.26 -48.85 64.65
C LYS H 100 -7.57 -50.34 64.55
N PHE H 101 -7.97 -50.97 65.65
CA PHE H 101 -8.16 -52.42 65.67
C PHE H 101 -9.62 -52.84 65.78
N ALA H 102 -10.40 -52.17 66.63
CA ALA H 102 -11.81 -52.51 66.78
C ALA H 102 -12.73 -51.67 65.90
N GLY H 103 -12.20 -50.63 65.25
CA GLY H 103 -13.02 -49.78 64.40
C GLY H 103 -14.10 -49.04 65.16
N ILE H 104 -13.77 -48.54 66.34
CA ILE H 104 -14.74 -47.92 67.24
C ILE H 104 -14.38 -46.45 67.38
N ASP H 105 -15.31 -45.57 66.97
CA ASP H 105 -15.12 -44.15 67.18
C ASP H 105 -15.18 -43.85 68.68
N VAL H 106 -14.26 -42.98 69.13
CA VAL H 106 -14.13 -42.70 70.57
C VAL H 106 -13.99 -41.20 70.77
N PHE H 107 -14.86 -40.62 71.57
CA PHE H 107 -14.72 -39.25 72.06
C PHE H 107 -13.85 -39.29 73.32
N ASP H 108 -12.84 -38.42 73.39
CA ASP H 108 -12.05 -38.29 74.59
C ASP H 108 -12.72 -37.31 75.55
N ILE H 109 -12.97 -37.75 76.78
CA ILE H 109 -13.68 -36.97 77.77
C ILE H 109 -12.82 -36.86 79.02
N GLU H 110 -12.63 -35.64 79.50
CA GLU H 110 -11.87 -35.38 80.72
C GLU H 110 -12.72 -34.52 81.64
N VAL H 111 -12.87 -34.95 82.88
CA VAL H 111 -13.75 -34.30 83.85
C VAL H 111 -12.90 -33.75 84.98
N ASP H 112 -13.11 -32.48 85.32
CA ASP H 112 -12.35 -31.82 86.38
C ASP H 112 -13.11 -31.93 87.70
N GLU H 113 -13.12 -33.15 88.23
CA GLU H 113 -13.77 -33.42 89.50
C GLU H 113 -13.12 -34.62 90.17
N LEU H 114 -12.73 -34.45 91.44
CA LEU H 114 -12.16 -35.54 92.23
C LEU H 114 -13.20 -36.22 93.12
N ASP H 115 -14.35 -35.58 93.33
CA ASP H 115 -15.41 -36.17 94.13
C ASP H 115 -16.07 -37.31 93.38
N PRO H 116 -16.12 -38.52 93.94
CA PRO H 116 -16.72 -39.65 93.21
C PRO H 116 -18.18 -39.45 92.86
N ASP H 117 -18.98 -38.89 93.79
CA ASP H 117 -20.40 -38.72 93.54
C ASP H 117 -20.65 -37.75 92.38
N LYS H 118 -19.92 -36.64 92.34
CA LYS H 118 -20.09 -35.68 91.25
C LYS H 118 -19.61 -36.26 89.93
N PHE H 119 -18.55 -37.06 89.97
CA PHE H 119 -18.06 -37.74 88.77
C PHE H 119 -19.13 -38.66 88.19
N ILE H 120 -19.80 -39.42 89.05
CA ILE H 120 -20.84 -40.34 88.59
C ILE H 120 -22.03 -39.57 88.00
N GLU H 121 -22.41 -38.46 88.63
CA GLU H 121 -23.51 -37.65 88.10
C GLU H 121 -23.17 -37.11 86.72
N VAL H 122 -21.91 -36.76 86.49
CA VAL H 122 -21.51 -36.23 85.19
C VAL H 122 -21.58 -37.32 84.13
N VAL H 123 -21.07 -38.52 84.45
CA VAL H 123 -21.03 -39.60 83.47
C VAL H 123 -22.44 -40.03 83.08
N ALA H 124 -23.31 -40.20 84.08
CA ALA H 124 -24.66 -40.66 83.80
C ALA H 124 -25.45 -39.64 82.99
N ALA H 125 -25.13 -38.34 83.13
CA ALA H 125 -25.83 -37.32 82.36
C ALA H 125 -25.53 -37.41 80.88
N LEU H 126 -24.37 -37.97 80.52
CA LEU H 126 -23.98 -38.13 79.13
C LEU H 126 -24.40 -39.48 78.54
N GLU H 127 -25.32 -40.18 79.21
CA GLU H 127 -25.71 -41.51 78.76
C GLU H 127 -26.36 -41.54 77.37
N PRO H 128 -27.31 -40.66 77.03
CA PRO H 128 -27.85 -40.70 75.66
C PRO H 128 -26.81 -40.43 74.59
N THR H 129 -25.79 -39.63 74.90
CA THR H 129 -24.80 -39.25 73.89
C THR H 129 -24.02 -40.46 73.39
N PHE H 130 -23.47 -41.26 74.33
CA PHE H 130 -22.55 -42.33 73.99
C PHE H 130 -23.24 -43.68 74.11
N GLY H 131 -22.94 -44.58 73.18
CA GLY H 131 -23.45 -45.94 73.27
C GLY H 131 -22.75 -46.77 74.32
N GLY H 132 -21.50 -46.42 74.65
CA GLY H 132 -20.78 -47.11 75.70
C GLY H 132 -19.89 -46.13 76.45
N ILE H 133 -19.44 -46.57 77.63
CA ILE H 133 -18.61 -45.74 78.50
C ILE H 133 -17.38 -46.55 78.90
N ASN H 134 -16.21 -45.98 78.66
CA ASN H 134 -14.94 -46.56 79.08
C ASN H 134 -14.30 -45.64 80.12
N LEU H 135 -13.92 -46.21 81.26
CA LEU H 135 -13.27 -45.47 82.33
C LEU H 135 -11.81 -45.89 82.39
N GLU H 136 -10.91 -44.92 82.49
CA GLU H 136 -9.49 -45.21 82.39
C GLU H 136 -8.67 -44.27 83.27
N ASP H 137 -7.61 -44.80 83.86
CA ASP H 137 -6.65 -44.02 84.66
C ASP H 137 -7.33 -43.25 85.80
N ILE H 138 -8.06 -43.99 86.63
CA ILE H 138 -8.66 -43.46 87.84
C ILE H 138 -8.02 -44.15 89.04
N LYS H 139 -7.61 -43.35 90.02
CA LYS H 139 -6.85 -43.89 91.14
C LYS H 139 -7.74 -44.68 92.09
N ALA H 140 -7.13 -45.61 92.82
CA ALA H 140 -7.83 -46.45 93.77
C ALA H 140 -7.99 -45.72 95.11
N PRO H 141 -9.07 -46.01 95.85
CA PRO H 141 -10.16 -46.93 95.49
C PRO H 141 -11.36 -46.23 94.88
N GLU H 142 -11.18 -44.98 94.43
CA GLU H 142 -12.28 -44.22 93.86
C GLU H 142 -12.87 -44.91 92.64
N CYS H 143 -12.06 -45.71 91.93
CA CYS H 143 -12.52 -46.34 90.70
C CYS H 143 -13.57 -47.41 90.99
N PHE H 144 -13.30 -48.28 91.98
CA PHE H 144 -14.23 -49.35 92.33
C PHE H 144 -15.63 -48.81 92.53
N TYR H 145 -15.76 -47.74 93.32
CA TYR H 145 -17.07 -47.21 93.68
C TYR H 145 -17.77 -46.59 92.48
N ILE H 146 -17.02 -45.88 91.63
CA ILE H 146 -17.63 -45.23 90.47
C ILE H 146 -18.13 -46.26 89.47
N GLU H 147 -17.33 -47.30 89.20
CA GLU H 147 -17.72 -48.30 88.21
C GLU H 147 -18.99 -49.03 88.64
N GLN H 148 -19.02 -49.51 89.88
CA GLN H 148 -20.16 -50.28 90.36
C GLN H 148 -21.45 -49.47 90.25
N LYS H 149 -21.43 -48.22 90.73
CA LYS H 149 -22.63 -47.39 90.70
C LYS H 149 -23.04 -47.06 89.27
N LEU H 150 -22.07 -46.88 88.38
CA LEU H 150 -22.39 -46.52 87.01
C LEU H 150 -23.03 -47.67 86.25
N ARG H 151 -22.52 -48.89 86.43
CA ARG H 151 -23.08 -50.05 85.73
C ARG H 151 -24.54 -50.26 86.10
N GLU H 152 -24.88 -50.07 87.38
CA GLU H 152 -26.28 -50.12 87.80
C GLU H 152 -27.06 -48.94 87.24
N ARG H 153 -26.48 -47.74 87.34
CA ARG H 153 -27.20 -46.52 86.97
C ARG H 153 -27.45 -46.44 85.47
N MET H 154 -26.49 -46.87 84.65
CA MET H 154 -26.53 -46.64 83.22
C MET H 154 -26.92 -47.91 82.46
N ASN H 155 -27.76 -47.72 81.45
CA ASN H 155 -28.15 -48.76 80.50
C ASN H 155 -27.12 -48.95 79.40
N ILE H 156 -25.95 -48.34 79.53
CA ILE H 156 -24.87 -48.49 78.56
C ILE H 156 -23.66 -49.11 79.27
N PRO H 157 -22.82 -49.87 78.58
CA PRO H 157 -21.77 -50.62 79.28
C PRO H 157 -20.74 -49.71 79.93
N VAL H 158 -20.29 -50.11 81.12
CA VAL H 158 -19.25 -49.40 81.85
C VAL H 158 -18.13 -50.39 82.14
N PHE H 159 -16.89 -49.98 81.87
CA PHE H 159 -15.75 -50.88 81.88
C PHE H 159 -14.51 -50.09 82.26
N HIS H 160 -13.62 -50.72 83.02
CA HIS H 160 -12.35 -50.12 83.41
C HIS H 160 -11.22 -51.01 82.91
N ASP H 161 -10.37 -50.44 82.04
CA ASP H 161 -9.31 -51.23 81.42
C ASP H 161 -8.22 -51.62 82.42
N ASP H 162 -7.76 -50.68 83.25
CA ASP H 162 -6.73 -51.00 84.24
C ASP H 162 -7.19 -52.08 85.22
N GLN H 163 -8.50 -52.19 85.45
CA GLN H 163 -9.00 -53.16 86.41
C GLN H 163 -9.61 -54.38 85.73
N HIS H 164 -10.75 -54.21 85.07
CA HIS H 164 -11.46 -55.35 84.50
C HIS H 164 -10.70 -55.93 83.30
N GLY H 165 -10.07 -55.08 82.49
CA GLY H 165 -9.39 -55.56 81.30
C GLY H 165 -8.16 -56.39 81.61
N THR H 166 -7.30 -55.89 82.49
CA THR H 166 -6.09 -56.63 82.85
C THR H 166 -6.43 -57.92 83.56
N ALA H 167 -7.55 -57.96 84.29
CA ALA H 167 -7.93 -59.17 85.01
C ALA H 167 -8.32 -60.30 84.06
N ILE H 168 -9.06 -59.97 83.00
CA ILE H 168 -9.43 -60.97 82.01
C ILE H 168 -8.18 -61.56 81.36
N ILE H 169 -7.17 -60.73 81.11
CA ILE H 169 -5.93 -61.22 80.54
C ILE H 169 -5.21 -62.14 81.53
N SER H 170 -5.07 -61.67 82.77
CA SER H 170 -4.37 -62.46 83.78
C SER H 170 -5.10 -63.76 84.07
N THR H 171 -6.44 -63.71 84.12
CA THR H 171 -7.22 -64.91 84.41
C THR H 171 -7.06 -65.96 83.32
N ALA H 172 -7.15 -65.54 82.05
CA ALA H 172 -6.93 -66.48 80.95
C ALA H 172 -5.51 -67.02 80.97
N ALA H 173 -4.54 -66.18 81.36
CA ALA H 173 -3.17 -66.64 81.48
C ALA H 173 -3.02 -67.67 82.59
N ILE H 174 -3.67 -67.42 83.73
CA ILE H 174 -3.59 -68.35 84.85
C ILE H 174 -4.18 -69.71 84.47
N LEU H 175 -5.30 -69.70 83.74
CA LEU H 175 -5.90 -70.97 83.30
C LEU H 175 -4.97 -71.73 82.38
N ASN H 176 -4.30 -71.01 81.46
CA ASN H 176 -3.40 -71.67 80.52
C ASN H 176 -2.17 -72.23 81.23
N GLY H 177 -1.62 -71.48 82.20
CA GLY H 177 -0.47 -71.96 82.94
C GLY H 177 -0.80 -73.15 83.81
N LEU H 178 -2.05 -73.26 84.27
CA LEU H 178 -2.47 -74.43 85.03
C LEU H 178 -2.59 -75.66 84.13
N ARG H 179 -2.95 -75.47 82.87
CA ARG H 179 -3.04 -76.58 81.93
C ARG H 179 -1.65 -77.16 81.63
N VAL H 180 -0.61 -76.33 81.72
CA VAL H 180 0.75 -76.79 81.45
C VAL H 180 1.30 -77.58 82.63
N VAL H 181 1.17 -77.03 83.84
CA VAL H 181 1.63 -77.74 85.03
C VAL H 181 0.70 -78.86 85.44
N GLU H 182 -0.49 -78.96 84.83
CA GLU H 182 -1.44 -80.04 85.07
C GLU H 182 -1.78 -80.17 86.55
N LYS H 183 -2.18 -79.04 87.15
CA LYS H 183 -2.56 -78.98 88.56
C LYS H 183 -3.96 -78.42 88.67
N ASN H 184 -4.80 -79.08 89.48
CA ASN H 184 -6.19 -78.66 89.61
C ASN H 184 -6.27 -77.24 90.14
N ILE H 185 -7.27 -76.49 89.65
CA ILE H 185 -7.36 -75.07 89.98
C ILE H 185 -7.80 -74.87 91.42
N SER H 186 -8.62 -75.78 91.96
CA SER H 186 -8.98 -75.69 93.38
C SER H 186 -7.81 -76.08 94.27
N ASP H 187 -6.96 -77.00 93.81
CA ASP H 187 -5.88 -77.51 94.64
C ASP H 187 -4.77 -76.47 94.81
N VAL H 188 -4.48 -75.70 93.76
CA VAL H 188 -3.36 -74.77 93.82
C VAL H 188 -3.66 -73.63 94.78
N ARG H 189 -2.59 -73.03 95.29
CA ARG H 189 -2.66 -71.93 96.25
C ARG H 189 -2.11 -70.66 95.60
N MET H 190 -2.90 -69.59 95.66
CA MET H 190 -2.57 -68.33 95.00
C MET H 190 -2.28 -67.25 96.02
N VAL H 191 -1.21 -66.49 95.79
CA VAL H 191 -0.78 -65.42 96.67
C VAL H 191 -0.73 -64.13 95.86
N VAL H 192 -1.33 -63.08 96.41
CA VAL H 192 -1.36 -61.75 95.78
C VAL H 192 -0.44 -60.83 96.55
N SER H 193 0.47 -60.17 95.84
CA SER H 193 1.44 -59.26 96.44
C SER H 193 1.11 -57.83 96.04
N GLY H 194 1.22 -56.92 97.00
CA GLY H 194 0.91 -55.52 96.75
C GLY H 194 -0.59 -55.29 96.65
N ALA H 195 -0.94 -54.04 96.39
CA ALA H 195 -2.33 -53.63 96.21
C ALA H 195 -2.64 -53.54 94.73
N GLY H 196 -3.55 -54.39 94.26
CA GLY H 196 -3.93 -54.39 92.87
C GLY H 196 -5.42 -54.31 92.64
N ALA H 197 -5.86 -53.29 91.90
CA ALA H 197 -7.27 -53.18 91.55
C ALA H 197 -7.70 -54.35 90.69
N ALA H 198 -6.82 -54.81 89.80
CA ALA H 198 -7.12 -55.98 88.99
C ALA H 198 -7.07 -57.26 89.81
N ALA H 199 -6.26 -57.28 90.87
CA ALA H 199 -6.12 -58.49 91.67
C ALA H 199 -7.46 -58.91 92.28
N ILE H 200 -8.28 -57.94 92.70
CA ILE H 200 -9.59 -58.26 93.26
C ILE H 200 -10.47 -58.92 92.20
N ALA H 201 -10.44 -58.40 90.97
CA ALA H 201 -11.22 -58.99 89.89
C ALA H 201 -10.60 -60.28 89.38
N CYS H 202 -9.27 -60.36 89.34
CA CYS H 202 -8.60 -61.62 89.03
C CYS H 202 -9.10 -62.74 89.91
N MET H 203 -9.05 -62.53 91.23
CA MET H 203 -9.51 -63.53 92.17
C MET H 203 -11.00 -63.80 92.00
N ASN H 204 -11.80 -62.76 91.79
CA ASN H 204 -13.24 -62.92 91.62
C ASN H 204 -13.53 -63.75 90.38
N LEU H 205 -12.88 -63.43 89.26
CA LEU H 205 -13.09 -64.20 88.04
C LEU H 205 -12.55 -65.61 88.19
N LEU H 206 -11.42 -65.78 88.89
CA LEU H 206 -10.88 -67.11 89.11
C LEU H 206 -11.81 -67.97 89.96
N VAL H 207 -12.51 -67.35 90.91
CA VAL H 207 -13.45 -68.08 91.75
C VAL H 207 -14.65 -68.56 90.93
N ALA H 208 -15.11 -67.72 89.99
CA ALA H 208 -16.23 -68.12 89.14
C ALA H 208 -15.90 -69.37 88.33
N LEU H 209 -14.67 -69.46 87.83
CA LEU H 209 -14.23 -70.67 87.14
C LEU H 209 -13.99 -71.80 88.13
N GLY H 210 -13.46 -71.49 89.30
CA GLY H 210 -13.16 -72.48 90.32
C GLY H 210 -11.92 -72.13 91.11
N LEU H 211 -12.07 -71.98 92.42
CA LEU H 211 -10.93 -71.66 93.29
C LEU H 211 -11.35 -71.93 94.73
N GLN H 212 -10.35 -72.15 95.57
CA GLN H 212 -10.57 -72.43 96.99
C GLN H 212 -10.25 -71.18 97.80
N LYS H 213 -11.21 -70.73 98.61
CA LYS H 213 -11.01 -69.51 99.40
C LYS H 213 -9.87 -69.67 100.40
N HIS H 214 -9.71 -70.87 100.96
CA HIS H 214 -8.63 -71.09 101.91
C HIS H 214 -7.26 -71.03 101.23
N ASN H 215 -7.17 -71.55 100.01
CA ASN H 215 -5.93 -71.41 99.25
C ASN H 215 -5.70 -69.96 98.82
N ILE H 216 -6.77 -69.18 98.70
CA ILE H 216 -6.64 -67.77 98.36
C ILE H 216 -5.90 -67.04 99.48
N VAL H 217 -4.83 -66.34 99.11
CA VAL H 217 -4.01 -65.57 100.05
C VAL H 217 -4.04 -64.12 99.62
N VAL H 218 -4.35 -63.23 100.56
CA VAL H 218 -4.45 -61.80 100.32
C VAL H 218 -3.47 -61.08 101.22
N CYS H 219 -2.65 -60.20 100.63
CA CYS H 219 -1.64 -59.43 101.36
C CYS H 219 -1.83 -57.96 101.06
N ASP H 220 -2.22 -57.19 102.07
CA ASP H 220 -2.33 -55.75 101.96
C ASP H 220 -0.95 -55.13 102.16
N SER H 221 -0.79 -53.89 101.66
CA SER H 221 0.52 -53.23 101.69
C SER H 221 1.08 -53.13 103.10
N LYS H 222 0.22 -52.81 104.07
CA LYS H 222 0.68 -52.74 105.47
C LYS H 222 1.07 -54.12 105.98
N GLY H 223 0.26 -55.13 105.69
CA GLY H 223 0.57 -56.49 106.12
C GLY H 223 -0.38 -57.47 105.47
N VAL H 224 -0.08 -58.75 105.66
CA VAL H 224 -0.91 -59.81 105.10
C VAL H 224 -2.29 -59.76 105.76
N ILE H 225 -3.34 -59.90 104.95
CA ILE H 225 -4.70 -59.75 105.43
C ILE H 225 -5.09 -60.96 106.27
N TYR H 226 -5.49 -60.70 107.52
CA TYR H 226 -6.04 -61.72 108.39
C TYR H 226 -7.21 -61.12 109.16
N GLN H 227 -8.13 -61.98 109.60
CA GLN H 227 -9.36 -61.52 110.22
C GLN H 227 -9.08 -60.77 111.51
N GLY H 228 -9.75 -59.64 111.69
CA GLY H 228 -9.58 -58.83 112.87
C GLY H 228 -8.31 -58.02 112.93
N ARG H 229 -7.61 -57.85 111.81
CA ARG H 229 -6.33 -57.15 111.81
C ARG H 229 -6.50 -55.67 112.08
N GLU H 230 -7.49 -55.03 111.47
CA GLU H 230 -7.65 -53.59 111.54
C GLU H 230 -9.09 -53.23 111.90
N PRO H 231 -9.28 -52.14 112.65
CA PRO H 231 -10.66 -51.75 113.03
C PRO H 231 -11.53 -51.39 111.85
N ASN H 232 -10.98 -50.67 110.87
CA ASN H 232 -11.71 -50.30 109.66
C ASN H 232 -11.15 -51.10 108.49
N MET H 233 -11.99 -51.94 107.89
CA MET H 233 -11.60 -52.78 106.77
C MET H 233 -12.45 -52.42 105.56
N ALA H 234 -11.79 -52.16 104.43
CA ALA H 234 -12.50 -51.82 103.21
C ALA H 234 -13.40 -52.98 102.77
N GLU H 235 -14.39 -52.65 101.92
CA GLU H 235 -15.37 -53.66 101.53
C GLU H 235 -14.72 -54.80 100.74
N THR H 236 -13.77 -54.47 99.86
CA THR H 236 -13.05 -55.51 99.14
C THR H 236 -12.15 -56.31 100.07
N LYS H 237 -11.53 -55.63 101.04
CA LYS H 237 -10.73 -56.34 102.04
C LYS H 237 -11.60 -57.14 103.00
N ALA H 238 -12.82 -56.64 103.30
CA ALA H 238 -13.75 -57.39 104.13
C ALA H 238 -14.23 -58.64 103.40
N ALA H 239 -14.39 -58.56 102.08
CA ALA H 239 -14.80 -59.73 101.32
C ALA H 239 -13.68 -60.77 101.23
N TYR H 240 -12.44 -60.31 101.14
CA TYR H 240 -11.28 -61.20 100.98
C TYR H 240 -10.46 -61.19 102.26
N ALA H 241 -10.70 -62.17 103.13
CA ALA H 241 -9.95 -62.34 104.35
C ALA H 241 -9.81 -63.83 104.63
N VAL H 242 -8.86 -64.15 105.50
CA VAL H 242 -8.59 -65.54 105.88
C VAL H 242 -8.35 -65.60 107.39
N VAL H 243 -8.67 -66.75 107.98
CA VAL H 243 -8.34 -66.96 109.38
C VAL H 243 -6.84 -66.88 109.57
N ASP H 244 -6.41 -66.20 110.64
CA ASP H 244 -4.99 -65.93 110.85
C ASP H 244 -4.22 -67.23 111.02
N ASP H 245 -3.19 -67.42 110.20
CA ASP H 245 -2.30 -68.56 110.31
C ASP H 245 -1.15 -68.31 111.27
N GLY H 246 -1.05 -67.11 111.84
CA GLY H 246 0.05 -66.75 112.69
C GLY H 246 1.31 -66.32 111.96
N LYS H 247 1.30 -66.32 110.63
CA LYS H 247 2.47 -65.98 109.82
C LYS H 247 2.13 -64.74 109.00
N ARG H 248 2.57 -63.57 109.46
CA ARG H 248 2.45 -62.35 108.69
C ARG H 248 3.67 -62.12 107.80
N THR H 249 4.69 -62.96 107.91
CA THR H 249 5.91 -62.78 107.12
C THR H 249 5.66 -63.16 105.66
N LEU H 250 6.26 -62.39 104.75
CA LEU H 250 6.12 -62.67 103.33
C LEU H 250 6.82 -63.97 102.94
N ASP H 251 7.91 -64.33 103.64
CA ASP H 251 8.65 -65.53 103.31
C ASP H 251 7.90 -66.80 103.66
N ASP H 252 7.05 -66.76 104.69
CA ASP H 252 6.28 -67.94 105.06
C ASP H 252 5.10 -68.15 104.13
N VAL H 253 4.43 -67.08 103.71
CA VAL H 253 3.28 -67.22 102.83
C VAL H 253 3.72 -67.57 101.41
N ILE H 254 4.93 -67.18 101.02
CA ILE H 254 5.41 -67.52 99.68
C ILE H 254 5.79 -68.99 99.60
N GLU H 255 6.11 -69.60 100.74
CA GLU H 255 6.39 -71.03 100.76
C GLU H 255 5.09 -71.81 100.62
N GLY H 256 5.12 -72.84 99.78
CA GLY H 256 3.93 -73.62 99.51
C GLY H 256 2.90 -72.92 98.66
N ALA H 257 3.29 -71.85 97.96
CA ALA H 257 2.39 -71.08 97.12
C ALA H 257 2.61 -71.48 95.66
N ASP H 258 1.55 -71.98 95.01
CA ASP H 258 1.66 -72.40 93.62
C ASP H 258 1.59 -71.23 92.65
N ILE H 259 0.85 -70.18 92.99
CA ILE H 259 0.66 -69.02 92.12
C ILE H 259 1.07 -67.76 92.86
N PHE H 260 1.79 -66.89 92.16
CA PHE H 260 2.20 -65.59 92.68
C PHE H 260 1.66 -64.50 91.76
N LEU H 261 1.02 -63.50 92.37
CA LEU H 261 0.48 -62.36 91.63
C LEU H 261 1.13 -61.08 92.16
N GLY H 262 1.75 -60.32 91.25
CA GLY H 262 2.41 -59.09 91.61
C GLY H 262 1.80 -57.86 90.96
N CYS H 263 1.46 -56.87 91.76
CA CYS H 263 0.80 -55.66 91.25
C CYS H 263 1.69 -54.44 91.44
N PRO H 266 8.15 -53.03 92.12
CA PRO H 266 9.51 -52.49 92.05
C PRO H 266 10.53 -53.37 92.75
N LYS H 267 10.90 -54.49 92.12
CA LYS H 267 11.83 -55.46 92.68
C LYS H 267 11.37 -55.95 94.04
N VAL H 268 10.07 -56.24 94.16
CA VAL H 268 9.50 -56.68 95.42
C VAL H 268 9.91 -58.12 95.73
N LEU H 269 9.96 -58.97 94.72
CA LEU H 269 10.29 -60.37 94.91
C LEU H 269 11.81 -60.55 94.96
N THR H 270 12.24 -61.64 95.61
CA THR H 270 13.64 -61.99 95.73
C THR H 270 13.86 -63.40 95.21
N GLN H 271 15.11 -63.70 94.87
CA GLN H 271 15.44 -65.01 94.31
C GLN H 271 15.19 -66.13 95.31
N GLU H 272 15.59 -65.92 96.57
CA GLU H 272 15.38 -66.96 97.58
C GLU H 272 13.90 -67.20 97.84
N MET H 273 13.07 -66.16 97.68
CA MET H 273 11.63 -66.34 97.81
C MET H 273 11.09 -67.29 96.75
N VAL H 274 11.61 -67.19 95.52
CA VAL H 274 11.16 -68.06 94.45
C VAL H 274 11.59 -69.50 94.71
N LYS H 275 12.74 -69.70 95.34
CA LYS H 275 13.13 -71.05 95.75
C LYS H 275 12.13 -71.62 96.74
N LYS H 276 11.63 -70.79 97.66
CA LYS H 276 10.66 -71.24 98.65
C LYS H 276 9.32 -71.61 98.03
N MET H 277 9.01 -71.09 96.84
CA MET H 277 7.70 -71.32 96.25
C MET H 277 7.51 -72.79 95.91
N ALA H 278 6.25 -73.22 95.86
CA ALA H 278 5.92 -74.59 95.53
C ALA H 278 6.42 -74.93 94.12
N ARG H 279 6.64 -76.22 93.88
CA ARG H 279 7.19 -76.65 92.60
C ARG H 279 6.24 -76.28 91.47
N ALA H 280 6.82 -76.06 90.29
CA ALA H 280 6.13 -75.53 89.13
C ALA H 280 5.39 -74.22 89.47
N PRO H 281 6.12 -73.19 89.90
CA PRO H 281 5.45 -71.96 90.35
C PRO H 281 5.01 -71.09 89.18
N MET H 282 3.94 -70.34 89.40
CA MET H 282 3.42 -69.39 88.44
C MET H 282 3.73 -67.97 88.93
N ILE H 283 4.43 -67.20 88.10
CA ILE H 283 4.86 -65.85 88.44
C ILE H 283 4.16 -64.87 87.52
N LEU H 284 3.50 -63.87 88.12
CA LEU H 284 2.71 -62.88 87.39
C LEU H 284 3.09 -61.47 87.86
N ALA H 285 4.29 -61.04 87.47
CA ALA H 285 4.79 -59.72 87.85
C ALA H 285 4.31 -58.70 86.82
N LEU H 286 3.39 -57.84 87.21
CA LEU H 286 2.81 -56.84 86.33
C LEU H 286 3.22 -55.42 86.68
N ALA H 287 4.09 -55.22 87.66
CA ALA H 287 4.46 -53.88 88.08
C ALA H 287 5.28 -53.19 86.99
N ASN H 288 5.01 -51.89 86.80
CA ASN H 288 5.69 -51.08 85.81
C ASN H 288 6.12 -49.76 86.46
N PRO H 289 7.28 -49.21 86.07
CA PRO H 289 8.17 -49.72 85.02
C PRO H 289 9.19 -50.74 85.51
N GLU H 290 9.14 -51.10 86.79
CA GLU H 290 10.06 -52.09 87.35
C GLU H 290 9.30 -53.35 87.75
N PRO H 291 9.68 -54.52 87.25
CA PRO H 291 8.96 -55.74 87.62
C PRO H 291 9.26 -56.15 89.06
N GLU H 292 8.34 -56.94 89.63
CA GLU H 292 8.56 -57.49 90.96
C GLU H 292 9.83 -58.33 91.01
N ILE H 293 10.15 -59.03 89.92
CA ILE H 293 11.40 -59.76 89.81
C ILE H 293 11.74 -59.88 88.33
N LEU H 294 13.04 -59.91 88.04
CA LEU H 294 13.48 -60.08 86.67
C LEU H 294 13.21 -61.51 86.21
N PRO H 295 12.75 -61.70 84.98
CA PRO H 295 12.47 -63.06 84.48
C PRO H 295 13.72 -63.94 84.43
N PRO H 296 14.88 -63.45 83.95
CA PRO H 296 16.07 -64.33 83.96
C PRO H 296 16.53 -64.73 85.35
N LEU H 297 16.40 -63.85 86.35
CA LEU H 297 16.79 -64.22 87.70
C LEU H 297 15.86 -65.29 88.27
N ALA H 298 14.58 -65.24 87.93
CA ALA H 298 13.65 -66.27 88.37
C ALA H 298 13.88 -67.59 87.66
N LYS H 299 14.37 -67.54 86.41
CA LYS H 299 14.73 -68.75 85.70
C LYS H 299 16.03 -69.35 86.24
N GLU H 300 16.91 -68.52 86.78
CA GLU H 300 18.18 -69.02 87.31
C GLU H 300 17.96 -69.86 88.56
N VAL H 301 17.01 -69.48 89.40
CA VAL H 301 16.76 -70.23 90.63
C VAL H 301 15.84 -71.42 90.37
N ARG H 302 14.88 -71.27 89.46
CA ARG H 302 13.97 -72.35 89.12
C ARG H 302 14.10 -72.68 87.64
N PRO H 303 14.60 -73.87 87.29
CA PRO H 303 14.82 -74.17 85.87
C PRO H 303 13.54 -74.14 85.04
N ASP H 304 12.44 -74.67 85.56
CA ASP H 304 11.16 -74.67 84.88
C ASP H 304 10.18 -73.81 85.66
N ALA H 305 9.67 -72.77 85.02
CA ALA H 305 8.71 -71.87 85.66
C ALA H 305 7.95 -71.12 84.58
N ILE H 306 6.83 -70.55 84.98
CA ILE H 306 5.98 -69.73 84.11
C ILE H 306 5.99 -68.32 84.66
N ILE H 307 6.41 -67.36 83.84
CA ILE H 307 6.55 -65.97 84.25
C ILE H 307 5.81 -65.08 83.26
N CYS H 308 5.09 -64.10 83.78
CA CYS H 308 4.37 -63.12 82.97
C CYS H 308 4.78 -61.72 83.42
N THR H 309 5.10 -60.87 82.45
CA THR H 309 5.62 -59.53 82.71
C THR H 309 4.92 -58.52 81.82
N GLY H 310 4.62 -57.35 82.39
CA GLY H 310 3.99 -56.30 81.62
C GLY H 310 4.92 -55.63 80.64
N ARG H 311 6.22 -55.60 80.96
CA ARG H 311 7.19 -54.95 80.08
C ARG H 311 7.27 -55.68 78.75
N SER H 312 7.42 -54.91 77.67
CA SER H 312 7.36 -55.49 76.32
C SER H 312 8.59 -56.31 75.97
N ASP H 313 9.77 -55.91 76.44
CA ASP H 313 11.00 -56.62 76.08
C ASP H 313 11.00 -58.05 76.62
N TYR H 314 10.49 -58.24 77.83
CA TYR H 314 10.44 -59.58 78.41
C TYR H 314 9.33 -60.39 77.75
N PRO H 315 9.48 -61.71 77.68
CA PRO H 315 8.44 -62.54 77.06
C PRO H 315 7.16 -62.56 77.90
N ASN H 316 6.10 -63.10 77.30
CA ASN H 316 4.78 -63.17 77.92
C ASN H 316 4.27 -61.79 78.31
N GLN H 317 4.39 -60.85 77.37
CA GLN H 317 4.00 -59.47 77.62
C GLN H 317 2.49 -59.37 77.85
N VAL H 318 2.11 -58.85 79.00
CA VAL H 318 0.70 -58.60 79.32
C VAL H 318 0.36 -57.18 78.92
N ASN H 319 -0.58 -57.02 78.00
CA ASN H 319 -1.04 -55.73 77.54
C ASN H 319 -2.48 -55.50 77.96
N ASN H 320 -2.74 -54.34 78.57
CA ASN H 320 -4.11 -53.96 78.90
C ASN H 320 -4.97 -53.82 77.65
N VAL H 321 -4.40 -53.29 76.57
CA VAL H 321 -5.13 -53.12 75.31
C VAL H 321 -5.32 -54.41 74.53
N LEU H 322 -4.80 -55.55 75.02
CA LEU H 322 -4.83 -56.76 74.21
C LEU H 322 -6.27 -57.24 73.96
N CYS H 323 -7.16 -57.05 74.93
CA CYS H 323 -8.50 -57.62 74.87
C CYS H 323 -9.62 -56.60 74.99
N PHE H 324 -9.42 -55.51 75.74
CA PHE H 324 -10.56 -54.68 76.11
C PHE H 324 -11.29 -54.03 74.93
N PRO H 325 -10.65 -53.62 73.83
CA PRO H 325 -11.45 -53.05 72.73
C PRO H 325 -12.34 -54.08 72.05
N PHE H 326 -11.91 -55.33 71.99
CA PHE H 326 -12.67 -56.36 71.28
C PHE H 326 -13.89 -56.80 72.09
N ILE H 327 -13.82 -56.73 73.41
CA ILE H 327 -15.01 -56.91 74.24
C ILE H 327 -16.04 -55.85 73.91
N PHE H 328 -15.60 -54.59 73.87
CA PHE H 328 -16.51 -53.48 73.60
C PHE H 328 -17.15 -53.61 72.22
N ARG H 329 -16.39 -54.15 71.25
CA ARG H 329 -16.90 -54.30 69.89
C ARG H 329 -18.12 -55.21 69.86
N GLY H 330 -18.01 -56.39 70.48
CA GLY H 330 -19.14 -57.30 70.51
C GLY H 330 -20.33 -56.73 71.25
N ALA H 331 -20.08 -56.04 72.36
CA ALA H 331 -21.17 -55.45 73.13
C ALA H 331 -21.85 -54.31 72.38
N LEU H 332 -21.08 -53.53 71.62
CA LEU H 332 -21.66 -52.45 70.85
C LEU H 332 -22.51 -52.98 69.69
N ASP H 333 -22.05 -54.06 69.05
CA ASP H 333 -22.81 -54.63 67.94
C ASP H 333 -24.17 -55.14 68.41
N VAL H 334 -24.22 -55.74 69.60
CA VAL H 334 -25.49 -56.24 70.13
C VAL H 334 -26.19 -55.22 71.02
N GLY H 335 -25.55 -54.10 71.31
CA GLY H 335 -26.13 -53.10 72.20
C GLY H 335 -26.34 -53.57 73.63
N ALA H 336 -25.34 -54.22 74.22
CA ALA H 336 -25.48 -54.75 75.57
C ALA H 336 -25.63 -53.62 76.58
N THR H 337 -26.50 -53.83 77.56
CA THR H 337 -26.80 -52.76 78.52
C THR H 337 -25.63 -52.50 79.46
N ALA H 338 -24.76 -53.50 79.68
CA ALA H 338 -23.60 -53.33 80.53
C ALA H 338 -22.62 -54.46 80.24
N ILE H 339 -21.45 -54.38 80.87
CA ILE H 339 -20.48 -55.47 80.79
C ILE H 339 -20.91 -56.58 81.74
N ASN H 340 -20.98 -57.80 81.23
CA ASN H 340 -21.51 -58.94 81.98
C ASN H 340 -20.39 -59.85 82.42
N GLU H 341 -20.63 -60.54 83.54
CA GLU H 341 -19.69 -61.55 84.02
C GLU H 341 -19.58 -62.70 83.01
N GLU H 342 -20.70 -63.11 82.42
CA GLU H 342 -20.67 -64.11 81.36
C GLU H 342 -19.82 -63.63 80.19
N MET H 343 -19.91 -62.34 79.87
CA MET H 343 -19.13 -61.78 78.78
C MET H 343 -17.64 -61.86 79.07
N LYS H 344 -17.23 -61.48 80.30
CA LYS H 344 -15.82 -61.56 80.67
C LYS H 344 -15.32 -63.00 80.60
N LEU H 345 -16.17 -63.96 80.98
CA LEU H 345 -15.79 -65.37 80.91
C LEU H 345 -15.63 -65.81 79.45
N ALA H 346 -16.53 -65.39 78.57
CA ALA H 346 -16.45 -65.77 77.17
C ALA H 346 -15.17 -65.22 76.52
N ALA H 347 -14.75 -64.03 76.94
CA ALA H 347 -13.50 -63.48 76.43
C ALA H 347 -12.30 -64.29 76.92
N VAL H 348 -12.32 -64.71 78.18
CA VAL H 348 -11.25 -65.55 78.71
C VAL H 348 -11.14 -66.84 77.91
N ARG H 349 -12.28 -67.46 77.58
CA ARG H 349 -12.27 -68.71 76.85
C ARG H 349 -11.63 -68.55 75.47
N ALA H 350 -11.96 -67.47 74.75
CA ALA H 350 -11.39 -67.25 73.43
C ALA H 350 -9.87 -67.08 73.49
N ILE H 351 -9.36 -66.48 74.57
CA ILE H 351 -7.92 -66.29 74.68
C ILE H 351 -7.21 -67.62 74.85
N ALA H 352 -7.78 -68.52 75.66
CA ALA H 352 -7.19 -69.83 75.83
C ALA H 352 -7.18 -70.62 74.53
N GLU H 353 -8.24 -70.45 73.72
CA GLU H 353 -8.30 -71.12 72.42
C GLU H 353 -7.19 -70.64 71.50
N LEU H 354 -6.97 -69.32 71.45
CA LEU H 354 -5.87 -68.78 70.67
C LEU H 354 -4.53 -69.24 71.24
N ALA H 355 -4.44 -69.43 72.56
CA ALA H 355 -3.21 -69.94 73.16
C ALA H 355 -2.89 -71.35 72.67
N HIS H 356 -3.93 -72.14 72.36
CA HIS H 356 -3.72 -73.46 71.80
C HIS H 356 -3.15 -73.35 70.39
N ALA H 357 -2.30 -74.33 70.04
CA ALA H 357 -1.54 -74.26 68.79
C ALA H 357 -2.46 -74.04 67.60
N GLU H 358 -2.05 -73.15 66.70
CA GLU H 358 -2.87 -72.78 65.57
C GLU H 358 -2.86 -73.87 64.50
N GLN H 359 -4.06 -74.32 64.11
CA GLN H 359 -4.16 -75.31 63.06
C GLN H 359 -4.01 -74.70 61.68
N SER H 360 -4.38 -73.42 61.53
CA SER H 360 -4.33 -72.77 60.22
C SER H 360 -2.90 -72.65 59.72
N GLU H 361 -2.01 -72.09 60.56
CA GLU H 361 -0.60 -71.95 60.22
C GLU H 361 -0.43 -71.18 58.91
N VAL H 362 -1.07 -70.00 58.86
CA VAL H 362 -1.18 -69.26 57.60
C VAL H 362 0.19 -68.91 57.06
N VAL H 363 1.06 -68.37 57.90
CA VAL H 363 2.44 -68.09 57.54
C VAL H 363 3.34 -68.70 58.60
N ALA H 364 4.34 -69.47 58.17
CA ALA H 364 5.22 -70.14 59.11
C ALA H 364 5.93 -69.12 60.00
N SER H 365 6.43 -68.04 59.41
CA SER H 365 7.08 -66.97 60.16
C SER H 365 7.22 -65.76 59.24
N ALA H 366 7.27 -64.58 59.85
CA ALA H 366 7.50 -63.34 59.13
C ALA H 366 9.00 -63.05 59.19
N TYR H 367 9.72 -63.41 58.11
CA TYR H 367 11.17 -63.30 58.02
C TYR H 367 11.89 -64.11 59.09
N GLY H 368 11.24 -65.16 59.60
CA GLY H 368 11.88 -66.08 60.51
C GLY H 368 11.75 -65.66 61.97
N ASP H 369 11.90 -66.65 62.85
CA ASP H 369 11.89 -66.49 64.31
C ASP H 369 10.59 -65.88 64.83
N GLN H 370 9.49 -66.01 64.08
CA GLN H 370 8.17 -65.63 64.56
C GLN H 370 7.28 -66.84 64.80
N ASP H 371 7.84 -68.05 64.73
CA ASP H 371 7.08 -69.26 64.96
C ASP H 371 6.64 -69.35 66.41
N LEU H 372 5.38 -69.66 66.63
CA LEU H 372 4.79 -69.67 67.96
C LEU H 372 4.02 -70.97 68.17
N SER H 373 4.37 -71.69 69.22
CA SER H 373 3.64 -72.86 69.66
C SER H 373 3.29 -72.69 71.13
N PHE H 374 2.30 -73.45 71.58
CA PHE H 374 1.85 -73.35 72.97
C PHE H 374 2.96 -73.80 73.91
N GLY H 375 3.41 -72.90 74.77
CA GLY H 375 4.47 -73.19 75.71
C GLY H 375 4.47 -72.24 76.89
N PRO H 376 5.38 -72.47 77.85
CA PRO H 376 5.43 -71.59 79.03
C PRO H 376 5.77 -70.16 78.69
N GLU H 377 6.69 -69.94 77.75
CA GLU H 377 7.04 -68.58 77.35
C GLU H 377 5.92 -67.88 76.60
N TYR H 378 4.97 -68.64 76.04
CA TYR H 378 3.90 -68.10 75.21
C TYR H 378 2.56 -68.70 75.68
N ILE H 379 2.11 -68.27 76.85
CA ILE H 379 0.78 -68.65 77.33
C ILE H 379 -0.27 -67.62 76.98
N ILE H 380 0.12 -66.45 76.51
CA ILE H 380 -0.81 -65.41 76.08
C ILE H 380 -0.42 -64.93 74.69
N PRO H 381 -1.38 -64.69 73.80
CA PRO H 381 -1.03 -64.24 72.44
C PRO H 381 -0.42 -62.86 72.45
N LYS H 382 0.32 -62.56 71.38
CA LYS H 382 0.99 -61.29 71.26
C LYS H 382 -0.04 -60.15 71.15
N PRO H 383 0.29 -58.98 71.69
CA PRO H 383 -0.71 -57.88 71.68
C PRO H 383 -1.13 -57.45 70.29
N PHE H 384 -0.20 -57.44 69.33
CA PHE H 384 -0.48 -56.94 67.99
C PHE H 384 -1.06 -58.01 67.07
N ASP H 385 -1.38 -59.18 67.59
CA ASP H 385 -1.89 -60.26 66.75
C ASP H 385 -3.24 -59.87 66.16
N PRO H 386 -3.42 -59.95 64.84
CA PRO H 386 -4.71 -59.53 64.24
C PRO H 386 -5.83 -60.52 64.49
N ARG H 387 -5.51 -61.75 64.91
CA ARG H 387 -6.53 -62.77 65.11
C ARG H 387 -7.37 -62.54 66.37
N LEU H 388 -7.10 -61.50 67.14
CA LEU H 388 -7.77 -61.34 68.43
C LEU H 388 -9.25 -61.00 68.28
N ILE H 389 -9.59 -60.12 67.33
CA ILE H 389 -10.96 -59.62 67.25
C ILE H 389 -11.90 -60.69 66.71
N VAL H 390 -11.41 -61.59 65.86
CA VAL H 390 -12.30 -62.57 65.24
C VAL H 390 -12.76 -63.63 66.23
N LYS H 391 -12.04 -63.84 67.33
CA LYS H 391 -12.43 -64.81 68.34
C LYS H 391 -13.10 -64.18 69.55
N ILE H 392 -12.55 -63.08 70.07
CA ILE H 392 -13.07 -62.51 71.32
C ILE H 392 -14.44 -61.88 71.09
N ALA H 393 -14.55 -61.04 70.06
CA ALA H 393 -15.79 -60.30 69.86
C ALA H 393 -17.01 -61.19 69.62
N PRO H 394 -16.96 -62.26 68.81
CA PRO H 394 -18.14 -63.13 68.70
C PRO H 394 -18.51 -63.84 70.00
N ALA H 395 -17.53 -64.33 70.75
CA ALA H 395 -17.83 -64.99 72.02
C ALA H 395 -18.44 -64.03 73.01
N VAL H 396 -17.98 -62.78 73.03
CA VAL H 396 -18.58 -61.76 73.89
C VAL H 396 -20.04 -61.53 73.52
N ALA H 397 -20.30 -61.30 72.23
CA ALA H 397 -21.66 -61.10 71.77
C ALA H 397 -22.51 -62.35 71.95
N LYS H 398 -21.92 -63.54 71.80
CA LYS H 398 -22.68 -64.77 71.98
C LYS H 398 -23.06 -64.98 73.44
N ALA H 399 -22.15 -64.69 74.36
CA ALA H 399 -22.48 -64.78 75.78
C ALA H 399 -23.48 -63.71 76.19
N ALA H 400 -23.46 -62.55 75.53
CA ALA H 400 -24.44 -61.52 75.82
C ALA H 400 -25.83 -61.90 75.29
N MET H 401 -25.87 -62.60 74.16
CA MET H 401 -27.15 -63.08 73.64
C MET H 401 -27.73 -64.17 74.53
N GLU H 402 -26.87 -65.02 75.10
CA GLU H 402 -27.35 -66.04 76.03
C GLU H 402 -27.84 -65.43 77.33
N SER H 403 -27.09 -64.48 77.89
CA SER H 403 -27.53 -63.81 79.11
C SER H 403 -28.75 -62.95 78.87
N GLY H 404 -28.95 -62.47 77.64
CA GLY H 404 -30.10 -61.66 77.29
C GLY H 404 -29.93 -60.17 77.41
N VAL H 405 -28.71 -59.68 77.63
CA VAL H 405 -28.47 -58.24 77.78
C VAL H 405 -28.40 -57.52 76.45
N ALA H 406 -28.49 -58.25 75.33
CA ALA H 406 -28.33 -57.66 74.01
C ALA H 406 -29.64 -57.05 73.52
N THR H 407 -29.59 -55.77 73.15
CA THR H 407 -30.78 -55.11 72.60
C THR H 407 -31.06 -55.54 71.17
N ARG H 408 -30.03 -55.88 70.39
CA ARG H 408 -30.18 -56.32 69.02
C ARG H 408 -29.40 -57.61 68.82
N PRO H 409 -30.03 -58.67 68.34
CA PRO H 409 -29.34 -59.96 68.20
C PRO H 409 -28.55 -60.02 66.89
N ILE H 410 -27.67 -61.01 66.82
CA ILE H 410 -26.91 -61.33 65.62
C ILE H 410 -27.44 -62.65 65.09
N ALA H 411 -28.06 -62.61 63.91
CA ALA H 411 -28.71 -63.81 63.37
C ALA H 411 -27.69 -64.89 63.05
N ASP H 412 -26.61 -64.52 62.37
CA ASP H 412 -25.58 -65.46 61.98
C ASP H 412 -24.23 -64.94 62.46
N PHE H 413 -23.50 -65.78 63.20
CA PHE H 413 -22.18 -65.36 63.65
C PHE H 413 -21.17 -65.36 62.52
N ASP H 414 -21.40 -66.16 61.47
CA ASP H 414 -20.42 -66.29 60.40
C ASP H 414 -20.33 -65.04 59.56
N VAL H 415 -21.48 -64.47 59.17
CA VAL H 415 -21.46 -63.25 58.37
C VAL H 415 -20.85 -62.10 59.17
N TYR H 416 -21.06 -62.10 60.49
CA TYR H 416 -20.42 -61.12 61.36
C TYR H 416 -18.92 -61.39 61.49
N ILE H 417 -18.52 -62.66 61.39
CA ILE H 417 -17.10 -63.00 61.41
C ILE H 417 -16.43 -62.55 60.11
N ASP H 418 -17.12 -62.71 58.98
CA ASP H 418 -16.55 -62.29 57.70
C ASP H 418 -16.32 -60.80 57.64
N LYS H 419 -17.25 -60.01 58.20
CA LYS H 419 -17.03 -58.57 58.29
C LYS H 419 -15.80 -58.26 59.13
N LEU H 420 -15.54 -59.07 60.16
CA LEU H 420 -14.40 -58.82 61.03
C LEU H 420 -13.08 -59.15 60.32
N THR H 421 -13.06 -60.22 59.53
CA THR H 421 -11.83 -60.60 58.84
C THR H 421 -11.41 -59.55 57.81
N GLU H 422 -12.38 -58.87 57.19
CA GLU H 422 -12.04 -57.81 56.24
C GLU H 422 -11.28 -56.68 56.93
N PHE H 423 -11.63 -56.38 58.17
CA PHE H 423 -10.92 -55.35 58.92
C PHE H 423 -9.55 -55.84 59.36
N VAL H 424 -9.37 -57.15 59.50
CA VAL H 424 -8.10 -57.70 59.97
C VAL H 424 -7.03 -57.57 58.89
N TYR H 425 -7.41 -57.79 57.62
CA TYR H 425 -6.43 -57.70 56.54
C TYR H 425 -5.80 -56.32 56.47
N LYS H 426 -6.60 -55.27 56.69
CA LYS H 426 -6.10 -53.90 56.55
C LYS H 426 -4.98 -53.61 57.53
N THR H 427 -5.17 -54.01 58.80
CA THR H 427 -4.20 -53.73 59.85
C THR H 427 -3.19 -54.87 59.89
N ASN H 428 -1.97 -54.58 59.45
CA ASN H 428 -0.88 -55.54 59.56
C ASN H 428 0.38 -54.78 59.96
N LEU H 429 1.15 -55.37 60.87
CA LEU H 429 2.32 -54.73 61.46
C LEU H 429 3.54 -55.62 61.21
N PHE H 430 3.94 -55.75 59.93
CA PHE H 430 5.08 -56.60 59.61
C PHE H 430 6.42 -55.97 60.02
N MET H 431 6.43 -54.71 60.46
CA MET H 431 7.68 -54.03 60.76
C MET H 431 8.38 -54.65 61.98
N LYS H 432 7.64 -54.85 63.07
CA LYS H 432 8.26 -55.37 64.29
C LYS H 432 8.95 -56.72 64.08
N PRO H 433 8.35 -57.71 63.40
CA PRO H 433 9.10 -58.96 63.14
C PRO H 433 10.36 -58.77 62.31
N ILE H 434 10.50 -57.64 61.62
CA ILE H 434 11.73 -57.37 60.88
C ILE H 434 12.80 -56.77 61.79
N PHE H 435 12.43 -55.75 62.58
CA PHE H 435 13.38 -55.15 63.51
C PHE H 435 13.97 -56.19 64.45
N SER H 436 13.11 -56.97 65.10
CA SER H 436 13.59 -57.95 66.08
C SER H 436 14.43 -59.03 65.40
N GLN H 437 14.06 -59.41 64.17
CA GLN H 437 14.89 -60.37 63.42
C GLN H 437 16.26 -59.79 63.13
N ALA H 438 16.36 -58.47 62.96
CA ALA H 438 17.65 -57.84 62.68
C ALA H 438 18.52 -57.75 63.91
N ARG H 439 17.94 -57.72 65.11
CA ARG H 439 18.75 -57.65 66.32
C ARG H 439 19.45 -58.97 66.61
N LYS H 440 18.82 -60.10 66.26
CA LYS H 440 19.40 -61.40 66.56
C LYS H 440 20.63 -61.72 65.73
N ALA H 441 20.92 -60.94 64.69
CA ALA H 441 22.13 -61.12 63.89
C ALA H 441 22.46 -59.84 63.14
N PRO H 442 23.00 -58.83 63.81
CA PRO H 442 23.32 -57.57 63.12
C PRO H 442 24.40 -57.77 62.08
N LYS H 443 24.32 -56.98 61.02
CA LYS H 443 25.23 -57.07 59.89
C LYS H 443 25.88 -55.72 59.65
N ARG H 444 26.78 -55.67 58.67
CA ARG H 444 27.58 -54.48 58.36
C ARG H 444 27.02 -53.85 57.09
N VAL H 445 26.44 -52.65 57.22
CA VAL H 445 25.78 -51.97 56.12
C VAL H 445 26.57 -50.71 55.78
N VAL H 446 26.88 -50.55 54.49
CA VAL H 446 27.60 -49.39 53.99
C VAL H 446 26.60 -48.35 53.50
N LEU H 447 26.79 -47.10 53.93
CA LEU H 447 25.97 -45.98 53.50
C LEU H 447 26.81 -45.00 52.69
N PRO H 448 26.66 -44.97 51.36
CA PRO H 448 27.47 -44.03 50.55
C PRO H 448 27.28 -42.58 50.92
N GLU H 449 26.04 -42.17 51.20
CA GLU H 449 25.82 -40.79 51.59
C GLU H 449 26.13 -40.56 53.07
N GLY H 450 27.35 -40.90 53.52
CA GLY H 450 27.66 -40.77 54.93
C GLY H 450 27.81 -39.34 55.42
N GLU H 451 28.02 -38.40 54.51
CA GLU H 451 28.16 -36.99 54.88
C GLU H 451 26.84 -36.25 54.90
N GLU H 452 25.72 -36.90 54.60
CA GLU H 452 24.45 -36.22 54.49
C GLU H 452 23.74 -36.23 55.84
N ALA H 453 22.91 -35.20 56.07
CA ALA H 453 22.31 -34.97 57.38
C ALA H 453 21.40 -36.11 57.80
N ARG H 454 20.34 -36.37 57.03
CA ARG H 454 19.34 -37.36 57.42
C ARG H 454 19.95 -38.73 57.69
N VAL H 455 21.10 -39.02 57.07
CA VAL H 455 21.72 -40.33 57.26
C VAL H 455 22.25 -40.47 58.68
N LEU H 456 22.91 -39.43 59.19
CA LEU H 456 23.52 -39.52 60.52
C LEU H 456 22.45 -39.71 61.59
N HIS H 457 21.29 -39.07 61.43
CA HIS H 457 20.19 -39.26 62.37
C HIS H 457 19.79 -40.73 62.43
N ALA H 458 19.76 -41.40 61.27
CA ALA H 458 19.44 -42.82 61.25
C ALA H 458 20.52 -43.65 61.91
N THR H 459 21.77 -43.23 61.80
CA THR H 459 22.88 -44.01 62.36
C THR H 459 22.78 -44.12 63.87
N GLN H 460 22.44 -43.01 64.55
CA GLN H 460 22.22 -43.07 65.99
C GLN H 460 21.10 -44.03 66.34
N GLU H 461 19.95 -43.88 65.67
CA GLU H 461 18.82 -44.75 65.94
C GLU H 461 19.12 -46.20 65.61
N LEU H 462 20.18 -46.47 64.84
CA LEU H 462 20.55 -47.84 64.49
C LEU H 462 21.45 -48.47 65.55
N VAL H 463 22.47 -47.74 66.00
CA VAL H 463 23.31 -48.25 67.08
C VAL H 463 22.53 -48.30 68.38
N THR H 464 21.57 -47.38 68.56
CA THR H 464 20.67 -47.44 69.71
C THR H 464 19.90 -48.76 69.71
N LEU H 465 19.10 -49.00 68.67
CA LEU H 465 18.30 -50.22 68.59
C LEU H 465 19.14 -51.47 68.40
N GLY H 466 20.44 -51.32 68.14
CA GLY H 466 21.30 -52.49 67.93
C GLY H 466 20.91 -53.31 66.73
N LEU H 467 20.57 -52.65 65.62
CA LEU H 467 20.12 -53.35 64.42
C LEU H 467 21.28 -53.78 63.53
N ALA H 468 22.18 -52.85 63.21
CA ALA H 468 23.23 -53.12 62.24
C ALA H 468 24.53 -52.49 62.72
N LYS H 469 25.55 -52.55 61.86
CA LYS H 469 26.88 -52.00 62.12
C LYS H 469 27.16 -50.98 61.02
N PRO H 470 26.81 -49.70 61.23
CA PRO H 470 26.85 -48.73 60.12
C PRO H 470 28.28 -48.37 59.72
N ILE H 471 28.56 -48.50 58.43
CA ILE H 471 29.78 -47.98 57.80
C ILE H 471 29.38 -46.79 56.96
N LEU H 472 29.99 -45.63 57.22
CA LEU H 472 29.74 -44.43 56.44
C LEU H 472 30.92 -44.13 55.54
N ILE H 473 30.64 -43.67 54.33
CA ILE H 473 31.65 -43.25 53.38
C ILE H 473 31.55 -41.75 53.21
N GLY H 474 32.70 -41.09 53.18
CA GLY H 474 32.78 -39.66 53.05
C GLY H 474 34.06 -39.16 53.67
N ARG H 475 34.00 -37.92 54.16
CA ARG H 475 35.14 -37.30 54.84
C ARG H 475 34.83 -37.17 56.31
N PRO H 476 35.64 -37.75 57.21
CA PRO H 476 35.35 -37.63 58.65
C PRO H 476 35.35 -36.20 59.14
N ASN H 477 36.00 -35.29 58.42
CA ASN H 477 36.14 -33.92 58.89
C ASN H 477 34.84 -33.12 58.74
N VAL H 478 33.90 -33.59 57.92
CA VAL H 478 32.57 -33.01 57.89
C VAL H 478 31.59 -33.84 58.72
N ILE H 479 31.88 -35.12 58.93
CA ILE H 479 30.98 -35.98 59.69
C ILE H 479 31.05 -35.64 61.18
N GLU H 480 32.27 -35.51 61.72
CA GLU H 480 32.45 -35.13 63.11
C GLU H 480 31.75 -33.81 63.42
N MET H 481 31.74 -32.89 62.45
CA MET H 481 31.17 -31.57 62.67
C MET H 481 29.65 -31.61 62.70
N ARG H 482 29.04 -32.28 61.72
CA ARG H 482 27.59 -32.33 61.66
C ARG H 482 26.99 -33.10 62.83
N ILE H 483 27.74 -34.06 63.37
CA ILE H 483 27.26 -34.80 64.53
C ILE H 483 27.18 -33.88 65.75
N GLN H 484 28.24 -33.12 66.01
CA GLN H 484 28.24 -32.22 67.16
C GLN H 484 27.26 -31.07 67.00
N LYS H 485 26.78 -30.82 65.78
CA LYS H 485 25.74 -29.80 65.59
C LYS H 485 24.36 -30.33 65.96
N LEU H 486 24.06 -31.57 65.55
CA LEU H 486 22.79 -32.19 65.87
C LEU H 486 22.72 -32.65 67.32
N GLY H 487 23.87 -33.05 67.88
CA GLY H 487 23.92 -33.52 69.25
C GLY H 487 23.87 -35.02 69.42
N LEU H 488 24.22 -35.79 68.40
CA LEU H 488 24.16 -37.23 68.49
C LEU H 488 25.33 -37.77 69.32
N GLN H 489 25.10 -38.91 69.96
CA GLN H 489 26.07 -39.52 70.85
C GLN H 489 27.05 -40.45 70.13
N ILE H 490 26.80 -40.77 68.85
CA ILE H 490 27.64 -41.73 68.15
C ILE H 490 29.06 -41.19 68.01
N LYS H 491 30.04 -42.10 68.05
CA LYS H 491 31.45 -41.75 68.04
C LYS H 491 32.17 -42.56 66.97
N ALA H 492 33.16 -41.93 66.34
CA ALA H 492 33.84 -42.54 65.20
C ALA H 492 34.72 -43.69 65.65
N GLY H 493 34.75 -44.76 64.85
CA GLY H 493 35.60 -45.90 65.10
C GLY H 493 35.07 -46.91 66.08
N VAL H 494 34.05 -46.56 66.88
CA VAL H 494 33.52 -47.46 67.89
C VAL H 494 32.08 -47.86 67.56
N ASP H 495 31.14 -46.91 67.69
CA ASP H 495 29.75 -47.18 67.34
C ASP H 495 29.61 -47.46 65.84
N PHE H 496 30.27 -46.64 65.02
CA PHE H 496 30.28 -46.82 63.57
C PHE H 496 31.70 -46.61 63.07
N GLU H 497 31.95 -47.09 61.86
CA GLU H 497 33.23 -46.90 61.19
C GLU H 497 33.06 -45.94 60.03
N ILE H 498 34.15 -45.27 59.66
CA ILE H 498 34.17 -44.34 58.55
C ILE H 498 35.18 -44.83 57.53
N VAL H 499 34.84 -44.65 56.25
CA VAL H 499 35.75 -44.91 55.14
C VAL H 499 35.92 -43.60 54.39
N ASN H 500 37.16 -43.12 54.30
CA ASN H 500 37.45 -41.85 53.63
C ASN H 500 37.69 -42.14 52.16
N ASN H 501 36.80 -41.62 51.29
CA ASN H 501 36.88 -41.91 49.86
C ASN H 501 38.18 -41.40 49.26
N GLU H 502 38.65 -40.24 49.72
CA GLU H 502 39.78 -39.58 49.08
C GLU H 502 41.09 -40.32 49.37
N SER H 503 41.26 -40.83 50.58
CA SER H 503 42.48 -41.55 50.97
C SER H 503 42.06 -42.81 51.72
N ASP H 504 42.16 -43.95 51.06
CA ASP H 504 41.85 -45.24 51.65
C ASP H 504 43.02 -46.19 51.51
N PRO H 505 43.34 -46.97 52.54
CA PRO H 505 44.43 -47.94 52.41
C PRO H 505 44.19 -49.01 51.35
N ARG H 506 42.93 -49.25 50.99
CA ARG H 506 42.56 -50.21 49.97
C ARG H 506 42.08 -49.53 48.69
N PHE H 507 42.68 -48.38 48.38
CA PHE H 507 42.25 -47.59 47.22
C PHE H 507 42.63 -48.28 45.92
N LYS H 508 43.93 -48.54 45.72
CA LYS H 508 44.37 -49.24 44.53
C LYS H 508 43.73 -50.61 44.40
N GLU H 509 43.37 -51.22 45.54
CA GLU H 509 42.75 -52.53 45.49
C GLU H 509 41.31 -52.47 44.99
N TYR H 510 40.65 -51.32 45.16
CA TYR H 510 39.24 -51.19 44.84
C TYR H 510 39.01 -50.86 43.37
N TRP H 511 39.70 -49.85 42.84
CA TRP H 511 39.47 -49.49 41.44
C TRP H 511 40.10 -50.51 40.50
N THR H 512 41.15 -51.20 40.93
CA THR H 512 41.68 -52.29 40.12
C THR H 512 40.66 -53.43 40.05
N GLU H 513 39.86 -53.61 41.09
CA GLU H 513 38.75 -54.54 41.03
C GLU H 513 37.58 -53.97 40.23
N TYR H 514 37.40 -52.65 40.27
CA TYR H 514 36.32 -52.01 39.52
C TYR H 514 36.63 -51.93 38.04
N PHE H 515 37.89 -51.64 37.69
CA PHE H 515 38.28 -51.56 36.29
C PHE H 515 38.16 -52.91 35.61
N GLN H 516 38.48 -53.99 36.32
CA GLN H 516 38.30 -55.32 35.74
C GLN H 516 36.84 -55.66 35.51
N ILE H 517 35.93 -55.00 36.24
CA ILE H 517 34.51 -55.20 36.03
C ILE H 517 34.00 -54.34 34.88
N MET H 518 34.57 -53.16 34.68
CA MET H 518 34.03 -52.16 33.77
C MET H 518 34.98 -51.83 32.62
N LYS H 519 35.97 -52.68 32.35
CA LYS H 519 36.91 -52.35 31.28
C LYS H 519 36.25 -52.46 29.91
N ARG H 520 35.27 -53.34 29.76
CA ARG H 520 34.58 -53.53 28.48
C ARG H 520 33.34 -52.64 28.35
N ARG H 521 32.93 -51.96 29.42
CA ARG H 521 31.75 -51.11 29.40
C ARG H 521 32.12 -49.63 29.39
N GLY H 522 33.19 -49.28 28.69
CA GLY H 522 33.55 -47.89 28.45
C GLY H 522 33.98 -47.11 29.67
N VAL H 523 34.92 -47.66 30.43
CA VAL H 523 35.53 -46.95 31.55
C VAL H 523 37.03 -47.23 31.52
N THR H 524 37.83 -46.17 31.39
CA THR H 524 39.27 -46.33 31.32
C THR H 524 39.86 -46.41 32.72
N GLN H 525 41.14 -46.81 32.77
CA GLN H 525 41.83 -46.88 34.06
C GLN H 525 41.84 -45.54 34.77
N GLU H 526 42.03 -44.46 34.02
CA GLU H 526 42.01 -43.12 34.60
C GLU H 526 40.63 -42.71 35.07
N GLN H 527 39.58 -43.33 34.52
CA GLN H 527 38.21 -43.07 34.97
C GLN H 527 37.83 -43.93 36.17
N ALA H 528 38.35 -45.15 36.25
CA ALA H 528 38.06 -46.00 37.41
C ALA H 528 38.63 -45.40 38.69
N GLN H 529 39.76 -44.69 38.58
CA GLN H 529 40.31 -44.02 39.76
C GLN H 529 39.48 -42.79 40.13
N ARG H 530 39.10 -41.98 39.14
CA ARG H 530 38.21 -40.85 39.42
C ARG H 530 36.86 -41.31 39.96
N ALA H 531 36.57 -42.61 39.93
CA ALA H 531 35.31 -43.12 40.44
C ALA H 531 35.34 -43.33 41.94
N LEU H 532 36.50 -43.69 42.50
CA LEU H 532 36.61 -43.93 43.92
C LEU H 532 36.93 -42.68 44.72
N ILE H 533 37.06 -41.54 44.06
CA ILE H 533 37.31 -40.28 44.75
C ILE H 533 36.08 -39.36 44.73
N SER H 534 35.13 -39.59 43.84
CA SER H 534 33.98 -38.70 43.67
C SER H 534 32.64 -39.38 43.87
N ASN H 535 32.43 -40.59 43.34
CA ASN H 535 31.15 -41.26 43.47
C ASN H 535 31.19 -42.24 44.62
N PRO H 536 30.48 -41.98 45.73
CA PRO H 536 30.56 -42.91 46.87
C PRO H 536 29.87 -44.23 46.61
N THR H 537 28.76 -44.21 45.85
CA THR H 537 28.00 -45.43 45.59
C THR H 537 28.87 -46.50 44.95
N VAL H 538 29.83 -46.11 44.11
CA VAL H 538 30.74 -47.08 43.52
C VAL H 538 31.54 -47.79 44.60
N ILE H 539 32.05 -47.03 45.58
CA ILE H 539 32.92 -47.61 46.60
C ILE H 539 32.17 -48.64 47.43
N GLY H 540 30.92 -48.33 47.78
CA GLY H 540 30.14 -49.28 48.57
C GLY H 540 29.93 -50.59 47.83
N ALA H 541 29.64 -50.51 46.54
CA ALA H 541 29.43 -51.72 45.76
C ALA H 541 30.68 -52.59 45.73
N ILE H 542 31.85 -51.95 45.60
CA ILE H 542 33.09 -52.71 45.57
C ILE H 542 33.33 -53.38 46.92
N MET H 543 32.99 -52.70 48.01
CA MET H 543 33.10 -53.31 49.34
C MET H 543 32.25 -54.57 49.42
N VAL H 544 30.97 -54.48 49.06
CA VAL H 544 30.05 -55.59 49.23
C VAL H 544 30.46 -56.77 48.37
N GLN H 545 31.05 -56.51 47.19
CA GLN H 545 31.45 -57.60 46.31
C GLN H 545 32.67 -58.34 46.88
N ARG H 546 33.59 -57.61 47.51
CA ARG H 546 34.75 -58.27 48.12
C ARG H 546 34.33 -59.10 49.31
N GLY H 547 33.40 -58.61 50.12
CA GLY H 547 33.04 -59.20 51.40
C GLY H 547 33.35 -58.32 52.59
N GLU H 548 33.98 -57.16 52.38
CA GLU H 548 34.30 -56.26 53.49
C GLU H 548 33.03 -55.62 54.06
N ALA H 549 32.00 -55.47 53.24
CA ALA H 549 30.69 -55.03 53.69
C ALA H 549 29.66 -56.10 53.37
N ASP H 550 28.51 -56.03 54.05
CA ASP H 550 27.48 -57.04 53.90
C ASP H 550 26.24 -56.56 53.14
N ALA H 551 25.98 -55.26 53.12
CA ALA H 551 24.84 -54.70 52.39
C ALA H 551 25.12 -53.23 52.12
N MET H 552 24.19 -52.59 51.42
CA MET H 552 24.36 -51.20 51.03
C MET H 552 23.00 -50.53 50.89
N ILE H 553 22.95 -49.25 51.25
CA ILE H 553 21.75 -48.41 51.17
C ILE H 553 22.18 -47.04 50.70
N CYS H 554 21.68 -46.60 49.53
CA CYS H 554 22.06 -45.31 48.97
C CYS H 554 20.85 -44.69 48.28
N GLY H 555 21.07 -43.49 47.73
CA GLY H 555 20.06 -42.79 46.98
C GLY H 555 19.46 -41.57 47.65
N THR H 556 19.94 -41.20 48.84
CA THR H 556 19.36 -40.06 49.54
C THR H 556 19.70 -38.73 48.89
N VAL H 557 20.72 -38.70 48.04
CA VAL H 557 21.02 -37.54 47.19
C VAL H 557 21.56 -38.07 45.86
N GLY H 558 21.00 -37.58 44.77
CA GLY H 558 21.41 -38.04 43.45
C GLY H 558 20.29 -38.87 42.83
N ASP H 559 20.15 -38.75 41.51
CA ASP H 559 19.06 -39.40 40.80
C ASP H 559 19.18 -40.92 40.90
N TYR H 560 18.03 -41.59 40.77
CA TYR H 560 17.97 -43.02 41.05
C TYR H 560 18.84 -43.82 40.10
N HIS H 561 18.67 -43.61 38.79
CA HIS H 561 19.38 -44.45 37.84
C HIS H 561 20.89 -44.23 37.87
N GLU H 562 21.34 -43.10 38.43
CA GLU H 562 22.76 -42.93 38.71
C GLU H 562 23.25 -44.06 39.62
N HIS H 563 22.58 -44.24 40.76
CA HIS H 563 22.98 -45.29 41.71
C HIS H 563 22.64 -46.68 41.18
N PHE H 564 21.49 -46.82 40.51
CA PHE H 564 21.11 -48.13 40.02
C PHE H 564 22.10 -48.66 39.00
N SER H 565 22.43 -47.85 37.99
CA SER H 565 23.38 -48.28 36.98
C SER H 565 24.72 -48.65 37.59
N VAL H 566 25.09 -48.00 38.71
CA VAL H 566 26.28 -48.40 39.45
C VAL H 566 26.08 -49.78 40.06
N VAL H 567 24.97 -49.96 40.78
CA VAL H 567 24.66 -51.26 41.37
C VAL H 567 24.56 -52.33 40.30
N LYS H 568 23.91 -52.01 39.17
CA LYS H 568 23.57 -53.01 38.17
C LYS H 568 24.79 -53.74 37.66
N ASN H 569 25.90 -53.02 37.49
CA ASN H 569 27.09 -53.60 36.87
C ASN H 569 27.98 -54.35 37.86
N VAL H 570 28.02 -53.92 39.12
CA VAL H 570 28.98 -54.50 40.06
C VAL H 570 28.55 -55.89 40.48
N PHE H 571 27.31 -56.02 40.96
CA PHE H 571 26.84 -57.29 41.53
C PHE H 571 26.32 -58.25 40.47
N GLY H 572 25.51 -57.75 39.54
CA GLY H 572 24.86 -58.61 38.56
C GLY H 572 23.55 -59.19 39.06
N TYR H 573 22.82 -59.81 38.14
CA TYR H 573 21.50 -60.33 38.45
C TYR H 573 21.60 -61.56 39.34
N ARG H 574 20.48 -61.89 39.99
CA ARG H 574 20.38 -63.12 40.75
C ARG H 574 20.30 -64.31 39.81
N ASP H 575 20.67 -65.49 40.31
CA ASP H 575 20.60 -66.70 39.51
C ASP H 575 19.16 -67.04 39.17
N GLY H 576 18.86 -67.12 37.88
CA GLY H 576 17.52 -67.45 37.40
C GLY H 576 16.67 -66.26 37.01
N VAL H 577 17.07 -65.06 37.40
CA VAL H 577 16.33 -63.84 37.09
C VAL H 577 17.13 -63.03 36.09
N HIS H 578 16.44 -62.43 35.12
CA HIS H 578 17.08 -61.61 34.10
C HIS H 578 16.60 -60.16 34.15
N THR H 579 15.86 -59.77 35.18
CA THR H 579 15.34 -58.42 35.30
C THR H 579 15.35 -57.98 36.76
N ALA H 580 15.28 -56.68 36.95
CA ALA H 580 15.20 -56.07 38.27
C ALA H 580 14.00 -55.14 38.33
N GLY H 581 13.41 -55.03 39.52
CA GLY H 581 12.21 -54.23 39.69
C GLY H 581 12.16 -53.47 40.99
N ALA H 582 11.62 -52.26 40.94
CA ALA H 582 11.45 -51.42 42.12
C ALA H 582 10.02 -51.52 42.63
N MET H 583 9.88 -51.63 43.95
CA MET H 583 8.59 -51.77 44.60
C MET H 583 8.48 -50.73 45.71
N ASN H 584 7.45 -49.89 45.64
CA ASN H 584 7.13 -48.97 46.72
C ASN H 584 5.97 -49.54 47.53
N ALA H 585 6.00 -49.27 48.83
CA ALA H 585 4.93 -49.70 49.71
C ALA H 585 4.02 -48.53 50.05
N LEU H 586 2.87 -48.85 50.63
CA LEU H 586 1.86 -47.83 50.89
C LEU H 586 0.84 -48.35 51.89
N LEU H 587 0.30 -47.43 52.68
CA LEU H 587 -0.73 -47.73 53.66
C LEU H 587 -2.00 -47.06 53.17
N LEU H 588 -2.93 -47.86 52.67
CA LEU H 588 -4.14 -47.36 52.07
C LEU H 588 -5.37 -47.74 52.89
N PRO H 589 -6.49 -47.05 52.71
CA PRO H 589 -7.74 -47.50 53.36
C PRO H 589 -8.07 -48.94 53.06
N SER H 590 -7.74 -49.42 51.86
CA SER H 590 -7.90 -50.84 51.54
C SER H 590 -6.85 -51.72 52.21
N GLY H 591 -5.91 -51.13 52.94
CA GLY H 591 -4.90 -51.91 53.64
C GLY H 591 -3.50 -51.71 53.08
N ASN H 592 -2.61 -52.62 53.45
CA ASN H 592 -1.26 -52.62 52.91
C ASN H 592 -1.30 -52.93 51.42
N THR H 593 -0.60 -52.13 50.63
CA THR H 593 -0.56 -52.29 49.18
C THR H 593 0.84 -51.99 48.67
N PHE H 594 1.15 -52.51 47.48
CA PHE H 594 2.47 -52.34 46.88
C PHE H 594 2.31 -52.00 45.40
N ILE H 595 3.34 -51.36 44.85
CA ILE H 595 3.32 -50.90 43.46
C ILE H 595 4.67 -51.21 42.81
N ALA H 596 4.63 -51.72 41.59
CA ALA H 596 5.82 -52.01 40.80
C ALA H 596 5.39 -52.07 39.34
N ASP H 597 6.29 -51.67 38.43
CA ASP H 597 7.66 -51.25 38.71
C ASP H 597 7.78 -49.73 38.70
N THR H 598 8.42 -49.16 39.73
CA THR H 598 8.39 -47.72 39.95
C THR H 598 9.65 -47.00 39.49
N TYR H 599 10.83 -47.62 39.54
CA TYR H 599 12.06 -46.89 39.25
C TYR H 599 13.02 -47.57 38.28
N VAL H 600 12.76 -48.81 37.86
CA VAL H 600 13.73 -49.53 37.05
C VAL H 600 13.34 -49.50 35.57
N ASN H 601 12.36 -50.33 35.20
CA ASN H 601 12.08 -50.60 33.79
C ASN H 601 11.06 -49.60 33.26
N ASP H 602 11.46 -48.86 32.22
CA ASP H 602 10.62 -47.77 31.72
C ASP H 602 9.41 -48.31 30.95
N GLU H 603 9.63 -49.29 30.09
CA GLU H 603 8.56 -50.01 29.40
C GLU H 603 8.85 -51.50 29.54
N PRO H 604 8.53 -52.09 30.69
CA PRO H 604 8.80 -53.52 30.88
C PRO H 604 7.98 -54.35 29.91
N ASP H 605 8.61 -55.42 29.40
CA ASP H 605 7.97 -56.29 28.44
C ASP H 605 7.22 -57.41 29.17
N ALA H 606 6.69 -58.35 28.40
CA ALA H 606 5.90 -59.44 28.99
C ALA H 606 6.73 -60.27 29.96
N GLU H 607 7.90 -60.73 29.51
CA GLU H 607 8.75 -61.52 30.39
C GLU H 607 9.27 -60.69 31.55
N GLU H 608 9.47 -59.39 31.33
CA GLU H 608 9.98 -58.51 32.39
C GLU H 608 8.91 -58.24 33.44
N LEU H 609 7.66 -58.04 33.01
CA LEU H 609 6.58 -57.88 33.97
C LEU H 609 6.33 -59.16 34.76
N ALA H 610 6.56 -60.31 34.14
CA ALA H 610 6.32 -61.59 34.82
C ALA H 610 7.29 -61.78 35.99
N GLU H 611 8.59 -61.71 35.71
CA GLU H 611 9.58 -61.94 36.76
C GLU H 611 9.45 -60.95 37.89
N ILE H 612 9.03 -59.71 37.59
CA ILE H 612 8.76 -58.74 38.65
C ILE H 612 7.71 -59.28 39.60
N THR H 613 6.63 -59.86 39.05
CA THR H 613 5.52 -60.33 39.88
C THR H 613 5.97 -61.41 40.86
N LEU H 614 6.76 -62.38 40.38
CA LEU H 614 7.20 -63.46 41.25
C LEU H 614 8.07 -62.93 42.38
N MET H 615 8.93 -61.96 42.08
CA MET H 615 9.79 -61.38 43.12
C MET H 615 8.98 -60.60 44.13
N ALA H 616 7.90 -59.94 43.71
CA ALA H 616 7.07 -59.21 44.65
C ALA H 616 6.20 -60.17 45.48
N ALA H 617 5.79 -61.29 44.89
CA ALA H 617 5.04 -62.28 45.65
C ALA H 617 5.93 -62.99 46.67
N GLU H 618 7.16 -63.32 46.27
CA GLU H 618 8.11 -63.92 47.21
C GLU H 618 8.43 -62.95 48.33
N THR H 619 8.60 -61.66 48.01
CA THR H 619 8.98 -60.69 49.04
C THR H 619 7.84 -60.39 49.99
N VAL H 620 6.62 -60.27 49.46
CA VAL H 620 5.47 -60.02 50.32
C VAL H 620 5.22 -61.20 51.25
N ARG H 621 5.45 -62.42 50.75
CA ARG H 621 5.34 -63.60 51.61
C ARG H 621 6.35 -63.57 52.74
N ARG H 622 7.53 -63.01 52.49
CA ARG H 622 8.54 -62.90 53.54
C ARG H 622 8.04 -62.01 54.68
N PHE H 623 7.33 -60.93 54.35
CA PHE H 623 6.81 -60.04 55.37
C PHE H 623 5.75 -60.69 56.24
N GLY H 624 5.20 -61.82 55.81
CA GLY H 624 4.13 -62.47 56.52
C GLY H 624 2.75 -62.21 55.99
N ILE H 625 2.61 -61.52 54.87
CA ILE H 625 1.32 -61.14 54.32
C ILE H 625 1.01 -62.02 53.11
N GLU H 626 -0.28 -62.13 52.79
CA GLU H 626 -0.76 -62.97 51.69
C GLU H 626 -0.58 -62.25 50.36
N PRO H 627 0.09 -62.87 49.38
CA PRO H 627 0.30 -62.20 48.09
C PRO H 627 -0.96 -62.21 47.21
N ARG H 628 -1.68 -61.09 47.21
CA ARG H 628 -2.83 -60.88 46.33
C ARG H 628 -2.42 -59.88 45.26
N VAL H 629 -2.34 -60.33 44.02
CA VAL H 629 -1.72 -59.58 42.93
C VAL H 629 -2.79 -59.11 41.96
N ALA H 630 -2.60 -57.90 41.42
CA ALA H 630 -3.52 -57.32 40.45
C ALA H 630 -2.72 -56.68 39.32
N LEU H 631 -3.07 -57.03 38.08
CA LEU H 631 -2.43 -56.47 36.90
C LEU H 631 -3.32 -55.36 36.35
N LEU H 632 -2.80 -54.13 36.34
CA LEU H 632 -3.60 -52.95 36.05
C LEU H 632 -3.45 -52.55 34.58
N SER H 633 -4.48 -51.88 34.07
CA SER H 633 -4.49 -51.40 32.69
C SER H 633 -5.68 -50.48 32.49
N HIS H 634 -5.61 -49.67 31.44
CA HIS H 634 -6.75 -48.88 31.01
C HIS H 634 -7.87 -49.74 30.43
N SER H 635 -7.62 -51.04 30.25
CA SER H 635 -8.61 -51.98 29.76
C SER H 635 -9.16 -52.80 30.92
N ASN H 636 -10.48 -52.97 30.94
CA ASN H 636 -11.16 -53.70 32.01
C ASN H 636 -11.48 -55.10 31.49
N PHE H 637 -10.53 -56.02 31.71
CA PHE H 637 -10.69 -57.43 31.33
C PHE H 637 -10.94 -57.59 29.84
N GLY H 638 -10.04 -57.02 29.03
CA GLY H 638 -10.17 -57.12 27.59
C GLY H 638 -10.97 -56.03 26.94
N SER H 639 -11.19 -54.91 27.61
CA SER H 639 -11.87 -53.76 27.00
C SER H 639 -11.12 -53.31 25.74
N SER H 640 -9.83 -53.01 25.89
CA SER H 640 -8.99 -52.55 24.79
C SER H 640 -7.90 -53.58 24.51
N ASP H 641 -7.54 -53.69 23.23
CA ASP H 641 -6.50 -54.62 22.77
C ASP H 641 -5.21 -53.90 22.41
N CYS H 642 -4.91 -52.81 23.12
CA CYS H 642 -3.67 -52.06 22.89
C CYS H 642 -2.47 -52.94 23.20
N PRO H 643 -1.33 -52.73 22.53
CA PRO H 643 -0.11 -53.47 22.86
C PRO H 643 0.27 -53.36 24.34
N SER H 644 -0.19 -52.30 25.00
CA SER H 644 0.04 -52.16 26.44
C SER H 644 -0.85 -53.12 27.22
N SER H 645 -2.09 -53.32 26.78
CA SER H 645 -2.99 -54.19 27.51
C SER H 645 -2.80 -55.66 27.11
N SER H 646 -2.51 -55.92 25.84
CA SER H 646 -2.16 -57.27 25.43
C SER H 646 -0.88 -57.74 26.13
N LYS H 647 -0.03 -56.80 26.51
CA LYS H 647 1.19 -57.14 27.24
C LYS H 647 0.87 -57.74 28.60
N MET H 648 -0.05 -57.10 29.34
CA MET H 648 -0.39 -57.58 30.68
C MET H 648 -0.99 -58.99 30.62
N ARG H 649 -1.82 -59.26 29.61
CA ARG H 649 -2.46 -60.56 29.53
C ARG H 649 -1.43 -61.67 29.27
N GLN H 650 -0.52 -61.44 28.31
CA GLN H 650 0.50 -62.44 28.02
C GLN H 650 1.35 -62.75 29.25
N ALA H 651 1.61 -61.73 30.08
CA ALA H 651 2.39 -61.96 31.28
C ALA H 651 1.63 -62.79 32.29
N LEU H 652 0.31 -62.61 32.37
CA LEU H 652 -0.48 -63.38 33.32
C LEU H 652 -0.42 -64.87 33.01
N GLU H 653 -0.40 -65.23 31.72
CA GLU H 653 -0.32 -66.63 31.35
C GLU H 653 1.00 -67.26 31.79
N LEU H 654 2.08 -66.48 31.77
CA LEU H 654 3.38 -67.04 32.14
C LEU H 654 3.51 -67.26 33.64
N VAL H 655 2.90 -66.38 34.43
CA VAL H 655 3.03 -66.47 35.90
C VAL H 655 2.40 -67.75 36.40
N ARG H 656 1.19 -68.06 35.92
CA ARG H 656 0.50 -69.27 36.35
C ARG H 656 1.22 -70.53 35.90
N GLU H 657 2.15 -70.43 34.95
CA GLU H 657 3.00 -71.56 34.60
C GLU H 657 4.13 -71.72 35.60
N ARG H 658 4.93 -70.68 35.77
CA ARG H 658 6.08 -70.75 36.68
C ARG H 658 5.66 -70.86 38.14
N ALA H 659 4.41 -70.50 38.47
CA ALA H 659 3.92 -70.55 39.84
C ALA H 659 2.40 -70.54 39.87
N PRO H 660 1.77 -71.72 39.81
CA PRO H 660 0.29 -71.75 39.85
C PRO H 660 -0.30 -71.37 41.19
N GLU H 661 0.49 -71.45 42.27
CA GLU H 661 -0.02 -71.20 43.61
C GLU H 661 -0.35 -69.74 43.87
N LEU H 662 0.15 -68.83 43.05
CA LEU H 662 -0.10 -67.41 43.28
C LEU H 662 -1.55 -67.05 43.00
N MET H 663 -2.12 -66.22 43.86
CA MET H 663 -3.42 -65.62 43.61
C MET H 663 -3.23 -64.35 42.80
N ILE H 664 -3.74 -64.35 41.57
CA ILE H 664 -3.55 -63.23 40.65
C ILE H 664 -4.60 -63.33 39.56
N ASP H 665 -5.10 -62.17 39.13
CA ASP H 665 -5.98 -62.10 37.98
C ASP H 665 -5.77 -60.76 37.28
N GLY H 666 -6.26 -60.69 36.05
CA GLY H 666 -6.11 -59.47 35.27
C GLY H 666 -6.44 -59.73 33.81
N GLU H 667 -6.39 -58.66 33.04
CA GLU H 667 -6.14 -57.31 33.55
C GLU H 667 -7.43 -56.75 34.12
N MET H 668 -7.33 -55.64 34.86
CA MET H 668 -8.52 -55.06 35.47
C MET H 668 -8.29 -53.57 35.66
N HIS H 669 -9.38 -52.82 35.75
CA HIS H 669 -9.31 -51.45 36.19
C HIS H 669 -8.73 -51.38 37.61
N GLY H 670 -8.26 -50.19 37.98
CA GLY H 670 -7.74 -50.02 39.32
C GLY H 670 -8.80 -50.18 40.39
N ASP H 671 -10.00 -49.64 40.15
CA ASP H 671 -11.05 -49.75 41.15
C ASP H 671 -11.46 -51.20 41.36
N ALA H 672 -11.55 -51.98 40.27
CA ALA H 672 -11.90 -53.39 40.39
C ALA H 672 -10.82 -54.20 41.09
N ALA H 673 -9.64 -53.63 41.29
CA ALA H 673 -8.57 -54.34 41.97
C ALA H 673 -8.55 -54.12 43.47
N LEU H 674 -9.22 -53.07 43.95
CA LEU H 674 -9.21 -52.74 45.37
C LEU H 674 -10.57 -52.91 46.05
N VAL H 675 -11.65 -52.97 45.27
CA VAL H 675 -13.00 -53.13 45.82
C VAL H 675 -13.55 -54.45 45.29
N GLU H 676 -13.66 -55.45 46.18
CA GLU H 676 -14.14 -56.76 45.78
C GLU H 676 -15.54 -56.69 45.18
N ALA H 677 -16.33 -55.69 45.57
CA ALA H 677 -17.67 -55.56 45.01
C ALA H 677 -17.61 -55.26 43.52
N ILE H 678 -16.80 -54.28 43.12
CA ILE H 678 -16.75 -53.89 41.72
C ILE H 678 -16.19 -55.02 40.86
N ARG H 679 -15.31 -55.84 41.41
CA ARG H 679 -14.72 -56.93 40.64
C ARG H 679 -15.71 -58.08 40.46
N ASN H 680 -16.38 -58.50 41.54
CA ASN H 680 -17.28 -59.64 41.45
C ASN H 680 -18.46 -59.39 40.52
N ASP H 681 -18.77 -58.13 40.22
CA ASP H 681 -19.78 -57.85 39.20
C ASP H 681 -19.18 -57.94 37.80
N ARG H 682 -18.01 -57.33 37.59
CA ARG H 682 -17.34 -57.45 36.31
C ARG H 682 -16.86 -58.87 36.05
N MET H 683 -16.34 -59.53 37.09
CA MET H 683 -15.84 -60.90 36.96
C MET H 683 -16.06 -61.63 38.27
N PRO H 684 -17.12 -62.43 38.37
CA PRO H 684 -17.29 -63.24 39.58
C PRO H 684 -16.28 -64.37 39.68
N ASP H 685 -15.84 -64.91 38.55
CA ASP H 685 -14.93 -66.06 38.53
C ASP H 685 -13.53 -65.71 38.98
N SER H 686 -13.22 -64.43 39.19
CA SER H 686 -11.86 -64.04 39.54
C SER H 686 -11.45 -64.69 40.85
N SER H 687 -10.31 -65.39 40.81
CA SER H 687 -9.76 -65.97 42.03
C SER H 687 -9.30 -64.90 43.01
N LEU H 688 -9.16 -63.66 42.55
CA LEU H 688 -8.84 -62.55 43.44
C LEU H 688 -9.97 -62.34 44.44
N LYS H 689 -9.61 -62.28 45.72
CA LYS H 689 -10.57 -62.11 46.80
C LYS H 689 -10.13 -60.95 47.68
N GLY H 690 -10.97 -59.92 47.76
CA GLY H 690 -10.65 -58.75 48.54
C GLY H 690 -9.75 -57.78 47.81
N SER H 691 -9.36 -56.73 48.51
CA SER H 691 -8.42 -55.76 47.96
C SER H 691 -7.08 -56.44 47.70
N ALA H 692 -6.51 -56.20 46.52
CA ALA H 692 -5.18 -56.69 46.22
C ALA H 692 -4.13 -55.81 46.90
N ASN H 693 -3.02 -56.42 47.28
CA ASN H 693 -1.92 -55.72 47.92
C ASN H 693 -0.70 -55.55 47.03
N ILE H 694 -0.68 -56.20 45.86
CA ILE H 694 0.40 -56.08 44.90
C ILE H 694 -0.20 -55.61 43.58
N LEU H 695 0.16 -54.40 43.16
CA LEU H 695 -0.41 -53.75 41.98
C LEU H 695 0.68 -53.56 40.94
N VAL H 696 0.69 -54.43 39.93
CA VAL H 696 1.70 -54.41 38.88
C VAL H 696 1.31 -53.38 37.83
N MET H 697 2.22 -52.53 37.50
CA MET H 697 1.92 -51.48 36.54
C MET H 697 2.39 -51.86 35.14
N PRO H 698 1.65 -51.46 34.10
CA PRO H 698 2.09 -51.75 32.74
C PRO H 698 3.32 -50.97 32.31
N ASN H 699 3.58 -49.82 32.93
CA ASN H 699 4.73 -49.00 32.58
C ASN H 699 5.15 -48.21 33.80
N MET H 700 6.41 -47.75 33.78
CA MET H 700 6.91 -46.97 34.90
C MET H 700 6.18 -45.64 35.03
N GLU H 701 5.83 -45.01 33.90
CA GLU H 701 5.15 -43.72 33.95
C GLU H 701 3.82 -43.82 34.69
N ALA H 702 3.19 -45.00 34.67
CA ALA H 702 1.95 -45.18 35.40
C ALA H 702 2.18 -45.43 36.88
N ALA H 703 3.27 -46.11 37.23
CA ALA H 703 3.55 -46.41 38.62
C ALA H 703 3.90 -45.15 39.40
N ARG H 704 4.94 -44.44 38.98
CA ARG H 704 5.43 -43.29 39.74
C ARG H 704 4.36 -42.23 39.91
N ILE H 705 3.54 -42.02 38.88
CA ILE H 705 2.45 -41.06 39.01
C ILE H 705 1.42 -41.53 40.02
N SER H 706 1.14 -42.83 40.03
CA SER H 706 0.17 -43.36 40.99
C SER H 706 0.73 -43.35 42.40
N TYR H 707 1.95 -43.86 42.58
CA TYR H 707 2.55 -43.89 43.91
C TYR H 707 2.68 -42.50 44.50
N ASN H 708 3.24 -41.56 43.74
CA ASN H 708 3.41 -40.20 44.23
C ASN H 708 2.07 -39.58 44.60
N LEU H 709 1.08 -39.71 43.71
CA LEU H 709 -0.22 -39.12 44.00
C LEU H 709 -0.89 -39.78 45.19
N LEU H 710 -0.67 -41.09 45.39
CA LEU H 710 -1.27 -41.78 46.51
C LEU H 710 -0.57 -41.47 47.83
N ARG H 711 0.75 -41.31 47.82
CA ARG H 711 1.47 -41.03 49.07
C ARG H 711 0.98 -39.75 49.72
N VAL H 712 0.51 -38.78 48.92
CA VAL H 712 -0.08 -37.57 49.47
C VAL H 712 -1.58 -37.73 49.72
N SER H 713 -2.25 -38.65 49.03
CA SER H 713 -3.68 -38.86 49.28
C SER H 713 -3.93 -39.63 50.56
N SER H 714 -3.10 -40.63 50.85
CA SER H 714 -3.19 -41.40 52.09
C SER H 714 -1.93 -41.11 52.90
N SER H 715 -2.00 -40.07 53.73
CA SER H 715 -0.90 -39.69 54.62
C SER H 715 -0.84 -40.64 55.82
N GLU H 716 -0.56 -41.90 55.52
CA GLU H 716 -0.61 -42.97 56.51
C GLU H 716 0.79 -43.45 56.90
N GLY H 717 1.74 -42.52 56.94
CA GLY H 717 3.10 -42.87 57.35
C GLY H 717 3.79 -43.78 56.34
N VAL H 718 5.06 -44.06 56.63
CA VAL H 718 5.91 -44.86 55.76
C VAL H 718 6.17 -46.20 56.43
N THR H 719 6.14 -47.26 55.63
CA THR H 719 6.57 -48.57 56.09
C THR H 719 7.89 -49.03 55.46
N VAL H 720 8.04 -48.93 54.13
CA VAL H 720 9.32 -49.12 53.46
C VAL H 720 9.35 -48.25 52.21
N GLY H 721 10.56 -47.85 51.83
CA GLY H 721 10.77 -47.08 50.62
C GLY H 721 10.98 -47.97 49.40
N PRO H 722 11.59 -47.42 48.34
CA PRO H 722 11.79 -48.19 47.10
C PRO H 722 12.62 -49.46 47.30
N VAL H 723 11.97 -50.62 47.18
CA VAL H 723 12.63 -51.90 47.38
C VAL H 723 13.10 -52.45 46.05
N LEU H 724 14.39 -52.77 45.96
CA LEU H 724 14.99 -53.31 44.75
C LEU H 724 15.01 -54.83 44.83
N MET H 725 14.58 -55.49 43.75
CA MET H 725 14.45 -56.94 43.72
C MET H 725 15.21 -57.50 42.53
N GLY H 726 15.83 -58.67 42.72
CA GLY H 726 16.52 -59.37 41.66
C GLY H 726 18.03 -59.19 41.65
N VAL H 727 18.53 -58.17 42.35
CA VAL H 727 19.97 -57.97 42.44
C VAL H 727 20.59 -59.11 43.24
N ALA H 728 21.79 -59.53 42.84
CA ALA H 728 22.44 -60.67 43.49
C ALA H 728 22.74 -60.39 44.95
N LYS H 729 23.42 -59.28 45.22
CA LYS H 729 23.74 -58.92 46.58
C LYS H 729 22.60 -58.10 47.19
N PRO H 730 22.44 -58.12 48.53
CA PRO H 730 21.31 -57.39 49.14
C PRO H 730 21.55 -55.88 49.22
N VAL H 731 21.06 -55.16 48.21
CA VAL H 731 21.26 -53.72 48.09
C VAL H 731 19.92 -53.09 47.76
N HIS H 732 19.69 -51.88 48.29
CA HIS H 732 18.48 -51.14 48.01
C HIS H 732 18.81 -49.68 47.78
N VAL H 733 18.08 -49.05 46.86
CA VAL H 733 18.34 -47.67 46.46
C VAL H 733 17.12 -46.83 46.79
N LEU H 734 17.35 -45.69 47.43
CA LEU H 734 16.29 -44.82 47.92
C LEU H 734 16.13 -43.60 47.02
N THR H 735 15.27 -42.67 47.43
CA THR H 735 14.99 -41.41 46.78
C THR H 735 15.42 -40.25 47.68
N PRO H 736 15.78 -39.11 47.10
CA PRO H 736 16.21 -37.97 47.92
C PRO H 736 15.14 -37.47 48.89
N ILE H 737 13.86 -37.69 48.57
CA ILE H 737 12.78 -37.24 49.44
C ILE H 737 12.56 -38.16 50.63
N ALA H 738 13.36 -39.22 50.78
CA ALA H 738 13.15 -40.17 51.86
C ALA H 738 13.45 -39.52 53.21
N SER H 739 12.57 -39.74 54.18
CA SER H 739 12.71 -39.16 55.51
C SER H 739 13.74 -39.96 56.31
N VAL H 740 14.02 -39.47 57.52
CA VAL H 740 14.96 -40.16 58.39
C VAL H 740 14.46 -41.56 58.72
N ARG H 741 13.20 -41.65 59.19
CA ARG H 741 12.61 -42.95 59.49
C ARG H 741 12.56 -43.84 58.26
N ARG H 742 12.46 -43.25 57.06
CA ARG H 742 12.45 -44.04 55.84
C ARG H 742 13.77 -44.76 55.65
N ILE H 743 14.88 -44.10 55.96
CA ILE H 743 16.19 -44.74 55.81
C ILE H 743 16.35 -45.86 56.81
N VAL H 744 15.98 -45.60 58.07
CA VAL H 744 16.08 -46.62 59.12
C VAL H 744 15.37 -47.89 58.71
N ASN H 745 14.13 -47.74 58.22
CA ASN H 745 13.34 -48.90 57.80
C ASN H 745 14.09 -49.72 56.76
N MET H 746 14.59 -49.05 55.72
CA MET H 746 15.27 -49.78 54.64
C MET H 746 16.57 -50.40 55.12
N VAL H 747 17.28 -49.76 56.05
CA VAL H 747 18.54 -50.30 56.53
C VAL H 747 18.33 -51.64 57.22
N ALA H 748 17.26 -51.75 58.02
CA ALA H 748 16.97 -53.01 58.67
C ALA H 748 16.60 -54.09 57.67
N LEU H 749 15.81 -53.71 56.65
CA LEU H 749 15.45 -54.65 55.60
C LEU H 749 16.67 -55.30 54.98
N ALA H 750 17.74 -54.53 54.77
CA ALA H 750 18.94 -55.06 54.15
C ALA H 750 19.61 -56.10 55.05
N VAL H 751 19.69 -55.83 56.34
CA VAL H 751 20.33 -56.77 57.26
C VAL H 751 19.56 -58.08 57.29
N VAL H 752 18.24 -58.01 57.25
CA VAL H 752 17.44 -59.23 57.25
C VAL H 752 17.68 -60.03 55.98
N GLU H 753 17.69 -59.35 54.84
CA GLU H 753 18.04 -60.01 53.59
C GLU H 753 19.51 -60.44 53.58
N ALA H 754 20.36 -59.72 54.32
CA ALA H 754 21.76 -60.10 54.40
C ALA H 754 21.95 -61.39 55.19
N GLN H 755 21.00 -61.71 56.08
CA GLN H 755 21.11 -62.95 56.84
C GLN H 755 20.78 -64.15 55.99
N THR H 756 19.78 -64.03 55.11
CA THR H 756 19.31 -65.16 54.31
C THR H 756 20.32 -65.48 53.21
N GLN H 757 20.79 -66.74 53.20
CA GLN H 757 21.70 -67.28 52.18
C GLN H 757 22.95 -66.42 52.00
N PRO H 758 23.82 -66.32 53.01
CA PRO H 758 25.04 -65.51 52.85
C PRO H 758 26.15 -66.27 52.13
N ASP I 2 64.76 -59.80 -21.04
CA ASP I 2 63.41 -59.66 -21.58
C ASP I 2 63.29 -58.39 -22.42
N ASP I 3 62.07 -58.11 -22.88
CA ASP I 3 61.76 -56.88 -23.60
C ASP I 3 60.62 -56.09 -22.96
N GLN I 4 59.65 -56.75 -22.35
CA GLN I 4 58.61 -56.05 -21.61
C GLN I 4 59.09 -55.66 -20.22
N LEU I 5 59.54 -56.64 -19.43
CA LEU I 5 60.08 -56.35 -18.11
C LEU I 5 61.40 -55.59 -18.17
N LYS I 6 62.08 -55.60 -19.33
CA LYS I 6 63.27 -54.79 -19.50
C LYS I 6 62.92 -53.30 -19.56
N GLN I 7 61.82 -52.97 -20.23
CA GLN I 7 61.38 -51.58 -20.29
C GLN I 7 60.57 -51.19 -19.06
N SER I 8 59.93 -52.16 -18.40
CA SER I 8 59.18 -51.88 -17.19
C SER I 8 60.05 -51.26 -16.11
N ALA I 9 61.36 -51.41 -16.20
CA ALA I 9 62.25 -50.86 -15.18
C ALA I 9 62.49 -49.38 -15.38
N LEU I 10 62.70 -48.95 -16.64
CA LEU I 10 63.04 -47.55 -16.90
C LEU I 10 61.93 -46.60 -16.47
N ASP I 11 60.69 -47.08 -16.45
CA ASP I 11 59.59 -46.25 -15.97
C ASP I 11 59.58 -46.13 -14.45
N PHE I 12 60.06 -47.15 -13.76
CA PHE I 12 60.06 -47.14 -12.29
C PHE I 12 60.92 -46.02 -11.73
N HIS I 13 62.00 -45.66 -12.43
CA HIS I 13 62.88 -44.61 -11.95
C HIS I 13 62.35 -43.22 -12.25
N GLU I 14 61.55 -43.07 -13.31
CA GLU I 14 61.09 -41.77 -13.76
C GLU I 14 59.69 -41.42 -13.28
N PHE I 15 58.76 -42.36 -13.32
CA PHE I 15 57.38 -42.04 -12.93
C PHE I 15 57.13 -42.43 -11.47
N PRO I 16 56.40 -41.59 -10.72
CA PRO I 16 55.90 -40.29 -11.17
C PRO I 16 56.78 -39.12 -10.74
N VAL I 17 57.96 -39.43 -10.22
CA VAL I 17 58.90 -38.42 -9.73
C VAL I 17 60.32 -38.88 -10.01
N PRO I 18 61.21 -38.00 -10.48
CA PRO I 18 62.60 -38.40 -10.71
C PRO I 18 63.28 -38.77 -9.40
N GLY I 19 63.80 -40.00 -9.36
CA GLY I 19 64.56 -40.47 -8.22
C GLY I 19 63.92 -41.67 -7.56
N LYS I 20 64.58 -42.13 -6.49
CA LYS I 20 64.07 -43.24 -5.68
C LYS I 20 64.15 -42.98 -4.18
N ILE I 21 64.89 -41.98 -3.72
CA ILE I 21 65.02 -41.70 -2.29
C ILE I 21 64.90 -40.19 -2.07
N GLN I 22 64.53 -39.84 -0.84
CA GLN I 22 64.33 -38.45 -0.47
C GLN I 22 64.70 -38.24 1.00
N VAL I 23 65.23 -37.05 1.28
CA VAL I 23 65.54 -36.64 2.65
C VAL I 23 64.29 -36.01 3.24
N SER I 24 63.66 -36.70 4.20
CA SER I 24 62.46 -36.22 4.85
C SER I 24 62.74 -35.87 6.31
N PRO I 25 62.21 -34.75 6.79
CA PRO I 25 62.43 -34.37 8.19
C PRO I 25 61.89 -35.44 9.14
N THR I 26 62.30 -35.32 10.41
CA THR I 26 61.83 -36.22 11.45
C THR I 26 61.38 -35.51 12.71
N LYS I 27 61.57 -34.20 12.82
CA LYS I 27 61.03 -33.41 13.91
C LYS I 27 60.11 -32.34 13.35
N PRO I 28 59.01 -32.02 14.04
CA PRO I 28 58.06 -31.06 13.49
C PRO I 28 58.64 -29.65 13.45
N LEU I 29 58.39 -28.96 12.33
CA LEU I 29 58.80 -27.58 12.13
C LEU I 29 57.60 -26.68 11.92
N ALA I 30 56.46 -27.01 12.55
CA ALA I 30 55.23 -26.26 12.32
C ALA I 30 55.30 -24.88 12.98
N THR I 31 55.61 -24.83 14.27
CA THR I 31 55.53 -23.59 15.02
C THR I 31 56.79 -22.75 14.79
N GLN I 32 56.70 -21.48 15.19
CA GLN I 32 57.86 -20.60 15.11
C GLN I 32 58.93 -20.99 16.12
N ARG I 33 58.52 -21.35 17.34
CA ARG I 33 59.50 -21.77 18.34
C ARG I 33 60.22 -23.03 17.92
N ASP I 34 59.56 -23.91 17.16
CA ASP I 34 60.21 -25.14 16.72
C ASP I 34 61.35 -24.84 15.75
N LEU I 35 61.20 -23.82 14.91
CA LEU I 35 62.30 -23.40 14.05
C LEU I 35 63.43 -22.79 14.87
N ALA I 36 63.09 -22.07 15.93
CA ALA I 36 64.12 -21.49 16.79
C ALA I 36 64.94 -22.57 17.49
N LEU I 37 64.34 -23.72 17.77
CA LEU I 37 65.07 -24.81 18.39
C LEU I 37 65.87 -25.61 17.37
N ALA I 38 65.33 -25.78 16.16
CA ALA I 38 66.01 -26.58 15.15
C ALA I 38 67.21 -25.83 14.55
N TYR I 39 67.13 -24.51 14.45
CA TYR I 39 68.25 -23.73 13.94
C TYR I 39 68.68 -22.70 14.98
N SER I 40 68.83 -21.45 14.57
CA SER I 40 69.31 -20.43 15.49
C SER I 40 68.17 -19.97 16.41
N PRO I 41 68.43 -19.81 17.72
CA PRO I 41 69.72 -20.08 18.37
C PRO I 41 69.78 -21.41 19.12
N GLY I 42 68.70 -22.20 19.03
CA GLY I 42 68.60 -23.39 19.85
C GLY I 42 69.55 -24.50 19.43
N VAL I 43 69.86 -24.58 18.14
CA VAL I 43 70.71 -25.66 17.65
C VAL I 43 72.11 -25.57 18.25
N ALA I 44 72.47 -24.42 18.81
CA ALA I 44 73.82 -24.25 19.35
C ALA I 44 74.08 -25.23 20.48
N ALA I 45 73.09 -25.47 21.33
CA ALA I 45 73.31 -26.34 22.48
C ALA I 45 73.62 -27.78 22.09
N PRO I 46 72.96 -28.41 21.11
CA PRO I 46 73.42 -29.73 20.66
C PRO I 46 74.84 -29.73 20.14
N CYS I 47 75.24 -28.66 19.43
CA CYS I 47 76.59 -28.59 18.90
C CYS I 47 77.63 -28.59 20.00
N LEU I 48 77.34 -27.91 21.11
CA LEU I 48 78.33 -27.78 22.18
C LEU I 48 78.55 -29.11 22.89
N GLU I 49 77.50 -29.92 23.06
CA GLU I 49 77.65 -31.21 23.71
C GLU I 49 78.42 -32.20 22.86
N ILE I 50 78.45 -32.01 21.54
CA ILE I 50 79.24 -32.89 20.70
C ILE I 50 80.71 -32.46 20.68
N GLU I 51 80.97 -31.15 20.73
CA GLU I 51 82.36 -30.69 20.84
C GLU I 51 83.00 -31.18 22.13
N LYS I 52 82.23 -31.24 23.21
CA LYS I 52 82.77 -31.76 24.47
C LYS I 52 82.99 -33.27 24.40
N ASP I 53 82.03 -34.00 23.83
CA ASP I 53 82.08 -35.46 23.80
C ASP I 53 81.68 -35.94 22.42
N PRO I 54 82.65 -36.37 21.59
CA PRO I 54 82.31 -36.83 20.24
C PRO I 54 81.52 -38.14 20.21
N LEU I 55 81.61 -38.97 21.25
CA LEU I 55 80.76 -40.16 21.30
C LEU I 55 79.30 -39.82 21.56
N LYS I 56 79.04 -38.61 22.06
CA LYS I 56 77.68 -38.11 22.27
C LYS I 56 77.01 -37.65 20.97
N ALA I 57 77.67 -37.85 19.83
CA ALA I 57 77.15 -37.39 18.54
C ALA I 57 75.98 -38.23 18.05
N TYR I 58 76.00 -39.54 18.32
CA TYR I 58 74.89 -40.40 17.92
C TYR I 58 73.58 -40.00 18.56
N LYS I 59 73.62 -39.24 19.66
CA LYS I 59 72.41 -38.93 20.41
C LYS I 59 71.66 -37.75 19.81
N TYR I 60 72.37 -36.72 19.34
CA TYR I 60 71.72 -35.52 18.80
C TYR I 60 71.63 -35.50 17.29
N THR I 61 72.30 -36.42 16.59
CA THR I 61 72.30 -36.44 15.14
C THR I 61 71.96 -37.84 14.63
N ALA I 62 71.69 -37.91 13.33
CA ALA I 62 71.34 -39.16 12.68
C ALA I 62 72.56 -40.02 12.37
N ARG I 63 73.72 -39.70 12.95
CA ARG I 63 74.92 -40.51 12.74
C ARG I 63 74.72 -41.93 13.24
N GLY I 64 73.91 -42.12 14.29
CA GLY I 64 73.66 -43.44 14.83
C GLY I 64 73.02 -44.40 13.86
N ASN I 65 72.62 -43.92 12.67
CA ASN I 65 71.97 -44.78 11.68
C ASN I 65 72.34 -44.39 10.25
N LEU I 66 73.49 -43.77 10.03
CA LEU I 66 73.87 -43.22 8.74
C LEU I 66 75.02 -44.02 8.15
N VAL I 67 74.83 -44.53 6.94
CA VAL I 67 75.85 -45.31 6.24
C VAL I 67 75.98 -44.77 4.83
N ALA I 68 77.21 -44.68 4.33
CA ALA I 68 77.49 -44.16 2.99
C ALA I 68 77.83 -45.31 2.05
N VAL I 69 77.13 -45.37 0.93
CA VAL I 69 77.46 -46.28 -0.17
C VAL I 69 78.20 -45.46 -1.21
N ILE I 70 79.48 -45.77 -1.40
CA ILE I 70 80.37 -44.98 -2.25
C ILE I 70 80.84 -45.84 -3.41
N SER I 71 80.99 -45.21 -4.57
CA SER I 71 81.39 -45.93 -5.79
C SER I 71 82.01 -44.95 -6.78
N ASN I 72 83.02 -45.43 -7.50
CA ASN I 72 83.66 -44.64 -8.56
C ASN I 72 83.15 -44.99 -9.94
N GLY I 73 82.32 -46.03 -10.06
CA GLY I 73 81.80 -46.44 -11.35
C GLY I 73 82.73 -47.33 -12.15
N THR I 74 83.64 -48.05 -11.47
CA THR I 74 84.66 -48.82 -12.16
C THR I 74 84.23 -50.25 -12.47
N ALA I 75 83.31 -50.82 -11.69
CA ALA I 75 82.86 -52.19 -11.92
C ALA I 75 81.48 -52.43 -11.32
N VAL I 76 80.46 -51.80 -11.90
CA VAL I 76 79.09 -51.89 -11.37
C VAL I 76 78.49 -53.25 -11.71
N LEU I 77 78.79 -54.26 -10.90
CA LEU I 77 78.28 -55.62 -11.06
C LEU I 77 78.65 -56.11 -12.46
N GLY I 78 77.69 -56.40 -13.34
CA GLY I 78 78.02 -56.83 -14.68
C GLY I 78 78.22 -55.71 -15.69
N LEU I 79 77.88 -54.47 -15.32
CA LEU I 79 78.03 -53.36 -16.25
C LEU I 79 79.50 -52.95 -16.40
N GLY I 80 80.32 -53.21 -15.39
CA GLY I 80 81.73 -52.85 -15.49
C GLY I 80 81.94 -51.36 -15.36
N ASN I 81 82.86 -50.83 -16.15
CA ASN I 81 83.18 -49.41 -16.12
C ASN I 81 82.18 -48.64 -16.97
N ILE I 82 81.40 -47.78 -16.33
CA ILE I 82 80.37 -46.99 -17.02
C ILE I 82 80.46 -45.54 -16.58
N GLY I 83 81.23 -45.27 -15.56
CA GLY I 83 81.39 -43.94 -15.01
C GLY I 83 80.75 -43.81 -13.63
N ALA I 84 81.18 -42.77 -12.92
CA ALA I 84 80.66 -42.55 -11.57
C ALA I 84 79.22 -42.04 -11.61
N LEU I 85 78.89 -41.22 -12.61
CA LEU I 85 77.55 -40.65 -12.67
C LEU I 85 76.49 -41.68 -13.03
N ALA I 86 76.86 -42.70 -13.80
CA ALA I 86 75.87 -43.68 -14.25
C ALA I 86 75.58 -44.73 -13.17
N GLY I 87 76.53 -45.01 -12.29
CA GLY I 87 76.29 -45.95 -11.21
C GLY I 87 75.38 -45.46 -10.12
N LYS I 88 74.92 -44.20 -10.21
CA LYS I 88 74.10 -43.63 -9.15
C LYS I 88 72.82 -44.40 -8.90
N PRO I 89 72.01 -44.76 -9.91
CA PRO I 89 70.81 -45.56 -9.62
C PRO I 89 71.10 -46.88 -8.94
N VAL I 90 72.31 -47.44 -9.11
CA VAL I 90 72.67 -48.65 -8.39
C VAL I 90 72.93 -48.33 -6.93
N MET I 91 73.53 -47.17 -6.65
CA MET I 91 73.81 -46.79 -5.27
C MET I 91 72.53 -46.41 -4.52
N GLU I 92 71.54 -45.84 -5.23
CA GLU I 92 70.27 -45.56 -4.59
C GLU I 92 69.51 -46.83 -4.27
N GLY I 93 69.57 -47.83 -5.16
CA GLY I 93 68.92 -49.10 -4.89
C GLY I 93 69.45 -49.79 -3.66
N LYS I 94 70.75 -49.61 -3.37
CA LYS I 94 71.30 -50.11 -2.12
C LYS I 94 70.75 -49.33 -0.94
N GLY I 95 70.63 -48.00 -1.08
CA GLY I 95 70.14 -47.19 0.02
C GLY I 95 68.68 -47.45 0.35
N VAL I 96 67.90 -47.92 -0.63
CA VAL I 96 66.53 -48.29 -0.35
C VAL I 96 66.45 -49.72 0.16
N LEU I 97 67.34 -50.60 -0.30
CA LEU I 97 67.39 -51.94 0.27
C LEU I 97 67.81 -51.89 1.74
N PHE I 98 68.74 -50.98 2.08
CA PHE I 98 69.07 -50.73 3.46
C PHE I 98 67.83 -50.31 4.26
N LYS I 99 67.10 -49.31 3.77
CA LYS I 99 65.95 -48.81 4.49
C LYS I 99 64.82 -49.82 4.55
N LYS I 100 64.75 -50.73 3.57
CA LYS I 100 63.64 -51.69 3.55
C LYS I 100 63.84 -52.78 4.59
N PHE I 101 65.01 -53.39 4.61
CA PHE I 101 65.24 -54.55 5.47
C PHE I 101 65.96 -54.21 6.77
N ALA I 102 66.81 -53.19 6.77
CA ALA I 102 67.60 -52.85 7.94
C ALA I 102 67.18 -51.54 8.60
N GLY I 103 66.33 -50.75 7.94
CA GLY I 103 65.95 -49.46 8.50
C GLY I 103 67.11 -48.52 8.70
N ILE I 104 68.04 -48.48 7.75
CA ILE I 104 69.27 -47.71 7.87
C ILE I 104 69.25 -46.62 6.80
N ASP I 105 69.27 -45.36 7.24
CA ASP I 105 69.36 -44.24 6.33
C ASP I 105 70.70 -44.28 5.61
N VAL I 106 70.70 -43.90 4.33
CA VAL I 106 71.88 -44.08 3.49
C VAL I 106 72.01 -42.91 2.53
N PHE I 107 73.22 -42.35 2.46
CA PHE I 107 73.58 -41.35 1.45
C PHE I 107 74.34 -42.03 0.32
N ASP I 108 73.89 -41.81 -0.91
CA ASP I 108 74.61 -42.32 -2.08
C ASP I 108 75.72 -41.34 -2.46
N ILE I 109 76.93 -41.87 -2.67
CA ILE I 109 78.11 -41.06 -2.92
C ILE I 109 78.80 -41.59 -4.18
N GLU I 110 79.16 -40.67 -5.09
CA GLU I 110 79.86 -41.02 -6.32
C GLU I 110 81.08 -40.11 -6.46
N VAL I 111 82.26 -40.72 -6.45
CA VAL I 111 83.53 -40.00 -6.59
C VAL I 111 83.99 -40.10 -8.03
N ASP I 112 84.32 -38.96 -8.63
CA ASP I 112 84.77 -38.92 -10.02
C ASP I 112 86.24 -39.28 -10.19
N GLU I 113 86.98 -39.45 -9.09
CA GLU I 113 88.42 -39.71 -9.17
C GLU I 113 88.68 -41.20 -9.06
N LEU I 114 89.50 -41.72 -9.97
CA LEU I 114 89.88 -43.13 -10.00
C LEU I 114 91.31 -43.35 -9.52
N ASP I 115 91.98 -42.32 -9.02
CA ASP I 115 93.29 -42.50 -8.41
C ASP I 115 93.13 -43.22 -7.08
N PRO I 116 93.87 -44.32 -6.85
CA PRO I 116 93.66 -45.10 -5.62
C PRO I 116 93.91 -44.30 -4.34
N ASP I 117 94.79 -43.31 -4.37
CA ASP I 117 95.06 -42.52 -3.18
C ASP I 117 94.15 -41.30 -3.05
N LYS I 118 93.86 -40.62 -4.17
CA LYS I 118 92.91 -39.51 -4.13
C LYS I 118 91.52 -39.99 -3.71
N PHE I 119 91.14 -41.20 -4.14
CA PHE I 119 89.87 -41.78 -3.71
C PHE I 119 89.82 -41.94 -2.20
N ILE I 120 90.89 -42.50 -1.62
CA ILE I 120 90.93 -42.70 -0.17
C ILE I 120 90.91 -41.36 0.56
N GLU I 121 91.58 -40.35 -0.01
CA GLU I 121 91.62 -39.04 0.64
C GLU I 121 90.24 -38.39 0.65
N VAL I 122 89.44 -38.60 -0.41
CA VAL I 122 88.09 -38.08 -0.43
C VAL I 122 87.21 -38.82 0.57
N VAL I 123 87.41 -40.14 0.70
CA VAL I 123 86.58 -40.94 1.60
C VAL I 123 86.87 -40.59 3.05
N ALA I 124 88.15 -40.64 3.45
CA ALA I 124 88.50 -40.40 4.84
C ALA I 124 88.13 -39.00 5.31
N ALA I 125 88.01 -38.05 4.38
CA ALA I 125 87.58 -36.69 4.71
C ALA I 125 86.09 -36.60 4.98
N LEU I 126 85.39 -37.74 5.03
CA LEU I 126 83.96 -37.78 5.28
C LEU I 126 83.66 -38.69 6.47
N GLU I 127 84.51 -38.65 7.49
CA GLU I 127 84.36 -39.52 8.64
C GLU I 127 83.34 -38.98 9.65
N PRO I 128 83.35 -37.69 9.98
CA PRO I 128 82.28 -37.18 10.86
C PRO I 128 80.91 -37.19 10.22
N THR I 129 80.82 -37.18 8.88
CA THR I 129 79.53 -37.14 8.22
C THR I 129 78.73 -38.41 8.48
N PHE I 130 79.33 -39.57 8.26
CA PHE I 130 78.66 -40.85 8.39
C PHE I 130 79.12 -41.57 9.65
N GLY I 131 78.57 -42.77 9.86
CA GLY I 131 78.98 -43.65 10.92
C GLY I 131 79.34 -45.00 10.33
N GLY I 132 79.35 -45.06 9.01
CA GLY I 132 79.70 -46.27 8.28
C GLY I 132 79.90 -45.99 6.81
N ILE I 133 80.72 -46.82 6.15
CA ILE I 133 81.01 -46.67 4.73
C ILE I 133 80.80 -48.03 4.06
N ASN I 134 80.09 -48.02 2.94
CA ASN I 134 79.81 -49.23 2.16
C ASN I 134 80.38 -49.03 0.75
N LEU I 135 81.69 -49.27 0.61
CA LEU I 135 82.31 -49.22 -0.71
C LEU I 135 81.68 -50.26 -1.61
N GLU I 136 81.19 -49.82 -2.78
CA GLU I 136 80.53 -50.72 -3.71
C GLU I 136 81.10 -50.54 -5.11
N ASP I 137 81.32 -51.67 -5.79
CA ASP I 137 81.63 -51.71 -7.22
C ASP I 137 82.92 -50.93 -7.52
N ILE I 138 84.02 -51.51 -7.06
CA ILE I 138 85.36 -50.99 -7.32
C ILE I 138 86.13 -52.05 -8.10
N LYS I 139 86.69 -51.65 -9.25
CA LYS I 139 87.46 -52.57 -10.06
C LYS I 139 88.67 -53.08 -9.28
N ALA I 140 89.13 -54.27 -9.66
CA ALA I 140 90.32 -54.86 -9.06
C ALA I 140 91.57 -54.41 -9.79
N PRO I 141 92.72 -54.33 -9.10
CA PRO I 141 92.93 -54.66 -7.69
C PRO I 141 92.89 -53.44 -6.76
N GLU I 142 92.24 -52.36 -7.18
CA GLU I 142 92.11 -51.18 -6.32
C GLU I 142 91.31 -51.48 -5.06
N CYS I 143 90.52 -52.55 -5.05
CA CYS I 143 89.67 -52.86 -3.91
C CYS I 143 90.50 -53.16 -2.66
N PHE I 144 91.41 -54.14 -2.77
CA PHE I 144 92.21 -54.56 -1.63
C PHE I 144 92.96 -53.39 -1.01
N TYR I 145 93.61 -52.58 -1.86
CA TYR I 145 94.45 -51.49 -1.36
C TYR I 145 93.60 -50.36 -0.78
N ILE I 146 92.49 -50.00 -1.44
CA ILE I 146 91.66 -48.92 -0.94
C ILE I 146 90.95 -49.35 0.35
N GLU I 147 90.47 -50.59 0.40
CA GLU I 147 89.83 -51.10 1.61
C GLU I 147 90.79 -51.07 2.80
N GLN I 148 91.96 -51.68 2.64
CA GLN I 148 92.92 -51.81 3.74
C GLN I 148 93.20 -50.48 4.41
N LYS I 149 93.56 -49.47 3.62
CA LYS I 149 93.95 -48.18 4.15
C LYS I 149 92.81 -47.42 4.81
N LEU I 150 91.56 -47.84 4.61
CA LEU I 150 90.41 -47.13 5.14
C LEU I 150 89.87 -47.71 6.44
N ARG I 151 90.11 -49.00 6.71
CA ARG I 151 89.68 -49.57 7.98
C ARG I 151 90.56 -49.08 9.13
N GLU I 152 91.80 -48.73 8.82
CA GLU I 152 92.73 -48.23 9.84
C GLU I 152 92.56 -46.73 10.06
N ARG I 153 92.59 -45.96 8.97
CA ARG I 153 92.57 -44.50 9.02
C ARG I 153 91.25 -43.93 9.52
N MET I 154 90.20 -44.74 9.64
CA MET I 154 88.89 -44.25 10.01
C MET I 154 88.33 -45.06 11.16
N ASN I 155 87.76 -44.36 12.16
CA ASN I 155 87.12 -44.97 13.32
C ASN I 155 85.69 -45.42 13.05
N ILE I 156 85.29 -45.52 11.78
CA ILE I 156 83.97 -46.03 11.42
C ILE I 156 84.18 -47.24 10.52
N PRO I 157 83.27 -48.21 10.52
CA PRO I 157 83.51 -49.43 9.73
C PRO I 157 83.53 -49.14 8.25
N VAL I 158 84.56 -49.65 7.58
CA VAL I 158 84.67 -49.60 6.12
C VAL I 158 84.51 -51.03 5.61
N PHE I 159 83.49 -51.24 4.78
CA PHE I 159 83.11 -52.57 4.34
C PHE I 159 82.75 -52.52 2.86
N HIS I 160 83.28 -53.46 2.10
CA HIS I 160 82.98 -53.58 0.68
C HIS I 160 82.15 -54.85 0.48
N ASP I 161 80.97 -54.70 -0.13
CA ASP I 161 79.98 -55.77 -0.13
C ASP I 161 80.33 -56.91 -1.08
N ASP I 162 81.01 -56.63 -2.20
CA ASP I 162 81.29 -57.67 -3.17
C ASP I 162 82.42 -58.60 -2.74
N GLN I 163 83.28 -58.19 -1.81
CA GLN I 163 84.50 -58.92 -1.50
C GLN I 163 84.41 -59.80 -0.25
N HIS I 164 83.99 -59.28 0.91
CA HIS I 164 83.68 -60.17 2.03
C HIS I 164 82.21 -60.57 2.10
N GLY I 165 81.31 -59.79 1.51
CA GLY I 165 79.90 -60.13 1.54
C GLY I 165 79.59 -61.43 0.83
N THR I 166 79.89 -61.49 -0.48
CA THR I 166 79.69 -62.72 -1.22
C THR I 166 80.49 -63.86 -0.63
N ALA I 167 81.59 -63.55 0.07
CA ALA I 167 82.41 -64.57 0.69
C ALA I 167 81.77 -65.12 1.96
N ILE I 168 81.23 -64.24 2.80
CA ILE I 168 80.52 -64.69 4.01
C ILE I 168 79.40 -65.65 3.64
N ILE I 169 78.76 -65.43 2.49
CA ILE I 169 77.71 -66.34 2.04
C ILE I 169 78.30 -67.67 1.60
N SER I 170 79.30 -67.63 0.72
CA SER I 170 79.92 -68.85 0.23
C SER I 170 80.59 -69.64 1.33
N THR I 171 81.15 -68.96 2.33
CA THR I 171 81.75 -69.65 3.46
C THR I 171 80.71 -70.41 4.25
N ALA I 172 79.61 -69.74 4.62
CA ALA I 172 78.52 -70.42 5.30
C ALA I 172 77.90 -71.50 4.44
N ALA I 173 77.87 -71.29 3.12
CA ALA I 173 77.35 -72.32 2.22
C ALA I 173 78.20 -73.58 2.25
N ILE I 174 79.46 -73.48 2.66
CA ILE I 174 80.36 -74.64 2.68
C ILE I 174 80.26 -75.39 4.00
N LEU I 175 80.08 -74.67 5.11
CA LEU I 175 80.02 -75.33 6.42
C LEU I 175 78.80 -76.23 6.52
N ASN I 176 77.65 -75.77 6.06
CA ASN I 176 76.47 -76.63 6.02
C ASN I 176 76.68 -77.78 5.06
N GLY I 177 77.20 -77.49 3.87
CA GLY I 177 77.42 -78.52 2.86
C GLY I 177 78.38 -79.61 3.28
N LEU I 178 79.27 -79.31 4.23
CA LEU I 178 80.15 -80.33 4.77
C LEU I 178 79.49 -81.16 5.85
N ARG I 179 78.30 -80.76 6.30
CA ARG I 179 77.43 -81.62 7.09
C ARG I 179 76.43 -82.39 6.22
N VAL I 180 76.37 -82.08 4.93
CA VAL I 180 75.59 -82.86 3.97
C VAL I 180 76.43 -83.95 3.34
N VAL I 181 77.69 -83.64 3.02
CA VAL I 181 78.61 -84.64 2.47
C VAL I 181 79.30 -85.47 3.55
N GLU I 182 79.03 -85.17 4.82
CA GLU I 182 79.59 -85.86 5.99
C GLU I 182 81.12 -85.81 6.04
N LYS I 183 81.76 -85.06 5.15
CA LYS I 183 83.21 -84.97 5.13
C LYS I 183 83.68 -83.88 6.09
N ASN I 184 84.95 -83.96 6.46
CA ASN I 184 85.51 -83.06 7.45
C ASN I 184 85.99 -81.76 6.79
N ILE I 185 86.54 -80.87 7.61
CA ILE I 185 86.75 -79.48 7.20
C ILE I 185 88.19 -79.24 6.77
N SER I 186 89.13 -80.03 7.31
CA SER I 186 90.54 -79.86 7.01
C SER I 186 91.10 -80.98 6.14
N ASP I 187 90.25 -81.86 5.62
CA ASP I 187 90.68 -82.97 4.78
C ASP I 187 90.38 -82.77 3.31
N VAL I 188 89.24 -82.17 2.97
CA VAL I 188 88.87 -81.98 1.58
C VAL I 188 89.74 -80.91 0.93
N ARG I 189 90.02 -81.08 -0.35
CA ARG I 189 90.87 -80.18 -1.11
C ARG I 189 90.00 -79.26 -1.97
N MET I 190 90.40 -77.99 -2.06
CA MET I 190 89.62 -76.97 -2.73
C MET I 190 90.33 -76.52 -4.00
N VAL I 191 89.53 -76.12 -4.99
CA VAL I 191 90.02 -75.61 -6.27
C VAL I 191 89.22 -74.36 -6.62
N VAL I 192 89.92 -73.28 -6.95
CA VAL I 192 89.29 -72.00 -7.26
C VAL I 192 89.55 -71.64 -8.71
N SER I 193 88.52 -71.17 -9.40
CA SER I 193 88.63 -70.71 -10.78
C SER I 193 88.83 -69.19 -10.78
N GLY I 194 89.84 -68.74 -11.50
CA GLY I 194 90.15 -67.33 -11.53
C GLY I 194 90.71 -66.83 -10.21
N ALA I 195 90.87 -65.51 -10.14
CA ALA I 195 91.38 -64.83 -8.95
C ALA I 195 90.40 -63.74 -8.52
N GLY I 196 89.14 -64.13 -8.32
CA GLY I 196 88.13 -63.16 -7.93
C GLY I 196 88.42 -62.58 -6.56
N ALA I 197 88.16 -61.27 -6.43
CA ALA I 197 88.39 -60.60 -5.15
C ALA I 197 87.55 -61.21 -4.04
N ALA I 198 86.38 -61.77 -4.38
CA ALA I 198 85.56 -62.45 -3.39
C ALA I 198 86.13 -63.84 -3.04
N ALA I 199 86.79 -64.49 -4.00
CA ALA I 199 87.40 -65.78 -3.71
C ALA I 199 88.57 -65.63 -2.73
N ILE I 200 89.31 -64.52 -2.84
CA ILE I 200 90.44 -64.29 -1.94
C ILE I 200 89.96 -64.22 -0.49
N ALA I 201 88.97 -63.35 -0.22
CA ALA I 201 88.47 -63.22 1.14
C ALA I 201 87.72 -64.46 1.59
N CYS I 202 87.06 -65.17 0.67
CA CYS I 202 86.43 -66.44 1.02
C CYS I 202 87.45 -67.43 1.54
N MET I 203 88.60 -67.52 0.87
CA MET I 203 89.67 -68.39 1.33
C MET I 203 90.28 -67.88 2.63
N ASN I 204 90.22 -66.56 2.87
CA ASN I 204 90.66 -66.02 4.15
C ASN I 204 89.76 -66.52 5.28
N LEU I 205 88.45 -66.41 5.09
CA LEU I 205 87.50 -66.87 6.10
C LEU I 205 87.57 -68.37 6.31
N LEU I 206 87.95 -69.11 5.26
CA LEU I 206 88.04 -70.57 5.38
C LEU I 206 89.26 -70.98 6.20
N VAL I 207 90.39 -70.30 6.01
CA VAL I 207 91.61 -70.66 6.74
C VAL I 207 91.43 -70.42 8.23
N ALA I 208 90.78 -69.31 8.59
CA ALA I 208 90.48 -69.04 10.00
C ALA I 208 89.49 -70.02 10.59
N LEU I 209 88.83 -70.83 9.77
CA LEU I 209 87.85 -71.81 10.21
C LEU I 209 88.36 -73.24 10.03
N GLY I 210 89.65 -73.46 10.32
CA GLY I 210 90.22 -74.79 10.22
C GLY I 210 90.34 -75.33 8.81
N LEU I 211 91.17 -74.70 7.99
CA LEU I 211 91.44 -75.16 6.64
C LEU I 211 92.95 -75.23 6.43
N GLN I 212 93.42 -76.36 5.92
CA GLN I 212 94.85 -76.58 5.75
C GLN I 212 95.40 -75.78 4.59
N LYS I 213 96.73 -75.59 4.58
CA LYS I 213 97.37 -74.96 3.43
C LYS I 213 97.39 -75.91 2.22
N HIS I 214 97.69 -77.19 2.46
CA HIS I 214 97.77 -78.15 1.37
C HIS I 214 96.42 -78.42 0.72
N ASN I 215 95.32 -78.04 1.37
CA ASN I 215 94.00 -78.15 0.75
C ASN I 215 93.78 -77.07 -0.30
N ILE I 216 94.52 -75.96 -0.23
CA ILE I 216 94.27 -74.82 -1.10
C ILE I 216 94.99 -75.01 -2.43
N VAL I 217 94.23 -74.94 -3.52
CA VAL I 217 94.78 -75.00 -4.88
C VAL I 217 94.05 -73.94 -5.70
N VAL I 218 94.80 -73.02 -6.30
CA VAL I 218 94.23 -71.85 -6.97
C VAL I 218 94.77 -71.77 -8.39
N CYS I 219 93.91 -71.34 -9.32
CA CYS I 219 94.28 -71.09 -10.70
C CYS I 219 93.64 -69.78 -11.14
N ASP I 220 94.37 -69.00 -11.93
CA ASP I 220 93.88 -67.72 -12.44
C ASP I 220 93.59 -67.84 -13.95
N SER I 221 93.42 -66.68 -14.60
CA SER I 221 93.02 -66.68 -16.00
C SER I 221 94.13 -67.15 -16.92
N LYS I 222 95.40 -66.86 -16.59
CA LYS I 222 96.49 -67.26 -17.46
C LYS I 222 96.77 -68.76 -17.34
N GLY I 223 96.77 -69.28 -16.12
CA GLY I 223 97.03 -70.69 -15.88
C GLY I 223 96.92 -71.04 -14.41
N VAL I 224 97.71 -72.01 -13.97
CA VAL I 224 97.73 -72.43 -12.56
C VAL I 224 98.70 -71.52 -11.81
N ILE I 225 98.28 -71.06 -10.63
CA ILE I 225 99.13 -70.24 -9.77
C ILE I 225 100.05 -71.17 -8.99
N TYR I 226 101.34 -71.16 -9.36
CA TYR I 226 102.35 -71.93 -8.65
C TYR I 226 103.57 -71.05 -8.39
N GLN I 227 104.40 -71.49 -7.45
CA GLN I 227 105.55 -70.70 -7.02
C GLN I 227 106.52 -70.50 -8.18
N GLY I 228 106.83 -69.24 -8.48
CA GLY I 228 107.75 -68.92 -9.55
C GLY I 228 107.13 -68.88 -10.92
N ARG I 229 105.83 -68.57 -11.02
CA ARG I 229 105.19 -68.50 -12.33
C ARG I 229 105.54 -67.22 -13.05
N GLU I 230 105.45 -66.08 -12.38
CA GLU I 230 105.77 -64.79 -12.95
C GLU I 230 106.63 -63.98 -11.99
N PRO I 231 107.52 -63.14 -12.52
CA PRO I 231 108.36 -62.32 -11.62
C PRO I 231 107.55 -61.34 -10.80
N ASN I 232 106.59 -60.65 -11.40
CA ASN I 232 105.69 -59.75 -10.70
C ASN I 232 104.35 -60.47 -10.51
N MET I 233 104.02 -60.78 -9.26
CA MET I 233 102.81 -61.52 -8.93
C MET I 233 102.04 -60.78 -7.85
N ALA I 234 100.72 -60.88 -7.90
CA ALA I 234 99.89 -60.33 -6.85
C ALA I 234 100.16 -61.05 -5.53
N GLU I 235 100.25 -60.28 -4.44
CA GLU I 235 100.54 -60.87 -3.15
C GLU I 235 99.41 -61.77 -2.66
N THR I 236 98.17 -61.49 -3.08
CA THR I 236 97.08 -62.42 -2.81
C THR I 236 97.22 -63.69 -3.64
N LYS I 237 97.82 -63.59 -4.83
CA LYS I 237 98.10 -64.77 -5.64
C LYS I 237 99.26 -65.57 -5.06
N ALA I 238 100.24 -64.90 -4.44
CA ALA I 238 101.44 -65.57 -3.95
C ALA I 238 101.16 -66.34 -2.66
N ALA I 239 100.32 -65.79 -1.79
CA ALA I 239 99.96 -66.48 -0.55
C ALA I 239 99.23 -67.79 -0.83
N TYR I 240 98.59 -67.91 -2.00
CA TYR I 240 97.87 -69.12 -2.37
C TYR I 240 98.49 -69.79 -3.60
N ALA I 241 99.75 -69.51 -3.89
CA ALA I 241 100.46 -70.18 -4.96
C ALA I 241 100.90 -71.56 -4.48
N VAL I 242 100.57 -72.59 -5.26
CA VAL I 242 100.82 -73.98 -4.87
C VAL I 242 102.29 -74.32 -5.04
N VAL I 243 102.72 -75.44 -4.48
CA VAL I 243 104.06 -75.96 -4.72
C VAL I 243 104.16 -76.35 -6.19
N ASP I 244 105.23 -75.89 -6.85
CA ASP I 244 105.36 -76.04 -8.30
C ASP I 244 105.32 -77.51 -8.69
N ASP I 245 104.35 -77.86 -9.52
CA ASP I 245 104.13 -79.24 -9.95
C ASP I 245 104.07 -79.31 -11.47
N GLY I 246 104.02 -80.53 -11.99
CA GLY I 246 103.87 -80.75 -13.41
C GLY I 246 102.53 -80.35 -13.97
N LYS I 247 101.48 -80.33 -13.15
CA LYS I 247 100.16 -79.89 -13.60
C LYS I 247 100.18 -78.38 -13.81
N ARG I 248 99.84 -77.95 -15.03
CA ARG I 248 99.87 -76.54 -15.39
C ARG I 248 98.50 -75.95 -15.68
N THR I 249 97.47 -76.78 -15.86
CA THR I 249 96.13 -76.32 -16.17
C THR I 249 95.18 -76.70 -15.05
N LEU I 250 93.96 -76.16 -15.13
CA LEU I 250 92.94 -76.44 -14.12
C LEU I 250 92.36 -77.83 -14.25
N ASP I 251 92.38 -78.41 -15.46
CA ASP I 251 91.82 -79.74 -15.67
C ASP I 251 92.65 -80.83 -15.02
N ASP I 252 93.93 -80.58 -14.73
CA ASP I 252 94.75 -81.57 -14.05
C ASP I 252 94.52 -81.56 -12.55
N VAL I 253 94.34 -80.38 -11.96
CA VAL I 253 94.11 -80.27 -10.52
C VAL I 253 92.65 -80.44 -10.14
N ILE I 254 91.74 -80.50 -11.11
CA ILE I 254 90.32 -80.66 -10.81
C ILE I 254 90.01 -82.04 -10.26
N GLU I 255 90.91 -83.01 -10.46
CA GLU I 255 90.68 -84.37 -9.99
C GLU I 255 91.24 -84.54 -8.58
N GLY I 256 90.55 -85.34 -7.79
CA GLY I 256 90.93 -85.55 -6.41
C GLY I 256 90.51 -84.45 -5.47
N ALA I 257 89.74 -83.47 -5.94
CA ALA I 257 89.27 -82.36 -5.13
C ALA I 257 87.76 -82.46 -4.91
N ASP I 258 87.30 -81.88 -3.81
CA ASP I 258 85.90 -81.97 -3.41
C ASP I 258 85.10 -80.71 -3.66
N ILE I 259 85.65 -79.53 -3.36
CA ILE I 259 84.92 -78.26 -3.45
C ILE I 259 85.55 -77.39 -4.53
N PHE I 260 84.71 -76.85 -5.41
CA PHE I 260 85.15 -75.97 -6.49
C PHE I 260 84.47 -74.62 -6.34
N LEU I 261 85.27 -73.55 -6.36
CA LEU I 261 84.76 -72.18 -6.32
C LEU I 261 85.08 -71.50 -7.64
N GLY I 262 84.12 -70.74 -8.16
CA GLY I 262 84.31 -70.09 -9.45
C GLY I 262 83.95 -68.62 -9.46
N CYS I 263 84.96 -67.76 -9.64
CA CYS I 263 84.76 -66.33 -9.78
C CYS I 263 85.10 -65.84 -11.20
N SER I 264 85.24 -66.75 -12.15
CA SER I 264 85.62 -66.41 -13.51
C SER I 264 84.37 -66.22 -14.36
N GLY I 265 84.51 -66.29 -15.68
CA GLY I 265 83.40 -66.08 -16.58
C GLY I 265 82.56 -67.33 -16.76
N PRO I 266 81.45 -67.19 -17.47
CA PRO I 266 80.56 -68.33 -17.71
C PRO I 266 81.24 -69.41 -18.56
N LYS I 267 80.68 -70.62 -18.46
CA LYS I 267 81.11 -71.78 -19.23
C LYS I 267 82.58 -72.13 -18.99
N VAL I 268 83.15 -71.72 -17.85
CA VAL I 268 84.51 -72.11 -17.53
C VAL I 268 84.57 -73.57 -17.10
N LEU I 269 83.58 -74.01 -16.30
CA LEU I 269 83.51 -75.39 -15.84
C LEU I 269 82.84 -76.26 -16.88
N THR I 270 83.38 -77.47 -17.07
CA THR I 270 82.86 -78.43 -18.03
C THR I 270 82.24 -79.62 -17.32
N GLN I 271 81.37 -80.33 -18.05
CA GLN I 271 80.74 -81.53 -17.48
C GLN I 271 81.76 -82.63 -17.24
N GLU I 272 82.85 -82.66 -18.00
CA GLU I 272 83.88 -83.67 -17.82
C GLU I 272 84.73 -83.42 -16.59
N MET I 273 84.84 -82.17 -16.14
CA MET I 273 85.61 -81.88 -14.93
C MET I 273 84.85 -82.24 -13.66
N VAL I 274 83.51 -82.19 -13.68
CA VAL I 274 82.74 -82.50 -12.50
C VAL I 274 82.76 -83.99 -12.22
N LYS I 275 82.80 -84.82 -13.26
CA LYS I 275 82.95 -86.26 -13.05
C LYS I 275 84.31 -86.57 -12.43
N LYS I 276 85.35 -85.82 -12.81
CA LYS I 276 86.69 -86.01 -12.25
C LYS I 276 86.76 -85.63 -10.78
N MET I 277 85.82 -84.81 -10.30
CA MET I 277 85.86 -84.34 -8.93
C MET I 277 85.56 -85.49 -7.96
N ALA I 278 85.95 -85.29 -6.70
CA ALA I 278 85.78 -86.32 -5.69
C ALA I 278 84.30 -86.58 -5.42
N ARG I 279 84.04 -87.60 -4.61
CA ARG I 279 82.68 -87.99 -4.29
C ARG I 279 81.98 -86.89 -3.51
N ALA I 280 80.71 -86.65 -3.84
CA ALA I 280 79.88 -85.60 -3.27
C ALA I 280 80.53 -84.23 -3.41
N PRO I 281 80.66 -83.70 -4.63
CA PRO I 281 81.33 -82.42 -4.82
C PRO I 281 80.41 -81.24 -4.56
N MET I 282 81.03 -80.14 -4.13
CA MET I 282 80.33 -78.87 -3.92
C MET I 282 80.79 -77.87 -4.96
N ILE I 283 79.87 -77.40 -5.79
CA ILE I 283 80.15 -76.48 -6.89
C ILE I 283 79.58 -75.12 -6.51
N LEU I 284 80.46 -74.15 -6.26
CA LEU I 284 80.06 -72.77 -5.96
C LEU I 284 80.34 -71.94 -7.22
N ALA I 285 79.29 -71.71 -8.00
CA ALA I 285 79.41 -71.04 -9.29
C ALA I 285 78.68 -69.70 -9.22
N LEU I 286 79.44 -68.61 -9.15
CA LEU I 286 78.89 -67.26 -9.12
C LEU I 286 79.52 -66.45 -10.23
N ALA I 287 78.70 -65.95 -11.15
CA ALA I 287 79.22 -65.14 -12.25
C ALA I 287 78.08 -64.36 -12.89
N ASN I 288 78.45 -63.28 -13.57
CA ASN I 288 77.52 -62.43 -14.29
C ASN I 288 77.79 -62.51 -15.78
N PRO I 289 76.77 -62.79 -16.60
CA PRO I 289 75.40 -63.06 -16.17
C PRO I 289 75.12 -64.55 -15.96
N GLU I 290 76.04 -65.42 -16.39
CA GLU I 290 75.87 -66.85 -16.31
C GLU I 290 77.00 -67.47 -15.48
N PRO I 291 76.67 -68.41 -14.59
CA PRO I 291 77.72 -69.06 -13.78
C PRO I 291 78.62 -69.94 -14.63
N GLU I 292 79.68 -70.46 -13.98
CA GLU I 292 80.70 -71.21 -14.70
C GLU I 292 80.13 -72.49 -15.31
N ILE I 293 79.22 -73.15 -14.61
CA ILE I 293 78.50 -74.29 -15.17
C ILE I 293 77.02 -74.12 -14.86
N LEU I 294 76.18 -74.53 -15.79
CA LEU I 294 74.75 -74.50 -15.53
C LEU I 294 74.39 -75.58 -14.52
N PRO I 295 73.52 -75.28 -13.56
CA PRO I 295 73.20 -76.25 -12.49
C PRO I 295 72.67 -77.57 -13.03
N PRO I 296 71.82 -77.58 -14.07
CA PRO I 296 71.40 -78.88 -14.62
C PRO I 296 72.55 -79.70 -15.19
N LEU I 297 73.40 -79.09 -16.03
CA LEU I 297 74.46 -79.85 -16.68
C LEU I 297 75.41 -80.48 -15.66
N ALA I 298 75.56 -79.85 -14.49
CA ALA I 298 76.35 -80.45 -13.42
C ALA I 298 75.57 -81.49 -12.63
N LYS I 299 74.24 -81.44 -12.68
CA LYS I 299 73.41 -82.42 -11.98
C LYS I 299 73.27 -83.72 -12.76
N GLU I 300 73.30 -83.65 -14.10
CA GLU I 300 73.15 -84.85 -14.92
C GLU I 300 74.38 -85.75 -14.80
N VAL I 301 75.57 -85.17 -14.76
CA VAL I 301 76.79 -85.97 -14.74
C VAL I 301 77.08 -86.51 -13.35
N ARG I 302 76.68 -85.79 -12.30
CA ARG I 302 76.89 -86.21 -10.92
C ARG I 302 75.64 -85.91 -10.10
N PRO I 303 74.84 -86.92 -9.74
CA PRO I 303 73.64 -86.65 -8.94
C PRO I 303 73.96 -86.12 -7.54
N ASP I 304 75.08 -86.53 -6.96
CA ASP I 304 75.43 -86.15 -5.60
C ASP I 304 75.89 -84.69 -5.49
N ALA I 305 76.03 -83.99 -6.61
CA ALA I 305 76.63 -82.66 -6.58
C ALA I 305 75.71 -81.65 -5.92
N ILE I 306 76.31 -80.71 -5.19
CA ILE I 306 75.61 -79.58 -4.58
C ILE I 306 76.11 -78.31 -5.26
N ILE I 307 75.20 -77.62 -5.94
CA ILE I 307 75.54 -76.47 -6.77
C ILE I 307 74.96 -75.20 -6.14
N CYS I 308 75.75 -74.13 -6.13
CA CYS I 308 75.33 -72.82 -5.64
C CYS I 308 75.49 -71.81 -6.77
N THR I 309 74.47 -70.98 -6.98
CA THR I 309 74.48 -70.01 -8.06
C THR I 309 73.97 -68.67 -7.56
N GLY I 310 74.31 -67.62 -8.31
CA GLY I 310 73.82 -66.28 -8.00
C GLY I 310 72.45 -65.99 -8.56
N ARG I 311 72.02 -66.73 -9.57
CA ARG I 311 70.68 -66.54 -10.11
C ARG I 311 69.64 -66.95 -9.09
N SER I 312 68.54 -66.19 -9.05
CA SER I 312 67.57 -66.29 -7.97
C SER I 312 66.53 -67.40 -8.16
N ASP I 313 66.65 -68.21 -9.21
CA ASP I 313 65.68 -69.27 -9.46
C ASP I 313 66.20 -70.65 -9.11
N TYR I 314 67.51 -70.86 -9.16
CA TYR I 314 68.09 -72.15 -8.84
C TYR I 314 68.29 -72.30 -7.34
N PRO I 315 68.33 -73.53 -6.84
CA PRO I 315 68.51 -73.74 -5.40
C PRO I 315 69.83 -73.18 -4.89
N ASN I 316 69.85 -72.83 -3.61
CA ASN I 316 71.03 -72.29 -2.94
C ASN I 316 71.53 -71.03 -3.64
N GLN I 317 70.69 -69.99 -3.61
CA GLN I 317 71.04 -68.73 -4.26
C GLN I 317 71.89 -67.87 -3.33
N VAL I 318 73.01 -67.40 -3.85
CA VAL I 318 73.89 -66.50 -3.13
C VAL I 318 73.54 -65.08 -3.55
N ASN I 319 72.97 -64.32 -2.63
CA ASN I 319 72.61 -62.93 -2.86
C ASN I 319 73.38 -62.04 -1.91
N ASN I 320 73.99 -60.98 -2.43
CA ASN I 320 74.72 -60.05 -1.58
C ASN I 320 73.80 -59.42 -0.55
N VAL I 321 72.52 -59.28 -0.87
CA VAL I 321 71.56 -58.66 0.05
C VAL I 321 71.34 -59.48 1.32
N LEU I 322 71.87 -60.71 1.37
CA LEU I 322 71.64 -61.58 2.52
C LEU I 322 72.38 -61.13 3.77
N CYS I 323 73.39 -60.27 3.65
CA CYS I 323 74.29 -60.06 4.78
C CYS I 323 74.61 -58.60 5.05
N PHE I 324 74.96 -57.83 4.02
CA PHE I 324 75.51 -56.49 4.25
C PHE I 324 74.61 -55.56 5.04
N PRO I 325 73.27 -55.63 4.96
CA PRO I 325 72.48 -54.77 5.87
C PRO I 325 72.49 -55.27 7.31
N PHE I 326 72.33 -56.59 7.49
CA PHE I 326 72.24 -57.14 8.84
C PHE I 326 73.59 -57.14 9.54
N ILE I 327 74.68 -57.18 8.78
CA ILE I 327 76.00 -56.97 9.36
C ILE I 327 76.17 -55.52 9.79
N PHE I 328 75.83 -54.59 8.90
CA PHE I 328 75.95 -53.17 9.21
C PHE I 328 75.03 -52.78 10.38
N ARG I 329 73.89 -53.46 10.52
CA ARG I 329 72.98 -53.14 11.61
C ARG I 329 73.60 -53.50 12.96
N GLY I 330 74.27 -54.64 13.04
CA GLY I 330 74.98 -54.98 14.26
C GLY I 330 76.15 -54.05 14.53
N ALA I 331 76.73 -53.47 13.49
CA ALA I 331 77.83 -52.54 13.68
C ALA I 331 77.34 -51.20 14.23
N LEU I 332 76.18 -50.73 13.74
CA LEU I 332 75.67 -49.44 14.19
C LEU I 332 74.90 -49.54 15.49
N ASP I 333 74.41 -50.72 15.84
CA ASP I 333 73.78 -50.90 17.14
C ASP I 333 74.78 -50.74 18.29
N VAL I 334 76.07 -50.85 18.00
CA VAL I 334 77.09 -50.67 19.02
C VAL I 334 78.13 -49.62 18.64
N GLY I 335 78.23 -49.24 17.36
CA GLY I 335 79.16 -48.21 16.94
C GLY I 335 80.59 -48.69 16.85
N ALA I 336 80.84 -49.66 15.97
CA ALA I 336 82.17 -50.22 15.84
C ALA I 336 83.11 -49.24 15.12
N THR I 337 84.41 -49.50 15.25
CA THR I 337 85.42 -48.71 14.58
C THR I 337 85.82 -49.28 13.23
N ALA I 338 85.59 -50.56 13.01
CA ALA I 338 85.75 -51.21 11.72
C ALA I 338 84.94 -52.49 11.76
N ILE I 339 85.08 -53.33 10.74
CA ILE I 339 84.50 -54.66 10.72
C ILE I 339 85.64 -55.66 10.56
N ASN I 340 85.97 -56.36 11.63
CA ASN I 340 87.08 -57.30 11.65
C ASN I 340 86.54 -58.72 11.44
N GLU I 341 87.37 -59.72 11.76
CA GLU I 341 86.99 -61.10 11.49
C GLU I 341 86.12 -61.70 12.59
N GLU I 342 86.23 -61.17 13.82
CA GLU I 342 85.29 -61.57 14.87
C GLU I 342 83.86 -61.32 14.44
N MET I 343 83.62 -60.20 13.76
CA MET I 343 82.27 -59.84 13.35
C MET I 343 81.86 -60.61 12.08
N LYS I 344 82.78 -60.77 11.12
CA LYS I 344 82.43 -61.45 9.88
C LYS I 344 82.15 -62.93 10.12
N LEU I 345 82.95 -63.59 10.96
CA LEU I 345 82.69 -64.99 11.27
C LEU I 345 81.40 -65.15 12.05
N ALA I 346 81.11 -64.21 12.96
CA ALA I 346 79.86 -64.27 13.71
C ALA I 346 78.67 -64.20 12.78
N ALA I 347 78.86 -63.62 11.59
CA ALA I 347 77.79 -63.59 10.61
C ALA I 347 77.79 -64.87 9.77
N VAL I 348 78.98 -65.40 9.49
CA VAL I 348 79.07 -66.65 8.73
C VAL I 348 78.34 -67.77 9.46
N ARG I 349 78.51 -67.84 10.78
CA ARG I 349 77.86 -68.88 11.56
C ARG I 349 76.39 -68.58 11.80
N ALA I 350 76.01 -67.30 11.87
CA ALA I 350 74.61 -66.96 12.08
C ALA I 350 73.75 -67.33 10.89
N ILE I 351 74.33 -67.40 9.69
CA ILE I 351 73.57 -67.79 8.51
C ILE I 351 73.50 -69.31 8.40
N ALA I 352 74.61 -70.00 8.65
CA ALA I 352 74.60 -71.45 8.61
C ALA I 352 73.67 -72.03 9.68
N GLU I 353 73.65 -71.42 10.85
CA GLU I 353 72.77 -71.89 11.93
C GLU I 353 71.31 -71.58 11.67
N LEU I 354 71.00 -70.80 10.63
CA LEU I 354 69.61 -70.58 10.23
C LEU I 354 69.09 -71.71 9.36
N ALA I 355 69.97 -72.49 8.73
CA ALA I 355 69.57 -73.69 8.03
C ALA I 355 69.19 -74.83 8.98
N HIS I 356 69.33 -74.62 10.29
CA HIS I 356 68.92 -75.60 11.29
C HIS I 356 67.76 -75.04 12.10
N ALA I 357 66.66 -74.73 11.43
CA ALA I 357 65.54 -74.08 12.08
C ALA I 357 64.79 -75.04 12.99
N GLU I 358 64.28 -74.51 14.10
CA GLU I 358 63.44 -75.30 14.99
C GLU I 358 62.17 -75.75 14.26
N GLN I 359 61.62 -76.87 14.71
CA GLN I 359 60.42 -77.39 14.07
C GLN I 359 59.21 -76.51 14.44
N SER I 360 58.30 -76.36 13.47
CA SER I 360 57.10 -75.54 13.61
C SER I 360 57.40 -74.07 13.87
N GLU I 361 58.68 -73.70 13.96
CA GLU I 361 59.03 -72.30 14.14
C GLU I 361 58.71 -71.50 12.89
N VAL I 362 58.83 -72.12 11.71
CA VAL I 362 58.41 -71.46 10.47
C VAL I 362 56.89 -71.44 10.39
N VAL I 363 56.34 -70.33 9.95
CA VAL I 363 54.90 -70.20 9.75
C VAL I 363 54.56 -70.80 8.38
N ALA I 364 53.96 -71.98 8.38
CA ALA I 364 53.68 -72.69 7.14
C ALA I 364 52.77 -71.85 6.24
N SER I 365 53.16 -71.74 4.97
CA SER I 365 52.38 -71.04 3.96
C SER I 365 52.11 -72.01 2.82
N ALA I 366 50.86 -72.47 2.72
CA ALA I 366 50.52 -73.49 1.74
C ALA I 366 50.69 -72.98 0.31
N TYR I 367 50.30 -71.73 0.05
CA TYR I 367 50.45 -71.16 -1.28
C TYR I 367 51.92 -71.04 -1.67
N GLY I 368 52.81 -70.88 -0.70
CA GLY I 368 54.22 -70.72 -1.02
C GLY I 368 54.87 -72.04 -1.42
N ASP I 369 54.46 -73.14 -0.80
CA ASP I 369 55.12 -74.44 -0.95
C ASP I 369 56.57 -74.23 -0.54
N GLN I 370 57.54 -74.74 -1.29
CA GLN I 370 58.96 -74.49 -1.05
C GLN I 370 59.33 -74.81 0.40
N ASP I 371 59.29 -76.11 0.70
CA ASP I 371 59.57 -76.56 2.06
C ASP I 371 60.97 -76.16 2.48
N LEU I 372 61.11 -75.83 3.77
CA LEU I 372 62.35 -75.27 4.31
C LEU I 372 63.20 -76.31 5.04
N SER I 373 62.99 -77.60 4.76
CA SER I 373 63.76 -78.64 5.45
C SER I 373 65.19 -78.67 4.94
N PHE I 374 66.12 -78.86 5.88
CA PHE I 374 67.54 -78.84 5.55
C PHE I 374 67.90 -80.01 4.63
N GLY I 375 68.59 -79.71 3.54
CA GLY I 375 69.00 -80.72 2.60
C GLY I 375 69.99 -80.18 1.58
N PRO I 376 70.34 -80.99 0.58
CA PRO I 376 71.26 -80.51 -0.47
C PRO I 376 70.69 -79.35 -1.26
N GLU I 377 69.36 -79.29 -1.42
CA GLU I 377 68.74 -78.16 -2.12
C GLU I 377 68.69 -76.91 -1.25
N TYR I 378 68.71 -77.08 0.07
CA TYR I 378 68.59 -75.98 1.03
C TYR I 378 69.78 -76.01 1.99
N ILE I 379 70.88 -75.40 1.57
CA ILE I 379 72.00 -75.09 2.47
C ILE I 379 72.14 -73.61 2.72
N ILE I 380 71.48 -72.77 1.94
CA ILE I 380 71.48 -71.32 2.12
C ILE I 380 70.03 -70.87 2.24
N PRO I 381 69.69 -70.02 3.20
CA PRO I 381 68.31 -69.51 3.29
C PRO I 381 68.01 -68.54 2.15
N LYS I 382 66.72 -68.23 2.02
CA LYS I 382 66.25 -67.35 0.95
C LYS I 382 66.74 -65.92 1.18
N PRO I 383 66.98 -65.16 0.11
CA PRO I 383 67.53 -63.81 0.27
C PRO I 383 66.63 -62.85 1.04
N PHE I 384 65.33 -62.89 0.79
CA PHE I 384 64.41 -61.98 1.44
C PHE I 384 63.80 -62.55 2.71
N ASP I 385 64.37 -63.62 3.24
CA ASP I 385 63.92 -64.16 4.51
C ASP I 385 64.02 -63.10 5.61
N PRO I 386 62.93 -62.74 6.27
CA PRO I 386 63.03 -61.74 7.35
C PRO I 386 63.67 -62.29 8.61
N ARG I 387 63.95 -63.59 8.69
CA ARG I 387 64.64 -64.15 9.84
C ARG I 387 66.12 -63.79 9.88
N LEU I 388 66.62 -63.05 8.89
CA LEU I 388 68.04 -62.71 8.85
C LEU I 388 68.38 -61.67 9.91
N ILE I 389 67.56 -60.63 10.06
CA ILE I 389 67.88 -59.56 10.98
C ILE I 389 67.81 -60.00 12.43
N VAL I 390 67.08 -61.09 12.72
CA VAL I 390 66.93 -61.53 14.10
C VAL I 390 68.15 -62.32 14.58
N LYS I 391 68.93 -62.90 13.67
CA LYS I 391 70.10 -63.70 14.03
C LYS I 391 71.42 -62.97 13.76
N ILE I 392 71.56 -62.36 12.59
CA ILE I 392 72.84 -61.77 12.21
C ILE I 392 73.18 -60.57 13.09
N ALA I 393 72.24 -59.63 13.22
CA ALA I 393 72.55 -58.40 13.93
C ALA I 393 72.92 -58.60 15.40
N PRO I 394 72.27 -59.47 16.17
CA PRO I 394 72.77 -59.70 17.55
C PRO I 394 74.13 -60.39 17.59
N ALA I 395 74.36 -61.37 16.70
CA ALA I 395 75.64 -62.07 16.70
C ALA I 395 76.77 -61.15 16.26
N VAL I 396 76.48 -60.19 15.38
CA VAL I 396 77.50 -59.22 14.97
C VAL I 396 77.80 -58.25 16.10
N ALA I 397 76.77 -57.77 16.80
CA ALA I 397 76.99 -56.84 17.90
C ALA I 397 77.72 -57.52 19.06
N LYS I 398 77.37 -58.76 19.36
CA LYS I 398 78.03 -59.48 20.44
C LYS I 398 79.52 -59.68 20.15
N ALA I 399 79.86 -59.98 18.89
CA ALA I 399 81.25 -60.17 18.52
C ALA I 399 82.03 -58.86 18.55
N ALA I 400 81.34 -57.73 18.36
CA ALA I 400 82.01 -56.44 18.47
C ALA I 400 82.28 -56.05 19.92
N MET I 401 81.42 -56.50 20.86
CA MET I 401 81.72 -56.31 22.27
C MET I 401 82.95 -57.11 22.68
N GLU I 402 83.02 -58.37 22.28
CA GLU I 402 84.13 -59.22 22.65
C GLU I 402 85.44 -58.74 22.04
N SER I 403 85.42 -58.35 20.76
CA SER I 403 86.61 -57.76 20.16
C SER I 403 86.91 -56.39 20.76
N GLY I 404 85.90 -55.71 21.29
CA GLY I 404 86.08 -54.44 21.97
C GLY I 404 85.84 -53.22 21.11
N VAL I 405 85.66 -53.38 19.80
CA VAL I 405 85.45 -52.23 18.93
C VAL I 405 84.14 -51.52 19.21
N ALA I 406 83.24 -52.14 19.96
CA ALA I 406 81.94 -51.55 20.26
C ALA I 406 82.08 -50.43 21.29
N THR I 407 81.52 -49.26 20.97
CA THR I 407 81.46 -48.16 21.91
C THR I 407 80.18 -48.10 22.71
N ARG I 408 79.21 -48.98 22.41
CA ARG I 408 77.93 -48.98 23.09
C ARG I 408 77.57 -50.40 23.52
N PRO I 409 77.05 -50.57 24.73
CA PRO I 409 76.71 -51.91 25.22
C PRO I 409 75.30 -52.33 24.84
N ILE I 410 75.18 -53.57 24.39
CA ILE I 410 73.87 -54.18 24.24
C ILE I 410 73.43 -54.62 25.64
N ALA I 411 72.83 -53.68 26.38
CA ALA I 411 72.52 -53.92 27.79
C ALA I 411 71.60 -55.12 27.95
N ASP I 412 70.56 -55.20 27.12
CA ASP I 412 69.66 -56.35 27.10
C ASP I 412 69.58 -56.87 25.67
N PHE I 413 70.05 -58.11 25.46
CA PHE I 413 69.88 -58.73 24.15
C PHE I 413 68.41 -58.97 23.84
N ASP I 414 67.60 -59.25 24.86
CA ASP I 414 66.18 -59.47 24.66
C ASP I 414 65.49 -58.23 24.14
N VAL I 415 65.87 -57.05 24.67
CA VAL I 415 65.27 -55.80 24.22
C VAL I 415 65.52 -55.60 22.73
N TYR I 416 66.72 -55.93 22.26
CA TYR I 416 67.00 -55.83 20.83
C TYR I 416 66.23 -56.88 20.04
N ILE I 417 66.17 -58.12 20.54
CA ILE I 417 65.38 -59.16 19.88
C ILE I 417 63.95 -58.69 19.65
N ASP I 418 63.42 -57.89 20.58
CA ASP I 418 62.06 -57.36 20.42
C ASP I 418 62.00 -56.35 19.28
N LYS I 419 62.97 -55.44 19.21
CA LYS I 419 63.01 -54.48 18.11
C LYS I 419 63.07 -55.19 16.77
N LEU I 420 63.72 -56.36 16.72
CA LEU I 420 63.80 -57.12 15.49
C LEU I 420 62.43 -57.64 15.06
N THR I 421 61.60 -58.04 16.02
CA THR I 421 60.28 -58.56 15.70
C THR I 421 59.39 -57.53 15.04
N GLU I 422 59.62 -56.24 15.30
CA GLU I 422 58.85 -55.21 14.60
C GLU I 422 59.21 -55.14 13.13
N PHE I 423 60.46 -55.47 12.77
CA PHE I 423 60.89 -55.32 11.38
C PHE I 423 60.52 -56.52 10.52
N VAL I 424 60.35 -57.70 11.13
CA VAL I 424 59.91 -58.85 10.35
C VAL I 424 58.43 -58.73 9.95
N TYR I 425 57.63 -58.05 10.77
CA TYR I 425 56.22 -57.88 10.43
C TYR I 425 56.04 -57.06 9.17
N LYS I 426 56.82 -55.97 9.02
CA LYS I 426 56.60 -55.06 7.90
C LYS I 426 57.13 -55.58 6.57
N THR I 427 58.09 -56.50 6.58
CA THR I 427 58.79 -56.87 5.35
C THR I 427 58.09 -57.95 4.54
N ASN I 428 57.02 -58.54 5.03
CA ASN I 428 56.45 -59.72 4.38
C ASN I 428 55.91 -59.36 2.99
N LEU I 429 56.23 -60.21 2.01
CA LEU I 429 55.98 -59.96 0.60
C LEU I 429 54.75 -60.68 0.06
N PHE I 430 54.58 -61.96 0.40
CA PHE I 430 53.40 -62.78 0.05
C PHE I 430 52.97 -62.65 -1.41
N MET I 431 53.91 -62.31 -2.30
CA MET I 431 53.62 -62.23 -3.73
C MET I 431 54.42 -63.25 -4.52
N LYS I 432 55.75 -63.25 -4.38
CA LYS I 432 56.55 -64.29 -5.01
C LYS I 432 56.02 -65.69 -4.77
N PRO I 433 55.55 -66.07 -3.57
CA PRO I 433 54.95 -67.41 -3.43
C PRO I 433 53.79 -67.64 -4.37
N ILE I 434 52.88 -66.66 -4.48
CA ILE I 434 51.69 -66.82 -5.30
C ILE I 434 52.09 -67.02 -6.76
N PHE I 435 52.96 -66.16 -7.28
CA PHE I 435 53.44 -66.29 -8.65
C PHE I 435 54.02 -67.67 -8.90
N SER I 436 54.89 -68.14 -8.00
CA SER I 436 55.56 -69.42 -8.20
C SER I 436 54.56 -70.57 -8.19
N GLN I 437 53.57 -70.52 -7.30
CA GLN I 437 52.54 -71.55 -7.30
C GLN I 437 51.70 -71.51 -8.57
N ALA I 438 51.57 -70.32 -9.18
CA ALA I 438 50.86 -70.22 -10.45
C ALA I 438 51.68 -70.78 -11.59
N ARG I 439 53.01 -70.60 -11.54
CA ARG I 439 53.88 -71.13 -12.59
C ARG I 439 53.83 -72.65 -12.65
N LYS I 440 53.65 -73.31 -11.51
CA LYS I 440 53.67 -74.77 -11.47
C LYS I 440 52.41 -75.35 -12.11
N ALA I 441 51.24 -74.76 -11.86
CA ALA I 441 49.98 -75.27 -12.39
C ALA I 441 49.14 -74.12 -12.92
N PRO I 442 49.38 -73.71 -14.16
CA PRO I 442 48.52 -72.68 -14.77
C PRO I 442 47.14 -73.26 -15.06
N LYS I 443 46.12 -72.40 -14.93
CA LYS I 443 44.73 -72.80 -15.12
C LYS I 443 44.07 -71.82 -16.09
N ARG I 444 42.88 -72.18 -16.57
CA ARG I 444 42.15 -71.36 -17.53
C ARG I 444 41.47 -70.20 -16.81
N VAL I 445 41.80 -68.97 -17.23
CA VAL I 445 41.24 -67.75 -16.64
C VAL I 445 40.57 -66.95 -17.74
N VAL I 446 39.33 -66.54 -17.49
CA VAL I 446 38.53 -65.79 -18.45
C VAL I 446 38.47 -64.34 -18.01
N LEU I 447 38.78 -63.42 -18.92
CA LEU I 447 38.67 -61.99 -18.66
C LEU I 447 37.58 -61.39 -19.53
N PRO I 448 36.50 -60.87 -18.94
CA PRO I 448 35.41 -60.35 -19.78
C PRO I 448 35.77 -59.08 -20.53
N GLU I 449 36.53 -58.17 -19.91
CA GLU I 449 36.89 -56.90 -20.55
C GLU I 449 38.13 -57.08 -21.44
N GLY I 450 38.00 -58.02 -22.39
CA GLY I 450 39.09 -58.30 -23.31
C GLY I 450 39.44 -57.12 -24.19
N GLU I 451 38.44 -56.32 -24.58
CA GLU I 451 38.72 -55.12 -25.37
C GLU I 451 39.44 -54.06 -24.55
N GLU I 452 39.22 -54.06 -23.24
CA GLU I 452 39.82 -53.03 -22.39
C GLU I 452 41.34 -53.05 -22.50
N ALA I 453 41.93 -51.86 -22.61
CA ALA I 453 43.36 -51.75 -22.86
C ALA I 453 44.18 -52.35 -21.71
N ARG I 454 43.80 -52.05 -20.47
CA ARG I 454 44.58 -52.52 -19.33
C ARG I 454 44.58 -54.04 -19.24
N VAL I 455 43.47 -54.69 -19.59
CA VAL I 455 43.42 -56.15 -19.56
C VAL I 455 44.39 -56.73 -20.57
N LEU I 456 44.52 -56.08 -21.73
CA LEU I 456 45.41 -56.59 -22.77
C LEU I 456 46.86 -56.56 -22.31
N HIS I 457 47.30 -55.44 -21.73
CA HIS I 457 48.66 -55.36 -21.19
C HIS I 457 48.93 -56.47 -20.20
N ALA I 458 47.95 -56.77 -19.34
CA ALA I 458 48.12 -57.84 -18.36
C ALA I 458 48.20 -59.20 -19.04
N THR I 459 47.43 -59.40 -20.11
CA THR I 459 47.43 -60.69 -20.78
C THR I 459 48.81 -61.03 -21.32
N GLN I 460 49.53 -60.03 -21.85
CA GLN I 460 50.90 -60.26 -22.29
C GLN I 460 51.80 -60.57 -21.11
N GLU I 461 51.69 -59.80 -20.03
CA GLU I 461 52.53 -60.04 -18.85
C GLU I 461 52.25 -61.41 -18.26
N LEU I 462 50.99 -61.85 -18.30
CA LEU I 462 50.67 -63.21 -17.86
C LEU I 462 51.27 -64.25 -18.80
N VAL I 463 51.24 -63.97 -20.11
CA VAL I 463 51.86 -64.87 -21.07
C VAL I 463 53.38 -64.88 -20.92
N THR I 464 53.96 -63.69 -20.70
CA THR I 464 55.42 -63.60 -20.55
C THR I 464 55.91 -64.40 -19.36
N LEU I 465 55.23 -64.29 -18.22
CA LEU I 465 55.63 -64.99 -17.01
C LEU I 465 55.06 -66.39 -16.91
N GLY I 466 54.27 -66.83 -17.90
CA GLY I 466 53.72 -68.18 -17.89
C GLY I 466 52.86 -68.50 -16.68
N LEU I 467 52.01 -67.55 -16.25
CA LEU I 467 51.24 -67.73 -15.03
C LEU I 467 49.96 -68.53 -15.26
N ALA I 468 49.23 -68.24 -16.32
CA ALA I 468 47.95 -68.91 -16.56
C ALA I 468 47.57 -68.79 -18.03
N LYS I 469 46.51 -69.53 -18.39
CA LYS I 469 46.01 -69.57 -19.76
C LYS I 469 44.92 -68.52 -19.94
N PRO I 470 45.16 -67.44 -20.71
CA PRO I 470 44.20 -66.35 -20.77
C PRO I 470 43.13 -66.52 -21.85
N ILE I 471 41.87 -66.32 -21.46
CA ILE I 471 40.74 -66.28 -22.39
C ILE I 471 40.09 -64.90 -22.26
N LEU I 472 39.97 -64.20 -23.38
CA LEU I 472 39.40 -62.86 -23.40
C LEU I 472 38.07 -62.87 -24.15
N ILE I 473 37.16 -62.00 -23.73
CA ILE I 473 35.82 -61.92 -24.30
C ILE I 473 35.61 -60.56 -24.92
N GLY I 474 34.98 -60.54 -26.08
CA GLY I 474 34.71 -59.31 -26.79
C GLY I 474 34.73 -59.58 -28.28
N ARG I 475 34.63 -58.49 -29.04
CA ARG I 475 34.76 -58.58 -30.49
C ARG I 475 36.21 -58.83 -30.85
N PRO I 476 36.53 -59.93 -31.55
CA PRO I 476 37.94 -60.23 -31.82
C PRO I 476 38.66 -59.12 -32.55
N ASN I 477 37.93 -58.34 -33.34
CA ASN I 477 38.55 -57.36 -34.24
C ASN I 477 39.01 -56.13 -33.48
N VAL I 478 38.26 -55.71 -32.46
CA VAL I 478 38.70 -54.58 -31.65
C VAL I 478 39.92 -54.95 -30.82
N ILE I 479 39.98 -56.21 -30.36
CA ILE I 479 41.11 -56.67 -29.57
C ILE I 479 42.38 -56.67 -30.42
N GLU I 480 42.30 -57.26 -31.61
CA GLU I 480 43.48 -57.33 -32.48
C GLU I 480 43.98 -55.95 -32.87
N MET I 481 43.06 -55.03 -33.16
CA MET I 481 43.44 -53.67 -33.54
C MET I 481 44.19 -52.97 -32.41
N ARG I 482 43.63 -53.02 -31.19
CA ARG I 482 44.29 -52.37 -30.07
C ARG I 482 45.61 -53.04 -29.72
N ILE I 483 45.70 -54.36 -29.92
CA ILE I 483 46.94 -55.09 -29.65
C ILE I 483 48.07 -54.56 -30.51
N GLN I 484 47.81 -54.35 -31.80
CA GLN I 484 48.88 -53.90 -32.69
C GLN I 484 49.30 -52.46 -32.40
N LYS I 485 48.39 -51.64 -31.86
CA LYS I 485 48.77 -50.28 -31.50
C LYS I 485 49.66 -50.28 -30.26
N LEU I 486 49.39 -51.17 -29.30
CA LEU I 486 50.17 -51.21 -28.07
C LEU I 486 51.58 -51.75 -28.32
N GLY I 487 51.74 -52.66 -29.27
CA GLY I 487 53.02 -53.30 -29.53
C GLY I 487 53.16 -54.69 -28.97
N LEU I 488 52.08 -55.26 -28.43
CA LEU I 488 52.16 -56.58 -27.81
C LEU I 488 52.32 -57.68 -28.85
N GLN I 489 53.14 -58.68 -28.52
CA GLN I 489 53.47 -59.76 -29.43
C GLN I 489 52.60 -60.99 -29.21
N ILE I 490 51.51 -60.87 -28.48
CA ILE I 490 50.63 -62.01 -28.24
C ILE I 490 49.90 -62.40 -29.53
N LYS I 491 49.73 -63.70 -29.73
CA LYS I 491 49.19 -64.24 -30.98
C LYS I 491 47.85 -64.89 -30.70
N ALA I 492 46.83 -64.47 -31.46
CA ALA I 492 45.50 -65.02 -31.28
C ALA I 492 45.47 -66.51 -31.63
N GLY I 493 44.61 -67.26 -30.92
CA GLY I 493 44.51 -68.70 -31.06
C GLY I 493 45.70 -69.49 -30.56
N VAL I 494 46.78 -68.82 -30.14
CA VAL I 494 47.98 -69.51 -29.66
C VAL I 494 48.24 -69.11 -28.21
N ASP I 495 48.60 -67.84 -27.98
CA ASP I 495 48.86 -67.37 -26.62
C ASP I 495 47.57 -67.25 -25.83
N PHE I 496 46.50 -66.76 -26.46
CA PHE I 496 45.21 -66.56 -25.81
C PHE I 496 44.10 -66.92 -26.77
N GLU I 497 42.94 -67.28 -26.22
CA GLU I 497 41.77 -67.65 -27.00
C GLU I 497 40.69 -66.61 -26.77
N ILE I 498 40.14 -66.07 -27.86
CA ILE I 498 39.10 -65.05 -27.79
C ILE I 498 37.75 -65.71 -27.96
N VAL I 499 36.81 -65.38 -27.08
CA VAL I 499 35.40 -65.75 -27.21
C VAL I 499 34.65 -64.51 -27.69
N ASN I 500 33.93 -64.66 -28.81
CA ASN I 500 33.24 -63.54 -29.43
C ASN I 500 31.79 -63.52 -28.91
N ASN I 501 31.39 -62.38 -28.31
CA ASN I 501 30.08 -62.30 -27.70
C ASN I 501 28.96 -62.29 -28.74
N GLU I 502 29.26 -61.84 -29.97
CA GLU I 502 28.23 -61.75 -31.00
C GLU I 502 27.82 -63.14 -31.51
N SER I 503 28.78 -64.03 -31.71
CA SER I 503 28.50 -65.36 -32.25
C SER I 503 29.29 -66.41 -31.51
N ASP I 504 28.63 -67.52 -31.19
CA ASP I 504 29.26 -68.64 -30.51
C ASP I 504 28.44 -69.89 -30.79
N PRO I 505 29.07 -71.05 -30.98
CA PRO I 505 28.28 -72.26 -31.26
C PRO I 505 27.48 -72.75 -30.07
N ARG I 506 28.01 -72.62 -28.86
CA ARG I 506 27.31 -73.03 -27.65
C ARG I 506 26.37 -71.96 -27.11
N PHE I 507 26.01 -70.98 -27.95
CA PHE I 507 25.19 -69.86 -27.51
C PHE I 507 23.83 -70.33 -27.01
N LYS I 508 23.24 -71.32 -27.67
CA LYS I 508 21.96 -71.85 -27.21
C LYS I 508 22.10 -72.51 -25.85
N GLU I 509 23.18 -73.26 -25.64
CA GLU I 509 23.39 -73.92 -24.36
C GLU I 509 23.62 -72.91 -23.25
N TYR I 510 24.22 -71.77 -23.57
CA TYR I 510 24.54 -70.77 -22.55
C TYR I 510 23.29 -70.10 -22.00
N TRP I 511 22.33 -69.75 -22.88
CA TRP I 511 21.12 -69.09 -22.38
C TRP I 511 20.21 -70.08 -21.68
N THR I 512 20.16 -71.32 -22.14
CA THR I 512 19.34 -72.33 -21.46
C THR I 512 19.85 -72.57 -20.05
N GLU I 513 21.17 -72.53 -19.86
CA GLU I 513 21.74 -72.65 -18.51
C GLU I 513 21.45 -71.40 -17.69
N TYR I 514 21.67 -70.22 -18.27
CA TYR I 514 21.33 -68.98 -17.57
C TYR I 514 19.85 -68.89 -17.28
N PHE I 515 19.01 -69.48 -18.12
CA PHE I 515 17.57 -69.47 -17.88
C PHE I 515 17.20 -70.38 -16.72
N GLN I 516 17.82 -71.55 -16.64
CA GLN I 516 17.46 -72.49 -15.58
C GLN I 516 17.81 -71.97 -14.20
N ILE I 517 18.83 -71.14 -14.08
CA ILE I 517 19.20 -70.59 -12.79
C ILE I 517 18.44 -69.30 -12.46
N MET I 518 18.04 -68.53 -13.47
CA MET I 518 17.45 -67.21 -13.26
C MET I 518 15.99 -67.12 -13.70
N LYS I 519 15.34 -68.23 -14.03
CA LYS I 519 13.94 -68.16 -14.45
C LYS I 519 13.04 -67.71 -13.30
N ARG I 520 13.38 -68.12 -12.08
CA ARG I 520 12.64 -67.70 -10.90
C ARG I 520 13.10 -66.34 -10.37
N ARG I 521 14.16 -65.77 -10.95
CA ARG I 521 14.67 -64.47 -10.56
C ARG I 521 14.34 -63.38 -11.59
N GLY I 522 13.24 -63.57 -12.32
CA GLY I 522 12.76 -62.54 -13.22
C GLY I 522 13.49 -62.42 -14.53
N VAL I 523 14.16 -63.48 -14.98
CA VAL I 523 14.87 -63.48 -16.25
C VAL I 523 14.09 -64.35 -17.23
N THR I 524 13.62 -63.73 -18.31
CA THR I 524 12.88 -64.45 -19.33
C THR I 524 13.83 -65.10 -20.33
N GLN I 525 13.27 -65.97 -21.18
CA GLN I 525 14.09 -66.59 -22.22
C GLN I 525 14.65 -65.55 -23.18
N GLU I 526 13.82 -64.58 -23.59
CA GLU I 526 14.28 -63.53 -24.49
C GLU I 526 15.32 -62.64 -23.83
N GLN I 527 15.17 -62.39 -22.53
CA GLN I 527 16.14 -61.58 -21.82
C GLN I 527 17.49 -62.27 -21.72
N ALA I 528 17.50 -63.57 -21.40
CA ALA I 528 18.75 -64.30 -21.23
C ALA I 528 19.55 -64.33 -22.51
N GLN I 529 18.87 -64.46 -23.65
CA GLN I 529 19.57 -64.45 -24.93
C GLN I 529 20.20 -63.09 -25.19
N ARG I 530 19.41 -62.01 -25.04
CA ARG I 530 19.99 -60.67 -25.15
C ARG I 530 21.03 -60.42 -24.06
N ALA I 531 20.93 -61.14 -22.94
CA ALA I 531 21.88 -60.94 -21.85
C ALA I 531 23.24 -61.54 -22.16
N LEU I 532 23.28 -62.63 -22.94
CA LEU I 532 24.56 -63.24 -23.27
C LEU I 532 25.38 -62.34 -24.18
N ILE I 533 24.77 -61.80 -25.24
CA ILE I 533 25.51 -60.94 -26.15
C ILE I 533 25.93 -59.66 -25.46
N SER I 534 25.11 -59.14 -24.55
CA SER I 534 25.33 -57.79 -24.05
C SER I 534 26.28 -57.77 -22.86
N ASN I 535 26.20 -58.76 -21.97
CA ASN I 535 27.00 -58.76 -20.75
C ASN I 535 28.15 -59.74 -20.86
N PRO I 536 29.40 -59.28 -20.88
CA PRO I 536 30.52 -60.23 -20.88
C PRO I 536 30.63 -61.00 -19.58
N THR I 537 30.34 -60.35 -18.45
CA THR I 537 30.47 -61.01 -17.15
C THR I 537 29.58 -62.23 -17.06
N VAL I 538 28.36 -62.14 -17.60
CA VAL I 538 27.46 -63.28 -17.60
C VAL I 538 28.09 -64.44 -18.36
N ILE I 539 28.73 -64.15 -19.50
CA ILE I 539 29.34 -65.20 -20.30
C ILE I 539 30.42 -65.92 -19.50
N GLY I 540 31.29 -65.14 -18.85
CA GLY I 540 32.37 -65.75 -18.09
C GLY I 540 31.88 -66.62 -16.95
N ALA I 541 30.86 -66.14 -16.23
CA ALA I 541 30.32 -66.94 -15.13
C ALA I 541 29.78 -68.27 -15.62
N ILE I 542 29.10 -68.26 -16.76
CA ILE I 542 28.54 -69.49 -17.30
C ILE I 542 29.65 -70.49 -17.65
N MET I 543 30.74 -69.99 -18.23
CA MET I 543 31.85 -70.86 -18.59
C MET I 543 32.42 -71.56 -17.36
N VAL I 544 32.63 -70.82 -16.28
CA VAL I 544 33.31 -71.37 -15.11
C VAL I 544 32.44 -72.43 -14.45
N GLN I 545 31.13 -72.22 -14.43
CA GLN I 545 30.23 -73.21 -13.83
C GLN I 545 30.18 -74.49 -14.66
N ARG I 546 30.27 -74.36 -15.98
CA ARG I 546 30.24 -75.53 -16.86
C ARG I 546 31.47 -76.41 -16.67
N GLY I 547 32.61 -75.82 -16.31
CA GLY I 547 33.88 -76.52 -16.27
C GLY I 547 34.79 -76.23 -17.45
N GLU I 548 34.36 -75.42 -18.40
CA GLU I 548 35.18 -75.10 -19.57
C GLU I 548 36.36 -74.22 -19.19
N ALA I 549 36.15 -73.27 -18.28
CA ALA I 549 37.20 -72.42 -17.76
C ALA I 549 37.24 -72.54 -16.25
N ASP I 550 38.45 -72.44 -15.68
CA ASP I 550 38.60 -72.75 -14.27
C ASP I 550 38.25 -71.57 -13.36
N ALA I 551 38.50 -70.35 -13.79
CA ALA I 551 38.28 -69.18 -12.94
C ALA I 551 38.08 -67.95 -13.83
N MET I 552 37.76 -66.82 -13.18
CA MET I 552 37.42 -65.60 -13.89
C MET I 552 37.81 -64.40 -13.05
N ILE I 553 38.26 -63.34 -13.74
CA ILE I 553 38.58 -62.05 -13.14
C ILE I 553 37.88 -60.98 -13.95
N CYS I 554 36.95 -60.26 -13.34
CA CYS I 554 36.19 -59.22 -14.04
C CYS I 554 36.08 -57.99 -13.17
N GLY I 555 35.41 -56.96 -13.71
CA GLY I 555 35.22 -55.72 -13.00
C GLY I 555 36.05 -54.55 -13.50
N THR I 556 36.69 -54.67 -14.66
CA THR I 556 37.52 -53.58 -15.15
C THR I 556 36.67 -52.38 -15.57
N VAL I 557 35.43 -52.62 -15.98
CA VAL I 557 34.48 -51.57 -16.32
C VAL I 557 33.13 -51.93 -15.73
N GLY I 558 32.60 -51.07 -14.89
CA GLY I 558 31.30 -51.27 -14.28
C GLY I 558 31.36 -51.27 -12.76
N ASP I 559 30.16 -51.19 -12.17
CA ASP I 559 30.05 -51.20 -10.72
C ASP I 559 30.19 -52.61 -10.16
N TYR I 560 30.78 -52.69 -8.96
CA TYR I 560 31.04 -53.97 -8.32
C TYR I 560 29.79 -54.82 -8.21
N HIS I 561 28.66 -54.19 -7.83
CA HIS I 561 27.45 -54.95 -7.54
C HIS I 561 26.86 -55.58 -8.79
N GLU I 562 27.02 -54.95 -9.95
CA GLU I 562 26.52 -55.55 -11.19
C GLU I 562 27.14 -56.90 -11.41
N HIS I 563 28.48 -56.96 -11.38
CA HIS I 563 29.18 -58.21 -11.61
C HIS I 563 28.96 -59.19 -10.46
N PHE I 564 28.94 -58.68 -9.23
CA PHE I 564 28.75 -59.55 -8.08
C PHE I 564 27.40 -60.25 -8.12
N SER I 565 26.35 -59.53 -8.50
CA SER I 565 25.02 -60.13 -8.57
C SER I 565 25.01 -61.31 -9.53
N VAL I 566 25.65 -61.15 -10.69
CA VAL I 566 25.76 -62.25 -11.64
C VAL I 566 26.50 -63.42 -11.01
N VAL I 567 27.62 -63.13 -10.35
CA VAL I 567 28.43 -64.18 -9.75
C VAL I 567 27.66 -64.90 -8.65
N LYS I 568 26.92 -64.14 -7.83
CA LYS I 568 26.25 -64.72 -6.68
C LYS I 568 25.17 -65.72 -7.10
N ASN I 569 24.35 -65.34 -8.10
CA ASN I 569 23.24 -66.19 -8.49
C ASN I 569 23.73 -67.43 -9.24
N VAL I 570 24.79 -67.30 -10.03
CA VAL I 570 25.26 -68.40 -10.86
C VAL I 570 26.05 -69.41 -10.04
N PHE I 571 27.13 -68.96 -9.38
CA PHE I 571 28.04 -69.85 -8.69
C PHE I 571 27.46 -70.35 -7.37
N GLY I 572 26.70 -69.51 -6.68
CA GLY I 572 26.15 -69.87 -5.41
C GLY I 572 27.17 -69.74 -4.28
N TYR I 573 26.65 -69.57 -3.07
CA TYR I 573 27.51 -69.41 -1.90
C TYR I 573 28.32 -70.67 -1.66
N ARG I 574 29.58 -70.49 -1.26
CA ARG I 574 30.41 -71.64 -0.90
C ARG I 574 29.72 -72.45 0.21
N ASP I 575 30.04 -73.74 0.26
CA ASP I 575 29.43 -74.61 1.26
C ASP I 575 29.80 -74.16 2.67
N GLY I 576 28.79 -74.08 3.53
CA GLY I 576 28.98 -73.66 4.91
C GLY I 576 29.01 -72.17 5.13
N VAL I 577 28.88 -71.36 4.08
CA VAL I 577 28.92 -69.91 4.18
C VAL I 577 27.63 -69.35 3.60
N HIS I 578 27.03 -68.39 4.31
CA HIS I 578 25.82 -67.75 3.85
C HIS I 578 26.00 -66.26 3.58
N THR I 579 27.20 -65.73 3.78
CA THR I 579 27.51 -64.33 3.52
C THR I 579 28.81 -64.24 2.73
N ALA I 580 28.97 -63.13 2.00
CA ALA I 580 30.14 -62.89 1.17
C ALA I 580 30.76 -61.54 1.50
N GLY I 581 32.06 -61.42 1.25
CA GLY I 581 32.79 -60.23 1.63
C GLY I 581 33.93 -59.91 0.68
N ALA I 582 34.35 -58.65 0.74
CA ALA I 582 35.42 -58.13 -0.10
C ALA I 582 36.54 -57.59 0.80
N MET I 583 37.76 -57.97 0.48
CA MET I 583 38.94 -57.56 1.24
C MET I 583 39.90 -56.81 0.35
N ASN I 584 40.32 -55.63 0.79
CA ASN I 584 41.30 -54.81 0.10
C ASN I 584 42.53 -54.66 1.00
N ALA I 585 43.70 -54.97 0.47
CA ALA I 585 44.93 -54.97 1.24
C ALA I 585 45.79 -53.77 0.89
N LEU I 586 46.18 -53.00 1.91
CA LEU I 586 47.01 -51.82 1.76
C LEU I 586 48.30 -51.99 2.55
N LEU I 587 49.40 -51.51 1.97
CA LEU I 587 50.70 -51.54 2.64
C LEU I 587 50.82 -50.27 3.46
N LEU I 588 51.05 -50.41 4.76
CA LEU I 588 51.09 -49.30 5.68
C LEU I 588 52.42 -49.25 6.43
N PRO I 589 52.80 -48.08 6.96
CA PRO I 589 54.00 -48.04 7.82
C PRO I 589 53.92 -49.05 8.95
N SER I 590 52.71 -49.29 9.46
CA SER I 590 52.53 -50.32 10.48
C SER I 590 52.78 -51.71 9.91
N GLY I 591 52.56 -51.89 8.62
CA GLY I 591 52.74 -53.20 8.00
C GLY I 591 51.63 -53.47 7.00
N ASN I 592 51.64 -54.68 6.43
CA ASN I 592 50.57 -55.07 5.53
C ASN I 592 49.24 -55.10 6.30
N THR I 593 48.27 -54.36 5.82
CA THR I 593 46.99 -54.23 6.53
C THR I 593 45.85 -54.57 5.58
N PHE I 594 44.82 -55.22 6.12
CA PHE I 594 43.69 -55.68 5.34
C PHE I 594 42.40 -55.09 5.91
N ILE I 595 41.50 -54.69 5.02
CA ILE I 595 40.23 -54.08 5.40
C ILE I 595 39.09 -54.81 4.71
N ALA I 596 37.98 -55.00 5.43
CA ALA I 596 36.76 -55.59 4.92
C ALA I 596 35.62 -55.11 5.82
N ASP I 597 34.41 -55.01 5.26
CA ASP I 597 34.06 -55.38 3.90
C ASP I 597 33.91 -54.13 3.03
N THR I 598 34.70 -54.03 1.96
CA THR I 598 34.78 -52.80 1.20
C THR I 598 33.67 -52.63 0.15
N TYR I 599 33.05 -53.72 -0.32
CA TYR I 599 32.09 -53.60 -1.41
C TYR I 599 30.83 -54.45 -1.28
N VAL I 600 30.86 -55.60 -0.60
CA VAL I 600 29.76 -56.56 -0.76
C VAL I 600 28.53 -56.15 0.04
N ASN I 601 28.71 -55.82 1.33
CA ASN I 601 27.58 -55.63 2.24
C ASN I 601 27.60 -54.22 2.82
N ASP I 602 26.45 -53.55 2.76
CA ASP I 602 26.37 -52.14 3.15
C ASP I 602 26.31 -51.98 4.67
N GLU I 603 25.48 -52.78 5.34
CA GLU I 603 25.37 -52.75 6.80
C GLU I 603 25.26 -54.18 7.29
N PRO I 604 26.38 -54.87 7.39
CA PRO I 604 26.34 -56.31 7.71
C PRO I 604 25.81 -56.56 9.10
N ASP I 605 25.19 -57.73 9.27
CA ASP I 605 24.73 -58.21 10.55
C ASP I 605 25.89 -58.82 11.33
N ALA I 606 25.69 -59.02 12.63
CA ALA I 606 26.73 -59.58 13.48
C ALA I 606 27.13 -60.98 13.02
N GLU I 607 26.14 -61.82 12.67
CA GLU I 607 26.45 -63.14 12.13
C GLU I 607 27.23 -63.02 10.82
N GLU I 608 26.87 -62.03 10.00
CA GLU I 608 27.57 -61.82 8.74
C GLU I 608 28.99 -61.33 8.97
N LEU I 609 29.17 -60.37 9.89
CA LEU I 609 30.51 -59.89 10.21
C LEU I 609 31.39 -61.03 10.70
N ALA I 610 30.82 -61.93 11.50
CA ALA I 610 31.59 -63.05 12.04
C ALA I 610 32.11 -63.94 10.91
N GLU I 611 31.25 -64.26 9.94
CA GLU I 611 31.69 -65.11 8.84
C GLU I 611 32.70 -64.39 7.95
N ILE I 612 32.59 -63.06 7.82
CA ILE I 612 33.59 -62.30 7.07
C ILE I 612 34.94 -62.38 7.78
N THR I 613 34.94 -62.18 9.10
CA THR I 613 36.19 -62.21 9.86
C THR I 613 36.90 -63.55 9.73
N LEU I 614 36.15 -64.65 9.87
CA LEU I 614 36.76 -65.97 9.78
C LEU I 614 37.39 -66.20 8.42
N MET I 615 36.69 -65.83 7.35
CA MET I 615 37.21 -66.04 6.00
C MET I 615 38.47 -65.23 5.76
N ALA I 616 38.49 -63.98 6.24
CA ALA I 616 39.67 -63.13 6.02
C ALA I 616 40.88 -63.67 6.76
N ALA I 617 40.69 -64.17 7.98
CA ALA I 617 41.79 -64.79 8.70
C ALA I 617 42.34 -65.99 7.95
N GLU I 618 41.45 -66.83 7.40
CA GLU I 618 41.90 -67.95 6.59
C GLU I 618 42.67 -67.48 5.37
N THR I 619 42.17 -66.45 4.69
CA THR I 619 42.85 -65.94 3.50
C THR I 619 44.23 -65.39 3.85
N VAL I 620 44.32 -64.63 4.92
CA VAL I 620 45.61 -64.13 5.36
C VAL I 620 46.52 -65.27 5.80
N ARG I 621 45.97 -66.26 6.51
CA ARG I 621 46.76 -67.42 6.91
C ARG I 621 47.27 -68.18 5.70
N ARG I 622 46.46 -68.29 4.66
CA ARG I 622 46.90 -68.95 3.44
C ARG I 622 48.05 -68.20 2.79
N PHE I 623 48.06 -66.86 2.88
CA PHE I 623 49.15 -66.08 2.30
C PHE I 623 50.47 -66.33 3.02
N GLY I 624 50.40 -66.73 4.29
CA GLY I 624 51.58 -66.88 5.12
C GLY I 624 51.67 -65.85 6.23
N ILE I 625 50.82 -64.84 6.21
CA ILE I 625 50.83 -63.79 7.24
C ILE I 625 50.20 -64.34 8.51
N GLU I 626 50.69 -63.88 9.64
CA GLU I 626 50.07 -64.18 10.92
C GLU I 626 48.73 -63.44 11.00
N PRO I 627 47.62 -64.13 11.29
CA PRO I 627 46.32 -63.44 11.35
C PRO I 627 46.04 -62.79 12.69
N ARG I 628 46.06 -61.46 12.73
CA ARG I 628 45.76 -60.67 13.92
C ARG I 628 44.57 -59.75 13.61
N VAL I 629 43.40 -60.09 14.15
CA VAL I 629 42.14 -59.48 13.75
C VAL I 629 41.73 -58.41 14.75
N ALA I 630 41.18 -57.31 14.25
CA ALA I 630 40.67 -56.24 15.08
C ALA I 630 39.33 -55.77 14.53
N LEU I 631 38.34 -55.63 15.40
CA LEU I 631 37.02 -55.11 15.05
C LEU I 631 36.97 -53.64 15.42
N LEU I 632 36.76 -52.78 14.42
CA LEU I 632 36.85 -51.34 14.60
C LEU I 632 35.47 -50.73 14.79
N SER I 633 35.44 -49.58 15.46
CA SER I 633 34.20 -48.86 15.74
C SER I 633 34.56 -47.52 16.35
N HIS I 634 33.58 -46.61 16.37
CA HIS I 634 33.76 -45.35 17.08
C HIS I 634 33.91 -45.56 18.58
N SER I 635 33.31 -46.64 19.10
CA SER I 635 33.42 -46.97 20.51
C SER I 635 34.78 -47.58 20.81
N ASN I 636 35.33 -47.22 21.97
CA ASN I 636 36.59 -47.78 22.45
C ASN I 636 36.27 -48.70 23.61
N PHE I 637 36.14 -50.00 23.31
CA PHE I 637 35.90 -51.03 24.32
C PHE I 637 34.65 -50.74 25.14
N GLY I 638 33.54 -50.52 24.43
CA GLY I 638 32.28 -50.25 25.09
C GLY I 638 32.06 -48.81 25.51
N SER I 639 32.76 -47.86 24.90
CA SER I 639 32.54 -46.45 25.23
C SER I 639 31.14 -45.99 24.80
N SER I 640 30.60 -46.57 23.72
CA SER I 640 29.27 -46.25 23.22
C SER I 640 28.48 -47.54 23.04
N ASP I 641 27.21 -47.52 23.44
CA ASP I 641 26.34 -48.68 23.36
C ASP I 641 25.27 -48.54 22.27
N CYS I 642 25.62 -47.88 21.17
CA CYS I 642 24.70 -47.79 20.03
C CYS I 642 24.59 -49.16 19.36
N PRO I 643 23.55 -49.37 18.54
CA PRO I 643 23.37 -50.68 17.91
C PRO I 643 24.56 -51.15 17.07
N SER I 644 25.29 -50.22 16.44
CA SER I 644 26.40 -50.62 15.58
C SER I 644 27.58 -51.12 16.40
N SER I 645 27.92 -50.43 17.49
CA SER I 645 29.02 -50.88 18.32
C SER I 645 28.65 -52.15 19.09
N SER I 646 27.38 -52.26 19.53
CA SER I 646 26.91 -53.50 20.15
C SER I 646 27.06 -54.67 19.20
N LYS I 647 26.77 -54.44 17.92
CA LYS I 647 26.89 -55.50 16.90
C LYS I 647 28.32 -56.02 16.82
N MET I 648 29.31 -55.13 16.94
CA MET I 648 30.70 -55.57 16.90
C MET I 648 31.03 -56.49 18.07
N ARG I 649 30.55 -56.14 19.27
CA ARG I 649 30.87 -56.96 20.44
C ARG I 649 30.29 -58.36 20.32
N GLN I 650 29.03 -58.45 19.87
CA GLN I 650 28.43 -59.77 19.67
C GLN I 650 29.21 -60.59 18.66
N ALA I 651 29.72 -59.94 17.61
CA ALA I 651 30.48 -60.65 16.60
C ALA I 651 31.76 -61.25 17.18
N LEU I 652 32.43 -60.51 18.07
CA LEU I 652 33.64 -61.02 18.69
C LEU I 652 33.39 -62.37 19.37
N GLU I 653 32.33 -62.46 20.17
CA GLU I 653 32.05 -63.69 20.88
C GLU I 653 31.58 -64.80 19.93
N LEU I 654 30.92 -64.44 18.83
CA LEU I 654 30.57 -65.43 17.83
C LEU I 654 31.83 -66.02 17.18
N VAL I 655 32.81 -65.17 16.89
CA VAL I 655 34.04 -65.65 16.26
C VAL I 655 34.81 -66.55 17.22
N ARG I 656 34.87 -66.16 18.50
CA ARG I 656 35.72 -66.87 19.44
C ARG I 656 35.25 -68.31 19.65
N GLU I 657 33.93 -68.55 19.64
CA GLU I 657 33.44 -69.90 19.84
C GLU I 657 33.76 -70.79 18.64
N ARG I 658 33.64 -70.25 17.42
CA ARG I 658 33.88 -71.06 16.23
C ARG I 658 35.38 -71.29 16.02
N ALA I 659 36.21 -70.27 16.25
CA ALA I 659 37.66 -70.38 16.04
C ALA I 659 38.38 -69.71 17.20
N PRO I 660 38.60 -70.44 18.29
CA PRO I 660 39.29 -69.83 19.44
C PRO I 660 40.74 -69.50 19.17
N GLU I 661 41.41 -70.27 18.30
CA GLU I 661 42.83 -70.06 18.04
C GLU I 661 43.09 -68.68 17.44
N LEU I 662 42.10 -68.11 16.76
CA LEU I 662 42.29 -66.81 16.14
C LEU I 662 42.50 -65.73 17.19
N MET I 663 43.44 -64.84 16.90
CA MET I 663 43.71 -63.69 17.75
C MET I 663 42.84 -62.53 17.30
N ILE I 664 41.92 -62.11 18.15
CA ILE I 664 40.97 -61.06 17.77
C ILE I 664 40.47 -60.37 19.04
N ASP I 665 40.35 -59.05 18.97
CA ASP I 665 39.85 -58.25 20.08
C ASP I 665 39.13 -57.02 19.56
N GLY I 666 38.06 -56.64 20.26
CA GLY I 666 37.27 -55.48 19.87
C GLY I 666 36.20 -55.22 20.90
N GLU I 667 35.49 -54.11 20.71
CA GLU I 667 35.77 -53.14 19.65
C GLU I 667 36.91 -52.25 20.11
N MET I 668 37.51 -51.50 19.19
CA MET I 668 38.54 -50.57 19.59
C MET I 668 38.58 -49.42 18.59
N HIS I 669 39.00 -48.25 19.08
CA HIS I 669 39.31 -47.14 18.19
C HIS I 669 40.25 -47.60 17.09
N GLY I 670 40.18 -46.93 15.94
CA GLY I 670 41.03 -47.31 14.82
C GLY I 670 42.51 -47.18 15.15
N ASP I 671 42.87 -46.15 15.91
CA ASP I 671 44.29 -45.94 16.23
C ASP I 671 44.85 -47.06 17.08
N ALA I 672 44.07 -47.57 18.04
CA ALA I 672 44.54 -48.61 18.95
C ALA I 672 44.82 -49.92 18.25
N ALA I 673 44.19 -50.17 17.08
CA ALA I 673 44.41 -51.45 16.42
C ALA I 673 45.77 -51.53 15.75
N LEU I 674 46.33 -50.38 15.34
CA LEU I 674 47.61 -50.40 14.67
C LEU I 674 48.79 -50.12 15.61
N VAL I 675 48.56 -49.32 16.66
CA VAL I 675 49.59 -48.97 17.62
C VAL I 675 49.36 -49.81 18.87
N GLU I 676 50.31 -50.72 19.18
CA GLU I 676 50.13 -51.60 20.33
C GLU I 676 50.14 -50.82 21.64
N ALA I 677 50.96 -49.77 21.73
CA ALA I 677 51.07 -49.01 22.97
C ALA I 677 49.72 -48.40 23.37
N ILE I 678 49.01 -47.83 22.40
CA ILE I 678 47.72 -47.20 22.70
C ILE I 678 46.72 -48.24 23.20
N ARG I 679 46.74 -49.45 22.61
CA ARG I 679 45.85 -50.51 23.08
C ARG I 679 46.24 -50.95 24.49
N ASN I 680 47.53 -50.97 24.80
CA ASN I 680 47.96 -51.44 26.12
C ASN I 680 47.55 -50.48 27.23
N ASP I 681 47.48 -49.18 26.95
CA ASP I 681 47.04 -48.24 27.98
C ASP I 681 45.55 -48.42 28.28
N ARG I 682 44.73 -48.53 27.23
CA ARG I 682 43.30 -48.74 27.42
C ARG I 682 42.99 -50.16 27.88
N MET I 683 43.75 -51.14 27.40
CA MET I 683 43.47 -52.55 27.69
C MET I 683 44.76 -53.33 27.67
N PRO I 684 45.44 -53.43 28.81
CA PRO I 684 46.65 -54.29 28.86
C PRO I 684 46.33 -55.75 28.63
N ASP I 685 45.20 -56.23 29.18
CA ASP I 685 44.82 -57.63 29.09
C ASP I 685 44.43 -58.05 27.69
N SER I 686 44.39 -57.12 26.73
CA SER I 686 43.93 -57.43 25.38
C SER I 686 44.77 -58.55 24.78
N SER I 687 44.08 -59.58 24.26
CA SER I 687 44.78 -60.70 23.64
C SER I 687 45.49 -60.28 22.36
N LEU I 688 44.93 -59.31 21.64
CA LEU I 688 45.58 -58.80 20.44
C LEU I 688 46.88 -58.09 20.81
N LYS I 689 47.98 -58.49 20.15
CA LYS I 689 49.29 -57.95 20.46
C LYS I 689 50.00 -57.54 19.18
N GLY I 690 50.59 -56.36 19.19
CA GLY I 690 51.24 -55.82 18.01
C GLY I 690 50.24 -55.20 17.05
N SER I 691 50.78 -54.70 15.94
CA SER I 691 49.93 -54.10 14.92
C SER I 691 48.98 -55.15 14.33
N ALA I 692 47.68 -54.82 14.33
CA ALA I 692 46.69 -55.70 13.74
C ALA I 692 46.71 -55.57 12.21
N ASN I 693 46.55 -56.70 11.53
CA ASN I 693 46.62 -56.75 10.07
C ASN I 693 45.27 -56.85 9.39
N ILE I 694 44.20 -57.17 10.14
CA ILE I 694 42.85 -57.28 9.61
C ILE I 694 41.96 -56.31 10.37
N LEU I 695 41.32 -55.39 9.64
CA LEU I 695 40.44 -54.38 10.23
C LEU I 695 39.03 -54.60 9.68
N VAL I 696 38.13 -55.05 10.54
CA VAL I 696 36.75 -55.29 10.18
C VAL I 696 35.92 -54.07 10.52
N MET I 697 35.20 -53.56 9.55
CA MET I 697 34.43 -52.34 9.72
C MET I 697 32.97 -52.66 10.00
N PRO I 698 32.25 -51.76 10.69
CA PRO I 698 30.83 -52.02 10.99
C PRO I 698 29.91 -51.85 9.79
N ASN I 699 30.16 -50.82 8.99
CA ASN I 699 29.38 -50.56 7.79
C ASN I 699 30.31 -50.28 6.62
N MET I 700 29.87 -50.66 5.41
CA MET I 700 30.69 -50.49 4.22
C MET I 700 31.13 -49.05 4.03
N GLU I 701 30.22 -48.10 4.30
CA GLU I 701 30.53 -46.70 4.05
C GLU I 701 31.80 -46.28 4.78
N ALA I 702 31.99 -46.74 6.02
CA ALA I 702 33.22 -46.43 6.72
C ALA I 702 34.41 -47.18 6.14
N ALA I 703 34.19 -48.38 5.60
CA ALA I 703 35.27 -49.18 5.06
C ALA I 703 35.82 -48.56 3.78
N ARG I 704 34.96 -48.34 2.79
CA ARG I 704 35.41 -47.82 1.50
C ARG I 704 36.03 -46.43 1.67
N ILE I 705 35.45 -45.59 2.52
CA ILE I 705 36.03 -44.28 2.78
C ILE I 705 37.42 -44.44 3.38
N SER I 706 37.60 -45.41 4.28
CA SER I 706 38.90 -45.64 4.88
C SER I 706 39.90 -46.15 3.85
N TYR I 707 39.53 -47.19 3.10
CA TYR I 707 40.45 -47.76 2.11
C TYR I 707 40.85 -46.72 1.06
N ASN I 708 39.88 -45.94 0.59
CA ASN I 708 40.18 -44.94 -0.43
C ASN I 708 41.12 -43.88 0.11
N LEU I 709 40.83 -43.35 1.29
CA LEU I 709 41.67 -42.30 1.86
C LEU I 709 43.06 -42.81 2.19
N LEU I 710 43.15 -44.05 2.68
CA LEU I 710 44.45 -44.60 3.05
C LEU I 710 45.29 -44.96 1.83
N ARG I 711 44.64 -45.44 0.75
CA ARG I 711 45.40 -45.86 -0.42
C ARG I 711 46.13 -44.67 -1.04
N VAL I 712 45.47 -43.53 -1.15
CA VAL I 712 46.14 -42.34 -1.64
C VAL I 712 47.15 -41.83 -0.63
N SER I 713 46.87 -41.99 0.67
CA SER I 713 47.79 -41.52 1.70
C SER I 713 49.02 -42.40 1.82
N SER I 714 48.88 -43.69 1.52
CA SER I 714 50.02 -44.60 1.50
C SER I 714 50.74 -44.51 0.16
N SER I 715 52.02 -44.13 0.19
CA SER I 715 52.84 -44.07 -1.02
C SER I 715 53.48 -45.41 -1.36
N GLU I 716 53.02 -46.50 -0.75
CA GLU I 716 53.66 -47.80 -0.85
C GLU I 716 53.04 -48.68 -1.94
N GLY I 717 52.14 -48.14 -2.74
CA GLY I 717 51.55 -48.91 -3.83
C GLY I 717 50.52 -49.91 -3.33
N VAL I 718 50.33 -50.96 -4.13
CA VAL I 718 49.32 -51.98 -3.87
C VAL I 718 49.88 -53.35 -4.23
N THR I 719 49.42 -54.38 -3.52
CA THR I 719 49.74 -55.77 -3.82
C THR I 719 48.55 -56.56 -4.33
N VAL I 720 47.39 -56.47 -3.67
CA VAL I 720 46.19 -57.15 -4.12
C VAL I 720 45.00 -56.19 -4.04
N GLY I 721 44.05 -56.38 -4.95
CA GLY I 721 42.85 -55.58 -4.99
C GLY I 721 41.71 -56.26 -4.29
N PRO I 722 40.47 -55.82 -4.56
CA PRO I 722 39.31 -56.35 -3.83
C PRO I 722 39.17 -57.86 -3.93
N VAL I 723 39.42 -58.57 -2.83
CA VAL I 723 39.39 -60.03 -2.82
C VAL I 723 38.00 -60.50 -2.40
N LEU I 724 37.32 -61.19 -3.31
CA LEU I 724 36.01 -61.76 -3.02
C LEU I 724 36.17 -63.03 -2.17
N MET I 725 35.41 -63.11 -1.09
CA MET I 725 35.46 -64.25 -0.18
C MET I 725 34.06 -64.78 0.03
N GLY I 726 33.88 -66.10 -0.11
CA GLY I 726 32.61 -66.75 0.12
C GLY I 726 31.93 -67.32 -1.11
N VAL I 727 32.49 -67.13 -2.29
CA VAL I 727 31.89 -67.61 -3.53
C VAL I 727 32.41 -69.01 -3.82
N ALA I 728 31.53 -69.87 -4.34
CA ALA I 728 31.91 -71.26 -4.58
C ALA I 728 33.00 -71.38 -5.63
N LYS I 729 32.94 -70.59 -6.69
CA LYS I 729 33.94 -70.68 -7.74
C LYS I 729 34.95 -69.55 -7.61
N PRO I 730 36.23 -69.79 -7.98
CA PRO I 730 37.28 -68.80 -7.70
C PRO I 730 37.20 -67.58 -8.58
N VAL I 731 36.53 -66.54 -8.09
CA VAL I 731 36.24 -65.34 -8.86
C VAL I 731 36.50 -64.12 -7.99
N HIS I 732 37.06 -63.08 -8.58
CA HIS I 732 37.28 -61.81 -7.92
C HIS I 732 36.84 -60.68 -8.83
N VAL I 733 36.37 -59.59 -8.23
CA VAL I 733 35.84 -58.44 -8.96
C VAL I 733 36.69 -57.22 -8.61
N LEU I 734 37.06 -56.46 -9.64
CA LEU I 734 37.96 -55.32 -9.49
C LEU I 734 37.18 -54.02 -9.67
N THR I 735 37.87 -52.93 -9.34
CA THR I 735 37.34 -51.60 -9.56
C THR I 735 37.66 -51.14 -10.98
N PRO I 736 36.98 -50.10 -11.47
CA PRO I 736 37.38 -49.54 -12.78
C PRO I 736 38.71 -48.82 -12.75
N ILE I 737 39.21 -48.42 -11.57
CA ILE I 737 40.45 -47.66 -11.48
C ILE I 737 41.67 -48.58 -11.38
N ALA I 738 41.48 -49.89 -11.34
CA ALA I 738 42.59 -50.82 -11.13
C ALA I 738 43.66 -50.65 -12.21
N SER I 739 44.92 -50.64 -11.78
CA SER I 739 46.04 -50.59 -12.70
C SER I 739 46.29 -51.98 -13.29
N VAL I 740 47.20 -52.02 -14.27
CA VAL I 740 47.49 -53.28 -14.94
C VAL I 740 48.11 -54.27 -13.97
N ARG I 741 48.98 -53.78 -13.09
CA ARG I 741 49.60 -54.67 -12.10
C ARG I 741 48.55 -55.28 -11.18
N ARG I 742 47.57 -54.48 -10.75
CA ARG I 742 46.49 -55.01 -9.93
C ARG I 742 45.77 -56.15 -10.64
N ILE I 743 45.48 -55.97 -11.92
CA ILE I 743 44.88 -57.06 -12.71
C ILE I 743 45.84 -58.25 -12.74
N VAL I 744 47.10 -57.98 -13.08
CA VAL I 744 48.11 -59.05 -13.14
C VAL I 744 48.12 -59.84 -11.84
N ASN I 745 48.32 -59.13 -10.72
CA ASN I 745 48.39 -59.80 -9.43
C ASN I 745 47.12 -60.61 -9.16
N MET I 746 45.96 -59.97 -9.26
CA MET I 746 44.71 -60.64 -8.90
C MET I 746 44.47 -61.87 -9.76
N VAL I 747 44.80 -61.80 -11.04
CA VAL I 747 44.61 -62.96 -11.92
C VAL I 747 45.35 -64.17 -11.38
N ALA I 748 46.58 -63.95 -10.90
CA ALA I 748 47.36 -65.05 -10.35
C ALA I 748 46.69 -65.62 -9.10
N LEU I 749 46.12 -64.75 -8.27
CA LEU I 749 45.47 -65.21 -7.05
C LEU I 749 44.31 -66.16 -7.37
N ALA I 750 43.59 -65.90 -8.46
CA ALA I 750 42.52 -66.81 -8.87
C ALA I 750 43.09 -68.14 -9.33
N VAL I 751 44.25 -68.12 -9.98
CA VAL I 751 44.88 -69.35 -10.43
C VAL I 751 45.24 -70.22 -9.23
N VAL I 752 45.90 -69.62 -8.24
CA VAL I 752 46.29 -70.35 -7.04
C VAL I 752 45.06 -70.91 -6.34
N GLU I 753 43.99 -70.11 -6.28
CA GLU I 753 42.73 -70.61 -5.72
C GLU I 753 42.14 -71.71 -6.59
N ALA I 754 42.39 -71.67 -7.90
CA ALA I 754 41.84 -72.70 -8.79
C ALA I 754 42.52 -74.04 -8.60
N GLN I 755 43.81 -74.03 -8.24
CA GLN I 755 44.51 -75.28 -7.97
C GLN I 755 43.84 -76.05 -6.83
N THR I 756 43.71 -75.40 -5.67
CA THR I 756 43.01 -76.00 -4.54
C THR I 756 41.51 -76.03 -4.82
N GLN I 757 41.05 -77.12 -5.44
CA GLN I 757 39.65 -77.27 -5.81
C GLN I 757 39.04 -78.44 -5.05
N PRO I 758 38.15 -78.19 -4.06
CA PRO I 758 37.53 -79.27 -3.28
C PRO I 758 36.42 -79.99 -4.04
N ASP J 2 69.34 -18.52 27.39
CA ASP J 2 68.54 -18.95 28.54
C ASP J 2 68.47 -20.46 28.62
N ASP J 3 68.50 -21.00 29.84
CA ASP J 3 68.50 -22.44 30.03
C ASP J 3 67.13 -23.09 29.84
N GLN J 4 66.08 -22.30 29.65
CA GLN J 4 64.78 -22.88 29.36
C GLN J 4 64.54 -23.06 27.86
N LEU J 5 65.02 -22.13 27.04
CA LEU J 5 65.07 -22.32 25.60
C LEU J 5 66.37 -22.98 25.15
N LYS J 6 67.13 -23.54 26.08
CA LYS J 6 68.33 -24.32 25.78
C LYS J 6 68.21 -25.77 26.20
N GLN J 7 67.65 -26.05 27.38
CA GLN J 7 67.35 -27.43 27.74
C GLN J 7 66.19 -27.97 26.91
N SER J 8 65.22 -27.12 26.57
CA SER J 8 64.18 -27.53 25.63
C SER J 8 64.75 -27.76 24.23
N ALA J 9 65.80 -27.02 23.87
CA ALA J 9 66.47 -27.26 22.60
C ALA J 9 67.30 -28.54 22.62
N LEU J 10 67.81 -28.93 23.80
CA LEU J 10 68.56 -30.18 23.90
C LEU J 10 67.65 -31.37 23.74
N ASP J 11 66.46 -31.32 24.35
CA ASP J 11 65.50 -32.42 24.26
C ASP J 11 64.91 -32.55 22.87
N PHE J 12 64.97 -31.50 22.06
CA PHE J 12 64.32 -31.51 20.75
C PHE J 12 65.01 -32.47 19.80
N HIS J 13 66.34 -32.56 19.86
CA HIS J 13 67.07 -33.49 19.01
C HIS J 13 67.09 -34.90 19.59
N GLU J 14 67.03 -35.01 20.92
CA GLU J 14 67.26 -36.30 21.57
C GLU J 14 66.11 -37.27 21.33
N PHE J 15 64.87 -36.79 21.41
CA PHE J 15 63.69 -37.63 21.39
C PHE J 15 62.80 -37.30 20.18
N PRO J 16 62.09 -38.29 19.63
CA PRO J 16 62.03 -39.69 20.09
C PRO J 16 63.17 -40.56 19.56
N VAL J 17 63.61 -40.31 18.33
CA VAL J 17 64.75 -41.03 17.76
C VAL J 17 65.83 -40.00 17.45
N PRO J 18 67.10 -40.30 17.75
CA PRO J 18 68.17 -39.34 17.50
C PRO J 18 68.20 -38.89 16.05
N GLY J 19 68.53 -37.62 15.84
CA GLY J 19 68.71 -37.06 14.52
C GLY J 19 67.65 -36.01 14.20
N LYS J 20 67.78 -35.46 12.98
CA LYS J 20 66.79 -34.55 12.45
C LYS J 20 66.42 -34.85 11.00
N ILE J 21 66.96 -35.91 10.41
CA ILE J 21 66.68 -36.27 9.02
C ILE J 21 66.62 -37.79 8.90
N GLN J 22 66.14 -38.24 7.74
CA GLN J 22 66.02 -39.66 7.41
C GLN J 22 65.94 -39.79 5.90
N VAL J 23 66.18 -41.01 5.42
CA VAL J 23 66.11 -41.34 4.00
C VAL J 23 64.85 -42.15 3.78
N SER J 24 63.99 -41.67 2.88
CA SER J 24 62.71 -42.29 2.64
C SER J 24 62.61 -42.81 1.21
N PRO J 25 62.10 -44.02 1.00
CA PRO J 25 61.85 -44.50 -0.36
C PRO J 25 60.77 -43.67 -1.04
N THR J 26 61.06 -43.18 -2.24
CA THR J 26 60.09 -42.42 -3.01
C THR J 26 59.19 -43.32 -3.84
N LYS J 27 59.72 -44.46 -4.32
CA LYS J 27 59.08 -45.46 -5.16
C LYS J 27 58.58 -46.63 -4.34
N PRO J 28 57.47 -47.27 -4.75
CA PRO J 28 56.93 -48.37 -3.96
C PRO J 28 57.84 -49.58 -3.95
N LEU J 29 57.89 -50.26 -2.80
CA LEU J 29 58.75 -51.42 -2.62
C LEU J 29 58.02 -52.40 -1.69
N ALA J 30 57.11 -53.16 -2.29
CA ALA J 30 56.29 -54.11 -1.53
C ALA J 30 56.23 -55.51 -2.12
N THR J 31 56.56 -55.69 -3.39
CA THR J 31 56.55 -57.00 -4.02
C THR J 31 57.96 -57.36 -4.46
N GLN J 32 58.14 -58.63 -4.85
CA GLN J 32 59.43 -59.06 -5.37
C GLN J 32 59.71 -58.42 -6.73
N ARG J 33 58.69 -58.30 -7.58
CA ARG J 33 58.90 -57.69 -8.88
C ARG J 33 59.32 -56.24 -8.75
N ASP J 34 58.66 -55.50 -7.85
CA ASP J 34 59.06 -54.11 -7.58
C ASP J 34 60.50 -54.06 -7.09
N LEU J 35 60.90 -55.02 -6.26
CA LEU J 35 62.27 -55.05 -5.77
C LEU J 35 63.27 -55.36 -6.88
N ALA J 36 62.87 -56.18 -7.85
CA ALA J 36 63.76 -56.50 -8.95
C ALA J 36 63.89 -55.36 -9.95
N LEU J 37 62.91 -54.45 -9.98
CA LEU J 37 62.98 -53.31 -10.90
C LEU J 37 63.91 -52.22 -10.36
N ALA J 38 64.03 -52.10 -9.04
CA ALA J 38 64.90 -51.08 -8.47
C ALA J 38 66.36 -51.50 -8.42
N TYR J 39 66.64 -52.81 -8.41
CA TYR J 39 68.00 -53.30 -8.37
C TYR J 39 68.26 -54.36 -9.45
N SER J 40 68.62 -55.57 -9.04
CA SER J 40 68.99 -56.61 -9.99
C SER J 40 67.76 -57.21 -10.64
N PRO J 41 67.67 -57.25 -11.97
CA PRO J 41 68.65 -56.61 -12.86
C PRO J 41 68.07 -55.41 -13.58
N GLY J 42 66.92 -54.91 -13.10
CA GLY J 42 66.24 -53.83 -13.80
C GLY J 42 66.95 -52.51 -13.74
N VAL J 43 67.72 -52.28 -12.68
CA VAL J 43 68.39 -50.99 -12.52
C VAL J 43 69.43 -50.75 -13.61
N ALA J 44 69.86 -51.80 -14.32
CA ALA J 44 70.89 -51.64 -15.34
C ALA J 44 70.42 -50.77 -16.50
N ALA J 45 69.12 -50.81 -16.81
CA ALA J 45 68.63 -50.05 -17.96
C ALA J 45 68.74 -48.55 -17.77
N PRO J 46 68.30 -47.95 -16.65
CA PRO J 46 68.54 -46.51 -16.48
C PRO J 46 70.00 -46.14 -16.44
N CYS J 47 70.86 -47.00 -15.88
CA CYS J 47 72.28 -46.70 -15.83
C CYS J 47 72.90 -46.70 -17.22
N LEU J 48 72.51 -47.68 -18.06
CA LEU J 48 73.08 -47.77 -19.40
C LEU J 48 72.75 -46.54 -20.24
N GLU J 49 71.62 -45.88 -19.96
CA GLU J 49 71.28 -44.67 -20.69
C GLU J 49 71.98 -43.44 -20.15
N ILE J 50 72.44 -43.47 -18.89
CA ILE J 50 73.30 -42.41 -18.40
C ILE J 50 74.71 -42.56 -18.94
N GLU J 51 75.10 -43.79 -19.33
CA GLU J 51 76.38 -43.99 -19.98
C GLU J 51 76.39 -43.41 -21.39
N LYS J 52 75.24 -43.41 -22.07
CA LYS J 52 75.12 -42.76 -23.37
C LYS J 52 74.98 -41.25 -23.23
N ASP J 53 74.11 -40.80 -22.34
CA ASP J 53 73.82 -39.38 -22.15
C ASP J 53 73.89 -39.04 -20.66
N PRO J 54 74.87 -38.25 -20.23
CA PRO J 54 74.88 -37.77 -18.83
C PRO J 54 73.72 -36.84 -18.50
N LEU J 55 73.16 -36.14 -19.50
CA LEU J 55 72.06 -35.23 -19.25
C LEU J 55 70.78 -35.97 -18.87
N LYS J 56 70.59 -37.18 -19.39
CA LYS J 56 69.43 -38.01 -19.09
C LYS J 56 69.41 -38.55 -17.66
N ALA J 57 70.32 -38.09 -16.80
CA ALA J 57 70.39 -38.62 -15.44
C ALA J 57 69.31 -38.03 -14.54
N TYR J 58 68.99 -36.74 -14.71
CA TYR J 58 67.99 -36.10 -13.87
C TYR J 58 66.62 -36.77 -14.01
N LYS J 59 66.37 -37.46 -15.13
CA LYS J 59 65.07 -38.07 -15.36
C LYS J 59 64.86 -39.31 -14.49
N TYR J 60 65.94 -39.98 -14.10
CA TYR J 60 65.85 -41.24 -13.36
C TYR J 60 66.58 -41.23 -12.03
N THR J 61 67.23 -40.13 -11.64
CA THR J 61 67.92 -40.05 -10.37
C THR J 61 67.45 -38.82 -9.60
N ALA J 62 67.75 -38.82 -8.30
CA ALA J 62 67.39 -37.69 -7.45
C ALA J 62 68.30 -36.50 -7.67
N ARG J 63 69.25 -36.58 -8.59
CA ARG J 63 70.17 -35.47 -8.84
C ARG J 63 69.43 -34.21 -9.29
N GLY J 64 68.24 -34.34 -9.86
CA GLY J 64 67.47 -33.17 -10.23
C GLY J 64 66.99 -32.35 -9.04
N ASN J 65 66.70 -33.01 -7.92
CA ASN J 65 66.21 -32.35 -6.71
C ASN J 65 67.11 -32.66 -5.52
N LEU J 66 68.42 -32.59 -5.72
CA LEU J 66 69.38 -32.89 -4.66
C LEU J 66 70.45 -31.81 -4.62
N VAL J 67 70.65 -31.24 -3.44
CA VAL J 67 71.75 -30.33 -3.16
C VAL J 67 72.49 -30.88 -1.95
N ALA J 68 73.79 -30.59 -1.87
CA ALA J 68 74.59 -30.96 -0.71
C ALA J 68 75.03 -29.70 0.03
N VAL J 69 74.93 -29.74 1.35
CA VAL J 69 75.44 -28.68 2.21
C VAL J 69 76.74 -29.17 2.84
N ILE J 70 77.81 -28.40 2.66
CA ILE J 70 79.15 -28.82 3.06
C ILE J 70 79.70 -27.83 4.08
N SER J 71 80.40 -28.36 5.08
CA SER J 71 81.00 -27.54 6.12
C SER J 71 82.24 -28.25 6.65
N ASN J 72 83.27 -27.46 6.94
CA ASN J 72 84.46 -27.96 7.62
C ASN J 72 84.43 -27.70 9.13
N GLY J 73 83.47 -26.93 9.61
CA GLY J 73 83.37 -26.66 11.03
C GLY J 73 84.24 -25.54 11.52
N THR J 74 84.76 -24.70 10.62
CA THR J 74 85.71 -23.67 11.02
C THR J 74 85.04 -22.41 11.56
N ALA J 75 83.76 -22.20 11.27
CA ALA J 75 83.07 -21.00 11.75
C ALA J 75 81.57 -21.22 11.80
N VAL J 76 81.10 -22.00 12.78
CA VAL J 76 79.69 -22.34 12.90
C VAL J 76 79.00 -21.22 13.67
N LEU J 77 78.25 -20.40 12.94
CA LEU J 77 77.47 -19.28 13.51
C LEU J 77 78.43 -18.37 14.27
N GLY J 78 78.15 -18.00 15.50
CA GLY J 78 79.10 -17.32 16.36
C GLY J 78 79.87 -18.23 17.29
N LEU J 79 79.67 -19.55 17.17
CA LEU J 79 80.35 -20.49 18.06
C LEU J 79 81.84 -20.60 17.71
N GLY J 80 82.18 -20.57 16.43
CA GLY J 80 83.56 -20.59 16.00
C GLY J 80 84.02 -21.91 15.42
N ASN J 81 85.30 -22.23 15.59
CA ASN J 81 85.87 -23.49 15.10
C ASN J 81 85.60 -24.57 16.15
N ILE J 82 84.43 -25.18 16.07
CA ILE J 82 84.05 -26.25 16.99
C ILE J 82 84.35 -27.63 16.44
N GLY J 83 84.55 -27.77 15.14
CA GLY J 83 84.85 -29.06 14.55
C GLY J 83 83.90 -29.44 13.43
N ALA J 84 84.33 -30.40 12.59
CA ALA J 84 83.44 -30.88 11.54
C ALA J 84 82.35 -31.77 12.12
N LEU J 85 82.67 -32.55 13.15
CA LEU J 85 81.68 -33.41 13.79
C LEU J 85 80.66 -32.60 14.58
N ALA J 86 81.10 -31.51 15.21
CA ALA J 86 80.23 -30.73 16.08
C ALA J 86 79.30 -29.78 15.34
N GLY J 87 79.44 -29.64 14.03
CA GLY J 87 78.54 -28.82 13.26
C GLY J 87 77.44 -29.57 12.55
N LYS J 88 77.33 -30.88 12.76
CA LYS J 88 76.38 -31.74 12.07
C LYS J 88 74.93 -31.41 12.39
N PRO J 89 74.57 -31.06 13.64
CA PRO J 89 73.19 -30.61 13.89
C PRO J 89 72.81 -29.38 13.09
N VAL J 90 73.75 -28.47 12.82
CA VAL J 90 73.42 -27.26 12.07
C VAL J 90 73.15 -27.58 10.61
N MET J 91 73.93 -28.50 10.04
CA MET J 91 73.77 -28.83 8.62
C MET J 91 72.48 -29.61 8.38
N GLU J 92 72.08 -30.46 9.32
CA GLU J 92 70.78 -31.11 9.22
C GLU J 92 69.66 -30.08 9.23
N GLY J 93 69.79 -29.04 10.05
CA GLY J 93 68.80 -27.97 10.04
C GLY J 93 68.70 -27.27 8.71
N LYS J 94 69.84 -27.02 8.06
CA LYS J 94 69.82 -26.55 6.68
C LYS J 94 69.16 -27.58 5.78
N GLY J 95 69.52 -28.86 5.95
CA GLY J 95 68.94 -29.92 5.16
C GLY J 95 67.45 -30.09 5.35
N VAL J 96 66.91 -29.62 6.47
CA VAL J 96 65.48 -29.60 6.69
C VAL J 96 64.86 -28.30 6.18
N LEU J 97 65.50 -27.17 6.48
CA LEU J 97 65.00 -25.88 6.01
C LEU J 97 64.86 -25.85 4.49
N PHE J 98 65.68 -26.63 3.78
CA PHE J 98 65.51 -26.75 2.33
C PHE J 98 64.23 -27.50 2.00
N LYS J 99 63.98 -28.61 2.70
CA LYS J 99 62.85 -29.47 2.36
C LYS J 99 61.51 -28.87 2.81
N LYS J 100 61.49 -28.12 3.91
CA LYS J 100 60.24 -27.57 4.41
C LYS J 100 59.78 -26.36 3.60
N PHE J 101 60.70 -25.49 3.21
CA PHE J 101 60.35 -24.28 2.47
C PHE J 101 60.36 -24.50 0.96
N ALA J 102 61.35 -25.21 0.43
CA ALA J 102 61.49 -25.37 -1.01
C ALA J 102 61.49 -26.81 -1.48
N GLY J 103 61.33 -27.77 -0.57
CA GLY J 103 61.27 -29.17 -0.95
C GLY J 103 62.50 -29.65 -1.69
N ILE J 104 63.68 -29.34 -1.15
CA ILE J 104 64.94 -29.74 -1.74
C ILE J 104 65.60 -30.74 -0.80
N ASP J 105 65.70 -31.99 -1.25
CA ASP J 105 66.42 -33.01 -0.49
C ASP J 105 67.89 -32.64 -0.41
N VAL J 106 68.44 -32.61 0.80
CA VAL J 106 69.79 -32.08 1.03
C VAL J 106 70.60 -33.06 1.85
N PHE J 107 71.80 -33.37 1.38
CA PHE J 107 72.78 -34.14 2.13
C PHE J 107 73.63 -33.19 2.96
N ASP J 108 73.75 -33.46 4.25
CA ASP J 108 74.66 -32.74 5.12
C ASP J 108 76.00 -33.47 5.12
N ILE J 109 77.02 -32.83 4.56
CA ILE J 109 78.34 -33.44 4.42
C ILE J 109 79.35 -32.57 5.13
N GLU J 110 79.99 -33.13 6.15
CA GLU J 110 81.00 -32.43 6.95
C GLU J 110 82.37 -33.01 6.61
N VAL J 111 83.25 -32.16 6.10
CA VAL J 111 84.57 -32.58 5.65
C VAL J 111 85.54 -32.51 6.83
N ASP J 112 86.36 -33.55 6.97
CA ASP J 112 87.37 -33.63 8.02
C ASP J 112 88.72 -33.11 7.52
N GLU J 113 88.73 -31.85 7.13
CA GLU J 113 89.93 -31.22 6.59
C GLU J 113 89.89 -29.72 6.85
N LEU J 114 91.06 -29.16 7.20
CA LEU J 114 91.21 -27.73 7.42
C LEU J 114 92.02 -27.04 6.34
N ASP J 115 92.62 -27.79 5.41
CA ASP J 115 93.45 -27.20 4.37
C ASP J 115 92.59 -26.68 3.23
N PRO J 116 92.83 -25.46 2.75
CA PRO J 116 91.95 -24.91 1.70
C PRO J 116 92.02 -25.67 0.38
N ASP J 117 93.14 -26.32 0.08
CA ASP J 117 93.31 -27.01 -1.19
C ASP J 117 92.95 -28.48 -1.14
N LYS J 118 93.12 -29.13 0.02
CA LYS J 118 92.65 -30.51 0.16
C LYS J 118 91.13 -30.56 0.24
N PHE J 119 90.51 -29.49 0.73
CA PHE J 119 89.05 -29.43 0.82
C PHE J 119 88.42 -29.48 -0.57
N ILE J 120 89.03 -28.79 -1.53
CA ILE J 120 88.44 -28.69 -2.86
C ILE J 120 88.50 -30.02 -3.59
N GLU J 121 89.57 -30.80 -3.37
CA GLU J 121 89.71 -32.08 -4.05
C GLU J 121 88.61 -33.07 -3.64
N VAL J 122 88.03 -32.90 -2.46
CA VAL J 122 86.91 -33.75 -2.07
C VAL J 122 85.62 -33.27 -2.72
N VAL J 123 85.45 -31.97 -2.90
CA VAL J 123 84.19 -31.43 -3.42
C VAL J 123 84.05 -31.75 -4.90
N ALA J 124 85.07 -31.43 -5.70
CA ALA J 124 84.99 -31.68 -7.14
C ALA J 124 84.88 -33.16 -7.44
N ALA J 125 85.39 -34.02 -6.55
CA ALA J 125 85.23 -35.45 -6.73
C ALA J 125 83.77 -35.87 -6.61
N LEU J 126 82.98 -35.11 -5.86
CA LEU J 126 81.57 -35.43 -5.62
C LEU J 126 80.64 -34.68 -6.55
N GLU J 127 81.15 -34.14 -7.65
CA GLU J 127 80.29 -33.45 -8.61
C GLU J 127 79.22 -34.33 -9.23
N PRO J 128 79.49 -35.59 -9.63
CA PRO J 128 78.42 -36.39 -10.24
C PRO J 128 77.22 -36.61 -9.33
N THR J 129 77.42 -36.64 -8.02
CA THR J 129 76.33 -36.91 -7.09
C THR J 129 75.25 -35.84 -7.15
N PHE J 130 75.58 -34.62 -6.74
CA PHE J 130 74.60 -33.56 -6.54
C PHE J 130 74.54 -32.61 -7.73
N GLY J 131 73.35 -32.04 -7.93
CA GLY J 131 73.18 -30.97 -8.89
C GLY J 131 73.26 -29.63 -8.19
N GLY J 132 73.79 -29.64 -6.97
CA GLY J 132 73.91 -28.42 -6.20
C GLY J 132 74.93 -28.56 -5.10
N ILE J 133 75.54 -27.43 -4.73
CA ILE J 133 76.52 -27.37 -3.65
C ILE J 133 76.28 -26.09 -2.87
N ASN J 134 75.97 -26.23 -1.58
CA ASN J 134 75.77 -25.10 -0.68
C ASN J 134 76.87 -25.13 0.37
N LEU J 135 77.72 -24.10 0.36
CA LEU J 135 78.80 -23.99 1.33
C LEU J 135 78.29 -23.24 2.56
N GLU J 136 78.59 -23.76 3.75
CA GLU J 136 78.11 -23.18 4.99
C GLU J 136 79.20 -23.29 6.05
N ASP J 137 79.42 -22.20 6.78
CA ASP J 137 80.31 -22.16 7.94
C ASP J 137 81.75 -22.51 7.56
N ILE J 138 82.33 -21.69 6.69
CA ILE J 138 83.74 -21.74 6.35
C ILE J 138 84.36 -20.41 6.77
N LYS J 139 85.35 -20.48 7.66
CA LYS J 139 85.91 -19.26 8.23
C LYS J 139 86.70 -18.49 7.17
N ALA J 140 87.11 -17.25 7.54
CA ALA J 140 87.88 -16.35 6.69
C ALA J 140 89.37 -16.62 6.85
N PRO J 141 90.16 -16.44 5.78
CA PRO J 141 89.72 -16.02 4.44
C PRO J 141 89.48 -17.18 3.48
N GLU J 142 89.40 -18.41 4.00
CA GLU J 142 89.27 -19.59 3.15
C GLU J 142 88.00 -19.55 2.31
N CYS J 143 86.97 -18.82 2.77
CA CYS J 143 85.68 -18.84 2.09
C CYS J 143 85.77 -18.21 0.70
N PHE J 144 86.33 -17.00 0.59
CA PHE J 144 86.45 -16.35 -0.71
C PHE J 144 87.21 -17.24 -1.68
N TYR J 145 88.26 -17.90 -1.20
CA TYR J 145 89.15 -18.65 -2.09
C TYR J 145 88.54 -19.99 -2.49
N ILE J 146 88.04 -20.76 -1.52
CA ILE J 146 87.48 -22.07 -1.81
C ILE J 146 86.29 -21.94 -2.76
N GLU J 147 85.42 -20.97 -2.50
CA GLU J 147 84.21 -20.84 -3.31
C GLU J 147 84.53 -20.33 -4.71
N GLN J 148 85.48 -19.39 -4.82
CA GLN J 148 85.85 -18.86 -6.13
C GLN J 148 86.43 -19.95 -7.02
N LYS J 149 87.32 -20.78 -6.47
CA LYS J 149 87.90 -21.87 -7.25
C LYS J 149 86.84 -22.90 -7.63
N LEU J 150 85.87 -23.13 -6.75
CA LEU J 150 84.92 -24.22 -6.97
C LEU J 150 83.85 -23.85 -7.99
N ARG J 151 83.39 -22.59 -7.98
CA ARG J 151 82.33 -22.18 -8.90
C ARG J 151 82.76 -22.36 -10.35
N GLU J 152 83.95 -21.87 -10.70
CA GLU J 152 84.43 -21.96 -12.06
C GLU J 152 84.78 -23.40 -12.43
N ARG J 153 85.52 -24.08 -11.55
CA ARG J 153 85.94 -25.46 -11.81
C ARG J 153 84.74 -26.38 -12.02
N MET J 154 83.84 -26.42 -11.03
CA MET J 154 82.73 -27.37 -11.08
C MET J 154 81.61 -26.86 -11.98
N ASN J 155 81.00 -27.80 -12.71
CA ASN J 155 79.90 -27.51 -13.61
C ASN J 155 78.54 -27.71 -12.96
N ILE J 156 78.49 -27.66 -11.63
CA ILE J 156 77.24 -27.61 -10.86
C ILE J 156 77.30 -26.36 -10.00
N PRO J 157 76.14 -25.81 -9.61
CA PRO J 157 76.15 -24.54 -8.87
C PRO J 157 76.82 -24.67 -7.50
N VAL J 158 77.71 -23.72 -7.21
CA VAL J 158 78.37 -23.61 -5.92
C VAL J 158 78.04 -22.24 -5.35
N PHE J 159 77.61 -22.21 -4.09
CA PHE J 159 77.05 -21.00 -3.51
C PHE J 159 77.28 -21.03 -2.00
N HIS J 160 77.83 -19.94 -1.46
CA HIS J 160 78.09 -19.81 -0.03
C HIS J 160 77.03 -18.93 0.59
N ASP J 161 76.23 -19.49 1.49
CA ASP J 161 75.06 -18.79 2.01
C ASP J 161 75.44 -17.67 2.97
N ASP J 162 76.49 -17.87 3.77
CA ASP J 162 76.82 -16.90 4.81
C ASP J 162 77.27 -15.57 4.24
N GLN J 163 77.83 -15.55 3.04
CA GLN J 163 78.30 -14.30 2.42
C GLN J 163 77.33 -13.79 1.36
N HIS J 164 77.14 -14.54 0.28
CA HIS J 164 76.32 -14.05 -0.83
C HIS J 164 74.85 -13.96 -0.44
N GLY J 165 74.36 -14.94 0.31
CA GLY J 165 72.95 -14.92 0.71
C GLY J 165 72.60 -13.69 1.53
N THR J 166 73.35 -13.45 2.60
CA THR J 166 73.12 -12.26 3.41
C THR J 166 73.33 -11.00 2.59
N ALA J 167 74.19 -11.05 1.57
CA ALA J 167 74.41 -9.88 0.74
C ALA J 167 73.24 -9.65 -0.22
N ILE J 168 72.63 -10.74 -0.70
CA ILE J 168 71.48 -10.61 -1.58
C ILE J 168 70.34 -9.88 -0.86
N ILE J 169 70.17 -10.16 0.43
CA ILE J 169 69.07 -9.56 1.18
C ILE J 169 69.32 -8.08 1.42
N SER J 170 70.48 -7.74 1.99
CA SER J 170 70.81 -6.35 2.26
C SER J 170 70.76 -5.51 1.00
N THR J 171 71.16 -6.10 -0.13
CA THR J 171 71.08 -5.40 -1.41
C THR J 171 69.65 -4.96 -1.70
N ALA J 172 68.71 -5.91 -1.68
CA ALA J 172 67.30 -5.55 -1.86
C ALA J 172 66.81 -4.64 -0.74
N ALA J 173 67.33 -4.83 0.48
CA ALA J 173 66.88 -4.01 1.61
C ALA J 173 67.20 -2.54 1.37
N ILE J 174 68.35 -2.26 0.77
CA ILE J 174 68.73 -0.86 0.53
C ILE J 174 67.92 -0.28 -0.62
N LEU J 175 67.63 -1.09 -1.64
CA LEU J 175 66.87 -0.60 -2.78
C LEU J 175 65.52 -0.05 -2.35
N ASN J 176 64.84 -0.75 -1.44
CA ASN J 176 63.56 -0.26 -0.95
C ASN J 176 63.73 0.99 -0.12
N GLY J 177 64.77 1.03 0.72
CA GLY J 177 65.02 2.24 1.50
C GLY J 177 65.29 3.45 0.64
N LEU J 178 65.88 3.26 -0.54
CA LEU J 178 66.06 4.36 -1.47
C LEU J 178 64.72 4.87 -2.00
N ARG J 179 63.74 3.97 -2.16
CA ARG J 179 62.41 4.40 -2.57
C ARG J 179 61.72 5.18 -1.45
N VAL J 180 61.95 4.80 -0.19
CA VAL J 180 61.28 5.46 0.92
C VAL J 180 61.80 6.89 1.08
N VAL J 181 63.13 7.05 1.07
CA VAL J 181 63.74 8.35 1.34
C VAL J 181 63.86 9.23 0.10
N GLU J 182 63.52 8.70 -1.08
CA GLU J 182 63.60 9.43 -2.36
C GLU J 182 65.03 9.92 -2.62
N LYS J 183 65.89 8.94 -2.91
CA LYS J 183 67.31 9.20 -3.15
C LYS J 183 67.80 8.24 -4.23
N ASN J 184 68.35 8.79 -5.32
CA ASN J 184 68.89 7.95 -6.38
C ASN J 184 70.07 7.14 -5.87
N ILE J 185 70.44 6.12 -6.64
CA ILE J 185 71.60 5.32 -6.30
C ILE J 185 72.90 6.02 -6.69
N SER J 186 72.84 7.03 -7.56
CA SER J 186 74.04 7.73 -7.99
C SER J 186 74.47 8.80 -6.98
N ASP J 187 73.52 9.35 -6.22
CA ASP J 187 73.81 10.48 -5.34
C ASP J 187 74.18 10.07 -3.92
N VAL J 188 73.78 8.87 -3.48
CA VAL J 188 74.01 8.47 -2.09
C VAL J 188 75.44 7.99 -1.92
N ARG J 189 75.90 8.03 -0.66
CA ARG J 189 77.27 7.67 -0.30
C ARG J 189 77.22 6.65 0.83
N MET J 190 77.92 5.54 0.65
CA MET J 190 77.88 4.42 1.59
C MET J 190 79.22 4.27 2.29
N VAL J 191 79.16 3.96 3.60
CA VAL J 191 80.33 3.66 4.41
C VAL J 191 80.12 2.29 5.03
N VAL J 192 81.13 1.44 4.95
CA VAL J 192 81.06 0.07 5.43
C VAL J 192 82.13 -0.14 6.49
N SER J 193 81.79 -0.88 7.54
CA SER J 193 82.69 -1.15 8.65
C SER J 193 83.18 -2.59 8.56
N GLY J 194 84.50 -2.77 8.66
CA GLY J 194 85.09 -4.09 8.59
C GLY J 194 85.20 -4.61 7.18
N ALA J 195 85.71 -5.83 7.06
CA ALA J 195 85.82 -6.54 5.79
C ALA J 195 85.00 -7.83 5.83
N GLY J 196 83.77 -7.73 6.33
CA GLY J 196 82.93 -8.91 6.45
C GLY J 196 82.62 -9.53 5.11
N ALA J 197 82.46 -10.86 5.12
CA ALA J 197 82.25 -11.59 3.86
C ALA J 197 80.97 -11.16 3.17
N ALA J 198 79.92 -10.89 3.95
CA ALA J 198 78.68 -10.39 3.35
C ALA J 198 78.83 -8.98 2.82
N ALA J 199 79.85 -8.23 3.27
CA ALA J 199 80.01 -6.84 2.83
C ALA J 199 80.71 -6.75 1.49
N ILE J 200 81.78 -7.53 1.30
CA ILE J 200 82.49 -7.49 0.01
C ILE J 200 81.60 -7.97 -1.11
N ALA J 201 80.82 -9.03 -0.88
CA ALA J 201 79.90 -9.50 -1.89
C ALA J 201 78.76 -8.53 -2.13
N CYS J 202 78.33 -7.80 -1.09
CA CYS J 202 77.23 -6.86 -1.24
C CYS J 202 77.64 -5.66 -2.09
N MET J 203 78.88 -5.19 -1.91
CA MET J 203 79.35 -4.05 -2.68
C MET J 203 79.48 -4.37 -4.15
N ASN J 204 80.00 -5.57 -4.47
CA ASN J 204 80.09 -6.00 -5.86
C ASN J 204 78.72 -6.04 -6.52
N LEU J 205 77.67 -6.24 -5.72
CA LEU J 205 76.29 -6.21 -6.21
C LEU J 205 75.73 -4.79 -6.21
N LEU J 206 76.08 -3.99 -5.21
CA LEU J 206 75.59 -2.62 -5.16
C LEU J 206 76.21 -1.76 -6.26
N VAL J 207 77.53 -1.86 -6.44
CA VAL J 207 78.18 -1.18 -7.56
C VAL J 207 77.58 -1.63 -8.87
N ALA J 208 77.30 -2.94 -9.01
CA ALA J 208 76.66 -3.45 -10.20
C ALA J 208 75.25 -2.91 -10.38
N LEU J 209 74.63 -2.41 -9.31
CA LEU J 209 73.30 -1.84 -9.38
C LEU J 209 73.31 -0.34 -9.66
N GLY J 210 74.48 0.27 -9.80
CA GLY J 210 74.60 1.68 -10.06
C GLY J 210 75.21 2.50 -8.94
N LEU J 211 75.59 1.86 -7.83
CA LEU J 211 76.22 2.59 -6.74
C LEU J 211 77.63 3.00 -7.13
N GLN J 212 77.95 4.28 -6.90
CA GLN J 212 79.23 4.82 -7.31
C GLN J 212 80.36 4.26 -6.44
N LYS J 213 81.47 3.89 -7.10
CA LYS J 213 82.57 3.28 -6.36
C LYS J 213 83.29 4.30 -5.49
N HIS J 214 83.43 5.54 -5.97
CA HIS J 214 84.14 6.56 -5.21
C HIS J 214 83.38 6.94 -3.94
N ASN J 215 82.04 6.88 -3.98
CA ASN J 215 81.26 7.16 -2.80
C ASN J 215 81.39 6.06 -1.76
N ILE J 216 81.59 4.82 -2.19
CA ILE J 216 81.76 3.72 -1.25
C ILE J 216 83.11 3.84 -0.56
N VAL J 217 83.07 3.94 0.78
CA VAL J 217 84.27 4.05 1.60
C VAL J 217 84.23 2.93 2.63
N VAL J 218 85.34 2.22 2.80
CA VAL J 218 85.40 1.05 3.67
C VAL J 218 86.52 1.25 4.68
N CYS J 219 86.27 0.80 5.92
CA CYS J 219 87.22 0.93 7.02
C CYS J 219 87.43 -0.44 7.66
N ASP J 220 88.69 -0.79 7.92
CA ASP J 220 89.02 -2.01 8.63
C ASP J 220 89.68 -1.66 9.98
N SER J 221 90.25 -2.69 10.63
CA SER J 221 90.73 -2.52 12.01
C SER J 221 91.85 -1.49 12.10
N LYS J 222 92.64 -1.32 11.03
CA LYS J 222 93.75 -0.38 11.06
C LYS J 222 93.27 1.06 10.91
N GLY J 223 92.14 1.28 10.26
CA GLY J 223 91.65 2.60 9.95
C GLY J 223 90.79 2.55 8.71
N VAL J 224 90.66 3.69 8.05
CA VAL J 224 89.97 3.72 6.76
C VAL J 224 90.91 3.23 5.67
N ILE J 225 90.35 2.63 4.63
CA ILE J 225 91.14 1.97 3.59
C ILE J 225 91.40 3.00 2.49
N TYR J 226 92.62 3.52 2.48
CA TYR J 226 93.12 4.38 1.41
C TYR J 226 94.26 3.67 0.70
N GLN J 227 94.55 4.13 -0.52
CA GLN J 227 95.61 3.51 -1.32
C GLN J 227 96.97 3.89 -0.76
N GLY J 228 97.75 2.90 -0.36
CA GLY J 228 99.10 3.11 0.10
C GLY J 228 99.36 2.77 1.56
N ARG J 229 98.31 2.49 2.35
CA ARG J 229 98.52 2.15 3.74
C ARG J 229 99.31 0.85 3.87
N GLU J 230 99.06 -0.11 2.98
CA GLU J 230 99.79 -1.37 2.96
C GLU J 230 100.33 -1.59 1.55
N PRO J 231 101.60 -1.98 1.39
CA PRO J 231 102.14 -2.22 0.05
C PRO J 231 101.48 -3.41 -0.63
N ASN J 232 101.38 -4.53 0.08
CA ASN J 232 100.76 -5.75 -0.45
C ASN J 232 99.33 -5.88 0.07
N MET J 233 98.51 -4.88 -0.27
CA MET J 233 97.13 -4.86 0.15
C MET J 233 96.36 -6.02 -0.47
N ALA J 234 95.40 -6.53 0.30
CA ALA J 234 94.52 -7.57 -0.21
C ALA J 234 93.78 -7.07 -1.44
N GLU J 235 93.81 -7.88 -2.51
CA GLU J 235 93.26 -7.43 -3.79
C GLU J 235 91.76 -7.13 -3.71
N THR J 236 91.06 -7.73 -2.75
CA THR J 236 89.67 -7.35 -2.51
C THR J 236 89.58 -6.06 -1.69
N LYS J 237 90.42 -5.94 -0.66
CA LYS J 237 90.41 -4.73 0.16
C LYS J 237 90.86 -3.51 -0.64
N ALA J 238 91.72 -3.70 -1.64
CA ALA J 238 92.24 -2.58 -2.42
C ALA J 238 91.28 -2.16 -3.53
N ALA J 239 90.43 -3.07 -4.00
CA ALA J 239 89.55 -2.75 -5.12
C ALA J 239 88.58 -1.62 -4.76
N TYR J 240 88.25 -1.46 -3.48
CA TYR J 240 87.33 -0.44 -3.04
C TYR J 240 88.00 0.63 -2.18
N ALA J 241 89.33 0.66 -2.14
CA ALA J 241 90.03 1.74 -1.48
C ALA J 241 89.71 3.07 -2.16
N VAL J 242 89.92 4.16 -1.43
CA VAL J 242 89.50 5.48 -1.89
C VAL J 242 90.68 6.43 -1.92
N VAL J 243 90.51 7.53 -2.65
CA VAL J 243 91.51 8.59 -2.68
C VAL J 243 91.64 9.17 -1.29
N ASP J 244 92.87 9.25 -0.78
CA ASP J 244 93.11 9.62 0.60
C ASP J 244 92.65 11.05 0.87
N ASP J 245 92.03 11.26 2.03
CA ASP J 245 91.64 12.58 2.50
C ASP J 245 92.13 12.86 3.91
N GLY J 246 92.99 12.00 4.46
CA GLY J 246 93.51 12.19 5.79
C GLY J 246 92.45 12.01 6.86
N LYS J 247 91.68 10.92 6.78
CA LYS J 247 90.56 10.69 7.69
C LYS J 247 90.54 9.23 8.14
N ARG J 248 91.59 8.81 8.85
CA ARG J 248 91.64 7.44 9.35
C ARG J 248 90.50 7.15 10.32
N THR J 249 90.02 8.18 11.02
CA THR J 249 88.99 7.95 12.04
C THR J 249 87.66 7.62 11.38
N LEU J 250 86.96 6.64 11.95
CA LEU J 250 85.63 6.29 11.47
C LEU J 250 84.62 7.41 11.69
N ASP J 251 84.86 8.27 12.68
CA ASP J 251 83.98 9.41 12.92
C ASP J 251 84.13 10.50 11.85
N ASP J 252 85.26 10.52 11.14
CA ASP J 252 85.44 11.50 10.07
C ASP J 252 84.68 11.09 8.81
N VAL J 253 84.66 9.80 8.49
CA VAL J 253 84.01 9.34 7.27
C VAL J 253 82.51 9.12 7.43
N ILE J 254 82.00 9.00 8.66
CA ILE J 254 80.58 8.78 8.86
C ILE J 254 79.78 10.08 8.78
N GLU J 255 80.44 11.23 8.89
CA GLU J 255 79.75 12.50 8.85
C GLU J 255 79.13 12.74 7.47
N GLY J 256 77.82 12.90 7.44
CA GLY J 256 77.14 13.15 6.17
C GLY J 256 77.04 11.94 5.26
N ALA J 257 76.81 10.76 5.82
CA ALA J 257 76.67 9.53 5.05
C ALA J 257 75.20 9.12 4.97
N ASP J 258 74.83 8.52 3.84
CA ASP J 258 73.46 8.09 3.61
C ASP J 258 73.21 6.63 3.94
N ILE J 259 74.21 5.76 3.81
CA ILE J 259 74.08 4.34 4.10
C ILE J 259 75.24 3.91 4.98
N PHE J 260 74.96 2.98 5.91
CA PHE J 260 75.98 2.36 6.74
C PHE J 260 75.76 0.86 6.77
N LEU J 261 76.85 0.10 6.66
CA LEU J 261 76.81 -1.36 6.74
C LEU J 261 77.80 -1.83 7.79
N GLY J 262 77.36 -2.72 8.66
CA GLY J 262 78.21 -3.24 9.71
C GLY J 262 78.42 -4.74 9.65
N CYS J 263 79.66 -5.16 9.39
CA CYS J 263 80.00 -6.57 9.32
C CYS J 263 81.19 -6.91 10.20
N SER J 264 81.51 -6.07 11.18
CA SER J 264 82.59 -6.29 12.11
C SER J 264 82.02 -6.73 13.47
N GLY J 265 82.78 -6.52 14.54
CA GLY J 265 82.35 -6.88 15.86
C GLY J 265 81.15 -6.06 16.32
N PRO J 266 80.38 -6.60 17.27
CA PRO J 266 79.21 -5.87 17.77
C PRO J 266 79.62 -4.63 18.55
N LYS J 267 78.66 -3.71 18.66
CA LYS J 267 78.83 -2.45 19.41
C LYS J 267 80.00 -1.63 18.87
N VAL J 268 79.96 -1.34 17.57
CA VAL J 268 80.96 -0.49 16.94
C VAL J 268 80.34 0.88 16.69
N LEU J 269 79.04 0.90 16.41
CA LEU J 269 78.34 2.15 16.15
C LEU J 269 77.82 2.77 17.44
N THR J 270 77.85 4.10 17.50
CA THR J 270 77.47 4.86 18.68
C THR J 270 76.26 5.74 18.36
N GLN J 271 75.73 6.38 19.40
CA GLN J 271 74.66 7.35 19.21
C GLN J 271 75.18 8.62 18.56
N GLU J 272 76.38 9.06 18.94
CA GLU J 272 76.93 10.29 18.37
C GLU J 272 77.27 10.13 16.90
N MET J 273 77.69 8.94 16.48
CA MET J 273 77.95 8.71 15.07
C MET J 273 76.65 8.77 14.25
N VAL J 274 75.55 8.29 14.83
CA VAL J 274 74.28 8.35 14.12
C VAL J 274 73.70 9.76 14.12
N LYS J 275 73.98 10.55 15.16
CA LYS J 275 73.56 11.95 15.15
C LYS J 275 74.20 12.69 13.98
N LYS J 276 75.44 12.35 13.64
CA LYS J 276 76.21 13.06 12.63
C LYS J 276 75.91 12.62 11.20
N MET J 277 75.05 11.62 11.01
CA MET J 277 74.80 11.11 9.66
C MET J 277 73.89 12.05 8.89
N ALA J 278 73.75 11.77 7.59
CA ALA J 278 72.95 12.61 6.71
C ALA J 278 71.46 12.32 6.93
N ARG J 279 70.62 12.80 6.02
CA ARG J 279 69.17 12.73 6.20
C ARG J 279 68.67 11.30 5.97
N ALA J 280 67.81 10.84 6.87
CA ALA J 280 67.18 9.53 6.80
C ALA J 280 68.22 8.43 6.61
N PRO J 281 69.05 8.18 7.61
CA PRO J 281 70.12 7.18 7.45
C PRO J 281 69.58 5.76 7.45
N MET J 282 70.33 4.87 6.78
CA MET J 282 70.01 3.45 6.71
C MET J 282 71.13 2.68 7.37
N ILE J 283 70.80 1.96 8.44
CA ILE J 283 71.75 1.18 9.22
C ILE J 283 71.45 -0.29 9.04
N LEU J 284 72.50 -1.07 8.74
CA LEU J 284 72.36 -2.50 8.53
C LEU J 284 73.37 -3.24 9.40
N ALA J 285 73.19 -3.11 10.72
CA ALA J 285 74.08 -3.72 11.69
C ALA J 285 73.78 -5.21 11.79
N LEU J 286 74.60 -6.03 11.14
CA LEU J 286 74.46 -7.48 11.15
C LEU J 286 75.69 -8.06 11.83
N ALA J 287 75.53 -8.49 13.08
CA ALA J 287 76.65 -9.06 13.82
C ALA J 287 76.13 -10.01 14.88
N ASN J 288 76.94 -11.00 15.22
CA ASN J 288 76.60 -11.99 16.23
C ASN J 288 77.38 -11.74 17.51
N PRO J 289 76.70 -11.74 18.66
CA PRO J 289 75.26 -11.95 18.69
C PRO J 289 74.46 -10.64 18.74
N GLU J 290 75.17 -9.52 18.80
CA GLU J 290 74.55 -8.21 18.99
C GLU J 290 74.78 -7.32 17.77
N PRO J 291 73.85 -6.41 17.47
CA PRO J 291 74.10 -5.44 16.40
C PRO J 291 75.08 -4.37 16.85
N GLU J 292 75.68 -3.71 15.85
CA GLU J 292 76.67 -2.65 16.13
C GLU J 292 76.04 -1.51 16.92
N ILE J 293 74.82 -1.12 16.58
CA ILE J 293 74.04 -0.22 17.39
C ILE J 293 72.71 -0.89 17.71
N LEU J 294 72.33 -0.86 18.98
CA LEU J 294 71.05 -1.42 19.36
C LEU J 294 69.94 -0.61 18.69
N PRO J 295 68.99 -1.25 18.02
CA PRO J 295 67.96 -0.52 17.26
C PRO J 295 67.20 0.49 18.11
N PRO J 296 66.90 0.20 19.39
CA PRO J 296 66.32 1.26 20.23
C PRO J 296 67.24 2.47 20.41
N LEU J 297 68.54 2.24 20.62
CA LEU J 297 69.47 3.36 20.83
C LEU J 297 69.63 4.21 19.58
N ALA J 298 69.51 3.60 18.39
CA ALA J 298 69.63 4.35 17.15
C ALA J 298 68.34 5.07 16.79
N LYS J 299 67.18 4.45 17.09
CA LYS J 299 65.91 5.12 16.83
C LYS J 299 65.70 6.30 17.75
N GLU J 300 66.30 6.28 18.94
CA GLU J 300 66.10 7.35 19.91
C GLU J 300 66.63 8.67 19.39
N VAL J 301 67.86 8.67 18.87
CA VAL J 301 68.46 9.91 18.40
C VAL J 301 67.86 10.33 17.06
N ARG J 302 67.52 9.38 16.20
CA ARG J 302 66.95 9.67 14.88
C ARG J 302 65.69 8.84 14.69
N PRO J 303 64.51 9.48 14.65
CA PRO J 303 63.27 8.72 14.48
C PRO J 303 62.98 8.33 13.03
N ASP J 304 63.45 9.14 12.07
CA ASP J 304 63.13 8.93 10.66
C ASP J 304 64.09 8.00 9.96
N ALA J 305 64.85 7.20 10.70
CA ALA J 305 65.82 6.28 10.11
C ALA J 305 65.18 4.94 9.80
N ILE J 306 65.80 4.22 8.88
CA ILE J 306 65.35 2.89 8.46
C ILE J 306 66.48 1.91 8.78
N ILE J 307 66.28 1.09 9.81
CA ILE J 307 67.35 0.26 10.34
C ILE J 307 66.99 -1.20 10.17
N CYS J 308 68.01 -2.03 9.95
CA CYS J 308 67.85 -3.48 9.83
C CYS J 308 68.95 -4.16 10.63
N THR J 309 68.62 -5.33 11.19
CA THR J 309 69.57 -6.09 11.98
C THR J 309 69.48 -7.56 11.63
N GLY J 310 70.49 -8.32 12.06
CA GLY J 310 70.50 -9.75 11.85
C GLY J 310 69.75 -10.55 12.88
N ARG J 311 69.40 -9.93 14.01
CA ARG J 311 68.63 -10.61 15.04
C ARG J 311 67.16 -10.63 14.68
N SER J 312 66.44 -11.61 15.24
CA SER J 312 65.04 -11.84 14.90
C SER J 312 64.06 -11.07 15.77
N ASP J 313 64.45 -10.67 16.98
CA ASP J 313 63.53 -9.97 17.87
C ASP J 313 63.30 -8.52 17.42
N TYR J 314 64.35 -7.86 16.92
CA TYR J 314 64.18 -6.52 16.38
C TYR J 314 63.52 -6.59 15.00
N PRO J 315 62.81 -5.53 14.59
CA PRO J 315 62.15 -5.55 13.29
C PRO J 315 63.13 -5.53 12.13
N ASN J 316 62.61 -5.82 10.95
CA ASN J 316 63.38 -5.83 9.70
C ASN J 316 64.59 -6.75 9.79
N GLN J 317 64.33 -8.01 10.15
CA GLN J 317 65.40 -8.96 10.35
C GLN J 317 65.97 -9.42 9.00
N VAL J 318 67.29 -9.56 8.94
CA VAL J 318 67.98 -10.03 7.75
C VAL J 318 68.35 -11.48 7.98
N ASN J 319 67.46 -12.39 7.59
CA ASN J 319 67.62 -13.82 7.85
C ASN J 319 68.02 -14.55 6.57
N ASN J 320 68.88 -15.56 6.74
CA ASN J 320 69.34 -16.35 5.61
C ASN J 320 68.17 -17.05 4.92
N VAL J 321 67.15 -17.45 5.69
CA VAL J 321 66.05 -18.27 5.20
C VAL J 321 65.22 -17.55 4.15
N LEU J 322 65.42 -16.25 3.95
CA LEU J 322 64.60 -15.49 3.02
C LEU J 322 64.90 -15.82 1.56
N CYS J 323 66.09 -16.34 1.26
CA CYS J 323 66.52 -16.44 -0.14
C CYS J 323 67.12 -17.80 -0.50
N PHE J 324 68.05 -18.29 0.31
CA PHE J 324 68.94 -19.39 -0.06
C PHE J 324 68.24 -20.67 -0.51
N PRO J 325 67.00 -20.99 -0.08
CA PRO J 325 66.31 -22.13 -0.69
C PRO J 325 65.81 -21.81 -2.09
N PHE J 326 65.07 -20.71 -2.21
CA PHE J 326 64.37 -20.41 -3.45
C PHE J 326 65.31 -20.09 -4.61
N ILE J 327 66.58 -19.83 -4.33
CA ILE J 327 67.55 -19.66 -5.41
C ILE J 327 67.88 -21.00 -6.05
N PHE J 328 68.24 -21.98 -5.22
CA PHE J 328 68.60 -23.30 -5.73
C PHE J 328 67.43 -23.97 -6.44
N ARG J 329 66.21 -23.71 -5.96
CA ARG J 329 65.03 -24.29 -6.59
C ARG J 329 64.95 -23.90 -8.06
N GLY J 330 65.06 -22.61 -8.36
CA GLY J 330 65.10 -22.17 -9.74
C GLY J 330 66.33 -22.66 -10.47
N ALA J 331 67.46 -22.74 -9.76
CA ALA J 331 68.69 -23.22 -10.39
C ALA J 331 68.61 -24.70 -10.71
N LEU J 332 68.00 -25.49 -9.82
CA LEU J 332 67.91 -26.93 -10.04
C LEU J 332 66.95 -27.27 -11.18
N ASP J 333 65.83 -26.55 -11.25
CA ASP J 333 64.81 -26.87 -12.26
C ASP J 333 65.31 -26.57 -13.67
N VAL J 334 66.15 -25.54 -13.84
CA VAL J 334 66.79 -25.33 -15.13
C VAL J 334 68.13 -26.05 -15.24
N GLY J 335 68.59 -26.67 -14.15
CA GLY J 335 69.85 -27.41 -14.18
C GLY J 335 71.07 -26.58 -14.49
N ALA J 336 71.16 -25.38 -13.90
CA ALA J 336 72.24 -24.46 -14.24
C ALA J 336 73.60 -25.03 -13.85
N THR J 337 74.60 -24.75 -14.68
CA THR J 337 75.96 -25.20 -14.40
C THR J 337 76.58 -24.46 -13.22
N ALA J 338 76.07 -23.27 -12.90
CA ALA J 338 76.54 -22.48 -11.77
C ALA J 338 75.56 -21.33 -11.60
N ILE J 339 75.68 -20.65 -10.46
CA ILE J 339 74.87 -19.47 -10.16
C ILE J 339 75.73 -18.25 -10.47
N ASN J 340 75.39 -17.55 -11.56
CA ASN J 340 76.10 -16.35 -11.93
C ASN J 340 75.54 -15.15 -11.17
N GLU J 341 76.26 -14.03 -11.29
CA GLU J 341 75.84 -12.81 -10.60
C GLU J 341 74.50 -12.31 -11.13
N GLU J 342 74.17 -12.62 -12.38
CA GLU J 342 72.92 -12.15 -12.96
C GLU J 342 71.72 -12.81 -12.29
N MET J 343 71.83 -14.10 -11.95
CA MET J 343 70.77 -14.78 -11.22
C MET J 343 70.55 -14.15 -9.86
N LYS J 344 71.64 -13.89 -9.12
CA LYS J 344 71.53 -13.26 -7.81
C LYS J 344 70.88 -11.89 -7.91
N LEU J 345 71.23 -11.11 -8.94
CA LEU J 345 70.62 -9.81 -9.14
C LEU J 345 69.13 -9.93 -9.40
N ALA J 346 68.73 -10.91 -10.21
CA ALA J 346 67.31 -11.14 -10.45
C ALA J 346 66.58 -11.51 -9.16
N ALA J 347 67.25 -12.22 -8.25
CA ALA J 347 66.64 -12.53 -6.96
C ALA J 347 66.49 -11.27 -6.11
N VAL J 348 67.48 -10.38 -6.16
CA VAL J 348 67.41 -9.14 -5.40
C VAL J 348 66.19 -8.33 -5.82
N ARG J 349 65.98 -8.20 -7.14
CA ARG J 349 64.83 -7.45 -7.63
C ARG J 349 63.52 -8.10 -7.19
N ALA J 350 63.44 -9.44 -7.28
CA ALA J 350 62.21 -10.13 -6.95
C ALA J 350 61.86 -9.98 -5.47
N ILE J 351 62.87 -10.01 -4.59
CA ILE J 351 62.62 -9.85 -3.16
C ILE J 351 62.09 -8.45 -2.88
N ALA J 352 62.68 -7.44 -3.51
CA ALA J 352 62.20 -6.07 -3.32
C ALA J 352 60.80 -5.90 -3.88
N GLU J 353 60.52 -6.49 -5.05
CA GLU J 353 59.21 -6.38 -5.67
C GLU J 353 58.12 -6.96 -4.77
N LEU J 354 58.45 -8.01 -4.02
CA LEU J 354 57.47 -8.61 -3.12
C LEU J 354 57.03 -7.64 -2.04
N ALA J 355 57.98 -6.88 -1.48
CA ALA J 355 57.64 -5.87 -0.48
C ALA J 355 56.98 -4.64 -1.10
N HIS J 356 57.29 -4.34 -2.36
CA HIS J 356 56.72 -3.16 -3.00
C HIS J 356 55.20 -3.30 -3.17
N ALA J 357 54.77 -4.41 -3.75
CA ALA J 357 53.35 -4.63 -3.95
C ALA J 357 52.62 -4.68 -2.61
N GLU J 358 51.39 -4.17 -2.61
CA GLU J 358 50.57 -4.20 -1.40
C GLU J 358 50.29 -5.65 -1.02
N GLN J 359 50.48 -5.95 0.27
CA GLN J 359 50.43 -7.33 0.73
C GLN J 359 49.00 -7.87 0.64
N SER J 360 48.89 -9.13 0.21
CA SER J 360 47.58 -9.76 0.01
C SER J 360 47.31 -10.83 1.07
N ALA J 366 43.78 -13.39 6.98
CA ALA J 366 44.41 -14.39 7.84
C ALA J 366 44.11 -14.12 9.30
N TYR J 367 44.39 -15.09 10.17
CA TYR J 367 44.10 -14.90 11.59
C TYR J 367 45.19 -14.03 12.24
N GLY J 368 46.43 -14.13 11.76
CA GLY J 368 47.47 -13.24 12.21
C GLY J 368 47.18 -11.80 11.84
N ASP J 369 47.07 -10.93 12.84
CA ASP J 369 46.65 -9.54 12.64
C ASP J 369 47.83 -8.60 12.41
N GLN J 370 49.03 -9.12 12.19
CA GLN J 370 50.20 -8.28 12.02
C GLN J 370 50.04 -7.41 10.78
N ASP J 371 50.24 -6.10 10.96
CA ASP J 371 50.11 -5.17 9.84
C ASP J 371 51.21 -5.42 8.81
N LEU J 372 50.85 -5.26 7.53
CA LEU J 372 51.77 -5.54 6.43
C LEU J 372 51.71 -4.35 5.45
N SER J 373 52.28 -3.22 5.88
CA SER J 373 52.31 -2.01 5.08
C SER J 373 53.75 -1.62 4.79
N PHE J 374 54.05 -1.38 3.51
CA PHE J 374 55.40 -1.01 3.12
C PHE J 374 55.79 0.33 3.73
N GLY J 375 56.94 0.36 4.40
CA GLY J 375 57.43 1.55 5.03
C GLY J 375 58.75 1.32 5.74
N PRO J 376 59.14 2.23 6.62
CA PRO J 376 60.42 2.05 7.35
C PRO J 376 60.45 0.80 8.20
N GLU J 377 59.30 0.33 8.69
CA GLU J 377 59.26 -0.88 9.50
C GLU J 377 59.25 -2.14 8.65
N TYR J 378 59.00 -2.02 7.33
CA TYR J 378 58.80 -3.16 6.45
C TYR J 378 59.41 -2.87 5.07
N ILE J 379 60.74 -2.89 4.99
CA ILE J 379 61.44 -2.89 3.72
C ILE J 379 61.95 -4.27 3.34
N ILE J 380 61.76 -5.26 4.21
CA ILE J 380 62.17 -6.64 3.94
C ILE J 380 60.95 -7.53 4.13
N PRO J 381 60.65 -8.43 3.19
CA PRO J 381 59.55 -9.36 3.40
C PRO J 381 59.81 -10.29 4.58
N LYS J 382 58.72 -10.88 5.08
CA LYS J 382 58.81 -11.71 6.27
C LYS J 382 59.45 -13.06 5.95
N PRO J 383 60.15 -13.65 6.92
CA PRO J 383 60.86 -14.90 6.63
C PRO J 383 59.96 -16.06 6.23
N PHE J 384 58.83 -16.23 6.91
CA PHE J 384 57.94 -17.35 6.62
C PHE J 384 56.98 -17.09 5.47
N ASP J 385 57.13 -15.97 4.76
CA ASP J 385 56.12 -15.58 3.77
C ASP J 385 56.06 -16.60 2.64
N PRO J 386 54.86 -17.05 2.25
CA PRO J 386 54.78 -18.10 1.22
C PRO J 386 55.10 -17.59 -0.17
N ARG J 387 54.81 -16.33 -0.47
CA ARG J 387 54.98 -15.80 -1.82
C ARG J 387 56.44 -15.78 -2.28
N LEU J 388 57.39 -16.01 -1.37
CA LEU J 388 58.81 -15.94 -1.74
C LEU J 388 59.14 -16.93 -2.84
N ILE J 389 58.80 -18.21 -2.64
CA ILE J 389 59.15 -19.23 -3.61
C ILE J 389 58.47 -18.96 -4.95
N VAL J 390 57.28 -18.33 -4.93
CA VAL J 390 56.54 -18.11 -6.16
C VAL J 390 57.18 -17.03 -7.01
N LYS J 391 57.86 -16.07 -6.39
CA LYS J 391 58.48 -14.96 -7.12
C LYS J 391 59.98 -15.13 -7.33
N ILE J 392 60.69 -15.66 -6.35
CA ILE J 392 62.15 -15.73 -6.45
C ILE J 392 62.57 -16.83 -7.43
N ALA J 393 62.03 -18.03 -7.26
CA ALA J 393 62.47 -19.15 -8.09
C ALA J 393 62.26 -18.93 -9.58
N PRO J 394 61.13 -18.40 -10.06
CA PRO J 394 61.02 -18.13 -11.51
C PRO J 394 61.97 -17.05 -12.00
N ALA J 395 62.13 -15.97 -11.23
CA ALA J 395 63.01 -14.89 -11.67
C ALA J 395 64.46 -15.36 -11.77
N VAL J 396 64.89 -16.21 -10.82
CA VAL J 396 66.24 -16.77 -10.87
C VAL J 396 66.41 -17.63 -12.12
N ALA J 397 65.40 -18.44 -12.45
CA ALA J 397 65.48 -19.29 -13.63
C ALA J 397 65.49 -18.48 -14.92
N LYS J 398 64.69 -17.41 -14.97
CA LYS J 398 64.67 -16.56 -16.17
C LYS J 398 66.04 -15.95 -16.43
N ALA J 399 66.70 -15.45 -15.38
CA ALA J 399 68.05 -14.92 -15.55
C ALA J 399 69.03 -16.03 -15.93
N ALA J 400 68.87 -17.22 -15.35
CA ALA J 400 69.72 -18.36 -15.73
C ALA J 400 69.55 -18.73 -17.19
N MET J 401 68.34 -18.59 -17.72
CA MET J 401 68.12 -18.81 -19.15
C MET J 401 68.87 -17.80 -19.99
N GLU J 402 68.87 -16.53 -19.56
CA GLU J 402 69.49 -15.47 -20.36
C GLU J 402 71.01 -15.57 -20.36
N SER J 403 71.61 -16.05 -19.27
CA SER J 403 73.05 -16.24 -19.24
C SER J 403 73.48 -17.41 -20.12
N GLY J 404 72.66 -18.46 -20.17
CA GLY J 404 72.97 -19.65 -20.96
C GLY J 404 73.55 -20.81 -20.17
N VAL J 405 73.72 -20.66 -18.86
CA VAL J 405 74.29 -21.74 -18.07
C VAL J 405 73.29 -22.87 -17.87
N ALA J 406 72.00 -22.60 -17.99
CA ALA J 406 70.98 -23.60 -17.73
C ALA J 406 70.97 -24.66 -18.82
N THR J 407 70.99 -25.93 -18.41
CA THR J 407 70.97 -27.02 -19.38
C THR J 407 69.58 -27.26 -19.94
N ARG J 408 68.55 -27.15 -19.11
CA ARG J 408 67.18 -27.45 -19.52
C ARG J 408 66.33 -26.19 -19.45
N PRO J 409 65.80 -25.71 -20.57
CA PRO J 409 64.89 -24.57 -20.53
C PRO J 409 63.55 -24.95 -19.90
N ILE J 410 62.81 -23.92 -19.51
CA ILE J 410 61.45 -24.10 -18.99
C ILE J 410 60.49 -23.82 -20.13
N ALA J 411 59.68 -24.84 -20.46
CA ALA J 411 58.72 -24.69 -21.56
C ALA J 411 57.78 -23.53 -21.31
N ASP J 412 57.13 -23.51 -20.15
CA ASP J 412 56.20 -22.44 -19.78
C ASP J 412 56.50 -22.00 -18.35
N PHE J 413 56.79 -20.70 -18.18
CA PHE J 413 56.95 -20.17 -16.84
C PHE J 413 55.63 -20.11 -16.08
N ASP J 414 54.50 -20.05 -16.81
CA ASP J 414 53.20 -20.08 -16.16
C ASP J 414 52.93 -21.45 -15.54
N VAL J 415 53.32 -22.52 -16.22
CA VAL J 415 53.20 -23.87 -15.65
C VAL J 415 54.07 -23.99 -14.41
N TYR J 416 55.27 -23.39 -14.44
CA TYR J 416 56.18 -23.44 -13.31
C TYR J 416 55.59 -22.73 -12.10
N ILE J 417 54.88 -21.62 -12.31
CA ILE J 417 54.28 -20.89 -11.21
C ILE J 417 53.14 -21.71 -10.58
N ASP J 418 52.36 -22.41 -11.40
CA ASP J 418 51.29 -23.24 -10.87
C ASP J 418 51.83 -24.35 -9.98
N LYS J 419 52.93 -24.98 -10.40
CA LYS J 419 53.52 -26.05 -9.59
C LYS J 419 54.03 -25.52 -8.26
N LEU J 420 54.62 -24.33 -8.27
CA LEU J 420 55.08 -23.73 -7.02
C LEU J 420 53.91 -23.31 -6.14
N THR J 421 52.85 -22.78 -6.74
CA THR J 421 51.69 -22.37 -5.96
C THR J 421 51.01 -23.56 -5.31
N GLU J 422 51.01 -24.71 -5.99
CA GLU J 422 50.44 -25.92 -5.39
C GLU J 422 51.27 -26.38 -4.21
N PHE J 423 52.59 -26.21 -4.26
CA PHE J 423 53.42 -26.52 -3.11
C PHE J 423 53.18 -25.58 -1.96
N VAL J 424 52.84 -24.32 -2.25
CA VAL J 424 52.53 -23.35 -1.20
C VAL J 424 51.29 -23.79 -0.42
N TYR J 425 50.23 -24.16 -1.14
CA TYR J 425 49.00 -24.61 -0.48
C TYR J 425 49.23 -25.91 0.29
N LYS J 426 50.03 -26.82 -0.26
CA LYS J 426 50.19 -28.13 0.35
C LYS J 426 50.93 -28.06 1.67
N THR J 427 51.94 -27.19 1.76
CA THR J 427 52.70 -27.06 3.01
C THR J 427 52.58 -25.65 3.59
N ASN J 428 51.36 -25.23 3.91
CA ASN J 428 51.15 -23.95 4.55
C ASN J 428 51.23 -24.12 6.06
N LEU J 429 52.19 -23.44 6.67
CA LEU J 429 52.35 -23.45 8.12
C LEU J 429 51.37 -22.45 8.70
N PHE J 430 50.17 -22.91 9.02
CA PHE J 430 49.15 -22.03 9.58
C PHE J 430 49.26 -21.89 11.09
N MET J 431 49.99 -22.80 11.75
CA MET J 431 50.12 -22.71 13.20
C MET J 431 51.09 -21.60 13.63
N LYS J 432 52.03 -21.24 12.78
CA LYS J 432 52.99 -20.21 13.14
C LYS J 432 52.33 -18.84 13.28
N PRO J 433 51.43 -18.42 12.38
CA PRO J 433 50.76 -17.13 12.58
C PRO J 433 49.90 -17.06 13.83
N ILE J 434 49.29 -18.18 14.22
CA ILE J 434 48.47 -18.20 15.43
C ILE J 434 49.32 -17.91 16.65
N PHE J 435 50.44 -18.63 16.80
CA PHE J 435 51.36 -18.39 17.90
C PHE J 435 51.79 -16.93 17.96
N SER J 436 52.11 -16.35 16.80
CA SER J 436 52.51 -14.94 16.76
C SER J 436 51.40 -14.04 17.26
N GLN J 437 50.16 -14.32 16.85
CA GLN J 437 49.03 -13.52 17.31
C GLN J 437 48.77 -13.74 18.80
N ALA J 438 49.00 -14.95 19.30
CA ALA J 438 48.82 -15.20 20.72
C ALA J 438 49.89 -14.50 21.55
N ARG J 439 51.12 -14.38 21.03
CA ARG J 439 52.16 -13.67 21.76
C ARG J 439 51.78 -12.20 21.95
N LYS J 440 51.11 -11.60 20.95
CA LYS J 440 50.84 -10.17 20.99
C LYS J 440 49.86 -9.79 22.08
N ALA J 441 48.94 -10.70 22.45
CA ALA J 441 47.95 -10.42 23.47
C ALA J 441 47.57 -11.72 24.18
N PRO J 442 48.10 -11.95 25.37
CA PRO J 442 47.72 -13.15 26.12
C PRO J 442 46.30 -13.05 26.65
N LYS J 443 45.68 -14.22 26.83
CA LYS J 443 44.31 -14.30 27.32
C LYS J 443 44.20 -15.45 28.30
N ARG J 444 43.35 -15.27 29.30
CA ARG J 444 43.21 -16.24 30.37
C ARG J 444 42.48 -17.49 29.88
N VAL J 445 43.06 -18.66 30.14
CA VAL J 445 42.54 -19.94 29.67
C VAL J 445 42.49 -20.90 30.84
N VAL J 446 41.35 -21.56 31.02
CA VAL J 446 41.14 -22.50 32.12
C VAL J 446 41.34 -23.92 31.63
N LEU J 447 42.20 -24.66 32.31
CA LEU J 447 42.38 -26.09 32.03
C LEU J 447 41.82 -26.87 33.20
N PRO J 448 40.66 -27.52 33.04
CA PRO J 448 40.02 -28.17 34.20
C PRO J 448 40.85 -29.28 34.81
N GLU J 449 41.56 -30.06 34.00
CA GLU J 449 42.34 -31.18 34.52
C GLU J 449 43.78 -30.74 34.78
N GLY J 450 43.92 -29.81 35.72
CA GLY J 450 45.23 -29.30 36.08
C GLY J 450 46.13 -30.34 36.70
N GLU J 451 45.56 -31.42 37.25
CA GLU J 451 46.39 -32.45 37.87
C GLU J 451 47.09 -33.31 36.84
N GLU J 452 46.50 -33.48 35.67
CA GLU J 452 47.09 -34.33 34.64
C GLU J 452 48.45 -33.77 34.21
N ALA J 453 49.45 -34.65 34.15
CA ALA J 453 50.82 -34.22 33.91
C ALA J 453 50.95 -33.55 32.54
N ARG J 454 50.26 -34.09 31.53
CA ARG J 454 50.34 -33.52 30.19
C ARG J 454 49.95 -32.05 30.18
N VAL J 455 48.89 -31.71 30.93
CA VAL J 455 48.48 -30.32 31.08
C VAL J 455 49.62 -29.49 31.67
N LEU J 456 50.29 -30.03 32.70
CA LEU J 456 51.34 -29.28 33.38
C LEU J 456 52.49 -28.96 32.44
N HIS J 457 52.90 -29.93 31.60
CA HIS J 457 53.94 -29.66 30.62
C HIS J 457 53.54 -28.54 29.67
N ALA J 458 52.26 -28.52 29.27
CA ALA J 458 51.78 -27.50 28.36
C ALA J 458 51.78 -26.12 29.01
N THR J 459 51.40 -26.05 30.29
CA THR J 459 51.39 -24.77 30.99
C THR J 459 52.78 -24.15 31.02
N GLN J 460 53.83 -24.97 31.11
CA GLN J 460 55.19 -24.45 31.13
C GLN J 460 55.56 -23.80 29.80
N GLU J 461 55.35 -24.52 28.69
CA GLU J 461 55.69 -23.98 27.38
C GLU J 461 54.82 -22.78 27.02
N LEU J 462 53.58 -22.74 27.53
CA LEU J 462 52.73 -21.58 27.30
C LEU J 462 53.32 -20.32 27.91
N VAL J 463 53.80 -20.42 29.15
CA VAL J 463 54.34 -19.26 29.85
C VAL J 463 55.68 -18.84 29.24
N THR J 464 56.53 -19.82 28.90
CA THR J 464 57.80 -19.51 28.26
C THR J 464 57.58 -18.76 26.95
N LEU J 465 56.61 -19.20 26.15
CA LEU J 465 56.26 -18.51 24.92
C LEU J 465 55.38 -17.29 25.16
N GLY J 466 54.85 -17.12 26.37
CA GLY J 466 53.96 -16.02 26.67
C GLY J 466 52.66 -16.05 25.90
N LEU J 467 52.13 -17.24 25.62
CA LEU J 467 50.92 -17.36 24.81
C LEU J 467 49.68 -16.99 25.62
N ALA J 468 49.50 -17.60 26.79
CA ALA J 468 48.27 -17.46 27.54
C ALA J 468 48.59 -17.24 29.02
N LYS J 469 47.57 -16.79 29.75
CA LYS J 469 47.62 -16.72 31.20
C LYS J 469 46.83 -17.90 31.77
N PRO J 470 47.50 -19.02 32.05
CA PRO J 470 46.76 -20.25 32.39
C PRO J 470 46.14 -20.19 33.77
N ILE J 471 45.00 -20.86 33.90
CA ILE J 471 44.28 -21.04 35.17
C ILE J 471 43.97 -22.52 35.29
N LEU J 472 44.63 -23.20 36.22
CA LEU J 472 44.46 -24.63 36.39
C LEU J 472 43.50 -24.93 37.54
N ILE J 473 42.81 -26.07 37.45
CA ILE J 473 41.82 -26.48 38.44
C ILE J 473 42.16 -27.86 38.95
N GLY J 474 42.18 -28.03 40.26
CA GLY J 474 42.53 -29.28 40.88
C GLY J 474 42.99 -29.06 42.31
N ARG J 475 43.53 -30.13 42.89
CA ARG J 475 44.04 -30.06 44.26
C ARG J 475 45.43 -29.42 44.26
N PRO J 476 45.61 -28.25 44.89
CA PRO J 476 46.92 -27.57 44.82
C PRO J 476 48.05 -28.41 45.37
N ASN J 477 47.75 -29.31 46.30
CA ASN J 477 48.76 -30.24 46.82
C ASN J 477 49.32 -31.09 45.69
N VAL J 478 48.44 -31.75 44.95
CA VAL J 478 48.87 -32.72 43.96
C VAL J 478 49.53 -32.01 42.77
N ILE J 479 49.02 -30.84 42.40
CA ILE J 479 49.63 -30.08 41.31
C ILE J 479 51.07 -29.70 41.66
N GLU J 480 51.26 -29.13 42.84
CA GLU J 480 52.59 -28.68 43.25
C GLU J 480 53.57 -29.85 43.31
N MET J 481 53.11 -31.00 43.81
CA MET J 481 53.96 -32.18 43.87
C MET J 481 54.35 -32.66 42.48
N ARG J 482 53.38 -32.79 41.58
CA ARG J 482 53.67 -33.26 40.23
C ARG J 482 54.54 -32.27 39.47
N ILE J 483 54.44 -30.97 39.80
CA ILE J 483 55.34 -29.99 39.18
C ILE J 483 56.78 -30.26 39.57
N GLN J 484 57.04 -30.43 40.87
CA GLN J 484 58.40 -30.66 41.34
C GLN J 484 58.94 -31.98 40.85
N LYS J 485 58.11 -33.03 40.83
CA LYS J 485 58.56 -34.34 40.38
C LYS J 485 58.98 -34.30 38.92
N LEU J 486 58.21 -33.61 38.08
CA LEU J 486 58.55 -33.53 36.67
C LEU J 486 59.76 -32.63 36.43
N GLY J 487 60.02 -31.69 37.34
CA GLY J 487 61.13 -30.78 37.17
C GLY J 487 60.79 -29.50 36.44
N LEU J 488 59.51 -29.20 36.28
CA LEU J 488 59.11 -27.96 35.62
C LEU J 488 59.31 -26.77 36.55
N GLN J 489 59.66 -25.63 35.96
CA GLN J 489 60.05 -24.44 36.71
C GLN J 489 58.87 -23.52 37.01
N ILE J 490 57.64 -23.92 36.68
CA ILE J 490 56.48 -23.06 36.90
C ILE J 490 56.19 -22.93 38.39
N LYS J 491 55.79 -21.73 38.79
CA LYS J 491 55.51 -21.42 40.18
C LYS J 491 54.06 -21.03 40.33
N ALA J 492 53.37 -21.68 41.27
CA ALA J 492 51.96 -21.41 41.50
C ALA J 492 51.77 -20.01 42.10
N GLY J 493 50.57 -19.46 41.89
CA GLY J 493 50.24 -18.12 42.30
C GLY J 493 50.97 -17.01 41.57
N VAL J 494 51.91 -17.35 40.69
CA VAL J 494 52.71 -16.36 39.95
C VAL J 494 52.51 -16.56 38.46
N ASP J 495 53.16 -17.58 37.89
CA ASP J 495 53.00 -17.87 36.46
C ASP J 495 51.56 -18.17 36.11
N PHE J 496 50.90 -18.98 36.95
CA PHE J 496 49.53 -19.42 36.71
C PHE J 496 48.77 -19.34 38.02
N GLU J 497 47.45 -19.26 37.91
CA GLU J 497 46.57 -19.27 39.07
C GLU J 497 45.97 -20.66 39.23
N ILE J 498 45.99 -21.18 40.45
CA ILE J 498 45.35 -22.45 40.77
C ILE J 498 44.02 -22.18 41.44
N VAL J 499 42.98 -22.85 40.99
CA VAL J 499 41.67 -22.81 41.62
C VAL J 499 41.41 -24.18 42.23
N ASN J 500 41.19 -24.21 43.54
CA ASN J 500 41.03 -25.46 44.25
C ASN J 500 39.59 -25.93 44.16
N ASN J 501 39.38 -27.17 43.69
CA ASN J 501 38.03 -27.66 43.48
C ASN J 501 37.34 -27.96 44.80
N GLU J 502 38.07 -28.49 45.77
CA GLU J 502 37.45 -28.95 47.01
C GLU J 502 36.98 -27.79 47.88
N SER J 503 37.74 -26.69 47.89
CA SER J 503 37.36 -25.51 48.64
C SER J 503 37.67 -24.27 47.81
N ASP J 504 36.71 -23.35 47.75
CA ASP J 504 36.91 -22.09 47.04
C ASP J 504 35.98 -21.06 47.66
N PRO J 505 36.38 -19.79 47.76
CA PRO J 505 35.46 -18.78 48.29
C PRO J 505 34.20 -18.62 47.45
N ARG J 506 34.34 -18.62 46.13
CA ARG J 506 33.21 -18.41 45.22
C ARG J 506 32.51 -19.74 44.93
N PHE J 507 32.04 -20.38 46.00
CA PHE J 507 31.33 -21.65 45.84
C PHE J 507 29.83 -21.44 45.64
N LYS J 508 29.24 -20.53 46.42
CA LYS J 508 27.79 -20.32 46.35
C LYS J 508 27.38 -19.68 45.03
N GLU J 509 28.12 -18.66 44.58
CA GLU J 509 27.75 -17.97 43.35
C GLU J 509 27.82 -18.90 42.14
N TYR J 510 28.70 -19.89 42.17
CA TYR J 510 28.89 -20.76 41.01
C TYR J 510 27.78 -21.80 40.89
N TRP J 511 27.55 -22.58 41.96
CA TRP J 511 26.49 -23.59 41.89
C TRP J 511 25.11 -22.96 41.75
N THR J 512 24.94 -21.73 42.26
CA THR J 512 23.68 -21.02 42.03
C THR J 512 23.55 -20.58 40.59
N GLU J 513 24.63 -20.07 39.99
CA GLU J 513 24.57 -19.65 38.60
C GLU J 513 24.47 -20.87 37.67
N TYR J 514 24.98 -22.02 38.11
CA TYR J 514 24.83 -23.26 37.35
C TYR J 514 23.41 -23.82 37.48
N PHE J 515 22.83 -23.75 38.68
CA PHE J 515 21.49 -24.30 38.88
C PHE J 515 20.45 -23.55 38.06
N GLN J 516 20.55 -22.22 38.02
CA GLN J 516 19.56 -21.44 37.26
C GLN J 516 19.60 -21.79 35.77
N ILE J 517 20.77 -22.19 35.27
CA ILE J 517 20.84 -22.64 33.87
C ILE J 517 20.25 -24.04 33.74
N MET J 518 20.46 -24.89 34.74
CA MET J 518 20.15 -26.31 34.63
C MET J 518 18.98 -26.75 35.52
N LYS J 519 18.18 -25.81 36.03
CA LYS J 519 17.07 -26.20 36.89
C LYS J 519 16.04 -27.01 36.11
N ARG J 520 15.87 -26.71 34.82
CA ARG J 520 14.90 -27.37 33.97
C ARG J 520 15.49 -28.52 33.17
N ARG J 521 16.78 -28.84 33.36
CA ARG J 521 17.44 -29.92 32.65
C ARG J 521 17.81 -31.08 33.58
N GLY J 522 17.12 -31.22 34.70
CA GLY J 522 17.29 -32.36 35.57
C GLY J 522 18.33 -32.21 36.66
N VAL J 523 18.88 -31.02 36.85
CA VAL J 523 19.88 -30.78 37.88
C VAL J 523 19.20 -30.13 39.07
N THR J 524 19.27 -30.79 40.22
CA THR J 524 18.70 -30.25 41.44
C THR J 524 19.67 -29.28 42.09
N GLN J 525 19.20 -28.55 43.11
CA GLN J 525 20.07 -27.64 43.84
C GLN J 525 21.21 -28.39 44.52
N GLU J 526 20.91 -29.51 45.16
CA GLU J 526 21.93 -30.31 45.83
C GLU J 526 22.89 -30.94 44.83
N GLN J 527 22.39 -31.31 43.65
CA GLN J 527 23.26 -31.86 42.61
C GLN J 527 24.17 -30.78 42.03
N ALA J 528 23.66 -29.56 41.89
CA ALA J 528 24.49 -28.47 41.38
C ALA J 528 25.67 -28.19 42.30
N GLN J 529 25.47 -28.33 43.61
CA GLN J 529 26.57 -28.19 44.55
C GLN J 529 27.59 -29.31 44.35
N ARG J 530 27.13 -30.56 44.39
CA ARG J 530 28.04 -31.69 44.21
C ARG J 530 28.78 -31.61 42.89
N ALA J 531 28.19 -30.96 41.89
CA ALA J 531 28.84 -30.91 40.58
C ALA J 531 29.99 -29.92 40.57
N LEU J 532 29.89 -28.84 41.34
CA LEU J 532 30.93 -27.81 41.30
C LEU J 532 32.21 -28.27 41.99
N ILE J 533 32.18 -29.36 42.74
CA ILE J 533 33.38 -29.87 43.41
C ILE J 533 33.94 -31.07 42.67
N SER J 534 33.06 -31.85 42.05
CA SER J 534 33.52 -33.09 41.41
C SER J 534 34.02 -32.84 40.00
N ASN J 535 33.23 -32.13 39.19
CA ASN J 535 33.56 -31.97 37.78
C ASN J 535 34.29 -30.67 37.54
N PRO J 536 35.59 -30.69 37.22
CA PRO J 536 36.29 -29.44 36.93
C PRO J 536 35.76 -28.73 35.70
N THR J 537 35.29 -29.48 34.69
CA THR J 537 34.80 -28.86 33.46
C THR J 537 33.64 -27.93 33.75
N VAL J 538 32.80 -28.29 34.72
CA VAL J 538 31.67 -27.43 35.08
C VAL J 538 32.18 -26.11 35.66
N ILE J 539 33.31 -26.16 36.37
CA ILE J 539 33.83 -24.95 37.00
C ILE J 539 34.31 -23.96 35.95
N GLY J 540 35.10 -24.43 34.98
CA GLY J 540 35.56 -23.55 33.92
C GLY J 540 34.43 -23.06 33.03
N ALA J 541 33.39 -23.87 32.85
CA ALA J 541 32.24 -23.43 32.08
C ALA J 541 31.59 -22.20 32.73
N ILE J 542 31.38 -22.26 34.05
CA ILE J 542 30.79 -21.13 34.75
C ILE J 542 31.71 -19.92 34.68
N MET J 543 33.02 -20.14 34.79
CA MET J 543 33.97 -19.03 34.76
C MET J 543 33.88 -18.27 33.45
N VAL J 544 33.90 -18.99 32.33
CA VAL J 544 33.91 -18.33 31.03
C VAL J 544 32.59 -17.59 30.79
N GLN J 545 31.48 -18.12 31.32
CA GLN J 545 30.20 -17.43 31.18
C GLN J 545 30.16 -16.18 32.06
N ARG J 546 30.79 -16.22 33.23
CA ARG J 546 30.80 -15.06 34.13
C ARG J 546 31.67 -13.94 33.56
N GLY J 547 32.76 -14.30 32.91
CA GLY J 547 33.72 -13.33 32.40
C GLY J 547 35.08 -13.36 33.07
N GLU J 548 35.28 -14.23 34.07
CA GLU J 548 36.56 -14.29 34.76
C GLU J 548 37.65 -14.84 33.84
N ALA J 549 37.37 -15.94 33.17
CA ALA J 549 38.30 -16.54 32.21
C ALA J 549 37.78 -16.30 30.79
N ASP J 550 38.71 -16.16 29.85
CA ASP J 550 38.35 -15.80 28.48
C ASP J 550 38.10 -17.01 27.59
N ALA J 551 38.67 -18.18 27.91
CA ALA J 551 38.48 -19.36 27.11
C ALA J 551 38.75 -20.58 27.97
N MET J 552 38.48 -21.76 27.40
CA MET J 552 38.64 -23.00 28.15
C MET J 552 39.08 -24.11 27.20
N ILE J 553 39.96 -24.97 27.71
CA ILE J 553 40.41 -26.17 27.01
C ILE J 553 40.32 -27.34 27.98
N CYS J 554 39.47 -28.31 27.69
CA CYS J 554 39.22 -29.42 28.58
C CYS J 554 39.21 -30.73 27.80
N GLY J 555 38.99 -31.83 28.52
CA GLY J 555 38.79 -33.14 27.92
C GLY J 555 40.01 -34.03 27.86
N THR J 556 41.14 -33.63 28.44
CA THR J 556 42.33 -34.47 28.39
C THR J 556 42.17 -35.76 29.17
N VAL J 557 41.17 -35.84 30.05
CA VAL J 557 40.76 -37.10 30.67
C VAL J 557 39.25 -37.15 30.63
N GLY J 558 38.71 -38.20 29.99
CA GLY J 558 37.28 -38.35 29.85
C GLY J 558 36.81 -38.33 28.42
N ASP J 559 35.62 -38.89 28.18
CA ASP J 559 35.07 -38.96 26.83
C ASP J 559 34.64 -37.58 26.34
N TYR J 560 34.57 -37.44 25.02
CA TYR J 560 34.27 -36.14 24.43
C TYR J 560 32.91 -35.63 24.91
N HIS J 561 31.90 -36.50 24.92
CA HIS J 561 30.54 -36.03 25.18
C HIS J 561 30.29 -35.71 26.65
N GLU J 562 31.10 -36.23 27.58
CA GLU J 562 30.96 -35.83 28.97
C GLU J 562 31.19 -34.33 29.12
N HIS J 563 32.31 -33.84 28.60
CA HIS J 563 32.62 -32.42 28.66
C HIS J 563 31.67 -31.63 27.77
N PHE J 564 31.35 -32.16 26.59
CA PHE J 564 30.54 -31.41 25.63
C PHE J 564 29.15 -31.11 26.19
N SER J 565 28.57 -32.05 26.94
CA SER J 565 27.27 -31.81 27.54
C SER J 565 27.29 -30.58 28.42
N VAL J 566 28.31 -30.45 29.26
CA VAL J 566 28.43 -29.27 30.11
C VAL J 566 28.66 -28.03 29.26
N VAL J 567 29.50 -28.15 28.23
CA VAL J 567 29.82 -27.00 27.38
C VAL J 567 28.57 -26.49 26.67
N LYS J 568 27.81 -27.41 26.08
CA LYS J 568 26.66 -27.01 25.26
C LYS J 568 25.63 -26.28 26.11
N ASN J 569 25.33 -26.80 27.30
CA ASN J 569 24.26 -26.22 28.10
C ASN J 569 24.64 -24.86 28.66
N VAL J 570 25.91 -24.63 28.97
CA VAL J 570 26.29 -23.41 29.68
C VAL J 570 26.49 -22.25 28.72
N PHE J 571 27.21 -22.47 27.63
CA PHE J 571 27.56 -21.37 26.73
C PHE J 571 26.49 -21.07 25.70
N GLY J 572 25.84 -22.10 25.19
CA GLY J 572 24.80 -21.85 24.20
C GLY J 572 25.32 -21.86 22.78
N TYR J 573 24.44 -22.24 21.86
CA TYR J 573 24.78 -22.25 20.44
C TYR J 573 25.05 -20.82 19.97
N ARG J 574 26.00 -20.68 19.05
CA ARG J 574 26.28 -19.39 18.46
C ARG J 574 25.09 -18.93 17.61
N ASP J 575 24.97 -17.61 17.46
CA ASP J 575 23.88 -17.06 16.65
C ASP J 575 24.03 -17.49 15.20
N GLY J 576 22.92 -17.89 14.59
CA GLY J 576 22.93 -18.39 13.23
C GLY J 576 23.30 -19.84 13.08
N VAL J 577 23.50 -20.56 14.19
CA VAL J 577 23.89 -21.96 14.17
C VAL J 577 23.02 -22.72 15.15
N HIS J 578 22.53 -23.90 14.72
CA HIS J 578 21.72 -24.74 15.57
C HIS J 578 22.32 -26.13 15.79
N THR J 579 23.51 -26.39 15.26
CA THR J 579 24.16 -27.67 15.42
C THR J 579 25.67 -27.47 15.41
N ALA J 580 26.36 -28.12 16.34
CA ALA J 580 27.80 -27.98 16.48
C ALA J 580 28.53 -29.16 15.84
N GLY J 581 29.84 -29.01 15.68
CA GLY J 581 30.64 -30.02 15.02
C GLY J 581 32.07 -30.03 15.48
N ALA J 582 32.71 -31.18 15.31
CA ALA J 582 34.09 -31.41 15.70
C ALA J 582 34.94 -31.60 14.45
N MET J 583 36.08 -30.92 14.41
CA MET J 583 37.01 -30.99 13.29
C MET J 583 38.38 -31.44 13.77
N ASN J 584 38.80 -32.62 13.33
CA ASN J 584 40.14 -33.12 13.59
C ASN J 584 40.94 -33.00 12.29
N ALA J 585 42.17 -32.50 12.41
CA ALA J 585 42.97 -32.15 11.23
C ALA J 585 44.31 -32.86 11.24
N LEU J 586 44.80 -33.15 10.04
CA LEU J 586 46.01 -33.93 9.82
C LEU J 586 46.85 -33.30 8.73
N LEU J 587 48.14 -33.61 8.74
CA LEU J 587 49.05 -33.22 7.68
C LEU J 587 49.27 -34.42 6.77
N LEU J 588 48.86 -34.28 5.51
CA LEU J 588 48.81 -35.38 4.56
C LEU J 588 49.66 -35.06 3.33
N PRO J 589 50.00 -36.06 2.51
CA PRO J 589 50.76 -35.79 1.29
C PRO J 589 50.09 -34.80 0.36
N SER J 590 48.78 -34.92 0.16
CA SER J 590 48.06 -33.94 -0.65
C SER J 590 48.00 -32.57 -0.01
N GLY J 591 48.54 -32.41 1.19
CA GLY J 591 48.45 -31.18 1.96
C GLY J 591 47.77 -31.40 3.28
N ASN J 592 47.72 -30.33 4.07
CA ASN J 592 46.95 -30.37 5.31
C ASN J 592 45.47 -30.59 5.01
N THR J 593 44.84 -31.50 5.72
CA THR J 593 43.48 -31.92 5.44
C THR J 593 42.68 -31.96 6.74
N PHE J 594 41.36 -31.79 6.60
CA PHE J 594 40.45 -31.68 7.73
C PHE J 594 39.31 -32.68 7.57
N ILE J 595 38.83 -33.21 8.69
CA ILE J 595 37.74 -34.16 8.72
C ILE J 595 36.63 -33.62 9.62
N ALA J 596 35.38 -33.84 9.22
CA ALA J 596 34.21 -33.19 9.81
C ALA J 596 33.38 -34.15 10.64
N ASP J 597 32.88 -33.65 11.77
CA ASP J 597 31.99 -34.35 12.69
C ASP J 597 32.63 -35.64 13.20
N THR J 598 33.79 -35.49 13.81
CA THR J 598 34.52 -36.63 14.34
C THR J 598 33.97 -37.11 15.68
N TYR J 599 33.18 -36.29 16.37
CA TYR J 599 32.68 -36.68 17.70
C TYR J 599 31.28 -36.18 18.04
N VAL J 600 30.84 -35.07 17.44
CA VAL J 600 29.66 -34.38 17.97
C VAL J 600 28.37 -35.12 17.64
N ASN J 601 28.11 -35.37 16.35
CA ASN J 601 26.87 -35.97 15.91
C ASN J 601 27.13 -37.29 15.20
N ASP J 602 26.35 -38.32 15.54
CA ASP J 602 26.59 -39.64 14.98
C ASP J 602 25.85 -39.85 13.65
N GLU J 603 24.68 -39.27 13.48
CA GLU J 603 23.94 -39.34 12.22
C GLU J 603 23.29 -37.99 11.95
N PRO J 604 24.04 -37.05 11.40
CA PRO J 604 23.48 -35.72 11.12
C PRO J 604 22.48 -35.79 9.98
N ASP J 605 21.64 -34.78 9.90
CA ASP J 605 20.75 -34.62 8.76
C ASP J 605 21.40 -33.65 7.76
N ALA J 606 20.72 -33.44 6.63
CA ALA J 606 21.29 -32.65 5.55
C ALA J 606 21.60 -31.22 6.00
N GLU J 607 20.63 -30.56 6.66
CA GLU J 607 20.84 -29.19 7.08
C GLU J 607 21.93 -29.08 8.12
N GLU J 608 22.02 -30.06 9.02
CA GLU J 608 23.12 -30.08 9.99
C GLU J 608 24.47 -30.22 9.29
N LEU J 609 24.54 -31.10 8.28
CA LEU J 609 25.77 -31.23 7.51
C LEU J 609 26.12 -29.93 6.80
N ALA J 610 25.10 -29.21 6.34
CA ALA J 610 25.34 -27.94 5.65
C ALA J 610 25.95 -26.90 6.59
N GLU J 611 25.37 -26.76 7.79
CA GLU J 611 25.92 -25.83 8.77
C GLU J 611 27.34 -26.22 9.14
N ILE J 612 27.61 -27.51 9.30
CA ILE J 612 28.96 -27.98 9.62
C ILE J 612 29.93 -27.56 8.52
N THR J 613 29.57 -27.83 7.26
CA THR J 613 30.46 -27.48 6.16
C THR J 613 30.68 -25.97 6.08
N LEU J 614 29.62 -25.18 6.27
CA LEU J 614 29.78 -23.73 6.26
C LEU J 614 30.71 -23.27 7.37
N MET J 615 30.56 -23.83 8.57
CA MET J 615 31.39 -23.42 9.69
C MET J 615 32.85 -23.81 9.47
N ALA J 616 33.10 -25.01 8.94
CA ALA J 616 34.48 -25.43 8.70
C ALA J 616 35.15 -24.56 7.64
N ALA J 617 34.39 -24.16 6.61
CA ALA J 617 34.95 -23.27 5.60
C ALA J 617 35.32 -21.92 6.20
N GLU J 618 34.51 -21.42 7.13
CA GLU J 618 34.85 -20.18 7.82
C GLU J 618 36.13 -20.33 8.62
N THR J 619 36.21 -21.38 9.43
CA THR J 619 37.38 -21.57 10.30
C THR J 619 38.65 -21.75 9.48
N VAL J 620 38.59 -22.54 8.41
CA VAL J 620 39.77 -22.76 7.59
C VAL J 620 40.19 -21.48 6.89
N ARG J 621 39.21 -20.71 6.39
CA ARG J 621 39.53 -19.44 5.74
C ARG J 621 40.19 -18.47 6.72
N ARG J 622 39.81 -18.52 8.00
CA ARG J 622 40.52 -17.74 8.99
C ARG J 622 41.97 -18.18 9.12
N PHE J 623 42.24 -19.47 8.94
CA PHE J 623 43.60 -19.97 9.07
C PHE J 623 44.50 -19.46 7.96
N GLY J 624 43.95 -19.23 6.77
CA GLY J 624 44.71 -18.82 5.61
C GLY J 624 44.71 -19.80 4.46
N ILE J 625 44.16 -21.00 4.64
CA ILE J 625 44.10 -22.00 3.58
C ILE J 625 42.90 -21.71 2.69
N GLU J 626 43.04 -22.05 1.40
CA GLU J 626 41.92 -21.97 0.49
C GLU J 626 40.90 -23.05 0.83
N PRO J 627 39.62 -22.72 0.98
CA PRO J 627 38.61 -23.74 1.29
C PRO J 627 38.23 -24.55 0.05
N ARG J 628 38.70 -25.79 0.00
CA ARG J 628 38.39 -26.74 -1.08
C ARG J 628 37.65 -27.90 -0.44
N VAL J 629 36.31 -27.85 -0.47
CA VAL J 629 35.46 -28.77 0.28
C VAL J 629 35.05 -29.94 -0.61
N ALA J 630 34.88 -31.11 0.00
CA ALA J 630 34.52 -32.32 -0.72
C ALA J 630 33.68 -33.22 0.18
N LEU J 631 32.46 -33.54 -0.24
CA LEU J 631 31.56 -34.40 0.52
C LEU J 631 31.75 -35.84 0.07
N LEU J 632 31.98 -36.73 1.03
CA LEU J 632 32.35 -38.11 0.74
C LEU J 632 31.18 -39.04 0.96
N SER J 633 31.24 -40.20 0.31
CA SER J 633 30.23 -41.24 0.49
C SER J 633 30.73 -42.51 -0.19
N HIS J 634 30.13 -43.64 0.18
CA HIS J 634 30.45 -44.90 -0.51
C HIS J 634 30.01 -44.85 -1.97
N SER J 635 29.07 -43.98 -2.30
CA SER J 635 28.65 -43.75 -3.68
C SER J 635 29.50 -42.65 -4.30
N ASN J 636 29.81 -42.80 -5.59
CA ASN J 636 30.61 -41.83 -6.32
C ASN J 636 29.72 -41.18 -7.38
N PHE J 637 29.35 -39.93 -7.14
CA PHE J 637 28.50 -39.15 -8.05
C PHE J 637 27.20 -39.87 -8.34
N GLY J 638 26.55 -40.34 -7.29
CA GLY J 638 25.25 -40.97 -7.39
C GLY J 638 25.25 -42.41 -7.85
N SER J 639 26.37 -43.12 -7.71
CA SER J 639 26.41 -44.51 -8.17
C SER J 639 25.49 -45.40 -7.34
N SER J 640 25.23 -45.03 -6.09
CA SER J 640 24.28 -45.73 -5.24
C SER J 640 23.31 -44.71 -4.66
N ASP J 641 22.02 -45.04 -4.73
CA ASP J 641 20.97 -44.19 -4.16
C ASP J 641 20.51 -44.81 -2.86
N CYS J 642 20.85 -44.16 -1.76
CA CYS J 642 20.48 -44.59 -0.42
C CYS J 642 20.28 -43.33 0.43
N PRO J 643 19.59 -43.44 1.57
CA PRO J 643 19.41 -42.25 2.43
C PRO J 643 20.71 -41.62 2.85
N SER J 644 21.79 -42.40 2.99
CA SER J 644 23.09 -41.84 3.31
C SER J 644 23.60 -40.95 2.17
N SER J 645 23.55 -41.47 0.94
CA SER J 645 24.01 -40.69 -0.21
C SER J 645 23.06 -39.55 -0.54
N SER J 646 21.74 -39.80 -0.46
CA SER J 646 20.78 -38.74 -0.71
C SER J 646 21.00 -37.57 0.25
N LYS J 647 21.29 -37.87 1.51
CA LYS J 647 21.55 -36.83 2.50
C LYS J 647 22.72 -35.95 2.06
N MET J 648 23.76 -36.56 1.48
CA MET J 648 24.91 -35.78 1.03
C MET J 648 24.51 -34.77 -0.04
N ARG J 649 23.74 -35.22 -1.03
CA ARG J 649 23.42 -34.36 -2.17
C ARG J 649 22.61 -33.14 -1.73
N GLN J 650 21.59 -33.36 -0.89
CA GLN J 650 20.75 -32.24 -0.47
C GLN J 650 21.54 -31.18 0.28
N ALA J 651 22.56 -31.61 1.03
CA ALA J 651 23.41 -30.63 1.72
C ALA J 651 24.21 -29.82 0.72
N LEU J 652 24.62 -30.44 -0.40
CA LEU J 652 25.37 -29.71 -1.40
C LEU J 652 24.61 -28.49 -1.90
N GLU J 653 23.31 -28.65 -2.15
CA GLU J 653 22.51 -27.52 -2.59
C GLU J 653 22.30 -26.51 -1.47
N LEU J 654 21.99 -26.99 -0.26
CA LEU J 654 21.85 -26.08 0.88
C LEU J 654 23.09 -25.22 1.07
N VAL J 655 24.26 -25.79 0.79
CA VAL J 655 25.51 -25.05 1.01
C VAL J 655 25.68 -24.00 -0.10
N ARG J 656 25.48 -24.40 -1.36
CA ARG J 656 25.62 -23.45 -2.45
C ARG J 656 24.56 -22.36 -2.38
N GLU J 657 23.37 -22.67 -1.86
CA GLU J 657 22.33 -21.66 -1.73
C GLU J 657 22.72 -20.63 -0.67
N ARG J 658 23.13 -21.10 0.51
CA ARG J 658 23.53 -20.18 1.57
C ARG J 658 24.82 -19.45 1.21
N ALA J 659 25.74 -20.13 0.53
CA ALA J 659 27.02 -19.53 0.15
C ALA J 659 27.45 -20.12 -1.18
N PRO J 660 27.22 -19.40 -2.28
CA PRO J 660 27.60 -19.94 -3.60
C PRO J 660 29.09 -19.93 -3.86
N GLU J 661 29.85 -19.11 -3.14
CA GLU J 661 31.27 -18.90 -3.46
C GLU J 661 32.15 -20.07 -3.04
N LEU J 662 31.67 -20.93 -2.14
CA LEU J 662 32.48 -22.04 -1.65
C LEU J 662 32.71 -23.07 -2.74
N MET J 663 33.97 -23.49 -2.91
CA MET J 663 34.30 -24.52 -3.89
C MET J 663 34.05 -25.90 -3.26
N ILE J 664 33.15 -26.67 -3.86
CA ILE J 664 32.71 -27.92 -3.27
C ILE J 664 31.98 -28.75 -4.32
N ASP J 665 32.10 -30.07 -4.25
CA ASP J 665 31.38 -30.96 -5.14
C ASP J 665 31.26 -32.33 -4.46
N GLY J 666 30.12 -32.99 -4.68
CA GLY J 666 29.90 -34.30 -4.09
C GLY J 666 28.69 -34.95 -4.72
N GLU J 667 28.45 -36.20 -4.32
CA GLU J 667 29.31 -36.95 -3.42
C GLU J 667 30.44 -37.57 -4.24
N MET J 668 31.46 -38.09 -3.57
CA MET J 668 32.55 -38.74 -4.29
C MET J 668 33.22 -39.75 -3.37
N HIS J 669 34.06 -40.59 -3.97
CA HIS J 669 34.92 -41.46 -3.20
C HIS J 669 36.01 -40.64 -2.51
N GLY J 670 36.65 -41.27 -1.52
CA GLY J 670 37.78 -40.61 -0.88
C GLY J 670 38.88 -40.29 -1.86
N ASP J 671 39.22 -41.25 -2.71
CA ASP J 671 40.28 -41.04 -3.69
C ASP J 671 39.99 -39.85 -4.61
N ALA J 672 38.72 -39.61 -4.92
CA ALA J 672 38.36 -38.56 -5.86
C ALA J 672 38.59 -37.16 -5.29
N ALA J 673 38.62 -37.02 -3.96
CA ALA J 673 38.81 -35.71 -3.37
C ALA J 673 40.27 -35.31 -3.27
N LEU J 674 41.19 -36.27 -3.26
CA LEU J 674 42.61 -35.98 -3.14
C LEU J 674 43.34 -36.03 -4.47
N VAL J 675 43.08 -37.06 -5.28
CA VAL J 675 43.74 -37.23 -6.57
C VAL J 675 42.93 -36.48 -7.63
N GLU J 676 43.46 -35.35 -8.10
CA GLU J 676 42.74 -34.56 -9.10
C GLU J 676 42.57 -35.34 -10.39
N ALA J 677 43.49 -36.26 -10.70
CA ALA J 677 43.41 -36.99 -11.95
C ALA J 677 42.20 -37.92 -11.97
N ILE J 678 41.84 -38.49 -10.82
CA ILE J 678 40.71 -39.41 -10.77
C ILE J 678 39.40 -38.64 -10.83
N ARG J 679 39.31 -37.54 -10.10
CA ARG J 679 38.10 -36.71 -10.15
C ARG J 679 37.90 -36.12 -11.54
N ASN J 680 38.98 -35.69 -12.19
CA ASN J 680 38.87 -35.16 -13.53
C ASN J 680 38.39 -36.22 -14.53
N ASP J 681 38.68 -37.49 -14.25
CA ASP J 681 38.25 -38.57 -15.12
C ASP J 681 36.78 -38.92 -14.90
N ARG J 682 36.28 -38.81 -13.66
CA ARG J 682 34.90 -39.12 -13.34
C ARG J 682 33.96 -37.94 -13.57
N MET J 683 34.44 -36.72 -13.34
CA MET J 683 33.62 -35.52 -13.52
C MET J 683 34.53 -34.41 -14.00
N PRO J 684 34.61 -34.19 -15.32
CA PRO J 684 35.47 -33.10 -15.82
C PRO J 684 35.02 -31.72 -15.37
N ASP J 685 33.70 -31.49 -15.28
CA ASP J 685 33.16 -30.20 -14.87
C ASP J 685 33.16 -30.00 -13.37
N SER J 686 33.89 -30.81 -12.62
CA SER J 686 33.91 -30.69 -11.18
C SER J 686 34.44 -29.32 -10.78
N SER J 687 33.60 -28.55 -10.07
CA SER J 687 34.04 -27.24 -9.58
C SER J 687 35.20 -27.35 -8.61
N LEU J 688 35.39 -28.51 -8.01
CA LEU J 688 36.57 -28.76 -7.19
C LEU J 688 37.82 -28.74 -8.07
N LYS J 689 38.79 -27.94 -7.66
CA LYS J 689 40.04 -27.78 -8.41
C LYS J 689 41.21 -28.02 -7.46
N GLY J 690 42.04 -29.01 -7.78
CA GLY J 690 43.14 -29.40 -6.91
C GLY J 690 42.71 -30.43 -5.90
N SER J 691 43.67 -30.83 -5.07
CA SER J 691 43.37 -31.74 -3.98
C SER J 691 42.54 -31.02 -2.92
N ALA J 692 41.54 -31.72 -2.39
CA ALA J 692 40.65 -31.12 -1.41
C ALA J 692 41.26 -31.18 -0.01
N ASN J 693 41.09 -30.09 0.74
CA ASN J 693 41.63 -30.01 2.10
C ASN J 693 40.57 -30.12 3.19
N ILE J 694 39.31 -29.87 2.87
CA ILE J 694 38.21 -30.04 3.81
C ILE J 694 37.41 -31.26 3.38
N LEU J 695 37.28 -32.24 4.27
CA LEU J 695 36.52 -33.46 4.00
C LEU J 695 35.40 -33.58 5.02
N VAL J 696 34.19 -33.89 4.54
CA VAL J 696 33.02 -33.99 5.39
C VAL J 696 32.46 -35.40 5.26
N MET J 697 32.35 -36.10 6.40
CA MET J 697 31.91 -37.49 6.43
C MET J 697 30.40 -37.57 6.65
N PRO J 698 29.75 -38.63 6.15
CA PRO J 698 28.31 -38.77 6.35
C PRO J 698 27.93 -39.05 7.78
N ASN J 699 28.64 -39.95 8.45
CA ASN J 699 28.39 -40.29 9.84
C ASN J 699 29.69 -40.33 10.62
N MET J 700 29.59 -40.10 11.94
CA MET J 700 30.77 -40.09 12.80
C MET J 700 31.57 -41.38 12.64
N GLU J 701 30.88 -42.52 12.50
CA GLU J 701 31.55 -43.81 12.41
C GLU J 701 32.67 -43.79 11.38
N ALA J 702 32.39 -43.28 10.18
CA ALA J 702 33.41 -43.22 9.15
C ALA J 702 34.47 -42.17 9.48
N ALA J 703 34.06 -41.05 10.08
CA ALA J 703 35.00 -39.99 10.43
C ALA J 703 35.99 -40.47 11.49
N ARG J 704 35.47 -40.91 12.63
CA ARG J 704 36.34 -41.31 13.73
C ARG J 704 37.27 -42.45 13.32
N ILE J 705 36.77 -43.38 12.49
CA ILE J 705 37.63 -44.46 12.00
C ILE J 705 38.66 -43.93 11.03
N SER J 706 38.24 -43.08 10.09
CA SER J 706 39.17 -42.53 9.12
C SER J 706 40.24 -41.69 9.79
N TYR J 707 39.84 -40.80 10.71
CA TYR J 707 40.82 -39.96 11.39
C TYR J 707 41.82 -40.81 12.17
N ASN J 708 41.31 -41.78 12.94
CA ASN J 708 42.20 -42.64 13.72
C ASN J 708 43.10 -43.48 12.81
N LEU J 709 42.56 -43.96 11.68
CA LEU J 709 43.39 -44.72 10.76
C LEU J 709 44.46 -43.86 10.11
N LEU J 710 44.15 -42.59 9.84
CA LEU J 710 45.10 -41.76 9.10
C LEU J 710 46.18 -41.18 10.00
N ARG J 711 45.86 -40.82 11.25
CA ARG J 711 46.88 -40.27 12.13
C ARG J 711 48.00 -41.26 12.37
N VAL J 712 47.71 -42.54 12.27
CA VAL J 712 48.73 -43.57 12.43
C VAL J 712 49.46 -43.84 11.11
N SER J 713 48.76 -43.75 9.98
CA SER J 713 49.43 -43.90 8.69
C SER J 713 50.20 -42.65 8.28
N SER J 714 49.83 -41.48 8.81
CA SER J 714 50.56 -40.24 8.58
C SER J 714 51.60 -40.09 9.68
N SER J 715 52.89 -40.20 9.31
CA SER J 715 53.96 -40.12 10.30
C SER J 715 54.08 -38.70 10.86
N GLU J 716 54.10 -37.69 9.98
CA GLU J 716 54.25 -36.30 10.40
C GLU J 716 52.88 -35.73 10.75
N GLY J 717 52.67 -35.46 12.03
CA GLY J 717 51.42 -34.91 12.49
C GLY J 717 51.54 -33.50 13.02
N VAL J 718 51.27 -32.50 12.17
CA VAL J 718 51.10 -31.14 12.65
C VAL J 718 49.89 -31.13 13.58
N THR J 719 50.13 -30.79 14.84
CA THR J 719 49.13 -30.95 15.88
C THR J 719 48.05 -29.89 15.76
N VAL J 720 46.83 -30.31 15.47
CA VAL J 720 45.66 -29.45 15.31
C VAL J 720 44.41 -30.28 15.61
N GLY J 721 43.45 -29.65 16.29
CA GLY J 721 42.20 -30.32 16.59
C GLY J 721 42.29 -31.23 17.80
N PRO J 722 41.15 -31.85 18.19
CA PRO J 722 39.81 -31.71 17.62
C PRO J 722 39.14 -30.36 17.89
N VAL J 723 38.87 -29.60 16.81
CA VAL J 723 38.31 -28.26 16.91
C VAL J 723 36.80 -28.33 17.05
N LEU J 724 36.25 -27.51 17.94
CA LEU J 724 34.81 -27.43 18.18
C LEU J 724 34.28 -26.12 17.63
N MET J 725 33.25 -26.23 16.77
CA MET J 725 32.66 -25.08 16.10
C MET J 725 31.18 -24.97 16.42
N GLY J 726 30.70 -23.75 16.55
CA GLY J 726 29.30 -23.47 16.78
C GLY J 726 28.95 -23.05 18.19
N VAL J 727 29.83 -23.30 19.15
CA VAL J 727 29.57 -22.89 20.52
C VAL J 727 29.92 -21.41 20.66
N ALA J 728 29.10 -20.67 21.41
CA ALA J 728 29.27 -19.23 21.51
C ALA J 728 30.64 -18.87 22.09
N LYS J 729 31.03 -19.51 23.21
CA LYS J 729 32.28 -19.16 23.88
C LYS J 729 33.45 -19.95 23.31
N PRO J 730 34.64 -19.34 23.27
CA PRO J 730 35.81 -20.01 22.69
C PRO J 730 36.29 -21.20 23.50
N VAL J 731 35.81 -22.39 23.14
CA VAL J 731 36.07 -23.60 23.91
C VAL J 731 36.30 -24.74 22.93
N HIS J 732 37.24 -25.62 23.26
CA HIS J 732 37.49 -26.83 22.49
C HIS J 732 37.65 -28.00 23.44
N VAL J 733 37.17 -29.17 23.01
CA VAL J 733 37.27 -30.41 23.78
C VAL J 733 38.27 -31.32 23.09
N LEU J 734 39.11 -31.97 23.89
CA LEU J 734 40.25 -32.72 23.37
C LEU J 734 40.10 -34.20 23.70
N THR J 735 40.84 -35.02 22.96
CA THR J 735 40.83 -36.46 23.19
C THR J 735 41.55 -36.78 24.49
N PRO J 736 41.25 -37.95 25.09
CA PRO J 736 41.97 -38.34 26.32
C PRO J 736 43.44 -38.61 26.09
N ILE J 737 43.79 -39.11 24.91
CA ILE J 737 45.18 -39.42 24.58
C ILE J 737 45.91 -38.25 23.96
N ALA J 738 45.32 -37.05 23.97
CA ALA J 738 45.94 -35.92 23.28
C ALA J 738 47.34 -35.63 23.81
N SER J 739 48.30 -35.49 22.89
CA SER J 739 49.68 -35.23 23.27
C SER J 739 49.85 -33.83 23.85
N VAL J 740 50.97 -33.63 24.55
CA VAL J 740 51.25 -32.34 25.17
C VAL J 740 51.41 -31.27 24.09
N ARG J 741 52.16 -31.59 23.04
CA ARG J 741 52.24 -30.71 21.87
C ARG J 741 50.86 -30.34 21.37
N ARG J 742 49.95 -31.31 21.31
CA ARG J 742 48.60 -31.06 20.84
C ARG J 742 47.82 -30.16 21.79
N ILE J 743 48.03 -30.32 23.10
CA ILE J 743 47.38 -29.47 24.08
C ILE J 743 47.91 -28.04 23.97
N VAL J 744 49.22 -27.90 23.75
CA VAL J 744 49.82 -26.57 23.61
C VAL J 744 49.16 -25.82 22.46
N ASN J 745 49.07 -26.47 21.30
CA ASN J 745 48.59 -25.79 20.10
C ASN J 745 47.13 -25.38 20.24
N MET J 746 46.29 -26.28 20.75
CA MET J 746 44.86 -25.98 20.88
C MET J 746 44.62 -24.83 21.84
N VAL J 747 45.46 -24.71 22.88
CA VAL J 747 45.33 -23.56 23.78
C VAL J 747 45.65 -22.27 23.05
N ALA J 748 46.58 -22.31 22.09
CA ALA J 748 46.86 -21.12 21.29
C ALA J 748 45.64 -20.72 20.46
N LEU J 749 44.93 -21.72 19.92
CA LEU J 749 43.74 -21.42 19.13
C LEU J 749 42.64 -20.81 19.98
N ALA J 750 42.53 -21.21 21.25
CA ALA J 750 41.54 -20.61 22.13
C ALA J 750 41.89 -19.17 22.45
N VAL J 751 43.16 -18.90 22.74
CA VAL J 751 43.59 -17.53 23.01
C VAL J 751 43.35 -16.65 21.80
N VAL J 752 43.66 -17.15 20.60
CA VAL J 752 43.50 -16.35 19.41
C VAL J 752 42.02 -16.11 19.11
N GLU J 753 41.16 -17.06 19.49
CA GLU J 753 39.73 -16.86 19.27
C GLU J 753 39.14 -15.90 20.30
N ALA J 754 39.78 -15.80 21.46
CA ALA J 754 39.24 -14.93 22.50
C ALA J 754 39.43 -13.45 22.17
N GLN J 755 40.41 -13.14 21.33
CA GLN J 755 40.68 -11.73 21.01
C GLN J 755 39.53 -11.11 20.24
N THR J 756 38.95 -11.86 19.30
CA THR J 756 37.79 -11.37 18.57
C THR J 756 36.51 -11.58 19.40
N GLN J 757 35.57 -10.66 19.26
CA GLN J 757 34.36 -10.69 20.06
C GLN J 757 33.12 -10.38 19.19
N ASP K 2 -5.10 -53.97 -54.00
CA ASP K 2 -3.83 -54.65 -54.27
C ASP K 2 -3.84 -56.08 -53.76
N ASP K 3 -2.82 -56.85 -54.15
CA ASP K 3 -2.65 -58.19 -53.58
C ASP K 3 -2.24 -58.12 -52.12
N GLN K 4 -1.45 -57.11 -51.75
CA GLN K 4 -1.11 -56.92 -50.34
C GLN K 4 -2.34 -56.54 -49.52
N LEU K 5 -3.30 -55.85 -50.14
CA LEU K 5 -4.55 -55.54 -49.45
C LEU K 5 -5.55 -56.70 -49.52
N LYS K 6 -5.52 -57.47 -50.62
CA LYS K 6 -6.33 -58.68 -50.68
C LYS K 6 -5.83 -59.73 -49.71
N GLN K 7 -4.50 -59.83 -49.55
CA GLN K 7 -3.94 -60.78 -48.59
C GLN K 7 -4.22 -60.34 -47.16
N SER K 8 -4.04 -59.06 -46.86
CA SER K 8 -4.33 -58.55 -45.52
C SER K 8 -5.81 -58.66 -45.18
N ALA K 9 -6.68 -58.68 -46.20
CA ALA K 9 -8.10 -58.89 -45.97
C ALA K 9 -8.47 -60.37 -45.90
N LEU K 10 -7.78 -61.21 -46.66
CA LEU K 10 -8.03 -62.66 -46.59
C LEU K 10 -7.73 -63.20 -45.19
N ASP K 11 -6.79 -62.56 -44.48
CA ASP K 11 -6.46 -62.99 -43.13
C ASP K 11 -7.56 -62.64 -42.13
N PHE K 12 -8.38 -61.64 -42.45
CA PHE K 12 -9.34 -61.12 -41.47
C PHE K 12 -10.42 -62.13 -41.15
N HIS K 13 -11.12 -62.62 -42.17
CA HIS K 13 -12.20 -63.57 -41.95
C HIS K 13 -11.69 -64.89 -41.40
N GLU K 14 -10.40 -65.19 -41.57
CA GLU K 14 -9.90 -66.55 -41.39
C GLU K 14 -9.57 -66.84 -39.92
N PHE K 15 -8.64 -66.09 -39.36
CA PHE K 15 -8.12 -66.33 -38.02
C PHE K 15 -8.77 -65.40 -37.01
N PRO K 16 -8.80 -65.78 -35.71
CA PRO K 16 -8.31 -67.03 -35.11
C PRO K 16 -9.32 -68.18 -35.18
N VAL K 17 -10.56 -67.86 -35.48
CA VAL K 17 -11.61 -68.87 -35.66
C VAL K 17 -12.37 -68.54 -36.94
N PRO K 18 -12.67 -69.53 -37.78
CA PRO K 18 -13.43 -69.25 -39.01
C PRO K 18 -14.74 -68.55 -38.72
N GLY K 19 -15.10 -67.62 -39.59
CA GLY K 19 -16.35 -66.90 -39.49
C GLY K 19 -16.13 -65.45 -39.05
N LYS K 20 -17.25 -64.80 -38.73
CA LYS K 20 -17.23 -63.42 -38.26
C LYS K 20 -18.23 -63.16 -37.14
N ILE K 21 -19.07 -64.13 -36.77
CA ILE K 21 -20.04 -63.98 -35.68
C ILE K 21 -20.15 -65.30 -34.95
N GLN K 22 -20.85 -65.27 -33.81
CA GLN K 22 -21.06 -66.45 -32.99
C GLN K 22 -22.33 -66.26 -32.16
N VAL K 23 -22.95 -67.38 -31.81
CA VAL K 23 -24.11 -67.39 -30.92
C VAL K 23 -23.63 -67.46 -29.49
N SER K 24 -24.05 -66.51 -28.66
CA SER K 24 -23.65 -66.47 -27.27
C SER K 24 -24.87 -66.46 -26.37
N PRO K 25 -24.92 -67.34 -25.36
CA PRO K 25 -26.07 -67.31 -24.44
C PRO K 25 -25.99 -66.10 -23.54
N THR K 26 -27.10 -65.36 -23.45
CA THR K 26 -27.19 -64.19 -22.59
C THR K 26 -27.56 -64.54 -21.15
N LYS K 27 -28.41 -65.54 -20.98
CA LYS K 27 -28.87 -65.97 -19.66
C LYS K 27 -27.83 -66.87 -18.99
N PRO K 28 -27.85 -66.97 -17.66
CA PRO K 28 -26.83 -67.78 -16.97
C PRO K 28 -27.03 -69.27 -17.20
N LEU K 29 -25.91 -69.97 -17.35
CA LEU K 29 -25.87 -71.41 -17.55
C LEU K 29 -25.05 -72.10 -16.47
N ALA K 30 -25.03 -71.56 -15.26
CA ALA K 30 -24.07 -72.00 -14.25
C ALA K 30 -24.45 -73.36 -13.66
N THR K 31 -25.71 -73.50 -13.23
CA THR K 31 -26.13 -74.68 -12.49
C THR K 31 -27.17 -75.46 -13.28
N GLN K 32 -27.52 -76.64 -12.75
CA GLN K 32 -28.62 -77.41 -13.31
C GLN K 32 -29.94 -76.67 -13.15
N ARG K 33 -30.09 -75.92 -12.06
CA ARG K 33 -31.29 -75.13 -11.86
C ARG K 33 -31.47 -74.11 -12.98
N ASP K 34 -30.38 -73.48 -13.41
CA ASP K 34 -30.44 -72.53 -14.53
C ASP K 34 -30.86 -73.24 -15.82
N LEU K 35 -30.35 -74.46 -16.03
CA LEU K 35 -30.70 -75.21 -17.24
C LEU K 35 -32.15 -75.70 -17.19
N ALA K 36 -32.66 -76.06 -16.01
CA ALA K 36 -34.06 -76.46 -15.88
C ALA K 36 -35.01 -75.32 -16.20
N LEU K 37 -34.59 -74.07 -15.95
CA LEU K 37 -35.40 -72.92 -16.33
C LEU K 37 -35.36 -72.70 -17.83
N ALA K 38 -34.19 -72.89 -18.45
CA ALA K 38 -34.04 -72.59 -19.87
C ALA K 38 -34.69 -73.63 -20.76
N TYR K 39 -34.67 -74.90 -20.36
CA TYR K 39 -35.32 -75.95 -21.14
C TYR K 39 -36.44 -76.61 -20.33
N SER K 40 -36.47 -77.93 -20.31
CA SER K 40 -37.53 -78.63 -19.59
C SER K 40 -37.29 -78.56 -18.09
N PRO K 41 -38.34 -78.30 -17.29
CA PRO K 41 -39.69 -78.02 -17.79
C PRO K 41 -39.98 -76.52 -17.88
N GLY K 42 -38.98 -75.70 -17.54
CA GLY K 42 -39.21 -74.28 -17.43
C GLY K 42 -39.55 -73.60 -18.75
N VAL K 43 -39.09 -74.16 -19.87
CA VAL K 43 -39.33 -73.51 -21.15
C VAL K 43 -40.79 -73.57 -21.55
N ALA K 44 -41.57 -74.49 -20.97
CA ALA K 44 -42.96 -74.64 -21.37
C ALA K 44 -43.80 -73.46 -20.94
N ALA K 45 -43.47 -72.83 -19.81
CA ALA K 45 -44.30 -71.74 -19.30
C ALA K 45 -44.30 -70.52 -20.23
N PRO K 46 -43.16 -70.03 -20.74
CA PRO K 46 -43.26 -68.93 -21.72
C PRO K 46 -43.96 -69.32 -23.01
N CYS K 47 -43.83 -70.58 -23.43
CA CYS K 47 -44.46 -71.00 -24.68
C CYS K 47 -45.98 -70.99 -24.56
N LEU K 48 -46.51 -71.42 -23.42
CA LEU K 48 -47.96 -71.39 -23.22
C LEU K 48 -48.48 -69.95 -23.22
N GLU K 49 -47.67 -69.00 -22.75
CA GLU K 49 -48.08 -67.60 -22.75
C GLU K 49 -48.03 -66.99 -24.14
N ILE K 50 -47.10 -67.43 -24.99
CA ILE K 50 -47.06 -66.93 -26.37
C ILE K 50 -48.24 -67.47 -27.16
N GLU K 51 -48.63 -68.72 -26.91
CA GLU K 51 -49.82 -69.27 -27.58
C GLU K 51 -51.07 -68.52 -27.15
N LYS K 52 -51.09 -68.00 -25.93
CA LYS K 52 -52.22 -67.17 -25.49
C LYS K 52 -52.20 -65.82 -26.18
N ASP K 53 -51.04 -65.19 -26.26
CA ASP K 53 -50.89 -63.82 -26.76
C ASP K 53 -49.66 -63.75 -27.65
N PRO K 54 -49.85 -63.70 -28.98
CA PRO K 54 -48.68 -63.67 -29.88
C PRO K 54 -47.80 -62.44 -29.70
N LEU K 55 -48.32 -61.35 -29.15
CA LEU K 55 -47.51 -60.15 -28.94
C LEU K 55 -46.56 -60.30 -27.75
N LYS K 56 -46.68 -61.37 -26.96
CA LYS K 56 -45.78 -61.58 -25.84
C LYS K 56 -44.43 -62.13 -26.25
N ALA K 57 -44.27 -62.56 -27.50
CA ALA K 57 -42.94 -62.92 -27.99
C ALA K 57 -41.98 -61.74 -27.90
N TYR K 58 -42.51 -60.52 -28.02
CA TYR K 58 -41.73 -59.32 -27.76
C TYR K 58 -41.13 -59.33 -26.36
N LYS K 59 -41.78 -60.03 -25.42
CA LYS K 59 -41.37 -60.01 -24.03
C LYS K 59 -40.37 -61.11 -23.69
N TYR K 60 -40.44 -62.25 -24.36
CA TYR K 60 -39.70 -63.45 -23.95
C TYR K 60 -38.58 -63.85 -24.90
N THR K 61 -38.80 -63.75 -26.21
CA THR K 61 -37.86 -64.28 -27.17
C THR K 61 -37.02 -63.17 -27.81
N ALA K 62 -36.06 -63.59 -28.63
CA ALA K 62 -35.15 -62.66 -29.28
C ALA K 62 -35.81 -61.86 -30.38
N ARG K 63 -37.07 -62.17 -30.73
CA ARG K 63 -37.75 -61.45 -31.82
C ARG K 63 -37.81 -59.95 -31.57
N GLY K 64 -37.65 -59.51 -30.33
CA GLY K 64 -37.65 -58.08 -30.05
C GLY K 64 -36.51 -57.36 -30.75
N ASN K 65 -35.35 -58.01 -30.85
CA ASN K 65 -34.15 -57.39 -31.40
C ASN K 65 -33.50 -58.30 -32.45
N LEU K 66 -34.31 -58.86 -33.34
CA LEU K 66 -33.84 -59.83 -34.32
C LEU K 66 -34.26 -59.38 -35.72
N VAL K 67 -33.27 -59.05 -36.56
CA VAL K 67 -33.50 -58.72 -37.96
C VAL K 67 -32.79 -59.79 -38.80
N ALA K 68 -33.42 -60.20 -39.90
CA ALA K 68 -32.83 -61.18 -40.80
C ALA K 68 -32.29 -60.49 -42.04
N VAL K 69 -31.08 -60.85 -42.43
CA VAL K 69 -30.45 -60.35 -43.65
C VAL K 69 -30.41 -61.51 -44.63
N ILE K 70 -31.23 -61.43 -45.68
CA ILE K 70 -31.38 -62.50 -46.66
C ILE K 70 -30.87 -62.01 -48.01
N SER K 71 -30.30 -62.93 -48.78
CA SER K 71 -29.77 -62.58 -50.09
C SER K 71 -29.70 -63.84 -50.94
N ASN K 72 -29.95 -63.68 -52.24
CA ASN K 72 -29.83 -64.76 -53.21
C ASN K 72 -28.46 -64.82 -53.86
N GLY K 73 -27.65 -63.78 -53.69
CA GLY K 73 -26.36 -63.71 -54.35
C GLY K 73 -26.42 -63.26 -55.79
N THR K 74 -27.53 -62.69 -56.24
CA THR K 74 -27.69 -62.31 -57.64
C THR K 74 -26.73 -61.20 -58.05
N ALA K 75 -26.40 -60.28 -57.12
CA ALA K 75 -25.51 -59.17 -57.42
C ALA K 75 -24.81 -58.77 -56.12
N VAL K 76 -23.97 -59.67 -55.61
CA VAL K 76 -23.19 -59.44 -54.39
C VAL K 76 -22.24 -58.26 -54.62
N LEU K 77 -22.49 -57.15 -53.92
CA LEU K 77 -21.69 -55.92 -54.03
C LEU K 77 -21.68 -55.52 -55.50
N GLY K 78 -20.51 -55.32 -56.12
CA GLY K 78 -20.38 -55.22 -57.55
C GLY K 78 -19.88 -56.48 -58.22
N LEU K 79 -19.73 -57.58 -57.46
CA LEU K 79 -19.16 -58.80 -58.01
C LEU K 79 -20.10 -59.49 -59.00
N GLY K 80 -21.40 -59.25 -58.87
CA GLY K 80 -22.38 -59.90 -59.72
C GLY K 80 -22.88 -61.20 -59.10
N ASN K 81 -23.35 -62.08 -60.00
CA ASN K 81 -23.87 -63.38 -59.57
C ASN K 81 -22.70 -64.34 -59.36
N ILE K 82 -22.06 -64.19 -58.20
CA ILE K 82 -21.05 -65.16 -57.77
C ILE K 82 -21.65 -66.32 -56.98
N GLY K 83 -22.94 -66.25 -56.63
CA GLY K 83 -23.56 -67.30 -55.86
C GLY K 83 -24.06 -66.84 -54.51
N ALA K 84 -25.01 -67.57 -53.92
CA ALA K 84 -25.45 -67.25 -52.57
C ALA K 84 -24.42 -67.69 -51.53
N LEU K 85 -23.79 -68.85 -51.73
CA LEU K 85 -22.82 -69.35 -50.77
C LEU K 85 -21.57 -68.48 -50.72
N ALA K 86 -21.14 -67.94 -51.87
CA ALA K 86 -19.92 -67.15 -51.91
C ALA K 86 -20.07 -65.82 -51.20
N GLY K 87 -21.28 -65.26 -51.17
CA GLY K 87 -21.55 -64.00 -50.51
C GLY K 87 -21.83 -64.09 -49.03
N LYS K 88 -21.66 -65.26 -48.42
CA LYS K 88 -21.91 -65.39 -46.98
C LYS K 88 -21.08 -64.44 -46.13
N PRO K 89 -19.78 -64.22 -46.39
CA PRO K 89 -19.05 -63.23 -45.58
C PRO K 89 -19.60 -61.82 -45.65
N VAL K 90 -20.25 -61.44 -46.77
CA VAL K 90 -20.80 -60.10 -46.85
C VAL K 90 -22.01 -59.96 -45.94
N MET K 91 -22.84 -61.00 -45.88
CA MET K 91 -24.00 -60.96 -44.99
C MET K 91 -23.59 -60.99 -43.52
N GLU K 92 -22.52 -61.74 -43.21
CA GLU K 92 -21.94 -61.64 -41.87
C GLU K 92 -21.47 -60.23 -41.57
N GLY K 93 -21.02 -59.50 -42.60
CA GLY K 93 -20.53 -58.15 -42.39
C GLY K 93 -21.66 -57.16 -42.14
N LYS K 94 -22.81 -57.39 -42.78
CA LYS K 94 -23.98 -56.58 -42.47
C LYS K 94 -24.44 -56.81 -41.04
N GLY K 95 -24.44 -58.06 -40.59
CA GLY K 95 -24.96 -58.35 -39.26
C GLY K 95 -24.08 -57.78 -38.16
N VAL K 96 -22.80 -57.59 -38.46
CA VAL K 96 -21.91 -56.98 -37.48
C VAL K 96 -22.12 -55.48 -37.42
N LEU K 97 -22.29 -54.83 -38.57
CA LEU K 97 -22.59 -53.41 -38.59
C LEU K 97 -23.89 -53.11 -37.85
N PHE K 98 -24.81 -54.08 -37.79
CA PHE K 98 -26.05 -53.88 -37.06
C PHE K 98 -25.81 -53.85 -35.56
N LYS K 99 -24.98 -54.76 -35.05
CA LYS K 99 -24.75 -54.86 -33.61
C LYS K 99 -23.83 -53.75 -33.11
N LYS K 100 -22.77 -53.43 -33.85
CA LYS K 100 -21.82 -52.43 -33.39
C LYS K 100 -22.40 -51.03 -33.44
N PHE K 101 -23.22 -50.73 -34.45
CA PHE K 101 -23.76 -49.38 -34.59
C PHE K 101 -25.14 -49.21 -33.98
N ALA K 102 -26.00 -50.23 -34.06
CA ALA K 102 -27.37 -50.11 -33.59
C ALA K 102 -27.76 -51.15 -32.56
N GLY K 103 -26.86 -52.08 -32.21
CA GLY K 103 -27.19 -53.09 -31.22
C GLY K 103 -28.30 -54.02 -31.63
N ILE K 104 -28.32 -54.45 -32.89
CA ILE K 104 -29.34 -55.35 -33.41
C ILE K 104 -28.68 -56.67 -33.73
N ASP K 105 -29.16 -57.74 -33.08
CA ASP K 105 -28.72 -59.08 -33.43
C ASP K 105 -29.33 -59.48 -34.77
N VAL K 106 -28.52 -60.10 -35.63
CA VAL K 106 -28.91 -60.37 -37.01
C VAL K 106 -28.47 -61.78 -37.39
N PHE K 107 -29.40 -62.55 -37.96
CA PHE K 107 -29.10 -63.85 -38.55
C PHE K 107 -28.94 -63.67 -40.05
N ASP K 108 -27.81 -64.14 -40.58
CA ASP K 108 -27.59 -64.12 -42.03
C ASP K 108 -28.25 -65.34 -42.67
N ILE K 109 -28.91 -65.11 -43.79
CA ILE K 109 -29.72 -66.12 -44.45
C ILE K 109 -29.23 -66.29 -45.88
N GLU K 110 -28.91 -67.52 -46.26
CA GLU K 110 -28.48 -67.85 -47.61
C GLU K 110 -29.50 -68.81 -48.22
N VAL K 111 -30.06 -68.44 -49.37
CA VAL K 111 -31.06 -69.24 -50.06
C VAL K 111 -30.56 -69.53 -51.47
N ASP K 112 -30.61 -70.80 -51.85
CA ASP K 112 -30.18 -71.24 -53.18
C ASP K 112 -31.40 -71.53 -54.05
N GLU K 113 -32.09 -70.46 -54.43
CA GLU K 113 -33.27 -70.55 -55.28
C GLU K 113 -33.31 -69.33 -56.19
N LEU K 114 -33.34 -69.58 -57.51
CA LEU K 114 -33.31 -68.50 -58.48
C LEU K 114 -34.70 -67.92 -58.75
N ASP K 115 -35.74 -68.73 -58.61
CA ASP K 115 -37.09 -68.28 -58.92
C ASP K 115 -37.51 -67.18 -57.94
N PRO K 116 -38.09 -66.07 -58.42
CA PRO K 116 -38.53 -65.02 -57.50
C PRO K 116 -39.65 -65.44 -56.56
N ASP K 117 -40.55 -66.32 -57.02
CA ASP K 117 -41.71 -66.67 -56.21
C ASP K 117 -41.35 -67.66 -55.10
N LYS K 118 -40.50 -68.65 -55.38
CA LYS K 118 -40.12 -69.61 -54.36
C LYS K 118 -39.29 -68.94 -53.26
N PHE K 119 -38.45 -67.97 -53.64
CA PHE K 119 -37.70 -67.22 -52.65
C PHE K 119 -38.63 -66.45 -51.72
N ILE K 120 -39.72 -65.88 -52.28
CA ILE K 120 -40.66 -65.12 -51.46
C ILE K 120 -41.35 -66.02 -50.46
N GLU K 121 -41.70 -67.25 -50.86
CA GLU K 121 -42.37 -68.18 -49.95
C GLU K 121 -41.48 -68.55 -48.77
N VAL K 122 -40.18 -68.72 -49.02
CA VAL K 122 -39.25 -69.08 -47.94
C VAL K 122 -39.18 -67.97 -46.90
N VAL K 123 -39.19 -66.72 -47.36
CA VAL K 123 -39.14 -65.59 -46.44
C VAL K 123 -40.41 -65.52 -45.59
N ALA K 124 -41.57 -65.63 -46.25
CA ALA K 124 -42.83 -65.59 -45.52
C ALA K 124 -42.96 -66.74 -44.53
N ALA K 125 -42.33 -67.88 -44.83
CA ALA K 125 -42.33 -68.98 -43.87
C ALA K 125 -41.49 -68.66 -42.65
N LEU K 126 -40.39 -67.93 -42.85
CA LEU K 126 -39.49 -67.54 -41.77
C LEU K 126 -39.95 -66.28 -41.04
N GLU K 127 -41.19 -65.85 -41.25
CA GLU K 127 -41.68 -64.63 -40.61
C GLU K 127 -41.76 -64.73 -39.08
N PRO K 128 -42.24 -65.84 -38.48
CA PRO K 128 -42.28 -65.87 -37.00
C PRO K 128 -40.92 -65.71 -36.35
N THR K 129 -39.89 -66.36 -36.90
CA THR K 129 -38.56 -66.32 -36.29
C THR K 129 -38.05 -64.88 -36.14
N PHE K 130 -38.11 -64.10 -37.22
CA PHE K 130 -37.45 -62.81 -37.28
C PHE K 130 -38.47 -61.69 -37.20
N GLY K 131 -38.17 -60.67 -36.39
CA GLY K 131 -39.03 -59.51 -36.31
C GLY K 131 -38.88 -58.56 -37.48
N GLY K 132 -37.80 -58.69 -38.24
CA GLY K 132 -37.59 -57.87 -39.43
C GLY K 132 -36.86 -58.65 -40.50
N ILE K 133 -36.97 -58.16 -41.73
CA ILE K 133 -36.33 -58.77 -42.88
C ILE K 133 -35.58 -57.69 -43.65
N ASN K 134 -34.32 -57.97 -43.99
CA ASN K 134 -33.46 -57.06 -44.73
C ASN K 134 -32.96 -57.75 -45.98
N LEU K 135 -33.14 -57.11 -47.14
CA LEU K 135 -32.80 -57.67 -48.43
C LEU K 135 -31.55 -56.97 -48.97
N GLU K 136 -30.52 -57.74 -49.28
CA GLU K 136 -29.24 -57.19 -49.70
C GLU K 136 -28.77 -57.90 -50.97
N ASP K 137 -28.16 -57.14 -51.88
CA ASP K 137 -27.53 -57.67 -53.09
C ASP K 137 -28.51 -58.51 -53.92
N ILE K 138 -29.65 -57.91 -54.23
CA ILE K 138 -30.66 -58.52 -55.10
C ILE K 138 -30.75 -57.67 -56.36
N LYS K 139 -30.49 -58.30 -57.51
CA LYS K 139 -30.46 -57.55 -58.76
C LYS K 139 -31.87 -57.19 -59.21
N ALA K 140 -31.95 -56.12 -60.03
CA ALA K 140 -33.20 -55.65 -60.58
C ALA K 140 -33.56 -56.44 -61.84
N PRO K 141 -34.87 -56.57 -62.16
CA PRO K 141 -36.01 -56.00 -61.44
C PRO K 141 -36.55 -56.90 -60.33
N GLU K 142 -35.87 -58.03 -60.07
CA GLU K 142 -36.35 -58.97 -59.05
C GLU K 142 -36.49 -58.30 -57.69
N CYS K 143 -35.66 -57.29 -57.41
CA CYS K 143 -35.70 -56.62 -56.12
C CYS K 143 -37.05 -55.94 -55.89
N PHE K 144 -37.52 -55.17 -56.89
CA PHE K 144 -38.79 -54.47 -56.76
C PHE K 144 -39.93 -55.45 -56.51
N TYR K 145 -39.93 -56.59 -57.21
CA TYR K 145 -41.02 -57.55 -57.09
C TYR K 145 -40.99 -58.23 -55.72
N ILE K 146 -39.80 -58.66 -55.27
CA ILE K 146 -39.69 -59.34 -53.99
C ILE K 146 -40.12 -58.42 -52.85
N GLU K 147 -39.71 -57.15 -52.90
CA GLU K 147 -40.09 -56.20 -51.87
C GLU K 147 -41.60 -55.96 -51.88
N GLN K 148 -42.17 -55.77 -53.07
CA GLN K 148 -43.58 -55.41 -53.17
C GLN K 148 -44.47 -56.51 -52.58
N LYS K 149 -44.22 -57.76 -52.95
CA LYS K 149 -45.08 -58.86 -52.50
C LYS K 149 -44.91 -59.11 -51.00
N LEU K 150 -43.68 -59.00 -50.49
CA LEU K 150 -43.41 -59.38 -49.11
C LEU K 150 -43.97 -58.36 -48.12
N ARG K 151 -43.83 -57.06 -48.43
CA ARG K 151 -44.19 -56.03 -47.46
C ARG K 151 -45.67 -56.10 -47.10
N GLU K 152 -46.53 -56.29 -48.09
CA GLU K 152 -47.96 -56.46 -47.83
C GLU K 152 -48.22 -57.81 -47.17
N ARG K 153 -47.68 -58.88 -47.75
CA ARG K 153 -47.95 -60.24 -47.30
C ARG K 153 -47.59 -60.42 -45.83
N MET K 154 -46.46 -59.87 -45.40
CA MET K 154 -45.94 -60.11 -44.08
C MET K 154 -46.30 -58.97 -43.14
N ASN K 155 -46.64 -59.33 -41.90
CA ASN K 155 -46.86 -58.37 -40.82
C ASN K 155 -45.57 -57.96 -40.13
N ILE K 156 -44.42 -58.25 -40.73
CA ILE K 156 -43.12 -57.81 -40.23
C ILE K 156 -42.50 -56.92 -41.29
N PRO K 157 -41.71 -55.92 -40.91
CA PRO K 157 -41.20 -54.95 -41.90
C PRO K 157 -40.16 -55.58 -42.83
N VAL K 158 -40.23 -55.22 -44.10
CA VAL K 158 -39.28 -55.67 -45.11
C VAL K 158 -38.70 -54.43 -45.79
N PHE K 159 -37.39 -54.46 -46.03
CA PHE K 159 -36.62 -53.29 -46.43
C PHE K 159 -35.33 -53.77 -47.08
N HIS K 160 -34.95 -53.18 -48.22
CA HIS K 160 -33.68 -53.49 -48.86
C HIS K 160 -32.77 -52.26 -48.78
N ASP K 161 -31.66 -52.42 -48.04
CA ASP K 161 -30.74 -51.31 -47.83
C ASP K 161 -30.07 -50.86 -49.12
N ASP K 162 -29.73 -51.82 -50.01
CA ASP K 162 -29.00 -51.46 -51.22
C ASP K 162 -29.75 -50.44 -52.06
N GLN K 163 -31.09 -50.46 -52.02
CA GLN K 163 -31.90 -49.59 -52.86
C GLN K 163 -32.62 -48.51 -52.05
N HIS K 164 -33.51 -48.89 -51.13
CA HIS K 164 -34.21 -47.88 -50.34
C HIS K 164 -33.28 -47.16 -49.37
N GLY K 165 -32.24 -47.85 -48.88
CA GLY K 165 -31.33 -47.21 -47.94
C GLY K 165 -30.46 -46.14 -48.59
N THR K 166 -29.87 -46.47 -49.74
CA THR K 166 -29.11 -45.48 -50.49
C THR K 166 -29.99 -44.30 -50.91
N ALA K 167 -31.29 -44.56 -51.13
CA ALA K 167 -32.18 -43.50 -51.57
C ALA K 167 -32.48 -42.52 -50.45
N ILE K 168 -32.66 -43.02 -49.22
CA ILE K 168 -32.95 -42.15 -48.10
C ILE K 168 -31.82 -41.13 -47.89
N ILE K 169 -30.58 -41.57 -48.06
CA ILE K 169 -29.43 -40.67 -47.90
C ILE K 169 -29.41 -39.65 -49.03
N SER K 170 -29.55 -40.11 -50.28
CA SER K 170 -29.46 -39.22 -51.42
C SER K 170 -30.53 -38.14 -51.37
N THR K 171 -31.72 -38.50 -50.89
CA THR K 171 -32.80 -37.53 -50.78
C THR K 171 -32.44 -36.43 -49.77
N ALA K 172 -31.90 -36.82 -48.62
CA ALA K 172 -31.51 -35.84 -47.61
C ALA K 172 -30.42 -34.92 -48.14
N ALA K 173 -29.47 -35.49 -48.89
CA ALA K 173 -28.41 -34.66 -49.47
C ALA K 173 -28.97 -33.57 -50.36
N ILE K 174 -29.96 -33.91 -51.19
CA ILE K 174 -30.56 -32.92 -52.08
C ILE K 174 -31.21 -31.80 -51.29
N LEU K 175 -31.92 -32.15 -50.22
CA LEU K 175 -32.60 -31.15 -49.41
C LEU K 175 -31.61 -30.16 -48.80
N ASN K 176 -30.49 -30.68 -48.28
CA ASN K 176 -29.53 -29.80 -47.64
C ASN K 176 -28.80 -28.93 -48.66
N GLY K 177 -28.50 -29.48 -49.83
CA GLY K 177 -27.88 -28.68 -50.87
C GLY K 177 -28.78 -27.56 -51.36
N LEU K 178 -30.10 -27.78 -51.35
CA LEU K 178 -31.04 -26.73 -51.77
C LEU K 178 -31.05 -25.58 -50.77
N ARG K 179 -30.84 -25.87 -49.48
CA ARG K 179 -30.64 -24.80 -48.52
C ARG K 179 -29.38 -24.00 -48.82
N VAL K 180 -28.31 -24.70 -49.22
CA VAL K 180 -27.04 -24.05 -49.51
C VAL K 180 -27.18 -23.13 -50.73
N VAL K 181 -27.91 -23.58 -51.75
CA VAL K 181 -28.02 -22.82 -52.99
C VAL K 181 -29.27 -21.95 -53.01
N GLU K 182 -30.11 -22.00 -51.97
CA GLU K 182 -31.31 -21.19 -51.85
C GLU K 182 -32.22 -21.35 -53.06
N LYS K 183 -32.66 -22.60 -53.27
CA LYS K 183 -33.56 -22.97 -54.35
C LYS K 183 -34.74 -23.71 -53.78
N ASN K 184 -35.95 -23.30 -54.16
CA ASN K 184 -37.15 -24.04 -53.76
C ASN K 184 -37.17 -25.40 -54.43
N ILE K 185 -37.69 -26.39 -53.71
CA ILE K 185 -37.68 -27.76 -54.22
C ILE K 185 -38.59 -27.90 -55.44
N SER K 186 -39.69 -27.14 -55.49
CA SER K 186 -40.59 -27.24 -56.63
C SER K 186 -39.94 -26.70 -57.90
N ASP K 187 -39.12 -25.64 -57.77
CA ASP K 187 -38.59 -24.95 -58.94
C ASP K 187 -37.45 -25.71 -59.61
N VAL K 188 -36.68 -26.48 -58.85
CA VAL K 188 -35.48 -27.12 -59.40
C VAL K 188 -35.87 -28.23 -60.37
N ARG K 189 -34.98 -28.47 -61.33
CA ARG K 189 -35.16 -29.49 -62.36
C ARG K 189 -34.09 -30.56 -62.18
N MET K 190 -34.52 -31.82 -62.11
CA MET K 190 -33.63 -32.93 -61.79
C MET K 190 -33.52 -33.86 -62.99
N VAL K 191 -32.29 -34.24 -63.31
CA VAL K 191 -31.99 -35.18 -64.39
C VAL K 191 -31.40 -36.43 -63.78
N VAL K 192 -31.95 -37.59 -64.13
CA VAL K 192 -31.54 -38.87 -63.56
C VAL K 192 -31.03 -39.75 -64.70
N SER K 193 -29.84 -40.32 -64.52
CA SER K 193 -29.18 -41.13 -65.54
C SER K 193 -29.20 -42.59 -65.12
N GLY K 194 -29.63 -43.46 -66.03
CA GLY K 194 -29.64 -44.89 -65.76
C GLY K 194 -30.83 -45.32 -64.92
N ALA K 195 -31.34 -46.52 -65.20
CA ALA K 195 -32.45 -47.04 -64.43
C ALA K 195 -31.96 -47.73 -63.17
N GLY K 196 -31.14 -47.03 -62.37
CA GLY K 196 -30.69 -47.58 -61.12
C GLY K 196 -31.83 -47.81 -60.15
N ALA K 197 -31.86 -48.99 -59.51
CA ALA K 197 -33.00 -49.34 -58.66
C ALA K 197 -33.12 -48.38 -57.48
N ALA K 198 -32.00 -47.88 -56.97
CA ALA K 198 -32.05 -46.89 -55.90
C ALA K 198 -32.59 -45.56 -56.42
N ALA K 199 -32.24 -45.20 -57.66
CA ALA K 199 -32.61 -43.89 -58.19
C ALA K 199 -34.13 -43.74 -58.30
N ILE K 200 -34.84 -44.81 -58.67
CA ILE K 200 -36.29 -44.75 -58.77
C ILE K 200 -36.90 -44.41 -57.42
N ALA K 201 -36.35 -44.98 -56.34
CA ALA K 201 -36.89 -44.72 -55.01
C ALA K 201 -36.59 -43.31 -54.54
N CYS K 202 -35.41 -42.78 -54.88
CA CYS K 202 -35.09 -41.40 -54.55
C CYS K 202 -36.15 -40.44 -55.08
N MET K 203 -36.50 -40.62 -56.36
CA MET K 203 -37.47 -39.72 -57.00
C MET K 203 -38.83 -39.84 -56.33
N ASN K 204 -39.24 -41.05 -55.98
CA ASN K 204 -40.52 -41.24 -55.28
C ASN K 204 -40.55 -40.45 -53.99
N LEU K 205 -39.45 -40.48 -53.23
CA LEU K 205 -39.38 -39.73 -51.98
C LEU K 205 -39.31 -38.23 -52.26
N LEU K 206 -38.59 -37.83 -53.30
CA LEU K 206 -38.46 -36.42 -53.64
C LEU K 206 -39.80 -35.83 -54.08
N VAL K 207 -40.62 -36.63 -54.78
CA VAL K 207 -41.92 -36.15 -55.23
C VAL K 207 -42.82 -35.83 -54.04
N ALA K 208 -42.84 -36.72 -53.03
CA ALA K 208 -43.65 -36.46 -51.84
C ALA K 208 -43.19 -35.22 -51.10
N LEU K 209 -41.88 -34.92 -51.16
CA LEU K 209 -41.33 -33.77 -50.45
C LEU K 209 -41.57 -32.45 -51.16
N GLY K 210 -42.02 -32.47 -52.41
CA GLY K 210 -42.34 -31.25 -53.13
C GLY K 210 -41.64 -31.09 -54.47
N LEU K 211 -40.86 -32.06 -54.92
CA LEU K 211 -40.22 -31.96 -56.23
C LEU K 211 -41.24 -32.26 -57.32
N GLN K 212 -41.37 -31.34 -58.28
CA GLN K 212 -42.39 -31.46 -59.31
C GLN K 212 -42.05 -32.58 -60.27
N LYS K 213 -43.07 -33.37 -60.64
CA LYS K 213 -42.83 -34.51 -61.53
C LYS K 213 -42.43 -34.05 -62.93
N HIS K 214 -42.98 -32.93 -63.40
CA HIS K 214 -42.69 -32.49 -64.75
C HIS K 214 -41.24 -32.02 -64.89
N ASN K 215 -40.62 -31.58 -63.80
CA ASN K 215 -39.22 -31.18 -63.84
C ASN K 215 -38.31 -32.41 -63.91
N ILE K 216 -38.75 -33.55 -63.40
CA ILE K 216 -37.94 -34.76 -63.39
C ILE K 216 -37.89 -35.35 -64.79
N VAL K 217 -36.67 -35.65 -65.25
CA VAL K 217 -36.44 -36.28 -66.55
C VAL K 217 -35.51 -37.47 -66.34
N VAL K 218 -35.89 -38.62 -66.89
CA VAL K 218 -35.11 -39.85 -66.76
C VAL K 218 -34.69 -40.31 -68.14
N CYS K 219 -33.45 -40.82 -68.23
CA CYS K 219 -32.88 -41.28 -69.49
C CYS K 219 -32.24 -42.65 -69.27
N ASP K 220 -32.59 -43.60 -70.13
CA ASP K 220 -31.97 -44.91 -70.07
C ASP K 220 -30.91 -45.02 -71.17
N SER K 221 -30.39 -46.23 -71.38
CA SER K 221 -29.31 -46.43 -72.33
C SER K 221 -29.75 -46.12 -73.76
N LYS K 222 -31.01 -46.45 -74.09
CA LYS K 222 -31.52 -46.18 -75.42
C LYS K 222 -31.55 -44.68 -75.70
N GLY K 223 -32.02 -43.91 -74.72
CA GLY K 223 -32.12 -42.47 -74.88
C GLY K 223 -33.00 -41.88 -73.80
N VAL K 224 -33.45 -40.64 -74.04
CA VAL K 224 -34.34 -39.98 -73.10
C VAL K 224 -35.68 -40.71 -73.10
N ILE K 225 -36.14 -41.11 -71.91
CA ILE K 225 -37.45 -41.74 -71.80
C ILE K 225 -38.53 -40.69 -71.99
N TYR K 226 -39.31 -40.83 -73.05
CA TYR K 226 -40.42 -39.93 -73.34
C TYR K 226 -41.69 -40.73 -73.55
N GLN K 227 -42.82 -40.05 -73.39
CA GLN K 227 -44.12 -40.72 -73.48
C GLN K 227 -44.36 -41.25 -74.89
N GLY K 228 -44.75 -42.51 -74.98
CA GLY K 228 -45.04 -43.13 -76.25
C GLY K 228 -43.84 -43.61 -77.04
N ARG K 229 -42.68 -43.74 -76.40
CA ARG K 229 -41.49 -44.23 -77.09
C ARG K 229 -41.67 -45.67 -77.55
N GLU K 230 -42.27 -46.50 -76.70
CA GLU K 230 -42.47 -47.91 -76.98
C GLU K 230 -43.85 -48.32 -76.48
N PRO K 231 -44.51 -49.27 -77.17
CA PRO K 231 -45.86 -49.69 -76.76
C PRO K 231 -45.89 -50.35 -75.39
N ASN K 232 -44.96 -51.27 -75.14
CA ASN K 232 -44.82 -51.90 -73.83
C ASN K 232 -43.63 -51.26 -73.12
N MET K 233 -43.89 -50.68 -71.95
CA MET K 233 -42.87 -49.96 -71.20
C MET K 233 -42.91 -50.39 -69.74
N ALA K 234 -41.74 -50.35 -69.10
CA ALA K 234 -41.68 -50.59 -67.66
C ALA K 234 -42.52 -49.56 -66.93
N GLU K 235 -43.18 -49.99 -65.85
CA GLU K 235 -44.05 -49.08 -65.12
C GLU K 235 -43.26 -47.92 -64.52
N THR K 236 -42.04 -48.20 -64.05
CA THR K 236 -41.18 -47.12 -63.55
C THR K 236 -40.85 -46.13 -64.65
N LYS K 237 -40.53 -46.62 -65.85
CA LYS K 237 -40.24 -45.73 -66.97
C LYS K 237 -41.47 -44.92 -67.36
N ALA K 238 -42.65 -45.54 -67.33
CA ALA K 238 -43.87 -44.84 -67.72
C ALA K 238 -44.28 -43.78 -66.71
N ALA K 239 -44.00 -44.01 -65.42
CA ALA K 239 -44.42 -43.07 -64.39
C ALA K 239 -43.69 -41.74 -64.48
N TYR K 240 -42.42 -41.75 -64.91
CA TYR K 240 -41.64 -40.54 -64.98
C TYR K 240 -41.28 -40.17 -66.42
N ALA K 241 -41.96 -40.76 -67.40
CA ALA K 241 -41.79 -40.33 -68.78
C ALA K 241 -42.29 -38.90 -68.94
N VAL K 242 -41.64 -38.16 -69.84
CA VAL K 242 -41.95 -36.76 -70.05
C VAL K 242 -42.47 -36.58 -71.47
N VAL K 243 -43.21 -35.47 -71.66
CA VAL K 243 -43.65 -35.10 -72.99
C VAL K 243 -42.45 -34.89 -73.88
N ASP K 244 -42.48 -35.47 -75.08
CA ASP K 244 -41.34 -35.41 -75.98
C ASP K 244 -41.12 -33.98 -76.44
N ASP K 245 -39.95 -33.43 -76.11
CA ASP K 245 -39.50 -32.15 -76.62
C ASP K 245 -38.46 -32.30 -77.71
N GLY K 246 -38.22 -33.52 -78.19
CA GLY K 246 -37.19 -33.80 -79.16
C GLY K 246 -35.86 -34.21 -78.56
N LYS K 247 -35.72 -34.19 -77.24
CA LYS K 247 -34.46 -34.51 -76.61
C LYS K 247 -34.31 -36.03 -76.48
N ARG K 248 -33.17 -36.55 -76.95
CA ARG K 248 -32.92 -37.98 -76.97
C ARG K 248 -31.64 -38.38 -76.24
N THR K 249 -30.77 -37.45 -75.90
CA THR K 249 -29.50 -37.77 -75.27
C THR K 249 -29.42 -37.11 -73.90
N LEU K 250 -28.51 -37.64 -73.06
CA LEU K 250 -28.24 -37.02 -71.78
C LEU K 250 -27.76 -35.58 -71.94
N ASP K 251 -26.98 -35.32 -72.99
CA ASP K 251 -26.49 -33.98 -73.26
C ASP K 251 -27.62 -33.02 -73.60
N ASP K 252 -28.72 -33.53 -74.14
CA ASP K 252 -29.84 -32.67 -74.48
C ASP K 252 -30.51 -32.11 -73.24
N VAL K 253 -30.82 -32.97 -72.26
CA VAL K 253 -31.53 -32.54 -71.07
C VAL K 253 -30.62 -31.99 -69.99
N ILE K 254 -29.30 -32.22 -70.09
CA ILE K 254 -28.41 -31.77 -69.03
C ILE K 254 -28.32 -30.26 -69.00
N GLU K 255 -28.66 -29.60 -70.10
CA GLU K 255 -28.69 -28.14 -70.15
C GLU K 255 -29.79 -27.60 -69.25
N GLY K 256 -29.43 -26.65 -68.38
CA GLY K 256 -30.38 -26.09 -67.44
C GLY K 256 -30.90 -27.08 -66.42
N ALA K 257 -30.03 -27.94 -65.89
CA ALA K 257 -30.40 -28.94 -64.90
C ALA K 257 -29.81 -28.54 -63.55
N ASP K 258 -30.67 -28.41 -62.54
CA ASP K 258 -30.22 -27.99 -61.22
C ASP K 258 -29.63 -29.15 -60.43
N ILE K 259 -30.11 -30.38 -60.65
CA ILE K 259 -29.66 -31.55 -59.90
C ILE K 259 -29.46 -32.69 -60.88
N PHE K 260 -28.42 -33.50 -60.63
CA PHE K 260 -28.15 -34.71 -61.40
C PHE K 260 -27.91 -35.86 -60.44
N LEU K 261 -28.51 -37.02 -60.74
CA LEU K 261 -28.31 -38.23 -59.98
C LEU K 261 -28.00 -39.37 -60.94
N GLY K 262 -26.94 -40.11 -60.66
CA GLY K 262 -26.55 -41.20 -61.53
C GLY K 262 -26.26 -42.49 -60.81
N CYS K 263 -27.10 -43.50 -61.02
CA CYS K 263 -26.86 -44.85 -60.53
C CYS K 263 -26.35 -45.77 -61.62
N SER K 264 -26.02 -45.23 -62.79
CA SER K 264 -25.55 -46.01 -63.93
C SER K 264 -24.03 -46.15 -63.86
N GLY K 265 -23.42 -46.59 -64.97
CA GLY K 265 -22.00 -46.80 -65.03
C GLY K 265 -21.22 -45.51 -65.01
N PRO K 266 -19.91 -45.60 -64.76
CA PRO K 266 -19.09 -44.39 -64.65
C PRO K 266 -18.87 -43.72 -66.01
N LYS K 267 -18.31 -42.52 -65.94
CA LYS K 267 -17.98 -41.67 -67.10
C LYS K 267 -19.23 -41.28 -67.88
N VAL K 268 -20.41 -41.36 -67.28
CA VAL K 268 -21.62 -40.89 -67.95
C VAL K 268 -21.62 -39.37 -68.06
N LEU K 269 -21.04 -38.67 -67.09
CA LEU K 269 -21.03 -37.22 -67.06
C LEU K 269 -19.66 -36.70 -67.49
N THR K 270 -19.64 -35.93 -68.58
CA THR K 270 -18.42 -35.31 -69.07
C THR K 270 -18.25 -33.93 -68.45
N GLN K 271 -17.01 -33.42 -68.52
CA GLN K 271 -16.74 -32.07 -68.05
C GLN K 271 -17.54 -31.04 -68.82
N GLU K 272 -17.69 -31.25 -70.13
CA GLU K 272 -18.47 -30.31 -70.95
C GLU K 272 -19.93 -30.32 -70.53
N MET K 273 -20.44 -31.49 -70.13
CA MET K 273 -21.83 -31.58 -69.68
C MET K 273 -22.04 -30.81 -68.38
N VAL K 274 -21.06 -30.86 -67.47
CA VAL K 274 -21.19 -30.14 -66.21
C VAL K 274 -21.17 -28.64 -66.43
N LYS K 275 -20.44 -28.17 -67.44
CA LYS K 275 -20.47 -26.74 -67.75
C LYS K 275 -21.86 -26.32 -68.20
N LYS K 276 -22.55 -27.18 -68.95
CA LYS K 276 -23.88 -26.84 -69.47
C LYS K 276 -24.98 -26.87 -68.42
N MET K 277 -24.70 -27.41 -67.23
CA MET K 277 -25.72 -27.50 -66.18
C MET K 277 -26.10 -26.11 -65.68
N ALA K 278 -27.11 -26.09 -64.82
CA ALA K 278 -27.62 -24.83 -64.29
C ALA K 278 -26.71 -24.34 -63.16
N ARG K 279 -27.03 -23.14 -62.66
CA ARG K 279 -26.22 -22.50 -61.62
C ARG K 279 -26.26 -23.31 -60.32
N ALA K 280 -25.14 -23.28 -59.61
CA ALA K 280 -24.98 -24.00 -58.35
C ALA K 280 -25.36 -25.47 -58.50
N PRO K 281 -24.65 -26.22 -59.34
CA PRO K 281 -25.09 -27.58 -59.66
C PRO K 281 -24.89 -28.53 -58.48
N MET K 282 -25.80 -29.49 -58.37
CA MET K 282 -25.71 -30.57 -57.40
C MET K 282 -25.53 -31.88 -58.16
N ILE K 283 -24.42 -32.56 -57.91
CA ILE K 283 -24.07 -33.80 -58.59
C ILE K 283 -24.09 -34.93 -57.57
N LEU K 284 -24.76 -36.03 -57.90
CA LEU K 284 -24.87 -37.19 -57.03
C LEU K 284 -24.41 -38.42 -57.83
N ALA K 285 -23.10 -38.50 -58.08
CA ALA K 285 -22.52 -39.62 -58.83
C ALA K 285 -22.42 -40.84 -57.93
N LEU K 286 -23.58 -41.44 -57.66
CA LEU K 286 -23.66 -42.63 -56.81
C LEU K 286 -23.43 -43.90 -57.64
N ALA K 287 -22.24 -43.97 -58.23
CA ALA K 287 -21.85 -45.09 -59.06
C ALA K 287 -20.67 -45.79 -58.42
N ASN K 288 -20.80 -47.09 -58.19
CA ASN K 288 -19.73 -47.87 -57.59
C ASN K 288 -19.17 -48.85 -58.60
N PRO K 289 -17.83 -48.99 -58.68
CA PRO K 289 -16.90 -48.32 -57.79
C PRO K 289 -16.38 -46.97 -58.27
N GLU K 290 -16.73 -46.55 -59.49
CA GLU K 290 -16.21 -45.31 -60.04
C GLU K 290 -17.32 -44.30 -60.25
N PRO K 291 -17.16 -43.05 -59.80
CA PRO K 291 -18.20 -42.04 -60.06
C PRO K 291 -18.26 -41.66 -61.54
N GLU K 292 -19.45 -41.26 -61.96
CA GLU K 292 -19.66 -40.87 -63.35
C GLU K 292 -18.74 -39.71 -63.74
N ILE K 293 -18.68 -38.68 -62.89
CA ILE K 293 -17.74 -37.60 -63.06
C ILE K 293 -16.82 -37.58 -61.84
N LEU K 294 -15.52 -37.48 -62.09
CA LEU K 294 -14.57 -37.40 -60.99
C LEU K 294 -14.77 -36.08 -60.24
N PRO K 295 -14.82 -36.11 -58.92
CA PRO K 295 -15.17 -34.89 -58.15
C PRO K 295 -14.19 -33.75 -58.40
N PRO K 296 -12.88 -33.98 -58.46
CA PRO K 296 -11.99 -32.85 -58.83
C PRO K 296 -12.26 -32.29 -60.20
N LEU K 297 -12.51 -33.15 -61.20
CA LEU K 297 -12.81 -32.67 -62.54
C LEU K 297 -14.12 -31.88 -62.57
N ALA K 298 -15.11 -32.32 -61.79
CA ALA K 298 -16.35 -31.56 -61.67
C ALA K 298 -16.14 -30.28 -60.87
N LYS K 299 -15.27 -30.33 -59.87
CA LYS K 299 -14.93 -29.12 -59.12
C LYS K 299 -14.17 -28.12 -60.00
N GLU K 300 -13.33 -28.63 -60.91
CA GLU K 300 -12.55 -27.75 -61.76
C GLU K 300 -13.43 -26.95 -62.71
N VAL K 301 -14.37 -27.62 -63.38
CA VAL K 301 -15.23 -26.93 -64.34
C VAL K 301 -16.22 -26.01 -63.63
N ARG K 302 -16.70 -26.40 -62.45
CA ARG K 302 -17.63 -25.59 -61.67
C ARG K 302 -17.14 -25.49 -60.23
N PRO K 303 -16.78 -24.29 -59.76
CA PRO K 303 -16.20 -24.20 -58.41
C PRO K 303 -17.19 -24.47 -57.29
N ASP K 304 -18.41 -23.93 -57.37
CA ASP K 304 -19.37 -24.03 -56.29
C ASP K 304 -20.21 -25.30 -56.35
N ALA K 305 -19.84 -26.26 -57.20
CA ALA K 305 -20.64 -27.47 -57.36
C ALA K 305 -20.58 -28.34 -56.11
N ILE K 306 -21.74 -28.85 -55.72
CA ILE K 306 -21.86 -29.78 -54.60
C ILE K 306 -21.92 -31.19 -55.17
N ILE K 307 -20.95 -32.02 -54.80
CA ILE K 307 -20.79 -33.34 -55.38
C ILE K 307 -20.85 -34.39 -54.27
N CYS K 308 -21.49 -35.52 -54.57
CA CYS K 308 -21.63 -36.62 -53.63
C CYS K 308 -21.37 -37.93 -54.34
N THR K 309 -20.45 -38.72 -53.81
CA THR K 309 -20.13 -40.02 -54.38
C THR K 309 -20.14 -41.07 -53.27
N GLY K 310 -20.26 -42.34 -53.68
CA GLY K 310 -20.27 -43.42 -52.72
C GLY K 310 -18.90 -43.74 -52.17
N ARG K 311 -17.85 -43.44 -52.93
CA ARG K 311 -16.49 -43.76 -52.50
C ARG K 311 -16.15 -43.02 -51.21
N SER K 312 -15.26 -43.62 -50.42
CA SER K 312 -14.95 -43.10 -49.09
C SER K 312 -13.96 -41.94 -49.13
N ASP K 313 -13.01 -41.96 -50.07
CA ASP K 313 -11.97 -40.94 -50.07
C ASP K 313 -12.51 -39.56 -50.43
N TYR K 314 -13.52 -39.49 -51.28
CA TYR K 314 -14.09 -38.22 -51.64
C TYR K 314 -15.01 -37.70 -50.54
N PRO K 315 -15.09 -36.38 -50.36
CA PRO K 315 -16.03 -35.83 -49.38
C PRO K 315 -17.47 -36.11 -49.77
N ASN K 316 -18.37 -35.91 -48.81
CA ASN K 316 -19.80 -36.16 -49.01
C ASN K 316 -20.04 -37.62 -49.41
N GLN K 317 -19.41 -38.53 -48.66
CA GLN K 317 -19.51 -39.96 -48.96
C GLN K 317 -20.89 -40.50 -48.64
N VAL K 318 -21.51 -41.13 -49.63
CA VAL K 318 -22.81 -41.79 -49.42
C VAL K 318 -22.54 -43.25 -49.05
N ASN K 319 -22.80 -43.60 -47.80
CA ASN K 319 -22.56 -44.94 -47.29
C ASN K 319 -23.87 -45.56 -46.83
N ASN K 320 -23.97 -46.88 -47.02
CA ASN K 320 -25.15 -47.61 -46.55
C ASN K 320 -25.26 -47.56 -45.03
N VAL K 321 -24.12 -47.69 -44.33
CA VAL K 321 -24.08 -47.76 -42.88
C VAL K 321 -24.64 -46.51 -42.21
N LEU K 322 -24.89 -45.44 -42.97
CA LEU K 322 -25.37 -44.20 -42.37
C LEU K 322 -26.76 -44.37 -41.77
N CYS K 323 -27.65 -45.09 -42.45
CA CYS K 323 -29.06 -45.14 -42.06
C CYS K 323 -29.61 -46.53 -41.83
N PHE K 324 -29.14 -47.55 -42.55
CA PHE K 324 -29.79 -48.85 -42.50
C PHE K 324 -29.76 -49.52 -41.13
N PRO K 325 -28.77 -49.32 -40.25
CA PRO K 325 -28.89 -49.93 -38.92
C PRO K 325 -29.94 -49.25 -38.05
N PHE K 326 -30.03 -47.92 -38.12
CA PHE K 326 -30.81 -47.16 -37.14
C PHE K 326 -32.30 -47.10 -37.48
N ILE K 327 -32.68 -47.33 -38.73
CA ILE K 327 -34.09 -47.35 -39.09
C ILE K 327 -34.76 -48.62 -38.55
N PHE K 328 -34.10 -49.77 -38.73
CA PHE K 328 -34.62 -51.02 -38.22
C PHE K 328 -34.78 -50.98 -36.70
N ARG K 329 -33.84 -50.32 -36.01
CA ARG K 329 -33.87 -50.26 -34.55
C ARG K 329 -35.13 -49.55 -34.06
N GLY K 330 -35.48 -48.42 -34.68
CA GLY K 330 -36.72 -47.75 -34.34
C GLY K 330 -37.93 -48.61 -34.64
N ALA K 331 -37.91 -49.32 -35.76
CA ALA K 331 -39.03 -50.19 -36.11
C ALA K 331 -39.17 -51.35 -35.13
N LEU K 332 -38.04 -51.90 -34.67
CA LEU K 332 -38.10 -53.01 -33.73
C LEU K 332 -38.61 -52.55 -32.36
N ASP K 333 -38.20 -51.38 -31.90
CA ASP K 333 -38.63 -50.89 -30.59
C ASP K 333 -40.13 -50.67 -30.55
N VAL K 334 -40.71 -50.14 -31.64
CA VAL K 334 -42.16 -49.98 -31.68
C VAL K 334 -42.86 -51.23 -32.20
N GLY K 335 -42.11 -52.22 -32.69
CA GLY K 335 -42.71 -53.41 -33.26
C GLY K 335 -43.56 -53.14 -34.49
N ALA K 336 -43.10 -52.27 -35.38
CA ALA K 336 -43.89 -51.86 -36.54
C ALA K 336 -44.17 -53.04 -37.46
N THR K 337 -45.40 -53.11 -37.96
CA THR K 337 -45.79 -54.20 -38.85
C THR K 337 -45.06 -54.12 -40.18
N ALA K 338 -44.73 -52.91 -40.63
CA ALA K 338 -43.97 -52.72 -41.86
C ALA K 338 -43.49 -51.28 -41.89
N ILE K 339 -42.43 -51.06 -42.66
CA ILE K 339 -41.92 -49.71 -42.86
C ILE K 339 -42.76 -49.03 -43.94
N ASN K 340 -43.16 -47.80 -43.66
CA ASN K 340 -43.98 -47.02 -44.58
C ASN K 340 -43.24 -45.77 -45.04
N GLU K 341 -43.85 -45.08 -46.02
CA GLU K 341 -43.23 -43.89 -46.58
C GLU K 341 -43.12 -42.78 -45.55
N GLU K 342 -44.08 -42.67 -44.64
CA GLU K 342 -44.06 -41.60 -43.65
C GLU K 342 -42.90 -41.78 -42.68
N MET K 343 -42.59 -43.02 -42.31
CA MET K 343 -41.41 -43.28 -41.48
C MET K 343 -40.14 -42.92 -42.22
N LYS K 344 -40.04 -43.31 -43.49
CA LYS K 344 -38.84 -43.03 -44.28
C LYS K 344 -38.62 -41.53 -44.42
N LEU K 345 -39.69 -40.76 -44.60
CA LEU K 345 -39.56 -39.32 -44.71
C LEU K 345 -39.00 -38.71 -43.43
N ALA K 346 -39.45 -39.21 -42.27
CA ALA K 346 -38.88 -38.75 -41.01
C ALA K 346 -37.40 -39.07 -40.90
N ALA K 347 -36.97 -40.21 -41.46
CA ALA K 347 -35.55 -40.54 -41.46
C ALA K 347 -34.76 -39.60 -42.34
N VAL K 348 -35.30 -39.24 -43.51
CA VAL K 348 -34.64 -38.28 -44.39
C VAL K 348 -34.49 -36.93 -43.67
N ARG K 349 -35.53 -36.52 -42.95
CA ARG K 349 -35.47 -35.23 -42.25
C ARG K 349 -34.49 -35.27 -41.08
N ALA K 350 -34.43 -36.41 -40.37
CA ALA K 350 -33.51 -36.52 -39.23
C ALA K 350 -32.07 -36.41 -39.68
N ILE K 351 -31.73 -37.01 -40.84
CA ILE K 351 -30.38 -36.91 -41.36
C ILE K 351 -30.04 -35.47 -41.70
N ALA K 352 -31.03 -34.71 -42.20
CA ALA K 352 -30.79 -33.31 -42.51
C ALA K 352 -30.57 -32.48 -41.25
N GLU K 353 -31.32 -32.78 -40.19
CA GLU K 353 -31.20 -32.01 -38.96
C GLU K 353 -29.81 -32.13 -38.35
N LEU K 354 -29.20 -33.32 -38.44
CA LEU K 354 -27.87 -33.53 -37.89
C LEU K 354 -26.83 -32.70 -38.62
N ALA K 355 -26.97 -32.55 -39.93
CA ALA K 355 -26.03 -31.73 -40.69
C ALA K 355 -26.26 -30.24 -40.44
N HIS K 356 -27.49 -29.83 -40.13
CA HIS K 356 -27.77 -28.43 -39.86
C HIS K 356 -27.06 -27.94 -38.61
N ALA K 357 -27.17 -28.70 -37.52
CA ALA K 357 -26.60 -28.27 -36.24
C ALA K 357 -25.07 -28.27 -36.30
N GLU K 358 -24.48 -27.18 -35.83
CA GLU K 358 -23.03 -27.08 -35.76
C GLU K 358 -22.51 -27.92 -34.59
N GLN K 359 -21.19 -28.10 -34.55
CA GLN K 359 -20.53 -28.93 -33.54
C GLN K 359 -20.91 -28.53 -32.13
N TYR K 367 -10.10 -36.30 -30.29
CA TYR K 367 -10.03 -34.94 -30.83
C TYR K 367 -9.64 -34.95 -32.30
N GLY K 368 -10.59 -35.38 -33.13
CA GLY K 368 -10.40 -35.44 -34.57
C GLY K 368 -10.08 -34.11 -35.21
N ASP K 369 -9.01 -34.09 -36.01
CA ASP K 369 -8.56 -32.84 -36.62
C ASP K 369 -9.61 -32.26 -37.55
N GLN K 370 -10.41 -33.12 -38.19
CA GLN K 370 -11.44 -32.64 -39.10
C GLN K 370 -12.43 -31.75 -38.37
N ASP K 371 -12.71 -30.59 -38.97
CA ASP K 371 -13.67 -29.63 -38.44
C ASP K 371 -14.92 -29.67 -39.31
N LEU K 372 -16.07 -29.91 -38.69
CA LEU K 372 -17.32 -30.14 -39.41
C LEU K 372 -18.23 -28.93 -39.24
N SER K 373 -18.54 -28.29 -40.35
CA SER K 373 -19.51 -27.19 -40.38
C SER K 373 -20.39 -27.37 -41.61
N PHE K 374 -21.60 -26.81 -41.54
CA PHE K 374 -22.53 -26.93 -42.66
C PHE K 374 -21.98 -26.20 -43.88
N GLY K 375 -21.65 -26.97 -44.92
CA GLY K 375 -21.10 -26.40 -46.13
C GLY K 375 -21.27 -27.35 -47.31
N PRO K 376 -20.84 -26.90 -48.49
CA PRO K 376 -20.94 -27.78 -49.67
C PRO K 376 -20.16 -29.08 -49.53
N GLU K 377 -19.01 -29.05 -48.86
CA GLU K 377 -18.25 -30.27 -48.66
C GLU K 377 -18.91 -31.21 -47.65
N TYR K 378 -19.77 -30.67 -46.78
CA TYR K 378 -20.40 -31.41 -45.68
C TYR K 378 -21.88 -31.06 -45.63
N ILE K 379 -22.67 -31.68 -46.52
CA ILE K 379 -24.12 -31.60 -46.44
C ILE K 379 -24.73 -32.85 -45.81
N ILE K 380 -23.95 -33.91 -45.62
CA ILE K 380 -24.45 -35.14 -45.00
C ILE K 380 -23.44 -35.63 -43.97
N PRO K 381 -23.91 -36.37 -42.97
CA PRO K 381 -23.04 -36.74 -41.85
C PRO K 381 -22.05 -37.85 -42.19
N LYS K 382 -21.04 -37.96 -41.32
CA LYS K 382 -20.00 -38.97 -41.50
C LYS K 382 -20.53 -40.35 -41.12
N PRO K 383 -19.91 -41.41 -41.63
CA PRO K 383 -20.45 -42.77 -41.37
C PRO K 383 -20.38 -43.18 -39.91
N PHE K 384 -19.28 -42.91 -39.21
CA PHE K 384 -19.08 -43.41 -37.86
C PHE K 384 -19.75 -42.56 -36.79
N ASP K 385 -20.53 -41.55 -37.17
CA ASP K 385 -21.04 -40.58 -36.20
C ASP K 385 -21.96 -41.27 -35.19
N PRO K 386 -21.70 -41.13 -33.88
CA PRO K 386 -22.59 -41.77 -32.90
C PRO K 386 -23.95 -41.09 -32.77
N ARG K 387 -24.04 -39.80 -33.12
CA ARG K 387 -25.30 -39.08 -32.94
C ARG K 387 -26.41 -39.58 -33.84
N LEU K 388 -26.10 -40.43 -34.83
CA LEU K 388 -27.11 -40.87 -35.77
C LEU K 388 -28.22 -41.66 -35.08
N ILE K 389 -27.84 -42.64 -34.25
CA ILE K 389 -28.84 -43.48 -33.60
C ILE K 389 -29.70 -42.67 -32.62
N VAL K 390 -29.21 -41.52 -32.15
CA VAL K 390 -29.96 -40.75 -31.17
C VAL K 390 -31.13 -40.01 -31.81
N LYS K 391 -30.99 -39.58 -33.06
CA LYS K 391 -32.06 -38.84 -33.74
C LYS K 391 -32.91 -39.71 -34.65
N ILE K 392 -32.31 -40.69 -35.34
CA ILE K 392 -33.05 -41.46 -36.34
C ILE K 392 -34.07 -42.37 -35.67
N ALA K 393 -33.64 -43.16 -34.69
CA ALA K 393 -34.56 -44.13 -34.08
C ALA K 393 -35.78 -43.48 -33.42
N PRO K 394 -35.68 -42.34 -32.71
CA PRO K 394 -36.91 -41.73 -32.17
C PRO K 394 -37.83 -41.16 -33.22
N ALA K 395 -37.28 -40.47 -34.23
CA ALA K 395 -38.12 -39.87 -35.27
C ALA K 395 -38.86 -40.94 -36.06
N VAL K 396 -38.21 -42.09 -36.30
CA VAL K 396 -38.89 -43.22 -36.93
C VAL K 396 -39.99 -43.74 -36.01
N ALA K 397 -39.71 -43.88 -34.72
CA ALA K 397 -40.72 -44.34 -33.78
C ALA K 397 -41.89 -43.36 -33.70
N LYS K 398 -41.59 -42.05 -33.70
CA LYS K 398 -42.65 -41.06 -33.67
C LYS K 398 -43.51 -41.14 -34.92
N ALA K 399 -42.87 -41.25 -36.09
CA ALA K 399 -43.62 -41.38 -37.33
C ALA K 399 -44.34 -42.72 -37.42
N ALA K 400 -43.76 -43.78 -36.83
CA ALA K 400 -44.44 -45.08 -36.82
C ALA K 400 -45.64 -45.07 -35.89
N MET K 401 -45.59 -44.28 -34.82
CA MET K 401 -46.74 -44.14 -33.93
C MET K 401 -47.85 -43.34 -34.60
N GLU K 402 -47.47 -42.29 -35.34
CA GLU K 402 -48.46 -41.53 -36.11
C GLU K 402 -49.04 -42.35 -37.26
N SER K 403 -48.24 -43.21 -37.88
CA SER K 403 -48.78 -44.06 -38.93
C SER K 403 -49.70 -45.14 -38.36
N GLY K 404 -49.35 -45.68 -37.20
CA GLY K 404 -50.16 -46.67 -36.53
C GLY K 404 -49.76 -48.12 -36.77
N VAL K 405 -48.79 -48.37 -37.64
CA VAL K 405 -48.35 -49.74 -37.88
C VAL K 405 -47.64 -50.32 -36.66
N ALA K 406 -47.19 -49.46 -35.75
CA ALA K 406 -46.43 -49.91 -34.59
C ALA K 406 -47.32 -50.70 -33.63
N THR K 407 -46.85 -51.87 -33.20
CA THR K 407 -47.58 -52.66 -32.22
C THR K 407 -47.35 -52.15 -30.80
N ARG K 408 -46.14 -51.66 -30.51
CA ARG K 408 -45.79 -51.25 -29.15
C ARG K 408 -45.45 -49.77 -29.12
N PRO K 409 -46.15 -48.96 -28.33
CA PRO K 409 -45.82 -47.53 -28.26
C PRO K 409 -44.66 -47.28 -27.30
N ILE K 410 -44.06 -46.11 -27.46
CA ILE K 410 -43.03 -45.63 -26.55
C ILE K 410 -43.65 -44.51 -25.71
N ALA K 411 -43.74 -44.73 -24.40
CA ALA K 411 -44.49 -43.81 -23.54
C ALA K 411 -43.77 -42.47 -23.40
N ASP K 412 -42.46 -42.49 -23.18
CA ASP K 412 -41.67 -41.28 -22.95
C ASP K 412 -40.50 -41.24 -23.92
N PHE K 413 -40.40 -40.15 -24.68
CA PHE K 413 -39.24 -39.98 -25.57
C PHE K 413 -37.95 -39.82 -24.78
N ASP K 414 -38.02 -39.24 -23.58
CA ASP K 414 -36.81 -39.05 -22.78
C ASP K 414 -36.23 -40.37 -22.33
N VAL K 415 -37.08 -41.33 -21.96
CA VAL K 415 -36.60 -42.65 -21.58
C VAL K 415 -35.93 -43.35 -22.76
N TYR K 416 -36.54 -43.23 -23.95
CA TYR K 416 -35.96 -43.84 -25.14
C TYR K 416 -34.66 -43.14 -25.54
N ILE K 417 -34.63 -41.81 -25.42
CA ILE K 417 -33.41 -41.07 -25.74
C ILE K 417 -32.26 -41.48 -24.83
N ASP K 418 -32.55 -41.67 -23.54
CA ASP K 418 -31.51 -42.04 -22.59
C ASP K 418 -30.95 -43.42 -22.90
N LYS K 419 -31.82 -44.37 -23.27
CA LYS K 419 -31.35 -45.68 -23.69
C LYS K 419 -30.39 -45.58 -24.87
N LEU K 420 -30.72 -44.72 -25.84
CA LEU K 420 -29.86 -44.54 -27.00
C LEU K 420 -28.56 -43.83 -26.63
N THR K 421 -28.64 -42.77 -25.82
CA THR K 421 -27.43 -42.09 -25.37
C THR K 421 -26.51 -43.04 -24.62
N GLU K 422 -27.08 -44.02 -23.90
CA GLU K 422 -26.25 -45.03 -23.23
C GLU K 422 -25.46 -45.84 -24.24
N PHE K 423 -26.05 -46.13 -25.40
CA PHE K 423 -25.39 -47.02 -26.36
C PHE K 423 -24.24 -46.30 -27.07
N VAL K 424 -24.42 -45.02 -27.41
CA VAL K 424 -23.35 -44.31 -28.11
C VAL K 424 -22.12 -44.21 -27.23
N TYR K 425 -22.32 -44.08 -25.92
CA TYR K 425 -21.18 -44.03 -25.02
C TYR K 425 -20.63 -45.42 -24.73
N LYS K 426 -21.50 -46.41 -24.63
CA LYS K 426 -21.07 -47.78 -24.34
C LYS K 426 -19.93 -48.20 -25.26
N THR K 427 -20.10 -48.05 -26.56
CA THR K 427 -19.05 -48.32 -27.55
C THR K 427 -18.86 -47.09 -28.41
N ASN K 428 -17.75 -46.37 -28.17
CA ASN K 428 -17.27 -45.36 -29.10
C ASN K 428 -15.81 -45.66 -29.40
N LEU K 429 -15.41 -45.38 -30.62
CA LEU K 429 -14.15 -45.89 -31.15
C LEU K 429 -13.15 -44.73 -31.20
N PHE K 430 -12.41 -44.53 -30.11
CA PHE K 430 -11.47 -43.41 -30.06
C PHE K 430 -10.33 -43.59 -31.04
N MET K 431 -9.98 -44.83 -31.37
CA MET K 431 -8.85 -45.08 -32.27
C MET K 431 -9.16 -44.57 -33.67
N LYS K 432 -10.40 -44.72 -34.13
CA LYS K 432 -10.71 -44.44 -35.52
C LYS K 432 -10.47 -42.97 -35.91
N PRO K 433 -10.69 -41.97 -35.05
CA PRO K 433 -10.32 -40.61 -35.47
C PRO K 433 -8.83 -40.35 -35.51
N ILE K 434 -8.09 -40.85 -34.52
CA ILE K 434 -6.66 -40.51 -34.47
C ILE K 434 -5.91 -41.18 -35.61
N PHE K 435 -6.33 -42.37 -36.03
CA PHE K 435 -5.83 -42.94 -37.27
C PHE K 435 -5.95 -41.94 -38.41
N SER K 436 -7.10 -41.27 -38.51
CA SER K 436 -7.29 -40.25 -39.52
C SER K 436 -6.40 -39.03 -39.24
N GLN K 437 -6.21 -38.68 -37.97
CA GLN K 437 -5.29 -37.60 -37.65
C GLN K 437 -3.84 -38.00 -37.91
N ALA K 438 -3.52 -39.27 -37.69
CA ALA K 438 -2.18 -39.75 -38.02
C ALA K 438 -1.95 -39.75 -39.52
N ARG K 439 -2.98 -40.11 -40.29
CA ARG K 439 -2.83 -40.14 -41.75
C ARG K 439 -2.66 -38.75 -42.33
N LYS K 440 -3.25 -37.73 -41.70
CA LYS K 440 -3.20 -36.37 -42.23
C LYS K 440 -2.05 -35.55 -41.67
N ALA K 441 -1.21 -36.13 -40.82
CA ALA K 441 -0.02 -35.46 -40.30
C ALA K 441 0.97 -36.47 -39.73
N PRO K 442 1.64 -37.26 -40.56
CA PRO K 442 2.56 -38.27 -40.03
C PRO K 442 3.78 -37.62 -39.39
N LYS K 443 4.28 -38.25 -38.33
CA LYS K 443 5.43 -37.77 -37.58
C LYS K 443 6.46 -38.89 -37.46
N ARG K 444 7.68 -38.51 -37.11
CA ARG K 444 8.79 -39.45 -37.01
C ARG K 444 8.72 -40.20 -35.68
N VAL K 445 8.66 -41.53 -35.74
CA VAL K 445 8.50 -42.38 -34.57
C VAL K 445 9.65 -43.38 -34.52
N VAL K 446 10.25 -43.55 -33.34
CA VAL K 446 11.39 -44.43 -33.14
C VAL K 446 10.93 -45.68 -32.39
N LEU K 447 11.40 -46.83 -32.85
CA LEU K 447 11.10 -48.11 -32.19
C LEU K 447 12.42 -48.82 -31.92
N PRO K 448 12.86 -48.90 -30.67
CA PRO K 448 14.20 -49.44 -30.39
C PRO K 448 14.37 -50.92 -30.70
N GLU K 449 13.32 -51.73 -30.58
CA GLU K 449 13.46 -53.17 -30.79
C GLU K 449 13.04 -53.55 -32.21
N GLY K 450 13.70 -52.91 -33.18
CA GLY K 450 13.40 -53.18 -34.58
C GLY K 450 13.60 -54.63 -34.99
N GLU K 451 14.40 -55.39 -34.24
CA GLU K 451 14.63 -56.78 -34.60
C GLU K 451 13.45 -57.68 -34.25
N GLU K 452 12.64 -57.30 -33.26
CA GLU K 452 11.52 -58.13 -32.85
C GLU K 452 10.49 -58.24 -33.97
N ALA K 453 10.06 -59.47 -34.25
CA ALA K 453 9.16 -59.72 -35.36
C ALA K 453 7.86 -58.93 -35.21
N ARG K 454 7.34 -58.85 -33.99
CA ARG K 454 6.11 -58.10 -33.75
C ARG K 454 6.28 -56.64 -34.15
N VAL K 455 7.46 -56.07 -33.94
CA VAL K 455 7.71 -54.69 -34.32
C VAL K 455 7.75 -54.57 -35.83
N LEU K 456 8.31 -55.56 -36.52
CA LEU K 456 8.40 -55.50 -37.97
C LEU K 456 7.03 -55.57 -38.61
N HIS K 457 6.19 -56.52 -38.19
CA HIS K 457 4.81 -56.59 -38.70
C HIS K 457 4.11 -55.25 -38.55
N ALA K 458 4.34 -54.57 -37.43
CA ALA K 458 3.70 -53.28 -37.17
C ALA K 458 4.27 -52.20 -38.07
N THR K 459 5.55 -52.26 -38.39
CA THR K 459 6.14 -51.26 -39.28
C THR K 459 5.56 -51.34 -40.68
N GLN K 460 5.25 -52.55 -41.16
CA GLN K 460 4.64 -52.70 -42.47
C GLN K 460 3.25 -52.10 -42.50
N GLU K 461 2.42 -52.43 -41.51
CA GLU K 461 1.04 -51.93 -41.49
C GLU K 461 1.00 -50.42 -41.25
N LEU K 462 2.01 -49.88 -40.55
CA LEU K 462 2.11 -48.43 -40.42
C LEU K 462 2.39 -47.78 -41.76
N VAL K 463 3.38 -48.30 -42.49
CA VAL K 463 3.73 -47.72 -43.79
C VAL K 463 2.57 -47.84 -44.76
N THR K 464 1.90 -48.99 -44.77
CA THR K 464 0.75 -49.18 -45.66
C THR K 464 -0.34 -48.17 -45.37
N LEU K 465 -0.70 -48.01 -44.09
CA LEU K 465 -1.72 -47.03 -43.72
C LEU K 465 -1.21 -45.61 -43.81
N GLY K 466 0.11 -45.41 -43.79
CA GLY K 466 0.66 -44.07 -43.84
C GLY K 466 0.53 -43.29 -42.56
N LEU K 467 0.47 -43.97 -41.41
CA LEU K 467 0.31 -43.29 -40.13
C LEU K 467 1.62 -42.63 -39.69
N ALA K 468 2.68 -43.42 -39.52
CA ALA K 468 3.92 -42.93 -38.97
C ALA K 468 5.08 -43.17 -39.92
N LYS K 469 6.16 -42.42 -39.71
CA LYS K 469 7.42 -42.64 -40.42
C LYS K 469 8.36 -43.42 -39.50
N PRO K 470 8.36 -44.74 -39.55
CA PRO K 470 9.11 -45.52 -38.56
C PRO K 470 10.61 -45.36 -38.72
N ILE K 471 11.29 -45.44 -37.58
CA ILE K 471 12.75 -45.42 -37.52
C ILE K 471 13.21 -46.54 -36.61
N LEU K 472 13.31 -47.76 -37.16
CA LEU K 472 13.70 -48.90 -36.35
C LEU K 472 15.18 -48.84 -35.99
N ILE K 473 15.52 -49.42 -34.84
CA ILE K 473 16.89 -49.50 -34.36
C ILE K 473 17.25 -50.97 -34.11
N GLY K 474 18.42 -51.36 -34.57
CA GLY K 474 18.88 -52.73 -34.41
C GLY K 474 20.00 -53.02 -35.38
N ARG K 475 20.35 -54.29 -35.44
CA ARG K 475 21.35 -54.74 -36.39
C ARG K 475 20.74 -54.88 -37.77
N PRO K 476 21.22 -54.13 -38.78
CA PRO K 476 20.55 -54.16 -40.09
C PRO K 476 20.53 -55.53 -40.73
N ASN K 477 21.50 -56.38 -40.40
CA ASN K 477 21.53 -57.73 -40.97
C ASN K 477 20.34 -58.54 -40.49
N VAL K 478 20.12 -58.56 -39.18
CA VAL K 478 19.06 -59.37 -38.60
C VAL K 478 17.69 -58.85 -39.03
N ILE K 479 17.55 -57.54 -39.20
CA ILE K 479 16.24 -56.96 -39.52
C ILE K 479 15.82 -57.34 -40.93
N GLU K 480 16.70 -57.12 -41.91
CA GLU K 480 16.36 -57.45 -43.29
C GLU K 480 16.15 -58.95 -43.46
N MET K 481 16.95 -59.75 -42.75
CA MET K 481 16.81 -61.20 -42.83
C MET K 481 15.45 -61.66 -42.29
N ARG K 482 15.02 -61.09 -41.17
CA ARG K 482 13.70 -61.42 -40.65
C ARG K 482 12.60 -60.81 -41.52
N ILE K 483 12.81 -59.59 -42.02
CA ILE K 483 11.85 -58.96 -42.92
C ILE K 483 11.53 -59.90 -44.08
N GLN K 484 12.58 -60.46 -44.69
CA GLN K 484 12.38 -61.36 -45.82
C GLN K 484 11.69 -62.65 -45.40
N LYS K 485 12.03 -63.17 -44.21
CA LYS K 485 11.42 -64.42 -43.77
C LYS K 485 9.93 -64.25 -43.49
N LEU K 486 9.51 -63.07 -43.06
CA LEU K 486 8.10 -62.84 -42.74
C LEU K 486 7.26 -62.60 -43.99
N GLY K 487 7.87 -62.12 -45.07
CA GLY K 487 7.14 -61.80 -46.28
C GLY K 487 6.69 -60.37 -46.37
N LEU K 488 7.34 -59.45 -45.65
CA LEU K 488 6.93 -58.06 -45.61
C LEU K 488 7.57 -57.27 -46.74
N GLN K 489 6.85 -56.27 -47.23
CA GLN K 489 7.30 -55.48 -48.37
C GLN K 489 8.11 -54.25 -47.97
N ILE K 490 8.41 -54.08 -46.68
CA ILE K 490 9.20 -52.93 -46.25
C ILE K 490 10.67 -53.16 -46.62
N LYS K 491 11.36 -52.08 -46.96
CA LYS K 491 12.75 -52.15 -47.38
C LYS K 491 13.54 -51.02 -46.73
N ALA K 492 14.82 -51.27 -46.51
CA ALA K 492 15.66 -50.30 -45.81
C ALA K 492 15.75 -48.99 -46.59
N GLY K 493 15.69 -47.88 -45.86
CA GLY K 493 15.76 -46.57 -46.47
C GLY K 493 14.49 -46.17 -47.21
N VAL K 494 13.87 -47.12 -47.91
CA VAL K 494 12.70 -46.86 -48.74
C VAL K 494 11.48 -46.68 -47.86
N ASP K 495 11.06 -47.74 -47.17
CA ASP K 495 9.87 -47.66 -46.33
C ASP K 495 10.19 -47.06 -44.97
N PHE K 496 11.25 -47.55 -44.34
CA PHE K 496 11.61 -47.14 -42.98
C PHE K 496 13.09 -46.82 -42.91
N GLU K 497 13.42 -45.77 -42.17
CA GLU K 497 14.81 -45.47 -41.87
C GLU K 497 15.30 -46.40 -40.77
N ILE K 498 16.57 -46.78 -40.86
CA ILE K 498 17.15 -47.75 -39.94
C ILE K 498 18.41 -47.15 -39.32
N VAL K 499 18.64 -47.46 -38.05
CA VAL K 499 19.83 -47.00 -37.32
C VAL K 499 20.46 -48.22 -36.65
N ASN K 500 21.77 -48.37 -36.80
CA ASN K 500 22.51 -49.52 -36.30
C ASN K 500 23.11 -49.18 -34.94
N ASN K 501 22.92 -50.08 -33.96
CA ASN K 501 23.39 -49.80 -32.61
C ASN K 501 24.91 -49.93 -32.52
N GLU K 502 25.50 -50.88 -33.24
CA GLU K 502 26.93 -51.13 -33.11
C GLU K 502 27.77 -50.01 -33.72
N SER K 503 27.30 -49.45 -34.82
CA SER K 503 28.05 -48.41 -35.52
C SER K 503 27.09 -47.31 -35.97
N ASP K 504 27.40 -46.06 -35.60
CA ASP K 504 26.62 -44.90 -35.99
C ASP K 504 27.55 -43.72 -36.19
N PRO K 505 27.28 -42.86 -37.17
CA PRO K 505 28.12 -41.66 -37.33
C PRO K 505 28.05 -40.71 -36.14
N ARG K 506 26.87 -40.57 -35.53
CA ARG K 506 26.66 -39.64 -34.44
C ARG K 506 26.83 -40.29 -33.06
N PHE K 507 27.56 -41.39 -32.98
CA PHE K 507 27.72 -42.09 -31.70
C PHE K 507 28.40 -41.22 -30.66
N LYS K 508 29.40 -40.43 -31.07
CA LYS K 508 30.16 -39.67 -30.09
C LYS K 508 29.32 -38.56 -29.47
N GLU K 509 28.42 -37.95 -30.25
CA GLU K 509 27.62 -36.85 -29.72
C GLU K 509 26.57 -37.35 -28.73
N TYR K 510 26.00 -38.53 -28.98
CA TYR K 510 24.87 -39.00 -28.20
C TYR K 510 25.29 -39.38 -26.78
N TRP K 511 26.38 -40.14 -26.65
CA TRP K 511 26.83 -40.53 -25.31
C TRP K 511 27.30 -39.32 -24.51
N THR K 512 27.89 -38.31 -25.18
CA THR K 512 28.26 -37.09 -24.49
C THR K 512 27.03 -36.35 -23.99
N GLU K 513 25.95 -36.37 -24.77
CA GLU K 513 24.70 -35.80 -24.29
C GLU K 513 24.12 -36.65 -23.16
N TYR K 514 24.13 -37.97 -23.33
CA TYR K 514 23.67 -38.86 -22.27
C TYR K 514 24.51 -38.70 -21.01
N PHE K 515 25.82 -38.46 -21.17
CA PHE K 515 26.66 -38.29 -20.00
C PHE K 515 26.33 -37.02 -19.24
N GLN K 516 26.13 -35.91 -19.96
CA GLN K 516 25.77 -34.66 -19.30
C GLN K 516 24.44 -34.76 -18.54
N ILE K 517 23.60 -35.72 -18.91
CA ILE K 517 22.35 -35.95 -18.18
C ILE K 517 22.56 -36.88 -16.99
N MET K 518 23.40 -37.91 -17.15
CA MET K 518 23.53 -38.96 -16.15
C MET K 518 24.88 -38.96 -15.44
N LYS K 519 25.67 -37.89 -15.58
CA LYS K 519 27.01 -37.90 -14.97
C LYS K 519 26.90 -38.01 -13.46
N ARG K 520 26.00 -37.25 -12.85
CA ARG K 520 25.84 -37.25 -11.41
C ARG K 520 24.78 -38.25 -10.94
N ARG K 521 24.13 -38.94 -11.87
CA ARG K 521 23.18 -40.00 -11.52
C ARG K 521 23.80 -41.39 -11.65
N GLY K 522 25.13 -41.49 -11.60
CA GLY K 522 25.80 -42.76 -11.48
C GLY K 522 26.20 -43.44 -12.77
N VAL K 523 26.23 -42.72 -13.88
CA VAL K 523 26.64 -43.28 -15.16
C VAL K 523 27.93 -42.59 -15.59
N THR K 524 29.02 -43.34 -15.63
CA THR K 524 30.31 -42.78 -15.98
C THR K 524 30.45 -42.62 -17.50
N GLN K 525 31.58 -42.09 -17.94
CA GLN K 525 31.79 -41.92 -19.38
C GLN K 525 31.94 -43.27 -20.07
N GLU K 526 32.67 -44.20 -19.45
CA GLU K 526 32.80 -45.54 -20.02
C GLU K 526 31.46 -46.28 -19.98
N GLN K 527 30.68 -46.07 -18.92
CA GLN K 527 29.38 -46.72 -18.81
C GLN K 527 28.38 -46.16 -19.82
N ALA K 528 28.49 -44.86 -20.13
CA ALA K 528 27.56 -44.26 -21.08
C ALA K 528 27.80 -44.77 -22.50
N GLN K 529 29.07 -45.01 -22.85
CA GLN K 529 29.38 -45.46 -24.20
C GLN K 529 28.88 -46.89 -24.43
N ARG K 530 29.23 -47.82 -23.52
CA ARG K 530 28.77 -49.19 -23.68
C ARG K 530 27.25 -49.26 -23.67
N ALA K 531 26.61 -48.39 -22.88
CA ALA K 531 25.15 -48.38 -22.85
C ALA K 531 24.57 -47.91 -24.17
N LEU K 532 25.24 -46.94 -24.81
CA LEU K 532 24.73 -46.42 -26.07
C LEU K 532 24.86 -47.41 -27.21
N ILE K 533 25.58 -48.52 -27.02
CA ILE K 533 25.68 -49.57 -28.03
C ILE K 533 24.81 -50.73 -27.60
N SER K 534 24.61 -50.89 -26.31
CA SER K 534 23.91 -52.06 -25.77
C SER K 534 22.42 -51.83 -25.54
N ASN K 535 21.98 -50.61 -25.27
CA ASN K 535 20.57 -50.33 -24.95
C ASN K 535 19.96 -49.46 -26.04
N PRO K 536 19.14 -50.03 -26.94
CA PRO K 536 18.51 -49.20 -27.98
C PRO K 536 17.55 -48.17 -27.43
N THR K 537 16.91 -48.45 -26.29
CA THR K 537 15.97 -47.50 -25.70
C THR K 537 16.69 -46.23 -25.26
N VAL K 538 17.96 -46.35 -24.86
CA VAL K 538 18.74 -45.16 -24.53
C VAL K 538 18.99 -44.32 -25.78
N ILE K 539 19.17 -44.98 -26.93
CA ILE K 539 19.41 -44.26 -28.18
C ILE K 539 18.20 -43.39 -28.54
N GLY K 540 17.03 -44.02 -28.63
CA GLY K 540 15.85 -43.30 -29.08
C GLY K 540 15.43 -42.17 -28.16
N ALA K 541 15.69 -42.32 -26.85
CA ALA K 541 15.42 -41.22 -25.94
C ALA K 541 16.26 -39.99 -26.28
N ILE K 542 17.50 -40.21 -26.70
CA ILE K 542 18.35 -39.09 -27.09
C ILE K 542 17.81 -38.43 -28.34
N MET K 543 17.27 -39.22 -29.27
CA MET K 543 16.74 -38.67 -30.52
C MET K 543 15.62 -37.69 -30.24
N VAL K 544 14.63 -38.09 -29.43
CA VAL K 544 13.47 -37.24 -29.21
C VAL K 544 13.87 -35.97 -28.48
N GLN K 545 14.94 -36.03 -27.67
CA GLN K 545 15.40 -34.84 -26.98
C GLN K 545 16.27 -33.95 -27.87
N ARG K 546 16.95 -34.54 -28.85
CA ARG K 546 17.68 -33.75 -29.84
C ARG K 546 16.76 -33.15 -30.90
N GLY K 547 15.59 -33.75 -31.11
CA GLY K 547 14.66 -33.31 -32.13
C GLY K 547 14.66 -34.11 -33.40
N GLU K 548 15.57 -35.08 -33.53
CA GLU K 548 15.65 -35.87 -34.75
C GLU K 548 14.38 -36.67 -34.97
N ALA K 549 13.89 -37.33 -33.91
CA ALA K 549 12.60 -37.99 -33.95
C ALA K 549 11.59 -37.17 -33.16
N ASP K 550 10.31 -37.36 -33.49
CA ASP K 550 9.26 -36.60 -32.82
C ASP K 550 8.64 -37.35 -31.65
N ALA K 551 8.70 -38.68 -31.66
CA ALA K 551 8.16 -39.47 -30.55
C ALA K 551 8.81 -40.85 -30.59
N MET K 552 8.52 -41.65 -29.58
CA MET K 552 9.14 -42.97 -29.43
C MET K 552 8.15 -43.94 -28.80
N ILE K 553 8.21 -45.20 -29.24
CA ILE K 553 7.44 -46.30 -28.67
C ILE K 553 8.41 -47.46 -28.45
N CYS K 554 8.50 -47.93 -27.21
CA CYS K 554 9.41 -49.01 -26.87
C CYS K 554 8.74 -49.91 -25.84
N GLY K 555 9.49 -50.89 -25.33
CA GLY K 555 9.03 -51.74 -24.26
C GLY K 555 8.51 -53.10 -24.66
N THR K 556 8.63 -53.47 -25.94
CA THR K 556 8.12 -54.77 -26.37
C THR K 556 8.93 -55.93 -25.81
N VAL K 557 10.15 -55.67 -25.36
CA VAL K 557 10.97 -56.66 -24.66
C VAL K 557 11.59 -55.97 -23.45
N GLY K 558 11.46 -56.59 -22.29
CA GLY K 558 12.02 -56.04 -21.08
C GLY K 558 10.94 -55.55 -20.13
N ASP K 559 11.35 -55.38 -18.87
CA ASP K 559 10.44 -54.95 -17.82
C ASP K 559 10.16 -53.46 -17.94
N TYR K 560 8.94 -53.06 -17.56
CA TYR K 560 8.51 -51.69 -17.73
C TYR K 560 9.45 -50.71 -17.02
N HIS K 561 9.89 -51.05 -15.81
CA HIS K 561 10.64 -50.11 -15.01
C HIS K 561 12.02 -49.83 -15.60
N GLU K 562 12.56 -50.77 -16.38
CA GLU K 562 13.84 -50.55 -17.04
C GLU K 562 13.73 -49.40 -18.04
N HIS K 563 12.80 -49.51 -18.99
CA HIS K 563 12.60 -48.45 -19.96
C HIS K 563 12.20 -47.15 -19.28
N PHE K 564 11.39 -47.24 -18.22
CA PHE K 564 10.91 -46.04 -17.56
C PHE K 564 12.05 -45.27 -16.92
N SER K 565 13.06 -45.98 -16.42
CA SER K 565 14.22 -45.33 -15.82
C SER K 565 14.90 -44.40 -16.83
N VAL K 566 15.17 -44.91 -18.03
CA VAL K 566 15.81 -44.10 -19.06
C VAL K 566 14.93 -42.93 -19.43
N VAL K 567 13.63 -43.17 -19.53
CA VAL K 567 12.71 -42.19 -20.10
C VAL K 567 12.55 -40.99 -19.18
N LYS K 568 12.39 -41.25 -17.88
CA LYS K 568 12.14 -40.17 -16.93
C LYS K 568 13.35 -39.26 -16.79
N ASN K 569 14.56 -39.83 -16.86
CA ASN K 569 15.78 -39.05 -16.66
C ASN K 569 16.10 -38.17 -17.86
N VAL K 570 15.91 -38.67 -19.08
CA VAL K 570 16.26 -37.92 -20.27
C VAL K 570 15.21 -36.86 -20.57
N PHE K 571 13.96 -37.31 -20.71
CA PHE K 571 12.88 -36.41 -21.13
C PHE K 571 12.55 -35.40 -20.03
N GLY K 572 12.42 -35.87 -18.80
CA GLY K 572 11.96 -35.01 -17.73
C GLY K 572 10.45 -34.98 -17.65
N TYR K 573 9.95 -34.78 -16.44
CA TYR K 573 8.52 -34.75 -16.20
C TYR K 573 7.87 -33.62 -16.99
N ARG K 574 6.57 -33.76 -17.24
CA ARG K 574 5.80 -32.69 -17.85
C ARG K 574 5.74 -31.50 -16.91
N ASP K 575 5.99 -30.30 -17.43
CA ASP K 575 5.97 -29.11 -16.59
C ASP K 575 4.61 -28.95 -15.92
N GLY K 576 4.65 -28.75 -14.60
CA GLY K 576 3.43 -28.69 -13.83
C GLY K 576 3.04 -30.00 -13.17
N VAL K 577 3.74 -31.09 -13.46
CA VAL K 577 3.47 -32.39 -12.86
C VAL K 577 4.75 -32.87 -12.18
N HIS K 578 4.59 -33.56 -11.05
CA HIS K 578 5.72 -34.12 -10.32
C HIS K 578 5.65 -35.64 -10.24
N THR K 579 4.72 -36.27 -10.95
CA THR K 579 4.60 -37.71 -10.92
C THR K 579 4.11 -38.21 -12.28
N ALA K 580 4.36 -39.49 -12.54
CA ALA K 580 3.96 -40.12 -13.79
C ALA K 580 2.98 -41.25 -13.51
N GLY K 581 2.12 -41.52 -14.47
CA GLY K 581 1.10 -42.53 -14.31
C GLY K 581 0.93 -43.36 -15.58
N ALA K 582 0.58 -44.62 -15.38
CA ALA K 582 0.30 -45.55 -16.45
C ALA K 582 -1.20 -45.81 -16.53
N MET K 583 -1.72 -45.88 -17.75
CA MET K 583 -3.16 -46.05 -17.98
C MET K 583 -3.38 -47.10 -19.05
N ASN K 584 -3.93 -48.25 -18.68
CA ASN K 584 -4.35 -49.24 -19.66
C ASN K 584 -5.85 -49.10 -19.90
N ALA K 585 -6.29 -49.61 -21.05
CA ALA K 585 -7.69 -49.53 -21.47
C ALA K 585 -8.18 -50.87 -21.98
N LEU K 586 -9.41 -51.20 -21.63
CA LEU K 586 -10.08 -52.40 -22.11
C LEU K 586 -11.49 -52.03 -22.54
N LEU K 587 -12.08 -52.88 -23.37
CA LEU K 587 -13.48 -52.73 -23.75
C LEU K 587 -14.29 -53.73 -22.95
N LEU K 588 -15.21 -53.23 -22.14
CA LEU K 588 -15.98 -54.01 -21.19
C LEU K 588 -17.45 -54.03 -21.57
N PRO K 589 -18.23 -54.97 -21.03
CA PRO K 589 -19.69 -54.87 -21.17
C PRO K 589 -20.25 -53.56 -20.63
N SER K 590 -19.60 -52.98 -19.62
CA SER K 590 -20.04 -51.71 -19.08
C SER K 590 -19.78 -50.55 -20.05
N GLY K 591 -18.74 -50.68 -20.88
CA GLY K 591 -18.33 -49.62 -21.79
C GLY K 591 -16.81 -49.52 -21.89
N ASN K 592 -16.31 -48.59 -22.69
CA ASN K 592 -14.87 -48.41 -22.77
C ASN K 592 -14.35 -47.89 -21.44
N THR K 593 -13.37 -48.59 -20.87
CA THR K 593 -12.96 -48.32 -19.49
C THR K 593 -11.44 -48.29 -19.40
N PHE K 594 -10.94 -47.72 -18.29
CA PHE K 594 -9.52 -47.46 -18.10
C PHE K 594 -9.13 -47.80 -16.67
N ILE K 595 -7.84 -48.05 -16.47
CA ILE K 595 -7.27 -48.30 -15.15
C ILE K 595 -6.04 -47.43 -14.97
N ALA K 596 -5.82 -46.93 -13.76
CA ALA K 596 -4.81 -45.92 -13.47
C ALA K 596 -3.65 -46.49 -12.64
N ASP K 597 -2.46 -45.96 -12.91
CA ASP K 597 -1.20 -46.38 -12.30
C ASP K 597 -1.05 -47.90 -12.32
N THR K 598 -0.95 -48.43 -13.53
CA THR K 598 -0.84 -49.87 -13.70
C THR K 598 0.59 -50.38 -13.58
N TYR K 599 1.59 -49.52 -13.78
CA TYR K 599 2.98 -49.96 -13.65
C TYR K 599 3.92 -48.98 -12.97
N VAL K 600 3.56 -47.71 -12.82
CA VAL K 600 4.56 -46.72 -12.43
C VAL K 600 4.94 -46.86 -10.96
N ASN K 601 3.96 -46.70 -10.07
CA ASN K 601 4.21 -46.60 -8.63
C ASN K 601 3.54 -47.74 -7.88
N ASP K 602 4.30 -48.44 -7.05
CA ASP K 602 3.74 -49.54 -6.28
C ASP K 602 2.77 -49.04 -5.22
N GLU K 603 3.14 -47.99 -4.50
CA GLU K 603 2.36 -47.42 -3.41
C GLU K 603 2.29 -45.90 -3.59
N PRO K 604 1.38 -45.42 -4.43
CA PRO K 604 1.26 -43.96 -4.59
C PRO K 604 0.71 -43.33 -3.33
N ASP K 605 1.14 -42.10 -3.10
CA ASP K 605 0.56 -41.30 -2.03
C ASP K 605 -0.65 -40.54 -2.56
N ALA K 606 -1.41 -39.94 -1.64
CA ALA K 606 -2.70 -39.36 -2.00
C ALA K 606 -2.56 -38.26 -3.04
N GLU K 607 -1.52 -37.43 -2.92
CA GLU K 607 -1.30 -36.38 -3.91
C GLU K 607 -0.81 -36.97 -5.23
N GLU K 608 0.00 -38.04 -5.16
CA GLU K 608 0.38 -38.76 -6.36
C GLU K 608 -0.84 -39.38 -7.04
N LEU K 609 -1.80 -39.85 -6.23
CA LEU K 609 -3.02 -40.40 -6.79
C LEU K 609 -3.88 -39.30 -7.43
N ALA K 610 -3.86 -38.10 -6.84
CA ALA K 610 -4.65 -37.01 -7.40
C ALA K 610 -4.14 -36.59 -8.77
N GLU K 611 -2.82 -36.52 -8.95
CA GLU K 611 -2.27 -36.06 -10.21
C GLU K 611 -2.46 -37.10 -11.31
N ILE K 612 -2.38 -38.39 -10.96
CA ILE K 612 -2.74 -39.44 -11.91
C ILE K 612 -4.15 -39.26 -12.40
N THR K 613 -5.09 -39.03 -11.48
CA THR K 613 -6.49 -38.87 -11.87
C THR K 613 -6.70 -37.63 -12.73
N LEU K 614 -6.12 -36.50 -12.35
CA LEU K 614 -6.30 -35.29 -13.12
C LEU K 614 -5.74 -35.45 -14.54
N MET K 615 -4.56 -36.09 -14.66
CA MET K 615 -3.99 -36.30 -15.99
C MET K 615 -4.82 -37.29 -16.79
N ALA K 616 -5.35 -38.33 -16.14
CA ALA K 616 -6.14 -39.32 -16.87
C ALA K 616 -7.42 -38.73 -17.43
N ALA K 617 -8.02 -37.78 -16.70
CA ALA K 617 -9.20 -37.10 -17.22
C ALA K 617 -8.84 -36.20 -18.40
N GLU K 618 -7.60 -35.70 -18.46
CA GLU K 618 -7.17 -34.90 -19.60
C GLU K 618 -6.95 -35.76 -20.83
N THR K 619 -6.37 -36.95 -20.64
CA THR K 619 -6.12 -37.84 -21.79
C THR K 619 -7.41 -38.45 -22.31
N VAL K 620 -8.30 -38.87 -21.41
CA VAL K 620 -9.53 -39.54 -21.84
C VAL K 620 -10.48 -38.54 -22.49
N ARG K 621 -10.58 -37.33 -21.93
CA ARG K 621 -11.39 -36.29 -22.57
C ARG K 621 -10.88 -35.99 -23.97
N ARG K 622 -9.58 -36.18 -24.21
CA ARG K 622 -9.04 -36.00 -25.55
C ARG K 622 -9.50 -37.10 -26.49
N PHE K 623 -9.58 -38.34 -26.00
CA PHE K 623 -10.06 -39.44 -26.82
C PHE K 623 -11.48 -39.20 -27.32
N GLY K 624 -12.26 -38.46 -26.55
CA GLY K 624 -13.66 -38.19 -26.86
C GLY K 624 -14.64 -38.73 -25.84
N ILE K 625 -14.18 -39.48 -24.85
CA ILE K 625 -15.04 -40.07 -23.84
C ILE K 625 -15.31 -39.06 -22.74
N GLU K 626 -16.53 -39.06 -22.22
CA GLU K 626 -16.87 -38.24 -21.06
C GLU K 626 -16.16 -38.77 -19.83
N PRO K 627 -15.31 -37.99 -19.17
CA PRO K 627 -14.55 -38.52 -18.03
C PRO K 627 -15.40 -38.78 -16.81
N ARG K 628 -15.57 -40.07 -16.46
CA ARG K 628 -16.35 -40.50 -15.30
C ARG K 628 -15.44 -41.31 -14.38
N VAL K 629 -14.94 -40.69 -13.30
CA VAL K 629 -13.88 -41.27 -12.49
C VAL K 629 -14.48 -41.99 -11.29
N ALA K 630 -13.81 -43.07 -10.85
CA ALA K 630 -14.24 -43.82 -9.68
C ALA K 630 -13.02 -44.37 -8.95
N LEU K 631 -12.91 -44.06 -7.66
CA LEU K 631 -11.80 -44.52 -6.82
C LEU K 631 -12.23 -45.77 -6.08
N LEU K 632 -11.44 -46.83 -6.17
CA LEU K 632 -11.79 -48.13 -5.61
C LEU K 632 -11.03 -48.38 -4.31
N SER K 633 -11.57 -49.29 -3.51
CA SER K 633 -10.93 -49.75 -2.27
C SER K 633 -11.68 -50.96 -1.75
N HIS K 634 -11.00 -51.73 -0.89
CA HIS K 634 -11.67 -52.86 -0.24
C HIS K 634 -12.83 -52.38 0.62
N SER K 635 -12.72 -51.17 1.16
CA SER K 635 -13.79 -50.55 1.93
C SER K 635 -14.73 -49.79 1.00
N ASN K 636 -16.01 -49.74 1.40
CA ASN K 636 -17.04 -49.05 0.64
C ASN K 636 -17.49 -47.83 1.43
N PHE K 637 -17.10 -46.65 0.95
CA PHE K 637 -17.56 -45.38 1.51
C PHE K 637 -17.33 -45.31 3.02
N GLY K 638 -16.21 -45.87 3.46
CA GLY K 638 -15.79 -45.76 4.84
C GLY K 638 -16.09 -46.95 5.72
N SER K 639 -16.32 -48.14 5.15
CA SER K 639 -16.61 -49.30 5.98
C SER K 639 -15.39 -49.75 6.77
N SER K 640 -14.20 -49.70 6.16
CA SER K 640 -12.94 -50.01 6.83
C SER K 640 -12.05 -48.78 6.78
N ASP K 641 -11.74 -48.23 7.95
CA ASP K 641 -10.84 -47.10 8.06
C ASP K 641 -9.41 -47.63 8.19
N CYS K 642 -8.60 -47.35 7.18
CA CYS K 642 -7.23 -47.85 7.13
C CYS K 642 -6.42 -46.87 6.29
N PRO K 643 -5.08 -46.97 6.35
CA PRO K 643 -4.26 -46.05 5.53
C PRO K 643 -4.57 -46.11 4.04
N SER K 644 -4.94 -47.28 3.53
CA SER K 644 -5.28 -47.39 2.11
C SER K 644 -6.55 -46.60 1.79
N SER K 645 -7.58 -46.75 2.61
CA SER K 645 -8.85 -46.08 2.34
C SER K 645 -8.75 -44.57 2.59
N SER K 646 -8.12 -44.17 3.69
CA SER K 646 -7.97 -42.74 3.97
C SER K 646 -7.28 -42.02 2.82
N LYS K 647 -6.24 -42.66 2.24
CA LYS K 647 -5.52 -42.05 1.13
C LYS K 647 -6.46 -41.71 -0.02
N MET K 648 -7.36 -42.64 -0.36
CA MET K 648 -8.31 -42.39 -1.44
C MET K 648 -9.17 -41.17 -1.16
N ARG K 649 -9.73 -41.09 0.06
CA ARG K 649 -10.63 -40.00 0.39
C ARG K 649 -9.92 -38.65 0.31
N GLN K 650 -8.68 -38.58 0.78
CA GLN K 650 -7.93 -37.32 0.71
C GLN K 650 -7.73 -36.88 -0.73
N ALA K 651 -7.48 -37.84 -1.62
CA ALA K 651 -7.30 -37.50 -3.02
C ALA K 651 -8.57 -36.91 -3.61
N LEU K 652 -9.73 -37.43 -3.19
CA LEU K 652 -11.00 -36.93 -3.72
C LEU K 652 -11.13 -35.43 -3.51
N GLU K 653 -10.81 -34.96 -2.31
CA GLU K 653 -10.90 -33.52 -2.05
C GLU K 653 -9.84 -32.75 -2.82
N LEU K 654 -8.64 -33.33 -2.96
CA LEU K 654 -7.61 -32.68 -3.76
C LEU K 654 -8.05 -32.52 -5.20
N VAL K 655 -8.82 -33.47 -5.72
CA VAL K 655 -9.27 -33.41 -7.10
C VAL K 655 -10.29 -32.29 -7.27
N ARG K 656 -11.28 -32.23 -6.37
CA ARG K 656 -12.42 -31.34 -6.56
C ARG K 656 -12.05 -29.87 -6.39
N GLU K 657 -10.92 -29.57 -5.77
CA GLU K 657 -10.51 -28.18 -5.64
C GLU K 657 -9.77 -27.68 -6.86
N ARG K 658 -8.86 -28.50 -7.41
CA ARG K 658 -8.16 -28.11 -8.62
C ARG K 658 -9.03 -28.27 -9.86
N ALA K 659 -9.92 -29.25 -9.87
CA ALA K 659 -10.81 -29.49 -11.01
C ALA K 659 -12.23 -29.74 -10.50
N PRO K 660 -12.96 -28.67 -10.19
CA PRO K 660 -14.33 -28.86 -9.66
C PRO K 660 -15.26 -29.53 -10.65
N GLU K 661 -15.03 -29.33 -11.95
CA GLU K 661 -15.95 -29.81 -12.96
C GLU K 661 -15.88 -31.32 -13.13
N LEU K 662 -14.76 -31.94 -12.77
CA LEU K 662 -14.59 -33.37 -13.00
C LEU K 662 -15.55 -34.18 -12.13
N MET K 663 -16.12 -35.24 -12.72
CA MET K 663 -17.06 -36.10 -12.03
C MET K 663 -16.32 -37.29 -11.42
N ILE K 664 -16.39 -37.42 -10.10
CA ILE K 664 -15.64 -38.45 -9.38
C ILE K 664 -16.27 -38.63 -8.00
N ASP K 665 -16.30 -39.88 -7.53
CA ASP K 665 -16.86 -40.21 -6.22
C ASP K 665 -16.13 -41.44 -5.67
N GLY K 666 -15.67 -41.34 -4.42
CA GLY K 666 -14.98 -42.46 -3.80
C GLY K 666 -15.02 -42.33 -2.29
N GLU K 667 -14.61 -43.41 -1.62
CA GLU K 667 -14.20 -44.65 -2.26
C GLU K 667 -15.41 -45.53 -2.50
N MET K 668 -15.27 -46.57 -3.32
CA MET K 668 -16.37 -47.49 -3.52
C MET K 668 -15.84 -48.87 -3.90
N HIS K 669 -16.65 -49.88 -3.63
CA HIS K 669 -16.38 -51.23 -4.11
C HIS K 669 -16.31 -51.22 -5.63
N GLY K 670 -15.80 -52.32 -6.18
CA GLY K 670 -15.73 -52.43 -7.63
C GLY K 670 -17.10 -52.42 -8.28
N ASP K 671 -18.03 -53.19 -7.72
CA ASP K 671 -19.36 -53.29 -8.31
C ASP K 671 -20.06 -51.94 -8.37
N ALA K 672 -19.84 -51.09 -7.35
CA ALA K 672 -20.53 -49.81 -7.29
C ALA K 672 -20.07 -48.87 -8.40
N ALA K 673 -18.85 -49.04 -8.90
CA ALA K 673 -18.34 -48.18 -9.95
C ALA K 673 -18.86 -48.57 -11.33
N LEU K 674 -19.33 -49.81 -11.49
CA LEU K 674 -19.80 -50.31 -12.78
C LEU K 674 -21.33 -50.40 -12.85
N VAL K 675 -21.95 -50.95 -11.81
CA VAL K 675 -23.41 -51.06 -11.75
C VAL K 675 -23.95 -49.79 -11.12
N GLU K 676 -24.71 -49.01 -11.90
CA GLU K 676 -25.33 -47.81 -11.33
C GLU K 676 -26.35 -48.17 -10.27
N ALA K 677 -27.02 -49.32 -10.41
CA ALA K 677 -28.03 -49.71 -9.44
C ALA K 677 -27.41 -49.89 -8.05
N ILE K 678 -26.25 -50.53 -7.97
CA ILE K 678 -25.62 -50.77 -6.67
C ILE K 678 -25.18 -49.44 -6.05
N ARG K 679 -24.71 -48.50 -6.86
CA ARG K 679 -24.21 -47.25 -6.34
C ARG K 679 -25.35 -46.36 -5.82
N ASN K 680 -26.49 -46.36 -6.52
CA ASN K 680 -27.62 -45.57 -6.05
C ASN K 680 -28.16 -46.06 -4.71
N ASP K 681 -27.89 -47.31 -4.34
CA ASP K 681 -28.37 -47.85 -3.08
C ASP K 681 -27.42 -47.49 -1.93
N ARG K 682 -26.11 -47.50 -2.18
CA ARG K 682 -25.15 -47.11 -1.17
C ARG K 682 -24.99 -45.60 -1.07
N MET K 683 -25.45 -44.85 -2.07
CA MET K 683 -25.29 -43.40 -2.09
C MET K 683 -26.19 -42.78 -3.15
N PRO K 684 -27.41 -42.39 -2.80
CA PRO K 684 -28.26 -41.71 -3.79
C PRO K 684 -27.68 -40.38 -4.23
N ASP K 685 -27.01 -39.66 -3.34
CA ASP K 685 -26.42 -38.37 -3.64
C ASP K 685 -25.12 -38.48 -4.41
N SER K 686 -24.78 -39.67 -4.90
CA SER K 686 -23.53 -39.85 -5.64
C SER K 686 -23.51 -38.95 -6.87
N SER K 687 -22.39 -38.25 -7.07
CA SER K 687 -22.22 -37.49 -8.30
C SER K 687 -21.93 -38.40 -9.48
N LEU K 688 -21.40 -39.60 -9.22
CA LEU K 688 -21.14 -40.55 -10.29
C LEU K 688 -22.45 -41.00 -10.93
N LYS K 689 -22.50 -40.92 -12.26
CA LYS K 689 -23.72 -41.22 -13.01
C LYS K 689 -23.42 -42.31 -14.04
N GLY K 690 -24.21 -43.38 -14.00
CA GLY K 690 -24.07 -44.46 -14.96
C GLY K 690 -23.02 -45.45 -14.54
N SER K 691 -22.10 -45.77 -15.45
CA SER K 691 -20.94 -46.57 -15.14
C SER K 691 -19.69 -45.70 -15.30
N ALA K 692 -18.70 -45.93 -14.44
CA ALA K 692 -17.46 -45.17 -14.54
C ALA K 692 -16.53 -45.79 -15.57
N ASN K 693 -15.83 -44.93 -16.30
CA ASN K 693 -14.85 -45.37 -17.29
C ASN K 693 -13.42 -45.39 -16.77
N ILE K 694 -13.04 -44.39 -15.97
CA ILE K 694 -11.71 -44.35 -15.37
C ILE K 694 -11.80 -44.98 -13.98
N LEU K 695 -11.06 -46.06 -13.77
CA LEU K 695 -10.97 -46.70 -12.47
C LEU K 695 -9.56 -46.49 -11.94
N VAL K 696 -9.43 -45.73 -10.87
CA VAL K 696 -8.14 -45.46 -10.25
C VAL K 696 -7.94 -46.45 -9.11
N MET K 697 -6.87 -47.23 -9.19
CA MET K 697 -6.57 -48.20 -8.17
C MET K 697 -5.84 -47.55 -6.98
N PRO K 698 -5.89 -48.18 -5.81
CA PRO K 698 -5.16 -47.62 -4.65
C PRO K 698 -3.66 -47.86 -4.72
N ASN K 699 -3.26 -49.04 -5.20
CA ASN K 699 -1.86 -49.39 -5.33
C ASN K 699 -1.67 -50.19 -6.61
N MET K 700 -0.41 -50.32 -7.03
CA MET K 700 -0.11 -51.00 -8.29
C MET K 700 -0.53 -52.46 -8.25
N GLU K 701 -0.35 -53.13 -7.11
CA GLU K 701 -0.54 -54.57 -7.05
C GLU K 701 -1.96 -54.97 -7.45
N ALA K 702 -2.96 -54.19 -7.03
CA ALA K 702 -4.33 -54.49 -7.44
C ALA K 702 -4.57 -54.11 -8.89
N ALA K 703 -3.85 -53.11 -9.40
CA ALA K 703 -4.05 -52.67 -10.79
C ALA K 703 -3.65 -53.77 -11.76
N ARG K 704 -2.43 -54.29 -11.63
CA ARG K 704 -1.97 -55.32 -12.56
C ARG K 704 -2.79 -56.60 -12.40
N ILE K 705 -3.13 -56.97 -11.16
CA ILE K 705 -3.95 -58.16 -10.96
C ILE K 705 -5.34 -57.96 -11.56
N SER K 706 -5.86 -56.73 -11.51
CA SER K 706 -7.16 -56.48 -12.13
C SER K 706 -7.05 -56.46 -13.65
N TYR K 707 -6.13 -55.64 -14.19
CA TYR K 707 -6.06 -55.47 -15.63
C TYR K 707 -5.86 -56.80 -16.35
N ASN K 708 -4.97 -57.64 -15.83
CA ASN K 708 -4.70 -58.92 -16.49
C ASN K 708 -5.93 -59.82 -16.46
N LEU K 709 -6.54 -59.97 -15.28
CA LEU K 709 -7.69 -60.86 -15.18
C LEU K 709 -8.85 -60.38 -16.03
N LEU K 710 -8.97 -59.07 -16.24
CA LEU K 710 -10.06 -58.53 -17.04
C LEU K 710 -9.78 -58.64 -18.54
N ARG K 711 -8.51 -58.44 -18.94
CA ARG K 711 -8.17 -58.57 -20.35
C ARG K 711 -8.39 -59.98 -20.86
N VAL K 712 -8.24 -60.97 -19.98
CA VAL K 712 -8.51 -62.35 -20.37
C VAL K 712 -10.00 -62.66 -20.29
N SER K 713 -10.73 -61.99 -19.40
CA SER K 713 -12.14 -62.29 -19.20
C SER K 713 -13.05 -61.60 -20.21
N SER K 714 -12.59 -60.52 -20.86
CA SER K 714 -13.37 -59.81 -21.85
C SER K 714 -12.41 -59.25 -22.91
N SER K 715 -11.91 -60.14 -23.76
CA SER K 715 -11.01 -59.78 -24.85
C SER K 715 -11.81 -59.22 -26.03
N GLU K 716 -12.46 -58.08 -25.78
CA GLU K 716 -13.31 -57.47 -26.79
C GLU K 716 -12.48 -56.88 -27.92
N GLY K 717 -11.46 -56.09 -27.57
CA GLY K 717 -10.63 -55.46 -28.58
C GLY K 717 -9.27 -55.11 -28.02
N VAL K 718 -8.37 -54.72 -28.93
CA VAL K 718 -7.01 -54.37 -28.53
C VAL K 718 -6.99 -53.03 -27.80
N THR K 719 -7.80 -52.07 -28.25
CA THR K 719 -7.88 -50.71 -27.68
C THR K 719 -6.46 -50.15 -27.63
N VAL K 720 -6.02 -49.58 -26.51
CA VAL K 720 -4.67 -49.07 -26.35
C VAL K 720 -3.95 -49.86 -25.27
N GLY K 721 -2.64 -50.04 -25.45
CA GLY K 721 -1.79 -50.61 -24.45
C GLY K 721 -1.49 -49.60 -23.36
N PRO K 722 -0.55 -49.92 -22.47
CA PRO K 722 -0.24 -49.01 -21.35
C PRO K 722 0.17 -47.62 -21.87
N VAL K 723 -0.57 -46.61 -21.43
CA VAL K 723 -0.35 -45.23 -21.84
C VAL K 723 0.40 -44.50 -20.73
N LEU K 724 1.58 -43.99 -21.05
CA LEU K 724 2.38 -43.23 -20.10
C LEU K 724 1.89 -41.80 -20.04
N MET K 725 1.89 -41.22 -18.84
CA MET K 725 1.34 -39.90 -18.60
C MET K 725 2.29 -39.07 -17.75
N GLY K 726 2.42 -37.80 -18.08
CA GLY K 726 3.25 -36.89 -17.30
C GLY K 726 4.68 -36.77 -17.76
N VAL K 727 4.97 -37.06 -19.03
CA VAL K 727 6.30 -36.97 -19.58
C VAL K 727 6.31 -35.92 -20.67
N ALA K 728 7.34 -35.06 -20.66
CA ALA K 728 7.35 -33.91 -21.56
C ALA K 728 7.33 -34.33 -23.02
N LYS K 729 8.20 -35.25 -23.40
CA LYS K 729 8.27 -35.67 -24.80
C LYS K 729 7.30 -36.82 -25.08
N PRO K 730 6.64 -36.80 -26.24
CA PRO K 730 5.66 -37.86 -26.56
C PRO K 730 6.30 -39.24 -26.62
N VAL K 731 5.84 -40.13 -25.75
CA VAL K 731 6.45 -41.45 -25.59
C VAL K 731 5.48 -42.33 -24.83
N HIS K 732 5.61 -43.65 -25.02
CA HIS K 732 4.84 -44.64 -24.27
C HIS K 732 5.69 -45.88 -24.11
N VAL K 733 5.42 -46.64 -23.07
CA VAL K 733 6.13 -47.89 -22.79
C VAL K 733 5.12 -49.02 -22.76
N LEU K 734 5.42 -50.10 -23.48
CA LEU K 734 4.51 -51.20 -23.68
C LEU K 734 4.98 -52.41 -22.86
N THR K 735 4.43 -53.57 -23.18
CA THR K 735 4.64 -54.80 -22.44
C THR K 735 5.34 -55.85 -23.30
N PRO K 736 5.95 -56.86 -22.67
CA PRO K 736 6.52 -57.97 -23.46
C PRO K 736 5.48 -58.76 -24.24
N ILE K 737 4.24 -58.79 -23.77
CA ILE K 737 3.20 -59.56 -24.43
C ILE K 737 2.36 -58.69 -25.37
N ALA K 738 2.87 -57.52 -25.77
CA ALA K 738 2.09 -56.60 -26.58
C ALA K 738 1.87 -57.15 -27.98
N SER K 739 0.61 -57.16 -28.41
CA SER K 739 0.27 -57.64 -29.75
C SER K 739 0.70 -56.63 -30.80
N VAL K 740 0.62 -57.04 -32.07
CA VAL K 740 1.05 -56.17 -33.16
C VAL K 740 0.13 -54.97 -33.28
N ARG K 741 -1.18 -55.21 -33.27
CA ARG K 741 -2.12 -54.09 -33.31
C ARG K 741 -1.92 -53.17 -32.11
N ARG K 742 -1.73 -53.75 -30.93
CA ARG K 742 -1.48 -52.95 -29.74
C ARG K 742 -0.29 -52.02 -29.95
N ILE K 743 0.71 -52.49 -30.69
CA ILE K 743 1.86 -51.64 -31.01
C ILE K 743 1.48 -50.60 -32.05
N VAL K 744 0.72 -51.01 -33.07
CA VAL K 744 0.31 -50.06 -34.11
C VAL K 744 -0.56 -48.96 -33.49
N ASN K 745 -1.52 -49.35 -32.66
CA ASN K 745 -2.40 -48.38 -32.02
C ASN K 745 -1.60 -47.38 -31.18
N MET K 746 -0.74 -47.87 -30.30
CA MET K 746 0.03 -46.97 -29.44
C MET K 746 1.00 -46.11 -30.24
N VAL K 747 1.50 -46.63 -31.36
CA VAL K 747 2.30 -45.80 -32.25
C VAL K 747 1.45 -44.68 -32.85
N ALA K 748 0.20 -45.00 -33.16
CA ALA K 748 -0.71 -43.98 -33.69
C ALA K 748 -0.99 -42.89 -32.66
N LEU K 749 -1.29 -43.29 -31.42
CA LEU K 749 -1.49 -42.33 -30.35
C LEU K 749 -0.27 -41.43 -30.18
N ALA K 750 0.92 -41.99 -30.36
CA ALA K 750 2.15 -41.22 -30.21
C ALA K 750 2.26 -40.13 -31.28
N VAL K 751 1.90 -40.45 -32.52
CA VAL K 751 2.02 -39.47 -33.61
C VAL K 751 1.11 -38.28 -33.34
N VAL K 752 -0.14 -38.57 -32.94
CA VAL K 752 -1.12 -37.50 -32.78
C VAL K 752 -0.74 -36.60 -31.62
N GLU K 753 -0.07 -37.15 -30.60
CA GLU K 753 0.41 -36.32 -29.50
C GLU K 753 1.50 -35.37 -29.96
N ALA K 754 2.39 -35.84 -30.85
CA ALA K 754 3.49 -35.01 -31.31
C ALA K 754 3.03 -33.90 -32.24
N GLN K 755 1.82 -33.99 -32.79
CA GLN K 755 1.30 -32.92 -33.62
C GLN K 755 1.14 -31.62 -32.83
N THR K 756 0.76 -31.73 -31.56
CA THR K 756 0.64 -30.57 -30.68
C THR K 756 1.96 -30.38 -29.94
N GLN K 757 1.96 -29.57 -28.88
CA GLN K 757 3.19 -29.30 -28.13
C GLN K 757 3.44 -30.36 -27.06
N ASP L 2 -44.61 -76.97 -10.71
CA ASP L 2 -44.61 -76.14 -9.52
C ASP L 2 -45.07 -74.73 -9.85
N ASP L 3 -45.81 -74.11 -8.93
CA ASP L 3 -46.35 -72.77 -9.15
C ASP L 3 -45.32 -71.67 -8.88
N GLN L 4 -44.29 -71.97 -8.09
CA GLN L 4 -43.23 -70.99 -7.83
C GLN L 4 -42.18 -70.99 -8.95
N LEU L 5 -41.85 -72.17 -9.47
CA LEU L 5 -40.83 -72.27 -10.51
C LEU L 5 -41.33 -71.76 -11.85
N LYS L 6 -42.61 -72.01 -12.17
CA LYS L 6 -43.14 -71.60 -13.46
C LYS L 6 -43.19 -70.07 -13.57
N GLN L 7 -43.44 -69.38 -12.46
CA GLN L 7 -43.39 -67.92 -12.49
C GLN L 7 -41.96 -67.43 -12.59
N SER L 8 -41.00 -68.15 -11.99
CA SER L 8 -39.61 -67.75 -12.05
C SER L 8 -39.02 -67.97 -13.44
N ALA L 9 -39.55 -68.93 -14.19
CA ALA L 9 -39.07 -69.17 -15.55
C ALA L 9 -39.56 -68.09 -16.51
N LEU L 10 -40.75 -67.52 -16.27
CA LEU L 10 -41.22 -66.42 -17.10
C LEU L 10 -40.33 -65.21 -16.94
N ASP L 11 -39.87 -64.93 -15.71
CA ASP L 11 -38.93 -63.84 -15.50
C ASP L 11 -37.56 -64.14 -16.09
N PHE L 12 -37.24 -65.43 -16.27
CA PHE L 12 -35.92 -65.80 -16.73
C PHE L 12 -35.72 -65.46 -18.21
N HIS L 13 -36.76 -65.66 -19.03
CA HIS L 13 -36.68 -65.23 -20.42
C HIS L 13 -36.79 -63.71 -20.53
N GLU L 14 -37.60 -63.09 -19.68
CA GLU L 14 -37.87 -61.67 -19.80
C GLU L 14 -36.71 -60.81 -19.32
N PHE L 15 -36.20 -61.09 -18.11
CA PHE L 15 -35.16 -60.26 -17.54
C PHE L 15 -33.79 -60.91 -17.70
N PRO L 16 -32.73 -60.11 -17.90
CA PRO L 16 -32.78 -58.65 -17.95
C PRO L 16 -33.16 -58.11 -19.33
N VAL L 17 -32.85 -58.85 -20.38
CA VAL L 17 -33.20 -58.49 -21.74
C VAL L 17 -33.93 -59.67 -22.38
N PRO L 18 -35.03 -59.44 -23.10
CA PRO L 18 -35.76 -60.56 -23.69
C PRO L 18 -34.88 -61.38 -24.62
N GLY L 19 -34.95 -62.70 -24.45
CA GLY L 19 -34.17 -63.62 -25.26
C GLY L 19 -33.16 -64.42 -24.45
N LYS L 20 -32.77 -65.57 -24.95
CA LYS L 20 -31.73 -66.37 -24.32
C LYS L 20 -30.47 -66.47 -25.17
N ILE L 21 -30.45 -65.86 -26.36
CA ILE L 21 -29.29 -65.90 -27.24
C ILE L 21 -29.05 -64.52 -27.82
N GLN L 22 -27.83 -64.32 -28.32
CA GLN L 22 -27.45 -63.09 -29.00
C GLN L 22 -26.36 -63.40 -30.01
N VAL L 23 -26.18 -62.49 -30.97
CA VAL L 23 -25.16 -62.61 -31.99
C VAL L 23 -23.96 -61.77 -31.56
N SER L 24 -22.82 -62.42 -31.37
CA SER L 24 -21.63 -61.76 -30.87
C SER L 24 -20.58 -61.68 -31.96
N PRO L 25 -20.16 -60.49 -32.39
CA PRO L 25 -19.03 -60.40 -33.31
C PRO L 25 -17.77 -60.95 -32.66
N THR L 26 -16.94 -61.61 -33.46
CA THR L 26 -15.71 -62.23 -32.98
C THR L 26 -14.46 -61.61 -33.59
N LYS L 27 -14.60 -60.59 -34.42
CA LYS L 27 -13.47 -59.89 -35.01
C LYS L 27 -13.59 -58.41 -34.70
N PRO L 28 -12.49 -57.74 -34.35
CA PRO L 28 -12.58 -56.31 -33.99
C PRO L 28 -12.96 -55.46 -35.19
N LEU L 29 -13.80 -54.45 -34.93
CA LEU L 29 -14.18 -53.46 -35.93
C LEU L 29 -13.84 -52.05 -35.46
N ALA L 30 -12.96 -51.93 -34.46
CA ALA L 30 -12.71 -50.65 -33.82
C ALA L 30 -12.15 -49.62 -34.81
N THR L 31 -11.15 -50.02 -35.58
CA THR L 31 -10.50 -49.07 -36.47
C THR L 31 -11.29 -48.89 -37.76
N GLN L 32 -11.02 -47.78 -38.44
CA GLN L 32 -11.59 -47.57 -39.77
C GLN L 32 -11.08 -48.60 -40.76
N ARG L 33 -9.80 -48.97 -40.66
CA ARG L 33 -9.25 -50.02 -41.51
C ARG L 33 -9.96 -51.35 -41.27
N ASP L 34 -10.28 -51.65 -40.00
CA ASP L 34 -10.98 -52.89 -39.69
C ASP L 34 -12.31 -52.99 -40.41
N LEU L 35 -13.05 -51.87 -40.48
CA LEU L 35 -14.29 -51.86 -41.23
C LEU L 35 -14.05 -52.13 -42.72
N ALA L 36 -12.98 -51.54 -43.28
CA ALA L 36 -12.70 -51.71 -44.70
C ALA L 36 -12.36 -53.16 -45.03
N LEU L 37 -11.76 -53.90 -44.10
CA LEU L 37 -11.49 -55.32 -44.33
C LEU L 37 -12.72 -56.19 -44.10
N ALA L 38 -13.58 -55.82 -43.15
CA ALA L 38 -14.75 -56.64 -42.85
C ALA L 38 -15.87 -56.43 -43.86
N TYR L 39 -16.03 -55.21 -44.37
CA TYR L 39 -17.03 -54.93 -45.39
C TYR L 39 -16.32 -54.47 -46.66
N SER L 40 -16.76 -53.35 -47.25
CA SER L 40 -16.14 -52.92 -48.49
C SER L 40 -14.82 -52.21 -48.22
N PRO L 41 -13.77 -52.48 -49.03
CA PRO L 41 -13.77 -53.42 -50.14
C PRO L 41 -13.08 -54.75 -49.81
N GLY L 42 -12.72 -54.96 -48.54
CA GLY L 42 -11.93 -56.12 -48.17
C GLY L 42 -12.71 -57.42 -48.18
N VAL L 43 -14.01 -57.37 -47.90
CA VAL L 43 -14.80 -58.59 -47.78
C VAL L 43 -14.90 -59.33 -49.11
N ALA L 44 -14.67 -58.64 -50.23
CA ALA L 44 -14.85 -59.27 -51.53
C ALA L 44 -13.84 -60.40 -51.76
N ALA L 45 -12.61 -60.21 -51.29
CA ALA L 45 -11.57 -61.20 -51.56
C ALA L 45 -11.85 -62.56 -50.92
N PRO L 46 -12.32 -62.67 -49.66
CA PRO L 46 -12.73 -63.98 -49.17
C PRO L 46 -13.94 -64.54 -49.89
N CYS L 47 -14.84 -63.67 -50.39
CA CYS L 47 -15.98 -64.14 -51.16
C CYS L 47 -15.53 -64.72 -52.50
N LEU L 48 -14.53 -64.10 -53.14
CA LEU L 48 -14.06 -64.58 -54.43
C LEU L 48 -13.38 -65.94 -54.31
N GLU L 49 -12.78 -66.24 -53.16
CA GLU L 49 -12.16 -67.54 -52.94
C GLU L 49 -13.18 -68.63 -52.64
N ILE L 50 -14.35 -68.27 -52.12
CA ILE L 50 -15.41 -69.24 -51.92
C ILE L 50 -16.12 -69.55 -53.23
N GLU L 51 -16.24 -68.56 -54.11
CA GLU L 51 -16.75 -68.82 -55.45
C GLU L 51 -15.81 -69.72 -56.22
N LYS L 52 -14.49 -69.50 -56.08
CA LYS L 52 -13.52 -70.37 -56.73
C LYS L 52 -13.60 -71.79 -56.18
N ASP L 53 -13.90 -71.94 -54.89
CA ASP L 53 -13.99 -73.26 -54.26
C ASP L 53 -15.05 -73.20 -53.18
N PRO L 54 -16.24 -73.75 -53.43
CA PRO L 54 -17.28 -73.75 -52.39
C PRO L 54 -16.90 -74.56 -51.16
N LEU L 55 -16.03 -75.55 -51.31
CA LEU L 55 -15.58 -76.32 -50.15
C LEU L 55 -14.67 -75.49 -49.25
N LYS L 56 -14.00 -74.49 -49.81
CA LYS L 56 -13.14 -73.54 -49.10
C LYS L 56 -13.96 -72.55 -48.24
N ALA L 57 -15.27 -72.76 -48.09
CA ALA L 57 -16.10 -71.83 -47.34
C ALA L 57 -15.99 -72.02 -45.83
N TYR L 58 -15.57 -73.19 -45.38
CA TYR L 58 -15.42 -73.41 -43.93
C TYR L 58 -14.27 -72.61 -43.35
N LYS L 59 -13.35 -72.11 -44.18
CA LYS L 59 -12.24 -71.31 -43.68
C LYS L 59 -12.69 -69.90 -43.31
N TYR L 60 -13.41 -69.23 -44.21
CA TYR L 60 -13.73 -67.82 -44.02
C TYR L 60 -15.10 -67.58 -43.39
N THR L 61 -15.89 -68.63 -43.17
CA THR L 61 -17.25 -68.48 -42.64
C THR L 61 -17.46 -69.41 -41.46
N ALA L 62 -18.44 -69.05 -40.63
CA ALA L 62 -18.83 -69.85 -39.48
C ALA L 62 -19.67 -71.05 -39.86
N ARG L 63 -19.73 -71.38 -41.15
CA ARG L 63 -20.52 -72.50 -41.62
C ARG L 63 -20.05 -73.81 -41.01
N GLY L 64 -18.74 -73.96 -40.77
CA GLY L 64 -18.24 -75.18 -40.16
C GLY L 64 -18.74 -75.41 -38.76
N ASN L 65 -19.28 -74.38 -38.10
CA ASN L 65 -19.79 -74.49 -36.74
C ASN L 65 -21.22 -74.01 -36.63
N LEU L 66 -21.98 -74.00 -37.72
CA LEU L 66 -23.32 -73.44 -37.74
C LEU L 66 -24.33 -74.55 -38.03
N VAL L 67 -25.30 -74.69 -37.13
CA VAL L 67 -26.38 -75.67 -37.27
C VAL L 67 -27.70 -74.95 -36.99
N ALA L 68 -28.78 -75.43 -37.60
CA ALA L 68 -30.10 -74.82 -37.43
C ALA L 68 -31.05 -75.82 -36.79
N VAL L 69 -31.80 -75.35 -35.79
CA VAL L 69 -32.88 -76.11 -35.19
C VAL L 69 -34.18 -75.60 -35.82
N ILE L 70 -34.92 -76.50 -36.46
CA ILE L 70 -36.09 -76.14 -37.24
C ILE L 70 -37.32 -76.83 -36.66
N SER L 71 -38.39 -76.06 -36.46
CA SER L 71 -39.65 -76.59 -35.97
C SER L 71 -40.79 -75.68 -36.42
N ASN L 72 -41.79 -76.26 -37.05
CA ASN L 72 -43.01 -75.55 -37.40
C ASN L 72 -44.02 -75.47 -36.25
N GLY L 73 -43.75 -76.13 -35.13
CA GLY L 73 -44.61 -76.07 -33.97
C GLY L 73 -45.70 -77.12 -33.92
N THR L 74 -45.62 -78.17 -34.75
CA THR L 74 -46.69 -79.17 -34.79
C THR L 74 -46.77 -79.97 -33.50
N ALA L 75 -45.64 -80.30 -32.88
CA ALA L 75 -45.63 -81.11 -31.67
C ALA L 75 -44.39 -80.75 -30.84
N VAL L 76 -44.40 -79.55 -30.27
CA VAL L 76 -43.29 -79.07 -29.46
C VAL L 76 -43.33 -79.80 -28.13
N LEU L 77 -42.35 -80.68 -27.90
CA LEU L 77 -42.21 -81.45 -26.65
C LEU L 77 -43.51 -82.22 -26.45
N GLY L 78 -44.19 -82.09 -25.31
CA GLY L 78 -45.52 -82.62 -25.11
C GLY L 78 -46.62 -81.59 -25.18
N LEU L 79 -46.29 -80.34 -25.51
CA LEU L 79 -47.31 -79.29 -25.61
C LEU L 79 -48.26 -79.54 -26.77
N GLY L 80 -47.82 -80.26 -27.79
CA GLY L 80 -48.61 -80.41 -29.00
C GLY L 80 -48.47 -79.20 -29.89
N ASN L 81 -49.46 -79.03 -30.78
CA ASN L 81 -49.46 -77.88 -31.67
C ASN L 81 -49.75 -76.62 -30.87
N ILE L 82 -48.81 -75.66 -30.90
CA ILE L 82 -48.97 -74.39 -30.24
C ILE L 82 -48.72 -73.21 -31.17
N GLY L 83 -48.40 -73.46 -32.43
CA GLY L 83 -47.95 -72.44 -33.34
C GLY L 83 -46.43 -72.39 -33.45
N ALA L 84 -45.96 -71.81 -34.55
CA ALA L 84 -44.52 -71.71 -34.76
C ALA L 84 -43.91 -70.68 -33.81
N LEU L 85 -44.56 -69.53 -33.66
CA LEU L 85 -44.01 -68.46 -32.81
C LEU L 85 -43.97 -68.88 -31.35
N ALA L 86 -44.85 -69.79 -30.93
CA ALA L 86 -44.88 -70.19 -29.53
C ALA L 86 -43.69 -71.06 -29.16
N GLY L 87 -43.27 -71.94 -30.07
CA GLY L 87 -42.12 -72.78 -29.80
C GLY L 87 -40.78 -72.09 -29.84
N LYS L 88 -40.76 -70.77 -30.09
CA LYS L 88 -39.49 -70.07 -30.22
C LYS L 88 -38.61 -70.16 -28.98
N PRO L 89 -39.13 -70.05 -27.74
CA PRO L 89 -38.25 -70.29 -26.59
C PRO L 89 -37.69 -71.70 -26.55
N VAL L 90 -38.43 -72.70 -27.02
CA VAL L 90 -37.92 -74.07 -27.01
C VAL L 90 -36.76 -74.20 -27.97
N MET L 91 -36.85 -73.56 -29.14
CA MET L 91 -35.77 -73.64 -30.13
C MET L 91 -34.51 -72.92 -29.66
N GLU L 92 -34.67 -71.85 -28.88
CA GLU L 92 -33.50 -71.16 -28.33
C GLU L 92 -32.78 -72.05 -27.32
N GLY L 93 -33.54 -72.70 -26.43
CA GLY L 93 -32.93 -73.57 -25.44
C GLY L 93 -32.13 -74.69 -26.06
N LYS L 94 -32.52 -75.15 -27.24
CA LYS L 94 -31.73 -76.13 -27.97
C LYS L 94 -30.39 -75.55 -28.38
N GLY L 95 -30.40 -74.35 -28.99
CA GLY L 95 -29.17 -73.77 -29.50
C GLY L 95 -28.23 -73.37 -28.38
N VAL L 96 -28.79 -73.11 -27.20
CA VAL L 96 -27.95 -72.81 -26.05
C VAL L 96 -27.25 -74.08 -25.56
N LEU L 97 -28.00 -75.18 -25.49
CA LEU L 97 -27.42 -76.46 -25.11
C LEU L 97 -26.27 -76.83 -26.05
N PHE L 98 -26.39 -76.47 -27.33
CA PHE L 98 -25.29 -76.63 -28.26
C PHE L 98 -24.09 -75.80 -27.83
N LYS L 99 -24.33 -74.53 -27.48
CA LYS L 99 -23.24 -73.65 -27.08
C LYS L 99 -22.66 -74.04 -25.73
N LYS L 100 -23.48 -74.61 -24.83
CA LYS L 100 -22.98 -74.96 -23.51
C LYS L 100 -22.08 -76.19 -23.56
N PHE L 101 -22.52 -77.24 -24.26
CA PHE L 101 -21.79 -78.51 -24.26
C PHE L 101 -21.00 -78.71 -25.55
N ALA L 102 -21.68 -78.74 -26.70
CA ALA L 102 -21.00 -78.99 -27.97
C ALA L 102 -20.29 -77.77 -28.52
N GLY L 103 -20.47 -76.59 -27.92
CA GLY L 103 -19.84 -75.38 -28.42
C GLY L 103 -20.20 -75.06 -29.86
N ILE L 104 -21.46 -75.25 -30.23
CA ILE L 104 -21.92 -75.11 -31.61
C ILE L 104 -22.88 -73.93 -31.67
N ASP L 105 -22.54 -72.95 -32.52
CA ASP L 105 -23.41 -71.80 -32.73
C ASP L 105 -24.63 -72.24 -33.53
N VAL L 106 -25.83 -72.00 -32.99
CA VAL L 106 -27.05 -72.53 -33.57
C VAL L 106 -28.09 -71.43 -33.72
N PHE L 107 -28.65 -71.31 -34.91
CA PHE L 107 -29.81 -70.45 -35.15
C PHE L 107 -31.09 -71.24 -34.98
N ASP L 108 -32.07 -70.63 -34.34
CA ASP L 108 -33.41 -71.20 -34.29
C ASP L 108 -34.19 -70.83 -35.54
N ILE L 109 -35.03 -71.76 -35.99
CA ILE L 109 -35.82 -71.57 -37.21
C ILE L 109 -37.25 -71.99 -36.92
N GLU L 110 -38.19 -71.07 -37.14
CA GLU L 110 -39.63 -71.35 -37.02
C GLU L 110 -40.28 -71.08 -38.36
N VAL L 111 -40.83 -72.13 -38.96
CA VAL L 111 -41.43 -72.05 -40.30
C VAL L 111 -42.94 -71.95 -40.17
N ASP L 112 -43.52 -70.93 -40.79
CA ASP L 112 -44.97 -70.73 -40.79
C ASP L 112 -45.60 -71.42 -42.01
N GLU L 113 -45.40 -72.74 -42.05
CA GLU L 113 -45.90 -73.55 -43.15
C GLU L 113 -46.14 -74.97 -42.64
N LEU L 114 -47.27 -75.54 -43.04
CA LEU L 114 -47.64 -76.89 -42.61
C LEU L 114 -47.51 -77.93 -43.70
N ASP L 115 -47.56 -77.53 -44.97
CA ASP L 115 -47.42 -78.47 -46.08
C ASP L 115 -46.07 -79.17 -46.03
N PRO L 116 -46.03 -80.49 -46.00
CA PRO L 116 -44.73 -81.19 -45.93
C PRO L 116 -43.82 -80.87 -47.10
N ASP L 117 -44.39 -80.59 -48.28
CA ASP L 117 -43.56 -80.28 -49.44
C ASP L 117 -43.13 -78.82 -49.45
N LYS L 118 -44.01 -77.90 -49.07
CA LYS L 118 -43.60 -76.51 -48.93
C LYS L 118 -42.63 -76.32 -47.77
N PHE L 119 -42.73 -77.17 -46.74
CA PHE L 119 -41.78 -77.10 -45.63
C PHE L 119 -40.38 -77.48 -46.10
N ILE L 120 -40.27 -78.58 -46.85
CA ILE L 120 -38.97 -79.01 -47.36
C ILE L 120 -38.41 -77.98 -48.33
N GLU L 121 -39.26 -77.32 -49.11
CA GLU L 121 -38.80 -76.27 -50.01
C GLU L 121 -38.13 -75.14 -49.24
N VAL L 122 -38.70 -74.76 -48.09
CA VAL L 122 -38.10 -73.70 -47.29
C VAL L 122 -36.79 -74.18 -46.65
N VAL L 123 -36.79 -75.42 -46.17
CA VAL L 123 -35.62 -75.93 -45.45
C VAL L 123 -34.47 -76.21 -46.41
N ALA L 124 -34.74 -76.97 -47.48
CA ALA L 124 -33.69 -77.33 -48.43
C ALA L 124 -33.08 -76.09 -49.08
N ALA L 125 -33.88 -75.03 -49.30
CA ALA L 125 -33.35 -73.79 -49.81
C ALA L 125 -32.39 -73.11 -48.83
N LEU L 126 -32.32 -73.58 -47.58
CA LEU L 126 -31.42 -73.03 -46.57
C LEU L 126 -30.19 -73.92 -46.37
N GLU L 127 -29.75 -74.61 -47.42
CA GLU L 127 -28.60 -75.50 -47.30
C GLU L 127 -27.27 -74.74 -47.28
N PRO L 128 -27.06 -73.70 -48.10
CA PRO L 128 -25.78 -72.98 -48.03
C PRO L 128 -25.53 -72.28 -46.71
N THR L 129 -26.59 -71.88 -46.00
CA THR L 129 -26.42 -71.11 -44.77
C THR L 129 -25.66 -71.91 -43.71
N PHE L 130 -26.15 -73.11 -43.40
CA PHE L 130 -25.69 -73.86 -42.24
C PHE L 130 -24.76 -74.99 -42.65
N GLY L 131 -24.00 -75.48 -41.67
CA GLY L 131 -23.26 -76.71 -41.83
C GLY L 131 -24.01 -77.95 -41.41
N GLY L 132 -25.15 -77.76 -40.75
CA GLY L 132 -26.00 -78.88 -40.36
C GLY L 132 -27.42 -78.40 -40.18
N ILE L 133 -28.34 -79.37 -40.18
CA ILE L 133 -29.77 -79.10 -40.02
C ILE L 133 -30.31 -80.05 -38.96
N ASN L 134 -30.89 -79.49 -37.90
CA ASN L 134 -31.44 -80.26 -36.79
C ASN L 134 -32.95 -80.06 -36.77
N LEU L 135 -33.66 -80.99 -37.40
CA LEU L 135 -35.12 -80.99 -37.32
C LEU L 135 -35.56 -81.33 -35.91
N GLU L 136 -36.60 -80.67 -35.43
CA GLU L 136 -37.02 -80.82 -34.05
C GLU L 136 -38.52 -80.60 -33.94
N ASP L 137 -39.17 -81.43 -33.12
CA ASP L 137 -40.58 -81.28 -32.75
C ASP L 137 -41.48 -81.15 -33.98
N ILE L 138 -41.43 -82.17 -34.83
CA ILE L 138 -42.32 -82.29 -35.97
C ILE L 138 -43.18 -83.54 -35.76
N LYS L 139 -44.49 -83.40 -35.97
CA LYS L 139 -45.41 -84.48 -35.69
C LYS L 139 -45.25 -85.61 -36.71
N ALA L 140 -45.55 -86.83 -36.26
CA ALA L 140 -45.48 -88.00 -37.11
C ALA L 140 -46.79 -88.18 -37.89
N PRO L 141 -46.73 -88.80 -39.08
CA PRO L 141 -45.53 -89.28 -39.77
C PRO L 141 -45.00 -88.28 -40.80
N GLU L 142 -45.37 -87.01 -40.65
CA GLU L 142 -44.85 -85.98 -41.54
C GLU L 142 -43.33 -85.89 -41.45
N CYS L 143 -42.78 -86.08 -40.26
CA CYS L 143 -41.34 -85.99 -40.07
C CYS L 143 -40.62 -87.12 -40.78
N PHE L 144 -41.18 -88.33 -40.75
CA PHE L 144 -40.59 -89.47 -41.45
C PHE L 144 -40.32 -89.13 -42.91
N TYR L 145 -41.32 -88.53 -43.58
CA TYR L 145 -41.16 -88.16 -44.97
C TYR L 145 -40.24 -86.95 -45.14
N ILE L 146 -40.35 -85.97 -44.24
CA ILE L 146 -39.57 -84.74 -44.39
C ILE L 146 -38.08 -85.02 -44.20
N GLU L 147 -37.72 -85.75 -43.15
CA GLU L 147 -36.31 -86.01 -42.88
C GLU L 147 -35.69 -86.85 -43.99
N GLN L 148 -36.39 -87.91 -44.41
CA GLN L 148 -35.85 -88.80 -45.43
C GLN L 148 -35.52 -88.04 -46.71
N LYS L 149 -36.45 -87.21 -47.17
CA LYS L 149 -36.23 -86.45 -48.39
C LYS L 149 -35.14 -85.40 -48.21
N LEU L 150 -35.02 -84.82 -47.02
CA LEU L 150 -34.06 -83.74 -46.80
C LEU L 150 -32.63 -84.28 -46.77
N ARG L 151 -32.41 -85.44 -46.16
CA ARG L 151 -31.06 -85.99 -46.04
C ARG L 151 -30.46 -86.24 -47.42
N GLU L 152 -31.27 -86.71 -48.36
CA GLU L 152 -30.80 -86.93 -49.71
C GLU L 152 -30.65 -85.62 -50.47
N ARG L 153 -31.66 -84.74 -50.35
CA ARG L 153 -31.68 -83.51 -51.13
C ARG L 153 -30.59 -82.54 -50.69
N MET L 154 -30.36 -82.42 -49.38
CA MET L 154 -29.39 -81.46 -48.85
C MET L 154 -28.01 -82.09 -48.72
N ASN L 155 -26.99 -81.31 -49.08
CA ASN L 155 -25.60 -81.74 -48.96
C ASN L 155 -25.05 -81.60 -47.55
N ILE L 156 -25.88 -81.22 -46.59
CA ILE L 156 -25.47 -81.06 -45.20
C ILE L 156 -26.28 -82.03 -44.36
N PRO L 157 -25.79 -82.38 -43.17
CA PRO L 157 -26.49 -83.39 -42.36
C PRO L 157 -27.84 -82.90 -41.85
N VAL L 158 -28.81 -83.79 -41.89
CA VAL L 158 -30.14 -83.55 -41.34
C VAL L 158 -30.41 -84.62 -40.29
N PHE L 159 -30.84 -84.19 -39.10
CA PHE L 159 -31.03 -85.07 -37.96
C PHE L 159 -32.29 -84.62 -37.23
N HIS L 160 -33.03 -85.59 -36.70
CA HIS L 160 -34.23 -85.31 -35.91
C HIS L 160 -34.01 -85.87 -34.51
N ASP L 161 -34.10 -84.97 -33.52
CA ASP L 161 -33.79 -85.37 -32.14
C ASP L 161 -34.85 -86.33 -31.60
N ASP L 162 -36.12 -86.10 -31.91
CA ASP L 162 -37.16 -86.99 -31.41
C ASP L 162 -37.14 -88.35 -32.11
N GLN L 163 -36.81 -88.37 -33.40
CA GLN L 163 -36.86 -89.61 -34.17
C GLN L 163 -35.71 -90.54 -33.80
N HIS L 164 -34.48 -90.02 -33.81
CA HIS L 164 -33.31 -90.86 -33.63
C HIS L 164 -32.54 -90.60 -32.33
N GLY L 165 -32.73 -89.45 -31.70
CA GLY L 165 -31.98 -89.13 -30.50
C GLY L 165 -32.30 -90.07 -29.34
N THR L 166 -33.58 -90.21 -29.02
CA THR L 166 -33.98 -91.11 -27.95
C THR L 166 -33.71 -92.56 -28.31
N ALA L 167 -33.67 -92.89 -29.60
CA ALA L 167 -33.48 -94.27 -30.01
C ALA L 167 -32.02 -94.70 -29.82
N ILE L 168 -31.07 -93.81 -30.12
CA ILE L 168 -29.66 -94.13 -29.93
C ILE L 168 -29.38 -94.51 -28.48
N ILE L 169 -30.08 -93.88 -27.54
CA ILE L 169 -29.87 -94.18 -26.12
C ILE L 169 -30.50 -95.51 -25.76
N SER L 170 -31.78 -95.70 -26.08
CA SER L 170 -32.47 -96.94 -25.77
C SER L 170 -31.78 -98.14 -26.40
N THR L 171 -31.15 -97.96 -27.56
CA THR L 171 -30.37 -99.03 -28.17
C THR L 171 -29.17 -99.38 -27.31
N ALA L 172 -28.38 -98.38 -26.92
CA ALA L 172 -27.26 -98.63 -26.02
C ALA L 172 -27.73 -99.10 -24.66
N ALA L 173 -28.95 -98.72 -24.26
CA ALA L 173 -29.50 -99.18 -22.99
C ALA L 173 -29.86 -100.66 -23.05
N ILE L 174 -30.38 -101.10 -24.19
CA ILE L 174 -30.68 -102.52 -24.37
C ILE L 174 -29.38 -103.33 -24.47
N LEU L 175 -28.36 -102.74 -25.11
CA LEU L 175 -27.09 -103.45 -25.26
C LEU L 175 -26.44 -103.72 -23.90
N ASN L 176 -26.43 -102.72 -23.02
CA ASN L 176 -25.81 -102.89 -21.71
C ASN L 176 -26.68 -103.73 -20.78
N GLY L 177 -28.01 -103.64 -20.91
CA GLY L 177 -28.88 -104.50 -20.14
C GLY L 177 -28.86 -105.95 -20.57
N LEU L 178 -28.35 -106.23 -21.77
CA LEU L 178 -28.22 -107.60 -22.23
C LEU L 178 -26.97 -108.27 -21.64
N ARG L 179 -25.91 -107.51 -21.40
CA ARG L 179 -24.77 -108.05 -20.66
C ARG L 179 -25.12 -108.37 -19.22
N VAL L 180 -26.17 -107.73 -18.68
CA VAL L 180 -26.60 -107.99 -17.32
C VAL L 180 -27.32 -109.33 -17.25
N VAL L 181 -28.37 -109.50 -18.06
CA VAL L 181 -29.13 -110.74 -18.06
C VAL L 181 -28.46 -111.86 -18.84
N GLU L 182 -27.33 -111.57 -19.49
CA GLU L 182 -26.53 -112.59 -20.19
C GLU L 182 -27.35 -113.31 -21.26
N LYS L 183 -28.04 -112.52 -22.08
CA LYS L 183 -28.95 -113.05 -23.09
C LYS L 183 -28.48 -112.61 -24.48
N ASN L 184 -28.52 -113.53 -25.43
CA ASN L 184 -28.15 -113.21 -26.81
C ASN L 184 -29.22 -112.31 -27.44
N ILE L 185 -28.78 -111.51 -28.41
CA ILE L 185 -29.68 -110.50 -28.98
C ILE L 185 -30.72 -111.15 -29.88
N SER L 186 -30.34 -112.18 -30.64
CA SER L 186 -31.29 -112.85 -31.51
C SER L 186 -32.29 -113.69 -30.74
N ASP L 187 -31.97 -114.05 -29.49
CA ASP L 187 -32.85 -114.95 -28.74
C ASP L 187 -33.96 -114.19 -28.03
N VAL L 188 -33.65 -112.99 -27.52
CA VAL L 188 -34.64 -112.27 -26.72
C VAL L 188 -35.81 -111.83 -27.58
N ARG L 189 -36.95 -111.64 -26.92
CA ARG L 189 -38.19 -111.24 -27.57
C ARG L 189 -38.60 -109.87 -27.01
N MET L 190 -38.63 -108.88 -27.88
CA MET L 190 -38.92 -107.50 -27.49
C MET L 190 -40.27 -107.08 -28.03
N VAL L 191 -41.09 -106.48 -27.17
CA VAL L 191 -42.42 -105.99 -27.53
C VAL L 191 -42.41 -104.47 -27.46
N VAL L 192 -42.85 -103.83 -28.54
CA VAL L 192 -42.99 -102.37 -28.61
C VAL L 192 -44.44 -102.02 -28.38
N SER L 193 -44.70 -101.15 -27.42
CA SER L 193 -46.04 -100.73 -27.06
C SER L 193 -46.27 -99.30 -27.53
N GLY L 194 -47.37 -99.08 -28.27
CA GLY L 194 -47.73 -97.76 -28.71
C GLY L 194 -47.04 -97.35 -29.99
N ALA L 195 -47.55 -96.27 -30.57
CA ALA L 195 -46.98 -95.70 -31.79
C ALA L 195 -45.81 -94.81 -31.41
N GLY L 196 -44.59 -95.26 -31.69
CA GLY L 196 -43.41 -94.47 -31.39
C GLY L 196 -42.50 -94.27 -32.58
N ALA L 197 -42.27 -93.02 -32.97
CA ALA L 197 -41.35 -92.74 -34.06
C ALA L 197 -39.93 -93.20 -33.70
N ALA L 198 -39.56 -93.12 -32.42
CA ALA L 198 -38.26 -93.64 -32.00
C ALA L 198 -38.23 -95.16 -32.02
N ALA L 199 -39.38 -95.81 -31.86
CA ALA L 199 -39.44 -97.26 -31.87
C ALA L 199 -39.05 -97.83 -33.23
N ILE L 200 -39.41 -97.14 -34.32
CA ILE L 200 -39.10 -97.64 -35.66
C ILE L 200 -37.60 -97.64 -35.89
N ALA L 201 -36.93 -96.52 -35.61
CA ALA L 201 -35.49 -96.44 -35.79
C ALA L 201 -34.75 -97.29 -34.77
N CYS L 202 -35.26 -97.36 -33.54
CA CYS L 202 -34.68 -98.26 -32.55
C CYS L 202 -34.71 -99.71 -33.02
N MET L 203 -35.82 -100.12 -33.62
CA MET L 203 -35.93 -101.49 -34.10
C MET L 203 -35.00 -101.74 -35.29
N ASN L 204 -34.79 -100.72 -36.13
CA ASN L 204 -33.90 -100.89 -37.27
C ASN L 204 -32.46 -101.05 -36.83
N LEU L 205 -32.03 -100.28 -35.82
CA LEU L 205 -30.67 -100.41 -35.30
C LEU L 205 -30.48 -101.75 -34.59
N LEU L 206 -31.50 -102.22 -33.88
CA LEU L 206 -31.41 -103.52 -33.22
C LEU L 206 -31.24 -104.64 -34.24
N VAL L 207 -31.89 -104.51 -35.40
CA VAL L 207 -31.75 -105.52 -36.45
C VAL L 207 -30.33 -105.52 -37.02
N ALA L 208 -29.74 -104.33 -37.19
CA ALA L 208 -28.34 -104.24 -37.61
C ALA L 208 -27.40 -104.84 -36.58
N LEU L 209 -27.80 -104.88 -35.31
CA LEU L 209 -26.99 -105.52 -34.28
C LEU L 209 -27.23 -107.02 -34.22
N GLY L 210 -28.43 -107.49 -34.59
CA GLY L 210 -28.67 -108.90 -34.71
C GLY L 210 -29.97 -109.42 -34.11
N LEU L 211 -30.89 -108.52 -33.77
CA LEU L 211 -32.16 -108.94 -33.17
C LEU L 211 -33.09 -109.40 -34.28
N GLN L 212 -33.74 -110.54 -34.07
CA GLN L 212 -34.61 -111.12 -35.08
C GLN L 212 -35.90 -110.32 -35.21
N LYS L 213 -36.24 -109.91 -36.44
CA LYS L 213 -37.48 -109.18 -36.66
C LYS L 213 -38.69 -109.98 -36.21
N HIS L 214 -38.66 -111.30 -36.41
CA HIS L 214 -39.80 -112.13 -36.03
C HIS L 214 -39.98 -112.20 -34.52
N ASN L 215 -38.88 -112.15 -33.76
CA ASN L 215 -39.00 -112.07 -32.31
C ASN L 215 -39.63 -110.74 -31.86
N ILE L 216 -39.58 -109.73 -32.71
CA ILE L 216 -40.10 -108.41 -32.36
C ILE L 216 -41.61 -108.40 -32.54
N VAL L 217 -42.33 -107.91 -31.54
CA VAL L 217 -43.78 -107.72 -31.60
C VAL L 217 -44.06 -106.22 -31.53
N VAL L 218 -44.88 -105.73 -32.44
CA VAL L 218 -45.22 -104.32 -32.53
C VAL L 218 -46.71 -104.15 -32.31
N CYS L 219 -47.08 -103.18 -31.47
CA CYS L 219 -48.47 -102.90 -31.15
C CYS L 219 -48.70 -101.39 -31.25
N ASP L 220 -49.97 -101.01 -31.38
CA ASP L 220 -50.35 -99.59 -31.35
C ASP L 220 -51.71 -99.49 -30.68
N SER L 221 -52.28 -98.27 -30.70
CA SER L 221 -53.55 -98.04 -30.04
C SER L 221 -54.67 -98.84 -30.68
N LYS L 222 -54.68 -98.92 -32.01
CA LYS L 222 -55.69 -99.71 -32.71
C LYS L 222 -55.57 -101.21 -32.41
N GLY L 223 -54.40 -101.67 -31.99
CA GLY L 223 -54.19 -103.08 -31.71
C GLY L 223 -52.81 -103.54 -32.15
N VAL L 224 -52.48 -104.80 -31.84
CA VAL L 224 -51.19 -105.34 -32.26
C VAL L 224 -51.12 -105.37 -33.78
N ILE L 225 -50.02 -104.88 -34.33
CA ILE L 225 -49.84 -104.82 -35.79
C ILE L 225 -49.79 -106.25 -36.33
N TYR L 226 -50.83 -106.64 -37.06
CA TYR L 226 -50.91 -107.97 -37.65
C TYR L 226 -50.99 -107.88 -39.17
N GLN L 227 -50.80 -109.03 -39.82
CA GLN L 227 -50.65 -109.07 -41.26
C GLN L 227 -51.97 -108.76 -41.96
N GLY L 228 -51.92 -107.84 -42.93
CA GLY L 228 -53.09 -107.46 -43.67
C GLY L 228 -54.15 -106.83 -42.80
N ARG L 229 -53.75 -105.88 -41.94
CA ARG L 229 -54.70 -105.26 -41.04
C ARG L 229 -55.55 -104.21 -41.74
N GLU L 230 -54.93 -103.40 -42.60
CA GLU L 230 -55.62 -102.30 -43.26
C GLU L 230 -55.11 -102.18 -44.70
N PRO L 231 -55.97 -101.75 -45.63
CA PRO L 231 -55.51 -101.55 -47.01
C PRO L 231 -54.48 -100.43 -47.13
N ASN L 232 -54.75 -99.30 -46.49
CA ASN L 232 -53.82 -98.17 -46.46
C ASN L 232 -53.08 -98.22 -45.12
N MET L 233 -51.85 -98.71 -45.15
CA MET L 233 -51.04 -98.87 -43.96
C MET L 233 -49.77 -98.03 -44.08
N ALA L 234 -49.33 -97.50 -42.95
CA ALA L 234 -48.04 -96.82 -42.92
C ALA L 234 -46.93 -97.82 -43.26
N GLU L 235 -45.95 -97.35 -44.04
CA GLU L 235 -44.86 -98.24 -44.45
C GLU L 235 -44.06 -98.73 -43.26
N THR L 236 -44.00 -97.94 -42.18
CA THR L 236 -43.39 -98.41 -40.95
C THR L 236 -44.22 -99.52 -40.32
N LYS L 237 -45.54 -99.37 -40.33
CA LYS L 237 -46.42 -100.42 -39.82
C LYS L 237 -46.39 -101.67 -40.68
N ALA L 238 -45.94 -101.55 -41.94
CA ALA L 238 -45.88 -102.69 -42.84
C ALA L 238 -44.56 -103.43 -42.78
N ALA L 239 -43.51 -102.82 -42.23
CA ALA L 239 -42.22 -103.49 -42.14
C ALA L 239 -42.13 -104.42 -40.94
N TYR L 240 -42.95 -104.21 -39.90
CA TYR L 240 -42.95 -105.03 -38.70
C TYR L 240 -44.40 -105.36 -38.34
N ALA L 241 -45.01 -106.22 -39.15
CA ALA L 241 -46.37 -106.72 -38.92
C ALA L 241 -46.27 -108.20 -38.61
N VAL L 242 -46.54 -108.56 -37.36
CA VAL L 242 -46.48 -109.96 -36.96
C VAL L 242 -47.57 -110.74 -37.66
N VAL L 243 -47.35 -112.05 -37.84
CA VAL L 243 -48.39 -112.92 -38.36
C VAL L 243 -49.54 -112.98 -37.36
N ASP L 244 -50.77 -112.89 -37.86
CA ASP L 244 -51.94 -112.76 -37.01
C ASP L 244 -52.05 -113.94 -36.04
N ASP L 245 -51.88 -113.66 -34.75
CA ASP L 245 -51.95 -114.68 -33.69
C ASP L 245 -53.20 -114.54 -32.84
N GLY L 246 -54.21 -113.81 -33.32
CA GLY L 246 -55.42 -113.61 -32.57
C GLY L 246 -55.26 -112.78 -31.32
N LYS L 247 -54.25 -111.90 -31.29
CA LYS L 247 -53.96 -111.08 -30.11
C LYS L 247 -53.82 -109.63 -30.56
N ARG L 248 -54.81 -108.80 -30.22
CA ARG L 248 -54.75 -107.38 -30.48
C ARG L 248 -54.35 -106.57 -29.26
N THR L 249 -54.38 -107.16 -28.07
CA THR L 249 -54.04 -106.45 -26.85
C THR L 249 -52.56 -106.61 -26.53
N LEU L 250 -52.04 -105.66 -25.76
CA LEU L 250 -50.67 -105.78 -25.28
C LEU L 250 -50.53 -106.88 -24.23
N ASP L 251 -51.61 -107.17 -23.51
CA ASP L 251 -51.55 -108.16 -22.43
C ASP L 251 -51.38 -109.58 -22.94
N ASP L 252 -51.64 -109.83 -24.23
CA ASP L 252 -51.48 -111.17 -24.78
C ASP L 252 -50.05 -111.45 -25.23
N VAL L 253 -49.37 -110.46 -25.80
CA VAL L 253 -48.00 -110.62 -26.24
C VAL L 253 -47.00 -110.19 -25.18
N ILE L 254 -47.46 -109.76 -24.00
CA ILE L 254 -46.54 -109.34 -22.94
C ILE L 254 -45.92 -110.52 -22.22
N GLU L 255 -46.55 -111.70 -22.28
CA GLU L 255 -46.01 -112.88 -21.62
C GLU L 255 -44.86 -113.47 -22.42
N GLY L 256 -43.84 -113.93 -21.72
CA GLY L 256 -42.66 -114.47 -22.38
C GLY L 256 -41.81 -113.44 -23.07
N ALA L 257 -41.85 -112.20 -22.60
CA ALA L 257 -41.08 -111.12 -23.20
C ALA L 257 -39.96 -110.70 -22.26
N ASP L 258 -38.78 -110.46 -22.84
CA ASP L 258 -37.63 -110.00 -22.08
C ASP L 258 -37.45 -108.48 -22.13
N ILE L 259 -37.86 -107.84 -23.22
CA ILE L 259 -37.67 -106.40 -23.40
C ILE L 259 -39.01 -105.77 -23.76
N PHE L 260 -39.30 -104.63 -23.14
CA PHE L 260 -40.53 -103.88 -23.38
C PHE L 260 -40.17 -102.45 -23.69
N LEU L 261 -40.74 -101.90 -24.76
CA LEU L 261 -40.48 -100.53 -25.18
C LEU L 261 -41.76 -99.72 -25.07
N GLY L 262 -41.71 -98.64 -24.29
CA GLY L 262 -42.86 -97.77 -24.13
C GLY L 262 -42.64 -96.38 -24.67
N CYS L 263 -43.13 -96.12 -25.88
CA CYS L 263 -42.99 -94.82 -26.51
C CYS L 263 -44.28 -94.00 -26.52
N SER L 264 -45.43 -94.64 -26.31
CA SER L 264 -46.70 -93.96 -26.34
C SER L 264 -47.62 -94.55 -25.28
N GLY L 265 -48.56 -93.74 -24.80
CA GLY L 265 -49.49 -94.15 -23.78
C GLY L 265 -49.09 -93.67 -22.40
N PRO L 266 -50.05 -93.09 -21.67
CA PRO L 266 -49.72 -92.57 -20.33
C PRO L 266 -49.22 -93.63 -19.37
N LYS L 267 -49.97 -94.72 -19.20
CA LYS L 267 -49.55 -95.83 -18.35
C LYS L 267 -50.17 -97.13 -18.89
N VAL L 268 -49.60 -97.61 -20.00
CA VAL L 268 -50.11 -98.83 -20.62
C VAL L 268 -49.77 -100.04 -19.77
N LEU L 269 -48.62 -100.03 -19.11
CA LEU L 269 -48.17 -101.17 -18.32
C LEU L 269 -48.78 -101.11 -16.93
N THR L 270 -49.19 -102.26 -16.41
CA THR L 270 -49.70 -102.40 -15.06
C THR L 270 -48.79 -103.31 -14.26
N GLN L 271 -48.94 -103.27 -12.93
CA GLN L 271 -48.16 -104.14 -12.06
C GLN L 271 -48.42 -105.61 -12.32
N GLU L 272 -49.57 -105.94 -12.91
CA GLU L 272 -49.91 -107.32 -13.22
C GLU L 272 -49.34 -107.79 -14.55
N MET L 273 -49.11 -106.87 -15.49
CA MET L 273 -48.48 -107.22 -16.74
C MET L 273 -47.02 -107.65 -16.54
N VAL L 274 -46.35 -107.08 -15.53
CA VAL L 274 -44.95 -107.37 -15.32
C VAL L 274 -44.76 -108.77 -14.75
N LYS L 275 -45.74 -109.27 -14.00
CA LYS L 275 -45.68 -110.66 -13.54
C LYS L 275 -45.68 -111.63 -14.71
N LYS L 276 -46.37 -111.27 -15.81
CA LYS L 276 -46.42 -112.14 -16.97
C LYS L 276 -45.10 -112.15 -17.72
N MET L 277 -44.35 -111.06 -17.67
CA MET L 277 -43.10 -110.96 -18.40
C MET L 277 -42.05 -111.90 -17.84
N ALA L 278 -41.07 -112.24 -18.67
CA ALA L 278 -39.97 -113.09 -18.23
C ALA L 278 -39.16 -112.37 -17.15
N ARG L 279 -38.51 -113.16 -16.30
CA ARG L 279 -37.79 -112.60 -15.16
C ARG L 279 -36.64 -111.72 -15.62
N ALA L 280 -36.28 -110.76 -14.78
CA ALA L 280 -35.27 -109.76 -15.07
C ALA L 280 -35.48 -109.12 -16.45
N PRO L 281 -36.64 -108.49 -16.68
CA PRO L 281 -36.92 -107.92 -18.00
C PRO L 281 -36.25 -106.56 -18.16
N MET L 282 -36.38 -106.00 -19.35
CA MET L 282 -35.85 -104.68 -19.67
C MET L 282 -37.02 -103.77 -20.05
N ILE L 283 -37.47 -102.97 -19.09
CA ILE L 283 -38.54 -102.01 -19.31
C ILE L 283 -37.94 -100.69 -19.77
N LEU L 284 -38.48 -100.13 -20.84
CA LEU L 284 -38.02 -98.85 -21.39
C LEU L 284 -39.23 -97.92 -21.53
N ALA L 285 -39.81 -97.54 -20.39
CA ALA L 285 -40.97 -96.67 -20.37
C ALA L 285 -40.50 -95.23 -20.55
N LEU L 286 -40.54 -94.74 -21.80
CA LEU L 286 -40.06 -93.41 -22.13
C LEU L 286 -41.18 -92.39 -22.21
N ALA L 287 -42.41 -92.77 -21.86
CA ALA L 287 -43.54 -91.85 -21.95
C ALA L 287 -43.34 -90.66 -21.00
N ASN L 288 -44.00 -89.56 -21.34
CA ASN L 288 -43.90 -88.32 -20.58
C ASN L 288 -45.27 -87.63 -20.57
N PRO L 289 -45.61 -86.92 -19.48
CA PRO L 289 -44.79 -86.70 -18.29
C PRO L 289 -44.83 -87.86 -17.29
N GLU L 290 -45.48 -88.96 -17.67
CA GLU L 290 -45.62 -90.11 -16.78
C GLU L 290 -45.26 -91.38 -17.51
N PRO L 291 -44.47 -92.26 -16.89
CA PRO L 291 -44.07 -93.51 -17.56
C PRO L 291 -45.21 -94.50 -17.64
N GLU L 292 -45.03 -95.50 -18.52
CA GLU L 292 -46.01 -96.58 -18.63
C GLU L 292 -46.20 -97.27 -17.28
N ILE L 293 -45.14 -97.39 -16.49
CA ILE L 293 -45.25 -97.85 -15.12
C ILE L 293 -44.15 -97.13 -14.32
N LEU L 294 -44.45 -96.88 -13.06
CA LEU L 294 -43.45 -96.26 -12.19
C LEU L 294 -42.38 -97.29 -11.83
N PRO L 295 -41.11 -96.89 -11.79
CA PRO L 295 -40.04 -97.83 -11.42
C PRO L 295 -40.26 -98.43 -10.04
N PRO L 296 -40.68 -97.65 -9.02
CA PRO L 296 -41.01 -98.29 -7.74
C PRO L 296 -42.17 -99.27 -7.83
N LEU L 297 -43.12 -99.03 -8.74
CA LEU L 297 -44.19 -100.00 -8.97
C LEU L 297 -43.69 -101.22 -9.73
N ALA L 298 -42.75 -101.05 -10.67
CA ALA L 298 -42.12 -102.19 -11.32
C ALA L 298 -41.16 -102.90 -10.40
N LYS L 299 -40.60 -102.18 -9.42
CA LYS L 299 -39.77 -102.82 -8.39
C LYS L 299 -40.62 -103.51 -7.33
N GLU L 300 -41.83 -103.00 -7.09
CA GLU L 300 -42.74 -103.64 -6.14
C GLU L 300 -43.14 -105.03 -6.60
N VAL L 301 -43.42 -105.18 -7.89
CA VAL L 301 -43.87 -106.47 -8.42
C VAL L 301 -42.69 -107.41 -8.64
N ARG L 302 -41.64 -106.92 -9.30
CA ARG L 302 -40.41 -107.69 -9.50
C ARG L 302 -39.21 -106.80 -9.18
N PRO L 303 -38.62 -106.95 -8.00
CA PRO L 303 -37.42 -106.13 -7.68
C PRO L 303 -36.29 -106.35 -8.66
N ASP L 304 -36.16 -107.55 -9.22
CA ASP L 304 -35.15 -107.85 -10.24
C ASP L 304 -35.68 -107.38 -11.59
N ALA L 305 -35.51 -106.09 -11.85
CA ALA L 305 -35.99 -105.49 -13.09
C ALA L 305 -35.08 -104.34 -13.48
N ILE L 306 -35.02 -104.09 -14.79
CA ILE L 306 -34.23 -102.99 -15.35
C ILE L 306 -35.22 -102.05 -16.03
N ILE L 307 -35.39 -100.86 -15.47
CA ILE L 307 -36.39 -99.89 -15.93
C ILE L 307 -35.68 -98.61 -16.33
N CYS L 308 -35.90 -98.18 -17.57
CA CYS L 308 -35.39 -96.91 -18.08
C CYS L 308 -36.55 -95.97 -18.32
N THR L 309 -36.44 -94.74 -17.80
CA THR L 309 -37.50 -93.74 -17.93
C THR L 309 -36.91 -92.42 -18.40
N GLY L 310 -37.77 -91.63 -19.05
CA GLY L 310 -37.35 -90.30 -19.48
C GLY L 310 -37.29 -89.29 -18.36
N ARG L 311 -37.89 -89.61 -17.21
CA ARG L 311 -37.87 -88.71 -16.07
C ARG L 311 -36.50 -88.76 -15.38
N SER L 312 -36.15 -87.65 -14.73
CA SER L 312 -34.82 -87.50 -14.13
C SER L 312 -34.74 -88.05 -12.72
N ASP L 313 -35.84 -88.00 -11.96
CA ASP L 313 -35.79 -88.43 -10.56
C ASP L 313 -35.59 -89.94 -10.45
N TYR L 314 -36.19 -90.71 -11.35
CA TYR L 314 -36.06 -92.15 -11.30
C TYR L 314 -34.72 -92.59 -11.87
N PRO L 315 -34.19 -93.73 -11.42
CA PRO L 315 -32.90 -94.20 -11.94
C PRO L 315 -32.99 -94.56 -13.42
N ASN L 316 -31.83 -94.54 -14.07
CA ASN L 316 -31.70 -94.85 -15.49
C ASN L 316 -32.54 -93.89 -16.34
N GLN L 317 -32.09 -92.63 -16.33
CA GLN L 317 -32.78 -91.57 -17.07
C GLN L 317 -32.36 -91.57 -18.53
N VAL L 318 -33.32 -91.33 -19.41
CA VAL L 318 -33.08 -91.24 -20.84
C VAL L 318 -33.39 -89.81 -21.26
N ASN L 319 -32.36 -89.03 -21.55
CA ASN L 319 -32.50 -87.63 -21.92
C ASN L 319 -32.09 -87.44 -23.37
N ASN L 320 -32.79 -86.54 -24.08
CA ASN L 320 -32.43 -86.21 -25.44
C ASN L 320 -31.07 -85.51 -25.51
N VAL L 321 -30.70 -84.81 -24.43
CA VAL L 321 -29.46 -84.03 -24.41
C VAL L 321 -28.21 -84.89 -24.38
N LEU L 322 -28.34 -86.19 -24.12
CA LEU L 322 -27.16 -87.04 -23.98
C LEU L 322 -26.41 -87.21 -25.30
N CYS L 323 -27.09 -87.06 -26.43
CA CYS L 323 -26.49 -87.49 -27.70
C CYS L 323 -26.46 -86.41 -28.76
N PHE L 324 -27.58 -85.71 -28.95
CA PHE L 324 -27.73 -84.88 -30.14
C PHE L 324 -26.68 -83.79 -30.32
N PRO L 325 -26.09 -83.18 -29.28
CA PRO L 325 -25.05 -82.18 -29.56
C PRO L 325 -23.75 -82.79 -30.04
N PHE L 326 -23.34 -83.93 -29.47
CA PHE L 326 -22.05 -84.53 -29.78
C PHE L 326 -22.03 -85.27 -31.11
N ILE L 327 -23.19 -85.62 -31.64
CA ILE L 327 -23.26 -86.13 -33.01
C ILE L 327 -22.87 -85.03 -33.99
N PHE L 328 -23.53 -83.88 -33.89
CA PHE L 328 -23.24 -82.76 -34.78
C PHE L 328 -21.80 -82.30 -34.61
N ARG L 329 -21.29 -82.31 -33.38
CA ARG L 329 -19.91 -81.91 -33.15
C ARG L 329 -18.93 -82.88 -33.81
N GLY L 330 -19.33 -84.14 -33.95
CA GLY L 330 -18.49 -85.09 -34.66
C GLY L 330 -18.57 -84.96 -36.17
N ALA L 331 -19.74 -84.57 -36.68
CA ALA L 331 -19.91 -84.45 -38.12
C ALA L 331 -19.43 -83.11 -38.65
N LEU L 332 -19.47 -82.06 -37.82
CA LEU L 332 -19.01 -80.75 -38.26
C LEU L 332 -17.49 -80.61 -38.23
N ASP L 333 -16.81 -81.40 -37.39
CA ASP L 333 -15.35 -81.37 -37.35
C ASP L 333 -14.76 -81.90 -38.64
N VAL L 334 -15.44 -82.85 -39.28
CA VAL L 334 -15.04 -83.36 -40.59
C VAL L 334 -15.88 -82.80 -41.71
N GLY L 335 -16.96 -82.08 -41.40
CA GLY L 335 -17.83 -81.51 -42.41
C GLY L 335 -18.54 -82.56 -43.24
N ALA L 336 -19.19 -83.51 -42.57
CA ALA L 336 -19.86 -84.60 -43.26
C ALA L 336 -21.08 -84.09 -44.03
N THR L 337 -21.34 -84.72 -45.18
CA THR L 337 -22.45 -84.31 -46.03
C THR L 337 -23.81 -84.75 -45.49
N ALA L 338 -23.83 -85.70 -44.56
CA ALA L 338 -25.06 -86.14 -43.93
C ALA L 338 -24.67 -87.01 -42.74
N ILE L 339 -25.67 -87.32 -41.91
CA ILE L 339 -25.52 -88.28 -40.82
C ILE L 339 -26.04 -89.62 -41.29
N ASN L 340 -25.18 -90.63 -41.27
CA ASN L 340 -25.52 -91.98 -41.70
C ASN L 340 -25.69 -92.90 -40.50
N GLU L 341 -26.19 -94.10 -40.76
CA GLU L 341 -26.50 -95.03 -39.68
C GLU L 341 -25.25 -95.68 -39.10
N GLU L 342 -24.21 -95.91 -39.91
CA GLU L 342 -22.96 -96.44 -39.39
C GLU L 342 -22.33 -95.48 -38.39
N MET L 343 -22.53 -94.17 -38.57
CA MET L 343 -22.04 -93.20 -37.61
C MET L 343 -22.86 -93.26 -36.32
N LYS L 344 -24.17 -93.48 -36.43
CA LYS L 344 -25.02 -93.57 -35.25
C LYS L 344 -24.71 -94.82 -34.43
N LEU L 345 -24.40 -95.93 -35.10
CA LEU L 345 -23.96 -97.12 -34.39
C LEU L 345 -22.64 -96.87 -33.68
N ALA L 346 -21.70 -96.20 -34.36
CA ALA L 346 -20.44 -95.83 -33.73
C ALA L 346 -20.65 -94.86 -32.57
N ALA L 347 -21.80 -94.19 -32.52
CA ALA L 347 -22.17 -93.37 -31.38
C ALA L 347 -22.87 -94.17 -30.30
N VAL L 348 -23.68 -95.17 -30.68
CA VAL L 348 -24.26 -96.07 -29.70
C VAL L 348 -23.17 -96.81 -28.94
N ARG L 349 -22.04 -97.09 -29.60
CA ARG L 349 -20.93 -97.78 -28.94
C ARG L 349 -20.30 -96.90 -27.87
N ALA L 350 -20.02 -95.63 -28.20
CA ALA L 350 -19.35 -94.74 -27.26
C ALA L 350 -20.16 -94.52 -25.98
N ILE L 351 -21.47 -94.72 -26.03
CA ILE L 351 -22.30 -94.58 -24.83
C ILE L 351 -22.21 -95.82 -23.97
N ALA L 352 -22.32 -96.99 -24.59
CA ALA L 352 -22.18 -98.24 -23.83
C ALA L 352 -20.78 -98.36 -23.24
N GLU L 353 -19.77 -97.86 -23.95
CA GLU L 353 -18.40 -97.92 -23.43
C GLU L 353 -18.24 -97.03 -22.19
N LEU L 354 -19.00 -95.94 -22.10
CA LEU L 354 -18.91 -95.07 -20.94
C LEU L 354 -19.37 -95.76 -19.66
N ALA L 355 -20.16 -96.82 -19.79
CA ALA L 355 -20.57 -97.59 -18.63
C ALA L 355 -19.58 -98.69 -18.26
N HIS L 356 -18.58 -98.94 -19.10
CA HIS L 356 -17.62 -100.03 -18.88
C HIS L 356 -16.28 -99.55 -18.31
N ALA L 357 -15.71 -98.49 -18.88
CA ALA L 357 -14.40 -98.02 -18.43
C ALA L 357 -14.47 -97.50 -17.00
N GLU L 358 -13.32 -97.46 -16.34
CA GLU L 358 -13.23 -97.01 -14.96
C GLU L 358 -13.10 -95.49 -14.90
N GLN L 359 -13.79 -94.89 -13.93
CA GLN L 359 -13.80 -93.44 -13.79
C GLN L 359 -12.69 -92.96 -12.86
N TYR L 367 -18.57 -84.46 -3.23
CA TYR L 367 -19.68 -85.07 -2.50
C TYR L 367 -20.41 -86.08 -3.38
N GLY L 368 -19.65 -86.83 -4.16
CA GLY L 368 -20.21 -87.85 -5.02
C GLY L 368 -20.72 -89.05 -4.25
N ASP L 369 -21.78 -88.84 -3.45
CA ASP L 369 -22.33 -89.92 -2.65
C ASP L 369 -22.92 -91.02 -3.52
N GLN L 370 -23.34 -90.69 -4.74
CA GLN L 370 -23.87 -91.67 -5.68
C GLN L 370 -22.72 -92.14 -6.57
N ASP L 371 -22.18 -93.32 -6.25
CA ASP L 371 -21.13 -93.91 -7.08
C ASP L 371 -21.73 -94.44 -8.38
N LEU L 372 -20.98 -94.30 -9.47
CA LEU L 372 -21.49 -94.67 -10.79
C LEU L 372 -20.75 -95.87 -11.36
N SER L 373 -20.76 -96.99 -10.62
CA SER L 373 -20.22 -98.23 -11.16
C SER L 373 -21.27 -98.93 -12.02
N PHE L 374 -20.80 -99.84 -12.87
CA PHE L 374 -21.67 -100.47 -13.85
C PHE L 374 -22.60 -101.48 -13.18
N GLY L 375 -23.90 -101.29 -13.35
CA GLY L 375 -24.88 -102.17 -12.75
C GLY L 375 -26.25 -102.04 -13.39
N PRO L 376 -27.23 -102.77 -12.85
CA PRO L 376 -28.58 -102.71 -13.43
C PRO L 376 -29.22 -101.34 -13.30
N GLU L 377 -28.91 -100.59 -12.25
CA GLU L 377 -29.45 -99.25 -12.06
C GLU L 377 -28.68 -98.19 -12.84
N TYR L 378 -27.49 -98.54 -13.36
CA TYR L 378 -26.65 -97.61 -14.11
C TYR L 378 -26.23 -98.30 -15.41
N ILE L 379 -27.17 -98.40 -16.36
CA ILE L 379 -26.83 -98.84 -17.71
C ILE L 379 -26.72 -97.66 -18.68
N ILE L 380 -27.10 -96.46 -18.26
CA ILE L 380 -27.02 -95.26 -19.09
C ILE L 380 -26.29 -94.17 -18.30
N PRO L 381 -25.31 -93.49 -18.89
CA PRO L 381 -24.65 -92.39 -18.19
C PRO L 381 -25.60 -91.22 -17.95
N LYS L 382 -25.25 -90.41 -16.95
CA LYS L 382 -26.07 -89.27 -16.60
C LYS L 382 -26.02 -88.22 -17.72
N PRO L 383 -27.10 -87.42 -17.86
CA PRO L 383 -27.11 -86.42 -18.93
C PRO L 383 -26.02 -85.37 -18.80
N PHE L 384 -25.75 -84.90 -17.58
CA PHE L 384 -24.76 -83.86 -17.40
C PHE L 384 -23.34 -84.36 -17.52
N ASP L 385 -23.13 -85.65 -17.72
CA ASP L 385 -21.79 -86.23 -17.77
C ASP L 385 -20.96 -85.55 -18.86
N PRO L 386 -19.80 -84.98 -18.54
CA PRO L 386 -19.02 -84.24 -19.53
C PRO L 386 -18.08 -85.10 -20.37
N ARG L 387 -18.03 -86.40 -20.12
CA ARG L 387 -17.18 -87.30 -20.90
C ARG L 387 -17.78 -87.68 -22.24
N LEU L 388 -18.98 -87.19 -22.56
CA LEU L 388 -19.65 -87.62 -23.78
C LEU L 388 -18.99 -87.02 -25.03
N ILE L 389 -18.59 -85.75 -24.96
CA ILE L 389 -18.00 -85.11 -26.13
C ILE L 389 -16.63 -85.69 -26.44
N VAL L 390 -15.91 -86.14 -25.41
CA VAL L 390 -14.58 -86.72 -25.63
C VAL L 390 -14.69 -88.10 -26.25
N LYS L 391 -15.81 -88.80 -26.07
CA LYS L 391 -15.99 -90.15 -26.59
C LYS L 391 -16.81 -90.19 -27.87
N ILE L 392 -17.95 -89.51 -27.90
CA ILE L 392 -18.87 -89.62 -29.04
C ILE L 392 -18.27 -88.95 -30.28
N ALA L 393 -17.67 -87.76 -30.11
CA ALA L 393 -17.22 -86.98 -31.25
C ALA L 393 -16.09 -87.64 -32.04
N PRO L 394 -15.05 -88.21 -31.39
CA PRO L 394 -14.04 -88.91 -32.19
C PRO L 394 -14.55 -90.18 -32.85
N ALA L 395 -15.46 -90.91 -32.19
CA ALA L 395 -15.98 -92.15 -32.77
C ALA L 395 -16.89 -91.86 -33.96
N VAL L 396 -17.62 -90.74 -33.93
CA VAL L 396 -18.46 -90.36 -35.07
C VAL L 396 -17.60 -89.93 -36.24
N ALA L 397 -16.51 -89.21 -35.98
CA ALA L 397 -15.63 -88.77 -37.04
C ALA L 397 -14.84 -89.93 -37.65
N LYS L 398 -14.50 -90.94 -36.84
CA LYS L 398 -13.84 -92.12 -37.37
C LYS L 398 -14.77 -92.91 -38.28
N ALA L 399 -16.04 -93.02 -37.92
CA ALA L 399 -17.02 -93.67 -38.77
C ALA L 399 -17.34 -92.82 -40.00
N ALA L 400 -17.28 -91.49 -39.87
CA ALA L 400 -17.46 -90.62 -41.03
C ALA L 400 -16.30 -90.74 -42.00
N MET L 401 -15.08 -90.99 -41.50
CA MET L 401 -13.95 -91.24 -42.39
C MET L 401 -14.06 -92.62 -43.05
N GLU L 402 -14.52 -93.62 -42.31
CA GLU L 402 -14.72 -94.94 -42.90
C GLU L 402 -15.84 -94.90 -43.95
N SER L 403 -16.93 -94.20 -43.65
CA SER L 403 -17.97 -94.03 -44.66
C SER L 403 -17.51 -93.12 -45.79
N GLY L 404 -16.59 -92.21 -45.52
CA GLY L 404 -16.07 -91.31 -46.54
C GLY L 404 -16.90 -90.09 -46.82
N VAL L 405 -18.04 -89.92 -46.13
CA VAL L 405 -18.87 -88.74 -46.35
C VAL L 405 -18.18 -87.46 -45.90
N ALA L 406 -17.12 -87.58 -45.11
CA ALA L 406 -16.42 -86.42 -44.58
C ALA L 406 -15.73 -85.66 -45.70
N THR L 407 -16.08 -84.38 -45.84
CA THR L 407 -15.39 -83.53 -46.82
C THR L 407 -13.97 -83.23 -46.38
N ARG L 408 -13.75 -83.06 -45.08
CA ARG L 408 -12.44 -82.72 -44.53
C ARG L 408 -11.96 -83.85 -43.63
N PRO L 409 -10.82 -84.48 -43.93
CA PRO L 409 -10.28 -85.49 -43.02
C PRO L 409 -9.78 -84.83 -41.75
N ILE L 410 -9.76 -85.60 -40.67
CA ILE L 410 -9.11 -85.19 -39.44
C ILE L 410 -7.77 -85.92 -39.36
N ALA L 411 -6.70 -85.15 -39.16
CA ALA L 411 -5.36 -85.70 -39.33
C ALA L 411 -5.00 -86.65 -38.20
N ASP L 412 -5.25 -86.24 -36.96
CA ASP L 412 -4.96 -87.08 -35.81
C ASP L 412 -6.11 -86.96 -34.83
N PHE L 413 -6.71 -88.09 -34.47
CA PHE L 413 -7.75 -88.09 -33.45
C PHE L 413 -7.18 -87.78 -32.07
N ASP L 414 -5.95 -88.20 -31.79
CA ASP L 414 -5.39 -88.02 -30.45
C ASP L 414 -5.09 -86.55 -30.16
N VAL L 415 -4.45 -85.85 -31.10
CA VAL L 415 -4.21 -84.42 -30.92
C VAL L 415 -5.53 -83.68 -30.77
N TYR L 416 -6.55 -84.05 -31.55
CA TYR L 416 -7.82 -83.35 -31.52
C TYR L 416 -8.64 -83.70 -30.27
N ILE L 417 -8.44 -84.89 -29.70
CA ILE L 417 -9.15 -85.25 -28.47
C ILE L 417 -8.82 -84.27 -27.35
N ASP L 418 -7.55 -83.85 -27.27
CA ASP L 418 -7.14 -82.89 -26.24
C ASP L 418 -7.96 -81.61 -26.30
N LYS L 419 -8.27 -81.14 -27.50
CA LYS L 419 -9.07 -79.92 -27.64
C LYS L 419 -10.47 -80.11 -27.11
N LEU L 420 -11.04 -81.31 -27.25
CA LEU L 420 -12.32 -81.61 -26.62
C LEU L 420 -12.20 -81.62 -25.11
N THR L 421 -11.08 -82.12 -24.59
CA THR L 421 -10.88 -82.18 -23.14
C THR L 421 -10.76 -80.79 -22.54
N GLU L 422 -10.22 -79.82 -23.28
CA GLU L 422 -10.18 -78.45 -22.78
C GLU L 422 -11.57 -77.91 -22.55
N PHE L 423 -12.51 -78.22 -23.45
CA PHE L 423 -13.89 -77.77 -23.29
C PHE L 423 -14.55 -78.41 -22.09
N VAL L 424 -14.13 -79.62 -21.72
CA VAL L 424 -14.73 -80.33 -20.59
C VAL L 424 -14.42 -79.62 -19.28
N TYR L 425 -13.19 -79.13 -19.12
CA TYR L 425 -12.82 -78.46 -17.88
C TYR L 425 -13.62 -77.18 -17.69
N LYS L 426 -13.81 -76.41 -18.76
CA LYS L 426 -14.50 -75.12 -18.66
C LYS L 426 -15.90 -75.28 -18.07
N THR L 427 -16.69 -76.18 -18.65
CA THR L 427 -18.02 -76.47 -18.12
C THR L 427 -17.90 -77.48 -16.99
N ASN L 428 -18.20 -77.03 -15.77
CA ASN L 428 -18.25 -77.90 -14.61
C ASN L 428 -19.52 -77.62 -13.84
N LEU L 429 -20.26 -78.67 -13.49
CA LEU L 429 -21.40 -78.57 -12.60
C LEU L 429 -21.05 -79.24 -11.29
N PHE L 430 -21.17 -78.50 -10.20
CA PHE L 430 -20.98 -79.02 -8.86
C PHE L 430 -22.20 -78.83 -7.96
N MET L 431 -23.07 -77.88 -8.30
CA MET L 431 -24.20 -77.58 -7.44
C MET L 431 -25.22 -78.72 -7.42
N LYS L 432 -25.52 -79.29 -8.59
CA LYS L 432 -26.50 -80.35 -8.65
C LYS L 432 -26.16 -81.52 -7.73
N PRO L 433 -24.90 -81.96 -7.60
CA PRO L 433 -24.61 -82.94 -6.54
C PRO L 433 -24.88 -82.41 -5.15
N ILE L 434 -24.53 -81.16 -4.89
CA ILE L 434 -24.69 -80.60 -3.54
C ILE L 434 -26.16 -80.57 -3.14
N PHE L 435 -27.02 -80.10 -4.05
CA PHE L 435 -28.46 -80.09 -3.76
C PHE L 435 -28.95 -81.48 -3.40
N SER L 436 -28.61 -82.48 -4.20
CA SER L 436 -29.09 -83.84 -3.95
C SER L 436 -28.54 -84.39 -2.63
N GLN L 437 -27.33 -84.01 -2.25
CA GLN L 437 -26.81 -84.42 -0.94
C GLN L 437 -27.66 -83.87 0.19
N ALA L 438 -28.13 -82.63 0.03
CA ALA L 438 -28.93 -82.00 1.07
C ALA L 438 -30.34 -82.58 1.13
N ARG L 439 -30.91 -82.93 -0.04
CA ARG L 439 -32.22 -83.57 -0.06
C ARG L 439 -32.21 -84.88 0.69
N LYS L 440 -31.09 -85.60 0.63
CA LYS L 440 -30.99 -86.89 1.32
C LYS L 440 -31.00 -86.72 2.83
N ALA L 441 -30.23 -85.76 3.34
CA ALA L 441 -30.11 -85.51 4.78
C ALA L 441 -30.33 -84.02 5.05
N PRO L 442 -31.59 -83.59 5.19
CA PRO L 442 -31.84 -82.19 5.57
C PRO L 442 -31.42 -81.95 7.02
N LYS L 443 -30.76 -80.83 7.24
CA LYS L 443 -30.25 -80.47 8.55
C LYS L 443 -30.80 -79.12 8.97
N ARG L 444 -30.68 -78.84 10.27
CA ARG L 444 -31.19 -77.59 10.83
C ARG L 444 -30.27 -76.43 10.46
N VAL L 445 -30.85 -75.33 10.00
CA VAL L 445 -30.10 -74.15 9.59
C VAL L 445 -30.79 -72.91 10.13
N VAL L 446 -30.00 -72.02 10.74
CA VAL L 446 -30.50 -70.77 11.32
C VAL L 446 -30.11 -69.62 10.40
N LEU L 447 -31.08 -68.78 10.06
CA LEU L 447 -30.81 -67.55 9.33
C LEU L 447 -31.09 -66.36 10.26
N PRO L 448 -30.07 -65.61 10.67
CA PRO L 448 -30.32 -64.51 11.62
C PRO L 448 -31.19 -63.40 11.06
N GLU L 449 -31.02 -63.04 9.79
CA GLU L 449 -31.80 -61.94 9.20
C GLU L 449 -33.13 -62.44 8.67
N GLY L 450 -33.93 -62.99 9.58
CA GLY L 450 -35.22 -63.57 9.22
C GLY L 450 -36.20 -62.56 8.66
N GLU L 451 -36.11 -61.31 9.12
CA GLU L 451 -37.02 -60.27 8.64
C GLU L 451 -36.63 -59.74 7.28
N GLU L 452 -35.40 -59.94 6.84
CA GLU L 452 -34.98 -59.47 5.53
C GLU L 452 -35.72 -60.24 4.45
N ALA L 453 -36.23 -59.52 3.45
CA ALA L 453 -37.13 -60.11 2.46
C ALA L 453 -36.44 -61.21 1.66
N ARG L 454 -35.16 -61.03 1.33
CA ARG L 454 -34.47 -62.02 0.50
C ARG L 454 -34.37 -63.36 1.22
N VAL L 455 -34.23 -63.35 2.54
CA VAL L 455 -34.16 -64.60 3.28
C VAL L 455 -35.48 -65.34 3.18
N LEU L 456 -36.59 -64.61 3.21
CA LEU L 456 -37.91 -65.24 3.16
C LEU L 456 -38.13 -65.95 1.83
N HIS L 457 -37.85 -65.27 0.72
CA HIS L 457 -37.93 -65.90 -0.58
C HIS L 457 -37.11 -67.18 -0.62
N ALA L 458 -35.90 -67.13 -0.05
CA ALA L 458 -35.05 -68.32 0.01
C ALA L 458 -35.65 -69.39 0.90
N THR L 459 -36.24 -68.98 2.03
CA THR L 459 -36.89 -69.95 2.92
C THR L 459 -37.97 -70.72 2.19
N GLN L 460 -38.76 -70.05 1.35
CA GLN L 460 -39.77 -70.73 0.55
C GLN L 460 -39.12 -71.74 -0.38
N GLU L 461 -38.13 -71.30 -1.17
CA GLU L 461 -37.48 -72.20 -2.11
C GLU L 461 -36.75 -73.34 -1.40
N LEU L 462 -36.24 -73.09 -0.19
CA LEU L 462 -35.56 -74.14 0.56
C LEU L 462 -36.54 -75.21 1.04
N VAL L 463 -37.72 -74.80 1.48
CA VAL L 463 -38.70 -75.76 1.94
C VAL L 463 -39.24 -76.58 0.78
N THR L 464 -39.49 -75.93 -0.36
CA THR L 464 -40.00 -76.63 -1.54
C THR L 464 -39.01 -77.69 -2.01
N LEU L 465 -37.73 -77.31 -2.15
CA LEU L 465 -36.72 -78.25 -2.63
C LEU L 465 -36.44 -79.36 -1.64
N GLY L 466 -36.75 -79.14 -0.35
CA GLY L 466 -36.45 -80.12 0.67
C GLY L 466 -35.01 -80.15 1.13
N LEU L 467 -34.31 -79.02 1.03
CA LEU L 467 -32.87 -79.01 1.32
C LEU L 467 -32.59 -79.01 2.81
N ALA L 468 -33.22 -78.10 3.56
CA ALA L 468 -32.91 -77.96 4.97
C ALA L 468 -34.11 -77.43 5.73
N LYS L 469 -33.97 -77.38 7.06
CA LYS L 469 -35.01 -76.89 7.95
C LYS L 469 -34.69 -75.47 8.38
N PRO L 470 -35.38 -74.45 7.88
CA PRO L 470 -35.01 -73.07 8.20
C PRO L 470 -35.46 -72.65 9.59
N ILE L 471 -34.58 -71.95 10.29
CA ILE L 471 -34.86 -71.35 11.59
C ILE L 471 -34.53 -69.86 11.49
N LEU L 472 -35.55 -69.03 11.49
CA LEU L 472 -35.38 -67.59 11.32
C LEU L 472 -35.46 -66.89 12.67
N ILE L 473 -34.51 -66.00 12.93
CA ILE L 473 -34.52 -65.17 14.13
C ILE L 473 -35.01 -63.78 13.76
N GLY L 474 -35.87 -63.23 14.59
CA GLY L 474 -36.45 -61.93 14.34
C GLY L 474 -37.80 -61.82 15.02
N ARG L 475 -38.42 -60.66 14.86
CA ARG L 475 -39.73 -60.42 15.45
C ARG L 475 -40.79 -61.17 14.65
N PRO L 476 -41.56 -62.08 15.26
CA PRO L 476 -42.47 -62.93 14.46
C PRO L 476 -43.49 -62.14 13.68
N ASN L 477 -43.96 -61.03 14.25
CA ASN L 477 -45.06 -60.28 13.66
C ASN L 477 -44.64 -59.57 12.37
N VAL L 478 -43.41 -59.09 12.32
CA VAL L 478 -42.91 -58.46 11.10
C VAL L 478 -42.68 -59.51 10.02
N ILE L 479 -42.26 -60.71 10.43
CA ILE L 479 -42.00 -61.78 9.47
C ILE L 479 -43.28 -62.21 8.77
N GLU L 480 -44.33 -62.46 9.56
CA GLU L 480 -45.58 -62.96 9.00
C GLU L 480 -46.21 -61.95 8.04
N MET L 481 -46.19 -60.67 8.39
CA MET L 481 -46.76 -59.65 7.51
C MET L 481 -46.00 -59.60 6.19
N ARG L 482 -44.67 -59.59 6.25
CA ARG L 482 -43.88 -59.55 5.02
C ARG L 482 -44.12 -60.79 4.17
N ILE L 483 -44.39 -61.93 4.82
CA ILE L 483 -44.74 -63.14 4.08
C ILE L 483 -46.02 -62.93 3.30
N GLN L 484 -47.04 -62.37 3.94
CA GLN L 484 -48.34 -62.19 3.28
C GLN L 484 -48.24 -61.22 2.10
N LYS L 485 -47.41 -60.18 2.22
CA LYS L 485 -47.26 -59.23 1.12
C LYS L 485 -46.56 -59.87 -0.07
N LEU L 486 -45.57 -60.72 0.19
CA LEU L 486 -44.85 -61.37 -0.90
C LEU L 486 -45.69 -62.43 -1.61
N GLY L 487 -46.67 -63.00 -0.90
CA GLY L 487 -47.45 -64.09 -1.45
C GLY L 487 -46.89 -65.47 -1.18
N LEU L 488 -45.84 -65.57 -0.38
CA LEU L 488 -45.28 -66.88 -0.02
C LEU L 488 -46.24 -67.61 0.90
N GLN L 489 -46.34 -68.93 0.71
CA GLN L 489 -47.30 -69.74 1.45
C GLN L 489 -46.66 -70.49 2.63
N ILE L 490 -45.47 -70.08 3.06
CA ILE L 490 -44.82 -70.75 4.18
C ILE L 490 -45.60 -70.49 5.46
N LYS L 491 -45.62 -71.50 6.33
CA LYS L 491 -46.43 -71.49 7.55
C LYS L 491 -45.52 -71.47 8.77
N ALA L 492 -45.73 -70.48 9.63
CA ALA L 492 -44.90 -70.32 10.82
C ALA L 492 -45.14 -71.47 11.79
N GLY L 493 -44.08 -71.89 12.47
CA GLY L 493 -44.15 -72.98 13.41
C GLY L 493 -44.23 -74.36 12.80
N VAL L 494 -44.53 -74.46 11.51
CA VAL L 494 -44.66 -75.74 10.82
C VAL L 494 -43.53 -75.89 9.81
N ASP L 495 -43.59 -75.11 8.73
CA ASP L 495 -42.54 -75.15 7.71
C ASP L 495 -41.21 -74.70 8.28
N PHE L 496 -41.22 -73.68 9.14
CA PHE L 496 -40.03 -73.10 9.71
C PHE L 496 -40.32 -72.65 11.14
N GLU L 497 -39.26 -72.51 11.93
CA GLU L 497 -39.34 -72.14 13.33
C GLU L 497 -38.75 -70.75 13.52
N ILE L 498 -39.51 -69.88 14.17
CA ILE L 498 -39.06 -68.51 14.40
C ILE L 498 -38.59 -68.37 15.84
N VAL L 499 -37.47 -67.68 16.02
CA VAL L 499 -36.95 -67.34 17.34
C VAL L 499 -37.06 -65.83 17.49
N ASN L 500 -37.72 -65.39 18.56
CA ASN L 500 -37.93 -63.97 18.80
C ASN L 500 -36.81 -63.46 19.70
N ASN L 501 -36.10 -62.42 19.25
CA ASN L 501 -34.97 -61.91 20.01
C ASN L 501 -35.43 -61.14 21.24
N GLU L 502 -36.61 -60.53 21.19
CA GLU L 502 -37.11 -59.74 22.32
C GLU L 502 -37.56 -60.63 23.47
N SER L 503 -38.31 -61.70 23.18
CA SER L 503 -38.85 -62.60 24.20
C SER L 503 -38.49 -64.03 23.83
N ASP L 504 -37.80 -64.73 24.74
CA ASP L 504 -37.40 -66.10 24.50
C ASP L 504 -37.07 -66.73 25.85
N PRO L 505 -37.43 -67.98 26.08
CA PRO L 505 -37.13 -68.60 27.39
C PRO L 505 -35.65 -68.89 27.61
N ARG L 506 -34.90 -69.17 26.55
CA ARG L 506 -33.48 -69.51 26.67
C ARG L 506 -32.58 -68.29 26.75
N PHE L 507 -33.15 -67.08 26.94
CA PHE L 507 -32.35 -65.87 26.90
C PHE L 507 -31.33 -65.85 28.03
N LYS L 508 -31.71 -66.30 29.23
CA LYS L 508 -30.77 -66.25 30.35
C LYS L 508 -29.64 -67.25 30.18
N GLU L 509 -29.94 -68.42 29.61
CA GLU L 509 -28.89 -69.41 29.39
C GLU L 509 -27.89 -68.95 28.34
N TYR L 510 -28.38 -68.29 27.28
CA TYR L 510 -27.51 -67.88 26.18
C TYR L 510 -26.49 -66.85 26.63
N TRP L 511 -26.94 -65.80 27.35
CA TRP L 511 -26.00 -64.75 27.74
C TRP L 511 -25.01 -65.24 28.78
N THR L 512 -25.43 -66.20 29.62
CA THR L 512 -24.46 -66.83 30.52
C THR L 512 -23.40 -67.60 29.74
N GLU L 513 -23.82 -68.27 28.66
CA GLU L 513 -22.86 -68.93 27.80
C GLU L 513 -22.01 -67.91 27.03
N TYR L 514 -22.66 -66.89 26.47
CA TYR L 514 -21.93 -65.88 25.72
C TYR L 514 -20.96 -65.11 26.61
N PHE L 515 -21.38 -64.80 27.84
CA PHE L 515 -20.49 -64.09 28.76
C PHE L 515 -19.26 -64.91 29.08
N GLN L 516 -19.43 -66.21 29.32
CA GLN L 516 -18.28 -67.06 29.61
C GLN L 516 -17.29 -67.08 28.44
N ILE L 517 -17.79 -66.98 27.21
CA ILE L 517 -16.91 -66.97 26.05
C ILE L 517 -16.20 -65.63 25.90
N MET L 518 -16.88 -64.53 26.22
CA MET L 518 -16.37 -63.19 25.97
C MET L 518 -16.09 -62.41 27.25
N LYS L 519 -15.94 -63.09 28.39
CA LYS L 519 -15.71 -62.36 29.63
C LYS L 519 -14.37 -61.65 29.60
N ARG L 520 -13.35 -62.29 29.04
CA ARG L 520 -12.01 -61.71 28.95
C ARG L 520 -11.80 -60.89 27.68
N ARG L 521 -12.82 -60.80 26.82
CA ARG L 521 -12.71 -60.05 25.56
C ARG L 521 -13.51 -58.76 25.58
N GLY L 522 -13.81 -58.23 26.77
CA GLY L 522 -14.37 -56.89 26.88
C GLY L 522 -15.87 -56.79 26.90
N VAL L 523 -16.59 -57.90 27.08
CA VAL L 523 -18.04 -57.88 27.11
C VAL L 523 -18.47 -58.21 28.54
N THR L 524 -19.11 -57.24 29.19
CA THR L 524 -19.68 -57.48 30.51
C THR L 524 -21.00 -58.21 30.38
N GLN L 525 -21.49 -58.72 31.51
CA GLN L 525 -22.81 -59.35 31.54
C GLN L 525 -23.88 -58.40 31.01
N GLU L 526 -23.82 -57.14 31.44
CA GLU L 526 -24.81 -56.16 31.01
C GLU L 526 -24.71 -55.87 29.51
N GLN L 527 -23.51 -56.00 28.94
CA GLN L 527 -23.35 -55.84 27.51
C GLN L 527 -23.83 -57.08 26.76
N ALA L 528 -23.57 -58.26 27.31
CA ALA L 528 -23.93 -59.50 26.64
C ALA L 528 -25.44 -59.66 26.53
N GLN L 529 -26.18 -59.24 27.57
CA GLN L 529 -27.63 -59.34 27.53
C GLN L 529 -28.20 -58.47 26.42
N ARG L 530 -27.82 -57.19 26.37
CA ARG L 530 -28.25 -56.32 25.29
C ARG L 530 -27.77 -56.84 23.94
N ALA L 531 -26.61 -57.50 23.92
CA ALA L 531 -26.06 -58.00 22.67
C ALA L 531 -26.87 -59.16 22.10
N LEU L 532 -27.53 -59.94 22.97
CA LEU L 532 -28.35 -61.04 22.49
C LEU L 532 -29.65 -60.54 21.87
N ILE L 533 -30.36 -59.66 22.57
CA ILE L 533 -31.61 -59.15 22.03
C ILE L 533 -31.38 -58.32 20.77
N SER L 534 -30.25 -57.61 20.68
CA SER L 534 -30.02 -56.69 19.57
C SER L 534 -29.39 -57.35 18.35
N ASN L 535 -28.42 -58.25 18.54
CA ASN L 535 -27.74 -58.86 17.41
C ASN L 535 -28.25 -60.28 17.20
N PRO L 536 -28.94 -60.57 16.09
CA PRO L 536 -29.38 -61.95 15.85
C PRO L 536 -28.22 -62.89 15.59
N THR L 537 -27.19 -62.42 14.89
CA THR L 537 -26.05 -63.27 14.57
C THR L 537 -25.42 -63.87 15.82
N VAL L 538 -25.40 -63.10 16.92
CA VAL L 538 -24.90 -63.61 18.19
C VAL L 538 -25.78 -64.75 18.68
N ILE L 539 -27.10 -64.58 18.58
CA ILE L 539 -28.03 -65.63 19.00
C ILE L 539 -27.75 -66.91 18.23
N GLY L 540 -27.81 -66.83 16.90
CA GLY L 540 -27.57 -68.00 16.07
C GLY L 540 -26.23 -68.65 16.38
N ALA L 541 -25.22 -67.84 16.64
CA ALA L 541 -23.91 -68.38 17.00
C ALA L 541 -24.00 -69.25 18.24
N ILE L 542 -24.70 -68.76 19.27
CA ILE L 542 -24.84 -69.53 20.50
C ILE L 542 -25.63 -70.81 20.24
N MET L 543 -26.65 -70.74 19.37
CA MET L 543 -27.44 -71.94 19.06
C MET L 543 -26.57 -73.04 18.47
N VAL L 544 -25.66 -72.68 17.55
CA VAL L 544 -24.89 -73.69 16.85
C VAL L 544 -23.87 -74.33 17.78
N GLN L 545 -23.27 -73.55 18.68
CA GLN L 545 -22.28 -74.10 19.60
C GLN L 545 -22.92 -75.08 20.58
N ARG L 546 -24.14 -74.79 21.04
CA ARG L 546 -24.84 -75.72 21.93
C ARG L 546 -25.19 -77.03 21.22
N GLY L 547 -25.41 -76.99 19.91
CA GLY L 547 -25.92 -78.11 19.17
C GLY L 547 -27.40 -78.03 18.85
N GLU L 548 -28.07 -76.95 19.25
CA GLU L 548 -29.50 -76.81 18.97
C GLU L 548 -29.76 -76.73 17.47
N ALA L 549 -28.92 -75.98 16.75
CA ALA L 549 -28.97 -75.92 15.29
C ALA L 549 -27.67 -76.46 14.72
N ASP L 550 -27.75 -76.99 13.50
CA ASP L 550 -26.61 -77.68 12.91
C ASP L 550 -25.67 -76.74 12.15
N ALA L 551 -26.19 -75.69 11.54
CA ALA L 551 -25.35 -74.76 10.77
C ALA L 551 -26.07 -73.42 10.67
N MET L 552 -25.30 -72.38 10.32
CA MET L 552 -25.84 -71.03 10.25
C MET L 552 -25.33 -70.33 9.01
N ILE L 553 -26.19 -69.50 8.42
CA ILE L 553 -25.86 -68.67 7.27
C ILE L 553 -26.35 -67.26 7.56
N CYS L 554 -25.43 -66.31 7.65
CA CYS L 554 -25.75 -64.93 8.05
C CYS L 554 -25.00 -63.94 7.17
N GLY L 555 -25.24 -62.66 7.42
CA GLY L 555 -24.58 -61.58 6.74
C GLY L 555 -25.31 -60.97 5.57
N THR L 556 -26.61 -61.23 5.40
CA THR L 556 -27.37 -60.62 4.31
C THR L 556 -27.52 -59.12 4.49
N VAL L 557 -27.41 -58.61 5.71
CA VAL L 557 -27.29 -57.19 5.99
C VAL L 557 -26.28 -57.01 7.11
N GLY L 558 -25.42 -56.02 6.97
CA GLY L 558 -24.35 -55.81 7.91
C GLY L 558 -23.00 -56.13 7.28
N ASP L 559 -21.98 -55.43 7.75
CA ASP L 559 -20.64 -55.60 7.19
C ASP L 559 -20.08 -56.97 7.55
N TYR L 560 -19.22 -57.49 6.68
CA TYR L 560 -18.74 -58.87 6.81
C TYR L 560 -18.00 -59.07 8.14
N HIS L 561 -17.07 -58.17 8.46
CA HIS L 561 -16.22 -58.37 9.62
C HIS L 561 -17.00 -58.33 10.94
N GLU L 562 -18.16 -57.69 10.96
CA GLU L 562 -18.98 -57.69 12.17
C GLU L 562 -19.45 -59.11 12.49
N HIS L 563 -20.00 -59.80 11.50
CA HIS L 563 -20.45 -61.17 11.70
C HIS L 563 -19.27 -62.11 11.93
N PHE L 564 -18.18 -61.93 11.17
CA PHE L 564 -17.04 -62.82 11.27
C PHE L 564 -16.43 -62.79 12.66
N SER L 565 -16.31 -61.60 13.26
CA SER L 565 -15.72 -61.50 14.60
C SER L 565 -16.55 -62.28 15.60
N VAL L 566 -17.87 -62.20 15.51
CA VAL L 566 -18.75 -62.99 16.38
C VAL L 566 -18.51 -64.47 16.13
N VAL L 567 -18.47 -64.88 14.87
CA VAL L 567 -18.28 -66.28 14.54
C VAL L 567 -16.93 -66.77 15.05
N LYS L 568 -15.88 -65.97 14.82
CA LYS L 568 -14.54 -66.41 15.17
C LYS L 568 -14.40 -66.63 16.67
N ASN L 569 -15.00 -65.76 17.47
CA ASN L 569 -14.82 -65.85 18.92
C ASN L 569 -15.59 -67.01 19.51
N VAL L 570 -16.75 -67.33 18.95
CA VAL L 570 -17.60 -68.38 19.53
C VAL L 570 -17.15 -69.75 19.08
N PHE L 571 -17.06 -69.96 17.76
CA PHE L 571 -16.80 -71.30 17.24
C PHE L 571 -15.32 -71.66 17.29
N GLY L 572 -14.45 -70.70 17.05
CA GLY L 572 -13.03 -70.95 17.05
C GLY L 572 -12.54 -71.60 15.76
N TYR L 573 -11.22 -71.72 15.67
CA TYR L 573 -10.61 -72.29 14.48
C TYR L 573 -10.71 -73.81 14.50
N ARG L 574 -10.69 -74.41 13.30
CA ARG L 574 -10.66 -75.86 13.19
C ARG L 574 -9.38 -76.42 13.80
N ASP L 575 -9.43 -77.70 14.19
CA ASP L 575 -8.20 -78.38 14.60
C ASP L 575 -7.23 -78.46 13.42
N GLY L 576 -5.96 -78.16 13.70
CA GLY L 576 -4.94 -78.11 12.67
C GLY L 576 -4.87 -76.81 11.92
N VAL L 577 -5.69 -75.83 12.26
CA VAL L 577 -5.75 -74.55 11.56
C VAL L 577 -5.52 -73.44 12.58
N HIS L 578 -4.78 -72.41 12.17
CA HIS L 578 -4.58 -71.23 13.00
C HIS L 578 -5.02 -69.95 12.33
N THR L 579 -5.40 -69.99 11.05
CA THR L 579 -5.83 -68.79 10.34
C THR L 579 -6.94 -69.18 9.37
N ALA L 580 -7.81 -68.22 9.09
CA ALA L 580 -8.99 -68.45 8.27
C ALA L 580 -8.99 -67.56 7.04
N GLY L 581 -9.82 -67.93 6.07
CA GLY L 581 -9.89 -67.22 4.81
C GLY L 581 -11.26 -67.35 4.18
N ALA L 582 -11.57 -66.38 3.33
CA ALA L 582 -12.83 -66.32 2.61
C ALA L 582 -12.57 -66.55 1.12
N MET L 583 -13.38 -67.40 0.51
CA MET L 583 -13.23 -67.77 -0.90
C MET L 583 -14.53 -67.53 -1.64
N ASN L 584 -14.47 -66.76 -2.73
CA ASN L 584 -15.60 -66.50 -3.60
C ASN L 584 -15.42 -67.23 -4.92
N ALA L 585 -16.51 -67.82 -5.41
CA ALA L 585 -16.51 -68.56 -6.66
C ALA L 585 -17.16 -67.72 -7.76
N LEU L 586 -16.70 -67.92 -8.99
CA LEU L 586 -17.20 -67.18 -10.13
C LEU L 586 -17.09 -68.06 -11.36
N LEU L 587 -18.00 -67.85 -12.31
CA LEU L 587 -17.99 -68.59 -13.58
C LEU L 587 -17.38 -67.69 -14.65
N LEU L 588 -16.20 -68.08 -15.14
CA LEU L 588 -15.36 -67.26 -16.01
C LEU L 588 -15.21 -67.92 -17.39
N PRO L 589 -14.80 -67.15 -18.41
CA PRO L 589 -14.60 -67.76 -19.73
C PRO L 589 -13.57 -68.88 -19.74
N SER L 590 -12.51 -68.77 -18.93
CA SER L 590 -11.57 -69.87 -18.81
C SER L 590 -12.25 -71.08 -18.17
N GLY L 591 -13.15 -70.85 -17.24
CA GLY L 591 -13.83 -71.92 -16.55
C GLY L 591 -14.31 -71.43 -15.19
N ASN L 592 -14.69 -72.39 -14.36
CA ASN L 592 -15.03 -72.06 -12.98
C ASN L 592 -13.76 -71.67 -12.22
N THR L 593 -13.79 -70.52 -11.58
CA THR L 593 -12.59 -69.95 -10.95
C THR L 593 -12.93 -69.44 -9.57
N PHE L 594 -11.96 -69.55 -8.66
CA PHE L 594 -12.12 -69.17 -7.26
C PHE L 594 -11.10 -68.11 -6.90
N ILE L 595 -11.45 -67.26 -5.93
CA ILE L 595 -10.57 -66.18 -5.46
C ILE L 595 -10.59 -66.17 -3.94
N ALA L 596 -9.42 -65.97 -3.34
CA ALA L 596 -9.24 -65.89 -1.90
C ALA L 596 -7.89 -65.22 -1.65
N ASP L 597 -7.74 -64.54 -0.52
CA ASP L 597 -8.74 -64.36 0.52
C ASP L 597 -9.51 -63.06 0.28
N THR L 598 -10.84 -63.15 0.23
CA THR L 598 -11.67 -62.02 -0.19
C THR L 598 -12.10 -61.11 0.96
N TYR L 599 -12.25 -61.64 2.17
CA TYR L 599 -12.71 -60.79 3.27
C TYR L 599 -11.98 -60.96 4.60
N VAL L 600 -11.35 -62.09 4.89
CA VAL L 600 -10.94 -62.36 6.27
C VAL L 600 -9.69 -61.57 6.63
N ASN L 601 -8.65 -61.61 5.80
CA ASN L 601 -7.32 -61.13 6.18
C ASN L 601 -6.91 -59.95 5.32
N ASP L 602 -6.73 -58.78 5.95
CA ASP L 602 -6.33 -57.59 5.22
C ASP L 602 -4.96 -57.77 4.56
N GLU L 603 -3.99 -58.27 5.30
CA GLU L 603 -2.64 -58.52 4.79
C GLU L 603 -2.20 -59.89 5.27
N PRO L 604 -2.56 -60.94 4.55
CA PRO L 604 -2.26 -62.30 5.00
C PRO L 604 -0.76 -62.53 5.12
N ASP L 605 -0.37 -63.22 6.18
CA ASP L 605 1.02 -63.60 6.37
C ASP L 605 1.36 -64.78 5.47
N ALA L 606 2.67 -64.99 5.28
CA ALA L 606 3.13 -66.09 4.44
C ALA L 606 2.62 -67.43 4.96
N GLU L 607 2.70 -67.64 6.28
CA GLU L 607 2.10 -68.83 6.86
C GLU L 607 0.59 -68.82 6.68
N GLU L 608 -0.02 -67.64 6.78
CA GLU L 608 -1.47 -67.51 6.64
C GLU L 608 -1.91 -67.79 5.20
N LEU L 609 -1.16 -67.31 4.21
CA LEU L 609 -1.49 -67.56 2.81
C LEU L 609 -1.42 -69.05 2.50
N ALA L 610 -0.47 -69.76 3.10
CA ALA L 610 -0.35 -71.19 2.86
C ALA L 610 -1.59 -71.94 3.32
N GLU L 611 -2.02 -71.69 4.57
CA GLU L 611 -3.18 -72.39 5.11
C GLU L 611 -4.44 -72.09 4.32
N ILE L 612 -4.59 -70.83 3.88
CA ILE L 612 -5.72 -70.48 3.01
C ILE L 612 -5.67 -71.31 1.73
N THR L 613 -4.49 -71.37 1.09
CA THR L 613 -4.33 -72.15 -0.12
C THR L 613 -4.64 -73.62 0.12
N LEU L 614 -4.15 -74.17 1.23
CA LEU L 614 -4.40 -75.58 1.54
C LEU L 614 -5.89 -75.85 1.70
N MET L 615 -6.58 -75.01 2.47
CA MET L 615 -8.02 -75.20 2.67
C MET L 615 -8.80 -75.02 1.38
N ALA L 616 -8.35 -74.12 0.51
CA ALA L 616 -9.08 -73.86 -0.73
C ALA L 616 -9.03 -75.06 -1.66
N ALA L 617 -7.90 -75.77 -1.70
CA ALA L 617 -7.81 -76.95 -2.54
C ALA L 617 -8.71 -78.07 -2.02
N GLU L 618 -8.73 -78.28 -0.70
CA GLU L 618 -9.63 -79.27 -0.12
C GLU L 618 -11.09 -78.96 -0.47
N THR L 619 -11.47 -77.69 -0.35
CA THR L 619 -12.85 -77.31 -0.64
C THR L 619 -13.18 -77.54 -2.11
N VAL L 620 -12.24 -77.23 -3.01
CA VAL L 620 -12.48 -77.43 -4.43
C VAL L 620 -12.58 -78.92 -4.75
N ARG L 621 -11.77 -79.74 -4.08
CA ARG L 621 -11.89 -81.19 -4.25
C ARG L 621 -13.24 -81.69 -3.74
N ARG L 622 -13.78 -81.07 -2.70
CA ARG L 622 -15.12 -81.42 -2.24
C ARG L 622 -16.16 -81.15 -3.33
N PHE L 623 -16.01 -80.05 -4.06
CA PHE L 623 -16.91 -79.74 -5.16
C PHE L 623 -16.81 -80.75 -6.29
N GLY L 624 -15.68 -81.45 -6.40
CA GLY L 624 -15.43 -82.37 -7.50
C GLY L 624 -14.50 -81.83 -8.56
N ILE L 625 -14.20 -80.53 -8.54
CA ILE L 625 -13.31 -79.93 -9.52
C ILE L 625 -11.87 -80.24 -9.16
N GLU L 626 -11.05 -80.47 -10.17
CA GLU L 626 -9.63 -80.69 -9.97
C GLU L 626 -8.96 -79.40 -9.51
N PRO L 627 -8.21 -79.41 -8.41
CA PRO L 627 -7.61 -78.17 -7.90
C PRO L 627 -6.37 -77.77 -8.71
N ARG L 628 -6.44 -76.60 -9.34
CA ARG L 628 -5.32 -76.01 -10.07
C ARG L 628 -5.08 -74.61 -9.52
N VAL L 629 -3.99 -74.43 -8.77
CA VAL L 629 -3.76 -73.23 -7.99
C VAL L 629 -2.75 -72.34 -8.67
N ALA L 630 -2.92 -71.03 -8.47
CA ALA L 630 -2.00 -70.03 -9.00
C ALA L 630 -1.85 -68.91 -7.98
N LEU L 631 -0.63 -68.67 -7.53
CA LEU L 631 -0.34 -67.61 -6.56
C LEU L 631 -0.05 -66.32 -7.32
N LEU L 632 -1.03 -65.42 -7.34
CA LEU L 632 -0.94 -64.22 -8.16
C LEU L 632 -0.15 -63.13 -7.46
N SER L 633 0.49 -62.27 -8.24
CA SER L 633 1.24 -61.14 -7.69
C SER L 633 1.53 -60.16 -8.81
N HIS L 634 2.03 -58.98 -8.43
CA HIS L 634 2.42 -58.00 -9.42
C HIS L 634 3.73 -58.37 -10.11
N SER L 635 4.44 -59.37 -9.61
CA SER L 635 5.68 -59.84 -10.22
C SER L 635 5.41 -61.09 -11.06
N ASN L 636 6.24 -61.29 -12.08
CA ASN L 636 6.14 -62.44 -12.97
C ASN L 636 7.36 -63.33 -12.70
N PHE L 637 7.18 -64.31 -11.82
CA PHE L 637 8.24 -65.29 -11.49
C PHE L 637 9.52 -64.59 -11.03
N GLY L 638 9.36 -63.56 -10.20
CA GLY L 638 10.46 -62.86 -9.61
C GLY L 638 10.97 -61.64 -10.34
N SER L 639 10.13 -60.92 -11.08
CA SER L 639 10.57 -59.68 -11.72
C SER L 639 10.72 -58.52 -10.74
N SER L 640 10.08 -58.60 -9.57
CA SER L 640 10.19 -57.56 -8.54
C SER L 640 10.31 -58.24 -7.19
N ASP L 641 11.34 -57.86 -6.43
CA ASP L 641 11.61 -58.45 -5.13
C ASP L 641 10.98 -57.68 -3.98
N CYS L 642 9.79 -57.10 -4.21
CA CYS L 642 9.05 -56.41 -3.16
C CYS L 642 8.77 -57.35 -2.00
N PRO L 643 8.71 -56.84 -0.77
CA PRO L 643 8.37 -57.71 0.37
C PRO L 643 7.04 -58.43 0.21
N SER L 644 6.10 -57.87 -0.55
CA SER L 644 4.83 -58.54 -0.80
C SER L 644 4.94 -59.64 -1.86
N SER L 645 5.91 -59.54 -2.76
CA SER L 645 6.15 -60.61 -3.73
C SER L 645 7.03 -61.71 -3.15
N SER L 646 8.04 -61.35 -2.35
CA SER L 646 8.81 -62.35 -1.62
C SER L 646 7.92 -63.17 -0.72
N LYS L 647 6.84 -62.57 -0.21
CA LYS L 647 5.91 -63.29 0.66
C LYS L 647 5.24 -64.44 -0.07
N MET L 648 4.92 -64.24 -1.35
CA MET L 648 4.29 -65.31 -2.12
C MET L 648 5.25 -66.49 -2.30
N ARG L 649 6.52 -66.21 -2.56
CA ARG L 649 7.48 -67.28 -2.83
C ARG L 649 7.70 -68.14 -1.59
N GLN L 650 7.99 -67.51 -0.45
CA GLN L 650 8.17 -68.27 0.78
C GLN L 650 6.97 -69.17 1.06
N ALA L 651 5.76 -68.65 0.81
CA ALA L 651 4.56 -69.46 1.02
C ALA L 651 4.48 -70.61 0.04
N LEU L 652 4.97 -70.42 -1.19
CA LEU L 652 4.91 -71.50 -2.17
C LEU L 652 5.69 -72.71 -1.69
N GLU L 653 6.86 -72.49 -1.08
CA GLU L 653 7.66 -73.61 -0.60
C GLU L 653 7.01 -74.27 0.61
N LEU L 654 6.41 -73.46 1.50
CA LEU L 654 5.70 -74.03 2.64
C LEU L 654 4.57 -74.94 2.19
N VAL L 655 3.96 -74.64 1.04
CA VAL L 655 2.86 -75.47 0.54
C VAL L 655 3.41 -76.78 -0.02
N ARG L 656 4.52 -76.70 -0.77
CA ARG L 656 5.04 -77.88 -1.45
C ARG L 656 5.56 -78.93 -0.48
N GLU L 657 5.91 -78.55 0.75
CA GLU L 657 6.34 -79.52 1.74
C GLU L 657 5.18 -80.06 2.55
N ARG L 658 4.09 -79.30 2.66
CA ARG L 658 2.92 -79.80 3.38
C ARG L 658 2.02 -80.64 2.49
N ALA L 659 1.97 -80.33 1.20
CA ALA L 659 1.11 -81.06 0.26
C ALA L 659 1.82 -81.15 -1.07
N PRO L 660 2.63 -82.20 -1.27
CA PRO L 660 3.41 -82.29 -2.52
C PRO L 660 2.55 -82.57 -3.74
N GLU L 661 1.40 -83.23 -3.57
CA GLU L 661 0.58 -83.63 -4.70
C GLU L 661 -0.21 -82.48 -5.31
N LEU L 662 -0.27 -81.32 -4.66
CA LEU L 662 -1.07 -80.23 -5.15
C LEU L 662 -0.38 -79.53 -6.32
N MET L 663 -1.17 -79.21 -7.35
CA MET L 663 -0.68 -78.53 -8.54
C MET L 663 -0.75 -77.02 -8.30
N ILE L 664 0.41 -76.38 -8.18
CA ILE L 664 0.45 -74.95 -7.85
C ILE L 664 1.77 -74.38 -8.35
N ASP L 665 1.72 -73.15 -8.86
CA ASP L 665 2.93 -72.44 -9.27
C ASP L 665 2.73 -70.96 -9.02
N GLY L 666 3.85 -70.25 -8.89
CA GLY L 666 3.83 -68.83 -8.61
C GLY L 666 5.21 -68.37 -8.20
N GLU L 667 5.35 -67.05 -8.06
CA GLU L 667 4.30 -66.09 -8.35
C GLU L 667 4.24 -65.82 -9.85
N MET L 668 3.08 -65.41 -10.35
CA MET L 668 2.95 -65.18 -11.78
C MET L 668 1.93 -64.08 -12.03
N HIS L 669 2.09 -63.39 -13.15
CA HIS L 669 1.09 -62.43 -13.59
C HIS L 669 -0.27 -63.09 -13.69
N GLY L 670 -1.32 -62.28 -13.56
CA GLY L 670 -2.67 -62.83 -13.59
C GLY L 670 -3.00 -63.53 -14.90
N ASP L 671 -2.65 -62.91 -16.03
CA ASP L 671 -2.98 -63.49 -17.34
C ASP L 671 -2.36 -64.87 -17.49
N ALA L 672 -1.14 -65.06 -16.99
CA ALA L 672 -0.46 -66.35 -17.08
C ALA L 672 -1.18 -67.46 -16.33
N ALA L 673 -2.12 -67.12 -15.44
CA ALA L 673 -2.87 -68.12 -14.70
C ALA L 673 -4.06 -68.66 -15.48
N LEU L 674 -4.69 -67.86 -16.33
CA LEU L 674 -5.87 -68.29 -17.06
C LEU L 674 -5.56 -68.77 -18.47
N VAL L 675 -4.50 -68.26 -19.09
CA VAL L 675 -4.12 -68.63 -20.46
C VAL L 675 -2.84 -69.46 -20.39
N GLU L 676 -2.93 -70.72 -20.80
CA GLU L 676 -1.75 -71.60 -20.74
C GLU L 676 -0.66 -71.13 -21.68
N ALA L 677 -1.02 -70.57 -22.84
CA ALA L 677 -0.01 -70.14 -23.79
C ALA L 677 0.90 -69.07 -23.21
N ILE L 678 0.33 -68.12 -22.48
CA ILE L 678 1.14 -67.06 -21.87
C ILE L 678 2.10 -67.64 -20.85
N ARG L 679 1.65 -68.67 -20.12
CA ARG L 679 2.51 -69.25 -19.08
C ARG L 679 3.65 -70.07 -19.68
N ASN L 680 3.38 -70.81 -20.76
CA ASN L 680 4.39 -71.71 -21.30
C ASN L 680 5.55 -70.96 -21.94
N ASP L 681 5.30 -69.77 -22.48
CA ASP L 681 6.40 -69.01 -23.05
C ASP L 681 7.32 -68.45 -21.97
N ARG L 682 6.75 -67.91 -20.90
CA ARG L 682 7.56 -67.38 -19.81
C ARG L 682 8.18 -68.50 -18.99
N MET L 683 7.46 -69.59 -18.79
CA MET L 683 7.93 -70.71 -17.97
C MET L 683 7.43 -72.01 -18.58
N PRO L 684 8.24 -72.67 -19.41
CA PRO L 684 7.78 -73.92 -20.05
C PRO L 684 7.50 -75.03 -19.05
N ASP L 685 8.46 -75.30 -18.16
CA ASP L 685 8.36 -76.39 -17.20
C ASP L 685 7.45 -76.07 -16.01
N SER L 686 6.58 -75.07 -16.14
CA SER L 686 5.65 -74.75 -15.06
C SER L 686 4.81 -75.96 -14.71
N SER L 687 4.76 -76.28 -13.41
CA SER L 687 3.99 -77.43 -12.95
C SER L 687 2.51 -77.26 -13.23
N LEU L 688 2.04 -76.03 -13.31
CA LEU L 688 0.64 -75.77 -13.63
C LEU L 688 0.37 -76.07 -15.09
N LYS L 689 -0.72 -76.80 -15.36
CA LYS L 689 -1.08 -77.19 -16.72
C LYS L 689 -2.57 -76.95 -16.93
N GLY L 690 -2.89 -76.05 -17.84
CA GLY L 690 -4.26 -75.65 -18.09
C GLY L 690 -4.58 -74.32 -17.45
N SER L 691 -5.83 -73.90 -17.62
CA SER L 691 -6.30 -72.69 -16.96
C SER L 691 -6.42 -72.93 -15.46
N ALA L 692 -6.01 -71.94 -14.67
CA ALA L 692 -6.09 -72.05 -13.23
C ALA L 692 -7.48 -71.70 -12.73
N ASN L 693 -7.89 -72.34 -11.64
CA ASN L 693 -9.20 -72.15 -11.06
C ASN L 693 -9.20 -71.66 -9.62
N ILE L 694 -8.06 -71.73 -8.92
CA ILE L 694 -7.93 -71.25 -7.55
C ILE L 694 -6.87 -70.16 -7.56
N LEU L 695 -7.30 -68.92 -7.40
CA LEU L 695 -6.38 -67.78 -7.39
C LEU L 695 -6.24 -67.26 -5.97
N VAL L 696 -5.00 -67.15 -5.52
CA VAL L 696 -4.70 -66.71 -4.16
C VAL L 696 -4.08 -65.32 -4.23
N MET L 697 -4.72 -64.36 -3.58
CA MET L 697 -4.25 -62.99 -3.69
C MET L 697 -3.35 -62.61 -2.52
N PRO L 698 -2.35 -61.78 -2.77
CA PRO L 698 -1.38 -61.45 -1.70
C PRO L 698 -2.00 -60.66 -0.57
N ASN L 699 -2.87 -59.70 -0.87
CA ASN L 699 -3.59 -58.92 0.12
C ASN L 699 -5.08 -59.01 -0.18
N MET L 700 -5.90 -58.53 0.77
CA MET L 700 -7.33 -58.56 0.55
C MET L 700 -7.77 -57.55 -0.50
N GLU L 701 -7.06 -56.42 -0.59
CA GLU L 701 -7.47 -55.34 -1.48
C GLU L 701 -7.45 -55.79 -2.94
N ALA L 702 -6.36 -56.42 -3.37
CA ALA L 702 -6.28 -56.91 -4.74
C ALA L 702 -7.34 -57.96 -5.03
N ALA L 703 -7.74 -58.72 -4.01
CA ALA L 703 -8.79 -59.72 -4.19
C ALA L 703 -10.14 -59.06 -4.39
N ARG L 704 -10.53 -58.21 -3.43
CA ARG L 704 -11.88 -57.67 -3.43
C ARG L 704 -12.13 -56.82 -4.68
N ILE L 705 -11.15 -56.00 -5.08
CA ILE L 705 -11.30 -55.22 -6.30
C ILE L 705 -11.42 -56.14 -7.50
N SER L 706 -10.68 -57.25 -7.50
CA SER L 706 -10.75 -58.20 -8.61
C SER L 706 -12.12 -58.87 -8.68
N TYR L 707 -12.53 -59.53 -7.61
CA TYR L 707 -13.78 -60.29 -7.61
C TYR L 707 -14.96 -59.42 -8.04
N ASN L 708 -15.05 -58.21 -7.49
CA ASN L 708 -16.17 -57.34 -7.84
C ASN L 708 -16.13 -56.97 -9.32
N LEU L 709 -14.97 -56.54 -9.82
CA LEU L 709 -14.89 -56.14 -11.22
C LEU L 709 -15.13 -57.30 -12.16
N LEU L 710 -14.86 -58.52 -11.71
CA LEU L 710 -15.07 -59.70 -12.56
C LEU L 710 -16.53 -60.13 -12.58
N ARG L 711 -17.22 -60.02 -11.44
CA ARG L 711 -18.64 -60.41 -11.40
C ARG L 711 -19.47 -59.56 -12.34
N VAL L 712 -19.14 -58.27 -12.44
CA VAL L 712 -19.91 -57.38 -13.30
C VAL L 712 -19.46 -57.48 -14.74
N SER L 713 -18.16 -57.70 -14.98
CA SER L 713 -17.65 -57.72 -16.35
C SER L 713 -17.92 -59.06 -17.02
N SER L 714 -17.46 -60.15 -16.43
CA SER L 714 -17.80 -61.47 -16.95
C SER L 714 -19.23 -61.82 -16.62
N SER L 715 -19.86 -62.61 -17.49
CA SER L 715 -21.27 -62.95 -17.35
C SER L 715 -21.53 -63.59 -16.01
N GLU L 716 -22.59 -63.13 -15.33
CA GLU L 716 -22.83 -63.49 -13.95
C GLU L 716 -23.28 -64.95 -13.85
N GLY L 717 -22.55 -65.73 -13.06
CA GLY L 717 -22.99 -67.06 -12.69
C GLY L 717 -23.22 -67.14 -11.19
N VAL L 718 -24.35 -67.71 -10.78
CA VAL L 718 -24.70 -67.72 -9.36
C VAL L 718 -23.66 -68.51 -8.56
N THR L 719 -23.20 -69.64 -9.10
CA THR L 719 -22.18 -70.50 -8.50
C THR L 719 -22.31 -70.59 -6.98
N VAL L 720 -21.35 -70.00 -6.26
CA VAL L 720 -21.28 -70.08 -4.80
C VAL L 720 -20.82 -68.72 -4.27
N GLY L 721 -21.46 -68.27 -3.18
CA GLY L 721 -21.11 -67.01 -2.56
C GLY L 721 -19.86 -67.09 -1.72
N PRO L 722 -19.62 -66.08 -0.88
CA PRO L 722 -18.41 -66.06 -0.04
C PRO L 722 -18.37 -67.26 0.91
N VAL L 723 -17.30 -68.05 0.79
CA VAL L 723 -17.12 -69.26 1.57
C VAL L 723 -16.18 -68.97 2.72
N LEU L 724 -16.62 -69.24 3.94
CA LEU L 724 -15.80 -69.07 5.12
C LEU L 724 -15.09 -70.40 5.41
N MET L 725 -13.77 -70.41 5.27
CA MET L 725 -12.97 -71.60 5.50
C MET L 725 -12.26 -71.51 6.84
N GLY L 726 -12.10 -72.66 7.49
CA GLY L 726 -11.32 -72.75 8.71
C GLY L 726 -12.05 -72.45 9.99
N VAL L 727 -13.38 -72.58 10.01
CA VAL L 727 -14.17 -72.38 11.21
C VAL L 727 -14.66 -73.75 11.70
N ALA L 728 -14.62 -73.95 13.01
CA ALA L 728 -14.91 -75.27 13.58
C ALA L 728 -16.35 -75.71 13.34
N LYS L 729 -17.27 -74.77 13.17
CA LYS L 729 -18.67 -75.10 12.97
C LYS L 729 -19.12 -74.66 11.59
N PRO L 730 -20.05 -75.41 10.96
CA PRO L 730 -20.46 -75.07 9.58
C PRO L 730 -21.13 -73.72 9.47
N VAL L 731 -20.38 -72.72 9.01
CA VAL L 731 -20.83 -71.33 9.00
C VAL L 731 -20.28 -70.65 7.77
N HIS L 732 -21.08 -69.75 7.19
CA HIS L 732 -20.62 -68.89 6.10
C HIS L 732 -21.25 -67.52 6.26
N VAL L 733 -20.50 -66.48 5.89
CA VAL L 733 -20.94 -65.10 6.01
C VAL L 733 -21.04 -64.50 4.61
N LEU L 734 -22.20 -63.93 4.29
CA LEU L 734 -22.46 -63.35 2.99
C LEU L 734 -22.34 -61.83 3.05
N THR L 735 -22.66 -61.19 1.93
CA THR L 735 -22.65 -59.76 1.76
C THR L 735 -24.05 -59.26 1.46
N PRO L 736 -24.33 -57.98 1.69
CA PRO L 736 -25.68 -57.46 1.38
C PRO L 736 -26.05 -57.56 -0.09
N ILE L 737 -25.07 -57.66 -1.00
CA ILE L 737 -25.36 -57.79 -2.42
C ILE L 737 -25.97 -59.14 -2.77
N ALA L 738 -25.91 -60.11 -1.85
CA ALA L 738 -26.30 -61.48 -2.16
C ALA L 738 -27.76 -61.56 -2.56
N SER L 739 -28.00 -62.07 -3.77
CA SER L 739 -29.36 -62.30 -4.25
C SER L 739 -29.99 -63.46 -3.50
N VAL L 740 -31.24 -63.76 -3.84
CA VAL L 740 -31.92 -64.89 -3.24
C VAL L 740 -31.18 -66.18 -3.56
N ARG L 741 -30.66 -66.30 -4.78
CA ARG L 741 -30.01 -67.53 -5.20
C ARG L 741 -28.72 -67.77 -4.42
N ARG L 742 -27.94 -66.72 -4.18
CA ARG L 742 -26.73 -66.89 -3.36
C ARG L 742 -27.08 -67.50 -2.01
N ILE L 743 -28.17 -67.05 -1.40
CA ILE L 743 -28.58 -67.57 -0.10
C ILE L 743 -29.07 -69.01 -0.24
N VAL L 744 -29.77 -69.31 -1.34
CA VAL L 744 -30.21 -70.68 -1.60
C VAL L 744 -29.00 -71.61 -1.67
N ASN L 745 -28.03 -71.25 -2.51
CA ASN L 745 -26.86 -72.11 -2.71
C ASN L 745 -26.05 -72.23 -1.43
N MET L 746 -25.80 -71.10 -0.76
CA MET L 746 -24.92 -71.13 0.41
C MET L 746 -25.53 -71.92 1.56
N VAL L 747 -26.85 -71.92 1.69
CA VAL L 747 -27.49 -72.73 2.72
C VAL L 747 -27.27 -74.21 2.42
N ALA L 748 -27.46 -74.62 1.17
CA ALA L 748 -27.27 -76.01 0.79
C ALA L 748 -25.84 -76.45 1.06
N LEU L 749 -24.87 -75.67 0.59
CA LEU L 749 -23.47 -75.97 0.86
C LEU L 749 -23.21 -76.11 2.35
N ALA L 750 -23.92 -75.34 3.19
CA ALA L 750 -23.75 -75.45 4.63
C ALA L 750 -24.27 -76.79 5.14
N VAL L 751 -25.41 -77.24 4.62
CA VAL L 751 -26.00 -78.50 5.05
C VAL L 751 -25.07 -79.66 4.70
N VAL L 752 -24.46 -79.60 3.51
CA VAL L 752 -23.56 -80.68 3.12
C VAL L 752 -22.34 -80.71 4.01
N GLU L 753 -21.76 -79.55 4.30
CA GLU L 753 -20.69 -79.48 5.27
C GLU L 753 -21.16 -79.84 6.67
N ALA L 754 -22.47 -79.72 6.92
CA ALA L 754 -23.00 -80.13 8.21
C ALA L 754 -23.13 -81.65 8.32
N GLN L 755 -23.63 -82.29 7.26
CA GLN L 755 -23.76 -83.74 7.31
C GLN L 755 -22.42 -84.47 7.18
N THR L 756 -21.29 -83.76 7.16
CA THR L 756 -19.98 -84.38 7.25
C THR L 756 -19.69 -84.70 8.72
N GLN L 757 -18.44 -85.02 9.03
CA GLN L 757 -18.10 -85.51 10.36
C GLN L 757 -18.15 -84.35 11.36
N PRO L 758 -18.77 -84.53 12.53
CA PRO L 758 -18.84 -83.51 13.57
C PRO L 758 -17.50 -83.26 14.24
#